data_6LY5
#
_entry.id   6LY5
#
_cell.length_a   1.00
_cell.length_b   1.00
_cell.length_c   1.00
_cell.angle_alpha   90.00
_cell.angle_beta   90.00
_cell.angle_gamma   90.00
#
_symmetry.space_group_name_H-M   'P 1'
#
loop_
_entity.id
_entity.type
_entity.pdbx_description
1 polymer FCPI-7
2 polymer FCPI-1
3 polymer FCPI-11
4 polymer FCPI-6
5 polymer FCPI-5
6 polymer FCPI-8
7 polymer FCPI-4
8 polymer FCPI-10
9 polymer FCPI-3
10 polymer FCPI-9
11 polymer FCPI-13
12 polymer FCPI-14
13 polymer FCPI-16
14 polymer FCPI-21
15 polymer FCPI
16 polymer FCPI-24
17 polymer FCPI-23
18 polymer FCPI-12
19 polymer FCPI-17
20 polymer PsaA
21 polymer PsaB
22 polymer PsaC
23 polymer PsaD
24 polymer PsaE
25 polymer PsaF
26 polymer PsaI
27 polymer PsaJ
28 polymer PsaL
29 polymer PsaM
30 polymer PsaS
31 polymer PsaR
32 polymer FCPI-2
33 polymer FCPI-19
34 non-polymer "(3S,3'R,5R,6S,7cis)-7',8'-didehydro-5,6-dihydro-5,6-epoxy-beta,beta-carotene-3,3'-diol"
35 non-polymer "(3S,3'S,5R,5'R,6S,6'R,8'R)-3,5'-dihydroxy-8-oxo-6',7'-didehydro-5,5',6,6',7,8-hexahydro-5,6-epoxy-beta,beta-caroten-3'- yl acetate"
36 non-polymer 'CHLOROPHYLL A'
37 non-polymer 'Chlorophyll c1'
38 non-polymer 1,2-DI-O-ACYL-3-O-[6-DEOXY-6-SULFO-ALPHA-D-GLUCOPYRANOSYL]-SN-GLYCEROL
39 non-polymer DODECYL-BETA-D-MALTOSIDE
40 non-polymer 'DIGALACTOSYL DIACYL GLYCEROL (DGDG)'
41 non-polymer 1,2-DIPALMITOYL-PHOSPHATIDYL-GLYCEROLE
42 non-polymer 1,2-DISTEAROYL-MONOGALACTOSYL-DIGLYCERIDE
43 non-polymer PHYLLOQUINONE
44 non-polymer BETA-CAROTENE
45 non-polymer 'IRON/SULFUR CLUSTER'
46 water water
#
loop_
_entity_poly.entity_id
_entity_poly.type
_entity_poly.pdbx_seq_one_letter_code
_entity_poly.pdbx_strand_id
1 'polypeptide(L)'
;EMSKAVPFVKAPANTAGYVGDVGFDPLGFSDYFDMKWLRESEIKHGRASMLACLGFVVQQYITIPGYTHVDDSNLAPQAV
GVSAMLQIVLWMGVLEFWTNKGNVTMETMFSSPDRVPGNLGFDPMGLSVGKSQAEKDEMALKEIKNGRLAMLAIGGMIHH
NWVTGEPL
;
A
2 'polypeptide(L)'
;MAPFRSLITIFVSLSAVSAFSTNKQATSLKPSSLNIANPEMYEAAQAKWAEEFKPLAKYGWGPSVHAEKWNGRHAMFGWF
FICCTAYAKGHGLIPDMDVPLNLKEWGTLATITGKGTITNGRAVILLANAHFFAISLMATICPLPFGDSLLLDPDDESYE
KSMARNNEPFGYLPAFKSGLTEEAEMINGRLAMLGLISLIFATAIEQKPMLDIVNEWTGGFYF
;
B
3 'polypeptide(L)'
;MVRSVLLAALVGTAAAFAPASSMARSSSAVALKAEMSESLPFLPRPEKLDGSMAGDRGFDPMGLSEIQQDLTYARWAELK
HGRIAMLAIVGMIVQEYIHLPGEAYQNPDPFGAISTVGLGVNGQIFAAIGCVELINFNKHYDGSEPGDIGWTGGLLKNKS
PAEIMKAKEQEITHCRLAMIAITGATVQTLLFHQPLLG
;
C
4 'polypeptide(L)'
;MKLALLASLIASAAAFAPSSSTGARTSTALDAGKKSQALPFLPYPENLSGYVGDAGFDPFRFSDFAPMDFLREAEIKHGR
ICMLAWLGFVAVDLGARIYPLPEAYEGLTSVTAHDALVQQGAMSQIFLWCSVFEAISTVSVIQMLYEESGREPGNFGFDP
LGFLKGKSEAEVNEMKLKEIKNGRLAMLAFSGVVTQAVLTQGPFPYV
;
D
5 'polypeptide(L)'
;MFKTAAAITSLLAASASAFAPSSFNGRLSTAVAAEKSQSLPFMNRPALLDGSMAGDVGFDPLGLSNIDDVGIDLYWLREA
EVKHCRVAMLAVVGILQVEIFGPAPGCEMATDKCQMDAFWQLWGAHPQYIAFGLIMIMMIEMISGIATTQGRESGERAPG
DFGLDPLGYGKGDAAGFARLQAQEIANGRLAMFAAAGEIVQGCTTHQGALENLMTALRDNSF
;
E
6 'polypeptide(L)'
;MTKLSIALTTAAALLSSASAFAPSKDVRPVTSALSATGFEEVGGKPWDPLSLGKLEDANDTFPNMFPKSQYLQESEIKHG
RMSMLAWTGVWATHVGGMGLGMHIPGMPVESDWTKALGVFAAEQPALFGAILLFISIAEGESVGHSGDNWRNMSTKEPGN
LGFDWMGLTRKLSEEQVARYKIVELKNGRAAMIAMASLFAMEAIPGSVPIMNVFN
;
F
7 'polypeptide(L)'
;MKSALIAIALLSGSAAAFTSNAGSQSTSALKAMPERLWDSMVDKTQRSKAVPFLPRAVNLDGSLPGDVGFDPFYLSSIPK
DFSGFIQPPQWEEKGIPTLYWMREAELKHSRVAMLAWFGWLATDGAFGVTLRFPGEIYSVENIPTAYEAHNALVSQGSMG
FLLLAVGFIEFCTGAVLVEVAKGDSDREAGDFKLDPLSFLKGKSEEEIKRMKTREIANGRLAMLAFGGVATQTALEGGNH
AFPYF
;
G
8 'polypeptide(L)'
;MMKSVIIASLACSAAAFAPASNGRAATSLEASAKSKALPWLPNPSNLDGRIGANGFDPLGISEYFPVDYLVESEIKHGRV
CMMAWAGYVAVDLGARIYPLPESMQGVTSATAHDPAVAFGSMGNMFIWIALFEMVGWIGLSQTLQGSGREPGDFGWGKQF
MGKTQAEIDTMKLKELTNGRAAMLAFAGVVTQSVLYDKGFPYF
;
H
9 'polypeptide(L)'
;MKTAAIISSLIASASAFAPVSQTNVRSSSSLQAWKDENIIGITAPMGFFDPLGLSSGKSDEVMNLYREAELKHGRVAMAA
CLGWYITAAGVHPAFNSALSSDPLEAAKQLPTVGWLQFVLGCGAIEWLAQQIKARPGYQPGDILGAAYWVDNSDEGWVDY
QNKEINNGRLAMVAFMGIFVQDLYFGNYGDQIFRN
;
I
10 'polypeptide(L)'
;MKSVAILSLLTASAAAFAPASTTQSSSSTALAGSVFDNYVGAKDFRGAQFKFDPLKLSETYEPFQGWFRESELRHGRTAM
LAVVGYIATDFVRIPGEMYSFEAIPKSADAHDALVASGPMSQLLLWIGLFDLVVTAPAVQAMGQGEREPGDFGWKWFAPS
SKDAFDKKREAELLNGRLAMFAIGGIATQSVLSGHGFPYL
;
J
11 'polypeptide(L)'
;MKSVAILAALVGSATAFAPSQVSRTAASTSVRASLADMVGAEGPEPIPFAPSRTSKNFDPVGFAERSPEWLPWYREAELK
HGRAAMLATVGFVVPEFVRIPGEQFSFEAIPKVIDAHDALPESMIQIFGWISFLEACTFPAMAGLGGKYDRKPGDFSFDP
LGLYPTDPEKQKKMQLAELKNGRLAMIAIGGMVTGAAVTGHGFPYLP
;
K
12 'polypeptide(L)'
;MKTAAVFALFAGSAAAFAPANVAPRASTVTHMSSINEAFGVSIETGNKCPPLGARILEDAQPSAIKWFQNAEIKHGRIAM
VATIGYLVQKLGVHFPLYLGPSGSNCFHPESETAWLLSSSTGVTFSDIAKAAPLDAIQMVPVAGWMQIFFVAGWFESVAY
YRQWVKDSPIPGDYGYDPLGFTKREGGWDSEELTSLRLKEIKNGRLAMMTIAAWVSDEMIPGALPVWHP
;
L
13 'polypeptide(L)'
;DNQHGNFFVSFFFLCFSSSCPSCLLSSPLPPSSLCFKIIIIIFSLPLLGTTSQPTSSSIHTIIMKLAILTTLLAGASAFT
IPTAPAFTTKLSMSEEVEVAAPEATAAPVEVVEPSSPSYTCISKEAILSSPDTTEIGRVWDPLGLADIGSAETLAWYRHS
EVKHGRIAMAAFVGWWAVGAGLRFPGELSHGLEFSSIPSKGLEAWDAVPGWGKVQMLLFAGLIEFHDELFHTRRAEGGHY
LRGGTPGKNMVPGLFDPFGFSKGKSEEALAKGRDREIKNGRLAMIGVAGLYCAATIPGSVPLQPPC
;
M
14 'polypeptide(L)'
;SAKAELEAIAKKANPTLGYYDPLSLADKDFWGKGNDATIAFLRQSEIKHGRIAMFAFVGYIVQSNFVFPWAQTLAGAPHP
SADLSPEAQWDAVPLGAKWQIFAVISALELWDECGGGGALPHYTKGRKPGQYPPFTLFRDNVHFVLDLYDPFGFNKNMSE
ETKERRLVSELNNGRLAMLGIFGFLCADTIPGSVPLLKDIAIPYSGQVMQPFEGQFSYF
;
N
15 'polypeptide(L)'
;MKIAALFLALASSAAAFAPAQQARSNVALNMKVDEMPGATAPLGKFDPLNLATLGSESTLAWFRAAELKHSRVAMLATTG
YLVQAAGIHFPGMLSSDVSFESLSAMKPLDAWDAVPEGGKNQIYFTIFLAEFITECKGTHYTKGGPLPTIVFPPIDFSTV
NPEQLKTRQNRELNNGRLAMIAIMSFVAAANIPGSVPALAGNPMF
;
O,P,Q
16 'polypeptide(L)'
;MKIILSGLALLASTAAAFAPQSMSASKNTHSVALDAAKDDLIAIAEKSNPVLKYYDPLQLGSTTIWGETNSATIGFLRHS
EIKHGRIAMAAFVGYIVQANGIHFPWPMSFDGSPFPADAGSPPEQWDALSDAAKWQIILFIGFLEWFSEAAGKHYMRGGK
PGAFPNFSDSDLIPHPVPLNLYDPFGFSKGKTEAQKADGLIKELNNGRLAMIGIMGFLAEQKVEGSVPLLKAVVPHYDGE
VMAPFM
;
R
17 'polypeptide(L)'
;MKLAILSSLVTSATAFAPSSSSTSTSTALGSSSAKAELEAIAKKANPTLGYYDPLSLADKDFWGKGNDATIAFLRQSEIK
HGRIAMFAFVGYIVQSNFVFPWAQTLAGAPHPSADLSPEAQWDAVPLGAKWQIFAVISALELWDECGGGGALPHYTKGRK
PGQYPPFTLFRDNVHFVLDLYDPFGFNKNMSEETKERRLVSELNNGRLAMLGIFGFLCADTIPGSVPLLKDIAIPYSGQV
MQPFEGQFSYFGSL
;
S
18 'polypeptide(L)'
;MKLALLASLIASAAAFAPSKVAQTSTTSTTLKAFENELGVQPPLGFWDPLGLLDNADQERFDRLRYVEIKHGRIAMLAVL
GHITTSSGRTLGGNIDFSGTAFSSIKTGLAGLSDIPQAGLLQIVAFIGFLELFVMKDAKGTGEFPGDFRNGIDFGWNNFS
DEEKMQKRAIELNNGRAAQMGILGLMVHEKIGGDPYIINELLGYHTV
;
T
19 'polypeptide(L)'
;MKTAVIASLIAGAAAFAPAKNAARTSVATNMAFEDELGAQPPLGFFDPLGLVADGDQEKFDRLRYVEIKHGRISMLAVVG
YLVQEAGVRLPGTIDYSGKTFAEIPNGFAAFKEIPAGGLVQLLFFIGVLESSVMRDLTGEAEFVGDFRNGAIDFGWDTFD
EETQFKKRAIELNQGRAAQMGILALMVHEQLGVSLLPQ
;
W,X
20 'polypeptide(L)'
;AKNVQIFVEKDAVETSFEKWSQPGHFSRTLAKGPKTTTWIWNLHADAHDFDSQTNSLEEVSRKIFSAHFGQLAAIFLWIS
GMHFHGAYFSNYSAWLSDPIKIKQSSQVVWPIVGQEILNADVGGNFQGVQTTSGWFQMWRAEGITSEVELYWIAIGGLIM
SALMLFAGWFHYHKAAPKLEWFQNAESMMNHHLAGLLGLGCLSWSGHQIHIALPINKLLDAGVSPQEIPLPHEFLINRDL
MAQLYPSFEKGLTPFFSGQWGVYSDFLTFKGGLNPVTGGLWLSDIAHHHLALSVLFIIAGHMYRTNWGIGHSMKEILEAH
KGPFTGEGHKGLYEILTTSWHAQLAINLAMIGSLSIIVAHHMYAMPPYPYIATDYATQLSLFTHHMWIGGFCVVGGAAHG
AIFMVRDYTPANNYNNLLDRDLRHRDEIISNLNWVCIFLGCHAFGFYIHNDTMRALGRPQDMFSDKAIQLQPIFAQWIQN
IHLLAPGTTAPNALATTSYAFGGDIVEVGGKIAMMPIKLGTADFMVHHIHAFTIHVTVLILLKGVLYARSSKLIPDKANL
GFRFPCDGPGRGGTCQSSSWDHVFLGLFWMYNAISVVIFHFSWKMQSDVWGTVTADGSISHITGGNFAQSSITINGWLRD
FLWSQASQVIQSYGSASSAYGLIFLGAHFIWAFSLMFLFSGRGYWQELIESIVWAHNKLNFAPAIQPRALSITQGRAVGL
AHYLLGGIGTTWAFFLARSLSIT
;
a
21 'polypeptide(L)'
;MATKFPKFSQALAQDPATRRIWYGIATAHDLEAHDGMTEENLYQKIFASHFGHLAIIFLWTAGNLFHVAWQGNFEQWVAK
PLKTKPIAHSIWDPHFGESALKAFSKGNTYPVNIAFSGVYQWWYTIGFRTNQELYAGSIGLLILSCVLLFAGWLHLQPKF
RPSLSWFKNNESRLNHHLSGLLGVSSLAWTGHLVHVALPASRGVHIGWDNFLTTPPHPAGLKPFFTGNWTVYAENPDSAT
HVYGTSEGAGTAILTFLGGFHPQTQSLWLSDIAHHQLAIAVIFIVAGHMYRTNFGIGHNMKEILDAHRPPGGRLGAGHVG
LFETITNSLHMQLGLALAALGVATSLTAQHMYALTPYAYLSKDFTTEAALYTHHQYIAGFLMVGAFAHGAIFFVRDYDPE
LNKNNVLARMLEHKEAIISHLSWASLFLGFHTLGLYIHNDTVVAFGQPEKQILFEPIFAEYIQAASGKAVYEFNVLLSSS
SSPATVAGNQVWLPGWLEAINNNKNDLFLKIGPGDFLVHHAIALGLHVTALILVKGALDARGSKLMPDKKDFGYSFPCDG
PGRGGTCDISAWDAFYLAMFWMLNTIGWVTFYWHWKHMTIWGGNPGQFDESSNYIMGWLRDYLWLNSSPLINGYNPFGMN
NLSVWAWMFLFGHLIWATGFMFLISWRGYWQELIETLVWAHERTPLANLIRWRDKPVALSIVQARLVGLVHFSVGYILTY
AAFLIASTSGKFG
;
b
22 'polypeptide(L)' SHSVKIYDTCIGCTQCVRACPTDVLEMIPWGGCKAKQIASAPRTEDCVGCKRCESACPTDFLSVRVYLWHETTRSMGLAY c
23 'polypeptide(L)'
;PSPIFGGSTGGWLRKAQVEEKYVITWDSPKEQIFEMPTGGAAIMREGPNLLKLARKEQCLALGTRLRSKYKIKYQFYRVF
PNGEVQYLHPKDGVYPEKVNAGRQGVGQNFRSIGKNVSPIEVKFTGKQPYDL
;
d
24 'polypeptide(L)' GPKRGAKVKILRKESYWYKGTGSVVAVDQDPNTRYPVVVRFNKVNYANVSTNNYALDEIQEVE e
25 'polypeptide(L)'
;DISGLTPCKESKQFAKREKQALKKLQASLKLYADDSAPALAIKATMEKTKKRFDNYGKYGLLCGSDGLPHLIVSGDQRHW
GEFITPGILFLYIAGWIGWVGRSYLIAIRDEKKPTQKEIIIDVPLASRLLFRGFSWPVAAYRELLNGELVDAAAAAAAAA
AA
;
f
26 'polypeptide(L)' MINLPSLFVPLVGLLFPAVAMASLFLHVEKRLLFSTKKIN i
27 'polypeptide(L)' MRDLKTYLSVAPVASTLWFAALAGLLIEINRLFPDALTFPFF j
28 'polypeptide(L)'
;KIFVKFLHTVDYLNNFIINFIKFSIKFMANFIKPYNDDPFVGHLATPITSSAVTRSLLKNLPAYRFGLTPLLRGLEIGLA
HGYFLIGPFFKLGPLRNSEIALFAGFLSTIGLILILTLGLTIYGAVVFKEEKVMSSANVNNLQTKKAWDQFKGGFFVGAC
GSAGFALICLYV
;
l
29 'polypeptide(L)' MITDNQVFVALIMALVCGYLAVKLAKQLA m
30 'polypeptide(L)'
;(UNK)(UNK)(UNK)(UNK)(UNK)(UNK)(UNK)(UNK)(UNK)(UNK)(UNK)(UNK)(UNK)(UNK)(UNK)(UNK)
(UNK)(UNK)(UNK)(UNK)(UNK)(UNK)(UNK)(UNK)(UNK)(UNK)(UNK)(UNK)(UNK)(UNK)(UNK)(UNK)
(UNK)(UNK)(UNK)(UNK)(UNK)(UNK)(UNK)(UNK)(UNK)(UNK)(UNK)(UNK)(UNK)(UNK)(UNK)(UNK)
(UNK)(UNK)(UNK)(UNK)(UNK)(UNK)(UNK)(UNK)(UNK)(UNK)(UNK)(UNK)(UNK)(UNK)(UNK)(UNK)
(UNK)(UNK)(UNK)(UNK)(UNK)(UNK)(UNK)(UNK)(UNK)(UNK)(UNK)(UNK)(UNK)(UNK)(UNK)(UNK)
(UNK)(UNK)(UNK)(UNK)(UNK)(UNK)(UNK)(UNK)(UNK)(UNK)(UNK)(UNK)(UNK)(UNK)(UNK)(UNK)
(UNK)(UNK)(UNK)(UNK)(UNK)(UNK)(UNK)(UNK)(UNK)(UNK)(UNK)(UNK)(UNK)(UNK)(UNK)(UNK)
(UNK)(UNK)(UNK)(UNK)(UNK)(UNK)(UNK)(UNK)(UNK)(UNK)(UNK)(UNK)(UNK)(UNK)(UNK)(UNK)
(UNK)(UNK)(UNK)(UNK)(UNK)(UNK)
;
g
31 'polypeptide(L)'
;MSKLSFFILSAVLAVSAAFAPMPRAAISTTHARTASMPSASFTSLSMASEDMTWEGEYPPSKVLGPIMSKMPSGLLGLIS
IACAAVCVYSIAQSGVLQQQPGAYENGSWVKWYYVLGSFGGPLAWGTHVASWIQRKNGM
;
h
32 'polypeptide(L)'
;LDGMVGTSVETGGKIFDPLNLSDYIPADRARAAELANGRSAMLATVGYVFPKWFGHFEGDVSVDDPIAAIGQADPQWWAQ
FIIFCGTIEAYKYRMELEGKSSTGGGEPAIDWMKMYPKDEAGRRDMELKELKNGRLAMLGIAGFVSAHFIPGAVPIGPGF
;
U
33 'polypeptide(L)'
;TPLGGEPVFIGENYWDKLTLEYGSEATGTYLRAAELKHGRSAMLAVTGFAFHKLGLTLNNISPHEYLSIRDNIKFADLAA
MSPIEAVKHIPAEGMAQIFAAIAAVEIYELTHRNGKLAYDESVAPGLQPGGLTGDLGWNPLNIKVTDRRRLSELQNGRAA
MFAISAWVAAEAIPGSVPI
;
V
#
# COMPACT_ATOMS: atom_id res chain seq x y z
N GLU A 1 24.53 -11.98 -46.39
CA GLU A 1 24.26 -10.92 -45.44
C GLU A 1 22.79 -10.89 -45.06
N MET A 2 21.94 -11.01 -46.06
CA MET A 2 20.50 -11.03 -45.88
C MET A 2 20.01 -12.43 -46.20
N SER A 3 18.81 -12.77 -45.74
CA SER A 3 18.25 -14.08 -45.96
C SER A 3 17.78 -14.26 -47.40
N LYS A 4 17.96 -15.46 -47.94
CA LYS A 4 17.54 -15.75 -49.29
C LYS A 4 16.03 -15.90 -49.31
N ALA A 5 15.51 -16.65 -48.34
CA ALA A 5 14.07 -16.86 -48.26
C ALA A 5 13.35 -15.54 -48.04
N VAL A 6 13.57 -14.90 -46.91
CA VAL A 6 12.84 -13.67 -46.65
C VAL A 6 13.84 -12.50 -46.65
N PRO A 7 13.92 -11.75 -47.75
CA PRO A 7 15.06 -10.85 -47.93
C PRO A 7 14.91 -9.49 -47.28
N PHE A 8 14.40 -9.42 -46.06
CA PHE A 8 14.47 -8.18 -45.32
C PHE A 8 14.78 -8.41 -43.84
N VAL A 9 15.18 -9.61 -43.43
CA VAL A 9 15.83 -9.85 -42.15
C VAL A 9 17.18 -10.51 -42.44
N LYS A 10 18.08 -10.38 -41.47
CA LYS A 10 19.47 -10.78 -41.64
C LYS A 10 19.59 -12.28 -41.84
N ALA A 11 20.62 -12.68 -42.56
CA ALA A 11 20.81 -14.09 -42.87
C ALA A 11 21.16 -14.84 -41.60
N PRO A 12 20.55 -16.00 -41.36
CA PRO A 12 20.88 -16.77 -40.17
C PRO A 12 22.27 -17.37 -40.30
N ALA A 13 23.05 -17.24 -39.24
CA ALA A 13 24.33 -17.91 -39.16
C ALA A 13 24.10 -19.39 -38.89
N ASN A 14 25.20 -20.13 -38.80
CA ASN A 14 25.35 -21.57 -38.52
C ASN A 14 24.24 -22.47 -39.05
N THR A 15 23.77 -22.17 -40.27
CA THR A 15 23.01 -23.08 -41.13
C THR A 15 23.65 -22.92 -42.50
N ALA A 16 24.73 -23.66 -42.77
CA ALA A 16 25.36 -23.54 -44.08
C ALA A 16 25.44 -24.87 -44.81
N GLY A 17 25.96 -25.88 -44.13
CA GLY A 17 26.14 -27.17 -44.76
C GLY A 17 24.97 -28.09 -44.59
N TYR A 18 23.77 -27.62 -44.90
CA TYR A 18 22.58 -28.42 -44.75
C TYR A 18 21.76 -28.36 -46.02
N VAL A 19 20.87 -29.33 -46.17
CA VAL A 19 20.38 -29.71 -47.48
C VAL A 19 19.31 -28.74 -47.97
N GLY A 20 18.31 -28.46 -47.15
CA GLY A 20 17.25 -27.56 -47.58
C GLY A 20 17.50 -26.11 -47.21
N ASP A 21 18.75 -25.68 -47.32
CA ASP A 21 19.18 -24.38 -46.82
C ASP A 21 18.73 -23.28 -47.76
N VAL A 22 17.81 -22.45 -47.29
CA VAL A 22 17.35 -21.30 -48.05
C VAL A 22 17.37 -20.13 -47.05
N GLY A 23 17.99 -20.34 -45.90
CA GLY A 23 18.17 -19.27 -44.94
C GLY A 23 16.92 -18.85 -44.23
N PHE A 24 15.99 -19.77 -43.99
CA PHE A 24 14.71 -19.45 -43.38
C PHE A 24 14.78 -19.74 -41.88
N ASP A 25 15.13 -18.72 -41.11
CA ASP A 25 15.08 -18.79 -39.65
C ASP A 25 14.89 -17.39 -39.10
N PRO A 26 13.69 -16.85 -39.17
CA PRO A 26 13.48 -15.48 -38.67
C PRO A 26 13.45 -15.40 -37.16
N LEU A 27 12.99 -16.44 -36.47
CA LEU A 27 12.98 -16.44 -35.02
C LEU A 27 14.29 -16.89 -34.41
N GLY A 28 15.24 -17.36 -35.21
CA GLY A 28 16.58 -17.61 -34.74
C GLY A 28 16.76 -18.80 -33.83
N PHE A 29 16.05 -19.91 -34.09
CA PHE A 29 16.20 -21.09 -33.26
C PHE A 29 17.56 -21.75 -33.46
N SER A 30 18.13 -21.64 -34.65
CA SER A 30 19.43 -22.25 -34.90
C SER A 30 20.56 -21.46 -34.25
N ASP A 31 20.30 -20.23 -33.83
CA ASP A 31 21.27 -19.49 -33.03
C ASP A 31 21.35 -20.05 -31.63
N TYR A 32 20.27 -20.61 -31.12
CA TYR A 32 20.16 -20.97 -29.71
C TYR A 32 20.31 -22.45 -29.46
N PHE A 33 19.90 -23.29 -30.40
CA PHE A 33 19.89 -24.73 -30.20
C PHE A 33 20.82 -25.40 -31.19
N ASP A 34 21.20 -26.62 -30.86
CA ASP A 34 22.13 -27.38 -31.67
C ASP A 34 21.47 -27.77 -32.99
N MET A 35 22.20 -27.55 -34.08
CA MET A 35 21.62 -27.69 -35.40
C MET A 35 21.43 -29.15 -35.80
N LYS A 36 22.26 -30.05 -35.27
CA LYS A 36 22.11 -31.47 -35.56
C LYS A 36 20.83 -32.02 -34.94
N TRP A 37 20.46 -31.52 -33.76
CA TRP A 37 19.21 -31.94 -33.13
C TRP A 37 18.01 -31.42 -33.90
N LEU A 38 18.12 -30.21 -34.44
CA LEU A 38 16.98 -29.61 -35.15
C LEU A 38 16.72 -30.29 -36.48
N ARG A 39 17.79 -30.72 -37.15
CA ARG A 39 17.65 -31.41 -38.42
C ARG A 39 17.04 -32.78 -38.16
N GLU A 40 17.61 -33.50 -37.21
CA GLU A 40 17.12 -34.83 -36.84
C GLU A 40 15.66 -34.78 -36.41
N SER A 41 15.25 -33.69 -35.78
CA SER A 41 13.85 -33.50 -35.45
C SER A 41 13.01 -33.32 -36.71
N GLU A 42 13.44 -32.46 -37.63
CA GLU A 42 12.66 -32.14 -38.82
C GLU A 42 12.47 -33.34 -39.74
N ILE A 43 13.50 -34.17 -39.84
CA ILE A 43 13.37 -35.41 -40.61
C ILE A 43 12.38 -36.36 -39.94
N LYS A 44 12.43 -36.46 -38.62
CA LYS A 44 11.61 -37.44 -37.92
C LYS A 44 10.14 -37.02 -37.89
N HIS A 45 9.91 -35.72 -37.82
CA HIS A 45 8.57 -35.16 -37.85
C HIS A 45 7.99 -35.37 -39.23
N GLY A 46 8.86 -35.33 -40.25
CA GLY A 46 8.45 -35.50 -41.62
C GLY A 46 8.14 -36.94 -41.95
N ARG A 47 8.95 -37.87 -41.44
CA ARG A 47 8.73 -39.29 -41.74
C ARG A 47 7.49 -39.81 -41.04
N ALA A 48 7.22 -39.34 -39.83
CA ALA A 48 5.99 -39.72 -39.16
C ALA A 48 4.78 -39.09 -39.84
N SER A 49 4.94 -37.92 -40.44
CA SER A 49 3.84 -37.30 -41.16
C SER A 49 3.55 -38.01 -42.46
N MET A 50 4.60 -38.42 -43.19
CA MET A 50 4.41 -39.10 -44.47
C MET A 50 3.74 -40.44 -44.27
N LEU A 51 4.06 -41.14 -43.19
CA LEU A 51 3.36 -42.39 -42.88
C LEU A 51 1.93 -42.13 -42.44
N ALA A 52 1.68 -40.99 -41.80
CA ALA A 52 0.33 -40.69 -41.36
C ALA A 52 -0.53 -40.14 -42.48
N CYS A 53 0.07 -39.60 -43.53
CA CYS A 53 -0.71 -39.14 -44.68
C CYS A 53 -1.21 -40.31 -45.51
N LEU A 54 -0.37 -41.32 -45.73
CA LEU A 54 -0.85 -42.58 -46.31
C LEU A 54 -1.89 -43.21 -45.42
N GLY A 55 -1.63 -43.26 -44.12
CA GLY A 55 -2.50 -43.94 -43.20
C GLY A 55 -3.91 -43.38 -43.19
N PHE A 56 -4.01 -42.07 -42.97
CA PHE A 56 -5.30 -41.37 -42.94
C PHE A 56 -6.18 -41.60 -44.17
N VAL A 57 -5.58 -41.84 -45.33
CA VAL A 57 -6.34 -42.03 -46.55
C VAL A 57 -6.66 -43.51 -46.78
N VAL A 58 -5.67 -44.38 -46.61
CA VAL A 58 -5.82 -45.79 -46.92
C VAL A 58 -6.73 -46.49 -45.91
N GLN A 59 -6.81 -45.98 -44.67
CA GLN A 59 -7.64 -46.57 -43.62
C GLN A 59 -9.13 -46.52 -43.93
N GLN A 60 -9.56 -45.65 -44.84
CA GLN A 60 -10.99 -45.55 -45.13
C GLN A 60 -11.48 -46.71 -45.99
N TYR A 61 -10.61 -47.32 -46.78
CA TYR A 61 -11.05 -48.17 -47.86
C TYR A 61 -10.58 -49.62 -47.80
N ILE A 62 -9.71 -49.98 -46.86
CA ILE A 62 -8.92 -51.20 -46.99
C ILE A 62 -9.14 -52.20 -45.85
N THR A 63 -9.72 -51.79 -44.72
CA THR A 63 -9.57 -52.34 -43.36
C THR A 63 -9.23 -53.82 -43.18
N ILE A 64 -8.18 -54.11 -42.41
CA ILE A 64 -7.66 -55.44 -42.12
C ILE A 64 -8.73 -56.25 -41.38
N PRO A 65 -8.84 -57.57 -41.60
CA PRO A 65 -9.92 -58.34 -40.95
C PRO A 65 -9.74 -58.43 -39.44
N GLY A 66 -10.85 -58.32 -38.74
CA GLY A 66 -10.88 -58.35 -37.29
C GLY A 66 -11.21 -57.03 -36.65
N TYR A 67 -11.01 -55.93 -37.35
CA TYR A 67 -11.30 -54.61 -36.85
C TYR A 67 -12.64 -54.13 -37.38
N THR A 68 -13.02 -52.92 -36.98
CA THR A 68 -14.27 -52.31 -37.41
C THR A 68 -13.97 -51.10 -38.29
N HIS A 69 -14.54 -51.09 -39.50
CA HIS A 69 -14.39 -49.95 -40.43
C HIS A 69 -14.97 -48.72 -39.72
N VAL A 70 -14.19 -47.64 -39.65
CA VAL A 70 -14.61 -46.38 -39.06
C VAL A 70 -14.64 -45.39 -40.22
N ASP A 71 -15.72 -44.64 -40.35
CA ASP A 71 -15.85 -43.68 -41.44
C ASP A 71 -14.77 -42.61 -41.43
N ASP A 72 -14.44 -42.10 -40.24
CA ASP A 72 -13.42 -41.08 -40.13
C ASP A 72 -12.19 -41.62 -39.44
N SER A 73 -11.03 -41.47 -40.08
CA SER A 73 -9.76 -41.95 -39.50
C SER A 73 -9.59 -41.45 -38.05
N ASN A 74 -9.96 -40.22 -37.77
CA ASN A 74 -9.79 -39.63 -36.44
C ASN A 74 -10.46 -40.41 -35.32
N LEU A 75 -11.56 -41.07 -35.62
CA LEU A 75 -12.31 -41.86 -34.63
C LEU A 75 -11.78 -43.29 -34.44
N ALA A 76 -10.71 -43.64 -35.15
CA ALA A 76 -10.13 -44.98 -35.11
C ALA A 76 -9.61 -45.49 -33.75
N PRO A 77 -8.97 -44.62 -32.95
CA PRO A 77 -8.45 -45.12 -31.67
C PRO A 77 -9.59 -45.65 -30.79
N GLN A 78 -10.70 -44.92 -30.76
CA GLN A 78 -11.94 -45.33 -30.04
C GLN A 78 -12.41 -46.69 -30.56
N ALA A 79 -12.18 -46.97 -31.84
CA ALA A 79 -12.64 -48.23 -32.48
C ALA A 79 -11.57 -49.32 -32.35
N VAL A 80 -10.43 -48.98 -31.73
CA VAL A 80 -9.31 -49.95 -31.54
C VAL A 80 -9.05 -50.12 -30.05
N GLY A 81 -9.49 -49.16 -29.24
CA GLY A 81 -9.30 -49.22 -27.80
C GLY A 81 -8.02 -48.53 -27.33
N VAL A 82 -7.60 -48.84 -26.11
CA VAL A 82 -6.40 -48.24 -25.55
C VAL A 82 -5.25 -49.24 -25.45
N SER A 83 -5.58 -50.51 -25.23
CA SER A 83 -4.56 -51.54 -25.12
C SER A 83 -3.76 -51.65 -26.42
N ALA A 84 -4.45 -51.58 -27.54
CA ALA A 84 -3.81 -51.67 -28.85
C ALA A 84 -2.99 -50.41 -29.11
N MET A 85 -3.46 -49.28 -28.62
CA MET A 85 -2.77 -48.01 -28.81
C MET A 85 -1.47 -47.95 -28.00
N LEU A 86 -1.51 -48.47 -26.77
CA LEU A 86 -0.32 -48.45 -25.93
C LEU A 86 0.73 -49.41 -26.43
N GLN A 87 0.30 -50.52 -27.02
CA GLN A 87 1.23 -51.49 -27.57
C GLN A 87 2.00 -50.80 -28.69
N ILE A 88 1.32 -49.98 -29.49
CA ILE A 88 1.99 -49.30 -30.59
C ILE A 88 3.06 -48.37 -30.05
N VAL A 89 2.70 -47.51 -29.09
CA VAL A 89 3.63 -46.47 -28.66
C VAL A 89 4.74 -47.02 -27.78
N LEU A 90 4.50 -48.10 -27.04
CA LEU A 90 5.57 -48.66 -26.22
C LEU A 90 6.57 -49.43 -27.07
N TRP A 91 6.12 -50.01 -28.18
CA TRP A 91 7.07 -50.65 -29.07
C TRP A 91 7.83 -49.62 -29.90
N MET A 92 7.19 -48.47 -30.13
CA MET A 92 7.88 -47.35 -30.83
C MET A 92 9.05 -46.96 -29.93
N GLY A 93 8.83 -46.95 -28.61
CA GLY A 93 9.92 -46.66 -27.69
C GLY A 93 11.08 -47.62 -27.85
N VAL A 94 10.79 -48.92 -27.81
CA VAL A 94 11.83 -49.94 -27.92
C VAL A 94 12.56 -49.85 -29.25
N LEU A 95 11.84 -49.42 -30.27
CA LEU A 95 12.44 -49.23 -31.60
C LEU A 95 13.31 -47.97 -31.62
N GLU A 96 13.09 -47.07 -30.66
CA GLU A 96 13.82 -45.82 -30.58
C GLU A 96 15.06 -45.89 -29.68
N PHE A 97 15.07 -46.81 -28.72
CA PHE A 97 16.24 -46.97 -27.87
C PHE A 97 17.32 -47.70 -28.67
N TRP A 98 16.92 -48.74 -29.40
CA TRP A 98 17.83 -49.50 -30.25
C TRP A 98 18.35 -48.67 -31.40
N THR A 99 17.56 -47.69 -31.80
CA THR A 99 17.84 -46.83 -32.94
C THR A 99 19.13 -46.04 -32.76
N ASN A 100 19.34 -45.46 -31.59
CA ASN A 100 20.44 -44.55 -31.39
C ASN A 100 21.42 -45.04 -30.34
N LYS A 101 21.58 -46.37 -30.26
CA LYS A 101 22.39 -47.13 -29.29
C LYS A 101 22.25 -46.63 -27.85
N GLY A 102 21.07 -46.19 -27.46
CA GLY A 102 20.79 -45.78 -26.11
C GLY A 102 20.96 -44.30 -25.79
N ASN A 103 21.29 -43.48 -26.77
CA ASN A 103 21.54 -42.05 -26.54
C ASN A 103 20.31 -41.26 -26.96
N VAL A 104 19.35 -41.14 -26.07
CA VAL A 104 18.00 -40.73 -26.42
C VAL A 104 17.66 -39.32 -25.98
N THR A 105 18.57 -38.60 -25.37
CA THR A 105 18.26 -37.24 -24.94
C THR A 105 19.05 -36.24 -25.76
N MET A 106 18.71 -34.98 -25.56
CA MET A 106 19.31 -33.85 -26.28
C MET A 106 20.72 -33.58 -25.81
N GLU A 107 21.23 -34.43 -24.93
CA GLU A 107 22.58 -34.27 -24.42
C GLU A 107 23.42 -35.49 -24.76
N THR A 108 22.77 -36.63 -24.88
CA THR A 108 23.46 -37.89 -25.19
C THR A 108 23.51 -38.17 -26.68
N MET A 109 22.50 -37.71 -27.41
CA MET A 109 22.47 -37.88 -28.85
C MET A 109 23.53 -36.96 -29.46
N PHE A 110 24.15 -37.40 -30.54
CA PHE A 110 25.19 -36.63 -31.22
C PHE A 110 26.39 -36.38 -30.30
N SER A 111 26.73 -37.38 -29.50
CA SER A 111 27.94 -37.33 -28.70
C SER A 111 29.09 -38.08 -29.33
N SER A 112 28.84 -38.87 -30.29
CA SER A 112 29.82 -39.53 -31.13
C SER A 112 30.16 -38.63 -32.32
N PRO A 113 31.40 -38.68 -32.83
CA PRO A 113 31.72 -37.89 -34.03
C PRO A 113 31.05 -38.42 -35.27
N ASP A 114 30.66 -39.70 -35.28
CA ASP A 114 29.76 -40.27 -36.27
C ASP A 114 28.33 -39.92 -35.91
N ARG A 115 27.36 -40.65 -36.42
CA ARG A 115 25.98 -40.36 -36.11
C ARG A 115 25.51 -39.02 -36.67
N VAL A 116 25.45 -38.92 -38.00
CA VAL A 116 24.98 -37.71 -38.66
C VAL A 116 23.45 -37.70 -38.63
N PRO A 117 22.77 -36.55 -38.75
CA PRO A 117 21.31 -36.54 -38.61
C PRO A 117 20.57 -37.28 -39.72
N GLY A 118 19.62 -38.12 -39.31
CA GLY A 118 18.76 -38.84 -40.23
C GLY A 118 19.34 -40.12 -40.78
N ASN A 119 20.61 -40.41 -40.55
CA ASN A 119 21.21 -41.64 -41.05
C ASN A 119 20.91 -42.74 -40.04
N LEU A 120 19.96 -43.58 -40.37
CA LEU A 120 19.58 -44.64 -39.46
C LEU A 120 20.36 -45.91 -39.70
N GLY A 121 21.06 -45.99 -40.82
CA GLY A 121 21.56 -47.24 -41.33
C GLY A 121 20.54 -48.06 -42.08
N PHE A 122 19.34 -47.52 -42.19
CA PHE A 122 18.22 -48.19 -42.84
C PHE A 122 18.24 -48.11 -44.35
N ASP A 123 18.48 -49.25 -44.99
CA ASP A 123 18.50 -49.32 -46.44
C ASP A 123 18.45 -50.79 -46.84
N PRO A 124 17.30 -51.47 -46.75
CA PRO A 124 17.30 -52.89 -47.09
C PRO A 124 17.41 -53.17 -48.58
N MET A 125 16.84 -52.31 -49.41
CA MET A 125 16.87 -52.54 -50.86
C MET A 125 18.16 -52.13 -51.55
N GLY A 126 18.79 -51.09 -51.05
CA GLY A 126 20.01 -50.59 -51.63
C GLY A 126 19.87 -49.30 -52.35
N LEU A 127 18.79 -48.56 -52.12
CA LEU A 127 18.60 -47.25 -52.71
C LEU A 127 19.66 -46.30 -52.18
N SER A 128 20.40 -45.70 -53.10
CA SER A 128 21.50 -44.76 -52.82
C SER A 128 22.62 -45.42 -52.02
N VAL A 129 23.34 -46.30 -52.72
CA VAL A 129 24.51 -46.99 -52.19
C VAL A 129 25.58 -47.02 -53.31
N GLY A 130 26.74 -46.43 -53.05
CA GLY A 130 27.81 -46.39 -54.03
C GLY A 130 27.71 -45.33 -55.11
N LYS A 131 26.82 -44.38 -54.94
CA LYS A 131 26.62 -43.30 -55.92
C LYS A 131 27.43 -42.06 -55.57
N SER A 132 27.33 -41.03 -56.41
CA SER A 132 28.06 -39.80 -56.22
C SER A 132 27.34 -38.89 -55.22
N GLN A 133 28.00 -37.77 -54.90
CA GLN A 133 27.53 -36.81 -53.86
C GLN A 133 26.37 -35.94 -54.35
N ALA A 134 26.42 -35.45 -55.60
CA ALA A 134 25.34 -34.58 -56.07
C ALA A 134 24.01 -35.34 -56.05
N GLU A 135 24.02 -36.59 -56.51
CA GLU A 135 22.80 -37.42 -56.55
C GLU A 135 22.29 -37.64 -55.11
N LYS A 136 23.20 -37.89 -54.17
CA LYS A 136 22.81 -38.13 -52.76
C LYS A 136 22.17 -36.86 -52.19
N ASP A 137 22.75 -35.68 -52.51
CA ASP A 137 22.21 -34.39 -52.03
C ASP A 137 20.82 -34.16 -52.62
N GLU A 138 20.64 -34.55 -53.89
CA GLU A 138 19.33 -34.37 -54.58
C GLU A 138 18.25 -35.24 -53.93
N MET A 139 18.57 -36.50 -53.59
CA MET A 139 17.55 -37.35 -52.99
C MET A 139 17.27 -36.95 -51.55
N ALA A 140 18.22 -36.30 -50.89
CA ALA A 140 17.97 -35.80 -49.54
C ALA A 140 17.13 -34.53 -49.57
N LEU A 141 17.10 -33.83 -50.69
CA LEU A 141 16.28 -32.64 -50.78
C LEU A 141 14.82 -33.04 -50.98
N LYS A 142 14.62 -34.23 -51.53
CA LYS A 142 13.29 -34.75 -51.78
C LYS A 142 12.61 -35.27 -50.52
N GLU A 143 13.40 -35.86 -49.62
CA GLU A 143 12.83 -36.38 -48.38
C GLU A 143 12.43 -35.25 -47.45
N ILE A 144 13.22 -34.17 -47.43
CA ILE A 144 12.88 -33.01 -46.62
C ILE A 144 11.61 -32.35 -47.14
N LYS A 145 11.61 -32.04 -48.43
CA LYS A 145 10.48 -31.33 -49.04
C LYS A 145 9.17 -32.11 -48.97
N ASN A 146 9.21 -33.40 -49.27
CA ASN A 146 8.01 -34.20 -49.16
C ASN A 146 7.58 -34.35 -47.71
N GLY A 147 8.53 -34.36 -46.79
CA GLY A 147 8.19 -34.40 -45.38
C GLY A 147 7.62 -33.10 -44.87
N ARG A 148 8.09 -31.96 -45.40
CA ARG A 148 7.53 -30.68 -45.01
C ARG A 148 6.14 -30.49 -45.58
N LEU A 149 5.91 -30.97 -46.80
CA LEU A 149 4.57 -30.94 -47.38
C LEU A 149 3.62 -31.79 -46.56
N ALA A 150 4.11 -32.94 -46.07
CA ALA A 150 3.25 -33.87 -45.35
C ALA A 150 2.90 -33.39 -43.95
N MET A 151 3.77 -32.59 -43.31
CA MET A 151 3.45 -32.05 -42.00
C MET A 151 2.29 -31.06 -42.07
N LEU A 152 2.39 -30.11 -43.00
CA LEU A 152 1.28 -29.18 -43.22
C LEU A 152 0.10 -29.90 -43.82
N ALA A 153 0.35 -30.98 -44.55
CA ALA A 153 -0.75 -31.82 -44.99
C ALA A 153 -1.48 -32.40 -43.79
N ILE A 154 -0.81 -33.24 -43.00
CA ILE A 154 -1.44 -34.06 -41.95
C ILE A 154 -2.19 -33.22 -40.92
N GLY A 155 -1.84 -31.94 -40.78
CA GLY A 155 -2.75 -30.97 -40.23
C GLY A 155 -4.08 -30.92 -40.95
N GLY A 156 -4.08 -30.56 -42.23
CA GLY A 156 -5.33 -30.41 -42.94
C GLY A 156 -6.19 -31.65 -42.95
N MET A 157 -5.60 -32.83 -43.14
CA MET A 157 -6.43 -34.03 -43.16
C MET A 157 -7.09 -34.22 -41.79
N ILE A 158 -6.31 -34.08 -40.73
CA ILE A 158 -6.85 -34.23 -39.37
C ILE A 158 -7.83 -33.12 -39.01
N HIS A 159 -7.47 -31.89 -39.34
CA HIS A 159 -8.29 -30.71 -39.05
C HIS A 159 -9.62 -30.65 -39.79
N HIS A 160 -9.62 -31.02 -41.07
CA HIS A 160 -10.86 -30.96 -41.86
C HIS A 160 -12.03 -31.64 -41.12
N ASN A 161 -11.73 -32.81 -40.59
CA ASN A 161 -12.69 -33.65 -39.88
C ASN A 161 -13.08 -33.09 -38.52
N TRP A 162 -12.19 -32.33 -37.90
CA TRP A 162 -12.47 -31.74 -36.60
C TRP A 162 -13.74 -30.92 -36.65
N VAL A 163 -13.82 -30.00 -37.60
CA VAL A 163 -15.00 -29.16 -37.78
C VAL A 163 -16.16 -30.05 -38.17
N THR A 164 -16.10 -30.56 -39.39
CA THR A 164 -17.10 -31.48 -39.92
C THR A 164 -17.09 -32.79 -39.11
N GLY A 165 -17.79 -33.80 -39.61
CA GLY A 165 -17.93 -35.05 -38.88
C GLY A 165 -17.97 -36.31 -39.72
N GLU A 166 -17.41 -36.24 -40.91
CA GLU A 166 -17.55 -37.23 -41.97
C GLU A 166 -16.16 -37.42 -42.56
N PRO A 167 -15.93 -38.52 -43.35
CA PRO A 167 -14.55 -38.76 -43.83
C PRO A 167 -14.05 -37.75 -44.86
N LEU A 168 -12.84 -37.99 -45.33
CA LEU A 168 -12.19 -37.13 -46.30
C LEU A 168 -12.86 -37.22 -47.68
N GLY B 60 12.08 -10.39 72.09
CA GLY B 60 11.32 -11.53 72.55
C GLY B 60 11.08 -12.55 71.46
N TRP B 61 9.82 -12.63 71.01
CA TRP B 61 9.37 -13.45 69.88
C TRP B 61 9.65 -14.93 70.10
N GLY B 62 9.00 -15.48 71.13
CA GLY B 62 9.13 -16.87 71.44
C GLY B 62 8.95 -17.12 72.92
N PRO B 63 9.60 -18.14 73.46
CA PRO B 63 9.55 -18.41 74.91
C PRO B 63 10.47 -17.53 75.74
N SER B 64 10.33 -16.22 75.59
CA SER B 64 11.09 -15.26 76.35
C SER B 64 10.30 -14.85 77.59
N VAL B 65 10.96 -14.08 78.46
CA VAL B 65 10.34 -13.63 79.70
C VAL B 65 9.25 -12.60 79.40
N HIS B 66 9.53 -11.77 78.40
CA HIS B 66 8.60 -10.72 77.96
C HIS B 66 7.28 -11.28 77.45
N ALA B 67 7.39 -12.25 76.55
CA ALA B 67 6.20 -12.89 75.98
C ALA B 67 5.40 -13.67 77.02
N GLU B 68 6.05 -14.14 78.09
CA GLU B 68 5.32 -14.65 79.22
C GLU B 68 4.59 -13.55 79.97
N LYS B 69 5.15 -12.34 79.98
CA LYS B 69 4.54 -11.23 80.69
C LYS B 69 3.38 -10.63 79.91
N TRP B 70 3.51 -10.52 78.60
CA TRP B 70 2.45 -9.94 77.78
C TRP B 70 1.22 -10.85 77.68
N ASN B 71 1.45 -12.14 77.45
CA ASN B 71 0.37 -13.11 77.34
C ASN B 71 -0.31 -13.36 78.67
N GLY B 72 0.41 -13.19 79.78
CA GLY B 72 -0.22 -13.22 81.08
C GLY B 72 -1.17 -12.05 81.27
N ARG B 73 -0.80 -10.88 80.75
CA ARG B 73 -1.66 -9.71 80.86
C ARG B 73 -2.91 -9.82 79.99
N HIS B 74 -2.86 -10.66 78.96
CA HIS B 74 -4.01 -10.85 78.11
C HIS B 74 -4.93 -11.90 78.74
N ALA B 75 -4.34 -12.95 79.31
CA ALA B 75 -5.15 -13.95 79.99
C ALA B 75 -5.97 -13.31 81.09
N MET B 76 -5.31 -12.58 82.00
CA MET B 76 -5.97 -11.95 83.14
C MET B 76 -7.07 -10.99 82.71
N PHE B 77 -6.80 -10.23 81.65
CA PHE B 77 -7.81 -9.31 81.08
C PHE B 77 -8.94 -10.14 80.46
N GLY B 78 -8.57 -11.25 79.81
CA GLY B 78 -9.53 -12.15 79.14
C GLY B 78 -10.51 -12.77 80.12
N TRP B 79 -10.04 -13.15 81.30
CA TRP B 79 -10.94 -13.76 82.32
C TRP B 79 -12.02 -12.75 82.68
N PHE B 80 -11.65 -11.47 82.81
CA PHE B 80 -12.63 -10.43 83.09
C PHE B 80 -13.63 -10.29 81.95
N PHE B 81 -13.20 -10.51 80.71
CA PHE B 81 -14.13 -10.41 79.59
C PHE B 81 -15.06 -11.61 79.53
N ILE B 82 -14.56 -12.80 79.86
CA ILE B 82 -15.40 -14.00 79.83
C ILE B 82 -16.39 -13.99 80.97
N CYS B 83 -15.94 -13.58 82.17
CA CYS B 83 -16.86 -13.52 83.32
C CYS B 83 -17.88 -12.42 83.18
N CYS B 84 -17.59 -11.38 82.40
CA CYS B 84 -18.55 -10.30 82.22
C CYS B 84 -19.73 -10.73 81.36
N THR B 85 -19.42 -11.51 80.33
CA THR B 85 -20.42 -12.05 79.43
C THR B 85 -21.19 -13.11 80.19
N ALA B 86 -20.45 -14.02 80.82
CA ALA B 86 -21.07 -15.06 81.64
C ALA B 86 -22.15 -14.48 82.55
N TYR B 87 -21.89 -13.30 83.10
CA TYR B 87 -22.91 -12.58 83.83
C TYR B 87 -23.98 -12.01 82.90
N ALA B 88 -23.62 -11.69 81.66
CA ALA B 88 -24.51 -10.96 80.76
C ALA B 88 -25.28 -11.83 79.78
N LYS B 89 -24.66 -12.87 79.22
CA LYS B 89 -25.43 -13.83 78.44
C LYS B 89 -26.26 -14.72 79.37
N GLY B 90 -25.73 -15.00 80.55
CA GLY B 90 -26.44 -15.71 81.59
C GLY B 90 -27.29 -14.81 82.44
N HIS B 91 -28.49 -14.47 81.95
CA HIS B 91 -29.47 -13.60 82.61
C HIS B 91 -28.87 -12.20 82.85
N GLY B 92 -28.65 -11.52 81.73
CA GLY B 92 -28.04 -10.21 81.69
C GLY B 92 -28.70 -9.34 80.64
N LEU B 93 -28.40 -8.05 80.67
CA LEU B 93 -29.00 -7.10 79.73
C LEU B 93 -28.31 -7.02 78.37
N ILE B 94 -28.65 -7.96 77.49
CA ILE B 94 -28.15 -7.99 76.13
C ILE B 94 -29.42 -7.80 75.33
N PRO B 95 -29.46 -6.82 74.41
CA PRO B 95 -30.81 -6.73 73.83
C PRO B 95 -31.00 -7.46 72.47
N ASP B 96 -32.16 -8.08 72.22
CA ASP B 96 -32.43 -8.81 70.94
C ASP B 96 -31.28 -9.76 70.72
N MET B 97 -31.10 -10.67 71.67
CA MET B 97 -29.87 -11.46 71.72
C MET B 97 -29.77 -12.47 70.58
N ASP B 98 -30.87 -13.13 70.21
CA ASP B 98 -30.82 -14.26 69.27
C ASP B 98 -31.83 -13.98 68.17
N VAL B 99 -31.43 -13.17 67.20
CA VAL B 99 -32.18 -12.82 66.00
C VAL B 99 -31.12 -12.21 65.09
N PRO B 100 -31.10 -12.49 63.79
CA PRO B 100 -29.96 -12.05 62.98
C PRO B 100 -29.96 -10.57 62.66
N LEU B 101 -28.90 -10.10 62.01
CA LEU B 101 -28.88 -8.78 61.41
C LEU B 101 -29.61 -8.86 60.06
N ASN B 102 -29.53 -7.80 59.28
CA ASN B 102 -30.23 -7.73 58.01
C ASN B 102 -29.24 -7.86 56.86
N LEU B 103 -29.53 -8.79 55.94
CA LEU B 103 -28.78 -8.89 54.70
C LEU B 103 -28.96 -7.64 53.85
N LYS B 104 -30.15 -7.05 53.87
CA LYS B 104 -30.43 -5.83 53.12
C LYS B 104 -29.63 -4.64 53.64
N GLU B 105 -29.23 -4.69 54.90
CA GLU B 105 -28.49 -3.59 55.49
C GLU B 105 -26.98 -3.79 55.63
N TRP B 106 -26.56 -5.02 55.91
CA TRP B 106 -25.13 -5.28 56.11
C TRP B 106 -24.46 -6.00 54.95
N GLY B 107 -25.12 -6.95 54.31
CA GLY B 107 -24.56 -7.61 53.14
C GLY B 107 -23.98 -8.98 53.43
N THR B 108 -23.09 -9.41 52.53
CA THR B 108 -22.50 -10.75 52.54
C THR B 108 -21.30 -10.84 53.50
N LEU B 109 -20.92 -9.72 54.09
CA LEU B 109 -19.94 -9.74 55.14
C LEU B 109 -20.54 -10.39 56.41
N ALA B 110 -21.84 -10.17 56.66
CA ALA B 110 -22.50 -10.59 57.88
C ALA B 110 -23.03 -12.00 57.82
N THR B 111 -22.84 -12.73 56.71
CA THR B 111 -23.52 -14.00 56.56
C THR B 111 -22.67 -15.18 57.03
N ILE B 112 -23.37 -16.23 57.47
CA ILE B 112 -22.72 -17.50 57.78
C ILE B 112 -22.62 -18.36 56.55
N THR B 113 -23.75 -18.72 55.96
CA THR B 113 -23.81 -19.43 54.71
C THR B 113 -25.11 -19.05 54.02
N GLY B 114 -25.05 -18.89 52.70
CA GLY B 114 -26.17 -18.29 51.99
C GLY B 114 -26.35 -16.86 52.46
N LYS B 115 -27.54 -16.58 52.97
CA LYS B 115 -27.87 -15.28 53.51
C LYS B 115 -28.09 -15.38 55.02
N GLY B 116 -27.77 -16.53 55.62
CA GLY B 116 -27.94 -16.70 57.05
C GLY B 116 -26.96 -15.82 57.79
N THR B 117 -27.48 -14.81 58.48
CA THR B 117 -26.67 -13.73 59.04
C THR B 117 -26.37 -14.02 60.51
N ILE B 118 -25.21 -13.57 61.00
CA ILE B 118 -24.87 -13.69 62.42
C ILE B 118 -25.91 -12.98 63.28
N THR B 119 -26.11 -13.51 64.48
CA THR B 119 -27.04 -12.92 65.42
C THR B 119 -26.44 -11.66 66.04
N ASN B 120 -27.30 -10.89 66.71
CA ASN B 120 -26.84 -9.70 67.42
C ASN B 120 -25.96 -10.02 68.59
N GLY B 121 -26.09 -11.22 69.16
CA GLY B 121 -25.21 -11.62 70.25
C GLY B 121 -23.77 -11.74 69.81
N ARG B 122 -23.55 -12.42 68.68
CA ARG B 122 -22.20 -12.60 68.17
C ARG B 122 -21.57 -11.31 67.65
N ALA B 123 -22.39 -10.40 67.14
CA ALA B 123 -21.88 -9.14 66.62
C ALA B 123 -21.44 -8.21 67.75
N VAL B 124 -22.25 -8.10 68.81
CA VAL B 124 -21.91 -7.21 69.92
C VAL B 124 -20.63 -7.68 70.61
N ILE B 125 -20.45 -8.99 70.77
CA ILE B 125 -19.25 -9.51 71.41
C ILE B 125 -18.02 -9.33 70.54
N LEU B 126 -18.15 -9.55 69.22
CA LEU B 126 -17.02 -9.35 68.32
C LEU B 126 -16.63 -7.87 68.25
N LEU B 127 -17.61 -6.99 68.21
CA LEU B 127 -17.30 -5.58 68.10
C LEU B 127 -16.75 -5.03 69.43
N ALA B 128 -17.17 -5.61 70.56
CA ALA B 128 -16.59 -5.24 71.85
C ALA B 128 -15.13 -5.66 71.94
N ASN B 129 -14.78 -6.79 71.32
CA ASN B 129 -13.37 -7.18 71.26
C ASN B 129 -12.56 -6.26 70.38
N ALA B 130 -13.16 -5.68 69.35
CA ALA B 130 -12.44 -4.77 68.49
C ALA B 130 -12.24 -3.40 69.14
N HIS B 131 -12.98 -3.13 70.20
CA HIS B 131 -12.80 -1.88 70.93
C HIS B 131 -11.49 -1.99 71.71
N PHE B 132 -11.30 -3.12 72.40
CA PHE B 132 -10.09 -3.37 73.15
C PHE B 132 -8.91 -3.70 72.25
N PHE B 133 -9.16 -4.18 71.05
CA PHE B 133 -8.07 -4.49 70.14
C PHE B 133 -7.44 -3.22 69.57
N ALA B 134 -8.27 -2.27 69.15
CA ALA B 134 -7.79 -1.14 68.38
C ALA B 134 -7.00 -0.15 69.24
N ILE B 135 -7.33 -0.08 70.52
CA ILE B 135 -6.65 0.84 71.44
C ILE B 135 -5.28 0.32 71.89
N SER B 136 -5.09 -0.97 71.69
CA SER B 136 -3.85 -1.68 72.02
C SER B 136 -2.98 -1.56 70.78
N LEU B 137 -3.59 -1.82 69.63
CA LEU B 137 -2.92 -1.66 68.36
C LEU B 137 -2.30 -0.27 68.25
N MET B 138 -2.90 0.75 68.88
CA MET B 138 -2.25 2.06 68.98
C MET B 138 -0.96 1.96 69.79
N ALA B 139 -0.99 1.19 70.88
CA ALA B 139 0.13 1.18 71.82
C ALA B 139 1.35 0.45 71.27
N THR B 140 1.20 -0.38 70.24
CA THR B 140 2.36 -0.92 69.56
C THR B 140 2.93 0.07 68.58
N ILE B 141 2.05 0.70 67.80
CA ILE B 141 2.47 1.54 66.68
C ILE B 141 2.98 2.89 67.15
N CYS B 142 2.28 3.53 68.08
CA CYS B 142 2.72 4.78 68.68
C CYS B 142 2.81 4.59 70.19
N PRO B 143 3.85 3.93 70.69
CA PRO B 143 3.96 3.73 72.13
C PRO B 143 4.37 5.00 72.85
N LEU B 144 4.03 5.05 74.13
CA LEU B 144 4.44 6.16 74.98
C LEU B 144 5.93 6.08 75.24
N PRO B 145 6.57 7.21 75.53
CA PRO B 145 7.98 7.18 75.95
C PRO B 145 8.21 6.53 77.31
N PHE B 146 7.17 6.33 78.11
CA PHE B 146 7.32 5.73 79.44
C PHE B 146 6.66 4.37 79.57
N GLY B 147 6.02 3.86 78.53
CA GLY B 147 5.32 2.60 78.63
C GLY B 147 6.18 1.40 78.34
N ASP B 148 5.55 0.23 78.53
CA ASP B 148 6.14 -1.10 78.23
C ASP B 148 6.30 -1.18 76.72
N SER B 149 7.37 -1.81 76.25
CA SER B 149 7.59 -1.93 74.83
C SER B 149 7.47 -3.38 74.40
N LEU B 150 6.73 -3.60 73.35
CA LEU B 150 6.72 -4.87 72.65
C LEU B 150 7.88 -4.89 71.65
N LEU B 151 8.28 -6.09 71.25
CA LEU B 151 9.07 -6.37 70.04
C LEU B 151 10.42 -5.63 70.04
N LEU B 152 10.97 -5.46 71.24
CA LEU B 152 12.22 -4.77 71.48
C LEU B 152 13.44 -5.52 70.95
N LEU B 180 2.32 -5.19 95.24
CA LEU B 180 1.32 -5.11 94.17
C LEU B 180 1.94 -4.68 92.85
N THR B 181 3.27 -4.68 92.76
CA THR B 181 3.93 -4.10 91.60
C THR B 181 4.63 -5.13 90.72
N GLU B 182 5.07 -6.24 91.29
CA GLU B 182 5.88 -7.19 90.54
C GLU B 182 5.58 -8.59 91.06
N GLU B 183 5.67 -9.57 90.16
CA GLU B 183 5.59 -11.02 90.38
C GLU B 183 4.19 -11.49 90.69
N ALA B 184 3.75 -10.38 90.88
CA ALA B 184 2.34 -10.67 91.13
C ALA B 184 1.68 -10.90 89.77
N GLU B 185 2.26 -10.29 88.73
CA GLU B 185 1.79 -10.44 87.36
C GLU B 185 2.24 -11.82 86.90
N MET B 186 3.53 -12.07 87.07
CA MET B 186 4.15 -13.32 86.67
C MET B 186 3.48 -14.55 87.27
N ILE B 187 2.66 -14.65 88.58
CA ILE B 187 2.03 -15.81 89.20
C ILE B 187 0.53 -15.83 88.92
N ASN B 188 -0.10 -14.64 88.91
CA ASN B 188 -1.48 -14.57 88.42
C ASN B 188 -1.55 -14.84 86.93
N GLY B 189 -0.70 -14.18 86.15
CA GLY B 189 -0.67 -14.37 84.71
C GLY B 189 -0.19 -15.73 84.27
N ARG B 190 0.52 -16.46 85.13
CA ARG B 190 0.72 -17.88 84.85
C ARG B 190 -0.57 -18.63 85.07
N LEU B 191 -1.16 -18.47 86.26
CA LEU B 191 -2.39 -19.13 86.63
C LEU B 191 -3.53 -18.81 85.67
N ALA B 192 -3.57 -17.57 85.19
CA ALA B 192 -4.63 -17.17 84.28
C ALA B 192 -4.48 -17.82 82.91
N MET B 193 -3.25 -18.20 82.58
CA MET B 193 -2.99 -18.90 81.33
C MET B 193 -3.25 -20.39 81.53
N LEU B 194 -3.26 -20.83 82.79
CA LEU B 194 -3.48 -22.22 83.11
C LEU B 194 -4.96 -22.57 83.14
N GLY B 195 -5.81 -21.60 83.45
CA GLY B 195 -7.23 -21.89 83.51
C GLY B 195 -7.85 -22.03 82.14
N LEU B 196 -7.41 -21.20 81.17
CA LEU B 196 -8.03 -21.15 79.85
C LEU B 196 -7.83 -22.45 79.08
N ILE B 197 -6.67 -23.07 79.25
CA ILE B 197 -6.42 -24.35 78.62
C ILE B 197 -7.22 -25.43 79.33
N SER B 198 -7.30 -25.35 80.66
CA SER B 198 -8.20 -26.20 81.42
C SER B 198 -9.68 -25.85 81.26
N LEU B 199 -10.01 -24.69 80.68
CA LEU B 199 -11.38 -24.48 80.22
C LEU B 199 -11.68 -25.35 79.01
N ILE B 200 -10.75 -25.36 78.04
CA ILE B 200 -10.98 -26.01 76.76
C ILE B 200 -10.89 -27.54 76.89
N PHE B 201 -10.24 -28.08 77.92
CA PHE B 201 -10.40 -29.49 78.24
C PHE B 201 -11.85 -29.78 78.64
N ALA B 202 -12.37 -29.02 79.61
CA ALA B 202 -13.69 -29.17 80.18
C ALA B 202 -14.83 -28.76 79.25
N THR B 203 -14.57 -28.43 77.98
CA THR B 203 -15.63 -28.25 77.00
C THR B 203 -15.64 -29.32 75.94
N ALA B 204 -14.48 -29.81 75.55
CA ALA B 204 -14.39 -30.86 74.54
C ALA B 204 -14.77 -32.23 75.08
N ILE B 205 -14.90 -32.37 76.40
CA ILE B 205 -15.29 -33.65 76.98
C ILE B 205 -16.80 -33.72 77.20
N GLU B 206 -17.38 -32.71 77.84
CA GLU B 206 -18.71 -32.82 78.43
C GLU B 206 -19.83 -32.27 77.55
N GLN B 207 -19.48 -31.83 76.35
CA GLN B 207 -20.43 -31.23 75.43
C GLN B 207 -21.04 -30.03 76.13
N LYS B 208 -20.18 -29.17 76.69
CA LYS B 208 -20.66 -28.01 77.41
C LYS B 208 -19.95 -26.76 76.91
N PRO B 209 -20.68 -25.71 76.55
CA PRO B 209 -20.03 -24.46 76.14
C PRO B 209 -19.35 -23.79 77.33
N MET B 210 -18.39 -22.91 77.00
CA MET B 210 -17.44 -22.38 77.96
C MET B 210 -18.07 -21.54 79.07
N LEU B 211 -19.31 -21.09 78.90
CA LEU B 211 -19.97 -20.33 79.94
C LEU B 211 -20.64 -21.21 80.99
N ASP B 212 -20.93 -22.47 80.68
CA ASP B 212 -21.52 -23.35 81.68
C ASP B 212 -20.49 -23.79 82.70
N ILE B 213 -19.23 -23.90 82.29
CA ILE B 213 -18.19 -24.37 83.20
C ILE B 213 -17.77 -23.24 84.13
N VAL B 214 -17.81 -22.00 83.61
CA VAL B 214 -17.64 -20.82 84.46
C VAL B 214 -18.81 -20.70 85.42
N ASN B 215 -20.02 -21.08 84.99
CA ASN B 215 -21.18 -21.13 85.87
C ASN B 215 -20.99 -22.15 86.98
N GLU B 216 -20.45 -23.33 86.65
CA GLU B 216 -20.21 -24.34 87.67
C GLU B 216 -19.09 -23.93 88.62
N TRP B 217 -18.17 -23.10 88.17
CA TRP B 217 -17.10 -22.64 89.04
C TRP B 217 -17.48 -21.39 89.83
N THR B 218 -18.54 -20.69 89.41
CA THR B 218 -19.05 -19.44 89.99
C THR B 218 -17.98 -18.36 90.18
N GLU C 35 35.36 -67.60 64.34
CA GLU C 35 34.70 -66.42 63.81
C GLU C 35 33.25 -66.71 63.44
N MET C 36 32.78 -67.90 63.80
CA MET C 36 31.40 -68.29 63.52
C MET C 36 30.46 -67.66 64.54
N SER C 37 29.22 -67.41 64.15
CA SER C 37 28.23 -66.81 65.03
C SER C 37 27.77 -67.71 66.18
N GLU C 38 27.53 -67.12 67.36
CA GLU C 38 27.07 -67.86 68.53
C GLU C 38 25.69 -68.49 68.32
N SER C 39 24.82 -67.74 67.67
CA SER C 39 23.48 -68.21 67.31
C SER C 39 23.54 -68.39 65.80
N LEU C 40 22.86 -69.41 65.27
CA LEU C 40 22.89 -69.72 63.84
C LEU C 40 24.35 -69.83 63.39
N PRO C 41 25.08 -70.79 63.98
CA PRO C 41 26.52 -70.99 63.76
C PRO C 41 26.91 -71.25 62.31
N PHE C 42 26.16 -72.02 61.54
CA PHE C 42 26.57 -72.19 60.15
C PHE C 42 26.72 -70.86 59.40
N LEU C 43 26.64 -69.75 60.13
CA LEU C 43 26.77 -68.43 59.53
C LEU C 43 27.93 -67.65 60.12
N PRO C 44 28.63 -66.87 59.29
CA PRO C 44 29.75 -66.08 59.81
C PRO C 44 29.26 -64.98 60.74
N ARG C 45 30.04 -64.69 61.77
CA ARG C 45 29.67 -63.66 62.71
C ARG C 45 29.85 -62.29 62.06
N PRO C 46 28.78 -61.49 62.03
CA PRO C 46 28.87 -60.17 61.41
C PRO C 46 29.79 -59.26 62.21
N GLU C 47 30.56 -58.43 61.50
CA GLU C 47 31.65 -57.73 62.16
C GLU C 47 31.18 -56.60 63.06
N LYS C 48 29.93 -56.19 62.91
CA LYS C 48 29.40 -55.13 63.76
C LYS C 48 29.06 -55.66 65.15
N LEU C 49 28.97 -56.98 65.28
CA LEU C 49 28.66 -57.64 66.53
C LEU C 49 29.95 -58.21 67.12
N ASP C 50 30.70 -57.33 67.80
CA ASP C 50 32.01 -57.69 68.34
C ASP C 50 31.96 -57.99 69.83
N GLY C 51 30.82 -58.48 70.33
CA GLY C 51 30.66 -58.47 71.76
C GLY C 51 30.42 -57.03 72.20
N SER C 52 30.75 -56.77 73.46
CA SER C 52 30.80 -55.42 74.04
C SER C 52 29.46 -54.67 73.97
N MET C 53 28.38 -55.44 73.93
CA MET C 53 27.03 -54.89 73.88
C MET C 53 26.12 -55.91 74.54
N ALA C 54 25.09 -55.44 75.21
CA ALA C 54 24.21 -56.35 75.93
C ALA C 54 23.30 -57.09 74.96
N GLY C 55 23.17 -58.40 75.15
CA GLY C 55 22.31 -59.21 74.34
C GLY C 55 22.90 -59.70 73.04
N ASP C 56 24.20 -59.57 72.85
CA ASP C 56 24.84 -59.97 71.60
C ASP C 56 24.87 -61.49 71.51
N ARG C 57 24.43 -62.00 70.37
CA ARG C 57 24.46 -63.43 70.12
C ARG C 57 24.90 -63.67 68.68
N GLY C 58 25.49 -62.65 68.05
CA GLY C 58 25.90 -62.81 66.67
C GLY C 58 24.75 -63.09 65.75
N PHE C 59 23.57 -62.56 66.06
CA PHE C 59 22.35 -62.85 65.31
C PHE C 59 21.98 -61.62 64.47
N ASP C 60 22.49 -61.59 63.26
CA ASP C 60 22.00 -60.69 62.23
C ASP C 60 22.09 -61.44 60.92
N PRO C 61 21.16 -62.35 60.66
CA PRO C 61 21.26 -63.16 59.44
C PRO C 61 21.03 -62.37 58.17
N MET C 62 20.12 -61.41 58.18
CA MET C 62 19.87 -60.62 56.98
C MET C 62 20.79 -59.41 56.86
N GLY C 63 21.70 -59.21 57.80
CA GLY C 63 22.70 -58.17 57.66
C GLY C 63 22.20 -56.76 57.82
N LEU C 64 21.32 -56.54 58.78
CA LEU C 64 20.71 -55.23 59.00
C LEU C 64 21.65 -54.18 59.58
N SER C 65 22.68 -54.64 60.29
CA SER C 65 23.64 -53.74 60.90
C SER C 65 24.66 -53.19 59.92
N GLU C 66 24.64 -53.62 58.68
CA GLU C 66 25.67 -53.23 57.72
C GLU C 66 25.49 -51.80 57.26
N ILE C 67 24.25 -51.36 57.03
CA ILE C 67 24.03 -50.00 56.58
C ILE C 67 24.05 -49.00 57.73
N GLN C 68 23.68 -49.44 58.92
CA GLN C 68 23.68 -48.54 60.08
C GLN C 68 25.09 -48.22 60.57
N GLN C 69 25.38 -46.93 60.76
CA GLN C 69 26.69 -46.51 61.26
C GLN C 69 26.91 -46.98 62.68
N ASP C 70 25.89 -46.84 63.52
CA ASP C 70 25.94 -47.29 64.91
C ASP C 70 24.71 -48.15 65.19
N LEU C 71 24.85 -49.05 66.16
CA LEU C 71 23.74 -49.85 66.62
C LEU C 71 23.00 -49.20 67.77
N THR C 72 23.30 -47.93 68.08
CA THR C 72 22.70 -47.29 69.23
C THR C 72 21.21 -47.06 69.01
N TYR C 73 20.89 -46.37 67.91
CA TYR C 73 19.49 -46.09 67.59
C TYR C 73 18.65 -47.35 67.54
N ALA C 74 19.17 -48.41 66.92
CA ALA C 74 18.41 -49.65 66.88
C ALA C 74 18.25 -50.25 68.26
N ARG C 75 19.12 -49.88 69.20
CA ARG C 75 18.98 -50.36 70.56
C ARG C 75 17.91 -49.51 71.24
N TRP C 76 17.94 -48.21 71.01
CA TRP C 76 16.93 -47.36 71.61
C TRP C 76 15.57 -47.97 71.30
N ALA C 77 15.37 -48.40 70.06
CA ALA C 77 14.10 -49.00 69.66
C ALA C 77 13.86 -50.29 70.42
N GLU C 78 14.78 -51.26 70.30
CA GLU C 78 14.60 -52.61 70.83
C GLU C 78 14.35 -52.61 72.33
N LEU C 79 14.98 -51.70 73.05
CA LEU C 79 14.60 -51.47 74.44
C LEU C 79 13.15 -51.00 74.51
N LYS C 80 12.84 -49.86 73.89
CA LYS C 80 11.52 -49.22 74.00
C LYS C 80 10.40 -50.11 73.47
N HIS C 81 10.70 -50.94 72.47
CA HIS C 81 9.70 -51.85 71.95
C HIS C 81 9.45 -52.94 72.99
N GLY C 82 10.51 -53.42 73.63
CA GLY C 82 10.38 -54.43 74.66
C GLY C 82 9.95 -53.88 76.00
N ARG C 83 10.19 -52.61 76.25
CA ARG C 83 9.81 -52.02 77.53
C ARG C 83 8.30 -51.96 77.69
N ILE C 84 7.64 -51.39 76.68
CA ILE C 84 6.15 -51.23 76.63
C ILE C 84 5.51 -52.62 76.53
N ALA C 85 6.23 -53.59 75.97
CA ALA C 85 5.71 -54.94 75.80
C ALA C 85 5.70 -55.69 77.11
N MET C 86 6.60 -55.33 78.01
CA MET C 86 6.61 -55.94 79.32
C MET C 86 5.36 -55.40 80.02
N LEU C 87 5.17 -54.08 79.96
CA LEU C 87 3.97 -53.49 80.53
C LEU C 87 2.71 -53.93 79.82
N ALA C 88 2.81 -54.37 78.57
CA ALA C 88 1.66 -54.84 77.84
C ALA C 88 1.19 -56.19 78.36
N ILE C 89 2.13 -57.11 78.60
CA ILE C 89 1.73 -58.47 78.91
C ILE C 89 1.19 -58.58 80.33
N VAL C 90 1.75 -57.82 81.28
CA VAL C 90 1.20 -57.81 82.63
C VAL C 90 -0.03 -56.91 82.69
N GLY C 91 -0.24 -56.06 81.68
CA GLY C 91 -1.54 -55.46 81.49
C GLY C 91 -2.62 -56.51 81.28
N MET C 92 -2.39 -57.42 80.33
CA MET C 92 -3.42 -58.37 79.94
C MET C 92 -3.66 -59.44 81.00
N ILE C 93 -2.66 -59.75 81.83
CA ILE C 93 -2.85 -60.71 82.91
C ILE C 93 -3.77 -60.13 83.97
N VAL C 94 -3.44 -58.93 84.41
CA VAL C 94 -4.15 -58.23 85.48
C VAL C 94 -5.64 -57.98 85.23
N GLN C 95 -6.04 -57.94 83.97
CA GLN C 95 -7.44 -57.72 83.66
C GLN C 95 -8.14 -59.03 83.33
N GLU C 96 -7.43 -60.08 83.53
CA GLU C 96 -7.97 -61.40 83.24
C GLU C 96 -8.00 -62.33 84.45
N TYR C 97 -7.51 -61.88 85.60
CA TYR C 97 -7.54 -62.72 86.79
C TYR C 97 -8.12 -62.03 88.00
N ILE C 98 -7.98 -60.70 88.11
CA ILE C 98 -8.48 -59.96 89.25
C ILE C 98 -9.52 -58.91 88.86
N HIS C 99 -9.34 -58.26 87.71
CA HIS C 99 -10.18 -57.26 87.04
C HIS C 99 -10.23 -55.89 87.71
N LEU C 100 -9.74 -55.76 88.97
CA LEU C 100 -9.70 -54.50 89.74
C LEU C 100 -11.04 -53.77 89.82
N PRO C 101 -11.89 -54.06 90.80
CA PRO C 101 -13.16 -53.31 90.88
C PRO C 101 -12.97 -51.83 91.19
N GLY C 102 -12.67 -51.06 90.15
CA GLY C 102 -12.39 -49.64 90.28
C GLY C 102 -13.62 -48.76 90.19
N GLU C 103 -13.62 -47.83 89.22
CA GLU C 103 -14.74 -46.91 89.01
C GLU C 103 -15.28 -47.12 87.61
N ALA C 104 -16.15 -48.12 87.45
CA ALA C 104 -16.79 -48.51 86.18
C ALA C 104 -15.76 -48.79 85.09
N TYR C 105 -14.92 -49.80 85.34
CA TYR C 105 -13.89 -50.26 84.41
C TYR C 105 -13.98 -51.76 84.22
N GLN C 106 -15.19 -52.26 83.99
CA GLN C 106 -15.44 -53.71 83.96
C GLN C 106 -15.46 -54.20 82.52
N ASN C 107 -14.32 -54.74 82.07
CA ASN C 107 -14.21 -55.30 80.73
C ASN C 107 -13.07 -56.33 80.63
N PRO C 108 -13.40 -57.64 80.77
CA PRO C 108 -12.34 -58.65 80.68
C PRO C 108 -11.74 -58.80 79.29
N ASP C 109 -12.41 -58.34 78.24
CA ASP C 109 -11.83 -58.41 76.90
C ASP C 109 -10.77 -57.32 76.76
N PRO C 110 -9.49 -57.67 76.58
CA PRO C 110 -8.44 -56.66 76.67
C PRO C 110 -8.34 -55.72 75.47
N PHE C 111 -8.77 -56.17 74.30
CA PHE C 111 -8.71 -55.34 73.11
C PHE C 111 -9.91 -54.40 73.05
N GLY C 112 -11.04 -54.86 73.54
CA GLY C 112 -12.22 -54.02 73.57
C GLY C 112 -12.25 -53.08 74.75
N ALA C 113 -11.28 -53.20 75.67
CA ALA C 113 -11.28 -52.39 76.88
C ALA C 113 -10.93 -50.94 76.60
N ILE C 114 -10.29 -50.67 75.48
CA ILE C 114 -9.90 -49.32 75.10
C ILE C 114 -11.10 -48.53 74.59
N SER C 115 -11.94 -49.21 73.80
CA SER C 115 -13.12 -48.57 73.24
C SER C 115 -14.25 -48.45 74.24
N THR C 116 -14.28 -49.34 75.23
CA THR C 116 -15.35 -49.30 76.22
C THR C 116 -14.94 -48.57 77.49
N VAL C 117 -13.91 -47.73 77.43
CA VAL C 117 -13.49 -46.96 78.59
C VAL C 117 -13.72 -45.46 78.42
N GLY C 118 -13.58 -44.92 77.21
CA GLY C 118 -13.78 -43.50 76.99
C GLY C 118 -12.59 -42.81 76.38
N LEU C 119 -12.84 -41.83 75.50
CA LEU C 119 -11.78 -41.09 74.84
C LEU C 119 -10.96 -40.27 75.81
N GLY C 120 -11.58 -39.72 76.85
CA GLY C 120 -10.88 -38.84 77.78
C GLY C 120 -9.86 -39.57 78.63
N VAL C 121 -10.13 -40.83 78.96
CA VAL C 121 -9.14 -41.66 79.62
C VAL C 121 -8.09 -42.14 78.63
N ASN C 122 -8.52 -42.48 77.42
CA ASN C 122 -7.60 -42.94 76.38
C ASN C 122 -6.68 -41.82 75.92
N GLY C 123 -7.21 -40.60 75.80
CA GLY C 123 -6.39 -39.46 75.45
C GLY C 123 -5.46 -39.00 76.54
N GLN C 124 -5.57 -39.58 77.74
CA GLN C 124 -4.70 -39.24 78.86
C GLN C 124 -3.40 -40.03 78.83
N ILE C 125 -3.52 -41.35 78.70
CA ILE C 125 -2.39 -42.27 78.68
C ILE C 125 -1.51 -42.01 77.46
N PHE C 126 -2.12 -41.59 76.35
CA PHE C 126 -1.37 -41.10 75.21
C PHE C 126 -0.59 -39.84 75.54
N ALA C 127 -1.16 -38.95 76.36
CA ALA C 127 -0.49 -37.70 76.68
C ALA C 127 0.48 -37.84 77.85
N ALA C 128 0.36 -38.89 78.66
CA ALA C 128 1.30 -39.08 79.76
C ALA C 128 2.61 -39.66 79.26
N ILE C 129 2.53 -40.70 78.42
CA ILE C 129 3.71 -41.26 77.79
C ILE C 129 4.29 -40.26 76.79
N GLY C 130 3.43 -39.48 76.13
CA GLY C 130 3.88 -38.64 75.05
C GLY C 130 4.67 -37.44 75.49
N CYS C 131 4.37 -36.89 76.66
CA CYS C 131 5.16 -35.77 77.16
C CYS C 131 6.51 -36.23 77.65
N VAL C 132 6.60 -37.49 78.10
CA VAL C 132 7.90 -38.07 78.44
C VAL C 132 8.76 -38.20 77.19
N GLU C 133 8.15 -38.53 76.06
CA GLU C 133 8.88 -38.56 74.79
C GLU C 133 9.32 -37.17 74.36
N LEU C 134 8.59 -36.13 74.76
CA LEU C 134 8.98 -34.77 74.44
C LEU C 134 10.15 -34.29 75.29
N ILE C 135 10.22 -34.73 76.55
CA ILE C 135 11.33 -34.33 77.46
C ILE C 135 12.69 -34.90 77.00
N ASN C 136 12.71 -36.17 76.57
CA ASN C 136 13.94 -36.85 76.18
C ASN C 136 14.03 -37.06 74.67
N PHE C 137 13.54 -36.10 73.89
CA PHE C 137 13.53 -36.26 72.45
C PHE C 137 14.94 -36.24 71.87
N ASN C 138 15.79 -35.36 72.37
CA ASN C 138 17.13 -35.26 71.82
C ASN C 138 18.03 -36.42 72.25
N LYS C 139 17.64 -37.14 73.28
CA LYS C 139 18.42 -38.26 73.77
C LYS C 139 18.58 -39.35 72.71
N HIS C 140 17.52 -39.57 71.93
CA HIS C 140 17.55 -40.57 70.87
C HIS C 140 18.55 -40.18 69.79
N TYR C 141 18.62 -38.90 69.48
CA TYR C 141 19.50 -38.43 68.41
C TYR C 141 20.85 -37.89 68.88
N ASP C 142 21.45 -38.62 69.80
CA ASP C 142 22.77 -38.33 70.35
C ASP C 142 23.60 -39.60 70.27
N GLY C 143 24.80 -39.53 70.80
CA GLY C 143 25.58 -40.72 70.99
C GLY C 143 25.51 -41.18 72.42
N SER C 144 24.46 -40.76 73.13
CA SER C 144 24.29 -41.14 74.52
C SER C 144 23.88 -42.60 74.63
N GLU C 145 23.92 -43.11 75.87
CA GLU C 145 23.76 -44.53 76.11
C GLU C 145 22.34 -44.97 75.82
N PRO C 146 22.14 -46.04 75.03
CA PRO C 146 20.80 -46.38 74.54
C PRO C 146 19.87 -46.84 75.65
N GLY C 147 18.68 -46.25 75.64
CA GLY C 147 17.62 -46.49 76.56
C GLY C 147 17.77 -45.86 77.91
N ASP C 148 18.78 -45.02 78.11
CA ASP C 148 19.10 -44.46 79.40
C ASP C 148 18.53 -43.05 79.47
N ILE C 149 17.45 -42.89 80.22
CA ILE C 149 16.89 -41.58 80.51
C ILE C 149 17.00 -41.24 81.99
N GLY C 150 17.79 -42.00 82.74
CA GLY C 150 18.01 -41.69 84.13
C GLY C 150 16.88 -42.08 85.06
N TRP C 151 16.29 -43.25 84.85
CA TRP C 151 15.17 -43.70 85.68
C TRP C 151 15.41 -44.87 86.63
N THR C 152 16.50 -44.85 87.37
CA THR C 152 16.76 -45.88 88.36
C THR C 152 15.91 -45.56 89.60
N GLY C 153 15.77 -46.54 90.51
CA GLY C 153 15.23 -46.34 91.83
C GLY C 153 16.30 -46.30 92.90
N GLY C 154 17.44 -45.68 92.59
CA GLY C 154 18.52 -45.57 93.54
C GLY C 154 19.48 -46.73 93.54
N LEU C 155 19.26 -47.73 92.69
CA LEU C 155 20.20 -48.81 92.50
C LEU C 155 21.30 -48.35 91.54
N LEU C 156 22.10 -49.31 91.06
CA LEU C 156 23.01 -49.17 89.92
C LEU C 156 24.13 -48.17 90.17
N LYS C 157 24.43 -47.89 91.43
CA LYS C 157 25.61 -47.15 91.84
C LYS C 157 26.48 -48.06 92.70
N ASN C 158 27.81 -47.87 92.61
CA ASN C 158 28.82 -48.75 93.21
C ASN C 158 28.61 -50.19 92.75
N LYS C 159 28.44 -50.33 91.44
CA LYS C 159 28.28 -51.61 90.78
C LYS C 159 29.24 -51.54 89.60
N SER C 160 30.17 -52.49 89.52
CA SER C 160 31.15 -52.50 88.44
C SER C 160 30.58 -52.77 87.06
N PRO C 161 31.32 -52.37 86.01
CA PRO C 161 30.99 -52.53 84.59
C PRO C 161 30.45 -53.93 84.35
N ALA C 162 30.69 -54.80 85.31
CA ALA C 162 30.22 -56.18 85.28
C ALA C 162 28.80 -56.28 85.84
N GLU C 163 28.60 -55.76 87.04
CA GLU C 163 27.27 -55.78 87.66
C GLU C 163 26.28 -54.95 86.87
N ILE C 164 26.74 -53.91 86.17
CA ILE C 164 25.86 -53.16 85.27
C ILE C 164 25.50 -54.02 84.08
N MET C 165 26.50 -54.63 83.47
CA MET C 165 26.29 -55.48 82.30
C MET C 165 25.27 -56.57 82.60
N LYS C 166 25.41 -57.20 83.76
CA LYS C 166 24.48 -58.25 84.16
C LYS C 166 23.05 -57.74 84.12
N ALA C 167 22.83 -56.56 84.69
CA ALA C 167 21.50 -55.97 84.71
C ALA C 167 21.04 -55.55 83.33
N LYS C 168 21.98 -55.24 82.45
CA LYS C 168 21.65 -54.87 81.08
C LYS C 168 21.32 -56.14 80.27
N GLU C 169 22.06 -57.20 80.55
CA GLU C 169 21.85 -58.47 79.89
C GLU C 169 20.48 -59.02 80.25
N GLN C 170 20.12 -58.91 81.52
CA GLN C 170 18.81 -59.39 81.95
C GLN C 170 17.71 -58.67 81.18
N GLU C 171 17.75 -57.32 81.15
CA GLU C 171 16.71 -56.51 80.54
C GLU C 171 16.51 -56.82 79.06
N ILE C 172 17.60 -57.12 78.36
CA ILE C 172 17.51 -57.45 76.94
C ILE C 172 16.69 -58.72 76.75
N THR C 173 16.91 -59.74 77.57
CA THR C 173 16.16 -60.99 77.44
C THR C 173 14.72 -60.81 77.90
N HIS C 174 14.49 -59.93 78.86
CA HIS C 174 13.14 -59.66 79.31
C HIS C 174 12.40 -58.94 78.18
N CYS C 175 13.08 -58.04 77.47
CA CYS C 175 12.47 -57.36 76.34
C CYS C 175 12.12 -58.33 75.23
N ARG C 176 13.08 -59.19 74.88
CA ARG C 176 12.90 -60.16 73.81
C ARG C 176 11.81 -61.19 74.08
N LEU C 177 11.69 -61.63 75.33
CA LEU C 177 10.68 -62.61 75.65
C LEU C 177 9.29 -61.99 75.61
N ALA C 178 9.17 -60.75 76.06
CA ALA C 178 7.87 -60.11 76.13
C ALA C 178 7.36 -59.68 74.76
N MET C 179 8.26 -59.38 73.81
CA MET C 179 7.81 -59.05 72.47
C MET C 179 7.23 -60.26 71.76
N ILE C 180 7.76 -61.45 72.03
CA ILE C 180 7.15 -62.67 71.50
C ILE C 180 5.87 -62.99 72.27
N ALA C 181 5.87 -62.72 73.58
CA ALA C 181 4.76 -63.14 74.45
C ALA C 181 3.49 -62.38 74.14
N ILE C 182 3.58 -61.09 73.83
CA ILE C 182 2.38 -60.35 73.52
C ILE C 182 1.90 -60.57 72.11
N THR C 183 2.77 -61.00 71.21
CA THR C 183 2.33 -61.38 69.88
C THR C 183 1.51 -62.66 69.97
N GLY C 184 1.89 -63.55 70.88
CA GLY C 184 1.04 -64.69 71.17
C GLY C 184 -0.27 -64.30 71.82
N ALA C 185 -0.22 -63.36 72.75
CA ALA C 185 -1.43 -62.99 73.48
C ALA C 185 -2.40 -62.21 72.60
N THR C 186 -1.91 -61.45 71.64
CA THR C 186 -2.82 -60.69 70.81
C THR C 186 -3.46 -61.53 69.72
N VAL C 187 -2.83 -62.62 69.29
CA VAL C 187 -3.43 -63.43 68.25
C VAL C 187 -4.49 -64.34 68.83
N GLN C 188 -4.26 -64.84 70.06
CA GLN C 188 -5.20 -65.75 70.69
C GLN C 188 -6.52 -65.08 71.02
N THR C 189 -6.49 -63.82 71.44
CA THR C 189 -7.74 -63.13 71.74
C THR C 189 -8.50 -62.78 70.47
N LEU C 190 -7.80 -62.44 69.40
CA LEU C 190 -8.49 -62.09 68.18
C LEU C 190 -9.01 -63.29 67.43
N LEU C 191 -8.46 -64.48 67.68
CA LEU C 191 -8.99 -65.70 67.09
C LEU C 191 -10.14 -66.26 67.91
N PHE C 192 -9.87 -66.50 69.19
CA PHE C 192 -10.74 -67.32 70.01
C PHE C 192 -11.67 -66.51 70.90
N HIS C 193 -11.26 -65.29 71.29
CA HIS C 193 -11.93 -64.43 72.27
C HIS C 193 -12.14 -65.11 73.62
N GLN C 194 -11.33 -66.12 73.88
CA GLN C 194 -11.31 -66.92 75.09
C GLN C 194 -10.48 -66.19 76.13
N PRO C 195 -10.35 -66.71 77.36
CA PRO C 195 -9.33 -66.13 78.25
C PRO C 195 -7.94 -66.53 77.81
N LEU C 196 -6.94 -65.95 78.47
CA LEU C 196 -5.55 -66.35 78.24
C LEU C 196 -5.19 -67.54 79.11
N LEU C 197 -5.59 -67.45 80.39
CA LEU C 197 -5.70 -68.53 81.37
C LEU C 197 -4.51 -69.50 81.44
N LYS D 35 14.44 28.86 -42.77
CA LYS D 35 15.24 27.99 -43.63
C LYS D 35 14.39 26.85 -44.18
N SER D 36 13.23 26.62 -43.57
CA SER D 36 12.31 25.58 -44.00
C SER D 36 11.60 25.97 -45.28
N GLN D 37 11.50 25.03 -46.23
CA GLN D 37 10.85 25.29 -47.51
C GLN D 37 9.35 25.27 -47.40
N ALA D 38 8.77 24.39 -46.59
CA ALA D 38 7.32 24.45 -46.40
C ALA D 38 6.94 25.69 -45.62
N LEU D 39 7.58 25.93 -44.49
CA LEU D 39 7.20 27.02 -43.60
C LEU D 39 8.37 28.00 -43.51
N PRO D 40 8.41 29.03 -44.36
CA PRO D 40 9.61 29.88 -44.44
C PRO D 40 9.84 30.77 -43.25
N PHE D 41 8.97 30.77 -42.24
CA PHE D 41 9.18 31.53 -41.03
C PHE D 41 9.65 30.65 -39.87
N LEU D 42 10.20 29.48 -40.16
CA LEU D 42 10.69 28.49 -39.20
C LEU D 42 12.15 28.17 -39.48
N PRO D 43 12.91 27.73 -38.47
CA PRO D 43 14.22 27.16 -38.75
C PRO D 43 14.10 25.76 -39.33
N TYR D 44 15.16 25.34 -40.02
CA TYR D 44 15.19 24.01 -40.59
C TYR D 44 15.34 22.96 -39.49
N PRO D 45 14.60 21.85 -39.56
CA PRO D 45 14.56 20.91 -38.43
C PRO D 45 15.74 19.96 -38.27
N GLU D 46 16.82 20.07 -39.06
CA GLU D 46 18.15 19.55 -38.72
C GLU D 46 18.23 18.01 -38.69
N ASN D 47 17.14 17.30 -38.99
CA ASN D 47 17.14 15.85 -39.05
C ASN D 47 16.59 15.33 -40.36
N LEU D 48 15.72 16.06 -41.04
CA LEU D 48 15.04 15.62 -42.24
C LEU D 48 15.96 15.51 -43.46
N SER D 49 17.23 15.88 -43.30
CA SER D 49 18.18 15.84 -44.40
C SER D 49 18.52 14.42 -44.83
N GLY D 50 18.61 14.22 -46.15
CA GLY D 50 18.95 12.92 -46.69
C GLY D 50 17.74 12.08 -47.06
N TYR D 51 16.56 12.47 -46.60
CA TYR D 51 15.36 11.70 -46.98
C TYR D 51 14.77 12.06 -48.35
N VAL D 52 14.04 11.13 -48.95
CA VAL D 52 13.46 11.33 -50.29
C VAL D 52 12.46 12.48 -50.37
N GLY D 53 11.58 12.59 -49.37
CA GLY D 53 10.62 13.68 -49.34
C GLY D 53 11.23 14.57 -48.28
N ASP D 54 11.47 15.83 -48.60
CA ASP D 54 12.13 16.64 -47.58
C ASP D 54 11.29 17.81 -47.11
N ALA D 55 11.05 18.80 -47.96
CA ALA D 55 10.10 19.90 -47.76
C ALA D 55 10.27 20.76 -46.50
N GLY D 56 11.20 20.42 -45.61
CA GLY D 56 11.38 21.13 -44.35
C GLY D 56 10.17 21.17 -43.43
N PHE D 57 9.25 20.22 -43.54
CA PHE D 57 7.98 20.30 -42.82
C PHE D 57 8.01 19.39 -41.60
N ASP D 58 8.35 19.97 -40.45
CA ASP D 58 8.19 19.31 -39.15
C ASP D 58 8.08 20.38 -38.09
N PRO D 59 6.91 20.99 -37.94
CA PRO D 59 6.79 22.04 -36.91
C PRO D 59 6.78 21.50 -35.50
N PHE D 60 6.12 20.37 -35.25
CA PHE D 60 6.06 19.82 -33.91
C PHE D 60 7.34 19.09 -33.51
N ARG D 61 8.26 18.97 -34.45
CA ARG D 61 9.58 18.37 -34.24
C ARG D 61 9.71 16.95 -33.70
N PHE D 62 8.90 16.04 -34.22
CA PHE D 62 9.01 14.63 -33.84
C PHE D 62 10.34 14.04 -34.27
N SER D 63 11.03 14.66 -35.22
CA SER D 63 12.28 14.11 -35.72
C SER D 63 13.40 14.22 -34.70
N ASP D 64 13.37 15.22 -33.84
CA ASP D 64 14.35 15.27 -32.76
C ASP D 64 14.05 14.27 -31.65
N PHE D 65 12.85 13.71 -31.63
CA PHE D 65 12.49 12.78 -30.56
C PHE D 65 12.60 11.31 -30.93
N ALA D 66 12.04 10.95 -32.07
CA ALA D 66 12.01 9.58 -32.55
C ALA D 66 13.12 9.35 -33.54
N PRO D 67 13.61 8.12 -33.67
CA PRO D 67 14.62 7.84 -34.70
C PRO D 67 14.00 7.91 -36.08
N MET D 68 14.74 8.50 -36.99
CA MET D 68 14.17 8.99 -38.23
C MET D 68 14.01 7.89 -39.27
N ASP D 69 14.65 6.74 -39.06
CA ASP D 69 14.31 5.56 -39.85
C ASP D 69 12.95 5.01 -39.45
N PHE D 70 12.65 5.04 -38.16
CA PHE D 70 11.39 4.49 -37.65
C PHE D 70 10.20 5.32 -38.07
N LEU D 71 10.38 6.64 -38.18
CA LEU D 71 9.26 7.48 -38.60
C LEU D 71 8.96 7.32 -40.07
N ARG D 72 9.98 7.05 -40.89
CA ARG D 72 9.74 6.84 -42.30
C ARG D 72 9.08 5.49 -42.55
N GLU D 73 9.36 4.49 -41.69
CA GLU D 73 8.63 3.21 -41.70
C GLU D 73 7.14 3.40 -41.65
N ALA D 74 6.71 4.19 -40.68
CA ALA D 74 5.29 4.39 -40.43
C ALA D 74 4.63 5.03 -41.63
N GLU D 75 5.17 6.17 -42.10
CA GLU D 75 4.58 6.93 -43.20
C GLU D 75 4.50 6.10 -44.48
N ILE D 76 5.44 5.19 -44.69
CA ILE D 76 5.32 4.25 -45.78
C ILE D 76 4.22 3.24 -45.50
N LYS D 77 4.18 2.69 -44.29
CA LYS D 77 3.17 1.69 -43.97
C LYS D 77 1.78 2.33 -43.84
N HIS D 78 1.71 3.55 -43.32
CA HIS D 78 0.43 4.22 -43.20
C HIS D 78 -0.10 4.53 -44.59
N GLY D 79 0.79 4.90 -45.50
CA GLY D 79 0.37 5.20 -46.86
C GLY D 79 -0.08 3.97 -47.62
N ARG D 80 0.63 2.86 -47.46
CA ARG D 80 0.34 1.66 -48.24
C ARG D 80 -0.97 1.00 -47.83
N ILE D 81 -1.35 1.12 -46.56
CA ILE D 81 -2.66 0.64 -46.14
C ILE D 81 -3.76 1.51 -46.71
N CYS D 82 -3.56 2.84 -46.67
CA CYS D 82 -4.61 3.75 -47.12
C CYS D 82 -4.80 3.74 -48.62
N MET D 83 -3.76 3.44 -49.39
CA MET D 83 -3.93 3.29 -50.83
C MET D 83 -4.81 2.08 -51.15
N LEU D 84 -4.57 0.96 -50.47
CA LEU D 84 -5.45 -0.19 -50.62
C LEU D 84 -6.81 0.05 -49.97
N ALA D 85 -6.86 0.80 -48.87
CA ALA D 85 -8.12 0.99 -48.17
C ALA D 85 -9.05 1.92 -48.93
N TRP D 86 -8.51 2.91 -49.63
CA TRP D 86 -9.37 3.81 -50.39
C TRP D 86 -10.02 3.06 -51.55
N LEU D 87 -9.19 2.54 -52.43
CA LEU D 87 -9.66 1.81 -53.60
C LEU D 87 -10.50 0.61 -53.22
N GLY D 88 -10.06 -0.12 -52.19
CA GLY D 88 -10.77 -1.28 -51.72
C GLY D 88 -12.12 -0.96 -51.12
N PHE D 89 -12.22 0.21 -50.50
CA PHE D 89 -13.46 0.66 -49.88
C PHE D 89 -14.43 1.17 -50.93
N VAL D 90 -13.90 1.58 -52.09
CA VAL D 90 -14.73 2.09 -53.16
C VAL D 90 -15.21 1.01 -54.14
N ALA D 91 -14.31 0.15 -54.60
CA ALA D 91 -14.72 -0.89 -55.54
C ALA D 91 -16.02 -1.56 -55.10
N VAL D 92 -16.15 -1.77 -53.79
CA VAL D 92 -17.32 -2.44 -53.22
C VAL D 92 -18.56 -1.55 -53.15
N ASP D 93 -18.39 -0.27 -53.43
CA ASP D 93 -19.49 0.68 -53.39
C ASP D 93 -19.84 1.23 -54.75
N LEU D 94 -18.85 1.36 -55.64
CA LEU D 94 -19.13 1.50 -57.05
C LEU D 94 -19.83 0.27 -57.62
N GLY D 95 -19.64 -0.87 -56.99
CA GLY D 95 -20.31 -2.11 -57.29
C GLY D 95 -19.34 -3.06 -57.96
N ALA D 96 -18.72 -3.91 -57.15
CA ALA D 96 -17.81 -4.95 -57.59
C ALA D 96 -17.62 -5.92 -56.43
N ARG D 97 -18.08 -7.14 -56.59
CA ARG D 97 -17.98 -8.14 -55.54
C ARG D 97 -17.33 -9.39 -56.10
N ILE D 98 -16.88 -10.27 -55.23
CA ILE D 98 -16.27 -11.50 -55.72
C ILE D 98 -17.36 -12.39 -56.31
N TYR D 99 -17.01 -13.11 -57.36
CA TYR D 99 -17.96 -13.96 -58.05
C TYR D 99 -18.51 -15.17 -57.27
N PRO D 100 -17.72 -15.92 -56.47
CA PRO D 100 -18.34 -17.10 -55.82
C PRO D 100 -19.37 -16.78 -54.75
N LEU D 101 -19.20 -15.70 -53.95
CA LEU D 101 -20.20 -15.17 -53.02
C LEU D 101 -20.68 -16.16 -51.96
N PRO D 102 -20.01 -16.21 -50.80
CA PRO D 102 -20.25 -17.28 -49.81
C PRO D 102 -21.65 -17.38 -49.20
N GLU D 103 -22.59 -16.47 -49.55
CA GLU D 103 -23.91 -16.12 -49.01
C GLU D 103 -23.85 -15.19 -47.81
N ALA D 104 -22.66 -15.01 -47.26
CA ALA D 104 -22.48 -14.13 -46.11
C ALA D 104 -22.13 -12.72 -46.57
N TYR D 105 -21.69 -12.60 -47.82
CA TYR D 105 -21.33 -11.31 -48.41
C TYR D 105 -22.48 -10.80 -49.26
N GLU D 106 -23.72 -11.02 -48.82
CA GLU D 106 -24.89 -10.59 -49.59
C GLU D 106 -25.65 -9.42 -48.96
N GLY D 107 -25.89 -8.39 -49.77
CA GLY D 107 -26.61 -7.21 -49.31
C GLY D 107 -25.90 -6.42 -48.24
N LEU D 108 -24.63 -6.11 -48.46
CA LEU D 108 -23.82 -5.41 -47.48
C LEU D 108 -23.07 -4.28 -48.14
N THR D 109 -23.20 -3.08 -47.59
CA THR D 109 -22.32 -1.98 -47.95
C THR D 109 -21.08 -2.03 -47.07
N SER D 110 -20.11 -1.16 -47.38
CA SER D 110 -18.82 -1.23 -46.71
C SER D 110 -18.88 -0.79 -45.26
N VAL D 111 -19.82 0.10 -44.93
CA VAL D 111 -19.99 0.48 -43.55
C VAL D 111 -20.49 -0.70 -42.73
N THR D 112 -21.40 -1.48 -43.29
CA THR D 112 -21.91 -2.67 -42.62
C THR D 112 -20.97 -3.86 -42.79
N ALA D 113 -20.11 -3.87 -43.81
CA ALA D 113 -19.25 -5.01 -44.10
C ALA D 113 -18.13 -5.22 -43.08
N HIS D 114 -18.08 -4.49 -41.98
CA HIS D 114 -17.13 -4.89 -40.96
C HIS D 114 -17.77 -5.80 -39.93
N ASP D 115 -19.02 -5.49 -39.55
CA ASP D 115 -19.62 -6.17 -38.41
C ASP D 115 -20.21 -7.51 -38.78
N ALA D 116 -20.73 -7.66 -40.00
CA ALA D 116 -21.25 -8.95 -40.42
C ALA D 116 -20.15 -9.95 -40.74
N LEU D 117 -19.01 -9.44 -41.20
CA LEU D 117 -17.89 -10.29 -41.58
C LEU D 117 -17.18 -10.87 -40.38
N VAL D 118 -16.97 -10.05 -39.35
CA VAL D 118 -16.32 -10.60 -38.17
C VAL D 118 -17.23 -11.66 -37.52
N GLN D 119 -18.52 -11.65 -37.84
CA GLN D 119 -19.41 -12.73 -37.46
C GLN D 119 -19.26 -13.94 -38.36
N GLN D 120 -18.55 -13.82 -39.47
CA GLN D 120 -18.33 -14.90 -40.42
C GLN D 120 -17.02 -15.62 -40.19
N GLY D 121 -15.93 -14.88 -40.01
CA GLY D 121 -14.60 -15.44 -39.98
C GLY D 121 -13.66 -14.89 -41.04
N ALA D 122 -14.12 -14.00 -41.92
CA ALA D 122 -13.23 -13.38 -42.89
C ALA D 122 -12.25 -12.43 -42.20
N MET D 123 -12.75 -11.59 -41.32
CA MET D 123 -11.90 -10.60 -40.67
C MET D 123 -11.06 -11.21 -39.58
N SER D 124 -11.42 -12.39 -39.08
CA SER D 124 -10.56 -13.08 -38.15
C SER D 124 -9.38 -13.74 -38.84
N GLN D 125 -9.50 -13.94 -40.14
CA GLN D 125 -8.46 -14.58 -40.94
C GLN D 125 -7.44 -13.58 -41.42
N ILE D 126 -7.90 -12.61 -42.21
CA ILE D 126 -7.02 -11.56 -42.74
C ILE D 126 -6.20 -10.96 -41.61
N PHE D 127 -6.75 -10.89 -40.39
CA PHE D 127 -6.00 -10.50 -39.22
C PHE D 127 -4.88 -11.48 -38.90
N LEU D 128 -5.10 -12.77 -39.18
CA LEU D 128 -4.07 -13.76 -38.89
C LEU D 128 -2.90 -13.62 -39.86
N TRP D 129 -3.19 -13.60 -41.16
CA TRP D 129 -2.11 -13.55 -42.14
C TRP D 129 -1.44 -12.19 -42.21
N CYS D 130 -2.11 -11.12 -41.81
CA CYS D 130 -1.40 -9.87 -41.59
C CYS D 130 -0.44 -9.99 -40.41
N SER D 131 -0.91 -10.59 -39.32
CA SER D 131 -0.10 -10.72 -38.11
C SER D 131 1.08 -11.67 -38.29
N VAL D 132 1.00 -12.62 -39.23
CA VAL D 132 2.15 -13.42 -39.57
C VAL D 132 3.22 -12.55 -40.21
N PHE D 133 2.82 -11.68 -41.14
CA PHE D 133 3.76 -10.80 -41.80
C PHE D 133 4.30 -9.73 -40.85
N GLU D 134 3.53 -9.38 -39.83
CA GLU D 134 3.97 -8.34 -38.90
C GLU D 134 4.95 -8.85 -37.87
N ALA D 135 4.87 -10.13 -37.51
CA ALA D 135 5.85 -10.69 -36.59
C ALA D 135 7.20 -10.84 -37.28
N ILE D 136 7.21 -11.04 -38.59
CA ILE D 136 8.47 -11.00 -39.33
C ILE D 136 8.97 -9.57 -39.44
N SER D 137 8.05 -8.64 -39.67
CA SER D 137 8.44 -7.24 -39.82
C SER D 137 8.90 -6.64 -38.50
N THR D 138 8.41 -7.17 -37.38
CA THR D 138 8.93 -6.76 -36.09
C THR D 138 10.39 -7.17 -35.94
N VAL D 139 10.74 -8.35 -36.43
CA VAL D 139 12.13 -8.80 -36.42
C VAL D 139 12.98 -7.91 -37.30
N SER D 140 12.43 -7.45 -38.42
CA SER D 140 13.22 -6.64 -39.34
C SER D 140 13.44 -5.23 -38.83
N VAL D 141 12.42 -4.63 -38.20
CA VAL D 141 12.56 -3.24 -37.80
C VAL D 141 13.49 -3.12 -36.59
N ILE D 142 13.56 -4.14 -35.74
CA ILE D 142 14.53 -4.06 -34.65
C ILE D 142 15.93 -4.30 -35.15
N GLN D 143 16.09 -5.06 -36.23
CA GLN D 143 17.42 -5.31 -36.78
C GLN D 143 17.95 -4.14 -37.56
N MET D 144 17.04 -3.26 -38.00
CA MET D 144 17.40 -2.07 -38.77
C MET D 144 17.71 -0.89 -37.87
N LEU D 145 16.80 -0.60 -36.94
CA LEU D 145 16.98 0.52 -36.03
C LEU D 145 18.22 0.29 -35.18
N TYR D 146 18.25 -0.85 -34.52
CA TYR D 146 19.35 -1.24 -33.66
C TYR D 146 19.97 -2.50 -34.27
N GLU D 147 21.29 -2.65 -34.11
CA GLU D 147 22.06 -3.78 -34.67
C GLU D 147 22.05 -3.91 -36.22
N GLU D 148 21.73 -2.83 -36.94
CA GLU D 148 22.21 -2.52 -38.31
C GLU D 148 21.91 -3.58 -39.37
N SER D 149 20.62 -3.75 -39.69
CA SER D 149 20.27 -4.61 -40.83
C SER D 149 20.70 -4.00 -42.14
N GLY D 150 20.57 -2.68 -42.28
CA GLY D 150 20.79 -2.04 -43.55
C GLY D 150 19.61 -2.07 -44.49
N ARG D 151 18.45 -2.47 -44.00
CA ARG D 151 17.27 -2.51 -44.83
C ARG D 151 16.66 -1.12 -44.85
N GLU D 152 16.03 -0.77 -45.97
CA GLU D 152 15.39 0.53 -46.10
C GLU D 152 14.08 0.52 -45.34
N PRO D 153 13.66 1.70 -44.85
CA PRO D 153 12.42 1.87 -44.07
C PRO D 153 11.20 1.10 -44.59
N GLY D 154 10.94 1.11 -45.90
CA GLY D 154 9.78 0.41 -46.42
C GLY D 154 10.00 -0.54 -47.59
N ASN D 155 11.26 -0.93 -47.81
CA ASN D 155 11.58 -1.83 -48.91
C ASN D 155 11.63 -3.28 -48.41
N PHE D 156 10.81 -4.16 -48.98
CA PHE D 156 10.81 -5.53 -48.52
C PHE D 156 11.41 -6.44 -49.57
N GLY D 157 12.14 -5.87 -50.52
CA GLY D 157 12.63 -6.62 -51.65
C GLY D 157 11.57 -7.00 -52.66
N PHE D 158 10.37 -6.42 -52.57
CA PHE D 158 9.24 -6.83 -53.40
C PHE D 158 9.26 -6.04 -54.69
N ASP D 159 9.92 -6.60 -55.70
CA ASP D 159 9.85 -6.08 -57.06
C ASP D 159 9.86 -7.26 -58.02
N PRO D 160 8.72 -7.94 -58.19
CA PRO D 160 8.70 -9.07 -59.12
C PRO D 160 8.83 -8.67 -60.57
N LEU D 161 8.31 -7.51 -60.94
CA LEU D 161 8.28 -7.11 -62.34
C LEU D 161 9.46 -6.21 -62.69
N GLY D 162 10.35 -5.97 -61.74
CA GLY D 162 11.64 -5.39 -62.04
C GLY D 162 11.64 -3.92 -62.41
N PHE D 163 10.73 -3.13 -61.83
CA PHE D 163 10.58 -1.73 -62.21
C PHE D 163 11.81 -0.89 -61.88
N LEU D 164 12.52 -1.25 -60.82
CA LEU D 164 13.65 -0.43 -60.39
C LEU D 164 15.03 -0.98 -60.70
N LYS D 165 15.10 -2.24 -61.10
CA LYS D 165 16.38 -2.87 -61.44
C LYS D 165 16.99 -2.13 -62.62
N GLY D 166 18.28 -1.82 -62.53
CA GLY D 166 18.95 -1.10 -63.58
C GLY D 166 18.84 0.41 -63.48
N LYS D 167 17.93 0.91 -62.65
CA LYS D 167 17.75 2.34 -62.48
C LYS D 167 18.86 2.93 -61.64
N SER D 168 19.25 4.15 -61.98
CA SER D 168 20.25 4.87 -61.24
C SER D 168 19.61 5.55 -60.03
N GLU D 169 20.40 6.30 -59.29
CA GLU D 169 19.90 6.97 -58.08
C GLU D 169 18.93 8.10 -58.38
N ALA D 170 19.00 8.67 -59.58
CA ALA D 170 18.05 9.73 -59.92
C ALA D 170 16.67 9.15 -60.20
N GLU D 171 16.58 7.89 -60.59
CA GLU D 171 15.30 7.26 -60.86
C GLU D 171 14.74 6.50 -59.68
N VAL D 172 15.61 5.96 -58.82
CA VAL D 172 15.13 5.26 -57.64
C VAL D 172 14.57 6.25 -56.63
N ASN D 173 15.28 7.37 -56.43
CA ASN D 173 14.78 8.42 -55.57
C ASN D 173 13.52 9.08 -56.09
N GLU D 174 13.25 8.99 -57.39
CA GLU D 174 12.02 9.58 -57.92
C GLU D 174 10.83 8.67 -57.67
N MET D 175 11.01 7.37 -57.87
CA MET D 175 9.95 6.41 -57.66
C MET D 175 9.53 6.38 -56.20
N LYS D 176 10.51 6.30 -55.31
CA LYS D 176 10.23 6.28 -53.88
C LYS D 176 9.45 7.51 -53.47
N LEU D 177 9.79 8.62 -54.13
CA LEU D 177 9.15 9.89 -53.89
C LEU D 177 7.71 9.81 -54.37
N LYS D 178 7.51 9.26 -55.56
CA LYS D 178 6.15 9.14 -56.08
C LYS D 178 5.29 8.28 -55.18
N GLU D 179 5.90 7.31 -54.49
CA GLU D 179 5.12 6.36 -53.69
C GLU D 179 4.51 7.03 -52.48
N ILE D 180 5.28 7.89 -51.82
CA ILE D 180 4.82 8.58 -50.62
C ILE D 180 3.75 9.63 -50.93
N LYS D 181 3.93 10.34 -52.04
CA LYS D 181 2.97 11.36 -52.45
C LYS D 181 1.61 10.72 -52.60
N ASN D 182 1.52 9.67 -53.41
CA ASN D 182 0.25 8.98 -53.55
C ASN D 182 -0.14 8.32 -52.24
N GLY D 183 0.84 7.92 -51.44
CA GLY D 183 0.54 7.48 -50.09
C GLY D 183 0.05 8.59 -49.21
N ARG D 184 0.56 9.80 -49.41
CA ARG D 184 0.13 10.94 -48.60
C ARG D 184 -1.28 11.38 -49.04
N LEU D 185 -1.54 11.36 -50.34
CA LEU D 185 -2.83 11.76 -50.85
C LEU D 185 -3.92 10.78 -50.40
N ALA D 186 -3.60 9.50 -50.35
CA ALA D 186 -4.59 8.48 -50.02
C ALA D 186 -4.88 8.39 -48.53
N MET D 187 -3.98 8.87 -47.67
CA MET D 187 -4.30 8.91 -46.25
C MET D 187 -5.39 9.92 -45.96
N LEU D 188 -5.31 11.10 -46.58
CA LEU D 188 -6.34 12.11 -46.42
C LEU D 188 -7.59 11.78 -47.22
N ALA D 189 -7.43 11.09 -48.35
CA ALA D 189 -8.58 10.75 -49.17
C ALA D 189 -9.45 9.72 -48.49
N PHE D 190 -8.84 8.65 -47.96
CA PHE D 190 -9.61 7.62 -47.27
C PHE D 190 -10.22 8.14 -45.98
N SER D 191 -9.53 9.07 -45.31
CA SER D 191 -10.00 9.58 -44.03
C SER D 191 -11.31 10.31 -44.18
N GLY D 192 -11.48 11.03 -45.27
CA GLY D 192 -12.73 11.73 -45.49
C GLY D 192 -13.86 10.81 -45.82
N VAL D 193 -13.58 9.79 -46.62
CA VAL D 193 -14.65 9.06 -47.25
C VAL D 193 -15.33 8.09 -46.29
N VAL D 194 -14.60 7.55 -45.33
CA VAL D 194 -15.26 6.82 -44.25
C VAL D 194 -16.02 7.79 -43.36
N THR D 195 -15.49 8.98 -43.14
CA THR D 195 -16.29 10.01 -42.48
C THR D 195 -17.49 10.39 -43.32
N GLN D 196 -17.27 10.69 -44.61
CA GLN D 196 -18.34 11.11 -45.52
C GLN D 196 -19.46 10.07 -45.62
N ALA D 197 -19.11 8.78 -45.59
CA ALA D 197 -20.11 7.74 -45.80
C ALA D 197 -21.01 7.54 -44.60
N VAL D 198 -20.46 7.65 -43.40
CA VAL D 198 -21.29 7.47 -42.21
C VAL D 198 -22.18 8.69 -41.97
N LEU D 199 -21.71 9.88 -42.34
CA LEU D 199 -22.56 11.06 -42.28
C LEU D 199 -23.73 10.95 -43.25
N THR D 200 -23.45 10.90 -44.55
CA THR D 200 -24.48 10.80 -45.58
C THR D 200 -24.43 9.40 -46.16
N GLN D 201 -25.27 8.51 -45.63
CA GLN D 201 -25.25 7.10 -46.03
C GLN D 201 -25.93 6.93 -47.37
N GLY D 202 -25.13 6.72 -48.42
CA GLY D 202 -25.68 6.57 -49.75
C GLY D 202 -24.70 6.09 -50.81
N PRO D 203 -24.78 6.69 -51.99
CA PRO D 203 -23.98 6.35 -53.17
C PRO D 203 -22.51 6.65 -52.90
N PHE D 204 -21.62 6.12 -53.72
CA PHE D 204 -20.19 6.29 -53.49
C PHE D 204 -19.80 7.77 -53.43
N PRO D 205 -20.34 8.61 -54.32
CA PRO D 205 -20.00 10.01 -54.13
C PRO D 205 -20.78 10.44 -52.90
N TYR D 206 -20.13 11.05 -51.93
CA TYR D 206 -20.83 11.44 -50.70
C TYR D 206 -20.70 12.93 -50.45
N GLU E 35 14.00 61.70 -24.65
CA GLU E 35 13.93 61.83 -23.20
C GLU E 35 12.48 61.78 -22.71
N LYS E 36 11.58 62.41 -23.46
CA LYS E 36 10.18 62.43 -23.08
C LYS E 36 9.29 61.75 -24.10
N SER E 37 8.26 61.06 -23.60
CA SER E 37 7.30 60.37 -24.45
C SER E 37 6.65 61.36 -25.38
N GLN E 38 6.51 60.99 -26.66
CA GLN E 38 5.87 61.87 -27.62
C GLN E 38 4.39 62.00 -27.33
N SER E 39 3.77 60.91 -26.90
CA SER E 39 2.35 60.92 -26.63
C SER E 39 2.02 61.32 -25.21
N LEU E 40 2.87 61.07 -24.24
CA LEU E 40 2.62 61.54 -22.88
C LEU E 40 3.77 62.47 -22.53
N PRO E 41 3.70 63.75 -22.94
CA PRO E 41 4.88 64.61 -22.89
C PRO E 41 5.27 65.06 -21.50
N PHE E 42 4.51 64.69 -20.47
CA PHE E 42 4.86 65.00 -19.11
C PHE E 42 5.69 63.91 -18.46
N MET E 43 5.94 62.81 -19.15
CA MET E 43 6.72 61.74 -18.55
C MET E 43 7.81 61.17 -19.46
N ASN E 44 8.77 60.51 -18.84
CA ASN E 44 9.89 59.91 -19.56
C ASN E 44 9.44 58.85 -20.54
N ARG E 45 10.18 58.73 -21.64
CA ARG E 45 9.85 57.74 -22.67
C ARG E 45 10.39 56.39 -22.18
N PRO E 46 9.60 55.31 -22.30
CA PRO E 46 10.08 54.02 -21.81
C PRO E 46 11.34 53.58 -22.52
N ALA E 47 12.17 52.85 -21.77
CA ALA E 47 13.55 52.63 -22.18
C ALA E 47 13.67 51.70 -23.38
N LEU E 48 12.78 50.73 -23.50
CA LEU E 48 12.85 49.77 -24.57
C LEU E 48 12.08 50.19 -25.81
N LEU E 49 11.26 51.23 -25.71
CA LEU E 49 10.53 51.75 -26.87
C LEU E 49 11.51 52.62 -27.65
N ASP E 50 12.24 51.95 -28.53
CA ASP E 50 13.40 52.56 -29.21
C ASP E 50 12.98 53.62 -30.21
N GLY E 51 11.82 53.45 -30.85
CA GLY E 51 11.45 54.25 -32.00
C GLY E 51 11.48 53.48 -33.30
N SER E 52 11.75 52.17 -33.27
CA SER E 52 11.96 51.40 -34.47
C SER E 52 10.69 50.74 -34.99
N MET E 53 9.83 50.28 -34.10
CA MET E 53 8.58 49.67 -34.53
C MET E 53 7.62 50.72 -35.09
N ALA E 54 6.77 50.29 -36.01
CA ALA E 54 5.79 51.19 -36.58
C ALA E 54 4.69 51.49 -35.57
N GLY E 55 4.31 52.76 -35.50
CA GLY E 55 3.33 53.18 -34.53
C GLY E 55 3.89 53.53 -33.17
N ASP E 56 5.20 53.62 -33.02
CA ASP E 56 5.83 53.89 -31.73
C ASP E 56 5.85 55.39 -31.50
N VAL E 57 4.96 55.86 -30.64
CA VAL E 57 4.98 57.22 -30.16
C VAL E 57 5.30 57.27 -28.67
N GLY E 58 5.82 56.18 -28.12
CA GLY E 58 6.20 56.17 -26.73
C GLY E 58 5.04 56.08 -25.76
N PHE E 59 3.94 55.45 -26.16
CA PHE E 59 2.76 55.36 -25.30
C PHE E 59 2.79 54.02 -24.58
N ASP E 60 3.36 54.04 -23.39
CA ASP E 60 3.28 52.94 -22.47
C ASP E 60 3.51 53.46 -21.06
N PRO E 61 2.48 54.00 -20.42
CA PRO E 61 2.70 54.63 -19.12
C PRO E 61 2.97 53.65 -17.99
N LEU E 62 2.50 52.43 -18.07
CA LEU E 62 2.66 51.50 -16.97
C LEU E 62 3.90 50.64 -17.07
N GLY E 63 4.71 50.78 -18.11
CA GLY E 63 5.96 50.04 -18.15
C GLY E 63 5.83 48.60 -18.58
N LEU E 64 4.91 48.31 -19.49
CA LEU E 64 4.62 46.92 -19.85
C LEU E 64 5.63 46.36 -20.81
N SER E 65 6.33 47.23 -21.54
CA SER E 65 7.42 46.79 -22.39
C SER E 65 8.61 46.29 -21.59
N ASN E 66 8.66 46.56 -20.29
CA ASN E 66 9.77 46.17 -19.44
C ASN E 66 9.67 44.75 -18.89
N ILE E 67 8.56 44.04 -19.09
CA ILE E 67 8.37 42.76 -18.42
C ILE E 67 9.19 41.69 -19.12
N ASP E 68 9.86 40.85 -18.34
CA ASP E 68 10.65 39.77 -18.89
C ASP E 68 10.48 38.52 -18.04
N ASP E 69 9.24 38.23 -17.69
CA ASP E 69 8.94 37.07 -16.87
C ASP E 69 7.69 36.35 -17.33
N VAL E 70 7.49 35.14 -16.82
CA VAL E 70 6.33 34.30 -17.15
C VAL E 70 6.14 34.08 -18.66
N GLY E 71 7.24 33.85 -19.36
CA GLY E 71 7.21 33.61 -20.79
C GLY E 71 6.68 34.71 -21.69
N ILE E 72 6.77 35.96 -21.27
CA ILE E 72 6.29 37.04 -22.12
C ILE E 72 7.08 38.33 -21.99
N ASP E 73 7.21 39.03 -23.12
CA ASP E 73 7.87 40.33 -23.19
C ASP E 73 7.45 41.15 -24.41
N LEU E 74 8.24 42.19 -24.69
CA LEU E 74 7.97 43.13 -25.78
C LEU E 74 7.87 42.44 -27.13
N TYR E 75 8.57 41.32 -27.28
CA TYR E 75 8.46 40.54 -28.50
C TYR E 75 7.11 39.82 -28.52
N TRP E 76 6.72 39.24 -27.38
CA TRP E 76 5.44 38.55 -27.30
C TRP E 76 4.28 39.53 -27.30
N LEU E 77 4.45 40.71 -26.69
CA LEU E 77 3.40 41.72 -26.70
C LEU E 77 3.19 42.30 -28.08
N ARG E 78 4.24 42.40 -28.88
CA ARG E 78 4.09 42.93 -30.22
C ARG E 78 3.49 41.89 -31.14
N GLU E 79 3.86 40.63 -30.95
CA GLU E 79 3.22 39.54 -31.68
C GLU E 79 1.77 39.39 -31.28
N ALA E 80 1.44 39.70 -30.04
CA ALA E 80 0.05 39.73 -29.62
C ALA E 80 -0.70 40.85 -30.33
N GLU E 81 -0.13 42.07 -30.32
CA GLU E 81 -0.82 43.25 -30.82
C GLU E 81 -1.14 43.14 -32.31
N VAL E 82 -0.16 42.70 -33.11
CA VAL E 82 -0.35 42.54 -34.55
C VAL E 82 -1.42 41.51 -34.85
N LYS E 83 -1.51 40.46 -34.03
CA LYS E 83 -2.57 39.47 -34.23
C LYS E 83 -3.93 40.02 -33.85
N HIS E 84 -3.98 40.84 -32.81
CA HIS E 84 -5.24 41.46 -32.41
C HIS E 84 -5.64 42.41 -33.53
N CYS E 85 -4.67 43.12 -34.09
CA CYS E 85 -4.94 44.02 -35.22
C CYS E 85 -5.60 43.26 -36.36
N ARG E 86 -4.91 42.22 -36.83
CA ARG E 86 -5.39 41.44 -37.97
C ARG E 86 -6.76 40.82 -37.80
N VAL E 87 -7.02 40.20 -36.65
CA VAL E 87 -8.33 39.59 -36.44
C VAL E 87 -9.42 40.66 -36.43
N ALA E 88 -9.13 41.80 -35.81
CA ALA E 88 -10.14 42.86 -35.72
C ALA E 88 -10.36 43.55 -37.05
N MET E 89 -9.34 43.62 -37.91
CA MET E 89 -9.54 44.21 -39.23
C MET E 89 -10.44 43.33 -40.09
N LEU E 90 -10.27 42.01 -39.99
CA LEU E 90 -11.14 41.12 -40.74
C LEU E 90 -12.53 41.08 -40.15
N ALA E 91 -12.67 41.23 -38.84
CA ALA E 91 -13.96 41.10 -38.21
C ALA E 91 -14.88 42.27 -38.53
N VAL E 92 -14.32 43.47 -38.72
CA VAL E 92 -15.15 44.63 -39.05
C VAL E 92 -15.75 44.49 -40.43
N VAL E 93 -14.94 44.06 -41.40
CA VAL E 93 -15.44 43.86 -42.76
C VAL E 93 -16.39 42.68 -42.81
N GLY E 94 -16.13 41.65 -42.01
CA GLY E 94 -17.02 40.51 -41.96
C GLY E 94 -18.38 40.80 -41.38
N ILE E 95 -18.48 41.77 -40.48
CA ILE E 95 -19.78 42.20 -40.00
C ILE E 95 -20.46 43.08 -41.03
N LEU E 96 -19.72 44.00 -41.64
CA LEU E 96 -20.32 44.89 -42.61
C LEU E 96 -20.66 44.20 -43.91
N GLN E 97 -20.05 43.05 -44.22
CA GLN E 97 -20.34 42.35 -45.46
C GLN E 97 -21.73 41.71 -45.42
N VAL E 98 -22.02 40.94 -44.37
CA VAL E 98 -23.24 40.14 -44.33
C VAL E 98 -24.37 40.93 -43.70
N GLU E 99 -24.18 42.21 -43.50
CA GLU E 99 -25.27 43.11 -43.18
C GLU E 99 -25.68 43.97 -44.36
N ILE E 100 -24.73 44.47 -45.14
CA ILE E 100 -25.07 45.29 -46.29
C ILE E 100 -25.58 44.43 -47.44
N PHE E 101 -24.92 43.29 -47.67
CA PHE E 101 -25.22 42.48 -48.84
C PHE E 101 -25.83 41.14 -48.52
N GLY E 102 -25.95 40.78 -47.25
CA GLY E 102 -26.51 39.50 -46.89
C GLY E 102 -25.49 38.38 -46.98
N PRO E 103 -25.90 37.15 -46.66
CA PRO E 103 -24.96 36.03 -46.63
C PRO E 103 -24.51 35.58 -48.01
N ALA E 104 -23.56 34.65 -47.98
CA ALA E 104 -22.99 34.03 -49.18
C ALA E 104 -24.02 33.10 -49.83
N PRO E 105 -23.89 32.81 -51.13
CA PRO E 105 -24.90 31.95 -51.79
C PRO E 105 -24.82 30.52 -51.30
N GLY E 106 -25.92 30.01 -50.78
CA GLY E 106 -25.93 28.74 -50.08
C GLY E 106 -26.31 28.87 -48.62
N CYS E 107 -26.49 30.09 -48.13
CA CYS E 107 -27.02 30.34 -46.80
C CYS E 107 -28.36 31.05 -46.94
N GLU E 108 -29.23 30.86 -45.95
CA GLU E 108 -30.59 31.34 -46.02
C GLU E 108 -30.99 31.91 -44.67
N MET E 109 -32.30 32.15 -44.54
CA MET E 109 -33.00 32.67 -43.35
C MET E 109 -32.26 33.81 -42.66
N ALA E 110 -32.03 34.88 -43.42
CA ALA E 110 -31.34 36.06 -42.90
C ALA E 110 -32.16 36.76 -41.83
N THR E 111 -31.48 37.43 -40.91
CA THR E 111 -32.10 37.90 -39.67
C THR E 111 -31.70 39.32 -39.32
N ASP E 112 -32.02 39.76 -38.10
CA ASP E 112 -31.88 41.14 -37.66
C ASP E 112 -30.43 41.65 -37.66
N LYS E 113 -29.63 41.13 -36.75
CA LYS E 113 -28.21 41.48 -36.65
C LYS E 113 -27.43 40.33 -37.28
N CYS E 114 -26.27 40.62 -37.87
CA CYS E 114 -25.48 39.59 -38.51
C CYS E 114 -24.38 39.06 -37.63
N GLN E 115 -24.27 39.57 -36.41
CA GLN E 115 -23.09 39.26 -35.63
C GLN E 115 -23.29 38.00 -34.80
N MET E 116 -24.25 38.00 -33.87
CA MET E 116 -24.55 36.80 -33.09
C MET E 116 -25.67 36.00 -33.68
N ASP E 117 -26.76 36.67 -34.07
CA ASP E 117 -28.00 36.05 -34.47
C ASP E 117 -27.81 35.10 -35.63
N ALA E 118 -26.89 35.43 -36.54
CA ALA E 118 -26.57 34.55 -37.65
C ALA E 118 -25.60 33.45 -37.25
N PHE E 119 -24.79 33.69 -36.23
CA PHE E 119 -23.74 32.73 -35.84
C PHE E 119 -24.34 31.49 -35.19
N TRP E 120 -25.25 31.67 -34.23
CA TRP E 120 -25.93 30.52 -33.64
C TRP E 120 -26.89 29.87 -34.63
N GLN E 121 -27.38 30.66 -35.57
CA GLN E 121 -28.31 30.18 -36.57
C GLN E 121 -27.65 29.25 -37.57
N LEU E 122 -26.46 29.64 -38.04
CA LEU E 122 -25.73 28.79 -38.96
C LEU E 122 -25.23 27.54 -38.29
N TRP E 123 -24.77 27.69 -37.05
CA TRP E 123 -24.29 26.55 -36.28
C TRP E 123 -25.40 25.53 -36.21
N GLY E 124 -26.62 25.98 -35.91
CA GLY E 124 -27.73 25.04 -35.89
C GLY E 124 -28.11 24.55 -37.26
N ALA E 125 -27.82 25.32 -38.30
CA ALA E 125 -28.23 24.94 -39.65
C ALA E 125 -27.30 23.91 -40.25
N HIS E 126 -26.02 24.27 -40.42
CA HIS E 126 -24.99 23.34 -40.91
C HIS E 126 -23.69 23.69 -40.20
N PRO E 127 -23.35 22.94 -39.14
CA PRO E 127 -22.15 23.28 -38.37
C PRO E 127 -20.86 22.68 -38.89
N GLN E 128 -20.84 22.22 -40.12
CA GLN E 128 -19.66 21.49 -40.61
C GLN E 128 -18.58 22.46 -41.04
N TYR E 129 -18.94 23.50 -41.79
CA TYR E 129 -17.96 24.44 -42.30
C TYR E 129 -17.36 25.31 -41.20
N ILE E 130 -18.05 25.44 -40.08
CA ILE E 130 -17.59 26.32 -39.03
C ILE E 130 -16.61 25.60 -38.12
N ALA E 131 -16.71 24.29 -37.96
CA ALA E 131 -15.74 23.53 -37.19
C ALA E 131 -14.69 22.89 -38.06
N PHE E 132 -14.89 22.89 -39.38
CA PHE E 132 -13.78 22.74 -40.30
C PHE E 132 -12.76 23.83 -40.03
N GLY E 133 -13.22 25.08 -39.99
CA GLY E 133 -12.32 26.20 -39.81
C GLY E 133 -11.67 26.23 -38.44
N LEU E 134 -12.39 25.84 -37.40
CA LEU E 134 -11.84 25.85 -36.04
C LEU E 134 -10.69 24.87 -35.88
N ILE E 135 -10.71 23.77 -36.65
CA ILE E 135 -9.58 22.84 -36.62
C ILE E 135 -8.47 23.36 -37.51
N MET E 136 -8.82 24.01 -38.62
CA MET E 136 -7.81 24.57 -39.51
C MET E 136 -7.09 25.74 -38.86
N ILE E 137 -7.82 26.59 -38.12
CA ILE E 137 -7.17 27.64 -37.34
C ILE E 137 -6.28 27.03 -36.28
N MET E 138 -6.74 25.96 -35.64
CA MET E 138 -6.00 25.30 -34.57
C MET E 138 -4.67 24.75 -35.06
N MET E 139 -4.61 24.25 -36.29
CA MET E 139 -3.34 23.80 -36.83
C MET E 139 -2.42 24.98 -37.13
N ILE E 140 -2.98 26.09 -37.60
CA ILE E 140 -2.17 27.26 -37.93
C ILE E 140 -1.64 27.91 -36.65
N GLU E 141 -2.44 27.93 -35.59
CA GLU E 141 -2.05 28.61 -34.36
C GLU E 141 -0.97 27.87 -33.60
N MET E 142 -1.05 26.54 -33.57
CA MET E 142 -0.04 25.76 -32.88
C MET E 142 1.32 25.90 -33.54
N ILE E 143 1.35 26.19 -34.82
CA ILE E 143 2.59 26.34 -35.55
C ILE E 143 3.11 27.76 -35.48
N SER E 144 2.21 28.75 -35.52
CA SER E 144 2.62 30.13 -35.34
C SER E 144 3.03 30.41 -33.90
N GLY E 145 2.57 29.61 -32.94
CA GLY E 145 3.04 29.76 -31.59
C GLY E 145 4.42 29.19 -31.36
N ILE E 146 4.76 28.12 -32.08
CA ILE E 146 6.12 27.60 -32.04
C ILE E 146 7.07 28.59 -32.68
N ALA E 147 6.62 29.25 -33.74
CA ALA E 147 7.47 30.19 -34.45
C ALA E 147 7.75 31.44 -33.65
N THR E 148 6.80 31.85 -32.81
CA THR E 148 7.04 33.01 -31.97
C THR E 148 8.07 32.69 -30.90
N THR E 149 8.00 31.49 -30.31
CA THR E 149 9.01 31.11 -29.33
C THR E 149 10.35 30.82 -29.98
N GLN E 150 10.36 30.27 -31.18
CA GLN E 150 11.61 30.09 -31.91
C GLN E 150 12.13 31.38 -32.50
N GLY E 151 11.25 32.36 -32.75
CA GLY E 151 11.67 33.60 -33.36
C GLY E 151 12.30 34.60 -32.43
N ARG E 152 12.16 34.38 -31.12
CA ARG E 152 12.77 35.26 -30.14
C ARG E 152 14.11 34.72 -29.67
N GLU E 153 14.27 33.39 -29.65
CA GLU E 153 15.52 32.79 -29.23
C GLU E 153 16.63 33.15 -30.19
N SER E 154 16.32 33.08 -31.49
CA SER E 154 17.22 33.52 -32.54
C SER E 154 16.55 34.70 -33.23
N GLY E 155 17.17 35.87 -33.12
CA GLY E 155 16.53 37.08 -33.60
C GLY E 155 16.48 37.21 -35.10
N GLU E 156 15.70 36.36 -35.77
CA GLU E 156 15.62 36.41 -37.22
C GLU E 156 14.20 36.25 -37.74
N ARG E 157 13.24 36.52 -36.87
CA ARG E 157 11.85 36.52 -37.25
C ARG E 157 11.33 37.85 -36.75
N ALA E 158 10.87 38.70 -37.66
CA ALA E 158 10.36 40.00 -37.26
C ALA E 158 9.01 39.78 -36.59
N PRO E 159 8.68 40.62 -35.59
CA PRO E 159 7.36 40.43 -34.98
C PRO E 159 6.30 40.66 -36.05
N GLY E 160 5.30 39.78 -36.07
CA GLY E 160 4.23 39.83 -37.05
C GLY E 160 4.53 39.19 -38.38
N ASP E 161 5.79 38.90 -38.69
CA ASP E 161 6.21 38.51 -40.03
C ASP E 161 6.07 37.01 -40.21
N PHE E 162 5.14 36.61 -41.07
CA PHE E 162 5.06 35.23 -41.53
C PHE E 162 5.61 35.06 -42.93
N GLY E 163 6.21 36.10 -43.50
CA GLY E 163 6.74 36.00 -44.83
C GLY E 163 5.71 35.98 -45.93
N LEU E 164 4.48 36.36 -45.63
CA LEU E 164 3.41 36.35 -46.63
C LEU E 164 3.42 37.67 -47.39
N ASP E 165 4.09 37.67 -48.53
CA ASP E 165 4.06 38.79 -49.46
C ASP E 165 4.04 38.23 -50.88
N PRO E 166 2.89 37.71 -51.32
CA PRO E 166 2.84 37.16 -52.68
C PRO E 166 2.84 38.22 -53.75
N LEU E 167 2.46 39.44 -53.41
CA LEU E 167 2.33 40.52 -54.38
C LEU E 167 3.62 41.28 -54.59
N GLY E 168 4.57 41.17 -53.66
CA GLY E 168 5.84 41.83 -53.81
C GLY E 168 5.90 43.25 -53.33
N TYR E 169 4.95 43.67 -52.51
CA TYR E 169 5.02 45.01 -51.93
C TYR E 169 6.11 44.81 -50.91
N GLY E 170 7.31 45.32 -51.15
CA GLY E 170 8.37 45.11 -50.18
C GLY E 170 9.66 44.80 -50.90
N LYS E 171 9.54 44.49 -52.18
CA LYS E 171 10.64 44.58 -53.11
C LYS E 171 10.72 45.97 -53.72
N GLY E 172 9.94 46.91 -53.22
CA GLY E 172 9.92 48.28 -53.68
C GLY E 172 10.71 49.20 -52.78
N ASP E 173 10.22 50.42 -52.63
CA ASP E 173 10.88 51.43 -51.83
C ASP E 173 10.83 51.05 -50.35
N ALA E 174 11.96 51.21 -49.67
CA ALA E 174 12.00 50.98 -48.23
C ALA E 174 11.24 52.06 -47.48
N ALA E 175 11.24 53.28 -48.02
CA ALA E 175 10.43 54.34 -47.42
C ALA E 175 8.95 54.14 -47.72
N GLY E 176 8.63 53.55 -48.87
CA GLY E 176 7.25 53.24 -49.18
C GLY E 176 6.75 52.00 -48.47
N PHE E 177 7.65 51.09 -48.12
CA PHE E 177 7.26 49.92 -47.36
C PHE E 177 7.14 50.23 -45.89
N ALA E 178 7.91 51.21 -45.39
CA ALA E 178 7.76 51.63 -44.01
C ALA E 178 6.43 52.34 -43.78
N ARG E 179 5.89 52.96 -44.84
CA ARG E 179 4.55 53.53 -44.74
C ARG E 179 3.49 52.43 -44.65
N LEU E 180 3.68 51.35 -45.40
CA LEU E 180 2.73 50.24 -45.37
C LEU E 180 2.72 49.54 -44.01
N GLN E 181 3.84 49.59 -43.31
CA GLN E 181 3.92 48.98 -42.00
C GLN E 181 3.16 49.82 -40.99
N ALA E 182 3.23 51.14 -41.13
CA ALA E 182 2.54 52.02 -40.21
C ALA E 182 1.05 52.10 -40.51
N GLN E 183 0.66 51.90 -41.76
CA GLN E 183 -0.76 51.91 -42.09
C GLN E 183 -1.45 50.63 -41.65
N GLU E 184 -0.72 49.53 -41.58
CA GLU E 184 -1.28 48.31 -41.04
C GLU E 184 -1.54 48.46 -39.55
N ILE E 185 -0.62 49.11 -38.83
CA ILE E 185 -0.80 49.30 -37.40
C ILE E 185 -1.88 50.30 -37.12
N ALA E 186 -1.91 51.42 -37.84
CA ALA E 186 -2.88 52.48 -37.58
C ALA E 186 -4.30 52.03 -37.87
N ASN E 187 -4.50 51.28 -38.96
CA ASN E 187 -5.83 50.75 -39.22
C ASN E 187 -6.18 49.63 -38.27
N GLY E 188 -5.18 48.87 -37.82
CA GLY E 188 -5.45 47.76 -36.93
C GLY E 188 -5.80 48.19 -35.52
N ARG E 189 -5.24 49.30 -35.07
CA ARG E 189 -5.55 49.81 -33.74
C ARG E 189 -6.97 50.37 -33.72
N LEU E 190 -7.36 51.09 -34.78
CA LEU E 190 -8.70 51.62 -34.90
C LEU E 190 -9.72 50.51 -35.06
N ALA E 191 -9.34 49.42 -35.72
CA ALA E 191 -10.28 48.31 -35.92
C ALA E 191 -10.54 47.55 -34.64
N MET E 192 -9.63 47.57 -33.67
CA MET E 192 -9.85 46.87 -32.41
C MET E 192 -11.00 47.49 -31.62
N PHE E 193 -11.08 48.82 -31.61
CA PHE E 193 -12.21 49.48 -30.98
C PHE E 193 -13.48 49.23 -31.75
N ALA E 194 -13.40 49.22 -33.09
CA ALA E 194 -14.58 49.01 -33.91
C ALA E 194 -15.08 47.57 -33.81
N ALA E 195 -14.17 46.61 -33.73
CA ALA E 195 -14.58 45.21 -33.65
C ALA E 195 -15.18 44.91 -32.29
N ALA E 196 -14.51 45.34 -31.22
CA ALA E 196 -15.07 45.15 -29.89
C ALA E 196 -16.31 46.00 -29.69
N GLY E 197 -16.41 47.12 -30.39
CA GLY E 197 -17.62 47.89 -30.43
C GLY E 197 -18.80 47.12 -30.98
N GLU E 198 -18.67 46.63 -32.20
CA GLU E 198 -19.77 45.99 -32.89
C GLU E 198 -20.20 44.68 -32.24
N ILE E 199 -19.32 44.02 -31.50
CA ILE E 199 -19.72 42.82 -30.77
C ILE E 199 -20.61 43.20 -29.59
N VAL E 200 -20.17 44.17 -28.79
CA VAL E 200 -20.84 44.43 -27.51
C VAL E 200 -22.15 45.15 -27.73
N GLN E 201 -22.19 46.14 -28.61
CA GLN E 201 -23.47 46.78 -28.88
C GLN E 201 -24.36 45.95 -29.80
N GLY E 202 -23.84 44.86 -30.34
CA GLY E 202 -24.69 43.87 -30.97
C GLY E 202 -25.38 43.03 -29.92
N CYS E 203 -24.66 42.60 -28.90
CA CYS E 203 -25.24 41.81 -27.83
C CYS E 203 -26.07 42.65 -26.86
N THR E 204 -26.01 43.97 -26.96
CA THR E 204 -26.77 44.85 -26.09
C THR E 204 -28.09 45.27 -26.73
N THR E 205 -28.02 45.80 -27.95
CA THR E 205 -29.21 46.31 -28.62
C THR E 205 -29.93 45.27 -29.46
N HIS E 206 -29.26 44.16 -29.78
CA HIS E 206 -29.77 43.09 -30.65
C HIS E 206 -30.20 43.58 -32.02
N GLN E 207 -29.53 44.62 -32.52
CA GLN E 207 -29.78 45.15 -33.85
C GLN E 207 -28.46 45.23 -34.60
N GLY E 208 -28.54 45.58 -35.88
CA GLY E 208 -27.36 45.65 -36.70
C GLY E 208 -26.51 46.87 -36.39
N ALA E 209 -25.26 46.82 -36.86
CA ALA E 209 -24.31 47.88 -36.55
C ALA E 209 -24.65 49.17 -37.29
N LEU E 210 -25.08 49.07 -38.54
CA LEU E 210 -25.55 50.26 -39.24
C LEU E 210 -26.93 50.68 -38.76
N GLU E 211 -27.62 49.77 -38.08
CA GLU E 211 -28.91 50.06 -37.50
C GLU E 211 -28.68 50.92 -36.25
N ASN E 212 -27.65 50.56 -35.48
CA ASN E 212 -27.30 51.29 -34.28
C ASN E 212 -26.80 52.69 -34.59
N LEU E 213 -26.12 52.85 -35.73
CA LEU E 213 -25.62 54.16 -36.10
C LEU E 213 -26.75 55.09 -36.52
N MET E 214 -27.74 54.55 -37.22
CA MET E 214 -28.88 55.37 -37.60
C MET E 214 -29.79 55.64 -36.42
N THR E 215 -29.87 54.72 -35.46
CA THR E 215 -30.64 54.97 -34.24
C THR E 215 -30.03 56.10 -33.43
N ALA E 216 -28.71 56.07 -33.26
CA ALA E 216 -28.00 57.11 -32.54
C ALA E 216 -28.06 58.45 -33.25
N LEU E 217 -28.16 58.41 -34.58
CA LEU E 217 -28.38 59.63 -35.34
C LEU E 217 -29.76 60.22 -35.07
N ARG E 218 -30.75 59.37 -34.83
CA ARG E 218 -32.10 59.87 -34.59
C ARG E 218 -32.22 60.50 -33.22
N ASP E 219 -31.64 59.86 -32.21
CA ASP E 219 -31.83 60.30 -30.84
C ASP E 219 -31.09 61.61 -30.55
N ASN E 220 -29.87 61.73 -31.04
CA ASN E 220 -29.12 62.97 -30.91
C ASN E 220 -29.22 63.80 -32.18
N SER E 221 -30.45 64.08 -32.56
CA SER E 221 -30.72 64.74 -33.83
C SER E 221 -30.28 66.19 -33.82
N PHE E 222 -30.30 66.82 -32.64
CA PHE E 222 -29.55 68.04 -32.35
C PHE E 222 -30.06 69.26 -33.10
N ALA F 36 29.52 -74.56 -20.43
CA ALA F 36 30.94 -74.62 -20.13
C ALA F 36 31.39 -73.32 -19.47
N THR F 37 30.72 -72.22 -19.80
CA THR F 37 30.95 -70.96 -19.14
C THR F 37 29.74 -70.44 -18.38
N GLY F 38 28.54 -70.87 -18.73
CA GLY F 38 27.34 -70.35 -18.12
C GLY F 38 26.80 -69.11 -18.77
N PHE F 39 27.43 -68.62 -19.83
CA PHE F 39 27.09 -67.34 -20.43
C PHE F 39 26.83 -67.47 -21.92
N GLU F 40 26.55 -68.68 -22.38
CA GLU F 40 26.45 -68.99 -23.80
C GLU F 40 25.23 -68.37 -24.44
N GLU F 41 24.24 -67.99 -23.64
CA GLU F 41 22.98 -67.47 -24.12
C GLU F 41 22.86 -65.97 -23.96
N VAL F 42 23.89 -65.34 -23.40
CA VAL F 42 23.88 -63.91 -23.18
C VAL F 42 25.08 -63.23 -23.81
N GLY F 43 25.93 -64.02 -24.46
CA GLY F 43 26.99 -63.49 -25.29
C GLY F 43 28.38 -63.69 -24.73
N GLY F 44 28.52 -64.61 -23.78
CA GLY F 44 29.82 -64.89 -23.19
C GLY F 44 30.25 -63.91 -22.13
N LYS F 45 29.39 -62.97 -21.76
CA LYS F 45 29.71 -61.91 -20.82
C LYS F 45 28.74 -61.96 -19.64
N PRO F 46 29.15 -61.47 -18.47
CA PRO F 46 28.26 -61.48 -17.30
C PRO F 46 27.02 -60.61 -17.47
N TRP F 47 25.87 -61.27 -17.47
CA TRP F 47 24.58 -60.61 -17.64
C TRP F 47 24.18 -60.02 -16.30
N ASP F 48 24.64 -58.80 -16.04
CA ASP F 48 24.06 -57.98 -14.98
C ASP F 48 23.65 -56.65 -15.56
N PRO F 49 22.55 -56.59 -16.32
CA PRO F 49 21.87 -55.32 -16.47
C PRO F 49 21.22 -55.03 -15.14
N LEU F 50 21.01 -53.75 -14.89
CA LEU F 50 20.60 -53.20 -13.61
C LEU F 50 21.60 -53.43 -12.47
N SER F 51 22.81 -53.94 -12.74
CA SER F 51 23.99 -53.80 -11.86
C SER F 51 23.76 -54.22 -10.41
N LEU F 52 22.92 -55.23 -10.21
CA LEU F 52 22.47 -55.57 -8.86
C LEU F 52 23.55 -56.24 -8.04
N GLY F 53 24.59 -56.78 -8.66
CA GLY F 53 25.73 -57.24 -7.90
C GLY F 53 26.69 -56.13 -7.53
N LYS F 54 26.68 -55.02 -8.27
CA LYS F 54 27.57 -53.91 -7.97
C LYS F 54 27.06 -53.06 -6.83
N LEU F 55 25.75 -53.02 -6.64
CA LEU F 55 25.14 -52.43 -5.46
C LEU F 55 25.63 -53.19 -4.23
N GLU F 56 25.67 -52.49 -3.09
CA GLU F 56 26.41 -52.65 -1.84
C GLU F 56 27.85 -52.12 -1.96
N ASP F 57 28.35 -51.84 -3.16
CA ASP F 57 29.68 -51.28 -3.29
C ASP F 57 29.70 -49.94 -3.99
N ALA F 58 28.59 -49.51 -4.57
CA ALA F 58 28.57 -48.26 -5.31
C ALA F 58 28.71 -47.07 -4.39
N ASN F 59 28.19 -47.16 -3.17
CA ASN F 59 28.09 -46.01 -2.28
C ASN F 59 28.31 -46.46 -0.85
N ASP F 60 28.61 -45.49 0.02
CA ASP F 60 28.93 -45.76 1.40
C ASP F 60 27.73 -45.59 2.33
N THR F 61 26.53 -45.60 1.80
CA THR F 61 25.41 -44.94 2.45
C THR F 61 24.48 -45.87 3.21
N PHE F 62 24.49 -47.16 2.88
CA PHE F 62 23.76 -48.19 3.62
C PHE F 62 24.94 -49.09 3.93
N PRO F 63 25.21 -49.34 5.22
CA PRO F 63 26.51 -49.99 5.47
C PRO F 63 26.59 -51.46 5.12
N ASN F 64 25.66 -52.29 5.57
CA ASN F 64 25.65 -53.69 5.17
C ASN F 64 24.24 -54.13 4.86
N MET F 65 23.50 -53.31 4.11
CA MET F 65 22.08 -53.55 3.91
C MET F 65 21.75 -54.26 2.61
N PHE F 66 22.73 -54.46 1.73
CA PHE F 66 22.55 -55.28 0.54
C PHE F 66 23.49 -56.48 0.62
N PRO F 67 23.04 -57.61 0.09
CA PRO F 67 23.77 -58.87 0.14
C PRO F 67 25.09 -58.89 -0.62
N LYS F 68 26.04 -59.64 -0.06
CA LYS F 68 27.35 -59.85 -0.65
C LYS F 68 27.25 -60.91 -1.75
N SER F 69 28.31 -61.04 -2.54
CA SER F 69 28.27 -61.98 -3.65
C SER F 69 28.01 -63.42 -3.18
N GLN F 70 28.58 -63.81 -2.04
CA GLN F 70 28.38 -65.18 -1.57
C GLN F 70 26.92 -65.44 -1.21
N TYR F 71 26.22 -64.45 -0.69
CA TYR F 71 24.82 -64.65 -0.31
C TYR F 71 23.93 -64.68 -1.54
N LEU F 72 24.25 -63.87 -2.54
CA LEU F 72 23.49 -63.89 -3.78
C LEU F 72 23.70 -65.18 -4.55
N GLN F 73 24.89 -65.76 -4.45
CA GLN F 73 25.15 -67.02 -5.14
C GLN F 73 24.42 -68.18 -4.48
N GLU F 74 24.30 -68.19 -3.15
CA GLU F 74 23.54 -69.27 -2.52
C GLU F 74 22.04 -69.12 -2.75
N SER F 75 21.53 -67.88 -2.76
CA SER F 75 20.11 -67.66 -3.03
C SER F 75 19.71 -68.14 -4.41
N GLU F 76 20.57 -67.94 -5.41
CA GLU F 76 20.26 -68.37 -6.76
C GLU F 76 20.27 -69.88 -6.87
N ILE F 77 21.21 -70.54 -6.21
CA ILE F 77 21.25 -72.00 -6.21
C ILE F 77 20.04 -72.55 -5.46
N LYS F 78 19.65 -71.90 -4.36
CA LYS F 78 18.56 -72.42 -3.55
C LYS F 78 17.20 -72.19 -4.19
N HIS F 79 17.02 -71.05 -4.84
CA HIS F 79 15.78 -70.77 -5.53
C HIS F 79 15.66 -71.73 -6.71
N GLY F 80 16.80 -72.06 -7.33
CA GLY F 80 16.79 -72.98 -8.45
C GLY F 80 16.45 -74.41 -8.02
N ARG F 81 16.99 -74.84 -6.88
CA ARG F 81 16.73 -76.20 -6.43
C ARG F 81 15.30 -76.38 -5.94
N MET F 82 14.73 -75.35 -5.32
CA MET F 82 13.32 -75.44 -4.94
C MET F 82 12.40 -75.38 -6.14
N SER F 83 12.82 -74.71 -7.22
CA SER F 83 11.98 -74.62 -8.39
C SER F 83 12.02 -75.89 -9.22
N MET F 84 13.15 -76.58 -9.25
CA MET F 84 13.23 -77.85 -9.97
C MET F 84 12.37 -78.91 -9.32
N LEU F 85 12.27 -78.90 -7.99
CA LEU F 85 11.40 -79.84 -7.31
C LEU F 85 9.94 -79.47 -7.44
N ALA F 86 9.63 -78.19 -7.41
CA ALA F 86 8.23 -77.80 -7.36
C ALA F 86 7.55 -77.87 -8.72
N TRP F 87 8.32 -77.65 -9.78
CA TRP F 87 7.76 -77.77 -11.11
C TRP F 87 7.44 -79.24 -11.34
N THR F 88 8.42 -80.11 -11.07
CA THR F 88 8.22 -81.53 -11.24
C THR F 88 7.08 -82.04 -10.35
N GLY F 89 6.86 -81.39 -9.21
CA GLY F 89 5.74 -81.76 -8.36
C GLY F 89 4.39 -81.42 -8.96
N VAL F 90 4.24 -80.21 -9.51
CA VAL F 90 2.96 -79.86 -10.10
C VAL F 90 2.76 -80.53 -11.45
N TRP F 91 3.85 -81.01 -12.05
CA TRP F 91 3.75 -81.70 -13.32
C TRP F 91 3.39 -83.17 -13.14
N ALA F 92 3.91 -83.79 -12.08
CA ALA F 92 3.64 -85.19 -11.81
C ALA F 92 2.27 -85.44 -11.18
N THR F 93 1.66 -84.44 -10.57
CA THR F 93 0.38 -84.65 -9.93
C THR F 93 -0.80 -84.13 -10.75
N HIS F 94 -0.54 -83.54 -11.91
CA HIS F 94 -1.60 -83.06 -12.77
C HIS F 94 -2.22 -84.25 -13.48
N VAL F 95 -3.53 -84.42 -13.33
CA VAL F 95 -4.23 -85.56 -13.90
C VAL F 95 -4.90 -85.13 -15.21
N GLY F 96 -4.80 -85.98 -16.21
CA GLY F 96 -5.39 -85.68 -17.51
C GLY F 96 -4.60 -84.62 -18.26
N GLY F 97 -5.07 -84.33 -19.46
CA GLY F 97 -4.38 -83.38 -20.29
C GLY F 97 -3.11 -84.00 -20.82
N MET F 98 -2.01 -83.25 -20.75
CA MET F 98 -0.73 -83.92 -20.96
C MET F 98 -0.52 -84.72 -19.70
N GLY F 99 -0.27 -84.04 -18.59
CA GLY F 99 -0.42 -84.54 -17.23
C GLY F 99 0.35 -85.76 -16.83
N LEU F 100 0.24 -86.16 -15.56
CA LEU F 100 0.93 -87.35 -15.07
C LEU F 100 0.00 -88.25 -14.24
N GLY F 101 -0.84 -87.62 -13.42
CA GLY F 101 -1.80 -88.31 -12.59
C GLY F 101 -1.24 -89.38 -11.69
N MET F 102 0.08 -89.40 -11.48
CA MET F 102 0.64 -90.38 -10.56
C MET F 102 0.36 -89.93 -9.13
N HIS F 103 0.10 -90.89 -8.26
CA HIS F 103 -0.49 -90.60 -6.96
C HIS F 103 -0.10 -91.71 -6.00
N ILE F 104 0.50 -91.32 -4.88
CA ILE F 104 0.89 -92.27 -3.84
C ILE F 104 -0.37 -92.82 -3.19
N PRO F 105 -0.50 -94.14 -3.00
CA PRO F 105 -1.71 -94.68 -2.40
C PRO F 105 -1.83 -94.32 -0.92
N GLY F 106 -2.99 -93.81 -0.53
CA GLY F 106 -3.26 -93.41 0.82
C GLY F 106 -3.26 -91.92 1.05
N MET F 107 -2.69 -91.17 0.11
CA MET F 107 -2.63 -89.72 0.19
C MET F 107 -3.94 -89.13 -0.31
N PRO F 108 -4.11 -87.81 -0.16
CA PRO F 108 -5.39 -87.23 -0.59
C PRO F 108 -5.43 -86.93 -2.08
N VAL F 109 -6.57 -87.26 -2.70
CA VAL F 109 -6.79 -86.93 -4.09
C VAL F 109 -7.19 -85.46 -4.16
N GLU F 110 -6.34 -84.65 -4.78
CA GLU F 110 -6.65 -83.25 -5.02
C GLU F 110 -6.28 -82.90 -6.44
N SER F 111 -7.19 -82.19 -7.12
CA SER F 111 -6.98 -81.88 -8.52
C SER F 111 -5.86 -80.87 -8.73
N ASP F 112 -6.01 -79.67 -8.18
CA ASP F 112 -5.04 -78.63 -8.44
C ASP F 112 -3.98 -78.56 -7.35
N TRP F 113 -2.85 -77.98 -7.70
CA TRP F 113 -1.76 -77.81 -6.77
C TRP F 113 -1.97 -76.63 -5.84
N THR F 114 -2.91 -75.76 -6.14
CA THR F 114 -3.07 -74.52 -5.39
C THR F 114 -3.58 -74.80 -3.98
N LYS F 115 -4.48 -75.76 -3.82
CA LYS F 115 -5.02 -76.09 -2.51
C LYS F 115 -4.49 -77.41 -1.95
N ALA F 116 -3.52 -78.04 -2.62
CA ALA F 116 -3.10 -79.38 -2.22
C ALA F 116 -2.26 -79.39 -0.95
N LEU F 117 -1.66 -78.26 -0.58
CA LEU F 117 -0.90 -78.22 0.67
C LEU F 117 -1.83 -78.23 1.87
N GLY F 118 -2.83 -77.36 1.89
CA GLY F 118 -3.68 -77.21 3.05
C GLY F 118 -4.58 -78.41 3.31
N VAL F 119 -4.90 -79.16 2.27
CA VAL F 119 -5.60 -80.42 2.45
C VAL F 119 -4.67 -81.43 3.12
N PHE F 120 -3.43 -81.50 2.65
CA PHE F 120 -2.47 -82.44 3.22
C PHE F 120 -2.05 -82.04 4.63
N ALA F 121 -2.04 -80.73 4.91
CA ALA F 121 -1.63 -80.28 6.24
C ALA F 121 -2.67 -80.65 7.29
N ALA F 122 -3.94 -80.64 6.92
CA ALA F 122 -4.99 -80.98 7.87
C ALA F 122 -5.15 -82.48 8.03
N GLU F 123 -4.99 -83.24 6.95
CA GLU F 123 -5.33 -84.66 7.01
C GLU F 123 -4.18 -85.51 7.54
N GLN F 124 -2.94 -85.14 7.25
CA GLN F 124 -1.77 -85.88 7.73
C GLN F 124 -0.88 -84.98 8.57
N PRO F 125 -1.18 -84.78 9.86
CA PRO F 125 -0.33 -83.93 10.69
C PRO F 125 1.04 -84.51 11.01
N ALA F 126 1.14 -85.82 11.15
CA ALA F 126 2.40 -86.42 11.56
C ALA F 126 3.40 -86.45 10.41
N LEU F 127 2.91 -86.72 9.20
CA LEU F 127 3.80 -86.72 8.05
C LEU F 127 4.20 -85.31 7.66
N PHE F 128 3.27 -84.36 7.74
CA PHE F 128 3.57 -82.98 7.40
C PHE F 128 4.49 -82.34 8.43
N GLY F 129 4.36 -82.72 9.70
CA GLY F 129 5.24 -82.19 10.71
C GLY F 129 6.63 -82.74 10.65
N ALA F 130 6.79 -83.98 10.18
CA ALA F 130 8.11 -84.55 10.07
C ALA F 130 8.87 -84.03 8.85
N ILE F 131 8.16 -83.69 7.78
CA ILE F 131 8.81 -83.08 6.62
C ILE F 131 9.26 -81.67 6.96
N LEU F 132 8.39 -80.91 7.65
CA LEU F 132 8.71 -79.53 8.00
C LEU F 132 9.85 -79.45 9.01
N LEU F 133 9.95 -80.42 9.92
CA LEU F 133 11.07 -80.43 10.85
C LEU F 133 12.37 -80.79 10.13
N PHE F 134 12.29 -81.71 9.16
CA PHE F 134 13.48 -82.08 8.40
C PHE F 134 13.98 -80.91 7.56
N ILE F 135 13.07 -80.17 6.95
CA ILE F 135 13.46 -79.00 6.18
C ILE F 135 14.02 -77.93 7.10
N SER F 136 13.45 -77.80 8.30
CA SER F 136 13.87 -76.74 9.22
C SER F 136 15.28 -76.97 9.75
N ILE F 137 15.63 -78.22 10.03
CA ILE F 137 16.95 -78.49 10.59
C ILE F 137 18.01 -78.37 9.52
N ALA F 138 17.78 -78.96 8.35
CA ALA F 138 18.77 -78.96 7.28
C ALA F 138 19.04 -77.56 6.76
N GLU F 139 18.02 -76.73 6.74
CA GLU F 139 18.16 -75.36 6.28
C GLU F 139 18.83 -74.49 7.33
N GLY F 140 18.67 -74.82 8.61
CA GLY F 140 19.37 -74.14 9.66
C GLY F 140 20.82 -74.56 9.78
N GLU F 141 21.09 -75.83 9.50
CA GLU F 141 22.45 -76.35 9.54
C GLU F 141 23.31 -75.78 8.42
N SER F 142 22.66 -75.32 7.36
CA SER F 142 23.37 -74.74 6.21
C SER F 142 24.24 -73.57 6.62
N VAL F 143 23.76 -72.77 7.57
CA VAL F 143 24.40 -71.53 7.95
C VAL F 143 25.00 -71.60 9.35
N GLY F 144 24.62 -72.59 10.15
CA GLY F 144 25.08 -72.65 11.52
C GLY F 144 26.55 -72.96 11.68
N HIS F 145 27.13 -73.72 10.76
CA HIS F 145 28.53 -74.05 10.91
C HIS F 145 29.45 -73.06 10.21
N SER F 146 28.94 -72.38 9.20
CA SER F 146 29.73 -71.41 8.46
C SER F 146 29.48 -70.01 8.97
N GLY F 147 30.26 -69.07 8.51
CA GLY F 147 30.20 -67.72 9.02
C GLY F 147 29.03 -66.94 8.46
N ASP F 148 29.18 -65.62 8.53
CA ASP F 148 28.23 -64.72 7.90
C ASP F 148 28.34 -64.87 6.39
N ASN F 149 27.20 -65.04 5.76
CA ASN F 149 27.07 -65.14 4.33
C ASN F 149 26.77 -63.79 3.71
N TRP F 150 25.97 -62.99 4.41
CA TRP F 150 25.54 -61.67 3.96
C TRP F 150 26.73 -60.75 3.70
N ARG F 151 27.80 -61.05 4.44
CA ARG F 151 29.11 -60.41 4.34
C ARG F 151 30.02 -61.57 3.86
N ASN F 152 31.03 -61.28 3.06
CA ASN F 152 31.83 -62.37 2.49
C ASN F 152 32.74 -62.97 3.57
N MET F 153 32.12 -63.71 4.49
CA MET F 153 32.83 -64.28 5.64
C MET F 153 32.40 -65.72 5.92
N SER F 154 32.03 -66.48 4.89
CA SER F 154 31.35 -67.74 5.17
C SER F 154 32.28 -68.92 5.37
N THR F 155 33.36 -69.05 4.59
CA THR F 155 34.22 -70.24 4.54
C THR F 155 33.38 -71.49 4.22
N LYS F 156 32.86 -71.49 3.00
CA LYS F 156 32.25 -72.60 2.28
C LYS F 156 31.97 -72.12 0.87
N GLU F 157 31.90 -73.06 -0.04
CA GLU F 157 31.46 -72.72 -1.37
C GLU F 157 29.94 -72.57 -1.36
N PRO F 158 29.39 -71.59 -2.08
CA PRO F 158 27.93 -71.47 -2.16
C PRO F 158 27.30 -72.66 -2.85
N GLY F 159 26.22 -73.16 -2.26
CA GLY F 159 25.55 -74.35 -2.73
C GLY F 159 26.07 -75.64 -2.13
N ASN F 160 27.16 -75.59 -1.37
CA ASN F 160 27.79 -76.80 -0.83
C ASN F 160 27.15 -77.15 0.50
N LEU F 161 26.14 -78.00 0.37
CA LEU F 161 25.45 -78.67 1.47
C LEU F 161 26.19 -80.03 1.53
N GLY F 162 26.29 -80.65 2.69
CA GLY F 162 27.09 -81.86 2.78
C GLY F 162 26.43 -83.08 2.20
N PHE F 163 25.81 -82.91 1.03
CA PHE F 163 25.07 -84.00 0.39
C PHE F 163 25.70 -84.67 -0.83
N ASP F 164 27.00 -84.90 -0.79
CA ASP F 164 27.69 -85.55 -1.89
C ASP F 164 27.86 -87.02 -1.53
N TRP F 165 26.79 -87.60 -1.00
CA TRP F 165 26.78 -89.00 -0.56
C TRP F 165 27.21 -90.03 -1.62
N MET F 166 26.85 -89.80 -2.87
CA MET F 166 27.20 -90.73 -3.94
C MET F 166 28.72 -90.82 -4.14
N GLY F 167 29.45 -89.92 -3.50
CA GLY F 167 30.87 -89.87 -3.62
C GLY F 167 31.37 -89.30 -4.91
N LEU F 168 30.44 -88.64 -5.60
CA LEU F 168 30.66 -87.94 -6.85
C LEU F 168 31.51 -86.73 -6.53
N THR F 169 32.38 -86.38 -7.48
CA THR F 169 33.38 -85.28 -7.47
C THR F 169 34.67 -85.68 -6.73
N ARG F 170 34.71 -86.92 -6.26
CA ARG F 170 35.84 -87.52 -5.61
C ARG F 170 36.28 -88.58 -6.59
N LYS F 171 35.41 -88.87 -7.57
CA LYS F 171 35.76 -89.85 -8.57
C LYS F 171 35.89 -89.19 -9.94
N LEU F 172 35.13 -88.12 -10.13
CA LEU F 172 35.14 -87.39 -11.39
C LEU F 172 36.34 -86.46 -11.40
N SER F 173 36.65 -85.94 -12.58
CA SER F 173 37.73 -84.97 -12.67
C SER F 173 37.17 -83.56 -12.70
N GLU F 174 38.07 -82.59 -12.64
CA GLU F 174 37.72 -81.20 -12.38
C GLU F 174 36.95 -80.55 -13.52
N GLU F 175 37.07 -81.08 -14.73
CA GLU F 175 36.33 -80.51 -15.84
C GLU F 175 34.86 -80.90 -15.77
N GLN F 176 34.58 -82.12 -15.32
CA GLN F 176 33.20 -82.59 -15.20
C GLN F 176 32.48 -81.97 -14.01
N VAL F 177 33.20 -81.85 -12.91
CA VAL F 177 32.65 -81.29 -11.66
C VAL F 177 32.28 -79.82 -11.84
N ALA F 178 33.14 -79.05 -12.51
CA ALA F 178 32.80 -77.67 -12.83
C ALA F 178 31.68 -77.58 -13.85
N ARG F 179 31.51 -78.61 -14.66
CA ARG F 179 30.47 -78.62 -15.68
C ARG F 179 29.08 -78.90 -15.12
N TYR F 180 28.97 -79.89 -14.24
CA TYR F 180 27.67 -80.23 -13.66
C TYR F 180 27.17 -79.14 -12.71
N LYS F 181 28.05 -78.27 -12.20
CA LYS F 181 27.59 -77.10 -11.48
C LYS F 181 26.83 -76.15 -12.39
N ILE F 182 27.34 -75.91 -13.60
CA ILE F 182 26.66 -75.06 -14.57
C ILE F 182 25.38 -75.73 -15.06
N VAL F 183 25.37 -77.06 -15.15
CA VAL F 183 24.17 -77.80 -15.53
C VAL F 183 23.09 -77.61 -14.48
N GLU F 184 23.48 -77.65 -13.22
CA GLU F 184 22.54 -77.46 -12.12
C GLU F 184 22.00 -76.04 -12.10
N LEU F 185 22.85 -75.08 -12.47
CA LEU F 185 22.49 -73.67 -12.47
C LEU F 185 21.44 -73.33 -13.52
N LYS F 186 21.70 -73.67 -14.78
CA LYS F 186 20.79 -73.36 -15.87
C LYS F 186 19.49 -74.13 -15.77
N ASN F 187 19.54 -75.36 -15.26
CA ASN F 187 18.30 -76.08 -15.03
C ASN F 187 17.55 -75.52 -13.84
N GLY F 188 18.27 -75.00 -12.86
CA GLY F 188 17.63 -74.18 -11.85
C GLY F 188 17.02 -72.93 -12.44
N ARG F 189 17.71 -72.31 -13.40
CA ARG F 189 17.21 -71.08 -13.99
C ARG F 189 16.02 -71.31 -14.90
N ALA F 190 15.98 -72.44 -15.61
CA ALA F 190 14.81 -72.74 -16.43
C ALA F 190 13.60 -73.04 -15.58
N ALA F 191 13.81 -73.62 -14.41
CA ALA F 191 12.68 -73.94 -13.54
C ALA F 191 12.17 -72.73 -12.79
N MET F 192 13.04 -71.75 -12.49
CA MET F 192 12.58 -70.53 -11.84
C MET F 192 11.65 -69.73 -12.76
N ILE F 193 11.99 -69.67 -14.05
CA ILE F 193 11.11 -69.02 -15.02
C ILE F 193 9.85 -69.82 -15.23
N ALA F 194 9.95 -71.14 -15.15
CA ALA F 194 8.76 -71.99 -15.19
C ALA F 194 7.83 -71.68 -14.04
N MET F 195 8.35 -71.64 -12.81
CA MET F 195 7.53 -71.33 -11.64
C MET F 195 6.94 -69.93 -11.70
N ALA F 196 7.62 -69.00 -12.38
CA ALA F 196 7.04 -67.68 -12.59
C ALA F 196 5.90 -67.73 -13.60
N SER F 197 6.03 -68.59 -14.62
CA SER F 197 4.91 -68.81 -15.54
C SER F 197 3.74 -69.45 -14.82
N LEU F 198 4.03 -70.45 -14.00
CA LEU F 198 3.00 -71.17 -13.26
C LEU F 198 2.29 -70.27 -12.25
N PHE F 199 2.97 -69.24 -11.76
CA PHE F 199 2.31 -68.26 -10.88
C PHE F 199 1.46 -67.30 -11.69
N ALA F 200 1.95 -66.90 -12.87
CA ALA F 200 1.30 -65.82 -13.62
C ALA F 200 0.00 -66.28 -14.27
N MET F 201 -0.06 -67.55 -14.67
CA MET F 201 -1.25 -68.08 -15.34
C MET F 201 -2.48 -68.14 -14.44
N GLU F 202 -2.27 -68.15 -13.12
CA GLU F 202 -3.37 -68.19 -12.18
C GLU F 202 -3.67 -66.85 -11.55
N ALA F 203 -2.82 -65.86 -11.74
CA ALA F 203 -3.12 -64.51 -11.31
C ALA F 203 -3.54 -63.60 -12.45
N ILE F 204 -3.08 -63.88 -13.66
CA ILE F 204 -3.44 -63.13 -14.86
C ILE F 204 -3.86 -64.19 -15.88
N PRO F 205 -5.16 -64.31 -16.18
CA PRO F 205 -5.63 -65.51 -16.91
C PRO F 205 -5.18 -65.61 -18.34
N GLY F 206 -4.78 -64.51 -18.97
CA GLY F 206 -4.24 -64.58 -20.31
C GLY F 206 -2.75 -64.35 -20.39
N SER F 207 -2.01 -64.47 -19.28
CA SER F 207 -0.62 -64.07 -19.20
C SER F 207 0.28 -64.90 -20.11
N VAL F 208 0.42 -66.19 -19.84
CA VAL F 208 1.25 -67.05 -20.68
C VAL F 208 0.34 -67.82 -21.63
N PRO F 209 0.45 -67.60 -22.94
CA PRO F 209 -0.55 -68.15 -23.87
C PRO F 209 -0.21 -69.54 -24.34
N ILE F 210 1.06 -69.93 -24.16
CA ILE F 210 1.50 -71.27 -24.49
C ILE F 210 0.91 -72.32 -23.57
N MET F 211 0.36 -71.92 -22.43
CA MET F 211 -0.33 -72.83 -21.53
C MET F 211 -1.84 -72.75 -21.65
N ASN F 212 -2.39 -71.77 -22.36
CA ASN F 212 -3.82 -71.82 -22.51
C ASN F 212 -4.07 -73.10 -23.33
N VAL F 213 -3.27 -73.24 -24.38
CA VAL F 213 -3.30 -74.40 -25.28
C VAL F 213 -2.79 -75.73 -24.75
N PHE F 214 -1.66 -75.68 -24.03
CA PHE F 214 -0.98 -76.87 -23.52
C PHE F 214 -1.70 -77.74 -22.49
N ASN F 215 -2.36 -77.11 -21.53
CA ASN F 215 -3.04 -77.84 -20.45
C ASN F 215 -2.67 -79.33 -20.50
N ALA G 32 7.79 57.56 29.15
CA ALA G 32 8.24 58.36 28.04
C ALA G 32 9.69 58.77 28.20
N MET G 33 10.60 57.95 27.68
CA MET G 33 11.95 58.42 27.41
C MET G 33 12.56 58.13 26.03
N PRO G 34 11.83 58.13 24.89
CA PRO G 34 12.56 58.35 23.64
C PRO G 34 12.54 59.79 23.20
N GLU G 35 13.20 60.05 22.07
CA GLU G 35 13.20 61.39 21.49
C GLU G 35 11.84 61.52 20.80
N ARG G 36 11.09 62.55 21.16
CA ARG G 36 9.75 62.74 20.61
C ARG G 36 9.70 62.97 19.10
N LEU G 37 8.55 62.65 18.51
CA LEU G 37 8.32 62.79 17.07
C LEU G 37 7.81 64.19 16.72
N TRP G 38 7.57 65.00 17.74
CA TRP G 38 7.08 66.37 17.59
C TRP G 38 8.19 67.30 17.11
N ASP G 39 9.44 66.91 17.37
CA ASP G 39 10.60 67.70 16.98
C ASP G 39 11.07 67.51 15.54
N SER G 40 10.95 66.31 14.98
CA SER G 40 11.44 66.16 13.62
C SER G 40 10.49 66.70 12.58
N MET G 41 9.35 67.22 13.01
CA MET G 41 8.33 67.69 12.09
C MET G 41 7.57 68.90 12.59
N VAL G 42 8.25 69.84 13.21
CA VAL G 42 7.50 70.98 13.76
C VAL G 42 8.31 72.27 13.73
N ASP G 43 9.65 72.19 13.68
CA ASP G 43 10.54 73.35 13.47
C ASP G 43 10.38 74.48 14.48
N LYS G 44 10.90 74.32 15.70
CA LYS G 44 10.58 75.27 16.77
C LYS G 44 11.36 76.59 16.72
N THR G 45 11.48 77.18 15.56
CA THR G 45 12.21 78.43 15.41
C THR G 45 11.36 79.53 14.82
N GLN G 46 10.61 79.18 13.78
CA GLN G 46 9.72 80.13 13.12
C GLN G 46 8.27 79.81 13.44
N ARG G 47 7.37 80.65 12.93
CA ARG G 47 5.94 80.47 13.15
C ARG G 47 5.21 80.59 11.83
N SER G 48 4.09 79.88 11.70
CA SER G 48 3.31 79.92 10.46
C SER G 48 2.60 81.27 10.25
N LYS G 49 2.50 81.70 9.00
CA LYS G 49 1.83 82.96 8.69
C LYS G 49 0.36 82.87 9.09
N ALA G 50 -0.25 81.73 8.78
CA ALA G 50 -1.64 81.47 9.16
C ALA G 50 -1.51 80.90 10.56
N VAL G 51 -2.36 81.30 11.49
CA VAL G 51 -2.21 80.79 12.85
C VAL G 51 -0.82 81.12 13.38
N PRO G 52 -0.58 82.36 13.84
CA PRO G 52 0.77 82.72 14.31
C PRO G 52 1.18 82.05 15.61
N PHE G 53 0.29 81.35 16.28
CA PHE G 53 0.70 80.73 17.53
C PHE G 53 1.21 79.32 17.35
N LEU G 54 1.05 78.77 16.28
CA LEU G 54 1.66 77.48 16.00
C LEU G 54 2.95 77.67 15.24
N PRO G 55 3.93 76.81 15.45
CA PRO G 55 5.15 76.88 14.64
C PRO G 55 4.92 76.30 13.27
N ARG G 56 5.81 76.66 12.33
CA ARG G 56 5.58 76.27 10.95
C ARG G 56 5.97 74.81 10.71
N ALA G 57 5.19 74.11 9.91
CA ALA G 57 5.54 72.76 9.52
C ALA G 57 6.80 72.76 8.67
N VAL G 58 7.57 71.68 8.75
CA VAL G 58 8.93 71.71 8.21
C VAL G 58 8.94 71.69 6.69
N ASN G 59 7.93 71.09 6.08
CA ASN G 59 7.93 70.94 4.63
C ASN G 59 7.29 72.11 3.92
N LEU G 60 6.45 72.89 4.61
CA LEU G 60 5.92 74.12 4.05
C LEU G 60 7.06 75.10 3.87
N ASP G 61 6.99 75.89 2.81
CA ASP G 61 7.92 77.00 2.55
C ASP G 61 7.08 78.18 2.07
N GLY G 62 7.72 79.17 1.49
CA GLY G 62 6.98 80.08 0.65
C GLY G 62 7.02 79.71 -0.81
N SER G 63 7.54 78.52 -1.13
CA SER G 63 7.87 78.17 -2.50
C SER G 63 6.64 77.87 -3.34
N LEU G 64 5.71 77.11 -2.81
CA LEU G 64 4.55 76.71 -3.58
C LEU G 64 3.55 77.85 -3.72
N PRO G 65 2.76 77.87 -4.78
CA PRO G 65 1.75 78.92 -4.91
C PRO G 65 0.59 78.73 -3.96
N GLY G 66 0.03 79.84 -3.51
CA GLY G 66 -1.09 79.78 -2.60
C GLY G 66 -0.73 79.35 -1.20
N ASP G 67 0.45 79.72 -0.73
CA ASP G 67 0.94 79.25 0.56
C ASP G 67 0.99 80.38 1.56
N VAL G 68 0.35 80.15 2.69
CA VAL G 68 0.37 81.00 3.86
C VAL G 68 0.82 80.21 5.10
N GLY G 69 1.43 79.05 4.90
CA GLY G 69 1.88 78.26 6.02
C GLY G 69 0.79 77.57 6.79
N PHE G 70 -0.39 77.47 6.19
CA PHE G 70 -1.54 76.89 6.87
C PHE G 70 -1.62 75.36 6.93
N ASP G 71 -1.21 74.82 8.07
CA ASP G 71 -1.30 73.40 8.33
C ASP G 71 -1.37 73.21 9.83
N PRO G 72 -2.55 73.44 10.42
CA PRO G 72 -2.72 73.31 11.87
C PRO G 72 -2.69 71.87 12.39
N PHE G 73 -2.88 70.90 11.51
CA PHE G 73 -2.89 69.51 11.92
C PHE G 73 -1.58 68.81 11.55
N TYR G 74 -0.65 69.55 10.97
CA TYR G 74 0.64 69.02 10.56
C TYR G 74 0.53 67.74 9.74
N LEU G 75 -0.10 67.88 8.57
CA LEU G 75 -0.32 66.78 7.65
C LEU G 75 0.87 66.66 6.70
N SER G 76 1.40 67.81 6.27
CA SER G 76 2.58 67.80 5.42
C SER G 76 3.74 67.07 6.06
N SER G 77 3.68 66.86 7.35
CA SER G 77 4.81 66.39 8.13
C SER G 77 4.79 64.90 8.36
N ILE G 78 3.77 64.20 7.89
CA ILE G 78 3.63 62.76 8.07
C ILE G 78 4.69 62.05 7.25
N PRO G 79 5.59 61.29 7.87
CA PRO G 79 6.69 60.65 7.14
C PRO G 79 6.34 59.29 6.55
N LYS G 80 5.27 59.26 5.78
CA LYS G 80 4.85 58.04 5.11
C LYS G 80 4.88 58.28 3.60
N ASP G 81 5.07 57.22 2.82
CA ASP G 81 5.10 57.34 1.37
C ASP G 81 3.70 57.09 0.84
N PHE G 82 3.03 58.15 0.41
CA PHE G 82 1.67 58.00 -0.06
C PHE G 82 1.59 57.57 -1.52
N SER G 83 2.71 57.40 -2.21
CA SER G 83 2.71 56.69 -3.48
C SER G 83 2.53 55.19 -3.30
N GLY G 84 2.54 54.70 -2.07
CA GLY G 84 2.29 53.30 -1.82
C GLY G 84 0.92 52.85 -2.22
N PHE G 85 -0.07 53.76 -2.23
CA PHE G 85 -1.43 53.42 -2.64
C PHE G 85 -1.49 53.01 -4.10
N ILE G 86 -0.78 53.73 -4.98
CA ILE G 86 -0.71 53.33 -6.38
C ILE G 86 0.12 52.07 -6.51
N GLN G 87 1.40 52.17 -6.16
CA GLN G 87 2.33 51.03 -6.22
C GLN G 87 2.77 50.71 -4.80
N PRO G 88 2.79 49.43 -4.42
CA PRO G 88 3.11 49.11 -3.03
C PRO G 88 4.58 49.29 -2.73
N PRO G 89 4.94 49.58 -1.47
CA PRO G 89 6.33 49.91 -1.15
C PRO G 89 7.29 48.75 -1.32
N GLN G 90 6.78 47.53 -1.35
CA GLN G 90 7.59 46.34 -1.49
C GLN G 90 8.03 46.05 -2.93
N TRP G 91 7.65 46.90 -3.87
CA TRP G 91 8.03 46.70 -5.27
C TRP G 91 9.50 47.02 -5.49
N GLU G 92 9.97 48.12 -4.89
CA GLU G 92 11.36 48.54 -4.98
C GLU G 92 11.62 49.70 -4.04
N GLU G 93 12.87 50.12 -3.93
CA GLU G 93 13.22 51.27 -3.08
C GLU G 93 12.55 52.47 -3.74
N LYS G 94 11.94 53.34 -2.95
CA LYS G 94 11.31 54.49 -3.56
C LYS G 94 10.62 55.34 -2.54
N GLY G 95 10.59 56.64 -2.80
CA GLY G 95 9.94 57.55 -1.88
C GLY G 95 9.50 58.88 -2.47
N ILE G 96 8.22 59.22 -2.32
CA ILE G 96 7.70 60.51 -2.76
C ILE G 96 7.76 61.43 -1.54
N PRO G 97 8.00 62.72 -1.71
CA PRO G 97 7.77 63.64 -0.60
C PRO G 97 6.28 63.74 -0.30
N THR G 98 5.95 63.78 0.98
CA THR G 98 4.57 63.88 1.42
C THR G 98 3.91 65.17 0.95
N LEU G 99 4.65 66.27 0.98
CA LEU G 99 4.13 67.57 0.56
C LEU G 99 3.74 67.55 -0.92
N TYR G 100 4.57 66.88 -1.72
CA TYR G 100 4.35 66.76 -3.15
C TYR G 100 3.07 66.00 -3.50
N TRP G 101 2.76 64.95 -2.74
CA TRP G 101 1.61 64.12 -3.02
C TRP G 101 0.34 64.87 -2.61
N MET G 102 0.46 65.75 -1.62
CA MET G 102 -0.67 66.54 -1.14
C MET G 102 -1.06 67.59 -2.17
N ARG G 103 -0.06 68.28 -2.71
CA ARG G 103 -0.29 69.29 -3.71
C ARG G 103 -0.93 68.65 -4.93
N GLU G 104 -0.44 67.47 -5.30
CA GLU G 104 -1.00 66.76 -6.44
C GLU G 104 -2.44 66.36 -6.18
N ALA G 105 -2.77 66.00 -4.95
CA ALA G 105 -4.16 65.73 -4.59
C ALA G 105 -4.98 67.01 -4.66
N GLU G 106 -4.51 68.08 -4.00
CA GLU G 106 -5.26 69.32 -3.89
C GLU G 106 -5.54 69.96 -5.25
N LEU G 107 -4.61 69.83 -6.20
CA LEU G 107 -4.90 70.28 -7.55
C LEU G 107 -5.99 69.44 -8.19
N LYS G 108 -5.95 68.12 -8.02
CA LYS G 108 -7.00 67.30 -8.61
C LYS G 108 -8.34 67.51 -7.91
N HIS G 109 -8.32 67.79 -6.62
CA HIS G 109 -9.54 68.08 -5.91
C HIS G 109 -10.06 69.44 -6.39
N SER G 110 -9.15 70.36 -6.71
CA SER G 110 -9.54 71.67 -7.21
C SER G 110 -10.19 71.56 -8.58
N ARG G 111 -9.50 70.93 -9.51
CA ARG G 111 -9.98 70.81 -10.88
C ARG G 111 -11.34 70.14 -11.01
N VAL G 112 -11.52 69.02 -10.32
CA VAL G 112 -12.80 68.32 -10.38
C VAL G 112 -13.90 69.19 -9.81
N ALA G 113 -13.64 69.88 -8.71
CA ALA G 113 -14.67 70.67 -8.05
C ALA G 113 -15.01 71.93 -8.82
N MET G 114 -14.04 72.51 -9.54
CA MET G 114 -14.33 73.67 -10.37
C MET G 114 -15.28 73.29 -11.50
N LEU G 115 -15.09 72.12 -12.09
CA LEU G 115 -15.98 71.67 -13.16
C LEU G 115 -17.29 71.15 -12.62
N ALA G 116 -17.25 70.45 -11.48
CA ALA G 116 -18.45 69.82 -10.97
C ALA G 116 -19.44 70.84 -10.43
N TRP G 117 -18.95 71.90 -9.82
CA TRP G 117 -19.86 72.92 -9.32
C TRP G 117 -20.46 73.65 -10.50
N PHE G 118 -19.62 73.95 -11.49
CA PHE G 118 -20.05 74.64 -12.69
C PHE G 118 -21.01 73.77 -13.50
N GLY G 119 -20.71 72.48 -13.60
CA GLY G 119 -21.57 71.59 -14.35
C GLY G 119 -22.84 71.23 -13.65
N TRP G 120 -22.86 71.37 -12.32
CA TRP G 120 -24.06 71.06 -11.56
C TRP G 120 -25.08 72.17 -11.72
N LEU G 121 -24.60 73.41 -11.78
CA LEU G 121 -25.52 74.53 -11.88
C LEU G 121 -26.00 74.71 -13.31
N ALA G 122 -25.10 74.51 -14.28
CA ALA G 122 -25.41 74.75 -15.70
C ALA G 122 -26.51 73.83 -16.22
N THR G 123 -26.61 72.62 -15.68
CA THR G 123 -27.65 71.71 -16.11
C THR G 123 -28.95 71.97 -15.35
N ASP G 124 -28.88 72.86 -14.36
CA ASP G 124 -30.04 73.21 -13.55
C ASP G 124 -30.68 74.48 -14.08
N GLY G 125 -29.98 75.19 -14.96
CA GLY G 125 -30.49 76.42 -15.54
C GLY G 125 -30.21 77.60 -14.64
N ALA G 126 -29.08 77.57 -13.96
CA ALA G 126 -28.70 78.65 -13.05
C ALA G 126 -28.03 79.81 -13.78
N PHE G 127 -27.69 79.61 -15.05
CA PHE G 127 -27.05 80.65 -15.84
C PHE G 127 -27.95 81.16 -16.95
N GLY G 128 -29.25 80.97 -16.78
CA GLY G 128 -30.22 81.42 -17.75
C GLY G 128 -30.78 80.30 -18.60
N VAL G 129 -29.90 79.63 -19.35
CA VAL G 129 -30.31 78.54 -20.22
C VAL G 129 -30.12 77.17 -19.57
N THR G 130 -31.17 76.36 -19.58
CA THR G 130 -31.07 75.01 -19.03
C THR G 130 -30.26 74.18 -20.00
N LEU G 131 -28.98 74.04 -19.72
CA LEU G 131 -28.04 73.41 -20.63
C LEU G 131 -28.16 71.90 -20.48
N ARG G 132 -28.63 71.23 -21.53
CA ARG G 132 -28.77 69.78 -21.50
C ARG G 132 -28.35 69.15 -22.83
N PHE G 133 -27.84 67.93 -22.78
CA PHE G 133 -27.42 67.24 -23.99
C PHE G 133 -28.62 67.02 -24.89
N PRO G 134 -28.39 66.98 -26.21
CA PRO G 134 -29.52 66.73 -27.11
C PRO G 134 -30.07 65.34 -26.88
N GLY G 135 -31.36 65.18 -27.08
CA GLY G 135 -31.93 63.88 -26.84
C GLY G 135 -32.89 63.89 -25.67
N GLU G 136 -33.83 62.95 -25.73
CA GLU G 136 -34.95 62.96 -24.80
C GLU G 136 -34.51 62.50 -23.42
N ILE G 137 -33.60 61.53 -23.39
CA ILE G 137 -33.12 60.92 -22.15
C ILE G 137 -32.48 61.86 -21.14
N TYR G 138 -31.91 62.96 -21.63
CA TYR G 138 -31.27 63.94 -20.76
C TYR G 138 -32.10 65.21 -20.69
N SER G 139 -33.40 65.12 -20.98
CA SER G 139 -34.23 66.31 -20.98
C SER G 139 -34.79 66.59 -19.59
N VAL G 140 -35.63 67.62 -19.52
CA VAL G 140 -36.21 68.05 -18.26
C VAL G 140 -37.27 67.06 -17.77
N GLU G 141 -37.97 66.42 -18.69
CA GLU G 141 -39.08 65.55 -18.33
C GLU G 141 -38.61 64.26 -17.69
N ASN G 142 -37.46 63.75 -18.11
CA ASN G 142 -36.94 62.55 -17.46
C ASN G 142 -36.09 62.90 -16.25
N ILE G 143 -35.38 64.02 -16.30
CA ILE G 143 -34.59 64.49 -15.16
C ILE G 143 -34.93 65.95 -14.89
N PRO G 144 -35.68 66.25 -13.83
CA PRO G 144 -36.11 67.64 -13.63
C PRO G 144 -35.00 68.55 -13.17
N THR G 145 -34.08 68.06 -12.36
CA THR G 145 -32.96 68.87 -11.91
C THR G 145 -31.78 67.94 -11.66
N ALA G 146 -30.60 68.53 -11.47
CA ALA G 146 -29.35 67.76 -11.39
C ALA G 146 -29.28 66.84 -10.19
N TYR G 147 -30.08 67.09 -9.17
CA TYR G 147 -30.07 66.29 -7.95
C TYR G 147 -30.41 64.83 -8.16
N GLU G 148 -31.19 64.54 -9.19
CA GLU G 148 -31.58 63.17 -9.47
C GLU G 148 -30.95 62.65 -10.75
N ALA G 149 -29.88 63.30 -11.17
CA ALA G 149 -29.17 62.90 -12.38
C ALA G 149 -28.18 61.77 -12.15
N HIS G 150 -27.67 61.66 -10.93
CA HIS G 150 -26.70 60.62 -10.63
C HIS G 150 -27.35 59.25 -10.55
N ASN G 151 -28.49 59.17 -9.85
CA ASN G 151 -29.20 57.91 -9.70
C ASN G 151 -29.94 57.51 -10.97
N ALA G 152 -30.42 58.51 -11.71
CA ALA G 152 -31.17 58.27 -12.97
C ALA G 152 -30.22 57.79 -14.07
N LEU G 153 -29.07 58.45 -14.21
CA LEU G 153 -28.09 58.10 -15.27
C LEU G 153 -27.34 56.80 -14.90
N VAL G 154 -27.23 56.50 -13.61
CA VAL G 154 -26.52 55.26 -13.17
C VAL G 154 -27.27 54.03 -13.67
N SER G 155 -28.61 54.05 -13.57
CA SER G 155 -29.46 52.92 -14.03
C SER G 155 -29.37 52.80 -15.55
N GLN G 156 -29.46 53.94 -16.25
CA GLN G 156 -29.40 53.99 -17.70
C GLN G 156 -28.09 53.42 -18.22
N GLY G 157 -26.98 53.91 -17.67
CA GLY G 157 -25.67 53.44 -18.07
C GLY G 157 -24.72 54.55 -18.45
N SER G 158 -25.24 55.73 -18.75
CA SER G 158 -24.37 56.84 -19.13
C SER G 158 -23.38 57.18 -18.01
N MET G 159 -23.74 56.78 -16.79
CA MET G 159 -22.92 57.03 -15.62
C MET G 159 -21.81 56.00 -15.61
N GLY G 160 -22.18 54.77 -15.92
CA GLY G 160 -21.24 53.67 -15.97
C GLY G 160 -20.22 53.87 -17.06
N PHE G 161 -20.61 54.56 -18.13
CA PHE G 161 -19.69 54.79 -19.23
C PHE G 161 -18.63 55.81 -18.86
N LEU G 162 -19.03 56.86 -18.14
CA LEU G 162 -18.09 57.89 -17.74
C LEU G 162 -17.09 57.39 -16.72
N LEU G 163 -17.49 56.36 -15.96
CA LEU G 163 -16.57 55.73 -14.98
C LEU G 163 -15.41 55.08 -15.75
N LEU G 164 -15.71 54.43 -16.88
CA LEU G 164 -14.67 53.79 -17.66
C LEU G 164 -13.81 54.81 -18.36
N ALA G 165 -14.40 55.92 -18.81
CA ALA G 165 -13.65 56.93 -19.55
C ALA G 165 -12.68 57.68 -18.66
N VAL G 166 -13.08 57.98 -17.42
CA VAL G 166 -12.16 58.57 -16.44
C VAL G 166 -11.09 57.56 -16.07
N GLY G 167 -11.49 56.30 -15.92
CA GLY G 167 -10.57 55.25 -15.53
C GLY G 167 -9.37 55.15 -16.43
N PHE G 168 -9.59 55.36 -17.73
CA PHE G 168 -8.51 55.30 -18.70
C PHE G 168 -7.53 56.45 -18.49
N ILE G 169 -8.06 57.65 -18.27
CA ILE G 169 -7.22 58.82 -18.05
C ILE G 169 -6.41 58.70 -16.77
N GLU G 170 -7.09 58.39 -15.67
CA GLU G 170 -6.42 58.24 -14.38
C GLU G 170 -5.24 57.27 -14.47
N PHE G 171 -5.45 56.13 -15.10
CA PHE G 171 -4.41 55.12 -15.24
C PHE G 171 -3.25 55.61 -16.11
N CYS G 172 -3.56 56.43 -17.12
CA CYS G 172 -2.54 56.95 -18.01
C CYS G 172 -1.85 58.18 -17.45
N THR G 173 -2.34 58.71 -16.33
CA THR G 173 -1.76 59.91 -15.75
C THR G 173 -1.23 59.74 -14.32
N GLY G 174 -1.56 58.62 -13.70
CA GLY G 174 -1.13 58.38 -12.33
C GLY G 174 0.14 57.56 -12.18
N ALA G 175 0.70 57.15 -13.31
CA ALA G 175 1.93 56.38 -13.32
C ALA G 175 3.13 57.31 -13.16
N VAL G 176 2.93 58.60 -13.43
CA VAL G 176 3.99 59.58 -13.30
C VAL G 176 4.41 59.77 -11.86
N LEU G 177 3.45 59.66 -10.94
CA LEU G 177 3.71 59.81 -9.52
C LEU G 177 4.83 58.86 -9.10
N VAL G 178 4.85 57.69 -9.73
CA VAL G 178 5.87 56.69 -9.49
C VAL G 178 7.24 57.19 -9.94
N GLU G 179 7.30 57.77 -11.14
CA GLU G 179 8.56 58.26 -11.69
C GLU G 179 9.22 59.31 -10.81
N VAL G 180 8.42 60.27 -10.34
CA VAL G 180 8.92 61.35 -9.50
C VAL G 180 9.34 60.79 -8.15
N ALA G 181 8.69 59.71 -7.72
CA ALA G 181 9.04 59.09 -6.46
C ALA G 181 10.30 58.26 -6.54
N LYS G 182 10.76 57.98 -7.76
CA LYS G 182 12.00 57.25 -7.94
C LYS G 182 13.12 58.26 -8.22
N GLY G 183 12.78 59.55 -8.21
CA GLY G 183 13.77 60.57 -8.48
C GLY G 183 14.15 60.70 -9.94
N ASP G 184 13.36 60.12 -10.83
CA ASP G 184 13.71 60.08 -12.25
C ASP G 184 12.99 61.16 -13.06
N SER G 185 12.35 62.12 -12.40
CA SER G 185 11.61 63.14 -13.10
C SER G 185 11.72 64.45 -12.33
N ASP G 186 11.60 65.56 -13.06
CA ASP G 186 11.68 66.88 -12.47
C ASP G 186 10.39 67.65 -12.74
N ARG G 187 9.28 66.92 -12.79
CA ARG G 187 7.98 67.52 -13.06
C ARG G 187 7.30 68.03 -11.80
N GLU G 188 6.72 69.23 -11.88
CA GLU G 188 6.02 69.84 -10.76
C GLU G 188 4.70 69.15 -10.51
N ALA G 189 4.17 69.29 -9.30
CA ALA G 189 2.91 68.63 -8.97
C ALA G 189 1.77 69.23 -9.79
N GLY G 190 0.93 68.37 -10.34
CA GLY G 190 -0.20 68.79 -11.15
C GLY G 190 0.13 69.43 -12.47
N ASP G 191 1.39 69.25 -12.88
CA ASP G 191 1.86 69.84 -14.11
C ASP G 191 1.87 68.82 -15.23
N PHE G 192 1.07 69.14 -16.23
CA PHE G 192 0.93 68.38 -17.45
C PHE G 192 1.13 69.42 -18.55
N LYS G 193 1.63 68.99 -19.70
CA LYS G 193 1.86 69.99 -20.72
C LYS G 193 0.52 70.30 -21.36
N LEU G 194 -0.42 70.78 -20.54
CA LEU G 194 -1.71 71.14 -21.10
C LEU G 194 -1.78 72.66 -21.06
N ASP G 195 -1.35 73.25 -22.15
CA ASP G 195 -1.55 74.67 -22.40
C ASP G 195 -1.81 74.78 -23.89
N PRO G 196 -3.03 74.46 -24.33
CA PRO G 196 -3.29 74.45 -25.77
C PRO G 196 -3.36 75.84 -26.38
N LEU G 197 -3.69 76.86 -25.59
CA LEU G 197 -3.76 78.22 -26.09
C LEU G 197 -2.52 79.03 -25.76
N SER G 198 -1.51 78.37 -25.19
CA SER G 198 -0.25 79.00 -24.83
C SER G 198 -0.44 80.20 -23.94
N PHE G 199 -1.05 80.02 -22.78
CA PHE G 199 -1.20 81.12 -21.84
C PHE G 199 0.18 81.58 -21.36
N LEU G 200 0.97 80.61 -20.92
CA LEU G 200 2.23 80.86 -20.24
C LEU G 200 3.56 80.62 -20.93
N LYS G 201 3.58 80.50 -22.25
CA LYS G 201 4.87 80.25 -22.86
C LYS G 201 5.67 81.54 -22.89
N GLY G 202 6.76 81.56 -22.12
CA GLY G 202 7.66 82.69 -22.07
C GLY G 202 7.30 83.71 -21.01
N LYS G 203 6.61 83.26 -19.97
CA LYS G 203 6.23 84.15 -18.89
C LYS G 203 7.26 84.08 -17.76
N SER G 204 7.51 85.22 -17.12
CA SER G 204 8.46 85.27 -16.02
C SER G 204 7.92 84.47 -14.85
N GLU G 205 8.82 83.82 -14.12
CA GLU G 205 8.41 83.00 -12.98
C GLU G 205 7.47 83.75 -12.05
N GLU G 206 7.56 85.07 -11.99
CA GLU G 206 6.58 85.85 -11.23
C GLU G 206 5.21 85.75 -11.84
N GLU G 207 5.16 85.70 -13.17
CA GLU G 207 3.90 85.60 -13.88
C GLU G 207 3.30 84.21 -13.79
N ILE G 208 4.16 83.20 -13.77
CA ILE G 208 3.69 81.81 -13.68
C ILE G 208 3.16 81.51 -12.29
N LYS G 209 3.89 81.98 -11.28
CA LYS G 209 3.49 81.76 -9.89
C LYS G 209 2.15 82.40 -9.57
N ARG G 210 1.91 83.60 -10.10
CA ARG G 210 0.65 84.30 -9.85
C ARG G 210 -0.51 83.57 -10.50
N MET G 211 -0.28 83.05 -11.70
CA MET G 211 -1.28 82.30 -12.44
C MET G 211 -1.58 81.00 -11.71
N LYS G 212 -0.53 80.38 -11.18
CA LYS G 212 -0.68 79.13 -10.43
C LYS G 212 -1.50 79.36 -9.17
N THR G 213 -1.31 80.51 -8.53
CA THR G 213 -2.08 80.84 -7.34
C THR G 213 -3.55 80.98 -7.65
N ARG G 214 -3.86 81.39 -8.86
CA ARG G 214 -5.24 81.50 -9.29
C ARG G 214 -5.84 80.10 -9.47
N GLU G 215 -5.04 79.11 -9.85
CA GLU G 215 -5.63 77.80 -10.00
C GLU G 215 -6.00 77.32 -8.62
N ILE G 216 -5.14 77.62 -7.65
CA ILE G 216 -5.36 77.21 -6.27
C ILE G 216 -6.44 77.99 -5.52
N ALA G 217 -6.44 79.32 -5.63
CA ALA G 217 -7.44 80.09 -4.89
C ALA G 217 -8.84 79.88 -5.42
N ASN G 218 -9.00 79.87 -6.75
CA ASN G 218 -10.31 79.56 -7.32
C ASN G 218 -10.69 78.11 -7.10
N GLY G 219 -9.71 77.23 -7.06
CA GLY G 219 -9.99 75.84 -6.78
C GLY G 219 -10.43 75.63 -5.35
N ARG G 220 -9.85 76.37 -4.42
CA ARG G 220 -10.21 76.24 -3.02
C ARG G 220 -11.65 76.71 -2.79
N LEU G 221 -12.01 77.85 -3.36
CA LEU G 221 -13.35 78.35 -3.22
C LEU G 221 -14.37 77.40 -3.84
N ALA G 222 -14.01 76.74 -4.93
CA ALA G 222 -14.94 75.82 -5.58
C ALA G 222 -15.03 74.47 -4.90
N MET G 223 -14.02 74.07 -4.11
CA MET G 223 -14.15 72.86 -3.30
C MET G 223 -15.21 73.05 -2.22
N LEU G 224 -15.27 74.25 -1.64
CA LEU G 224 -16.25 74.54 -0.61
C LEU G 224 -17.59 74.90 -1.19
N ALA G 225 -17.60 75.42 -2.41
CA ALA G 225 -18.86 75.71 -3.09
C ALA G 225 -19.61 74.44 -3.42
N PHE G 226 -18.90 73.42 -3.90
CA PHE G 226 -19.56 72.17 -4.22
C PHE G 226 -20.01 71.44 -2.96
N GLY G 227 -19.22 71.54 -1.89
CA GLY G 227 -19.62 70.93 -0.64
C GLY G 227 -20.84 71.59 -0.04
N GLY G 228 -21.00 72.88 -0.29
CA GLY G 228 -22.19 73.58 0.13
C GLY G 228 -23.40 73.10 -0.62
N VAL G 229 -23.32 73.16 -1.96
CA VAL G 229 -24.46 72.87 -2.81
C VAL G 229 -24.92 71.42 -2.65
N ALA G 230 -23.98 70.49 -2.51
CA ALA G 230 -24.35 69.09 -2.37
C ALA G 230 -24.96 68.76 -1.01
N THR G 231 -24.62 69.55 0.01
CA THR G 231 -25.12 69.30 1.35
C THR G 231 -26.53 69.81 1.59
N GLN G 232 -26.75 71.09 1.32
CA GLN G 232 -28.07 71.68 1.51
C GLN G 232 -29.12 70.93 0.72
N THR G 233 -28.85 70.76 -0.55
CA THR G 233 -29.76 70.08 -1.45
C THR G 233 -30.09 68.65 -1.02
N ALA G 234 -29.63 68.22 0.16
CA ALA G 234 -29.93 66.87 0.55
C ALA G 234 -30.54 66.77 1.94
N LEU G 235 -30.77 67.89 2.61
CA LEU G 235 -31.43 67.87 3.91
C LEU G 235 -32.94 67.75 3.70
N GLU G 236 -33.70 67.87 4.79
CA GLU G 236 -35.14 67.61 4.75
C GLU G 236 -35.88 68.66 3.92
N GLY G 237 -35.66 69.93 4.21
CA GLY G 237 -36.08 71.00 3.33
C GLY G 237 -35.07 71.24 2.25
N GLY G 238 -35.00 72.49 1.77
CA GLY G 238 -34.04 72.83 0.76
C GLY G 238 -34.55 72.49 -0.63
N ASN G 239 -34.57 73.48 -1.53
CA ASN G 239 -35.16 73.23 -2.84
C ASN G 239 -34.15 72.60 -3.78
N HIS G 240 -34.46 72.61 -5.06
CA HIS G 240 -33.47 72.28 -6.08
C HIS G 240 -33.42 73.34 -7.16
N ALA G 241 -33.71 74.58 -6.79
CA ALA G 241 -33.65 75.72 -7.70
C ALA G 241 -32.19 76.18 -7.80
N PHE G 242 -31.94 77.26 -8.54
CA PHE G 242 -30.56 77.73 -8.68
C PHE G 242 -29.99 78.10 -7.31
N PRO G 243 -30.78 78.79 -6.48
CA PRO G 243 -30.36 79.09 -5.11
C PRO G 243 -30.77 77.84 -4.34
N TYR G 244 -29.94 77.27 -3.48
CA TYR G 244 -30.38 76.03 -2.86
C TYR G 244 -30.82 76.22 -1.42
N PHE G 245 -30.93 77.46 -0.97
CA PHE G 245 -31.43 77.69 0.37
C PHE G 245 -32.94 77.87 0.31
N ALA H 33 43.25 -91.79 35.28
CA ALA H 33 42.53 -91.43 34.08
C ALA H 33 41.12 -92.00 34.08
N LYS H 34 41.00 -93.32 34.14
CA LYS H 34 39.69 -93.95 34.11
C LYS H 34 39.04 -93.95 35.48
N SER H 35 37.70 -93.92 35.48
CA SER H 35 36.96 -93.95 36.72
C SER H 35 36.83 -95.38 37.24
N LYS H 36 36.60 -95.51 38.55
CA LYS H 36 36.46 -96.84 39.13
C LYS H 36 35.14 -97.47 38.72
N ALA H 37 34.03 -96.83 39.07
CA ALA H 37 32.76 -97.19 38.47
C ALA H 37 32.76 -96.73 37.02
N LEU H 38 32.12 -97.51 36.16
CA LEU H 38 32.16 -97.40 34.70
C LEU H 38 33.59 -97.29 34.16
N PRO H 39 34.43 -98.35 34.24
CA PRO H 39 35.86 -98.20 33.93
C PRO H 39 36.23 -98.23 32.45
N TRP H 40 35.51 -97.47 31.64
CA TRP H 40 35.95 -97.17 30.29
C TRP H 40 35.80 -95.71 29.93
N LEU H 41 35.11 -94.92 30.73
CA LEU H 41 35.11 -93.49 30.53
C LEU H 41 36.04 -92.84 31.54
N PRO H 42 36.60 -91.67 31.23
CA PRO H 42 37.49 -91.01 32.19
C PRO H 42 36.73 -90.39 33.33
N ASN H 43 37.43 -90.23 34.48
CA ASN H 43 36.66 -89.79 35.63
C ASN H 43 36.36 -88.29 35.55
N PRO H 44 35.26 -87.86 36.16
CA PRO H 44 35.04 -86.41 36.33
C PRO H 44 35.99 -85.87 37.38
N SER H 45 36.88 -84.99 36.96
CA SER H 45 37.95 -84.53 37.82
C SER H 45 37.50 -83.52 38.87
N ASN H 46 36.30 -82.97 38.76
CA ASN H 46 35.86 -81.97 39.70
C ASN H 46 35.42 -82.55 41.02
N LEU H 47 35.09 -83.84 41.07
CA LEU H 47 34.71 -84.47 42.33
C LEU H 47 35.90 -84.99 43.11
N ASP H 48 37.12 -84.69 42.67
CA ASP H 48 38.32 -85.07 43.38
C ASP H 48 38.38 -84.37 44.73
N GLY H 49 38.60 -85.14 45.78
CA GLY H 49 38.72 -84.62 47.12
C GLY H 49 37.50 -84.83 47.97
N ARG H 50 36.33 -85.00 47.36
CA ARG H 50 35.11 -85.18 48.12
C ARG H 50 34.99 -86.64 48.51
N ILE H 51 34.29 -86.90 49.60
CA ILE H 51 34.14 -88.26 50.06
C ILE H 51 33.04 -88.96 49.26
N GLY H 52 33.11 -90.29 49.24
CA GLY H 52 32.20 -91.07 48.42
C GLY H 52 32.57 -91.12 46.97
N ALA H 53 33.76 -90.65 46.61
CA ALA H 53 34.18 -90.46 45.23
C ALA H 53 34.55 -91.79 44.61
N ASN H 54 33.63 -92.38 43.85
CA ASN H 54 33.91 -93.55 43.05
C ASN H 54 34.18 -93.20 41.59
N GLY H 55 34.09 -91.94 41.23
CA GLY H 55 34.09 -91.57 39.83
C GLY H 55 32.76 -91.74 39.14
N PHE H 56 31.70 -92.03 39.88
CA PHE H 56 30.39 -92.26 39.25
C PHE H 56 29.73 -90.92 38.99
N ASP H 57 29.93 -90.42 37.79
CA ASP H 57 29.17 -89.31 37.25
C ASP H 57 29.25 -89.34 35.73
N PRO H 58 28.47 -90.19 35.08
CA PRO H 58 28.59 -90.28 33.61
C PRO H 58 28.00 -89.09 32.89
N LEU H 59 26.95 -88.47 33.42
CA LEU H 59 26.29 -87.38 32.71
C LEU H 59 27.03 -86.06 32.82
N GLY H 60 28.17 -86.02 33.49
CA GLY H 60 28.96 -84.80 33.55
C GLY H 60 28.33 -83.68 34.33
N ILE H 61 27.39 -83.99 35.22
CA ILE H 61 26.68 -82.92 35.92
C ILE H 61 27.49 -82.39 37.09
N SER H 62 28.58 -83.06 37.46
CA SER H 62 29.58 -82.48 38.33
C SER H 62 30.47 -81.49 37.61
N GLU H 63 30.62 -81.66 36.30
CA GLU H 63 31.41 -80.77 35.46
C GLU H 63 30.71 -79.45 35.22
N TYR H 64 29.39 -79.40 35.37
CA TYR H 64 28.65 -78.16 35.09
C TYR H 64 28.18 -77.36 36.29
N PHE H 65 27.81 -78.04 37.36
CA PHE H 65 27.30 -77.38 38.55
C PHE H 65 28.36 -77.36 39.62
N PRO H 66 28.30 -76.42 40.57
CA PRO H 66 29.23 -76.46 41.70
C PRO H 66 29.00 -77.67 42.58
N VAL H 67 30.11 -78.30 42.98
CA VAL H 67 30.03 -79.54 43.73
C VAL H 67 29.52 -79.27 45.15
N ASP H 68 29.79 -78.08 45.68
CA ASP H 68 29.22 -77.72 46.98
C ASP H 68 27.70 -77.62 46.94
N TYR H 69 27.13 -77.21 45.80
CA TYR H 69 25.68 -77.31 45.66
C TYR H 69 25.24 -78.76 45.54
N LEU H 70 26.01 -79.60 44.84
CA LEU H 70 25.60 -80.98 44.63
C LEU H 70 25.71 -81.80 45.91
N VAL H 71 26.77 -81.60 46.69
CA VAL H 71 26.94 -82.38 47.91
C VAL H 71 25.92 -81.97 48.95
N GLU H 72 25.68 -80.67 49.09
CA GLU H 72 24.67 -80.16 50.03
C GLU H 72 23.28 -80.66 49.67
N SER H 73 23.01 -80.80 48.38
CA SER H 73 21.75 -81.36 47.94
C SER H 73 21.64 -82.83 48.33
N GLU H 74 22.65 -83.64 47.97
CA GLU H 74 22.62 -85.09 48.20
C GLU H 74 22.51 -85.43 49.68
N ILE H 75 23.16 -84.64 50.53
CA ILE H 75 23.02 -84.85 51.97
C ILE H 75 21.60 -84.54 52.42
N LYS H 76 21.00 -83.47 51.89
CA LYS H 76 19.67 -83.07 52.32
C LYS H 76 18.61 -84.05 51.83
N HIS H 77 18.73 -84.54 50.59
CA HIS H 77 17.83 -85.58 50.11
C HIS H 77 17.97 -86.84 50.93
N GLY H 78 19.20 -87.18 51.32
CA GLY H 78 19.41 -88.34 52.17
C GLY H 78 18.79 -88.20 53.54
N ARG H 79 18.88 -87.01 54.12
CA ARG H 79 18.40 -86.82 55.50
C ARG H 79 16.88 -86.85 55.56
N VAL H 80 16.21 -86.32 54.55
CA VAL H 80 14.76 -86.36 54.51
C VAL H 80 14.27 -87.80 54.30
N CYS H 81 14.95 -88.54 53.43
CA CYS H 81 14.54 -89.89 53.11
C CYS H 81 14.84 -90.89 54.22
N MET H 82 15.87 -90.64 55.04
CA MET H 82 16.06 -91.48 56.21
C MET H 82 14.92 -91.28 57.20
N MET H 83 14.44 -90.04 57.33
CA MET H 83 13.25 -89.77 58.12
C MET H 83 12.00 -90.31 57.44
N ALA H 84 11.92 -90.18 56.12
CA ALA H 84 10.70 -90.55 55.42
C ALA H 84 10.53 -92.05 55.30
N TRP H 85 11.61 -92.82 55.28
CA TRP H 85 11.46 -94.27 55.28
C TRP H 85 10.83 -94.73 56.57
N ALA H 86 11.52 -94.52 57.70
CA ALA H 86 11.03 -94.94 59.01
C ALA H 86 9.73 -94.27 59.39
N GLY H 87 9.47 -93.09 58.85
CA GLY H 87 8.20 -92.43 59.10
C GLY H 87 7.05 -93.08 58.36
N TYR H 88 7.27 -93.44 57.10
CA TYR H 88 6.24 -94.17 56.38
C TYR H 88 6.05 -95.56 56.96
N VAL H 89 7.15 -96.20 57.36
CA VAL H 89 7.10 -97.57 57.86
C VAL H 89 6.27 -97.64 59.13
N ALA H 90 6.70 -96.94 60.20
CA ALA H 90 6.09 -97.05 61.53
C ALA H 90 4.62 -96.66 61.55
N VAL H 91 4.20 -95.72 60.71
CA VAL H 91 2.79 -95.36 60.64
C VAL H 91 1.99 -96.44 59.94
N ASP H 92 2.57 -97.09 58.93
CA ASP H 92 1.87 -98.13 58.21
C ASP H 92 1.80 -99.43 59.01
N LEU H 93 2.77 -99.67 59.87
CA LEU H 93 2.73 -100.84 60.73
C LEU H 93 1.74 -100.67 61.89
N GLY H 94 1.26 -99.45 62.11
CA GLY H 94 0.17 -99.21 63.04
C GLY H 94 0.61 -98.69 64.39
N ALA H 95 1.57 -97.78 64.41
CA ALA H 95 2.13 -97.27 65.65
C ALA H 95 1.64 -95.86 65.97
N ARG H 96 0.35 -95.59 65.77
CA ARG H 96 -0.25 -94.25 65.86
C ARG H 96 0.05 -93.55 67.17
N ILE H 97 0.02 -92.21 67.13
CA ILE H 97 0.18 -91.38 68.32
C ILE H 97 -1.12 -91.48 69.11
N TYR H 98 -1.13 -92.32 70.14
CA TYR H 98 -2.30 -92.40 71.00
C TYR H 98 -2.18 -91.36 72.10
N PRO H 99 -3.24 -90.63 72.48
CA PRO H 99 -4.61 -90.55 71.97
C PRO H 99 -4.69 -89.95 70.58
N LEU H 100 -5.39 -90.64 69.71
CA LEU H 100 -5.41 -90.29 68.30
C LEU H 100 -6.21 -89.00 68.12
N PRO H 101 -5.70 -88.02 67.39
CA PRO H 101 -6.45 -86.78 67.17
C PRO H 101 -7.69 -86.98 66.30
N GLU H 102 -8.41 -85.88 66.08
CA GLU H 102 -9.86 -85.95 65.84
C GLU H 102 -10.20 -86.61 64.50
N SER H 103 -9.55 -86.20 63.42
CA SER H 103 -9.78 -86.86 62.13
C SER H 103 -8.48 -87.43 61.62
N MET H 104 -8.09 -88.59 62.15
CA MET H 104 -6.89 -89.31 61.73
C MET H 104 -7.10 -90.82 61.76
N GLN H 105 -8.31 -91.27 61.54
CA GLN H 105 -8.70 -92.63 61.89
C GLN H 105 -8.75 -93.50 60.64
N GLY H 106 -7.96 -94.56 60.63
CA GLY H 106 -7.90 -95.48 59.52
C GLY H 106 -7.37 -94.84 58.27
N VAL H 107 -6.08 -94.51 58.24
CA VAL H 107 -5.51 -93.72 57.17
C VAL H 107 -4.51 -94.52 56.34
N THR H 108 -3.69 -95.38 56.96
CA THR H 108 -2.69 -96.24 56.31
C THR H 108 -1.77 -95.40 55.41
N SER H 109 -1.22 -94.34 55.99
CA SER H 109 0.03 -93.73 55.54
C SER H 109 0.07 -93.12 54.15
N ALA H 110 -1.01 -93.26 53.38
CA ALA H 110 -1.09 -92.78 52.01
C ALA H 110 -2.31 -91.89 51.89
N THR H 111 -3.33 -92.22 52.68
CA THR H 111 -4.42 -91.33 53.02
C THR H 111 -4.13 -90.64 54.36
N ALA H 112 -2.86 -90.35 54.62
CA ALA H 112 -2.47 -89.68 55.84
C ALA H 112 -2.09 -88.23 55.62
N HIS H 113 -1.82 -87.84 54.37
CA HIS H 113 -1.37 -86.49 54.07
C HIS H 113 -2.51 -85.50 54.19
N ASP H 114 -3.63 -85.79 53.54
CA ASP H 114 -4.81 -84.94 53.54
C ASP H 114 -5.57 -84.83 54.86
N PRO H 115 -5.67 -85.86 55.72
CA PRO H 115 -6.23 -85.59 57.05
C PRO H 115 -5.31 -84.81 57.95
N ALA H 116 -4.00 -84.90 57.75
CA ALA H 116 -3.09 -84.15 58.59
C ALA H 116 -3.08 -82.67 58.25
N VAL H 117 -3.45 -82.30 57.03
CA VAL H 117 -3.56 -80.90 56.67
C VAL H 117 -4.97 -80.36 56.93
N ALA H 118 -5.95 -81.25 56.99
CA ALA H 118 -7.32 -80.84 57.29
C ALA H 118 -7.43 -80.46 58.76
N PHE H 119 -6.70 -81.20 59.59
CA PHE H 119 -6.69 -80.99 61.03
C PHE H 119 -5.65 -79.92 61.42
N GLY H 120 -5.00 -79.38 60.40
CA GLY H 120 -3.98 -78.35 60.55
C GLY H 120 -2.73 -78.78 61.27
N SER H 121 -2.53 -80.09 61.42
CA SER H 121 -1.33 -80.60 62.11
C SER H 121 -0.09 -80.44 61.23
N MET H 122 -0.28 -80.44 59.91
CA MET H 122 0.83 -80.35 58.98
C MET H 122 1.14 -78.91 58.59
N GLY H 123 0.13 -78.03 58.59
CA GLY H 123 0.37 -76.62 58.38
C GLY H 123 1.25 -76.01 59.45
N ASN H 124 1.12 -76.48 60.66
CA ASN H 124 1.92 -76.32 61.87
C ASN H 124 3.28 -76.90 61.74
N MET H 125 3.65 -77.46 60.61
CA MET H 125 4.90 -78.18 60.46
C MET H 125 5.61 -77.65 59.24
N PHE H 126 4.83 -77.21 58.25
CA PHE H 126 5.41 -76.54 57.10
C PHE H 126 6.02 -75.20 57.48
N ILE H 127 5.41 -74.51 58.45
CA ILE H 127 5.88 -73.19 58.82
C ILE H 127 7.20 -73.27 59.60
N TRP H 128 7.43 -74.37 60.33
CA TRP H 128 8.70 -74.51 61.03
C TRP H 128 9.81 -75.00 60.12
N ILE H 129 9.50 -75.80 59.10
CA ILE H 129 10.50 -76.13 58.08
C ILE H 129 10.92 -74.88 57.35
N ALA H 130 9.94 -74.10 56.89
CA ALA H 130 10.18 -72.87 56.15
C ALA H 130 11.03 -71.89 56.93
N LEU H 131 10.87 -71.86 58.24
CA LEU H 131 11.73 -71.05 59.09
C LEU H 131 13.17 -71.55 59.07
N PHE H 132 13.37 -72.87 59.15
CA PHE H 132 14.72 -73.40 59.09
C PHE H 132 15.28 -73.34 57.67
N GLU H 133 14.42 -73.42 56.66
CA GLU H 133 14.92 -73.40 55.29
C GLU H 133 15.35 -72.03 54.84
N MET H 134 14.67 -70.96 55.31
CA MET H 134 15.06 -69.60 54.95
C MET H 134 16.44 -69.25 55.49
N VAL H 135 16.87 -69.90 56.56
CA VAL H 135 18.16 -69.60 57.14
C VAL H 135 19.26 -70.51 56.61
N GLY H 136 18.93 -71.74 56.22
CA GLY H 136 19.86 -72.52 55.42
C GLY H 136 20.11 -71.89 54.05
N TRP H 137 19.10 -71.21 53.53
CA TRP H 137 19.14 -70.55 52.22
C TRP H 137 20.17 -69.45 52.18
N ILE H 138 20.49 -68.82 53.31
CA ILE H 138 21.56 -67.84 53.32
C ILE H 138 22.90 -68.44 53.70
N GLY H 139 22.92 -69.50 54.51
CA GLY H 139 24.16 -70.20 54.75
C GLY H 139 24.64 -70.93 53.52
N LEU H 140 23.71 -71.45 52.72
CA LEU H 140 24.04 -72.00 51.43
C LEU H 140 24.52 -70.92 50.46
N SER H 141 24.10 -69.68 50.67
CA SER H 141 24.54 -68.58 49.83
C SER H 141 25.87 -68.00 50.27
N GLN H 142 26.27 -68.18 51.54
CA GLN H 142 27.61 -67.80 51.95
C GLN H 142 28.65 -68.82 51.48
N THR H 143 28.32 -70.11 51.55
CA THR H 143 28.93 -71.11 50.68
C THR H 143 28.68 -70.71 49.23
N LEU H 144 29.62 -71.03 48.35
CA LEU H 144 29.70 -70.62 46.95
C LEU H 144 29.93 -69.12 46.79
N GLN H 145 30.16 -68.41 47.89
CA GLN H 145 30.71 -67.08 47.88
C GLN H 145 32.12 -67.05 48.47
N GLY H 146 32.46 -68.04 49.30
CA GLY H 146 33.80 -68.16 49.82
C GLY H 146 33.90 -68.28 51.32
N SER H 147 32.79 -68.66 51.97
CA SER H 147 32.77 -68.70 53.43
C SER H 147 33.55 -69.87 54.00
N GLY H 148 33.60 -70.98 53.28
CA GLY H 148 34.31 -72.15 53.78
C GLY H 148 33.49 -73.07 54.64
N ARG H 149 32.17 -72.91 54.68
CA ARG H 149 31.31 -73.86 55.37
C ARG H 149 31.24 -75.15 54.55
N GLU H 150 31.40 -76.28 55.23
CA GLU H 150 31.39 -77.57 54.58
C GLU H 150 29.96 -78.00 54.27
N PRO H 151 29.73 -78.66 53.13
CA PRO H 151 28.38 -79.07 52.76
C PRO H 151 27.78 -80.07 53.73
N GLY H 152 26.58 -79.74 54.22
CA GLY H 152 25.89 -80.54 55.21
C GLY H 152 26.13 -80.13 56.65
N ASP H 153 27.12 -79.29 56.91
CA ASP H 153 27.53 -78.96 58.28
C ASP H 153 26.63 -77.87 58.85
N PHE H 154 25.70 -78.27 59.70
CA PHE H 154 25.10 -77.38 60.66
C PHE H 154 25.84 -77.57 61.97
N GLY H 155 25.36 -76.95 63.04
CA GLY H 155 26.05 -77.14 64.31
C GLY H 155 25.44 -78.22 65.18
N TRP H 156 25.12 -79.37 64.57
CA TRP H 156 24.30 -80.39 65.23
C TRP H 156 25.19 -81.53 65.71
N GLY H 157 25.80 -81.32 66.87
CA GLY H 157 26.76 -82.26 67.41
C GLY H 157 26.59 -82.57 68.88
N LYS H 158 25.35 -82.76 69.33
CA LYS H 158 24.98 -82.67 70.75
C LYS H 158 25.75 -83.64 71.64
N GLN H 159 25.99 -84.85 71.17
CA GLN H 159 26.70 -85.84 71.96
C GLN H 159 28.17 -85.89 71.61
N PHE H 160 28.63 -84.96 70.75
CA PHE H 160 30.04 -84.79 70.39
C PHE H 160 30.62 -86.05 69.76
N MET H 161 29.87 -86.64 68.82
CA MET H 161 30.30 -87.88 68.21
C MET H 161 31.41 -87.69 67.19
N GLY H 162 31.75 -86.45 66.84
CA GLY H 162 32.82 -86.20 65.89
C GLY H 162 33.89 -85.26 66.41
N LYS H 163 34.26 -85.41 67.68
CA LYS H 163 35.12 -84.43 68.33
C LYS H 163 36.60 -84.79 68.38
N THR H 164 36.98 -86.06 68.24
CA THR H 164 38.36 -86.42 68.56
C THR H 164 39.27 -86.63 67.35
N GLN H 165 38.90 -87.48 66.39
CA GLN H 165 39.88 -87.93 65.40
C GLN H 165 39.53 -87.45 64.00
N ALA H 166 40.49 -87.61 63.10
CA ALA H 166 40.29 -87.27 61.68
C ALA H 166 39.85 -88.48 60.86
N GLU H 167 38.89 -89.22 61.40
CA GLU H 167 38.20 -90.29 60.69
C GLU H 167 36.76 -89.91 60.41
N ILE H 168 36.50 -88.61 60.36
CA ILE H 168 35.16 -88.09 60.09
C ILE H 168 34.73 -88.45 58.68
N ASP H 169 35.70 -88.59 57.76
CA ASP H 169 35.40 -88.98 56.39
C ASP H 169 34.78 -90.37 56.30
N THR H 170 35.12 -91.27 57.23
CA THR H 170 34.41 -92.54 57.31
C THR H 170 33.01 -92.32 57.87
N MET H 171 32.88 -91.43 58.85
CA MET H 171 31.58 -91.12 59.43
C MET H 171 30.70 -90.36 58.43
N LYS H 172 31.31 -89.47 57.64
CA LYS H 172 30.58 -88.81 56.56
C LYS H 172 30.21 -89.79 55.46
N LEU H 173 31.03 -90.82 55.24
CA LEU H 173 30.69 -91.83 54.24
C LEU H 173 29.51 -92.67 54.67
N LYS H 174 29.35 -92.88 55.97
CA LYS H 174 28.21 -93.65 56.45
C LYS H 174 26.92 -92.85 56.35
N GLU H 175 27.00 -91.53 56.42
CA GLU H 175 25.79 -90.72 56.31
C GLU H 175 25.27 -90.69 54.88
N LEU H 176 26.18 -90.58 53.90
CA LEU H 176 25.76 -90.61 52.50
C LEU H 176 25.18 -91.96 52.13
N THR H 177 25.96 -93.02 52.36
CA THR H 177 25.61 -94.34 51.84
C THR H 177 24.35 -94.88 52.51
N ASN H 178 24.09 -94.51 53.76
CA ASN H 178 22.80 -94.81 54.35
C ASN H 178 21.72 -93.92 53.78
N GLY H 179 22.05 -92.64 53.55
CA GLY H 179 21.12 -91.75 52.89
C GLY H 179 20.88 -92.13 51.45
N ARG H 180 21.85 -92.78 50.81
CA ARG H 180 21.62 -93.23 49.45
C ARG H 180 20.70 -94.44 49.40
N ALA H 181 20.76 -95.31 50.40
CA ALA H 181 19.82 -96.43 50.42
C ALA H 181 18.42 -95.96 50.72
N ALA H 182 18.27 -94.98 51.62
CA ALA H 182 16.95 -94.53 52.03
C ALA H 182 16.26 -93.69 50.97
N MET H 183 17.01 -93.09 50.04
CA MET H 183 16.36 -92.44 48.91
C MET H 183 15.74 -93.48 47.99
N LEU H 184 16.46 -94.55 47.69
CA LEU H 184 15.93 -95.60 46.85
C LEU H 184 14.96 -96.50 47.60
N ALA H 185 15.07 -96.59 48.92
CA ALA H 185 14.10 -97.36 49.69
C ALA H 185 12.74 -96.70 49.66
N PHE H 186 12.67 -95.44 50.09
CA PHE H 186 11.42 -94.71 50.17
C PHE H 186 10.76 -94.54 48.80
N ALA H 187 11.57 -94.40 47.75
CA ALA H 187 11.04 -94.31 46.40
C ALA H 187 10.32 -95.58 46.00
N GLY H 188 10.82 -96.74 46.42
CA GLY H 188 10.16 -97.97 46.07
C GLY H 188 8.95 -98.28 46.91
N VAL H 189 8.96 -97.85 48.16
CA VAL H 189 7.90 -98.21 49.07
C VAL H 189 6.62 -97.46 48.74
N VAL H 190 6.72 -96.17 48.43
CA VAL H 190 5.56 -95.36 48.09
C VAL H 190 4.96 -95.81 46.77
N THR H 191 5.81 -96.20 45.82
CA THR H 191 5.32 -96.62 44.52
C THR H 191 4.58 -97.96 44.64
N GLN H 192 5.13 -98.91 45.40
CA GLN H 192 4.47 -100.20 45.57
C GLN H 192 3.16 -100.10 46.32
N SER H 193 3.04 -99.13 47.21
CA SER H 193 1.86 -99.05 48.07
C SER H 193 0.65 -98.53 47.33
N VAL H 194 0.84 -97.60 46.40
CA VAL H 194 -0.30 -97.02 45.71
C VAL H 194 -0.68 -97.84 44.49
N LEU H 195 0.29 -98.54 43.88
CA LEU H 195 -0.05 -99.47 42.82
C LEU H 195 -0.84 -100.66 43.34
N TYR H 196 -0.47 -101.18 44.50
CA TYR H 196 -0.96 -102.47 44.95
C TYR H 196 -1.90 -102.41 46.14
N ASP H 197 -2.01 -101.25 46.82
CA ASP H 197 -3.00 -100.99 47.88
C ASP H 197 -2.85 -101.97 49.04
N LYS H 198 -1.66 -101.99 49.64
CA LYS H 198 -1.40 -102.91 50.74
C LYS H 198 -0.55 -102.20 51.80
N GLY H 199 -0.11 -102.96 52.79
CA GLY H 199 0.73 -102.47 53.86
C GLY H 199 2.21 -102.62 53.54
N PHE H 200 3.05 -102.51 54.58
CA PHE H 200 4.47 -102.39 54.27
C PHE H 200 5.21 -103.72 54.01
N PRO H 201 5.05 -104.81 54.76
CA PRO H 201 5.66 -106.06 54.29
C PRO H 201 4.84 -106.88 53.32
N TYR H 202 3.67 -106.39 52.90
CA TYR H 202 2.84 -106.99 51.83
C TYR H 202 2.44 -108.46 52.05
N TRP I 34 13.10 56.24 44.27
CA TRP I 34 12.26 55.12 43.85
C TRP I 34 11.71 55.35 42.46
N LYS I 35 11.42 56.61 42.15
CA LYS I 35 10.88 56.98 40.85
C LYS I 35 11.85 56.66 39.73
N ASP I 36 13.14 56.88 39.98
CA ASP I 36 14.17 56.63 38.98
C ASP I 36 14.70 55.20 38.94
N GLU I 37 14.23 54.34 39.83
CA GLU I 37 14.74 52.96 39.80
C GLU I 37 13.61 52.01 39.40
N ASN I 38 12.37 52.50 39.49
CA ASN I 38 11.21 51.71 39.12
C ASN I 38 10.59 52.31 37.87
N ILE I 39 11.28 52.17 36.73
CA ILE I 39 10.80 52.72 35.47
C ILE I 39 9.53 52.07 34.91
N ILE I 40 9.11 50.94 35.45
CA ILE I 40 7.91 50.28 34.95
C ILE I 40 6.68 51.14 35.21
N GLY I 41 5.92 51.44 34.15
CA GLY I 41 4.74 52.26 34.27
C GLY I 41 4.90 53.61 33.62
N ILE I 42 6.13 54.00 33.31
CA ILE I 42 6.37 55.29 32.66
C ILE I 42 6.31 55.15 31.15
N THR I 43 5.26 55.72 30.56
CA THR I 43 4.97 55.67 29.12
C THR I 43 4.83 57.04 28.46
N ALA I 44 4.72 57.02 27.13
CA ALA I 44 4.65 58.21 26.28
C ALA I 44 3.51 59.23 26.46
N PRO I 45 2.28 58.77 26.75
CA PRO I 45 1.21 59.77 26.89
C PRO I 45 1.49 60.76 28.02
N MET I 46 1.94 60.27 29.17
CA MET I 46 2.34 61.12 30.28
C MET I 46 3.49 60.52 31.06
N GLY I 47 4.71 60.72 30.55
CA GLY I 47 5.89 60.19 31.22
C GLY I 47 5.83 60.55 32.69
N PHE I 48 5.70 59.54 33.53
CA PHE I 48 5.60 59.71 34.98
C PHE I 48 4.50 60.71 35.36
N PHE I 49 3.26 60.31 35.13
CA PHE I 49 2.11 61.14 35.45
C PHE I 49 1.79 61.08 36.93
N ASP I 50 2.18 62.12 37.66
CA ASP I 50 1.92 62.16 39.09
C ASP I 50 1.53 63.54 39.62
N PRO I 51 0.36 64.04 39.19
CA PRO I 51 -0.13 65.33 39.67
C PRO I 51 -0.68 65.19 41.09
N LEU I 52 -0.69 66.28 41.84
CA LEU I 52 -1.17 66.29 43.22
C LEU I 52 -0.10 65.85 44.22
N GLY I 53 1.04 65.38 43.74
CA GLY I 53 2.17 65.03 44.58
C GLY I 53 1.90 63.93 45.59
N LEU I 54 1.12 62.92 45.20
CA LEU I 54 0.92 61.74 46.04
C LEU I 54 2.19 60.92 46.21
N SER I 55 3.20 61.17 45.38
CA SER I 55 4.43 60.40 45.32
C SER I 55 5.64 61.17 45.80
N SER I 56 5.46 62.43 46.20
CA SER I 56 6.59 63.36 46.37
C SER I 56 7.20 63.18 47.76
N GLY I 57 8.45 62.73 47.79
CA GLY I 57 9.21 62.64 49.03
C GLY I 57 8.69 61.60 49.99
N LYS I 58 8.61 60.36 49.53
CA LYS I 58 8.13 59.25 50.36
C LYS I 58 9.15 58.13 50.48
N SER I 59 9.14 57.44 51.61
CA SER I 59 10.05 56.34 51.84
C SER I 59 9.76 55.21 50.87
N ASP I 60 10.73 54.29 50.74
CA ASP I 60 10.57 53.17 49.82
C ASP I 60 9.41 52.27 50.24
N GLU I 61 9.31 51.98 51.54
CA GLU I 61 8.33 51.02 52.06
C GLU I 61 6.90 51.48 51.79
N VAL I 62 6.64 52.78 51.88
CA VAL I 62 5.28 53.23 51.55
C VAL I 62 5.10 53.32 50.04
N MET I 63 6.20 53.53 49.32
CA MET I 63 6.16 53.58 47.86
C MET I 63 5.93 52.17 47.32
N ASN I 64 6.70 51.20 47.82
CA ASN I 64 6.53 49.82 47.40
C ASN I 64 5.13 49.32 47.69
N LEU I 65 4.47 49.84 48.72
CA LEU I 65 3.08 49.53 48.97
C LEU I 65 2.19 50.02 47.85
N TYR I 66 2.47 51.23 47.36
CA TYR I 66 1.66 51.84 46.31
C TYR I 66 1.65 51.04 45.02
N ARG I 67 2.86 50.61 44.60
CA ARG I 67 3.03 49.79 43.36
C ARG I 67 2.37 48.42 43.51
N GLU I 68 2.56 47.76 44.66
CA GLU I 68 1.94 46.46 44.93
C GLU I 68 0.42 46.59 45.08
N ALA I 69 -0.08 47.75 45.50
CA ALA I 69 -1.52 47.97 45.51
C ALA I 69 -2.04 48.18 44.11
N GLU I 70 -1.38 49.02 43.34
CA GLU I 70 -1.77 49.33 41.97
C GLU I 70 -1.80 48.09 41.07
N LEU I 71 -0.81 47.22 41.23
CA LEU I 71 -0.73 46.01 40.42
C LEU I 71 -1.82 45.03 40.81
N LYS I 72 -2.18 45.01 42.09
CA LYS I 72 -3.22 44.12 42.57
C LYS I 72 -4.59 44.59 42.10
N HIS I 73 -4.79 45.90 42.10
CA HIS I 73 -6.06 46.47 41.66
C HIS I 73 -6.27 46.23 40.17
N GLY I 74 -5.19 46.35 39.40
CA GLY I 74 -5.27 46.14 37.97
C GLY I 74 -5.55 44.70 37.60
N ARG I 75 -4.90 43.77 38.29
CA ARG I 75 -5.08 42.36 38.03
C ARG I 75 -6.51 41.91 38.33
N VAL I 76 -7.07 42.36 39.45
CA VAL I 76 -8.43 42.02 39.80
C VAL I 76 -9.40 42.64 38.82
N ALA I 77 -9.15 43.89 38.42
CA ALA I 77 -10.05 44.56 37.50
C ALA I 77 -9.99 43.96 36.10
N MET I 78 -8.83 43.47 35.70
CA MET I 78 -8.71 42.86 34.39
C MET I 78 -9.48 41.54 34.42
N ALA I 79 -9.40 40.81 35.53
CA ALA I 79 -10.13 39.55 35.63
C ALA I 79 -11.60 39.78 35.86
N ALA I 80 -11.98 40.91 36.46
CA ALA I 80 -13.40 41.20 36.64
C ALA I 80 -14.04 41.59 35.32
N CYS I 81 -13.35 42.40 34.53
CA CYS I 81 -13.88 42.81 33.25
C CYS I 81 -14.18 41.58 32.41
N LEU I 82 -13.19 40.70 32.28
CA LEU I 82 -13.36 39.47 31.49
C LEU I 82 -14.46 38.57 32.02
N GLY I 83 -14.60 38.49 33.34
CA GLY I 83 -15.62 37.66 33.96
C GLY I 83 -17.01 38.26 33.86
N TRP I 84 -17.07 39.57 33.67
CA TRP I 84 -18.35 40.27 33.55
C TRP I 84 -18.87 40.22 32.12
N TYR I 85 -17.98 40.27 31.14
CA TYR I 85 -18.38 40.23 29.73
C TYR I 85 -18.87 38.85 29.32
N ILE I 86 -18.23 37.80 29.82
CA ILE I 86 -18.61 36.44 29.48
C ILE I 86 -19.97 36.06 30.08
N THR I 87 -20.29 36.57 31.27
CA THR I 87 -21.56 36.27 31.91
C THR I 87 -22.64 37.12 31.26
N ALA I 88 -22.23 38.27 30.73
CA ALA I 88 -23.14 39.18 30.06
C ALA I 88 -23.50 38.69 28.67
N ALA I 89 -22.51 38.13 27.97
CA ALA I 89 -22.70 37.74 26.57
C ALA I 89 -23.59 36.52 26.43
N GLY I 90 -23.83 35.79 27.50
CA GLY I 90 -24.76 34.70 27.45
C GLY I 90 -24.23 33.41 28.02
N VAL I 91 -22.93 33.18 27.94
CA VAL I 91 -22.37 31.87 28.28
C VAL I 91 -22.09 31.89 29.78
N HIS I 92 -23.06 31.37 30.52
CA HIS I 92 -22.95 31.25 31.98
C HIS I 92 -23.24 29.80 32.38
N PRO I 93 -22.28 28.88 32.21
CA PRO I 93 -22.40 27.40 32.27
C PRO I 93 -22.85 26.40 33.40
N ALA I 94 -22.50 26.54 34.68
CA ALA I 94 -22.82 25.48 35.69
C ALA I 94 -24.24 24.98 36.12
N PHE I 95 -25.18 25.89 36.33
CA PHE I 95 -26.54 25.68 36.82
C PHE I 95 -27.60 26.45 36.04
N ASN I 96 -27.16 27.26 35.08
CA ASN I 96 -28.03 28.08 34.25
C ASN I 96 -28.96 28.97 35.09
N SER I 97 -28.40 30.02 35.69
CA SER I 97 -29.14 30.88 36.60
C SER I 97 -29.44 32.26 36.04
N ALA I 98 -28.42 33.06 35.68
CA ALA I 98 -28.67 34.50 35.48
C ALA I 98 -27.79 35.09 34.39
N LEU I 99 -28.36 36.05 33.67
CA LEU I 99 -27.67 36.77 32.61
C LEU I 99 -27.05 38.07 33.10
N SER I 100 -27.84 38.97 33.64
CA SER I 100 -27.30 40.15 34.32
C SER I 100 -26.55 39.67 35.55
N SER I 101 -25.32 40.14 35.72
CA SER I 101 -24.42 39.50 36.68
C SER I 101 -24.21 40.30 37.95
N ASP I 102 -24.85 41.44 38.10
CA ASP I 102 -25.09 41.99 39.43
C ASP I 102 -26.22 41.28 40.18
N PRO I 103 -27.32 40.82 39.54
CA PRO I 103 -28.19 39.87 40.26
C PRO I 103 -27.51 38.59 40.64
N LEU I 104 -26.77 37.97 39.70
CA LEU I 104 -26.21 36.62 39.84
C LEU I 104 -25.37 36.46 41.10
N GLU I 105 -24.70 37.52 41.53
CA GLU I 105 -23.70 37.41 42.58
C GLU I 105 -24.17 37.90 43.95
N ALA I 106 -24.99 38.93 44.03
CA ALA I 106 -25.00 39.80 45.19
C ALA I 106 -26.36 39.88 45.84
N ALA I 107 -27.41 39.67 45.06
CA ALA I 107 -28.70 39.31 45.61
C ALA I 107 -28.91 37.80 45.60
N LYS I 108 -28.40 37.11 44.59
CA LYS I 108 -28.87 35.76 44.30
C LYS I 108 -27.98 34.65 44.83
N GLN I 109 -26.68 34.69 44.56
CA GLN I 109 -25.79 33.64 45.01
C GLN I 109 -25.71 33.62 46.53
N LEU I 110 -25.71 32.42 47.12
CA LEU I 110 -26.00 32.29 48.54
C LEU I 110 -24.86 32.81 49.38
N PRO I 111 -25.14 33.56 50.46
CA PRO I 111 -24.05 34.15 51.24
C PRO I 111 -23.27 33.16 52.09
N THR I 112 -23.86 32.03 52.50
CA THR I 112 -23.30 31.31 53.65
C THR I 112 -22.08 30.47 53.28
N VAL I 113 -22.05 29.96 52.05
CA VAL I 113 -20.99 29.03 51.65
C VAL I 113 -20.34 29.55 50.38
N GLY I 114 -21.16 29.86 49.38
CA GLY I 114 -20.70 30.19 48.05
C GLY I 114 -19.85 31.44 47.91
N TRP I 115 -19.83 32.24 48.97
CA TRP I 115 -19.05 33.45 49.05
C TRP I 115 -17.97 33.27 50.12
N LEU I 116 -18.30 32.47 51.14
CA LEU I 116 -17.36 32.20 52.21
C LEU I 116 -16.11 31.52 51.68
N GLN I 117 -16.29 30.48 50.87
CA GLN I 117 -15.18 29.67 50.41
C GLN I 117 -14.26 30.45 49.48
N PHE I 118 -14.87 31.17 48.54
CA PHE I 118 -14.15 31.98 47.57
C PHE I 118 -13.20 32.96 48.25
N VAL I 119 -13.73 33.66 49.25
CA VAL I 119 -12.93 34.63 49.99
C VAL I 119 -11.86 33.93 50.83
N LEU I 120 -12.16 32.69 51.22
CA LEU I 120 -11.21 31.89 51.96
C LEU I 120 -10.08 31.44 51.03
N GLY I 121 -10.45 31.07 49.81
CA GLY I 121 -9.49 30.63 48.81
C GLY I 121 -8.59 31.74 48.32
N CYS I 122 -9.12 32.95 48.24
CA CYS I 122 -8.25 34.10 47.97
C CYS I 122 -7.43 34.46 49.19
N GLY I 123 -7.89 34.09 50.39
CA GLY I 123 -7.12 34.38 51.58
C GLY I 123 -5.88 33.53 51.71
N ALA I 124 -5.94 32.29 51.25
CA ALA I 124 -4.75 31.44 51.27
C ALA I 124 -3.73 31.89 50.26
N ILE I 125 -4.18 32.48 49.15
CA ILE I 125 -3.25 33.03 48.17
C ILE I 125 -2.55 34.27 48.73
N GLU I 126 -3.29 35.07 49.50
CA GLU I 126 -2.67 36.23 50.15
C GLU I 126 -1.67 35.82 51.21
N TRP I 127 -2.00 34.79 51.97
CA TRP I 127 -1.09 34.29 52.99
C TRP I 127 0.17 33.79 52.31
N LEU I 128 0.00 33.02 51.25
CA LEU I 128 1.12 32.50 50.49
C LEU I 128 1.99 33.64 49.98
N ALA I 129 1.37 34.73 49.56
CA ALA I 129 2.10 35.89 49.05
C ALA I 129 2.80 36.68 50.13
N GLN I 130 2.43 36.51 51.39
CA GLN I 130 3.17 37.16 52.46
C GLN I 130 4.48 36.45 52.72
N GLN I 131 4.47 35.12 52.62
CA GLN I 131 5.71 34.36 52.58
C GLN I 131 6.55 34.73 51.37
N ILE I 132 5.89 35.14 50.29
CA ILE I 132 6.61 35.55 49.09
C ILE I 132 7.31 36.88 49.31
N LYS I 133 6.64 37.79 50.00
CA LYS I 133 7.16 39.13 50.24
C LYS I 133 8.30 39.26 51.27
N ALA I 134 8.46 38.27 52.13
CA ALA I 134 9.48 38.36 53.18
C ALA I 134 10.73 37.55 52.85
N ARG I 135 11.18 37.72 51.61
CA ARG I 135 12.37 37.04 51.10
C ARG I 135 13.31 38.07 50.52
N PRO I 136 14.58 37.70 50.29
CA PRO I 136 15.48 38.73 49.76
C PRO I 136 15.33 38.93 48.26
N GLY I 137 15.63 40.15 47.82
CA GLY I 137 15.67 40.50 46.42
C GLY I 137 14.33 40.50 45.74
N TYR I 138 13.32 40.99 46.47
CA TYR I 138 11.92 40.99 46.00
C TYR I 138 11.41 42.32 45.48
N GLN I 139 10.74 42.25 44.33
CA GLN I 139 10.12 43.38 43.66
C GLN I 139 8.78 43.66 44.31
N PRO I 140 8.22 44.86 44.09
CA PRO I 140 6.94 45.20 44.70
C PRO I 140 5.81 44.26 44.30
N GLY I 141 5.72 43.90 43.02
CA GLY I 141 4.67 42.99 42.58
C GLY I 141 5.16 41.84 41.72
N ASP I 142 5.86 40.91 42.32
CA ASP I 142 6.39 39.75 41.59
C ASP I 142 6.10 38.44 42.31
N ILE I 143 4.85 38.01 42.29
CA ILE I 143 4.45 36.77 42.94
C ILE I 143 5.13 35.53 42.36
N LEU I 144 5.24 35.47 41.04
CA LEU I 144 5.86 34.35 40.37
C LEU I 144 7.37 34.28 40.59
N GLY I 145 7.99 35.38 41.02
CA GLY I 145 9.40 35.38 41.23
C GLY I 145 10.18 35.36 39.94
N ALA I 146 9.76 36.14 38.96
CA ALA I 146 10.41 36.17 37.67
C ALA I 146 11.75 36.87 37.70
N ALA I 147 12.01 37.63 38.75
CA ALA I 147 13.27 38.35 38.91
C ALA I 147 14.43 37.38 39.06
N TYR I 148 14.13 36.09 39.06
CA TYR I 148 15.16 35.06 39.19
C TYR I 148 15.72 34.69 37.82
N TRP I 149 15.07 35.16 36.77
CA TRP I 149 15.49 34.87 35.41
C TRP I 149 15.70 36.14 34.59
N VAL I 150 15.17 37.27 35.06
CA VAL I 150 15.31 38.53 34.34
C VAL I 150 15.53 39.70 35.31
N ASP I 151 16.53 40.52 35.00
CA ASP I 151 16.89 41.65 35.85
C ASP I 151 16.22 42.98 35.49
N ASN I 152 15.16 42.94 34.71
CA ASN I 152 14.44 44.17 34.34
C ASN I 152 15.18 45.11 33.38
N SER I 153 16.28 44.64 32.78
CA SER I 153 17.03 45.49 31.84
C SER I 153 16.92 45.03 30.39
N ASP I 154 16.07 44.02 30.21
CA ASP I 154 15.78 43.50 28.90
C ASP I 154 14.53 44.33 28.67
N GLU I 155 14.56 45.14 27.64
CA GLU I 155 13.45 46.01 27.34
C GLU I 155 12.20 45.19 27.04
N GLY I 156 12.40 44.01 26.47
CA GLY I 156 11.28 43.22 26.05
C GLY I 156 10.56 42.91 27.35
N TRP I 157 11.32 42.63 28.42
CA TRP I 157 10.68 42.38 29.70
C TRP I 157 10.01 43.64 30.22
N VAL I 158 10.73 44.76 30.11
CA VAL I 158 10.19 46.04 30.56
C VAL I 158 8.99 46.42 29.72
N ASP I 159 9.09 46.18 28.42
CA ASP I 159 8.02 46.50 27.49
C ASP I 159 6.78 45.66 27.73
N TYR I 160 6.95 44.37 27.94
CA TYR I 160 5.80 43.49 28.17
C TYR I 160 5.10 43.81 29.48
N GLN I 161 5.89 44.20 30.48
CA GLN I 161 5.36 44.56 31.80
C GLN I 161 4.49 45.80 31.67
N ASN I 162 4.89 46.72 30.80
CA ASN I 162 4.10 47.92 30.55
C ASN I 162 2.75 47.57 29.95
N LYS I 163 2.73 46.51 29.14
CA LYS I 163 1.49 46.07 28.53
C LYS I 163 0.52 45.60 29.61
N GLU I 164 1.01 44.88 30.61
CA GLU I 164 0.14 44.40 31.67
C GLU I 164 -0.42 45.56 32.47
N ILE I 165 0.45 46.52 32.78
CA ILE I 165 0.04 47.51 33.74
C ILE I 165 -0.76 48.62 33.07
N ASN I 166 -0.51 48.87 31.80
CA ASN I 166 -1.28 49.89 31.09
C ASN I 166 -2.69 49.33 30.92
N ASN I 167 -2.79 48.04 30.62
CA ASN I 167 -4.08 47.39 30.46
C ASN I 167 -4.78 47.36 31.81
N GLY I 168 -4.04 47.00 32.86
CA GLY I 168 -4.60 47.01 34.19
C GLY I 168 -5.21 48.34 34.56
N ARG I 169 -4.61 49.43 34.08
CA ARG I 169 -5.12 50.76 34.38
C ARG I 169 -6.40 51.04 33.61
N LEU I 170 -6.45 50.61 32.36
CA LEU I 170 -7.64 50.81 31.54
C LEU I 170 -8.79 49.95 32.06
N ALA I 171 -8.45 48.87 32.76
CA ALA I 171 -9.46 47.96 33.30
C ALA I 171 -10.08 48.47 34.59
N MET I 172 -9.32 49.22 35.37
CA MET I 172 -9.83 49.75 36.62
C MET I 172 -10.92 50.78 36.38
N VAL I 173 -10.68 51.66 35.41
CA VAL I 173 -11.66 52.66 35.03
C VAL I 173 -12.84 51.99 34.34
N ALA I 174 -12.58 50.96 33.54
CA ALA I 174 -13.64 50.32 32.78
C ALA I 174 -14.55 49.48 33.65
N PHE I 175 -14.04 48.93 34.75
CA PHE I 175 -14.95 48.20 35.62
C PHE I 175 -15.83 49.16 36.39
N MET I 176 -15.29 50.32 36.73
CA MET I 176 -16.04 51.32 37.45
C MET I 176 -17.11 51.88 36.52
N GLY I 177 -16.80 51.95 35.23
CA GLY I 177 -17.76 52.47 34.27
C GLY I 177 -18.94 51.55 34.05
N ILE I 178 -18.68 50.24 34.06
CA ILE I 178 -19.76 49.28 33.83
C ILE I 178 -20.50 48.95 35.12
N PHE I 179 -19.89 49.22 36.28
CA PHE I 179 -20.57 48.97 37.55
C PHE I 179 -21.59 50.06 37.87
N VAL I 180 -21.20 51.31 37.65
CA VAL I 180 -22.12 52.45 37.81
C VAL I 180 -23.24 52.38 36.79
N GLN I 181 -22.93 51.85 35.62
CA GLN I 181 -23.90 51.70 34.56
C GLN I 181 -25.04 50.76 34.95
N ASP I 182 -24.73 49.74 35.74
CA ASP I 182 -25.74 48.78 36.17
C ASP I 182 -26.31 49.12 37.54
N LEU I 183 -25.51 49.72 38.43
CA LEU I 183 -26.03 50.11 39.73
C LEU I 183 -27.10 51.18 39.60
N TYR I 184 -26.99 52.02 38.59
CA TYR I 184 -27.92 53.12 38.43
C TYR I 184 -28.99 52.79 37.39
N PHE I 185 -28.56 52.41 36.20
CA PHE I 185 -29.49 52.07 35.13
C PHE I 185 -29.84 50.60 35.19
N GLY I 186 -30.42 50.09 34.10
CA GLY I 186 -30.77 48.69 34.01
C GLY I 186 -29.88 47.99 33.01
N ASN I 187 -29.32 48.78 32.09
CA ASN I 187 -28.43 48.26 31.06
C ASN I 187 -27.09 47.85 31.64
N TYR I 188 -26.67 46.62 31.34
CA TYR I 188 -25.41 46.11 31.86
C TYR I 188 -24.45 45.69 30.75
N GLY I 189 -24.87 45.80 29.49
CA GLY I 189 -24.00 45.44 28.40
C GLY I 189 -23.39 46.64 27.71
N ASP I 190 -23.10 46.48 26.43
CA ASP I 190 -22.45 47.54 25.67
C ASP I 190 -23.44 48.66 25.38
N GLN I 191 -23.07 49.88 25.75
CA GLN I 191 -23.82 51.08 25.43
C GLN I 191 -23.17 51.86 24.28
N ILE I 192 -21.91 51.58 23.98
CA ILE I 192 -21.19 52.33 22.96
C ILE I 192 -21.42 51.76 21.57
N PHE I 193 -21.13 50.47 21.38
CA PHE I 193 -21.24 49.88 20.04
C PHE I 193 -22.54 49.15 19.82
N ARG I 194 -23.07 48.50 20.84
CA ARG I 194 -24.32 47.77 20.71
C ARG I 194 -25.48 48.62 21.23
N GLY J 33 41.14 -89.80 7.55
CA GLY J 33 41.07 -90.17 6.15
C GLY J 33 41.64 -91.53 5.88
N SER J 34 41.10 -92.19 4.84
CA SER J 34 41.44 -93.56 4.46
C SER J 34 41.22 -94.51 5.64
N VAL J 35 39.93 -94.69 5.96
CA VAL J 35 39.40 -95.51 7.06
C VAL J 35 40.00 -96.92 7.12
N PHE J 36 40.51 -97.42 5.99
CA PHE J 36 40.93 -98.80 5.88
C PHE J 36 42.25 -99.07 6.59
N ASP J 37 43.16 -98.11 6.65
CA ASP J 37 44.34 -98.30 7.49
C ASP J 37 44.23 -97.54 8.81
N ASN J 38 43.01 -97.24 9.20
CA ASN J 38 42.69 -96.57 10.45
C ASN J 38 41.88 -97.52 11.34
N TYR J 39 41.28 -98.54 10.73
CA TYR J 39 40.46 -99.52 11.45
C TYR J 39 40.67 -100.93 10.90
N VAL J 40 39.74 -101.83 11.19
CA VAL J 40 39.83 -103.22 10.71
C VAL J 40 38.49 -103.71 10.15
N GLY J 41 38.52 -104.82 9.43
CA GLY J 41 37.31 -105.38 8.86
C GLY J 41 37.14 -105.18 7.37
N ALA J 42 38.22 -104.88 6.66
CA ALA J 42 38.15 -104.74 5.21
C ALA J 42 38.38 -106.08 4.51
N LYS J 43 37.60 -107.07 4.90
CA LYS J 43 37.81 -108.45 4.47
C LYS J 43 36.49 -109.07 4.06
N ASP J 44 36.53 -109.90 3.02
CA ASP J 44 35.35 -110.64 2.58
C ASP J 44 35.19 -111.92 3.41
N PHE J 45 34.41 -112.87 2.90
CA PHE J 45 34.28 -114.17 3.55
C PHE J 45 35.62 -114.89 3.68
N ARG J 46 36.55 -114.69 2.75
CA ARG J 46 37.87 -115.31 2.89
C ARG J 46 38.68 -114.62 3.97
N GLY J 47 39.01 -113.36 3.77
CA GLY J 47 39.96 -112.69 4.62
C GLY J 47 40.96 -111.94 3.77
N ALA J 48 40.75 -111.98 2.46
CA ALA J 48 41.48 -111.13 1.55
C ALA J 48 40.93 -109.72 1.61
N GLN J 49 41.75 -108.74 1.23
CA GLN J 49 41.35 -107.34 1.35
C GLN J 49 40.23 -107.02 0.38
N PHE J 50 39.20 -106.38 0.89
CA PHE J 50 37.97 -106.17 0.15
C PHE J 50 37.68 -104.71 -0.13
N LYS J 51 38.00 -103.85 0.85
CA LYS J 51 37.83 -102.41 0.73
C LYS J 51 36.45 -102.05 0.19
N PHE J 52 35.45 -102.23 1.05
CA PHE J 52 34.02 -101.97 0.69
C PHE J 52 33.59 -100.55 1.01
N ASP J 53 33.98 -99.57 0.18
CA ASP J 53 33.52 -98.16 0.36
C ASP J 53 33.13 -97.61 -1.02
N PRO J 54 32.07 -98.13 -1.66
CA PRO J 54 31.64 -97.68 -3.00
C PRO J 54 31.16 -96.23 -3.13
N LEU J 55 30.41 -95.75 -2.13
CA LEU J 55 29.81 -94.38 -2.16
C LEU J 55 30.78 -93.35 -1.55
N LYS J 56 32.02 -93.75 -1.25
CA LYS J 56 32.92 -92.81 -0.56
C LYS J 56 32.33 -92.05 0.61
N LEU J 57 31.68 -92.78 1.50
CA LEU J 57 31.06 -92.21 2.70
C LEU J 57 32.11 -91.76 3.70
N SER J 58 33.14 -92.56 3.92
CA SER J 58 34.15 -92.24 4.90
C SER J 58 35.10 -91.15 4.44
N GLU J 59 35.04 -90.76 3.17
CA GLU J 59 35.82 -89.63 2.70
C GLU J 59 35.00 -88.35 2.71
N THR J 60 33.70 -88.45 2.42
CA THR J 60 32.85 -87.26 2.47
C THR J 60 32.37 -86.96 3.88
N TYR J 61 32.39 -87.95 4.76
CA TYR J 61 31.96 -87.76 6.15
C TYR J 61 33.07 -88.30 7.03
N GLU J 62 34.26 -87.73 6.84
CA GLU J 62 35.46 -88.14 7.57
C GLU J 62 35.46 -87.93 9.09
N PRO J 63 34.86 -86.88 9.69
CA PRO J 63 34.80 -86.86 11.15
C PRO J 63 33.82 -87.84 11.76
N PHE J 64 33.00 -88.51 10.97
CA PHE J 64 32.01 -89.43 11.51
C PHE J 64 32.49 -90.87 11.47
N GLN J 65 33.79 -91.11 11.26
CA GLN J 65 34.29 -92.47 11.07
C GLN J 65 34.21 -93.28 12.36
N GLY J 66 34.44 -92.63 13.50
CA GLY J 66 34.29 -93.34 14.76
C GLY J 66 32.84 -93.68 15.07
N TRP J 67 31.94 -92.79 14.67
CA TRP J 67 30.52 -93.01 14.89
C TRP J 67 30.03 -94.13 13.97
N PHE J 68 30.60 -94.21 12.77
CA PHE J 68 30.20 -95.22 11.81
C PHE J 68 30.56 -96.61 12.34
N ARG J 69 31.75 -96.72 12.93
CA ARG J 69 32.20 -97.99 13.47
C ARG J 69 31.37 -98.34 14.71
N GLU J 70 31.11 -97.34 15.53
CA GLU J 70 30.32 -97.54 16.74
C GLU J 70 28.93 -98.06 16.40
N SER J 71 28.30 -97.46 15.41
CA SER J 71 26.96 -97.88 15.01
C SER J 71 26.97 -99.29 14.45
N GLU J 72 27.94 -99.59 13.58
CA GLU J 72 28.01 -100.91 12.95
C GLU J 72 28.25 -102.01 13.97
N LEU J 73 29.06 -101.71 14.97
CA LEU J 73 29.31 -102.66 16.03
C LEU J 73 28.03 -102.82 16.87
N ARG J 74 27.27 -101.75 16.98
CA ARG J 74 26.02 -101.77 17.74
C ARG J 74 24.95 -102.59 17.03
N HIS J 75 24.79 -102.33 15.74
CA HIS J 75 23.81 -103.03 14.91
C HIS J 75 24.15 -104.50 14.81
N GLY J 76 25.44 -104.81 14.73
CA GLY J 76 25.87 -106.19 14.60
C GLY J 76 25.54 -107.01 15.83
N ARG J 77 25.86 -106.45 17.00
CA ARG J 77 25.58 -107.12 18.27
C ARG J 77 24.08 -107.30 18.44
N THR J 78 23.31 -106.26 18.17
CA THR J 78 21.87 -106.36 18.25
C THR J 78 21.36 -107.47 17.35
N ALA J 79 21.93 -107.58 16.15
CA ALA J 79 21.49 -108.62 15.21
C ALA J 79 21.89 -110.00 15.68
N MET J 80 23.12 -110.17 16.18
CA MET J 80 23.60 -111.50 16.57
C MET J 80 22.79 -112.08 17.72
N LEU J 81 22.36 -111.24 18.66
CA LEU J 81 21.44 -111.70 19.69
C LEU J 81 20.06 -111.95 19.12
N ALA J 82 19.59 -111.04 18.27
CA ALA J 82 18.23 -111.13 17.78
C ALA J 82 18.04 -112.21 16.75
N VAL J 83 19.12 -112.65 16.09
CA VAL J 83 19.02 -113.90 15.33
C VAL J 83 18.79 -115.04 16.31
N VAL J 84 19.78 -115.33 17.16
CA VAL J 84 19.79 -116.46 18.10
C VAL J 84 18.60 -116.41 19.06
N GLY J 85 18.38 -115.19 19.57
CA GLY J 85 17.28 -114.84 20.47
C GLY J 85 16.00 -115.30 19.80
N TYR J 86 16.03 -115.17 18.48
CA TYR J 86 14.92 -115.50 17.59
C TYR J 86 15.23 -116.80 16.88
N ILE J 87 14.19 -117.64 16.76
CA ILE J 87 14.15 -119.00 16.16
C ILE J 87 14.55 -120.10 17.16
N ALA J 88 14.96 -119.68 18.34
CA ALA J 88 15.30 -120.57 19.43
C ALA J 88 14.14 -120.35 20.38
N THR J 89 13.18 -119.58 19.90
CA THR J 89 11.99 -119.22 20.67
C THR J 89 10.78 -120.00 20.20
N ASP J 90 10.96 -120.80 19.15
CA ASP J 90 9.94 -121.72 18.69
C ASP J 90 10.12 -123.08 19.36
N PHE J 91 11.04 -123.15 20.32
CA PHE J 91 11.28 -124.41 21.02
C PHE J 91 11.07 -124.25 22.52
N VAL J 92 11.71 -123.28 22.94
CA VAL J 92 11.50 -123.10 24.37
C VAL J 92 10.81 -121.77 24.60
N ARG J 93 10.11 -121.69 25.73
CA ARG J 93 9.42 -120.49 26.20
C ARG J 93 9.43 -120.52 27.73
N ILE J 94 9.85 -119.42 28.36
CA ILE J 94 9.98 -119.34 29.82
C ILE J 94 8.59 -119.56 30.41
N PRO J 95 8.44 -120.01 31.65
CA PRO J 95 7.10 -120.28 32.18
C PRO J 95 6.32 -119.00 32.43
N GLY J 96 5.01 -119.16 32.53
CA GLY J 96 4.11 -118.03 32.70
C GLY J 96 2.93 -118.14 31.78
N GLU J 97 1.90 -117.31 32.03
CA GLU J 97 0.69 -117.37 31.22
C GLU J 97 0.93 -116.81 29.83
N MET J 98 1.46 -115.59 29.75
CA MET J 98 1.70 -114.99 28.45
C MET J 98 2.91 -115.61 27.77
N TYR J 99 3.88 -116.09 28.53
CA TYR J 99 5.11 -116.53 27.90
C TYR J 99 4.97 -117.91 27.28
N SER J 100 4.34 -118.85 28.00
CA SER J 100 4.34 -120.25 27.60
C SER J 100 3.14 -120.53 26.70
N PHE J 101 3.31 -120.19 25.41
CA PHE J 101 2.57 -120.74 24.27
C PHE J 101 1.07 -120.47 24.29
N GLU J 102 0.57 -119.59 25.14
CA GLU J 102 -0.88 -119.51 25.32
C GLU J 102 -1.51 -118.47 24.39
N ALA J 103 -1.17 -117.20 24.56
CA ALA J 103 -1.74 -116.17 23.72
C ALA J 103 -0.87 -115.86 22.51
N ILE J 104 0.27 -116.54 22.40
CA ILE J 104 1.29 -116.19 21.42
C ILE J 104 1.65 -117.48 20.70
N PRO J 105 1.05 -117.76 19.54
CA PRO J 105 1.30 -119.05 18.87
C PRO J 105 2.68 -119.15 18.26
N LYS J 106 3.14 -118.14 17.54
CA LYS J 106 4.41 -118.20 16.83
C LYS J 106 5.41 -117.27 17.48
N SER J 107 6.65 -117.36 17.03
CA SER J 107 7.70 -116.47 17.52
C SER J 107 7.64 -115.10 16.88
N ALA J 108 7.13 -115.01 15.65
CA ALA J 108 7.24 -113.76 14.91
C ALA J 108 6.20 -112.74 15.31
N ASP J 109 5.04 -113.18 15.80
CA ASP J 109 4.04 -112.17 16.12
C ASP J 109 4.38 -111.41 17.38
N ALA J 110 5.27 -111.95 18.23
CA ALA J 110 5.44 -111.67 19.66
C ALA J 110 5.56 -110.21 20.10
N HIS J 111 5.43 -109.35 19.09
CA HIS J 111 5.37 -107.91 19.23
C HIS J 111 3.90 -107.53 18.96
N ASP J 112 3.40 -106.49 19.64
CA ASP J 112 2.01 -105.99 19.51
C ASP J 112 0.87 -106.93 19.91
N ALA J 113 1.20 -107.87 20.79
CA ALA J 113 0.31 -108.63 21.66
C ALA J 113 0.96 -108.74 23.02
N LEU J 114 2.19 -108.23 23.09
CA LEU J 114 2.98 -108.19 24.32
C LEU J 114 3.30 -106.74 24.66
N VAL J 115 3.19 -105.84 23.68
CA VAL J 115 3.44 -104.42 23.91
C VAL J 115 2.42 -103.86 24.89
N ALA J 116 1.17 -104.29 24.77
CA ALA J 116 0.10 -103.75 25.60
C ALA J 116 0.24 -104.20 27.05
N SER J 117 0.77 -105.39 27.28
CA SER J 117 0.67 -105.98 28.60
C SER J 117 1.78 -105.52 29.53
N GLY J 118 2.89 -105.02 28.99
CA GLY J 118 3.97 -104.61 29.86
C GLY J 118 5.42 -105.01 29.61
N PRO J 119 5.73 -106.23 29.15
CA PRO J 119 7.16 -106.58 28.99
C PRO J 119 7.90 -105.83 27.91
N MET J 120 7.20 -105.33 26.89
CA MET J 120 7.88 -104.50 25.92
C MET J 120 8.09 -103.09 26.46
N SER J 121 7.17 -102.60 27.29
CA SER J 121 7.40 -101.33 27.97
C SER J 121 8.50 -101.44 29.01
N GLN J 122 8.62 -102.60 29.64
CA GLN J 122 9.66 -102.78 30.65
C GLN J 122 11.02 -102.91 30.00
N LEU J 123 11.11 -103.64 28.89
CA LEU J 123 12.37 -103.79 28.21
C LEU J 123 12.74 -102.56 27.39
N LEU J 124 11.77 -101.71 27.04
CA LEU J 124 12.09 -100.41 26.45
C LEU J 124 12.67 -99.47 27.48
N LEU J 125 12.22 -99.58 28.73
CA LEU J 125 12.65 -98.65 29.78
C LEU J 125 14.12 -98.80 30.09
N TRP J 126 14.61 -100.04 30.16
CA TRP J 126 16.01 -100.26 30.49
C TRP J 126 16.95 -100.01 29.32
N ILE J 127 16.67 -100.61 28.17
CA ILE J 127 17.51 -100.35 27.00
C ILE J 127 17.55 -98.86 26.72
N GLY J 128 16.41 -98.19 26.91
CA GLY J 128 16.38 -96.75 26.90
C GLY J 128 17.32 -96.15 27.93
N LEU J 129 17.00 -96.35 29.20
CA LEU J 129 17.78 -95.83 30.32
C LEU J 129 19.28 -96.02 30.14
N PHE J 130 19.68 -97.23 29.73
CA PHE J 130 21.09 -97.52 29.52
C PHE J 130 21.66 -96.62 28.43
N ASP J 131 20.89 -96.46 27.35
CA ASP J 131 21.29 -95.62 26.25
C ASP J 131 21.29 -94.13 26.63
N LEU J 132 20.45 -93.75 27.60
CA LEU J 132 20.41 -92.34 27.98
C LEU J 132 21.41 -91.90 29.04
N VAL J 133 22.04 -92.83 29.75
CA VAL J 133 22.97 -92.43 30.81
C VAL J 133 24.43 -92.88 30.68
N VAL J 134 24.71 -93.85 29.81
CA VAL J 134 26.08 -94.33 29.70
C VAL J 134 26.59 -94.35 28.26
N THR J 135 25.78 -94.77 27.27
CA THR J 135 26.37 -94.84 25.93
C THR J 135 26.38 -93.50 25.21
N ALA J 136 25.56 -92.55 25.63
CA ALA J 136 25.73 -91.19 25.13
C ALA J 136 26.92 -90.48 25.80
N PRO J 137 27.22 -90.67 27.10
CA PRO J 137 28.54 -90.24 27.57
C PRO J 137 29.69 -91.02 26.98
N ALA J 138 29.46 -92.28 26.59
CA ALA J 138 30.52 -93.04 25.95
C ALA J 138 30.87 -92.46 24.58
N VAL J 139 29.85 -92.17 23.76
CA VAL J 139 30.12 -91.65 22.43
C VAL J 139 30.57 -90.20 22.43
N GLN J 140 30.56 -89.60 23.61
CA GLN J 140 31.05 -88.25 23.81
C GLN J 140 32.55 -88.39 24.08
N ALA J 141 32.93 -89.46 24.78
CA ALA J 141 34.32 -89.76 25.08
C ALA J 141 35.06 -90.33 23.88
N MET J 142 34.35 -90.93 22.93
CA MET J 142 34.97 -91.36 21.68
C MET J 142 35.46 -90.17 20.87
N GLY J 143 34.57 -89.18 20.70
CA GLY J 143 34.87 -88.03 19.88
C GLY J 143 35.95 -87.14 20.42
N GLN J 144 36.28 -87.28 21.71
CA GLN J 144 37.39 -86.58 22.31
C GLN J 144 38.65 -87.44 22.37
N GLY J 145 38.62 -88.62 21.77
CA GLY J 145 39.77 -89.50 21.77
C GLY J 145 40.04 -90.18 23.09
N GLU J 146 39.08 -90.19 24.01
CA GLU J 146 39.27 -90.79 25.32
C GLU J 146 38.75 -92.22 25.38
N ARG J 147 38.39 -92.80 24.25
CA ARG J 147 37.76 -94.12 24.21
C ARG J 147 37.91 -94.70 22.82
N GLU J 148 38.42 -95.93 22.73
CA GLU J 148 38.33 -96.69 21.49
C GLU J 148 36.86 -96.96 21.21
N PRO J 149 36.43 -96.96 19.93
CA PRO J 149 35.02 -97.20 19.61
C PRO J 149 34.55 -98.60 19.99
N GLY J 150 33.30 -98.72 20.41
CA GLY J 150 32.74 -100.00 20.80
C GLY J 150 33.60 -100.73 21.81
N ASP J 151 33.75 -100.16 22.99
CA ASP J 151 34.56 -100.74 24.05
C ASP J 151 33.72 -101.29 25.19
N PHE J 152 32.97 -100.40 25.84
CA PHE J 152 32.09 -100.75 26.94
C PHE J 152 32.71 -101.48 28.15
N GLY J 153 33.99 -101.82 28.07
CA GLY J 153 34.64 -102.45 29.21
C GLY J 153 34.31 -103.90 29.56
N TRP J 154 34.32 -104.77 28.55
CA TRP J 154 34.03 -106.17 28.78
C TRP J 154 35.28 -106.99 28.55
N LYS J 155 36.42 -106.47 28.98
CA LYS J 155 37.70 -107.15 28.85
C LYS J 155 37.82 -108.27 29.86
N TRP J 156 37.19 -109.40 29.57
CA TRP J 156 37.29 -110.58 30.41
C TRP J 156 38.14 -111.65 29.74
N PHE J 157 37.89 -111.89 28.45
CA PHE J 157 38.60 -112.92 27.69
C PHE J 157 39.44 -112.47 26.48
N ALA J 158 39.78 -111.19 26.38
CA ALA J 158 40.56 -110.70 25.24
C ALA J 158 41.95 -111.34 25.17
N PRO J 159 42.44 -111.64 23.96
CA PRO J 159 43.77 -112.27 23.89
C PRO J 159 44.90 -111.37 24.35
N SER J 160 44.65 -110.06 24.45
CA SER J 160 45.60 -109.05 24.93
C SER J 160 46.88 -109.03 24.09
N SER J 161 46.70 -108.75 22.81
CA SER J 161 47.81 -108.59 21.89
C SER J 161 47.39 -107.60 20.81
N LYS J 162 48.15 -107.56 19.72
CA LYS J 162 47.81 -106.75 18.57
C LYS J 162 47.34 -107.58 17.40
N ASP J 163 48.05 -108.65 17.06
CA ASP J 163 47.63 -109.50 15.96
C ASP J 163 46.43 -110.34 16.35
N ALA J 164 46.38 -110.79 17.60
CA ALA J 164 45.30 -111.68 18.01
C ALA J 164 44.03 -110.92 18.36
N PHE J 165 44.16 -109.70 18.87
CA PHE J 165 42.96 -108.91 19.17
C PHE J 165 42.27 -108.44 17.91
N ASP J 166 43.03 -108.14 16.85
CA ASP J 166 42.41 -107.80 15.58
C ASP J 166 41.65 -108.98 15.00
N LYS J 167 42.20 -110.19 15.14
CA LYS J 167 41.52 -111.39 14.67
C LYS J 167 40.23 -111.64 15.43
N LYS J 168 40.20 -111.32 16.72
CA LYS J 168 38.95 -111.41 17.46
C LYS J 168 37.97 -110.31 17.04
N ARG J 169 38.52 -109.13 16.74
CA ARG J 169 37.69 -108.02 16.30
C ARG J 169 37.09 -108.36 14.94
N GLU J 170 37.91 -108.85 14.02
CA GLU J 170 37.44 -109.22 12.70
C GLU J 170 36.39 -110.31 12.78
N ALA J 171 36.61 -111.32 13.62
CA ALA J 171 35.62 -112.39 13.79
C ALA J 171 34.31 -111.86 14.34
N GLU J 172 34.35 -110.78 15.12
CA GLU J 172 33.14 -110.13 15.57
C GLU J 172 32.46 -109.36 14.45
N LEU J 173 33.25 -108.68 13.61
CA LEU J 173 32.70 -107.92 12.49
C LEU J 173 32.09 -108.82 11.44
N LEU J 174 32.79 -109.91 11.11
CA LEU J 174 32.33 -110.79 10.04
C LEU J 174 31.09 -111.57 10.46
N ASN J 175 30.96 -111.89 11.74
CA ASN J 175 29.75 -112.56 12.21
C ASN J 175 28.58 -111.60 12.30
N GLY J 176 28.83 -110.36 12.71
CA GLY J 176 27.75 -109.42 12.96
C GLY J 176 27.08 -108.92 11.70
N ARG J 177 27.88 -108.84 10.64
CA ARG J 177 27.47 -108.40 9.31
C ARG J 177 26.53 -109.46 8.66
N LEU J 178 26.79 -110.74 8.94
CA LEU J 178 25.98 -111.85 8.48
C LEU J 178 24.67 -111.93 9.23
N ALA J 179 24.69 -111.63 10.53
CA ALA J 179 23.47 -111.63 11.33
C ALA J 179 22.53 -110.50 10.96
N MET J 180 23.04 -109.42 10.37
CA MET J 180 22.16 -108.36 9.90
C MET J 180 21.34 -108.82 8.71
N PHE J 181 21.97 -109.49 7.74
CA PHE J 181 21.22 -110.07 6.63
C PHE J 181 20.38 -111.24 7.08
N ALA J 182 20.76 -111.91 8.18
CA ALA J 182 20.07 -113.10 8.61
C ALA J 182 18.66 -112.80 9.07
N ILE J 183 18.52 -111.96 10.10
CA ILE J 183 17.20 -111.61 10.61
C ILE J 183 16.42 -110.75 9.62
N GLY J 184 17.11 -110.08 8.69
CA GLY J 184 16.39 -109.46 7.59
C GLY J 184 15.64 -110.45 6.73
N GLY J 185 16.19 -111.65 6.57
CA GLY J 185 15.45 -112.69 5.89
C GLY J 185 14.49 -113.43 6.78
N ILE J 186 14.85 -113.63 8.05
CA ILE J 186 14.03 -114.46 8.90
C ILE J 186 12.76 -113.73 9.34
N ALA J 187 12.86 -112.42 9.59
CA ALA J 187 11.67 -111.67 9.97
C ALA J 187 10.74 -111.44 8.78
N THR J 188 11.29 -111.42 7.57
CA THR J 188 10.47 -111.16 6.40
C THR J 188 9.69 -112.40 5.97
N GLN J 189 10.38 -113.54 5.94
CA GLN J 189 9.78 -114.80 5.52
C GLN J 189 8.78 -115.40 6.50
N SER J 190 8.79 -114.97 7.75
CA SER J 190 7.88 -115.52 8.72
C SER J 190 6.53 -114.83 8.71
N VAL J 191 6.49 -113.56 8.30
CA VAL J 191 5.21 -112.93 8.03
C VAL J 191 4.66 -113.45 6.71
N LEU J 192 5.53 -113.74 5.75
CA LEU J 192 5.09 -114.24 4.46
C LEU J 192 4.63 -115.70 4.56
N SER J 193 5.48 -116.56 5.11
CA SER J 193 5.14 -117.99 5.18
C SER J 193 4.25 -118.29 6.39
N GLY J 194 4.76 -118.03 7.58
CA GLY J 194 4.07 -118.46 8.78
C GLY J 194 4.45 -119.83 9.28
N HIS J 195 5.67 -120.27 9.01
CA HIS J 195 6.09 -121.63 9.32
C HIS J 195 7.00 -121.65 10.54
N GLY J 196 7.50 -122.84 10.86
CA GLY J 196 8.38 -123.02 12.00
C GLY J 196 9.82 -122.69 11.68
N PHE J 197 10.74 -123.59 12.01
CA PHE J 197 12.15 -123.22 11.98
C PHE J 197 12.72 -123.06 10.57
N PRO J 198 12.48 -123.94 9.57
CA PRO J 198 12.83 -123.53 8.21
C PRO J 198 11.76 -122.61 7.64
N TYR J 199 12.08 -121.33 7.56
CA TYR J 199 11.09 -120.37 7.10
C TYR J 199 11.10 -120.31 5.57
N MET K 38 6.61 80.29 40.93
CA MET K 38 6.11 81.52 41.52
C MET K 38 6.93 82.72 41.05
N VAL K 39 8.24 82.54 40.96
CA VAL K 39 9.11 83.61 40.48
C VAL K 39 8.95 83.72 38.97
N GLY K 40 8.99 84.96 38.46
CA GLY K 40 8.81 85.19 37.05
C GLY K 40 7.35 85.16 36.62
N ALA K 41 6.71 84.00 36.77
CA ALA K 41 5.29 83.86 36.47
C ALA K 41 4.48 84.67 37.46
N GLU K 42 3.82 85.71 36.99
CA GLU K 42 3.17 86.66 37.89
C GLU K 42 1.81 86.14 38.33
N GLY K 43 1.17 86.90 39.22
CA GLY K 43 -0.10 86.49 39.79
C GLY K 43 -0.38 86.66 41.28
N PRO K 44 0.61 86.44 42.18
CA PRO K 44 0.35 86.70 43.61
C PRO K 44 0.64 88.11 44.08
N GLU K 45 -0.38 88.82 44.56
CA GLU K 45 -0.37 90.29 44.65
C GLU K 45 -1.24 90.70 45.84
N PRO K 46 -1.10 92.00 46.35
CA PRO K 46 -1.71 92.33 47.66
C PRO K 46 -3.22 92.50 47.72
N ILE K 47 -3.94 91.42 47.96
CA ILE K 47 -5.40 91.44 48.08
C ILE K 47 -5.70 90.58 49.29
N PRO K 48 -6.10 91.18 50.40
CA PRO K 48 -6.34 90.39 51.61
C PRO K 48 -7.56 89.50 51.47
N PHE K 49 -7.33 88.22 51.75
CA PHE K 49 -8.32 87.18 51.91
C PHE K 49 -9.12 87.46 53.18
N ALA K 50 -10.34 86.94 53.25
CA ALA K 50 -11.19 87.39 54.36
C ALA K 50 -10.85 86.69 55.68
N PRO K 51 -10.51 85.39 55.71
CA PRO K 51 -9.64 84.91 56.80
C PRO K 51 -8.28 85.58 56.79
N SER K 52 -7.66 85.63 57.97
CA SER K 52 -6.52 86.50 58.24
C SER K 52 -5.22 85.96 57.65
N ARG K 53 -5.23 85.94 56.32
CA ARG K 53 -4.12 85.53 55.47
C ARG K 53 -4.09 86.50 54.27
N THR K 54 -3.12 86.34 53.39
CA THR K 54 -3.03 87.22 52.24
C THR K 54 -2.74 86.39 51.00
N SER K 55 -2.98 87.01 49.84
CA SER K 55 -2.68 86.41 48.56
C SER K 55 -1.34 86.89 48.00
N LYS K 56 -0.42 87.30 48.88
CA LYS K 56 0.88 87.79 48.43
C LYS K 56 1.71 86.67 47.82
N ASN K 57 1.54 85.43 48.31
CA ASN K 57 2.05 84.20 47.69
C ASN K 57 1.04 83.12 48.09
N PHE K 58 0.06 82.86 47.23
CA PHE K 58 -1.03 81.96 47.60
C PHE K 58 -0.81 80.61 46.96
N ASP K 59 -0.30 79.67 47.76
CA ASP K 59 -0.23 78.27 47.37
C ASP K 59 -0.30 77.46 48.66
N PRO K 60 -1.52 77.18 49.15
CA PRO K 60 -1.63 76.46 50.43
C PRO K 60 -1.10 75.04 50.40
N VAL K 61 -1.54 74.23 49.43
CA VAL K 61 -1.12 72.84 49.40
C VAL K 61 0.09 72.61 48.50
N GLY K 62 0.71 73.68 48.00
CA GLY K 62 2.07 73.58 47.50
C GLY K 62 2.24 73.00 46.11
N PHE K 63 1.38 73.34 45.16
CA PHE K 63 1.52 72.85 43.79
C PHE K 63 2.75 73.39 43.09
N ALA K 64 3.37 74.43 43.60
CA ALA K 64 4.58 74.95 42.97
C ALA K 64 5.78 74.06 43.24
N GLU K 65 5.93 73.59 44.48
CA GLU K 65 7.14 72.83 44.81
C GLU K 65 7.00 71.36 44.41
N ARG K 66 5.77 70.84 44.48
CA ARG K 66 5.48 69.47 44.06
C ARG K 66 5.10 69.56 42.58
N SER K 67 5.75 68.76 41.75
CA SER K 67 5.57 68.79 40.31
C SER K 67 5.58 70.19 39.69
N PRO K 68 6.71 70.88 39.64
CA PRO K 68 6.75 72.18 38.95
C PRO K 68 6.79 72.06 37.43
N GLU K 69 6.91 70.85 36.88
CA GLU K 69 6.84 70.70 35.44
C GLU K 69 5.42 70.89 34.91
N TRP K 70 4.44 70.83 35.80
CA TRP K 70 3.05 71.02 35.42
C TRP K 70 2.65 72.48 35.50
N LEU K 71 3.55 73.35 35.93
CA LEU K 71 3.25 74.78 36.04
C LEU K 71 2.84 75.44 34.73
N PRO K 72 3.44 75.18 33.56
CA PRO K 72 2.88 75.76 32.34
C PRO K 72 1.52 75.21 31.98
N TRP K 73 1.22 73.96 32.34
CA TRP K 73 -0.12 73.44 32.11
C TRP K 73 -1.13 74.07 33.04
N TYR K 74 -0.70 74.51 34.23
CA TYR K 74 -1.62 75.04 35.22
C TYR K 74 -2.05 76.46 34.88
N ARG K 75 -1.10 77.27 34.42
CA ARG K 75 -1.39 78.64 34.04
C ARG K 75 -2.30 78.60 32.83
N GLU K 76 -1.96 77.75 31.87
CA GLU K 76 -2.74 77.61 30.65
C GLU K 76 -4.14 77.12 30.95
N ALA K 77 -4.30 76.27 31.97
CA ALA K 77 -5.63 75.89 32.41
C ALA K 77 -6.35 77.08 33.04
N GLU K 78 -5.69 77.76 33.99
CA GLU K 78 -6.29 78.86 34.74
C GLU K 78 -6.78 79.96 33.84
N LEU K 79 -6.04 80.23 32.78
CA LEU K 79 -6.47 81.20 31.80
C LEU K 79 -7.76 80.75 31.13
N LYS K 80 -7.76 79.58 30.47
CA LYS K 80 -8.90 79.14 29.67
C LYS K 80 -10.20 78.99 30.48
N HIS K 81 -10.05 78.77 31.78
CA HIS K 81 -11.19 78.70 32.67
C HIS K 81 -11.71 80.12 32.94
N GLY K 82 -10.79 81.09 33.01
CA GLY K 82 -11.11 82.47 33.27
C GLY K 82 -11.64 83.19 32.05
N ARG K 83 -11.12 82.87 30.87
CA ARG K 83 -11.59 83.53 29.66
C ARG K 83 -13.04 83.12 29.38
N ALA K 84 -13.32 81.83 29.49
CA ALA K 84 -14.67 81.33 29.26
C ALA K 84 -15.64 81.76 30.34
N ALA K 85 -15.15 82.09 31.54
CA ALA K 85 -16.05 82.53 32.60
C ALA K 85 -16.38 83.99 32.49
N MET K 86 -15.46 84.77 31.90
CA MET K 86 -15.70 86.23 31.71
C MET K 86 -16.77 86.40 30.63
N LEU K 87 -16.68 85.61 29.54
CA LEU K 87 -17.64 85.68 28.45
C LEU K 87 -19.00 85.16 28.87
N ALA K 88 -19.03 84.14 29.71
CA ALA K 88 -20.29 83.59 30.16
C ALA K 88 -20.95 84.43 31.25
N THR K 89 -20.19 85.33 31.87
CA THR K 89 -20.78 86.26 32.83
C THR K 89 -21.62 87.30 32.12
N VAL K 90 -21.03 88.02 31.18
CA VAL K 90 -21.77 88.96 30.34
C VAL K 90 -22.75 88.22 29.45
N GLY K 91 -22.47 86.96 29.15
CA GLY K 91 -23.40 86.07 28.47
C GLY K 91 -24.67 85.78 29.24
N PHE K 92 -24.70 86.08 30.53
CA PHE K 92 -25.93 86.07 31.29
C PHE K 92 -26.52 87.48 31.45
N VAL K 93 -25.71 88.52 31.29
CA VAL K 93 -26.19 89.89 31.45
C VAL K 93 -27.15 90.26 30.31
N VAL K 94 -26.65 90.20 29.08
CA VAL K 94 -27.30 90.76 27.90
C VAL K 94 -28.61 90.04 27.56
N PRO K 95 -28.74 88.64 27.62
CA PRO K 95 -30.07 88.03 27.45
C PRO K 95 -31.03 88.18 28.62
N GLU K 96 -31.20 89.41 29.07
CA GLU K 96 -32.35 89.82 29.86
C GLU K 96 -33.21 90.84 29.12
N PHE K 97 -32.56 91.77 28.42
CA PHE K 97 -33.22 92.94 27.87
C PHE K 97 -33.11 93.07 26.36
N VAL K 98 -32.42 92.17 25.67
CA VAL K 98 -32.06 92.45 24.27
C VAL K 98 -32.72 91.50 23.27
N ARG K 99 -32.34 90.21 23.31
CA ARG K 99 -32.96 89.14 22.52
C ARG K 99 -33.01 89.35 21.01
N ILE K 100 -31.87 89.11 20.35
CA ILE K 100 -31.57 89.06 18.91
C ILE K 100 -32.74 88.53 18.07
N PRO K 101 -33.07 89.09 16.91
CA PRO K 101 -34.36 88.77 16.26
C PRO K 101 -34.49 87.33 15.81
N GLY K 102 -35.56 86.68 16.24
CA GLY K 102 -35.82 85.30 15.92
C GLY K 102 -36.95 84.74 16.74
N GLU K 103 -37.72 83.82 16.14
CA GLU K 103 -38.86 83.23 16.85
C GLU K 103 -38.43 82.13 17.80
N GLN K 104 -37.31 81.47 17.50
CA GLN K 104 -36.90 80.27 18.25
C GLN K 104 -36.54 80.62 19.68
N PHE K 105 -35.83 81.72 19.90
CA PHE K 105 -35.68 82.25 21.24
C PHE K 105 -36.42 83.58 21.32
N SER K 106 -37.30 83.68 22.30
CA SER K 106 -38.06 84.89 22.56
C SER K 106 -38.46 84.82 24.01
N PHE K 107 -38.93 85.96 24.54
CA PHE K 107 -39.48 85.97 25.90
C PHE K 107 -40.71 85.09 25.99
N GLU K 108 -41.58 85.17 24.98
CA GLU K 108 -42.75 84.30 24.90
C GLU K 108 -42.33 82.86 24.65
N ALA K 109 -41.25 82.66 23.89
CA ALA K 109 -40.73 81.32 23.69
C ALA K 109 -40.07 80.80 24.96
N ILE K 110 -39.11 81.54 25.50
CA ILE K 110 -38.45 81.17 26.75
C ILE K 110 -38.32 82.38 27.67
N PRO K 111 -39.04 82.42 28.77
CA PRO K 111 -38.90 83.55 29.70
C PRO K 111 -37.65 83.46 30.56
N LYS K 112 -37.26 82.25 30.94
CA LYS K 112 -36.18 82.02 31.89
C LYS K 112 -34.91 81.67 31.13
N VAL K 113 -33.96 82.61 31.12
CA VAL K 113 -32.73 82.49 30.34
C VAL K 113 -31.83 81.35 30.83
N ILE K 114 -32.07 80.87 32.06
CA ILE K 114 -31.47 79.63 32.54
C ILE K 114 -31.90 78.41 31.73
N ASP K 115 -33.01 78.48 30.99
CA ASP K 115 -33.49 77.36 30.21
C ASP K 115 -33.11 77.44 28.73
N ALA K 116 -32.24 78.38 28.35
CA ALA K 116 -31.79 78.45 26.96
C ALA K 116 -30.85 77.30 26.60
N HIS K 117 -30.31 76.61 27.61
CA HIS K 117 -29.40 75.50 27.38
C HIS K 117 -30.11 74.30 26.77
N ASP K 118 -31.21 73.87 27.38
CA ASP K 118 -31.89 72.65 26.99
C ASP K 118 -32.94 72.85 25.91
N ALA K 119 -33.32 74.09 25.61
CA ALA K 119 -34.41 74.33 24.69
C ALA K 119 -33.96 74.96 23.38
N LEU K 120 -32.64 75.09 23.18
CA LEU K 120 -32.10 75.44 21.85
C LEU K 120 -31.00 74.47 21.41
N PRO K 121 -31.24 73.14 21.39
CA PRO K 121 -30.11 72.22 21.14
C PRO K 121 -29.61 72.22 19.71
N GLU K 122 -30.34 72.80 18.76
CA GLU K 122 -29.80 72.94 17.42
C GLU K 122 -28.69 73.97 17.37
N SER K 123 -28.74 74.96 18.25
CA SER K 123 -27.62 75.88 18.39
C SER K 123 -26.58 75.39 19.36
N MET K 124 -26.88 74.38 20.17
CA MET K 124 -25.95 73.94 21.20
C MET K 124 -24.85 73.06 20.62
N ILE K 125 -25.21 72.09 19.78
CA ILE K 125 -24.21 71.23 19.14
C ILE K 125 -23.36 72.03 18.19
N GLN K 126 -23.92 73.11 17.69
CA GLN K 126 -23.28 73.86 16.63
C GLN K 126 -22.17 74.73 17.19
N ILE K 127 -22.47 75.45 18.26
CA ILE K 127 -21.43 76.15 19.01
C ILE K 127 -20.38 75.16 19.49
N PHE K 128 -20.81 73.98 19.93
CA PHE K 128 -19.89 72.92 20.33
C PHE K 128 -19.05 72.43 19.15
N GLY K 129 -19.63 72.40 17.95
CA GLY K 129 -18.88 71.92 16.80
C GLY K 129 -17.80 72.89 16.37
N TRP K 130 -18.09 74.19 16.40
CA TRP K 130 -17.09 75.14 15.96
C TRP K 130 -16.00 75.36 17.01
N ILE K 131 -16.33 75.26 18.30
CA ILE K 131 -15.29 75.31 19.34
C ILE K 131 -14.31 74.16 19.18
N SER K 132 -14.81 73.00 18.75
CA SER K 132 -13.94 71.87 18.50
C SER K 132 -13.02 72.07 17.30
N PHE K 133 -13.29 73.05 16.45
CA PHE K 133 -12.35 73.31 15.38
C PHE K 133 -11.22 74.17 15.94
N LEU K 134 -11.56 75.08 16.84
CA LEU K 134 -10.56 75.96 17.43
C LEU K 134 -9.75 75.23 18.48
N GLU K 135 -10.39 74.35 19.25
CA GLU K 135 -9.66 73.55 20.22
C GLU K 135 -8.77 72.52 19.55
N ALA K 136 -9.10 72.12 18.32
CA ALA K 136 -8.29 71.10 17.68
C ALA K 136 -6.99 71.66 17.13
N CYS K 137 -6.97 72.91 16.70
CA CYS K 137 -5.73 73.52 16.24
C CYS K 137 -4.84 73.94 17.41
N THR K 138 -5.29 73.72 18.63
CA THR K 138 -4.56 74.02 19.85
C THR K 138 -3.70 72.85 20.32
N PHE K 139 -4.04 71.64 19.90
CA PHE K 139 -3.30 70.45 20.30
C PHE K 139 -1.78 70.56 20.16
N PRO K 140 -1.27 70.84 18.95
CA PRO K 140 0.19 70.91 18.84
C PRO K 140 0.82 72.01 19.65
N ALA K 141 0.07 73.03 20.06
CA ALA K 141 0.62 73.97 21.03
C ALA K 141 0.67 73.37 22.42
N MET K 142 -0.31 72.52 22.74
CA MET K 142 -0.31 71.83 24.02
C MET K 142 0.71 70.71 24.05
N ALA K 143 0.99 70.10 22.90
CA ALA K 143 1.91 68.98 22.85
C ALA K 143 3.34 69.39 23.11
N GLY K 144 3.66 70.65 22.91
CA GLY K 144 4.95 71.16 23.30
C GLY K 144 4.85 72.27 24.31
N LEU K 145 3.83 72.20 25.15
CA LEU K 145 3.70 73.16 26.24
C LEU K 145 4.80 72.90 27.26
N GLY K 146 5.59 73.92 27.55
CA GLY K 146 6.75 73.76 28.40
C GLY K 146 7.95 74.41 27.78
N GLY K 147 9.13 73.83 28.01
CA GLY K 147 10.35 74.45 27.54
C GLY K 147 10.64 74.28 26.07
N LYS K 148 9.91 73.41 25.38
CA LYS K 148 10.28 73.08 24.01
C LYS K 148 9.80 74.15 23.03
N TYR K 149 8.60 74.66 23.21
CA TYR K 149 8.11 75.71 22.32
C TYR K 149 8.31 77.08 22.98
N ASP K 150 8.54 78.09 22.14
CA ASP K 150 9.08 79.37 22.61
C ASP K 150 8.07 80.20 23.39
N ARG K 151 6.79 79.90 23.17
CA ARG K 151 5.69 80.65 23.78
C ARG K 151 5.31 80.38 25.24
N LYS K 152 4.92 81.46 25.91
CA LYS K 152 4.43 81.46 27.26
C LYS K 152 2.95 81.06 27.28
N PRO K 153 2.52 80.36 28.33
CA PRO K 153 1.16 79.81 28.34
C PRO K 153 0.08 80.88 28.40
N GLY K 154 -0.94 80.70 27.57
CA GLY K 154 -2.05 81.61 27.45
C GLY K 154 -1.93 82.63 26.35
N ASP K 155 -0.75 82.76 25.74
CA ASP K 155 -0.42 83.94 24.95
C ASP K 155 -0.65 83.69 23.47
N PHE K 156 -1.92 83.75 23.06
CA PHE K 156 -2.18 83.67 21.62
C PHE K 156 -1.61 84.91 20.95
N SER K 157 -1.37 84.83 19.65
CA SER K 157 -0.89 86.04 19.00
C SER K 157 -2.06 86.91 18.57
N PHE K 158 -3.00 87.07 19.49
CA PHE K 158 -4.32 87.60 19.24
C PHE K 158 -4.27 89.00 19.79
N ASP K 159 -3.87 89.93 18.93
CA ASP K 159 -4.09 91.34 19.19
C ASP K 159 -4.41 92.05 17.89
N PRO K 160 -5.67 92.03 17.48
CA PRO K 160 -6.04 92.82 16.30
C PRO K 160 -6.03 94.31 16.57
N LEU K 161 -6.57 94.74 17.71
CA LEU K 161 -6.75 96.15 17.99
C LEU K 161 -5.46 96.82 18.42
N GLY K 162 -4.56 96.07 19.04
CA GLY K 162 -3.27 96.61 19.44
C GLY K 162 -3.20 97.17 20.84
N LEU K 163 -3.66 96.48 21.88
CA LEU K 163 -3.78 97.14 23.17
C LEU K 163 -2.82 96.63 24.23
N TYR K 164 -1.98 95.66 23.92
CA TYR K 164 -0.97 95.18 24.85
C TYR K 164 0.24 96.11 24.85
N PRO K 165 0.63 96.69 25.99
CA PRO K 165 1.59 97.80 25.97
C PRO K 165 3.03 97.43 25.67
N THR K 166 3.83 98.48 25.48
CA THR K 166 5.26 98.43 25.14
C THR K 166 6.34 97.90 26.11
N ASP K 167 6.23 98.24 27.40
CA ASP K 167 7.28 97.88 28.37
C ASP K 167 6.82 97.01 29.54
N PRO K 168 7.77 96.29 30.16
CA PRO K 168 7.34 95.42 31.26
C PRO K 168 6.49 96.05 32.37
N GLU K 169 6.76 97.29 32.76
CA GLU K 169 6.04 97.84 33.91
C GLU K 169 4.54 97.84 33.68
N LYS K 170 4.12 98.24 32.48
CA LYS K 170 2.70 98.21 32.14
C LYS K 170 2.25 96.84 31.65
N GLN K 171 3.15 96.04 31.06
CA GLN K 171 2.75 94.75 30.51
C GLN K 171 2.45 93.75 31.61
N LYS K 172 3.28 93.70 32.65
CA LYS K 172 3.00 92.81 33.77
C LYS K 172 1.76 93.25 34.52
N LYS K 173 1.54 94.56 34.62
CA LYS K 173 0.29 95.07 35.16
C LYS K 173 -0.89 94.72 34.27
N MET K 174 -0.65 94.65 32.96
CA MET K 174 -1.70 94.30 32.02
C MET K 174 -2.11 92.84 32.15
N GLN K 175 -1.12 91.94 32.24
CA GLN K 175 -1.41 90.52 32.38
C GLN K 175 -2.03 90.22 33.73
N LEU K 176 -1.71 91.01 34.74
CA LEU K 176 -2.23 90.79 36.07
C LEU K 176 -3.71 91.15 36.15
N ALA K 177 -4.11 92.20 35.44
CA ALA K 177 -5.52 92.61 35.44
C ALA K 177 -6.40 91.59 34.75
N GLU K 178 -5.86 90.85 33.79
CA GLU K 178 -6.63 89.77 33.17
C GLU K 178 -6.83 88.61 34.13
N LEU K 179 -5.83 88.33 34.96
CA LEU K 179 -5.92 87.21 35.91
C LEU K 179 -7.01 87.45 36.93
N LYS K 180 -7.02 88.62 37.55
CA LYS K 180 -7.98 88.90 38.62
C LYS K 180 -9.40 88.99 38.07
N ASN K 181 -9.56 89.61 36.90
CA ASN K 181 -10.88 89.73 36.30
C ASN K 181 -11.40 88.35 35.89
N GLY K 182 -10.51 87.47 35.45
CA GLY K 182 -10.91 86.11 35.17
C GLY K 182 -11.24 85.33 36.43
N ARG K 183 -10.45 85.51 37.49
CA ARG K 183 -10.72 84.81 38.74
C ARG K 183 -11.95 85.35 39.42
N LEU K 184 -12.18 86.67 39.35
CA LEU K 184 -13.43 87.23 39.86
C LEU K 184 -14.62 86.70 39.07
N ALA K 185 -14.43 86.39 37.79
CA ALA K 185 -15.51 85.88 36.96
C ALA K 185 -15.71 84.38 37.06
N MET K 186 -14.69 83.62 37.49
CA MET K 186 -14.90 82.20 37.73
C MET K 186 -15.83 81.97 38.92
N ILE K 187 -15.54 82.65 40.03
CA ILE K 187 -16.37 82.56 41.22
C ILE K 187 -17.71 83.26 41.01
N ALA K 188 -17.79 84.18 40.05
CA ALA K 188 -19.02 84.94 39.80
C ALA K 188 -20.13 84.05 39.29
N ILE K 189 -19.88 83.35 38.19
CA ILE K 189 -20.96 82.63 37.52
C ILE K 189 -21.33 81.38 38.29
N GLY K 190 -20.41 80.85 39.10
CA GLY K 190 -20.79 79.84 40.07
C GLY K 190 -21.74 80.34 41.12
N GLY K 191 -21.77 81.65 41.37
CA GLY K 191 -22.78 82.24 42.22
C GLY K 191 -24.00 82.72 41.46
N MET K 192 -23.83 83.05 40.19
CA MET K 192 -24.97 83.51 39.41
C MET K 192 -25.89 82.34 39.05
N VAL K 193 -25.32 81.25 38.52
CA VAL K 193 -26.13 80.14 38.04
C VAL K 193 -26.74 79.38 39.22
N THR K 194 -25.97 79.17 40.28
CA THR K 194 -26.50 78.52 41.46
C THR K 194 -27.54 79.39 42.16
N GLY K 195 -27.39 80.72 42.07
CA GLY K 195 -28.41 81.62 42.59
C GLY K 195 -29.75 81.45 41.90
N ALA K 196 -29.75 81.38 40.57
CA ALA K 196 -30.99 81.36 39.79
C ALA K 196 -31.78 80.09 40.00
N ALA K 197 -31.13 78.99 40.34
CA ALA K 197 -31.88 77.79 40.71
C ALA K 197 -32.49 77.92 42.09
N VAL K 198 -31.83 78.64 42.98
CA VAL K 198 -32.37 78.86 44.32
C VAL K 198 -33.47 79.91 44.28
N THR K 199 -33.15 81.10 43.79
CA THR K 199 -34.09 82.20 43.92
C THR K 199 -35.15 82.21 42.81
N GLY K 200 -34.79 81.87 41.58
CA GLY K 200 -35.73 81.95 40.47
C GLY K 200 -36.18 83.36 40.15
N HIS K 201 -35.26 84.32 40.19
CA HIS K 201 -35.61 85.73 40.10
C HIS K 201 -34.87 86.43 38.97
N GLY K 202 -34.93 87.77 38.96
CA GLY K 202 -34.29 88.57 37.93
C GLY K 202 -32.78 88.64 38.05
N PHE K 203 -32.21 89.74 37.56
CA PHE K 203 -30.78 89.70 37.31
C PHE K 203 -29.89 89.94 38.54
N PRO K 204 -30.14 90.88 39.44
CA PRO K 204 -29.34 90.89 40.67
C PRO K 204 -29.79 89.93 41.75
N TYR K 205 -30.76 89.05 41.48
CA TYR K 205 -31.09 87.85 42.27
C TYR K 205 -31.65 88.08 43.66
N LEU K 206 -31.72 89.33 44.11
CA LEU K 206 -31.88 89.63 45.53
C LEU K 206 -33.33 89.49 45.99
N SER L 34 -4.26 110.60 20.20
CA SER L 34 -3.34 110.21 21.25
C SER L 34 -2.59 111.40 21.82
N ILE L 35 -1.88 112.11 20.94
CA ILE L 35 -1.09 113.29 21.28
C ILE L 35 -1.29 114.34 20.18
N ASN L 36 -0.41 115.35 20.18
CA ASN L 36 -0.31 116.33 19.10
C ASN L 36 -0.26 115.68 17.72
N GLU L 37 0.46 114.56 17.60
CA GLU L 37 0.65 113.92 16.31
C GLU L 37 -0.45 112.90 15.98
N ALA L 38 -1.65 113.08 16.55
CA ALA L 38 -2.80 112.31 16.12
C ALA L 38 -3.41 112.84 14.82
N PHE L 39 -3.10 114.10 14.48
CA PHE L 39 -3.41 114.82 13.23
C PHE L 39 -4.88 115.20 13.10
N GLY L 40 -5.74 114.64 13.93
CA GLY L 40 -7.12 115.07 13.91
C GLY L 40 -7.41 116.21 14.83
N VAL L 41 -6.38 116.74 15.45
CA VAL L 41 -6.51 117.77 16.47
C VAL L 41 -6.38 119.13 15.82
N SER L 42 -7.28 120.04 16.19
CA SER L 42 -7.16 121.42 15.73
C SER L 42 -7.71 122.34 16.81
N ILE L 43 -8.02 123.59 16.41
CA ILE L 43 -8.04 124.71 17.34
C ILE L 43 -9.31 124.78 18.19
N GLU L 44 -10.41 124.18 17.77
CA GLU L 44 -11.69 124.49 18.41
C GLU L 44 -12.00 123.57 19.58
N THR L 45 -11.11 122.64 19.86
CA THR L 45 -11.08 121.94 21.13
C THR L 45 -9.76 122.26 21.80
N GLY L 46 -9.57 121.71 23.00
CA GLY L 46 -8.32 121.91 23.70
C GLY L 46 -7.17 121.21 23.00
N ASN L 47 -5.95 121.53 23.43
CA ASN L 47 -4.78 121.03 22.73
C ASN L 47 -4.56 119.56 23.04
N LYS L 48 -3.36 119.09 22.68
CA LYS L 48 -3.10 117.89 21.88
C LYS L 48 -4.20 116.84 22.02
N CYS L 49 -4.41 116.25 23.17
CA CYS L 49 -5.21 115.05 23.21
C CYS L 49 -6.60 115.38 23.72
N PRO L 50 -7.63 114.63 23.34
CA PRO L 50 -8.93 114.80 23.97
C PRO L 50 -8.87 114.37 25.41
N PRO L 51 -9.42 115.16 26.32
CA PRO L 51 -9.23 114.89 27.76
C PRO L 51 -9.77 113.55 28.24
N LEU L 52 -10.92 113.11 27.75
CA LEU L 52 -11.49 111.86 28.24
C LEU L 52 -10.95 110.66 27.50
N GLY L 53 -10.72 110.79 26.19
CA GLY L 53 -10.38 109.64 25.37
C GLY L 53 -8.92 109.52 24.95
N ALA L 54 -8.06 110.37 25.52
CA ALA L 54 -6.62 110.23 25.28
C ALA L 54 -6.07 108.95 25.85
N ARG L 55 -6.46 108.65 27.09
CA ARG L 55 -5.66 107.83 27.99
C ARG L 55 -5.52 106.39 27.52
N ILE L 56 -6.40 105.94 26.63
CA ILE L 56 -6.26 104.62 26.05
C ILE L 56 -5.15 104.58 25.01
N LEU L 57 -4.83 105.71 24.38
CA LEU L 57 -3.88 105.76 23.29
C LEU L 57 -2.54 106.38 23.67
N GLU L 58 -2.46 107.07 24.80
CA GLU L 58 -1.22 107.70 25.24
C GLU L 58 -0.19 106.68 25.71
N ASP L 59 -0.58 105.42 25.89
CA ASP L 59 0.30 104.34 26.29
C ASP L 59 0.48 103.29 25.21
N ALA L 60 -0.48 103.17 24.31
CA ALA L 60 -0.49 102.10 23.32
C ALA L 60 0.43 102.38 22.14
N GLN L 61 0.23 101.62 21.07
CA GLN L 61 1.21 101.28 20.05
C GLN L 61 1.04 102.20 18.86
N PRO L 62 1.90 102.13 17.83
CA PRO L 62 1.50 102.70 16.55
C PRO L 62 0.29 102.01 15.94
N SER L 63 0.08 100.74 16.29
CA SER L 63 -1.01 99.97 15.72
C SER L 63 -2.36 100.41 16.28
N ALA L 64 -2.43 100.71 17.58
CA ALA L 64 -3.72 101.03 18.18
C ALA L 64 -4.18 102.43 17.83
N ILE L 65 -3.25 103.38 17.80
CA ILE L 65 -3.57 104.76 17.44
C ILE L 65 -4.12 104.79 16.04
N LYS L 66 -3.41 104.14 15.12
CA LYS L 66 -3.78 104.14 13.72
C LYS L 66 -5.09 103.39 13.47
N TRP L 67 -5.30 102.25 14.15
CA TRP L 67 -6.52 101.47 13.96
C TRP L 67 -7.75 102.24 14.41
N PHE L 68 -7.61 103.09 15.42
CA PHE L 68 -8.73 103.95 15.78
C PHE L 68 -8.86 105.12 14.82
N GLN L 69 -7.74 105.57 14.25
CA GLN L 69 -7.80 106.58 13.20
C GLN L 69 -8.53 106.06 11.97
N ASN L 70 -8.43 104.76 11.71
CA ASN L 70 -9.14 104.15 10.59
C ASN L 70 -10.64 104.13 10.81
N ALA L 71 -11.06 103.86 12.04
CA ALA L 71 -12.48 103.79 12.33
C ALA L 71 -13.13 105.16 12.18
N GLU L 72 -12.53 106.19 12.80
CA GLU L 72 -13.11 107.54 12.80
C GLU L 72 -13.22 108.09 11.39
N ILE L 73 -12.26 107.74 10.53
CA ILE L 73 -12.42 108.06 9.12
C ILE L 73 -13.56 107.26 8.51
N LYS L 74 -13.63 105.96 8.81
CA LYS L 74 -14.63 105.10 8.20
C LYS L 74 -16.03 105.38 8.75
N HIS L 75 -16.14 105.65 10.06
CA HIS L 75 -17.43 106.02 10.62
C HIS L 75 -17.91 107.37 10.08
N GLY L 76 -16.98 108.25 9.76
CA GLY L 76 -17.34 109.50 9.11
C GLY L 76 -17.87 109.28 7.71
N ARG L 77 -17.24 108.37 6.95
CA ARG L 77 -17.57 108.18 5.55
C ARG L 77 -18.98 107.63 5.37
N ILE L 78 -19.43 106.78 6.29
CA ILE L 78 -20.83 106.38 6.28
C ILE L 78 -21.71 107.55 6.68
N ALA L 79 -21.26 108.35 7.65
CA ALA L 79 -22.07 109.46 8.13
C ALA L 79 -22.10 110.62 7.15
N MET L 80 -21.01 110.84 6.40
CA MET L 80 -21.02 111.86 5.36
C MET L 80 -21.97 111.52 4.22
N VAL L 81 -22.30 110.25 4.05
CA VAL L 81 -23.22 109.81 3.02
C VAL L 81 -24.64 109.63 3.56
N ALA L 82 -24.77 109.16 4.80
CA ALA L 82 -26.08 108.99 5.42
C ALA L 82 -26.76 110.32 5.72
N THR L 83 -25.97 111.39 5.84
CA THR L 83 -26.50 112.74 5.93
C THR L 83 -27.35 113.08 4.73
N ILE L 84 -26.84 112.78 3.54
CA ILE L 84 -27.53 113.16 2.32
C ILE L 84 -28.57 112.13 1.91
N GLY L 85 -28.38 110.86 2.26
CA GLY L 85 -29.41 109.87 2.04
C GLY L 85 -30.68 110.11 2.84
N TYR L 86 -30.55 110.82 3.96
CA TYR L 86 -31.71 111.24 4.75
C TYR L 86 -32.28 112.58 4.29
N LEU L 87 -31.41 113.49 3.84
CA LEU L 87 -31.85 114.73 3.21
C LEU L 87 -32.73 114.44 2.00
N VAL L 88 -32.31 113.51 1.17
CA VAL L 88 -33.03 113.18 -0.05
C VAL L 88 -34.30 112.38 0.27
N GLN L 89 -34.27 111.59 1.35
CA GLN L 89 -35.45 110.81 1.72
C GLN L 89 -36.53 111.68 2.35
N LYS L 90 -36.14 112.55 3.28
CA LYS L 90 -37.10 113.40 3.99
C LYS L 90 -37.74 114.42 3.04
N LEU L 91 -37.02 114.86 2.02
CA LEU L 91 -37.63 115.59 0.93
C LEU L 91 -38.66 114.72 0.21
N GLY L 92 -38.22 113.58 -0.31
CA GLY L 92 -39.08 112.69 -1.04
C GLY L 92 -38.83 112.60 -2.53
N VAL L 93 -37.70 113.12 -3.02
CA VAL L 93 -37.38 113.01 -4.44
C VAL L 93 -36.88 111.59 -4.72
N HIS L 94 -37.32 111.01 -5.84
CA HIS L 94 -36.86 109.67 -6.17
C HIS L 94 -36.33 109.60 -7.59
N PHE L 95 -35.99 108.39 -8.07
CA PHE L 95 -35.02 108.24 -9.16
C PHE L 95 -35.35 108.85 -10.52
N PRO L 96 -36.63 108.94 -11.01
CA PRO L 96 -36.81 109.66 -12.28
C PRO L 96 -36.53 111.14 -12.14
N LEU L 97 -35.23 111.46 -12.11
CA LEU L 97 -34.77 112.79 -11.78
C LEU L 97 -35.06 113.72 -12.94
N TYR L 98 -35.75 114.80 -12.63
CA TYR L 98 -36.33 115.66 -13.65
C TYR L 98 -36.48 117.02 -13.03
N LEU L 99 -35.99 118.04 -13.73
CA LEU L 99 -35.80 119.32 -13.07
C LEU L 99 -37.09 120.09 -12.85
N GLY L 100 -38.21 119.68 -13.43
CA GLY L 100 -39.38 120.53 -13.43
C GLY L 100 -40.70 119.94 -12.94
N PRO L 101 -41.81 120.66 -13.23
CA PRO L 101 -43.09 120.33 -12.56
C PRO L 101 -43.90 119.21 -13.20
N SER L 102 -43.25 118.13 -13.59
CA SER L 102 -43.94 116.86 -13.79
C SER L 102 -43.15 115.68 -13.26
N GLY L 103 -41.88 115.87 -12.91
CA GLY L 103 -41.05 114.81 -12.40
C GLY L 103 -40.28 115.28 -11.18
N SER L 104 -39.44 114.38 -10.67
CA SER L 104 -38.91 114.47 -9.31
C SER L 104 -37.76 115.48 -9.23
N ASN L 105 -37.99 116.59 -8.50
CA ASN L 105 -36.96 117.54 -8.09
C ASN L 105 -37.22 117.84 -6.60
N CYS L 106 -36.37 118.69 -6.02
CA CYS L 106 -36.62 119.26 -4.70
C CYS L 106 -37.94 120.01 -4.65
N PHE L 107 -38.33 120.67 -5.74
CA PHE L 107 -39.51 121.52 -5.74
C PHE L 107 -40.78 120.70 -5.91
N HIS L 108 -40.82 119.81 -6.90
CA HIS L 108 -41.92 118.87 -7.08
C HIS L 108 -41.38 117.45 -7.01
N PRO L 109 -41.31 116.85 -5.81
CA PRO L 109 -40.94 115.43 -5.70
C PRO L 109 -42.14 114.48 -5.88
N GLU L 110 -42.95 114.75 -6.90
CA GLU L 110 -44.24 114.10 -7.11
C GLU L 110 -44.38 113.68 -8.57
N SER L 111 -43.40 112.92 -9.06
CA SER L 111 -43.30 112.58 -10.48
C SER L 111 -44.51 111.82 -11.00
N GLU L 112 -44.81 112.05 -12.29
CA GLU L 112 -45.94 111.39 -12.92
C GLU L 112 -45.59 109.97 -13.36
N THR L 113 -44.38 109.77 -13.88
CA THR L 113 -43.93 108.47 -14.34
C THR L 113 -43.35 107.70 -13.16
N ALA L 114 -43.88 106.51 -12.92
CA ALA L 114 -43.38 105.63 -11.88
C ALA L 114 -42.67 104.46 -12.54
N TRP L 115 -41.37 104.35 -12.31
CA TRP L 115 -40.63 103.16 -12.71
C TRP L 115 -40.86 102.09 -11.64
N LEU L 116 -40.11 101.00 -11.70
CA LEU L 116 -40.44 99.81 -10.94
C LEU L 116 -39.19 99.20 -10.33
N LEU L 117 -39.16 99.07 -8.99
CA LEU L 117 -37.92 98.68 -8.31
C LEU L 117 -37.67 97.18 -8.36
N SER L 118 -38.72 96.35 -8.28
CA SER L 118 -38.50 94.98 -7.87
C SER L 118 -38.91 93.90 -8.87
N SER L 119 -40.06 94.04 -9.52
CA SER L 119 -40.62 93.17 -10.57
C SER L 119 -41.07 91.80 -10.09
N SER L 120 -40.90 91.46 -8.82
CA SER L 120 -41.49 90.26 -8.28
C SER L 120 -42.44 90.51 -7.12
N THR L 121 -42.18 91.53 -6.30
CA THR L 121 -43.12 91.94 -5.27
C THR L 121 -43.85 93.22 -5.61
N GLY L 122 -43.48 93.90 -6.71
CA GLY L 122 -44.27 94.98 -7.23
C GLY L 122 -44.13 96.31 -6.51
N VAL L 123 -43.27 96.40 -5.49
CA VAL L 123 -43.04 97.69 -4.86
C VAL L 123 -42.28 98.58 -5.83
N THR L 124 -42.65 99.85 -5.87
CA THR L 124 -42.12 100.76 -6.87
C THR L 124 -41.14 101.72 -6.23
N PHE L 125 -40.59 102.60 -7.06
CA PHE L 125 -39.68 103.62 -6.58
C PHE L 125 -40.41 104.74 -5.86
N SER L 126 -41.66 104.99 -6.24
CA SER L 126 -42.34 106.20 -5.79
C SER L 126 -42.93 106.04 -4.40
N ASP L 127 -43.48 104.86 -4.08
CA ASP L 127 -44.17 104.69 -2.81
C ASP L 127 -43.22 104.58 -1.62
N ILE L 128 -41.94 104.32 -1.88
CA ILE L 128 -40.95 104.39 -0.81
C ILE L 128 -40.76 105.83 -0.37
N ALA L 129 -40.81 106.77 -1.32
CA ALA L 129 -40.67 108.18 -1.00
C ALA L 129 -41.85 108.74 -0.22
N LYS L 130 -43.02 108.10 -0.28
CA LYS L 130 -44.19 108.56 0.45
C LYS L 130 -44.22 108.10 1.89
N ALA L 131 -43.27 107.27 2.31
CA ALA L 131 -43.23 106.75 3.68
C ALA L 131 -42.17 107.47 4.50
N ALA L 132 -42.21 107.23 5.81
CA ALA L 132 -41.26 107.80 6.74
C ALA L 132 -39.87 107.20 6.49
N PRO L 133 -38.80 107.97 6.74
CA PRO L 133 -37.44 107.46 6.44
C PRO L 133 -37.04 106.25 7.27
N LEU L 134 -37.58 106.12 8.46
CA LEU L 134 -37.32 104.94 9.26
C LEU L 134 -38.24 103.78 8.89
N ASP L 135 -39.28 104.05 8.09
CA ASP L 135 -40.12 103.03 7.49
C ASP L 135 -39.72 102.70 6.06
N ALA L 136 -39.08 103.64 5.36
CA ALA L 136 -38.71 103.43 3.96
C ALA L 136 -37.57 102.46 3.81
N ILE L 137 -36.80 102.21 4.88
CA ILE L 137 -35.67 101.30 4.82
C ILE L 137 -36.15 99.87 4.63
N GLN L 138 -37.20 99.48 5.35
CA GLN L 138 -37.70 98.10 5.32
C GLN L 138 -38.46 97.77 4.05
N MET L 139 -38.76 98.76 3.20
CA MET L 139 -39.42 98.49 1.94
C MET L 139 -38.48 97.94 0.88
N VAL L 140 -37.17 97.95 1.14
CA VAL L 140 -36.20 97.38 0.20
C VAL L 140 -36.21 95.86 0.31
N PRO L 141 -36.36 95.14 -0.79
CA PRO L 141 -36.46 93.68 -0.73
C PRO L 141 -35.08 93.03 -0.61
N VAL L 142 -35.09 91.72 -0.44
CA VAL L 142 -33.92 90.95 -0.01
C VAL L 142 -32.87 90.82 -1.12
N ALA L 143 -33.27 90.89 -2.40
CA ALA L 143 -32.30 90.96 -3.49
C ALA L 143 -31.43 92.18 -3.40
N GLY L 144 -31.98 93.28 -2.90
CA GLY L 144 -31.19 94.50 -2.76
C GLY L 144 -30.17 94.39 -1.65
N TRP L 145 -30.59 93.90 -0.48
CA TRP L 145 -29.74 93.89 0.70
C TRP L 145 -28.54 92.96 0.55
N MET L 146 -28.67 91.91 -0.25
CA MET L 146 -27.52 91.05 -0.54
C MET L 146 -26.53 91.78 -1.43
N GLN L 147 -27.01 92.41 -2.49
CA GLN L 147 -26.13 93.02 -3.48
C GLN L 147 -25.50 94.32 -3.00
N ILE L 148 -26.13 95.00 -2.04
CA ILE L 148 -25.40 96.02 -1.30
C ILE L 148 -24.25 95.38 -0.55
N PHE L 149 -24.56 94.31 0.18
CA PHE L 149 -23.60 93.68 1.09
C PHE L 149 -22.48 92.98 0.34
N PHE L 150 -22.73 92.54 -0.90
CA PHE L 150 -21.65 91.91 -1.64
C PHE L 150 -20.66 92.92 -2.17
N VAL L 151 -21.16 94.01 -2.74
CA VAL L 151 -20.27 95.05 -3.27
C VAL L 151 -19.56 95.76 -2.13
N ALA L 152 -20.28 96.07 -1.06
CA ALA L 152 -19.65 96.70 0.11
C ALA L 152 -18.71 95.74 0.79
N GLY L 153 -19.04 94.45 0.82
CA GLY L 153 -18.10 93.47 1.35
C GLY L 153 -16.88 93.28 0.48
N TRP L 154 -17.02 93.45 -0.83
CA TRP L 154 -15.87 93.32 -1.71
C TRP L 154 -14.99 94.55 -1.64
N PHE L 155 -15.59 95.74 -1.52
CA PHE L 155 -14.79 96.94 -1.33
C PHE L 155 -14.10 96.94 0.02
N GLU L 156 -14.68 96.28 1.01
CA GLU L 156 -14.07 96.17 2.32
C GLU L 156 -12.98 95.09 2.36
N SER L 157 -12.90 94.20 1.38
CA SER L 157 -11.78 93.28 1.33
C SER L 157 -10.57 93.87 0.64
N VAL L 158 -10.77 94.60 -0.47
CA VAL L 158 -9.70 95.35 -1.10
C VAL L 158 -9.30 96.52 -0.21
N ALA L 159 -10.20 96.92 0.69
CA ALA L 159 -9.85 97.83 1.78
C ALA L 159 -8.73 97.28 2.63
N TYR L 160 -8.91 96.08 3.15
CA TYR L 160 -8.00 95.53 4.13
C TYR L 160 -6.62 95.26 3.53
N TYR L 161 -6.55 94.95 2.25
CA TYR L 161 -5.27 94.59 1.65
C TYR L 161 -4.38 95.80 1.43
N ARG L 162 -4.94 96.88 0.88
CA ARG L 162 -4.14 98.02 0.43
C ARG L 162 -3.49 98.78 1.56
N GLN L 163 -3.91 98.55 2.80
CA GLN L 163 -3.46 99.35 3.92
C GLN L 163 -2.68 98.56 4.97
N TRP L 164 -3.27 97.53 5.55
CA TRP L 164 -2.63 96.83 6.65
C TRP L 164 -1.59 95.83 6.19
N VAL L 165 -1.62 95.43 4.92
CA VAL L 165 -0.59 94.60 4.35
C VAL L 165 0.44 95.42 3.59
N LYS L 166 0.02 96.47 2.90
CA LYS L 166 0.93 97.27 2.12
C LYS L 166 1.49 98.47 2.88
N ASP L 167 1.06 98.66 4.12
CA ASP L 167 1.68 99.59 5.07
C ASP L 167 1.70 101.02 4.56
N SER L 168 0.51 101.49 4.22
CA SER L 168 0.36 102.91 3.93
C SER L 168 0.61 103.67 5.23
N PRO L 169 1.50 104.66 5.21
CA PRO L 169 1.84 105.38 6.44
C PRO L 169 0.80 106.41 6.87
N ILE L 170 -0.41 106.26 6.34
CA ILE L 170 -1.41 107.30 6.31
C ILE L 170 -2.76 106.59 6.35
N PRO L 171 -3.68 106.98 7.23
CA PRO L 171 -4.93 106.24 7.39
C PRO L 171 -6.05 106.68 6.47
N GLY L 172 -7.03 105.79 6.33
CA GLY L 172 -8.12 105.97 5.39
C GLY L 172 -7.68 106.01 3.95
N ASP L 173 -6.59 105.30 3.63
CA ASP L 173 -5.78 105.58 2.45
C ASP L 173 -5.78 104.41 1.48
N TYR L 174 -6.68 104.42 0.53
CA TYR L 174 -6.73 103.32 -0.41
C TYR L 174 -6.38 103.82 -1.79
N GLY L 175 -6.53 102.94 -2.75
CA GLY L 175 -6.35 103.38 -4.11
C GLY L 175 -7.54 104.12 -4.69
N TYR L 176 -8.61 104.36 -3.92
CA TYR L 176 -9.81 104.99 -4.46
C TYR L 176 -9.54 106.48 -4.67
N ASP L 177 -9.06 106.81 -5.87
CA ASP L 177 -8.96 108.19 -6.31
C ASP L 177 -9.26 108.21 -7.81
N PRO L 178 -10.55 108.28 -8.18
CA PRO L 178 -10.92 108.34 -9.61
C PRO L 178 -10.34 109.53 -10.36
N LEU L 179 -10.36 110.71 -9.78
CA LEU L 179 -9.92 111.90 -10.50
C LEU L 179 -8.46 112.21 -10.30
N GLY L 180 -7.74 111.41 -9.52
CA GLY L 180 -6.30 111.56 -9.40
C GLY L 180 -5.88 112.83 -8.69
N PHE L 181 -6.42 113.05 -7.49
CA PHE L 181 -6.06 114.23 -6.73
C PHE L 181 -4.67 114.14 -6.12
N THR L 182 -4.10 112.94 -6.08
CA THR L 182 -2.94 112.65 -5.27
C THR L 182 -1.73 112.28 -6.13
N LYS L 183 -1.56 112.95 -7.25
CA LYS L 183 -0.43 112.71 -8.14
C LYS L 183 0.27 114.00 -8.52
N ARG L 184 0.23 114.99 -7.63
CA ARG L 184 0.70 116.33 -7.98
C ARG L 184 2.19 116.48 -7.71
N GLU L 185 2.66 117.74 -7.71
CA GLU L 185 4.10 118.02 -7.65
C GLU L 185 4.73 117.60 -6.33
N GLY L 186 3.95 117.60 -5.25
CA GLY L 186 4.49 117.22 -3.96
C GLY L 186 4.16 115.80 -3.57
N GLY L 187 2.89 115.44 -3.71
CA GLY L 187 2.41 114.14 -3.29
C GLY L 187 1.68 114.23 -1.96
N TRP L 188 2.00 113.31 -1.05
CA TRP L 188 1.31 113.25 0.23
C TRP L 188 1.83 114.27 1.24
N ASP L 189 2.90 115.00 0.93
CA ASP L 189 3.40 116.03 1.81
C ASP L 189 2.88 117.42 1.45
N SER L 190 2.00 117.51 0.47
CA SER L 190 1.50 118.81 0.04
C SER L 190 0.58 119.40 1.09
N GLU L 191 0.59 120.73 1.18
CA GLU L 191 -0.23 121.44 2.15
C GLU L 191 -1.70 121.31 1.82
N GLU L 192 -2.03 121.16 0.54
CA GLU L 192 -3.40 120.98 0.10
C GLU L 192 -3.93 119.60 0.40
N LEU L 193 -3.04 118.63 0.58
CA LEU L 193 -3.42 117.24 0.86
C LEU L 193 -3.59 117.00 2.35
N THR L 194 -2.65 117.52 3.14
CA THR L 194 -2.81 117.51 4.59
C THR L 194 -3.96 118.39 5.04
N SER L 195 -4.33 119.39 4.24
CA SER L 195 -5.53 120.16 4.55
C SER L 195 -6.78 119.31 4.41
N LEU L 196 -6.91 118.60 3.28
CA LEU L 196 -8.16 117.91 2.98
C LEU L 196 -8.39 116.71 3.87
N ARG L 197 -7.34 116.02 4.29
CA ARG L 197 -7.47 114.99 5.32
C ARG L 197 -8.03 115.60 6.61
N LEU L 198 -7.45 116.73 7.02
CA LEU L 198 -7.99 117.50 8.13
C LEU L 198 -9.38 118.02 7.83
N LYS L 199 -9.65 118.38 6.57
CA LYS L 199 -10.99 118.80 6.20
C LYS L 199 -11.98 117.64 6.20
N GLU L 200 -11.53 116.45 5.82
CA GLU L 200 -12.45 115.32 5.68
C GLU L 200 -12.88 114.80 7.04
N ILE L 201 -11.95 114.70 7.99
CA ILE L 201 -12.26 114.14 9.29
C ILE L 201 -13.28 115.01 10.01
N LYS L 202 -13.06 116.33 10.01
CA LYS L 202 -13.98 117.26 10.66
C LYS L 202 -15.36 117.26 10.03
N ASN L 203 -15.41 117.19 8.69
CA ASN L 203 -16.70 117.06 8.03
C ASN L 203 -17.32 115.70 8.32
N GLY L 204 -16.50 114.67 8.49
CA GLY L 204 -17.00 113.43 9.04
C GLY L 204 -17.41 113.59 10.49
N ARG L 205 -16.63 114.38 11.26
CA ARG L 205 -16.96 114.62 12.66
C ARG L 205 -18.26 115.37 12.82
N LEU L 206 -18.48 116.36 11.95
CA LEU L 206 -19.77 117.01 11.91
C LEU L 206 -20.87 116.01 11.61
N ALA L 207 -20.69 115.24 10.52
CA ALA L 207 -21.73 114.35 10.00
C ALA L 207 -22.07 113.22 10.96
N MET L 208 -21.12 112.77 11.77
CA MET L 208 -21.44 111.74 12.77
C MET L 208 -22.34 112.30 13.87
N MET L 209 -22.02 113.50 14.37
CA MET L 209 -22.91 114.18 15.30
C MET L 209 -24.21 114.58 14.63
N THR L 210 -24.15 114.84 13.33
CA THR L 210 -25.27 115.40 12.61
C THR L 210 -26.35 114.36 12.34
N ILE L 211 -25.96 113.17 11.88
CA ILE L 211 -26.95 112.12 11.62
C ILE L 211 -27.47 111.52 12.93
N ALA L 212 -26.66 111.56 13.99
CA ALA L 212 -27.10 110.96 15.26
C ALA L 212 -28.17 111.79 15.93
N ALA L 213 -28.13 113.11 15.76
CA ALA L 213 -29.20 113.97 16.26
C ALA L 213 -30.45 113.85 15.40
N TRP L 214 -30.33 113.30 14.21
CA TRP L 214 -31.42 113.20 13.24
C TRP L 214 -32.19 111.90 13.41
N VAL L 215 -31.47 110.83 13.69
CA VAL L 215 -32.07 109.56 14.11
C VAL L 215 -32.82 109.75 15.42
N SER L 216 -32.32 110.61 16.31
CA SER L 216 -32.95 110.86 17.59
C SER L 216 -34.28 111.58 17.45
N ASP L 217 -34.38 112.50 16.47
CA ASP L 217 -35.59 113.32 16.34
C ASP L 217 -36.79 112.54 15.81
N GLU L 218 -36.57 111.45 15.09
CA GLU L 218 -37.68 110.66 14.59
C GLU L 218 -38.14 109.60 15.59
N MET L 219 -37.20 109.03 16.33
CA MET L 219 -37.56 108.03 17.32
C MET L 219 -38.29 108.65 18.52
N ILE L 220 -37.79 109.79 19.00
CA ILE L 220 -38.51 110.58 19.99
C ILE L 220 -38.78 111.95 19.40
N PRO L 221 -40.04 112.39 19.28
CA PRO L 221 -40.31 113.70 18.70
C PRO L 221 -39.96 114.82 19.67
N GLY L 222 -39.22 115.81 19.17
CA GLY L 222 -38.81 116.93 19.98
C GLY L 222 -37.45 116.79 20.65
N ALA L 223 -36.56 115.95 20.11
CA ALA L 223 -35.27 115.74 20.75
C ALA L 223 -34.30 116.87 20.46
N LEU L 224 -34.23 117.34 19.22
CA LEU L 224 -33.39 118.48 18.84
C LEU L 224 -34.28 119.60 18.30
N PRO L 225 -34.78 120.48 19.17
CA PRO L 225 -35.54 121.66 18.68
C PRO L 225 -34.70 122.90 18.31
N VAL L 226 -34.15 122.90 17.10
CA VAL L 226 -33.55 124.15 16.61
C VAL L 226 -34.22 124.60 15.32
N TRP L 227 -33.95 123.89 14.22
CA TRP L 227 -34.48 124.19 12.88
C TRP L 227 -35.03 122.94 12.20
N HIS L 228 -34.41 121.79 12.45
CA HIS L 228 -34.67 120.50 11.81
C HIS L 228 -35.19 119.56 12.89
N PRO L 229 -36.37 118.91 12.73
CA PRO L 229 -37.40 118.68 13.76
C PRO L 229 -36.93 118.29 15.16
N SER M 118 17.78 37.24 -57.93
CA SER M 118 18.57 36.64 -59.00
C SER M 118 17.82 36.71 -60.31
N TYR M 119 16.68 37.39 -60.31
CA TYR M 119 15.90 37.62 -61.50
C TYR M 119 15.72 39.12 -61.69
N THR M 120 15.44 39.51 -62.92
CA THR M 120 15.04 40.88 -63.21
C THR M 120 13.60 40.81 -63.73
N CYS M 121 12.64 41.12 -62.87
CA CYS M 121 11.27 41.25 -63.31
C CYS M 121 11.12 42.45 -64.23
N ILE M 122 10.07 42.43 -65.04
CA ILE M 122 9.89 43.41 -66.10
C ILE M 122 9.65 44.79 -65.50
N SER M 123 10.24 45.81 -66.13
CA SER M 123 10.35 47.12 -65.52
C SER M 123 9.00 47.83 -65.49
N LYS M 124 8.93 48.91 -64.72
CA LYS M 124 7.72 49.70 -64.64
C LYS M 124 7.44 50.44 -65.93
N GLU M 125 8.50 50.85 -66.65
CA GLU M 125 8.27 51.56 -67.91
C GLU M 125 7.78 50.60 -69.00
N ALA M 126 8.17 49.34 -68.93
CA ALA M 126 7.78 48.38 -69.95
C ALA M 126 6.34 47.95 -69.81
N ILE M 127 5.76 48.07 -68.62
CA ILE M 127 4.34 47.81 -68.46
C ILE M 127 3.52 49.05 -68.83
N LEU M 128 3.99 50.22 -68.44
CA LEU M 128 3.24 51.46 -68.62
C LEU M 128 3.38 52.04 -70.02
N SER M 129 3.96 51.32 -70.95
CA SER M 129 4.14 51.81 -72.30
C SER M 129 3.23 51.14 -73.33
N SER M 130 2.57 50.03 -72.96
CA SER M 130 2.01 49.22 -74.03
C SER M 130 0.70 49.80 -74.60
N PRO M 131 -0.41 50.01 -73.86
CA PRO M 131 -1.53 50.70 -74.51
C PRO M 131 -1.27 52.18 -74.65
N ASP M 132 -1.66 52.76 -75.79
CA ASP M 132 -1.28 54.14 -76.06
C ASP M 132 -2.11 55.07 -75.18
N THR M 133 -1.45 56.09 -74.66
CA THR M 133 -2.01 56.85 -73.56
C THR M 133 -2.77 58.07 -74.03
N THR M 134 -3.08 58.10 -75.33
CA THR M 134 -3.76 59.18 -76.05
C THR M 134 -5.20 59.60 -75.70
N GLU M 135 -6.07 58.65 -75.40
CA GLU M 135 -7.47 58.98 -75.15
C GLU M 135 -7.68 59.93 -73.97
N ILE M 136 -6.96 59.70 -72.88
CA ILE M 136 -7.08 60.55 -71.69
C ILE M 136 -5.86 61.43 -71.51
N GLY M 137 -5.03 61.54 -72.54
CA GLY M 137 -3.79 62.27 -72.45
C GLY M 137 -2.80 61.38 -71.72
N ARG M 138 -2.32 61.84 -70.56
CA ARG M 138 -1.38 61.09 -69.73
C ARG M 138 -2.03 59.88 -69.05
N VAL M 139 -1.21 58.95 -68.55
CA VAL M 139 -1.73 57.73 -67.94
C VAL M 139 -2.73 58.02 -66.83
N TRP M 140 -3.84 57.31 -66.88
CA TRP M 140 -4.96 57.50 -65.96
C TRP M 140 -4.67 56.74 -64.68
N ASP M 141 -3.99 57.42 -63.75
CA ASP M 141 -3.75 56.92 -62.41
C ASP M 141 -4.10 58.04 -61.44
N PRO M 142 -5.38 58.22 -61.11
CA PRO M 142 -5.75 59.31 -60.19
C PRO M 142 -5.21 59.12 -58.79
N LEU M 143 -5.24 57.91 -58.28
CA LEU M 143 -4.60 57.57 -57.01
C LEU M 143 -3.14 57.21 -57.30
N GLY M 144 -2.46 56.54 -56.39
CA GLY M 144 -1.09 56.18 -56.66
C GLY M 144 -0.84 54.69 -56.76
N LEU M 145 -1.74 53.98 -57.43
CA LEU M 145 -1.73 52.51 -57.42
C LEU M 145 -0.51 51.94 -58.12
N ALA M 146 0.01 52.62 -59.12
CA ALA M 146 1.18 52.14 -59.84
C ALA M 146 2.49 52.46 -59.14
N ASP M 147 2.45 53.25 -58.07
CA ASP M 147 3.66 53.61 -57.35
C ASP M 147 3.81 52.89 -56.02
N ILE M 148 2.72 52.37 -55.46
CA ILE M 148 2.79 51.58 -54.24
C ILE M 148 3.20 50.17 -54.62
N GLY M 149 4.43 49.81 -54.31
CA GLY M 149 4.90 48.44 -54.48
C GLY M 149 6.05 48.34 -55.45
N SER M 150 6.33 47.11 -55.86
CA SER M 150 7.45 46.81 -56.73
C SER M 150 6.97 46.68 -58.17
N ALA M 151 7.91 46.32 -59.04
CA ALA M 151 7.60 46.11 -60.45
C ALA M 151 6.77 44.86 -60.66
N GLU M 152 6.81 43.91 -59.73
CA GLU M 152 5.95 42.73 -59.83
C GLU M 152 4.52 43.05 -59.51
N THR M 153 4.31 44.03 -58.64
CA THR M 153 2.97 44.45 -58.30
C THR M 153 2.25 44.98 -59.52
N LEU M 154 2.97 45.65 -60.42
CA LEU M 154 2.39 46.01 -61.71
C LEU M 154 2.22 44.80 -62.62
N ALA M 155 3.11 43.81 -62.50
CA ALA M 155 2.99 42.62 -63.34
C ALA M 155 1.79 41.79 -62.95
N TRP M 156 1.44 41.77 -61.66
CA TRP M 156 0.19 41.13 -61.27
C TRP M 156 -1.01 41.98 -61.66
N TYR M 157 -0.84 43.31 -61.71
CA TYR M 157 -1.94 44.17 -62.12
C TYR M 157 -2.21 44.04 -63.62
N ARG M 158 -1.16 44.03 -64.42
CA ARG M 158 -1.33 43.94 -65.87
C ARG M 158 -1.87 42.58 -66.28
N HIS M 159 -1.41 41.52 -65.61
CA HIS M 159 -1.94 40.19 -65.87
C HIS M 159 -3.42 40.12 -65.51
N SER M 160 -3.82 40.76 -64.41
CA SER M 160 -5.22 40.71 -63.98
C SER M 160 -6.11 41.56 -64.87
N GLU M 161 -5.63 42.74 -65.30
CA GLU M 161 -6.45 43.61 -66.14
C GLU M 161 -6.74 42.94 -67.47
N VAL M 162 -5.76 42.23 -68.02
CA VAL M 162 -5.94 41.55 -69.28
C VAL M 162 -6.76 40.27 -69.09
N LYS M 163 -6.82 39.73 -67.87
CA LYS M 163 -7.71 38.59 -67.57
C LYS M 163 -9.16 39.02 -67.38
N HIS M 164 -9.39 40.10 -66.62
CA HIS M 164 -10.75 40.55 -66.35
C HIS M 164 -11.44 41.00 -67.62
N GLY M 165 -10.68 41.54 -68.56
CA GLY M 165 -11.25 41.96 -69.82
C GLY M 165 -11.80 40.81 -70.63
N ARG M 166 -10.98 39.77 -70.81
CA ARG M 166 -11.34 38.63 -71.66
C ARG M 166 -12.52 37.86 -71.13
N ILE M 167 -12.67 37.78 -69.82
CA ILE M 167 -13.86 37.18 -69.26
C ILE M 167 -15.07 38.04 -69.57
N ALA M 168 -14.96 39.35 -69.33
CA ALA M 168 -16.06 40.27 -69.58
C ALA M 168 -16.33 40.48 -71.06
N MET M 169 -15.33 40.28 -71.93
CA MET M 169 -15.61 40.30 -73.36
C MET M 169 -16.41 39.08 -73.77
N ALA M 170 -16.00 37.90 -73.31
CA ALA M 170 -16.76 36.69 -73.56
C ALA M 170 -18.04 36.63 -72.77
N ALA M 171 -18.15 37.38 -71.68
CA ALA M 171 -19.40 37.38 -70.92
C ALA M 171 -20.47 38.18 -71.62
N PHE M 172 -20.09 39.29 -72.26
CA PHE M 172 -21.09 40.15 -72.88
C PHE M 172 -21.62 39.53 -74.18
N VAL M 173 -20.73 39.00 -75.01
CA VAL M 173 -21.17 38.41 -76.27
C VAL M 173 -21.94 37.12 -76.01
N GLY M 174 -21.65 36.44 -74.90
CA GLY M 174 -22.48 35.35 -74.48
C GLY M 174 -23.73 35.76 -73.76
N TRP M 175 -23.82 37.03 -73.39
CA TRP M 175 -25.04 37.60 -72.85
C TRP M 175 -25.93 38.16 -73.94
N TRP M 176 -25.31 38.79 -74.95
CA TRP M 176 -26.05 39.36 -76.07
C TRP M 176 -26.69 38.28 -76.92
N ALA M 177 -26.10 37.08 -76.96
CA ALA M 177 -26.64 36.00 -77.78
C ALA M 177 -27.92 35.45 -77.16
N VAL M 178 -27.83 34.94 -75.93
CA VAL M 178 -28.98 34.30 -75.30
C VAL M 178 -30.03 35.28 -74.82
N GLY M 179 -29.73 36.58 -74.82
CA GLY M 179 -30.78 37.56 -74.64
C GLY M 179 -31.72 37.61 -75.81
N ALA M 180 -31.21 37.38 -77.01
CA ALA M 180 -32.01 37.36 -78.23
C ALA M 180 -32.67 36.02 -78.51
N GLY M 181 -32.62 35.09 -77.55
CA GLY M 181 -33.25 33.80 -77.72
C GLY M 181 -32.44 32.79 -78.48
N LEU M 182 -31.14 33.00 -78.61
CA LEU M 182 -30.28 32.02 -79.27
C LEU M 182 -30.08 30.82 -78.35
N ARG M 183 -30.08 29.62 -78.94
CA ARG M 183 -29.88 28.40 -78.17
C ARG M 183 -28.97 27.45 -78.95
N PHE M 184 -28.36 26.51 -78.23
CA PHE M 184 -27.71 25.38 -78.88
C PHE M 184 -28.79 24.40 -79.35
N PRO M 185 -28.52 23.65 -80.42
CA PRO M 185 -29.43 22.55 -80.81
C PRO M 185 -29.14 21.28 -80.01
N GLY M 186 -30.07 20.92 -79.14
CA GLY M 186 -29.93 19.67 -78.42
C GLY M 186 -30.65 19.72 -77.08
N GLU M 187 -30.05 19.06 -76.09
CA GLU M 187 -30.64 18.90 -74.76
C GLU M 187 -29.56 18.98 -73.69
N LEU M 188 -29.96 19.46 -72.51
CA LEU M 188 -29.13 19.39 -71.32
C LEU M 188 -29.35 18.01 -70.68
N SER M 189 -28.84 17.80 -69.46
CA SER M 189 -28.37 16.53 -68.91
C SER M 189 -29.26 15.30 -69.13
N HIS M 190 -30.41 15.22 -68.45
CA HIS M 190 -31.39 14.23 -68.84
C HIS M 190 -32.78 14.83 -69.03
N GLY M 191 -33.29 15.47 -67.98
CA GLY M 191 -34.61 16.04 -67.98
C GLY M 191 -34.66 17.49 -68.36
N LEU M 192 -33.52 18.06 -68.70
CA LEU M 192 -33.44 19.42 -69.19
C LEU M 192 -33.13 19.39 -70.68
N GLU M 193 -33.44 20.50 -71.35
CA GLU M 193 -33.38 20.57 -72.80
C GLU M 193 -33.08 22.00 -73.20
N PHE M 194 -32.46 22.17 -74.37
CA PHE M 194 -31.93 23.49 -74.71
C PHE M 194 -33.01 24.43 -75.25
N SER M 195 -34.18 24.50 -74.62
CA SER M 195 -35.19 25.48 -74.97
C SER M 195 -35.98 26.04 -73.81
N SER M 196 -35.94 25.41 -72.63
CA SER M 196 -36.82 25.78 -71.52
C SER M 196 -36.14 26.64 -70.49
N ILE M 197 -34.87 26.95 -70.67
CA ILE M 197 -34.13 27.77 -69.71
C ILE M 197 -34.47 29.24 -69.96
N PRO M 198 -34.81 30.01 -68.93
CA PRO M 198 -35.20 31.40 -69.15
C PRO M 198 -34.06 32.26 -69.66
N SER M 199 -34.41 33.25 -70.46
CA SER M 199 -33.44 34.17 -71.05
C SER M 199 -33.30 35.42 -70.18
N LYS M 200 -32.94 35.19 -68.91
CA LYS M 200 -32.85 36.27 -67.93
C LYS M 200 -31.52 36.23 -67.19
N GLY M 201 -31.42 37.00 -66.11
CA GLY M 201 -30.17 37.18 -65.41
C GLY M 201 -29.65 35.97 -64.66
N LEU M 202 -30.30 35.64 -63.56
CA LEU M 202 -29.85 34.57 -62.70
C LEU M 202 -30.73 33.33 -62.83
N GLU M 203 -31.86 33.43 -63.52
CA GLU M 203 -32.71 32.27 -63.76
C GLU M 203 -32.05 31.28 -64.70
N ALA M 204 -31.27 31.77 -65.66
CA ALA M 204 -30.49 30.88 -66.51
C ALA M 204 -29.38 30.21 -65.73
N TRP M 205 -28.78 30.93 -64.79
CA TRP M 205 -27.74 30.39 -63.94
C TRP M 205 -28.29 29.37 -62.94
N ASP M 206 -29.53 29.55 -62.51
CA ASP M 206 -30.15 28.67 -61.54
C ASP M 206 -30.81 27.45 -62.18
N ALA M 207 -30.97 27.44 -63.50
CA ALA M 207 -31.65 26.34 -64.17
C ALA M 207 -30.71 25.20 -64.53
N VAL M 208 -29.46 25.52 -64.84
CA VAL M 208 -28.46 24.49 -65.17
C VAL M 208 -28.13 23.71 -63.89
N PRO M 209 -27.96 22.38 -63.95
CA PRO M 209 -27.82 21.62 -62.70
C PRO M 209 -26.46 21.83 -62.04
N GLY M 210 -26.42 21.48 -60.76
CA GLY M 210 -25.23 21.72 -59.96
C GLY M 210 -24.04 20.88 -60.36
N TRP M 211 -24.29 19.69 -60.91
CA TRP M 211 -23.20 18.85 -61.38
C TRP M 211 -22.55 19.36 -62.66
N GLY M 212 -23.17 20.33 -63.33
CA GLY M 212 -22.52 21.02 -64.41
C GLY M 212 -21.91 22.30 -63.92
N LYS M 213 -22.48 22.84 -62.84
CA LYS M 213 -21.85 23.95 -62.14
C LYS M 213 -20.52 23.52 -61.54
N VAL M 214 -20.51 22.35 -60.90
CA VAL M 214 -19.26 21.80 -60.38
C VAL M 214 -18.34 21.42 -61.54
N GLN M 215 -18.91 21.02 -62.69
CA GLN M 215 -18.08 20.64 -63.81
C GLN M 215 -17.33 21.85 -64.40
N MET M 216 -18.05 22.92 -64.74
CA MET M 216 -17.39 24.08 -65.34
C MET M 216 -16.49 24.82 -64.36
N LEU M 217 -16.67 24.60 -63.05
CA LEU M 217 -15.71 25.11 -62.08
C LEU M 217 -14.42 24.29 -62.10
N LEU M 218 -14.53 22.96 -62.22
CA LEU M 218 -13.34 22.13 -62.23
C LEU M 218 -12.55 22.27 -63.52
N PHE M 219 -13.23 22.51 -64.64
CA PHE M 219 -12.51 22.65 -65.90
C PHE M 219 -11.82 24.00 -66.00
N ALA M 220 -12.41 25.03 -65.41
CA ALA M 220 -11.73 26.33 -65.35
C ALA M 220 -10.51 26.25 -64.46
N GLY M 221 -10.66 25.64 -63.28
CA GLY M 221 -9.54 25.43 -62.40
C GLY M 221 -8.51 24.48 -62.95
N LEU M 222 -8.90 23.59 -63.87
CA LEU M 222 -7.92 22.83 -64.63
C LEU M 222 -7.05 23.76 -65.45
N ILE M 223 -7.67 24.67 -66.20
CA ILE M 223 -6.93 25.58 -67.08
C ILE M 223 -6.01 26.48 -66.27
N GLU M 224 -6.52 27.04 -65.18
CA GLU M 224 -5.74 27.97 -64.38
C GLU M 224 -4.66 27.27 -63.57
N PHE M 225 -4.80 25.98 -63.30
CA PHE M 225 -3.70 25.25 -62.68
C PHE M 225 -2.56 25.05 -63.67
N HIS M 226 -2.88 24.76 -64.92
CA HIS M 226 -1.84 24.46 -65.90
C HIS M 226 -1.33 25.68 -66.63
N ASP M 227 -2.01 26.82 -66.52
CA ASP M 227 -1.38 28.08 -66.88
C ASP M 227 -0.08 28.25 -66.12
N GLU M 228 -0.20 28.36 -64.81
CA GLU M 228 0.92 28.73 -63.96
C GLU M 228 1.98 27.64 -63.86
N LEU M 229 1.63 26.38 -64.14
CA LEU M 229 2.65 25.37 -64.37
C LEU M 229 3.45 25.69 -65.61
N PHE M 230 2.75 26.03 -66.69
CA PHE M 230 3.44 26.28 -67.94
C PHE M 230 4.04 27.67 -68.02
N HIS M 231 3.72 28.56 -67.09
CA HIS M 231 4.47 29.82 -67.03
C HIS M 231 5.86 29.57 -66.44
N THR M 232 5.93 28.82 -65.33
CA THR M 232 7.20 28.68 -64.63
C THR M 232 8.15 27.73 -65.35
N ARG M 233 7.58 26.86 -66.17
CA ARG M 233 8.35 25.90 -66.96
C ARG M 233 7.96 26.06 -68.43
N ARG M 234 8.90 25.75 -69.32
CA ARG M 234 8.72 25.83 -70.78
C ARG M 234 8.35 27.21 -71.34
N ALA M 235 8.89 28.26 -70.73
CA ALA M 235 8.63 29.63 -71.18
C ALA M 235 9.92 30.44 -71.02
N GLU M 236 10.12 31.45 -71.84
CA GLU M 236 11.34 32.24 -71.69
C GLU M 236 11.18 33.22 -70.54
N GLY M 237 12.24 33.39 -69.76
CA GLY M 237 12.17 34.21 -68.57
C GLY M 237 11.61 33.49 -67.36
N GLY M 238 10.66 32.58 -67.58
CA GLY M 238 10.02 31.87 -66.51
C GLY M 238 8.64 32.42 -66.23
N HIS M 239 8.25 32.39 -64.96
CA HIS M 239 7.00 32.97 -64.51
C HIS M 239 7.01 34.49 -64.69
N TYR M 240 5.83 35.06 -64.90
CA TYR M 240 5.76 36.47 -65.26
C TYR M 240 6.06 37.40 -64.10
N LEU M 241 5.81 36.96 -62.87
CA LEU M 241 6.33 37.68 -61.72
C LEU M 241 7.82 37.45 -61.52
N ARG M 242 8.37 36.45 -62.20
CA ARG M 242 9.78 36.14 -62.10
C ARG M 242 10.58 36.59 -63.32
N GLY M 243 9.93 37.23 -64.28
CA GLY M 243 10.64 37.69 -65.46
C GLY M 243 10.11 37.11 -66.75
N GLY M 244 8.89 36.61 -66.74
CA GLY M 244 8.25 36.16 -67.97
C GLY M 244 7.58 37.34 -68.64
N THR M 245 6.30 37.20 -69.01
CA THR M 245 5.59 38.36 -69.47
C THR M 245 4.14 38.23 -69.02
N PRO M 246 3.54 39.28 -68.49
CA PRO M 246 2.16 39.19 -68.02
C PRO M 246 1.17 39.42 -69.15
N GLY M 247 0.07 38.67 -69.11
CA GLY M 247 -0.94 38.70 -70.14
C GLY M 247 -0.86 37.54 -71.11
N LYS M 248 0.33 37.00 -71.33
CA LYS M 248 0.49 35.85 -72.20
C LYS M 248 -0.07 34.60 -71.53
N ASN M 249 -0.70 33.75 -72.31
CA ASN M 249 -1.19 32.47 -71.84
C ASN M 249 -0.34 31.34 -72.43
N MET M 250 -0.43 30.17 -71.80
CA MET M 250 0.51 29.11 -72.04
C MET M 250 -0.09 27.73 -72.26
N VAL M 251 -1.41 27.57 -72.23
CA VAL M 251 -2.01 26.25 -72.47
C VAL M 251 -2.18 26.05 -73.98
N PRO M 252 -1.74 24.92 -74.53
CA PRO M 252 -1.81 24.73 -75.99
C PRO M 252 -3.21 24.57 -76.57
N GLY M 253 -4.13 23.88 -75.87
CA GLY M 253 -5.49 23.74 -76.37
C GLY M 253 -6.21 25.07 -76.47
N LEU M 254 -5.86 26.04 -75.62
CA LEU M 254 -6.76 27.18 -75.39
C LEU M 254 -6.69 28.22 -76.51
N PHE M 255 -5.55 28.85 -76.70
CA PHE M 255 -5.45 29.93 -77.67
C PHE M 255 -4.95 29.41 -79.01
N ASP M 256 -5.70 29.74 -80.07
CA ASP M 256 -5.43 29.40 -81.47
C ASP M 256 -5.12 27.92 -81.63
N PRO M 257 -6.11 27.03 -81.48
CA PRO M 257 -5.79 25.59 -81.63
C PRO M 257 -5.52 25.17 -83.06
N PHE M 258 -5.79 26.02 -84.07
CA PHE M 258 -5.60 25.62 -85.45
C PHE M 258 -4.49 26.38 -86.15
N GLY M 259 -3.84 27.33 -85.50
CA GLY M 259 -2.78 28.08 -86.14
C GLY M 259 -3.26 29.10 -87.13
N PHE M 260 -4.28 29.89 -86.76
CA PHE M 260 -4.82 30.89 -87.68
C PHE M 260 -3.86 32.05 -87.91
N SER M 261 -3.06 32.39 -86.91
CA SER M 261 -2.29 33.63 -86.94
C SER M 261 -1.09 33.54 -87.86
N LYS M 262 -0.40 32.39 -87.86
CA LYS M 262 0.64 32.05 -88.84
C LYS M 262 1.81 33.01 -88.83
N GLY M 263 2.29 33.33 -87.61
CA GLY M 263 3.53 34.07 -87.42
C GLY M 263 3.62 35.45 -88.03
N LYS M 264 2.86 36.41 -87.53
CA LYS M 264 2.79 37.72 -88.15
C LYS M 264 3.90 38.64 -87.66
N SER M 265 3.96 39.83 -88.25
CA SER M 265 5.04 40.77 -88.02
C SER M 265 4.80 41.61 -86.78
N GLU M 266 5.90 41.96 -86.10
CA GLU M 266 5.87 42.51 -84.74
C GLU M 266 5.09 43.80 -84.61
N GLU M 267 5.03 44.60 -85.68
CA GLU M 267 4.29 45.86 -85.62
C GLU M 267 2.79 45.61 -85.61
N ALA M 268 2.32 44.58 -86.31
CA ALA M 268 0.91 44.25 -86.32
C ALA M 268 0.44 43.59 -85.03
N LEU M 269 1.36 43.25 -84.13
CA LEU M 269 1.04 42.56 -82.90
C LEU M 269 1.00 43.48 -81.69
N ALA M 270 1.86 44.50 -81.69
CA ALA M 270 1.76 45.55 -80.69
C ALA M 270 0.45 46.31 -80.84
N LYS M 271 -0.03 46.47 -82.07
CA LYS M 271 -1.38 46.98 -82.26
C LYS M 271 -2.42 45.98 -81.81
N GLY M 272 -2.14 44.68 -81.97
CA GLY M 272 -3.09 43.67 -81.55
C GLY M 272 -3.20 43.55 -80.04
N ARG M 273 -2.08 43.74 -79.33
CA ARG M 273 -2.11 43.65 -77.88
C ARG M 273 -2.86 44.83 -77.27
N ASP M 274 -2.83 45.99 -77.92
CA ASP M 274 -3.52 47.15 -77.37
C ASP M 274 -5.01 47.11 -77.66
N ARG M 275 -5.41 46.50 -78.78
CA ARG M 275 -6.82 46.43 -79.09
C ARG M 275 -7.55 45.48 -78.16
N GLU M 276 -6.86 44.48 -77.63
CA GLU M 276 -7.51 43.55 -76.71
C GLU M 276 -7.78 44.19 -75.37
N ILE M 277 -6.84 45.01 -74.88
CA ILE M 277 -6.98 45.62 -73.57
C ILE M 277 -8.10 46.64 -73.57
N LYS M 278 -8.13 47.51 -74.57
CA LYS M 278 -9.14 48.58 -74.62
C LYS M 278 -10.53 48.03 -74.87
N ASN M 279 -10.62 46.98 -75.67
CA ASN M 279 -11.89 46.27 -75.78
C ASN M 279 -12.25 45.58 -74.48
N GLY M 280 -11.25 45.09 -73.76
CA GLY M 280 -11.52 44.54 -72.43
C GLY M 280 -11.90 45.62 -71.44
N ARG M 281 -11.27 46.79 -71.53
CA ARG M 281 -11.65 47.93 -70.71
C ARG M 281 -13.05 48.40 -71.04
N LEU M 282 -13.46 48.25 -72.30
CA LEU M 282 -14.80 48.63 -72.70
C LEU M 282 -15.83 47.62 -72.21
N ALA M 283 -15.49 46.34 -72.22
CA ALA M 283 -16.46 45.30 -71.88
C ALA M 283 -16.61 45.08 -70.39
N MET M 284 -15.64 45.50 -69.58
CA MET M 284 -15.82 45.45 -68.14
C MET M 284 -16.87 46.46 -67.69
N ILE M 285 -16.88 47.63 -68.31
CA ILE M 285 -17.91 48.62 -68.05
C ILE M 285 -19.25 48.16 -68.60
N GLY M 286 -19.23 47.36 -69.67
CA GLY M 286 -20.48 46.86 -70.23
C GLY M 286 -21.16 45.85 -69.32
N VAL M 287 -20.39 44.90 -68.78
CA VAL M 287 -20.96 43.90 -67.88
C VAL M 287 -21.40 44.54 -66.58
N ALA M 288 -20.62 45.49 -66.07
CA ALA M 288 -21.05 46.26 -64.90
C ALA M 288 -22.26 47.11 -65.21
N GLY M 289 -22.41 47.54 -66.46
CA GLY M 289 -23.65 48.18 -66.88
C GLY M 289 -24.81 47.22 -66.88
N LEU M 290 -24.57 45.96 -67.23
CA LEU M 290 -25.63 44.96 -67.25
C LEU M 290 -26.08 44.59 -65.85
N TYR M 291 -25.13 44.41 -64.93
CA TYR M 291 -25.47 44.15 -63.54
C TYR M 291 -26.14 45.35 -62.89
N CYS M 292 -25.87 46.55 -63.37
CA CYS M 292 -26.61 47.72 -62.95
C CYS M 292 -27.84 48.01 -63.82
N ALA M 293 -27.98 47.33 -64.95
CA ALA M 293 -29.23 47.41 -65.69
C ALA M 293 -30.31 46.63 -64.97
N ALA M 294 -30.10 45.32 -64.80
CA ALA M 294 -30.96 44.53 -63.94
C ALA M 294 -30.72 44.91 -62.49
N THR M 295 -31.72 44.63 -61.66
CA THR M 295 -31.78 44.71 -60.19
C THR M 295 -31.40 46.05 -59.55
N ILE M 296 -30.99 47.04 -60.34
CA ILE M 296 -31.02 48.47 -59.97
C ILE M 296 -31.66 49.18 -61.17
N PRO M 297 -32.99 49.20 -61.29
CA PRO M 297 -33.59 49.84 -62.46
C PRO M 297 -33.47 51.36 -62.41
N GLY M 298 -33.30 51.95 -63.59
CA GLY M 298 -33.11 53.38 -63.71
C GLY M 298 -31.68 53.84 -63.55
N SER M 299 -30.76 52.92 -63.26
CA SER M 299 -29.35 53.31 -63.10
C SER M 299 -28.75 53.72 -64.43
N VAL M 300 -28.91 52.90 -65.46
CA VAL M 300 -28.47 53.28 -66.79
C VAL M 300 -29.63 54.02 -67.47
N PRO M 301 -29.41 55.24 -67.96
CA PRO M 301 -30.44 55.89 -68.79
C PRO M 301 -30.48 55.35 -70.21
N LEU M 302 -29.50 54.55 -70.60
CA LEU M 302 -29.42 53.99 -71.94
C LEU M 302 -30.11 52.62 -71.92
N GLN M 303 -29.87 51.79 -72.94
CA GLN M 303 -30.51 50.48 -73.09
C GLN M 303 -30.15 49.55 -71.93
N PRO M 304 -30.99 48.55 -71.63
CA PRO M 304 -30.66 47.59 -70.57
C PRO M 304 -29.44 46.72 -70.89
N SER N 1 46.53 -116.77 -32.17
CA SER N 1 46.92 -117.70 -31.10
C SER N 1 45.80 -118.69 -30.81
N ALA N 2 44.64 -118.15 -30.44
CA ALA N 2 43.52 -118.97 -29.99
C ALA N 2 42.97 -119.85 -31.11
N LYS N 3 43.01 -119.36 -32.35
CA LYS N 3 42.67 -120.18 -33.50
C LYS N 3 43.75 -121.24 -33.75
N ALA N 4 45.01 -120.91 -33.46
CA ALA N 4 46.09 -121.85 -33.69
C ALA N 4 46.14 -122.94 -32.63
N GLU N 5 45.62 -122.69 -31.43
CA GLU N 5 45.72 -123.66 -30.36
C GLU N 5 44.69 -124.77 -30.50
N LEU N 6 43.56 -124.53 -31.17
CA LEU N 6 42.67 -125.64 -31.46
C LEU N 6 43.23 -126.53 -32.55
N GLU N 7 43.77 -125.93 -33.62
CA GLU N 7 44.25 -126.70 -34.76
C GLU N 7 45.46 -127.56 -34.41
N ALA N 8 46.14 -127.26 -33.30
CA ALA N 8 47.11 -128.20 -32.76
C ALA N 8 46.44 -129.39 -32.10
N ILE N 9 45.32 -129.18 -31.41
CA ILE N 9 44.62 -130.27 -30.75
C ILE N 9 43.39 -130.73 -31.54
N ALA N 10 43.13 -130.13 -32.71
CA ALA N 10 42.17 -130.70 -33.65
C ALA N 10 42.69 -132.01 -34.21
N LYS N 11 43.94 -132.01 -34.62
CA LYS N 11 44.54 -133.09 -35.41
C LYS N 11 45.03 -134.23 -34.54
N LYS N 12 44.70 -134.21 -33.25
CA LYS N 12 45.02 -135.25 -32.30
C LYS N 12 43.81 -136.07 -31.88
N ALA N 13 42.62 -135.45 -31.81
CA ALA N 13 41.41 -136.19 -31.49
C ALA N 13 41.00 -137.11 -32.63
N ASN N 14 41.02 -136.61 -33.86
CA ASN N 14 40.77 -137.39 -35.05
C ASN N 14 41.46 -136.71 -36.24
N PRO N 15 42.48 -137.34 -36.83
CA PRO N 15 43.15 -136.71 -37.98
C PRO N 15 42.32 -136.75 -39.25
N THR N 16 41.39 -137.69 -39.39
CA THR N 16 40.48 -137.69 -40.53
C THR N 16 39.45 -136.57 -40.39
N LEU N 17 38.88 -136.41 -39.20
CA LEU N 17 37.95 -135.32 -38.93
C LEU N 17 38.68 -133.98 -38.93
N GLY N 18 39.69 -133.84 -38.08
CA GLY N 18 40.54 -132.66 -38.11
C GLY N 18 39.89 -131.48 -37.42
N TYR N 19 39.94 -130.33 -38.09
CA TYR N 19 39.39 -129.08 -37.55
C TYR N 19 37.89 -129.03 -37.85
N TYR N 20 37.07 -129.10 -36.80
CA TYR N 20 35.63 -129.07 -36.95
C TYR N 20 35.09 -127.72 -36.52
N ASP N 21 34.56 -126.94 -37.48
CA ASP N 21 33.93 -125.64 -37.21
C ASP N 21 33.05 -125.13 -38.35
N PRO N 22 31.80 -125.62 -38.51
CA PRO N 22 30.89 -125.03 -39.51
C PRO N 22 30.05 -123.89 -38.97
N LEU N 23 29.77 -123.89 -37.66
CA LEU N 23 28.93 -122.85 -37.07
C LEU N 23 29.75 -121.69 -36.54
N SER N 24 31.08 -121.84 -36.54
CA SER N 24 32.07 -120.77 -36.33
C SER N 24 31.92 -120.12 -34.95
N LEU N 25 31.87 -120.97 -33.93
CA LEU N 25 31.49 -120.52 -32.61
C LEU N 25 32.68 -120.22 -31.69
N ALA N 26 33.90 -120.60 -32.08
CA ALA N 26 35.05 -120.48 -31.20
C ALA N 26 35.96 -119.31 -31.56
N ASP N 27 35.40 -118.20 -32.06
CA ASP N 27 36.27 -117.09 -32.44
C ASP N 27 35.69 -115.74 -32.04
N LYS N 28 34.82 -115.72 -31.03
CA LYS N 28 33.88 -114.62 -31.01
C LYS N 28 33.28 -114.41 -29.62
N ASP N 29 32.84 -113.17 -29.37
CA ASP N 29 32.61 -112.70 -28.01
C ASP N 29 31.29 -113.23 -27.45
N PHE N 30 31.30 -113.54 -26.17
CA PHE N 30 30.10 -114.11 -25.58
C PHE N 30 29.17 -113.03 -25.05
N TRP N 31 29.74 -112.27 -24.11
CA TRP N 31 29.14 -111.06 -23.52
C TRP N 31 30.06 -109.89 -23.91
N GLY N 32 30.99 -110.11 -24.84
CA GLY N 32 31.94 -109.05 -25.15
C GLY N 32 33.26 -109.17 -24.41
N LYS N 33 33.95 -110.31 -24.52
CA LYS N 33 35.13 -110.56 -23.70
C LYS N 33 36.39 -110.97 -24.46
N GLY N 34 36.34 -111.18 -25.77
CA GLY N 34 37.54 -111.35 -26.56
C GLY N 34 37.80 -112.81 -26.93
N ASN N 35 38.79 -112.99 -27.81
CA ASN N 35 39.11 -114.30 -28.37
C ASN N 35 39.82 -115.21 -27.37
N ASP N 36 40.66 -114.67 -26.50
CA ASP N 36 41.43 -115.56 -25.64
C ASP N 36 40.57 -116.10 -24.50
N ALA N 37 39.55 -115.37 -24.08
CA ALA N 37 38.52 -115.89 -23.21
C ALA N 37 37.37 -116.50 -24.00
N THR N 38 37.49 -116.59 -25.33
CA THR N 38 36.48 -117.28 -26.10
C THR N 38 36.71 -118.78 -26.11
N ILE N 39 37.89 -119.19 -26.60
CA ILE N 39 38.19 -120.61 -26.76
C ILE N 39 38.21 -121.30 -25.41
N ALA N 40 38.75 -120.63 -24.40
CA ALA N 40 39.04 -121.28 -23.13
C ALA N 40 37.78 -121.47 -22.33
N PHE N 41 36.74 -120.72 -22.71
CA PHE N 41 35.39 -120.86 -22.11
C PHE N 41 34.68 -121.98 -22.88
N LEU N 42 34.97 -122.11 -24.18
CA LEU N 42 34.34 -123.20 -24.92
C LEU N 42 35.13 -124.49 -24.73
N ARG N 43 36.45 -124.39 -24.61
CA ARG N 43 37.23 -125.52 -24.09
C ARG N 43 36.88 -125.80 -22.65
N GLN N 44 36.36 -124.80 -21.93
CA GLN N 44 35.78 -125.08 -20.62
C GLN N 44 34.55 -125.97 -20.74
N SER N 45 33.54 -125.48 -21.44
CA SER N 45 32.21 -126.04 -21.32
C SER N 45 32.11 -127.44 -21.91
N GLU N 46 32.88 -127.71 -22.98
CA GLU N 46 32.86 -128.99 -23.68
C GLU N 46 33.28 -130.17 -22.80
N ILE N 47 33.98 -129.92 -21.70
CA ILE N 47 34.40 -130.97 -20.80
C ILE N 47 33.59 -131.00 -19.50
N LYS N 48 33.10 -129.86 -19.01
CA LYS N 48 32.16 -129.87 -17.89
C LYS N 48 30.88 -130.61 -18.22
N HIS N 49 30.40 -130.44 -19.45
CA HIS N 49 29.31 -131.29 -19.91
C HIS N 49 29.77 -132.73 -20.07
N GLY N 50 31.06 -132.95 -20.35
CA GLY N 50 31.57 -134.29 -20.55
C GLY N 50 32.03 -134.98 -19.28
N ARG N 51 32.43 -134.20 -18.26
CA ARG N 51 32.79 -134.80 -16.98
C ARG N 51 31.57 -135.35 -16.27
N ILE N 52 30.44 -134.64 -16.35
CA ILE N 52 29.17 -135.16 -15.84
C ILE N 52 28.72 -136.36 -16.69
N ALA N 53 29.04 -136.34 -17.99
CA ALA N 53 28.54 -137.40 -18.91
C ALA N 53 29.05 -138.81 -18.56
N MET N 54 30.34 -138.97 -18.28
CA MET N 54 30.89 -140.31 -17.94
C MET N 54 30.25 -140.75 -16.61
N PHE N 55 30.14 -139.77 -15.72
CA PHE N 55 29.60 -139.85 -14.36
C PHE N 55 28.08 -139.97 -14.35
N ALA N 56 27.40 -139.58 -15.43
CA ALA N 56 26.00 -139.94 -15.63
C ALA N 56 25.85 -141.38 -16.09
N PHE N 57 26.62 -141.80 -17.10
CA PHE N 57 26.38 -143.10 -17.75
C PHE N 57 26.70 -144.24 -16.79
N VAL N 58 27.82 -144.15 -16.06
CA VAL N 58 28.11 -145.09 -14.99
C VAL N 58 27.09 -144.97 -13.88
N GLY N 59 26.61 -143.75 -13.63
CA GLY N 59 25.53 -143.57 -12.68
C GLY N 59 24.19 -144.08 -13.15
N TYR N 60 23.99 -144.18 -14.47
CA TYR N 60 22.73 -144.75 -14.92
C TYR N 60 22.72 -146.27 -14.77
N ILE N 61 23.83 -146.92 -15.14
CA ILE N 61 23.85 -148.38 -15.29
C ILE N 61 23.60 -149.05 -13.95
N VAL N 62 24.27 -148.58 -12.89
CA VAL N 62 24.22 -149.20 -11.57
C VAL N 62 22.84 -149.01 -10.92
N GLN N 63 22.11 -147.95 -11.29
CA GLN N 63 20.74 -147.76 -10.77
C GLN N 63 19.71 -148.58 -11.52
N SER N 64 19.96 -148.93 -12.78
CA SER N 64 19.17 -149.98 -13.42
C SER N 64 19.50 -151.33 -12.82
N ASN N 65 20.75 -151.53 -12.42
CA ASN N 65 21.23 -152.69 -11.69
C ASN N 65 20.89 -152.58 -10.20
N PHE N 66 21.63 -153.34 -9.38
CA PHE N 66 21.47 -153.45 -7.92
C PHE N 66 21.34 -152.10 -7.21
N VAL N 67 20.19 -151.91 -6.57
CA VAL N 67 19.82 -150.75 -5.76
C VAL N 67 20.50 -150.88 -4.40
N PHE N 68 20.44 -149.81 -3.60
CA PHE N 68 21.21 -149.59 -2.38
C PHE N 68 20.34 -149.76 -1.13
N PRO N 69 20.36 -150.92 -0.39
CA PRO N 69 19.48 -151.09 0.80
C PRO N 69 19.99 -150.68 2.19
N TRP N 70 19.34 -149.70 2.85
CA TRP N 70 19.56 -149.28 4.25
C TRP N 70 18.29 -148.60 4.77
N ALA N 71 18.39 -147.51 5.57
CA ALA N 71 17.29 -146.56 5.75
C ALA N 71 17.59 -145.17 5.13
N GLN N 72 16.81 -144.77 4.10
CA GLN N 72 17.15 -143.56 3.33
C GLN N 72 16.70 -142.28 4.02
N THR N 73 15.45 -142.22 4.45
CA THR N 73 14.97 -141.10 5.26
C THR N 73 14.77 -141.59 6.69
N LEU N 74 14.43 -140.67 7.59
CA LEU N 74 14.45 -140.99 9.00
C LEU N 74 13.24 -141.84 9.41
N ALA N 75 12.11 -141.67 8.72
CA ALA N 75 10.87 -142.37 9.07
C ALA N 75 10.27 -142.97 7.82
N GLY N 76 9.90 -144.25 7.89
CA GLY N 76 9.41 -144.98 6.74
C GLY N 76 10.53 -145.71 6.01
N ALA N 77 11.39 -144.94 5.34
CA ALA N 77 12.62 -145.34 4.65
C ALA N 77 12.55 -146.61 3.79
N PRO N 78 11.88 -146.60 2.62
CA PRO N 78 11.85 -147.83 1.81
C PRO N 78 12.85 -147.98 0.65
N HIS N 79 13.60 -146.94 0.24
CA HIS N 79 14.48 -146.96 -0.95
C HIS N 79 13.80 -147.34 -2.25
N PRO N 80 13.24 -146.34 -2.99
CA PRO N 80 12.61 -146.60 -4.30
C PRO N 80 13.39 -147.51 -5.25
N SER N 81 12.67 -148.15 -6.16
CA SER N 81 12.83 -149.56 -6.48
C SER N 81 14.13 -149.86 -7.25
N ALA N 82 14.34 -151.15 -7.47
CA ALA N 82 15.56 -151.72 -8.05
C ALA N 82 15.50 -151.73 -9.58
N ASP N 83 14.52 -152.46 -10.13
CA ASP N 83 14.31 -152.53 -11.56
C ASP N 83 13.85 -151.19 -12.12
N LEU N 84 13.15 -150.40 -11.29
CA LEU N 84 12.49 -149.18 -11.74
C LEU N 84 13.47 -148.17 -12.30
N SER N 85 12.96 -147.38 -13.23
CA SER N 85 13.66 -146.34 -13.97
C SER N 85 14.44 -145.40 -13.05
N PRO N 86 15.77 -145.35 -13.17
CA PRO N 86 16.54 -144.29 -12.50
C PRO N 86 16.12 -142.89 -12.89
N GLU N 87 15.56 -142.76 -14.09
CA GLU N 87 14.77 -141.62 -14.52
C GLU N 87 13.73 -141.20 -13.47
N ALA N 88 12.84 -142.12 -13.09
CA ALA N 88 11.84 -141.80 -12.07
C ALA N 88 12.17 -142.37 -10.69
N GLN N 89 13.33 -143.00 -10.52
CA GLN N 89 13.91 -143.08 -9.20
C GLN N 89 14.38 -141.72 -8.74
N TRP N 90 14.85 -140.89 -9.69
CA TRP N 90 15.21 -139.50 -9.40
C TRP N 90 14.00 -138.70 -8.96
N ASP N 91 12.81 -138.99 -9.49
CA ASP N 91 11.61 -138.32 -9.04
C ASP N 91 11.08 -138.90 -7.73
N ALA N 92 11.41 -140.14 -7.42
CA ALA N 92 10.98 -140.77 -6.18
C ALA N 92 11.93 -140.50 -5.01
N VAL N 93 13.01 -139.76 -5.26
CA VAL N 93 13.80 -139.08 -4.23
C VAL N 93 12.87 -138.16 -3.45
N PRO N 94 12.98 -138.04 -2.11
CA PRO N 94 12.11 -137.10 -1.39
C PRO N 94 12.43 -135.66 -1.75
N LEU N 95 11.51 -134.77 -1.34
CA LEU N 95 11.64 -133.35 -1.70
C LEU N 95 12.88 -132.74 -1.08
N GLY N 96 13.16 -133.08 0.18
CA GLY N 96 14.28 -132.48 0.87
C GLY N 96 15.60 -132.84 0.23
N ALA N 97 15.81 -134.13 -0.05
CA ALA N 97 17.11 -134.66 -0.45
C ALA N 97 17.60 -134.16 -1.80
N LYS N 98 16.72 -133.60 -2.64
CA LYS N 98 17.18 -133.04 -3.90
C LYS N 98 17.90 -131.72 -3.71
N TRP N 99 17.56 -130.98 -2.65
CA TRP N 99 18.15 -129.66 -2.45
C TRP N 99 19.60 -129.76 -2.05
N GLN N 100 19.95 -130.72 -1.18
CA GLN N 100 21.32 -130.84 -0.72
C GLN N 100 22.22 -131.43 -1.80
N ILE N 101 21.64 -132.20 -2.72
CA ILE N 101 22.38 -132.59 -3.91
C ILE N 101 22.72 -131.36 -4.72
N PHE N 102 21.73 -130.48 -4.93
CA PHE N 102 21.95 -129.27 -5.73
C PHE N 102 22.81 -128.26 -4.99
N ALA N 103 22.73 -128.22 -3.66
CA ALA N 103 23.47 -127.22 -2.91
C ALA N 103 24.95 -127.53 -2.81
N VAL N 104 25.31 -128.82 -2.72
CA VAL N 104 26.71 -129.18 -2.66
C VAL N 104 27.37 -129.01 -4.03
N ILE N 105 26.58 -129.13 -5.11
CA ILE N 105 27.08 -128.75 -6.43
C ILE N 105 27.37 -127.26 -6.47
N SER N 106 26.43 -126.44 -5.96
CA SER N 106 26.63 -125.00 -5.91
C SER N 106 27.77 -124.60 -4.99
N ALA N 107 28.06 -125.42 -3.97
CA ALA N 107 29.27 -125.20 -3.18
C ALA N 107 30.52 -125.53 -3.99
N LEU N 108 30.42 -126.48 -4.91
CA LEU N 108 31.52 -126.76 -5.82
C LEU N 108 31.53 -125.84 -7.03
N GLU N 109 30.37 -125.29 -7.42
CA GLU N 109 30.35 -124.36 -8.54
C GLU N 109 30.76 -122.96 -8.10
N LEU N 110 30.49 -122.58 -6.84
CA LEU N 110 31.13 -121.40 -6.27
C LEU N 110 32.63 -121.61 -6.14
N TRP N 111 33.05 -122.86 -5.94
CA TRP N 111 34.44 -123.17 -5.69
C TRP N 111 35.30 -123.01 -6.93
N ASP N 112 34.73 -123.33 -8.11
CA ASP N 112 35.55 -123.44 -9.31
C ASP N 112 36.01 -122.09 -9.85
N GLU N 113 35.20 -121.03 -9.69
CA GLU N 113 35.47 -119.78 -10.39
C GLU N 113 35.64 -118.61 -9.40
N CYS N 114 36.87 -118.35 -8.95
CA CYS N 114 37.07 -117.00 -8.43
C CYS N 114 38.33 -116.26 -8.88
N GLY N 115 39.49 -116.87 -8.76
CA GLY N 115 40.67 -116.09 -9.04
C GLY N 115 41.50 -115.83 -7.80
N GLY N 116 42.81 -115.67 -7.99
CA GLY N 116 43.72 -115.59 -6.87
C GLY N 116 43.56 -114.31 -6.08
N GLY N 117 43.85 -114.42 -4.78
CA GLY N 117 43.46 -113.40 -3.82
C GLY N 117 44.36 -112.18 -3.80
N GLY N 118 43.95 -111.21 -2.98
CA GLY N 118 44.68 -109.97 -2.83
C GLY N 118 45.46 -109.93 -1.53
N ALA N 119 45.15 -110.83 -0.61
CA ALA N 119 45.90 -110.94 0.63
C ALA N 119 46.20 -112.38 1.06
N LEU N 120 45.58 -113.38 0.45
CA LEU N 120 45.89 -114.78 0.73
C LEU N 120 45.72 -115.57 -0.55
N PRO N 121 46.43 -116.69 -0.70
CA PRO N 121 46.18 -117.57 -1.86
C PRO N 121 45.04 -118.54 -1.58
N HIS N 122 43.98 -118.43 -2.37
CA HIS N 122 42.88 -119.40 -2.27
C HIS N 122 42.52 -120.05 -3.59
N TYR N 123 42.46 -119.28 -4.67
CA TYR N 123 41.88 -119.80 -5.90
C TYR N 123 42.90 -119.88 -7.02
N THR N 124 42.51 -120.63 -8.05
CA THR N 124 43.30 -120.80 -9.26
C THR N 124 42.85 -119.78 -10.29
N LYS N 125 43.30 -119.95 -11.52
CA LYS N 125 42.94 -119.02 -12.58
C LYS N 125 41.56 -119.35 -13.14
N GLY N 126 40.94 -118.34 -13.74
CA GLY N 126 39.67 -118.53 -14.41
C GLY N 126 39.88 -118.76 -15.90
N ARG N 127 39.36 -117.86 -16.73
CA ARG N 127 39.39 -118.04 -18.17
C ARG N 127 40.33 -117.09 -18.88
N LYS N 128 41.22 -116.42 -18.17
CA LYS N 128 42.00 -115.47 -18.96
C LYS N 128 43.19 -116.16 -19.69
N PRO N 129 44.30 -116.71 -19.04
CA PRO N 129 44.98 -117.84 -19.70
C PRO N 129 44.77 -119.25 -19.14
N GLY N 130 43.82 -119.47 -18.23
CA GLY N 130 43.69 -120.77 -17.61
C GLY N 130 43.30 -121.89 -18.57
N GLN N 131 43.59 -123.12 -18.13
CA GLN N 131 43.33 -124.35 -18.89
C GLN N 131 41.86 -124.74 -18.78
N TYR N 132 41.52 -126.00 -19.02
CA TYR N 132 40.31 -126.42 -18.32
C TYR N 132 40.69 -127.17 -17.03
N PRO N 133 40.60 -126.50 -15.89
CA PRO N 133 41.34 -126.91 -14.70
C PRO N 133 40.51 -127.75 -13.74
N PRO N 134 41.19 -128.47 -12.83
CA PRO N 134 40.56 -129.04 -11.64
C PRO N 134 40.51 -128.06 -10.48
N PHE N 135 40.16 -128.55 -9.29
CA PHE N 135 39.95 -127.69 -8.13
C PHE N 135 41.22 -127.42 -7.34
N THR N 136 42.03 -128.46 -7.10
CA THR N 136 43.45 -128.46 -6.71
C THR N 136 43.82 -127.97 -5.32
N LEU N 137 42.90 -127.28 -4.65
CA LEU N 137 43.09 -126.83 -3.28
C LEU N 137 41.80 -127.08 -2.51
N PHE N 138 41.81 -128.05 -1.60
CA PHE N 138 40.62 -128.35 -0.80
C PHE N 138 40.83 -128.09 0.69
N ARG N 139 41.97 -127.51 1.02
CA ARG N 139 42.32 -127.25 2.41
C ARG N 139 41.85 -125.91 2.99
N ASP N 140 41.23 -125.06 2.18
CA ASP N 140 40.81 -123.77 2.71
C ASP N 140 39.38 -123.85 3.22
N ASN N 141 39.25 -124.47 4.41
CA ASN N 141 38.37 -124.14 5.54
C ASN N 141 38.75 -125.17 6.61
N VAL N 142 38.01 -125.25 7.71
CA VAL N 142 38.35 -126.16 8.80
C VAL N 142 37.72 -127.52 8.45
N HIS N 143 38.44 -128.28 7.63
CA HIS N 143 37.91 -129.55 7.15
C HIS N 143 39.02 -130.59 7.03
N PHE N 144 38.62 -131.84 6.78
CA PHE N 144 39.51 -132.97 6.59
C PHE N 144 39.57 -133.34 5.11
N VAL N 145 40.33 -134.38 4.81
CA VAL N 145 40.60 -134.70 3.42
C VAL N 145 39.56 -135.46 2.64
N LEU N 146 38.91 -134.68 1.78
CA LEU N 146 37.94 -135.14 0.82
C LEU N 146 38.32 -134.28 -0.36
N ASP N 147 39.58 -134.40 -0.79
CA ASP N 147 40.06 -133.60 -1.91
C ASP N 147 39.23 -134.03 -3.10
N LEU N 148 38.77 -133.07 -3.89
CA LEU N 148 37.91 -133.49 -4.99
C LEU N 148 38.74 -133.80 -6.24
N TYR N 149 38.44 -134.97 -6.84
CA TYR N 149 39.09 -135.75 -7.89
C TYR N 149 40.26 -136.51 -7.31
N ASP N 150 40.66 -136.24 -6.06
CA ASP N 150 41.79 -136.90 -5.42
C ASP N 150 41.43 -137.55 -4.08
N PRO N 151 41.09 -138.83 -4.16
CA PRO N 151 40.89 -139.76 -3.06
C PRO N 151 42.20 -140.59 -3.14
N PHE N 152 42.92 -140.76 -2.04
CA PHE N 152 44.21 -141.52 -2.06
C PHE N 152 45.26 -141.07 -3.10
N GLY N 153 45.85 -139.90 -2.88
CA GLY N 153 46.82 -139.28 -3.80
C GLY N 153 48.07 -140.06 -4.18
N PHE N 154 48.46 -139.89 -5.45
CA PHE N 154 49.55 -140.58 -6.12
C PHE N 154 49.84 -140.03 -7.50
N ASN N 155 49.02 -139.12 -8.02
CA ASN N 155 49.22 -138.58 -9.36
C ASN N 155 50.36 -137.57 -9.29
N LYS N 156 51.57 -138.10 -9.20
CA LYS N 156 52.78 -137.30 -9.13
C LYS N 156 53.88 -137.92 -9.99
N ASN N 157 53.53 -138.70 -11.00
CA ASN N 157 54.51 -139.56 -11.66
C ASN N 157 54.36 -139.58 -13.18
N MET N 158 53.89 -138.48 -13.79
CA MET N 158 53.77 -138.46 -15.24
C MET N 158 54.21 -137.10 -15.78
N SER N 159 54.72 -137.11 -17.01
CA SER N 159 55.36 -135.96 -17.62
C SER N 159 54.50 -135.41 -18.76
N GLU N 160 55.03 -134.38 -19.44
CA GLU N 160 54.26 -133.66 -20.44
C GLU N 160 54.05 -134.45 -21.72
N GLU N 161 54.90 -135.46 -21.98
CA GLU N 161 54.64 -136.36 -23.09
C GLU N 161 53.48 -137.29 -22.79
N THR N 162 53.26 -137.59 -21.52
CA THR N 162 52.28 -138.58 -21.10
C THR N 162 50.94 -137.99 -20.67
N LYS N 163 50.90 -136.72 -20.28
CA LYS N 163 49.65 -136.10 -19.86
C LYS N 163 48.72 -135.76 -21.04
N GLU N 164 49.28 -135.61 -22.24
CA GLU N 164 48.46 -135.33 -23.41
C GLU N 164 47.65 -136.55 -23.84
N ARG N 165 48.09 -137.75 -23.47
CA ARG N 165 47.29 -138.95 -23.66
C ARG N 165 46.16 -139.07 -22.67
N ARG N 166 46.16 -138.26 -21.61
CA ARG N 166 45.08 -138.27 -20.63
C ARG N 166 44.10 -137.12 -20.82
N LEU N 167 44.58 -135.96 -21.28
CA LEU N 167 43.70 -134.85 -21.57
C LEU N 167 42.85 -135.13 -22.81
N VAL N 168 43.50 -135.44 -23.92
CA VAL N 168 42.85 -135.54 -25.23
C VAL N 168 41.95 -136.78 -25.27
N SER N 169 42.30 -137.82 -24.52
CA SER N 169 41.44 -138.99 -24.44
C SER N 169 40.12 -138.65 -23.79
N GLU N 170 40.16 -138.03 -22.60
CA GLU N 170 38.96 -137.68 -21.84
C GLU N 170 38.06 -136.73 -22.62
N LEU N 171 38.66 -135.85 -23.43
CA LEU N 171 37.92 -135.11 -24.44
C LEU N 171 37.07 -136.07 -25.28
N ASN N 172 37.72 -137.03 -25.94
CA ASN N 172 36.98 -137.98 -26.76
C ASN N 172 36.20 -138.98 -25.91
N ASN N 173 36.71 -139.33 -24.72
CA ASN N 173 35.96 -140.21 -23.81
C ASN N 173 34.70 -139.52 -23.30
N GLY N 174 34.78 -138.22 -23.02
CA GLY N 174 33.63 -137.47 -22.57
C GLY N 174 32.60 -137.20 -23.66
N ARG N 175 33.03 -137.19 -24.93
CA ARG N 175 32.10 -136.97 -26.03
C ARG N 175 31.28 -138.21 -26.32
N LEU N 176 31.85 -139.40 -26.07
CA LEU N 176 31.13 -140.64 -26.28
C LEU N 176 29.96 -140.76 -25.33
N ALA N 177 30.23 -140.66 -24.02
CA ALA N 177 29.20 -140.81 -23.02
C ALA N 177 28.21 -139.66 -23.04
N MET N 178 28.62 -138.50 -23.54
CA MET N 178 27.68 -137.41 -23.79
C MET N 178 26.63 -137.82 -24.82
N LEU N 179 27.09 -138.39 -25.93
CA LEU N 179 26.17 -138.98 -26.90
C LEU N 179 25.50 -140.22 -26.34
N GLY N 180 26.16 -140.91 -25.40
CA GLY N 180 25.57 -142.07 -24.76
C GLY N 180 24.42 -141.74 -23.83
N ILE N 181 24.34 -140.49 -23.37
CA ILE N 181 23.17 -140.06 -22.63
C ILE N 181 22.00 -139.84 -23.59
N PHE N 182 22.15 -138.91 -24.52
CA PHE N 182 21.02 -138.49 -25.35
C PHE N 182 20.61 -139.56 -26.35
N GLY N 183 21.51 -140.48 -26.72
CA GLY N 183 21.11 -141.64 -27.48
C GLY N 183 20.18 -142.56 -26.71
N PHE N 184 20.33 -142.59 -25.38
CA PHE N 184 19.44 -143.40 -24.55
C PHE N 184 18.28 -142.59 -23.98
N LEU N 185 18.54 -141.37 -23.54
CA LEU N 185 17.55 -140.63 -22.79
C LEU N 185 16.46 -140.04 -23.68
N CYS N 186 16.69 -140.00 -25.00
CA CYS N 186 15.59 -139.80 -25.93
C CYS N 186 14.79 -141.07 -26.12
N ALA N 187 15.45 -142.24 -26.10
CA ALA N 187 14.81 -143.51 -26.40
C ALA N 187 13.81 -143.96 -25.34
N ASP N 188 13.71 -143.25 -24.22
CA ASP N 188 12.60 -143.42 -23.28
C ASP N 188 11.47 -142.45 -23.57
N THR N 189 11.81 -141.22 -23.97
CA THR N 189 10.79 -140.22 -24.30
C THR N 189 10.06 -140.61 -25.59
N ILE N 190 10.78 -141.08 -26.59
CA ILE N 190 10.18 -141.53 -27.84
C ILE N 190 10.46 -143.02 -28.03
N PRO N 191 9.61 -143.74 -28.75
CA PRO N 191 10.06 -144.98 -29.37
C PRO N 191 10.86 -144.70 -30.64
N GLY N 192 11.81 -145.58 -30.93
CA GLY N 192 12.76 -145.36 -32.00
C GLY N 192 14.15 -145.90 -31.72
N SER N 193 14.56 -145.92 -30.43
CA SER N 193 15.38 -146.96 -29.79
C SER N 193 16.59 -147.37 -30.63
N VAL N 194 17.54 -146.44 -30.70
CA VAL N 194 18.35 -146.05 -31.85
C VAL N 194 18.83 -147.18 -32.79
N PRO N 195 19.70 -148.23 -32.42
CA PRO N 195 19.63 -149.48 -33.19
C PRO N 195 18.52 -150.43 -32.76
N LEU N 196 18.48 -150.77 -31.46
CA LEU N 196 17.46 -151.63 -30.82
C LEU N 196 17.62 -151.54 -29.30
N LEU N 197 16.54 -151.18 -28.58
CA LEU N 197 16.69 -150.79 -27.17
C LEU N 197 15.33 -150.96 -26.47
N LYS N 198 15.12 -152.10 -25.79
CA LYS N 198 13.72 -152.44 -25.54
C LYS N 198 13.31 -152.70 -24.09
N ASP N 199 14.15 -153.33 -23.26
CA ASP N 199 13.71 -153.83 -21.95
C ASP N 199 13.86 -152.78 -20.86
N ILE N 200 13.15 -151.67 -21.04
CA ILE N 200 13.66 -150.40 -20.53
C ILE N 200 12.69 -149.73 -19.58
N ALA N 201 13.01 -148.48 -19.23
CA ALA N 201 12.13 -147.62 -18.46
C ALA N 201 10.90 -147.31 -19.27
N ILE N 202 9.84 -148.11 -19.13
CA ILE N 202 8.92 -148.38 -20.23
C ILE N 202 7.95 -147.24 -20.57
N PRO N 203 7.46 -146.35 -19.64
CA PRO N 203 6.85 -145.10 -20.15
C PRO N 203 7.90 -144.02 -20.41
N TYR N 204 7.50 -142.81 -20.77
CA TYR N 204 8.53 -141.78 -20.69
C TYR N 204 8.73 -141.39 -19.24
N SER N 205 9.89 -140.80 -18.96
CA SER N 205 10.25 -140.44 -17.59
C SER N 205 9.33 -139.36 -17.04
N GLY N 206 9.11 -138.33 -17.82
CA GLY N 206 8.32 -137.17 -17.46
C GLY N 206 9.22 -136.01 -17.16
N GLN N 207 9.48 -135.19 -18.19
CA GLN N 207 10.23 -133.93 -18.11
C GLN N 207 11.60 -134.15 -17.46
N VAL N 208 12.49 -134.79 -18.23
CA VAL N 208 13.83 -135.11 -17.71
C VAL N 208 14.65 -133.87 -17.38
N MET N 209 14.20 -132.69 -17.81
CA MET N 209 14.96 -131.44 -17.52
C MET N 209 14.43 -130.79 -16.23
N GLN N 210 13.53 -131.48 -15.52
CA GLN N 210 12.89 -130.96 -14.33
C GLN N 210 13.71 -131.32 -13.12
N PRO N 211 14.09 -130.33 -12.31
CA PRO N 211 14.73 -130.66 -11.03
C PRO N 211 13.76 -131.18 -9.99
N PHE N 212 12.48 -130.81 -10.05
CA PHE N 212 11.51 -131.10 -8.98
C PHE N 212 10.16 -131.46 -9.59
N GLU N 213 9.73 -132.72 -9.43
CA GLU N 213 8.59 -133.23 -10.18
C GLU N 213 7.28 -132.60 -9.73
N GLY N 214 7.08 -132.42 -8.41
CA GLY N 214 5.76 -132.04 -7.96
C GLY N 214 5.44 -130.85 -7.06
N GLN N 215 6.36 -130.40 -6.21
CA GLN N 215 5.90 -129.79 -4.96
C GLN N 215 5.68 -128.27 -5.08
N PHE N 216 6.58 -127.55 -5.75
CA PHE N 216 6.47 -126.09 -5.83
C PHE N 216 6.44 -125.67 -7.29
N SER N 217 5.59 -124.69 -7.62
CA SER N 217 5.45 -124.18 -8.98
C SER N 217 5.58 -122.65 -8.97
N TYR N 218 5.36 -122.04 -10.13
CA TYR N 218 5.55 -120.60 -10.28
C TYR N 218 4.33 -119.92 -10.87
N PHE N 219 3.57 -120.64 -11.71
CA PHE N 219 2.40 -120.15 -12.45
C PHE N 219 2.70 -118.91 -13.29
N LYS O 32 34.59 -92.87 -48.13
CA LYS O 32 34.79 -93.99 -49.05
C LYS O 32 33.89 -95.16 -48.69
N VAL O 33 33.16 -95.68 -49.69
CA VAL O 33 32.28 -96.80 -49.45
C VAL O 33 33.08 -98.09 -49.28
N ASP O 34 34.22 -98.19 -49.97
CA ASP O 34 35.21 -99.20 -49.62
C ASP O 34 35.71 -98.95 -48.20
N GLU O 35 36.06 -100.03 -47.50
CA GLU O 35 36.30 -100.05 -46.05
C GLU O 35 35.07 -99.51 -45.31
N MET O 36 34.02 -100.34 -45.35
CA MET O 36 32.84 -100.04 -44.57
C MET O 36 32.10 -101.34 -44.29
N PRO O 37 31.74 -101.62 -43.03
CA PRO O 37 30.82 -102.72 -42.76
C PRO O 37 29.45 -102.44 -43.35
N GLY O 38 28.87 -103.48 -43.92
CA GLY O 38 27.64 -103.35 -44.71
C GLY O 38 27.83 -103.63 -46.18
N ALA O 39 29.06 -103.78 -46.65
CA ALA O 39 29.35 -104.13 -48.04
C ALA O 39 29.75 -105.60 -48.06
N THR O 40 28.80 -106.45 -48.42
CA THR O 40 29.00 -107.89 -48.40
C THR O 40 29.24 -108.41 -49.82
N ALA O 41 29.23 -109.75 -49.95
CA ALA O 41 29.56 -110.38 -51.22
C ALA O 41 28.55 -110.14 -52.35
N PRO O 42 27.23 -110.40 -52.21
CA PRO O 42 26.38 -110.46 -53.42
C PRO O 42 26.14 -109.12 -54.12
N LEU O 43 26.44 -108.00 -53.48
CA LEU O 43 26.33 -106.73 -54.20
C LEU O 43 27.60 -105.91 -54.13
N GLY O 44 28.33 -105.96 -53.03
CA GLY O 44 29.48 -105.11 -52.84
C GLY O 44 29.03 -103.71 -52.48
N LYS O 45 29.63 -102.71 -53.11
CA LYS O 45 29.18 -101.33 -52.93
C LYS O 45 27.85 -101.16 -53.63
N PHE O 46 26.76 -101.09 -52.87
CA PHE O 46 25.43 -100.92 -53.44
C PHE O 46 25.04 -99.45 -53.31
N ASP O 47 25.29 -98.68 -54.36
CA ASP O 47 24.87 -97.28 -54.43
C ASP O 47 24.71 -96.92 -55.90
N PRO O 48 23.55 -97.23 -56.50
CA PRO O 48 23.38 -96.88 -57.92
C PRO O 48 23.15 -95.39 -58.14
N LEU O 49 22.41 -94.73 -57.27
CA LEU O 49 22.08 -93.33 -57.46
C LEU O 49 23.05 -92.39 -56.77
N ASN O 50 24.17 -92.91 -56.27
CA ASN O 50 25.33 -92.15 -55.77
C ASN O 50 24.95 -91.21 -54.63
N LEU O 51 24.47 -91.79 -53.54
CA LEU O 51 24.03 -91.01 -52.39
C LEU O 51 25.12 -90.82 -51.36
N ALA O 52 26.13 -91.68 -51.34
CA ALA O 52 27.24 -91.51 -50.42
C ALA O 52 28.15 -90.36 -50.81
N THR O 53 28.18 -90.02 -52.10
CA THR O 53 28.93 -88.90 -52.62
C THR O 53 28.19 -87.58 -52.43
N LEU O 54 26.89 -87.65 -52.11
CA LEU O 54 25.99 -86.51 -52.19
C LEU O 54 26.32 -85.42 -51.18
N GLY O 55 26.93 -85.76 -50.05
CA GLY O 55 27.31 -84.75 -49.10
C GLY O 55 28.79 -84.80 -48.79
N SER O 56 29.14 -84.52 -47.55
CA SER O 56 30.51 -84.64 -47.09
C SER O 56 30.71 -85.97 -46.39
N GLU O 57 31.86 -86.13 -45.73
CA GLU O 57 32.07 -87.31 -44.91
C GLU O 57 31.18 -87.30 -43.67
N SER O 58 30.84 -86.12 -43.16
CA SER O 58 29.89 -86.02 -42.06
C SER O 58 28.49 -86.41 -42.48
N THR O 59 28.17 -86.25 -43.77
CA THR O 59 26.88 -86.67 -44.28
C THR O 59 26.75 -88.18 -44.29
N LEU O 60 27.80 -88.87 -44.75
CA LEU O 60 27.78 -90.32 -44.83
C LEU O 60 27.74 -90.97 -43.45
N ALA O 61 28.38 -90.34 -42.47
CA ALA O 61 28.32 -90.86 -41.10
C ALA O 61 26.93 -90.72 -40.51
N TRP O 62 26.15 -89.74 -40.96
CA TRP O 62 24.77 -89.64 -40.49
C TRP O 62 23.90 -90.75 -41.07
N PHE O 63 24.08 -91.05 -42.37
CA PHE O 63 23.30 -92.12 -42.99
C PHE O 63 23.71 -93.47 -42.46
N ARG O 64 24.97 -93.60 -42.06
CA ARG O 64 25.48 -94.85 -41.54
C ARG O 64 24.76 -95.25 -40.27
N ALA O 65 24.75 -94.35 -39.29
CA ALA O 65 24.09 -94.66 -38.03
C ALA O 65 22.58 -94.46 -38.10
N ALA O 66 22.06 -93.88 -39.19
CA ALA O 66 20.63 -93.97 -39.42
C ALA O 66 20.24 -95.41 -39.73
N GLU O 67 20.89 -96.01 -40.74
CA GLU O 67 20.62 -97.39 -41.10
C GLU O 67 20.92 -98.35 -39.96
N LEU O 68 21.92 -98.03 -39.15
CA LEU O 68 22.18 -98.77 -37.93
C LEU O 68 21.01 -98.66 -36.96
N LYS O 69 20.38 -97.49 -36.86
CA LYS O 69 19.25 -97.33 -35.96
C LYS O 69 17.94 -97.78 -36.59
N HIS O 70 17.83 -97.62 -37.91
CA HIS O 70 16.64 -98.07 -38.61
C HIS O 70 16.58 -99.60 -38.51
N SER O 71 17.75 -100.23 -38.54
CA SER O 71 17.83 -101.69 -38.41
C SER O 71 17.31 -102.15 -37.07
N ARG O 72 17.83 -101.56 -35.98
CA ARG O 72 17.55 -102.06 -34.64
C ARG O 72 16.10 -101.84 -34.24
N VAL O 73 15.46 -100.81 -34.77
CA VAL O 73 14.03 -100.64 -34.53
C VAL O 73 13.24 -101.68 -35.32
N ALA O 74 13.65 -101.94 -36.56
CA ALA O 74 12.91 -102.88 -37.39
C ALA O 74 13.15 -104.32 -36.98
N MET O 75 14.34 -104.64 -36.46
CA MET O 75 14.59 -105.99 -35.97
C MET O 75 13.75 -106.28 -34.73
N LEU O 76 13.55 -105.30 -33.87
CA LEU O 76 12.71 -105.49 -32.69
C LEU O 76 11.24 -105.47 -33.03
N ALA O 77 10.85 -104.80 -34.12
CA ALA O 77 9.44 -104.74 -34.50
C ALA O 77 9.01 -105.94 -35.32
N THR O 78 9.90 -106.48 -36.17
CA THR O 78 9.60 -107.70 -36.89
C THR O 78 9.49 -108.88 -35.94
N THR O 79 10.47 -109.03 -35.05
CA THR O 79 10.43 -110.07 -34.05
C THR O 79 9.32 -109.84 -33.04
N GLY O 80 9.06 -108.58 -32.71
CA GLY O 80 7.92 -108.22 -31.90
C GLY O 80 6.57 -108.31 -32.59
N TYR O 81 6.53 -108.70 -33.86
CA TYR O 81 5.29 -109.00 -34.57
C TYR O 81 5.01 -110.50 -34.59
N LEU O 82 6.06 -111.31 -34.71
CA LEU O 82 5.88 -112.76 -34.84
C LEU O 82 5.39 -113.36 -33.53
N VAL O 83 6.10 -113.11 -32.46
CA VAL O 83 5.46 -113.16 -31.15
C VAL O 83 4.71 -111.84 -30.98
N GLN O 84 3.65 -111.86 -30.16
CA GLN O 84 2.41 -111.07 -30.17
C GLN O 84 1.44 -111.60 -31.21
N ALA O 85 1.77 -112.67 -31.91
CA ALA O 85 0.84 -113.29 -32.84
C ALA O 85 0.65 -114.78 -32.61
N ALA O 86 1.56 -115.44 -31.90
CA ALA O 86 1.45 -116.85 -31.58
C ALA O 86 0.99 -117.09 -30.15
N GLY O 87 0.73 -116.03 -29.38
CA GLY O 87 0.24 -116.19 -28.03
C GLY O 87 1.29 -116.52 -26.98
N ILE O 88 2.20 -115.59 -26.71
CA ILE O 88 3.27 -115.83 -25.74
C ILE O 88 2.85 -115.41 -24.32
N HIS O 89 2.20 -114.24 -24.19
CA HIS O 89 1.30 -113.94 -23.08
C HIS O 89 1.95 -113.89 -21.70
N PHE O 90 2.63 -112.77 -21.38
CA PHE O 90 3.03 -112.40 -20.01
C PHE O 90 1.96 -112.76 -19.00
N PRO O 91 2.30 -113.49 -17.95
CA PRO O 91 1.30 -113.78 -16.91
C PRO O 91 1.02 -112.56 -16.06
N GLY O 92 -0.23 -112.43 -15.65
CA GLY O 92 -0.58 -111.39 -14.71
C GLY O 92 -1.26 -110.19 -15.34
N MET O 93 -1.04 -109.01 -14.77
CA MET O 93 -1.70 -107.79 -15.19
C MET O 93 -0.69 -106.80 -15.73
N LEU O 94 -1.00 -106.23 -16.89
CA LEU O 94 -0.21 -105.13 -17.43
C LEU O 94 -0.38 -103.89 -16.56
N SER O 95 -1.62 -103.43 -16.42
CA SER O 95 -1.94 -102.32 -15.53
C SER O 95 -3.09 -102.80 -14.65
N SER O 96 -3.74 -101.83 -13.98
CA SER O 96 -4.69 -102.15 -12.91
C SER O 96 -5.94 -102.87 -13.40
N ASP O 97 -6.41 -102.59 -14.62
CA ASP O 97 -7.60 -103.28 -15.12
C ASP O 97 -7.50 -103.67 -16.59
N VAL O 98 -6.35 -103.48 -17.22
CA VAL O 98 -6.23 -103.62 -18.67
C VAL O 98 -5.17 -104.69 -18.93
N SER O 99 -5.22 -105.75 -18.11
CA SER O 99 -4.33 -106.91 -18.11
C SER O 99 -4.21 -107.61 -19.46
N PHE O 100 -3.31 -108.59 -19.56
CA PHE O 100 -2.83 -109.07 -20.86
C PHE O 100 -3.85 -109.91 -21.61
N GLU O 101 -5.05 -109.38 -21.81
CA GLU O 101 -6.04 -109.86 -22.75
C GLU O 101 -5.81 -109.30 -24.14
N SER O 102 -4.81 -108.45 -24.31
CA SER O 102 -4.49 -107.83 -25.58
C SER O 102 -3.88 -108.79 -26.60
N LEU O 103 -3.67 -110.06 -26.21
CA LEU O 103 -3.08 -111.05 -27.07
C LEU O 103 -4.05 -112.14 -27.50
N SER O 104 -5.05 -112.46 -26.68
CA SER O 104 -6.08 -113.44 -27.01
C SER O 104 -7.24 -112.73 -27.71
N ALA O 105 -6.91 -111.65 -28.42
CA ALA O 105 -7.78 -110.64 -28.95
C ALA O 105 -7.10 -110.06 -30.19
N MET O 106 -7.33 -108.76 -30.41
CA MET O 106 -6.84 -107.91 -31.48
C MET O 106 -5.41 -108.16 -31.99
N LYS O 107 -5.22 -107.89 -33.28
CA LYS O 107 -3.97 -108.12 -34.02
C LYS O 107 -2.77 -107.42 -33.37
N PRO O 108 -1.55 -107.88 -33.63
CA PRO O 108 -0.37 -107.22 -33.02
C PRO O 108 -0.12 -105.81 -33.52
N LEU O 109 -0.65 -105.44 -34.68
CA LEU O 109 -0.64 -104.04 -35.08
C LEU O 109 -1.53 -103.21 -34.18
N ASP O 110 -2.59 -103.82 -33.65
CA ASP O 110 -3.42 -103.25 -32.60
C ASP O 110 -2.74 -103.58 -31.26
N ALA O 111 -3.46 -103.45 -30.14
CA ALA O 111 -2.96 -103.48 -28.76
C ALA O 111 -1.95 -102.36 -28.51
N TRP O 112 -2.08 -101.28 -29.26
CA TRP O 112 -1.30 -100.09 -29.00
C TRP O 112 -2.10 -98.99 -28.36
N ASP O 113 -3.38 -98.85 -28.71
CA ASP O 113 -4.26 -98.00 -27.93
C ASP O 113 -4.83 -98.72 -26.71
N ALA O 114 -4.69 -100.05 -26.67
CA ALA O 114 -5.12 -100.79 -25.50
C ALA O 114 -4.14 -100.63 -24.35
N VAL O 115 -2.87 -100.45 -24.64
CA VAL O 115 -1.88 -100.08 -23.62
C VAL O 115 -2.23 -98.68 -23.10
N PRO O 116 -2.35 -98.48 -21.80
CA PRO O 116 -2.80 -97.17 -21.28
C PRO O 116 -1.73 -96.10 -21.46
N GLU O 117 -2.16 -94.87 -21.18
CA GLU O 117 -1.34 -93.71 -21.50
C GLU O 117 -0.10 -93.62 -20.61
N GLY O 118 -0.27 -93.86 -19.31
CA GLY O 118 0.88 -93.91 -18.42
C GLY O 118 1.82 -95.06 -18.70
N GLY O 119 1.33 -96.11 -19.35
CA GLY O 119 2.18 -97.19 -19.79
C GLY O 119 2.89 -96.87 -21.08
N LYS O 120 2.18 -96.22 -22.00
CA LYS O 120 2.81 -95.72 -23.22
C LYS O 120 3.78 -94.59 -22.95
N ASN O 121 3.64 -93.91 -21.82
CA ASN O 121 4.45 -92.75 -21.57
C ASN O 121 5.87 -93.11 -21.15
N GLN O 122 5.99 -94.08 -20.25
CA GLN O 122 7.31 -94.47 -19.75
C GLN O 122 8.13 -95.18 -20.81
N ILE O 123 7.48 -95.74 -21.81
CA ILE O 123 8.18 -96.32 -22.96
C ILE O 123 8.94 -95.23 -23.71
N TYR O 124 8.26 -94.13 -24.01
CA TYR O 124 8.87 -93.04 -24.78
C TYR O 124 9.98 -92.37 -24.01
N PHE O 125 9.84 -92.31 -22.70
CA PHE O 125 10.75 -91.51 -21.90
C PHE O 125 12.01 -92.25 -21.57
N THR O 126 11.92 -93.58 -21.47
CA THR O 126 13.11 -94.39 -21.46
C THR O 126 13.85 -94.29 -22.78
N ILE O 127 13.11 -94.17 -23.88
CA ILE O 127 13.70 -93.92 -25.19
C ILE O 127 14.27 -92.51 -25.25
N PHE O 128 13.51 -91.53 -24.74
CA PHE O 128 13.94 -90.13 -24.69
C PHE O 128 15.21 -89.95 -23.89
N LEU O 129 15.39 -90.74 -22.83
CA LEU O 129 16.66 -90.76 -22.11
C LEU O 129 17.74 -91.45 -22.92
N ALA O 130 17.39 -92.53 -23.62
CA ALA O 130 18.38 -93.30 -24.34
C ALA O 130 18.91 -92.56 -25.56
N GLU O 131 18.13 -91.65 -26.11
CA GLU O 131 18.62 -90.83 -27.21
C GLU O 131 19.61 -89.76 -26.77
N PHE O 132 19.85 -89.60 -25.48
CA PHE O 132 20.69 -88.52 -24.98
C PHE O 132 22.14 -88.92 -24.85
N ILE O 133 22.39 -90.06 -24.19
CA ILE O 133 23.74 -90.60 -24.08
C ILE O 133 24.28 -90.92 -25.47
N THR O 134 23.38 -91.37 -26.36
CA THR O 134 23.67 -91.52 -27.78
C THR O 134 24.22 -90.23 -28.38
N GLU O 135 23.66 -89.08 -28.00
CA GLU O 135 24.10 -87.82 -28.57
C GLU O 135 25.18 -87.12 -27.76
N CYS O 136 25.25 -87.35 -26.45
CA CYS O 136 26.12 -86.59 -25.57
C CYS O 136 27.43 -87.31 -25.26
N LYS O 137 27.99 -88.03 -26.21
CA LYS O 137 29.30 -88.64 -25.99
C LYS O 137 30.38 -87.58 -26.07
N GLY O 138 31.63 -88.00 -25.84
CA GLY O 138 32.74 -87.07 -25.92
C GLY O 138 32.99 -86.59 -27.33
N THR O 139 32.87 -87.49 -28.30
CA THR O 139 32.93 -87.13 -29.72
C THR O 139 31.69 -87.68 -30.40
N HIS O 140 30.90 -86.79 -30.98
CA HIS O 140 29.74 -87.20 -31.76
C HIS O 140 30.20 -87.93 -33.02
N TYR O 141 29.37 -88.86 -33.49
CA TYR O 141 29.85 -89.82 -34.48
C TYR O 141 30.00 -89.23 -35.88
N THR O 142 29.32 -88.13 -36.20
CA THR O 142 29.57 -87.51 -37.50
C THR O 142 30.89 -86.76 -37.50
N LYS O 143 31.46 -86.49 -36.33
CA LYS O 143 32.84 -86.04 -36.21
C LYS O 143 33.82 -87.20 -36.04
N GLY O 144 33.43 -88.40 -36.47
CA GLY O 144 34.29 -89.56 -36.37
C GLY O 144 34.19 -90.33 -35.07
N GLY O 145 33.24 -89.98 -34.20
CA GLY O 145 33.11 -90.64 -32.94
C GLY O 145 32.40 -91.97 -33.05
N PRO O 146 32.18 -92.61 -31.91
CA PRO O 146 31.65 -93.97 -31.92
C PRO O 146 30.15 -94.01 -32.22
N LEU O 147 29.72 -95.15 -32.75
CA LEU O 147 28.33 -95.43 -33.04
C LEU O 147 27.53 -95.56 -31.73
N PRO O 148 26.20 -95.46 -31.78
CA PRO O 148 25.39 -95.55 -30.55
C PRO O 148 25.54 -96.88 -29.80
N THR O 149 25.91 -96.76 -28.53
CA THR O 149 26.16 -97.92 -27.68
C THR O 149 25.05 -98.08 -26.65
N ILE O 150 25.14 -99.18 -25.91
CA ILE O 150 24.12 -99.61 -24.97
C ILE O 150 24.07 -98.63 -23.79
N VAL O 151 22.85 -98.18 -23.48
CA VAL O 151 22.57 -97.17 -22.40
C VAL O 151 22.84 -97.75 -21.01
N PHE O 152 22.42 -98.99 -20.77
CA PHE O 152 22.57 -99.63 -19.44
C PHE O 152 23.41 -100.90 -19.60
N PRO O 153 24.07 -101.39 -18.53
CA PRO O 153 24.95 -102.54 -18.56
C PRO O 153 25.84 -102.61 -19.81
N PRO O 154 26.68 -101.58 -20.08
CA PRO O 154 27.55 -101.57 -21.25
C PRO O 154 28.86 -102.32 -21.06
N ILE O 155 28.81 -103.65 -21.16
CA ILE O 155 29.98 -104.49 -21.02
C ILE O 155 31.10 -103.66 -21.64
N ASP O 156 32.37 -103.89 -21.28
CA ASP O 156 33.39 -103.28 -22.13
C ASP O 156 33.40 -104.06 -23.42
N PHE O 157 33.55 -103.33 -24.51
CA PHE O 157 32.62 -103.62 -25.57
C PHE O 157 33.06 -104.48 -26.71
N SER O 158 33.52 -103.79 -27.72
CA SER O 158 34.08 -104.42 -28.87
C SER O 158 35.58 -104.16 -28.80
N THR O 159 36.18 -104.66 -27.70
CA THR O 159 37.60 -104.98 -27.54
C THR O 159 37.86 -106.37 -28.13
N VAL O 160 36.98 -106.71 -29.05
CA VAL O 160 36.68 -107.98 -29.64
C VAL O 160 37.29 -107.95 -31.03
N ASN O 161 38.57 -108.35 -31.11
CA ASN O 161 39.31 -108.91 -32.25
C ASN O 161 38.88 -108.36 -33.61
N PRO O 162 39.28 -107.11 -33.94
CA PRO O 162 38.59 -106.31 -34.99
C PRO O 162 38.38 -106.93 -36.36
N GLU O 163 39.04 -108.05 -36.65
CA GLU O 163 38.69 -108.85 -37.82
C GLU O 163 37.30 -109.45 -37.66
N GLN O 164 37.03 -110.09 -36.52
CA GLN O 164 35.74 -110.69 -36.26
C GLN O 164 34.70 -109.65 -35.84
N LEU O 165 35.13 -108.43 -35.56
CA LEU O 165 34.18 -107.34 -35.33
C LEU O 165 33.55 -106.91 -36.65
N LYS O 166 34.32 -106.89 -37.73
CA LYS O 166 33.80 -106.47 -39.03
C LYS O 166 32.80 -107.47 -39.58
N THR O 167 32.94 -108.75 -39.23
CA THR O 167 31.99 -109.74 -39.71
C THR O 167 30.64 -109.60 -39.01
N ARG O 168 30.64 -109.10 -37.78
CA ARG O 168 29.40 -108.96 -37.04
C ARG O 168 28.60 -107.76 -37.47
N GLN O 169 29.27 -106.64 -37.73
CA GLN O 169 28.57 -105.46 -38.17
C GLN O 169 27.99 -105.63 -39.57
N ASN O 170 28.52 -106.56 -40.36
CA ASN O 170 27.84 -106.99 -41.56
C ASN O 170 26.61 -107.83 -41.23
N ARG O 171 26.72 -108.69 -40.21
CA ARG O 171 25.58 -109.50 -39.78
C ARG O 171 24.48 -108.64 -39.18
N GLU O 172 24.87 -107.60 -38.44
CA GLU O 172 23.91 -106.75 -37.75
C GLU O 172 23.09 -105.93 -38.73
N LEU O 173 23.74 -105.41 -39.77
CA LEU O 173 23.05 -104.55 -40.71
C LEU O 173 22.19 -105.36 -41.69
N ASN O 174 22.68 -106.51 -42.14
CA ASN O 174 21.95 -107.33 -43.11
C ASN O 174 20.67 -107.89 -42.53
N ASN O 175 20.69 -108.27 -41.25
CA ASN O 175 19.46 -108.69 -40.59
C ASN O 175 18.50 -107.53 -40.44
N GLY O 176 19.03 -106.32 -40.27
CA GLY O 176 18.16 -105.16 -40.24
C GLY O 176 17.65 -104.77 -41.61
N ARG O 177 18.45 -105.01 -42.64
CA ARG O 177 18.03 -104.71 -44.00
C ARG O 177 16.82 -105.61 -44.30
N LEU O 178 16.93 -106.89 -43.94
CA LEU O 178 15.83 -107.81 -44.14
C LEU O 178 14.64 -107.47 -43.28
N ALA O 179 14.88 -106.93 -42.08
CA ALA O 179 13.78 -106.61 -41.18
C ALA O 179 13.08 -105.31 -41.55
N MET O 180 13.79 -104.38 -42.19
CA MET O 180 13.14 -103.15 -42.67
C MET O 180 12.15 -103.46 -43.79
N ILE O 181 12.48 -104.43 -44.64
CA ILE O 181 11.54 -104.87 -45.66
C ILE O 181 10.39 -105.65 -45.02
N ALA O 182 10.70 -106.46 -44.01
CA ALA O 182 9.73 -107.38 -43.45
C ALA O 182 8.67 -106.67 -42.63
N ILE O 183 9.05 -105.62 -41.90
CA ILE O 183 8.06 -104.88 -41.14
C ILE O 183 7.16 -104.06 -42.07
N MET O 184 7.65 -103.70 -43.25
CA MET O 184 6.79 -103.08 -44.24
C MET O 184 5.87 -104.09 -44.90
N SER O 185 6.30 -105.35 -45.00
CA SER O 185 5.41 -106.41 -45.45
C SER O 185 4.27 -106.63 -44.47
N PHE O 186 4.58 -106.53 -43.17
CA PHE O 186 3.59 -106.82 -42.14
C PHE O 186 2.55 -105.72 -42.04
N VAL O 187 2.93 -104.48 -42.38
CA VAL O 187 1.97 -103.40 -42.40
C VAL O 187 1.06 -103.51 -43.62
N ALA O 188 1.66 -103.78 -44.79
CA ALA O 188 0.90 -103.86 -46.04
C ALA O 188 -0.06 -105.03 -46.06
N ALA O 189 0.26 -106.11 -45.32
CA ALA O 189 -0.68 -107.22 -45.21
C ALA O 189 -1.85 -106.86 -44.30
N ALA O 190 -1.62 -106.00 -43.31
CA ALA O 190 -2.68 -105.61 -42.39
C ALA O 190 -3.59 -104.52 -42.96
N ASN O 191 -3.16 -103.84 -44.03
CA ASN O 191 -3.98 -102.81 -44.65
C ASN O 191 -4.64 -103.28 -45.94
N ILE O 192 -3.86 -103.90 -46.83
CA ILE O 192 -4.35 -104.34 -48.13
C ILE O 192 -4.35 -105.88 -48.11
N PRO O 193 -5.51 -106.51 -48.01
CA PRO O 193 -5.54 -107.97 -48.11
C PRO O 193 -5.22 -108.43 -49.51
N GLY O 194 -4.45 -109.50 -49.60
CA GLY O 194 -3.99 -109.99 -50.89
C GLY O 194 -2.83 -109.24 -51.47
N SER O 195 -2.23 -108.31 -50.73
CA SER O 195 -1.06 -107.58 -51.21
C SER O 195 0.22 -108.40 -51.14
N VAL O 196 0.17 -109.62 -50.63
CA VAL O 196 1.36 -110.41 -50.40
C VAL O 196 0.94 -111.88 -50.44
N PRO O 197 1.45 -112.68 -51.42
CA PRO O 197 0.80 -113.94 -51.79
C PRO O 197 0.80 -115.07 -50.75
N ALA O 198 1.99 -115.52 -50.36
CA ALA O 198 2.17 -116.63 -49.43
C ALA O 198 2.12 -116.18 -47.98
N LEU O 199 1.54 -115.01 -47.76
CA LEU O 199 1.46 -114.39 -46.46
C LEU O 199 0.04 -113.90 -46.17
N ALA O 200 -0.84 -113.86 -47.19
CA ALA O 200 -2.22 -113.44 -46.99
C ALA O 200 -3.08 -114.52 -46.35
N GLY O 201 -2.65 -115.78 -46.39
CA GLY O 201 -3.42 -116.85 -45.78
C GLY O 201 -3.06 -117.10 -44.34
N ASN O 202 -2.68 -116.04 -43.64
CA ASN O 202 -2.17 -116.10 -42.27
C ASN O 202 -3.09 -115.28 -41.38
N PRO O 203 -3.67 -115.86 -40.33
CA PRO O 203 -4.39 -115.04 -39.34
C PRO O 203 -3.41 -114.19 -38.55
N MET O 204 -3.71 -112.90 -38.46
CA MET O 204 -2.79 -111.95 -37.87
C MET O 204 -3.43 -111.22 -36.71
N LYS P 32 2.37 94.57 -31.33
CA LYS P 32 1.69 95.79 -31.78
C LYS P 32 0.26 95.50 -32.18
N VAL P 33 -0.70 95.94 -31.38
CA VAL P 33 -2.11 95.69 -31.69
C VAL P 33 -2.72 96.72 -32.63
N ASP P 34 -2.20 97.95 -32.60
CA ASP P 34 -2.72 99.02 -33.44
C ASP P 34 -2.42 98.86 -34.93
N GLU P 35 -1.25 98.32 -35.25
CA GLU P 35 -0.88 98.15 -36.65
C GLU P 35 -1.21 96.75 -37.16
N MET P 36 -2.47 96.54 -37.52
CA MET P 36 -2.93 95.26 -38.02
C MET P 36 -4.38 95.28 -38.51
N PRO P 37 -4.76 94.31 -39.34
CA PRO P 37 -6.13 94.18 -39.82
C PRO P 37 -7.12 94.15 -38.66
N GLY P 38 -8.03 95.11 -38.63
CA GLY P 38 -9.03 95.18 -37.58
C GLY P 38 -8.92 96.42 -36.72
N ALA P 39 -7.86 97.20 -36.85
CA ALA P 39 -7.69 98.45 -36.11
C ALA P 39 -7.99 99.59 -37.08
N THR P 40 -9.19 100.13 -37.00
CA THR P 40 -9.64 101.16 -37.92
C THR P 40 -9.58 102.52 -37.26
N ALA P 41 -10.17 103.52 -37.93
CA ALA P 41 -10.09 104.91 -37.46
C ALA P 41 -10.85 105.19 -36.16
N PRO P 42 -12.16 104.88 -35.99
CA PRO P 42 -12.89 105.47 -34.84
C PRO P 42 -12.47 104.95 -33.47
N LEU P 43 -11.75 103.85 -33.38
CA LEU P 43 -11.27 103.42 -32.07
C LEU P 43 -9.77 103.20 -32.05
N GLY P 44 -9.19 102.72 -33.15
CA GLY P 44 -7.79 102.34 -33.15
C GLY P 44 -7.59 101.03 -32.46
N LYS P 45 -6.58 100.93 -31.60
CA LYS P 45 -6.40 99.74 -30.77
C LYS P 45 -7.49 99.69 -29.72
N PHE P 46 -8.47 98.81 -29.90
CA PHE P 46 -9.56 98.68 -28.94
C PHE P 46 -9.28 97.47 -28.06
N ASP P 47 -8.67 97.72 -26.91
CA ASP P 47 -8.44 96.69 -25.90
C ASP P 47 -8.35 97.37 -24.55
N PRO P 48 -9.50 97.63 -23.91
CA PRO P 48 -9.44 98.29 -22.59
C PRO P 48 -8.99 97.35 -21.49
N LEU P 49 -9.40 96.09 -21.51
CA LEU P 49 -9.08 95.17 -20.43
C LEU P 49 -7.82 94.35 -20.72
N ASN P 50 -7.07 94.71 -21.76
CA ASN P 50 -5.72 94.21 -22.06
C ASN P 50 -5.70 92.69 -22.23
N LEU P 51 -6.44 92.21 -23.24
CA LEU P 51 -6.54 90.78 -23.49
C LEU P 51 -5.52 90.29 -24.50
N ALA P 52 -4.99 91.18 -25.34
CA ALA P 52 -3.97 90.77 -26.29
C ALA P 52 -2.63 90.52 -25.61
N THR P 53 -2.40 91.15 -24.47
CA THR P 53 -1.20 90.96 -23.66
C THR P 53 -1.30 89.70 -22.80
N LEU P 54 -2.52 89.16 -22.65
CA LEU P 54 -2.82 88.16 -21.64
C LEU P 54 -2.09 86.83 -21.86
N GLY P 55 -1.74 86.51 -23.09
CA GLY P 55 -1.00 85.29 -23.34
C GLY P 55 0.29 85.57 -24.07
N SER P 56 0.64 84.67 -24.98
CA SER P 56 1.83 84.84 -25.80
C SER P 56 1.38 85.22 -27.20
N GLU P 57 2.31 85.35 -28.12
CA GLU P 57 1.98 85.68 -29.49
C GLU P 57 1.10 84.59 -30.12
N SER P 58 1.29 83.33 -29.70
CA SER P 58 0.44 82.25 -30.16
C SER P 58 -0.98 82.38 -29.61
N THR P 59 -1.13 83.03 -28.46
CA THR P 59 -2.46 83.27 -27.91
C THR P 59 -3.24 84.27 -28.75
N LEU P 60 -2.57 85.37 -29.15
CA LEU P 60 -3.22 86.41 -29.92
C LEU P 60 -3.60 85.92 -31.31
N ALA P 61 -2.80 85.02 -31.89
CA ALA P 61 -3.13 84.44 -33.19
C ALA P 61 -4.35 83.55 -33.10
N TRP P 62 -4.61 82.94 -31.94
CA TRP P 62 -5.82 82.15 -31.78
C TRP P 62 -7.05 83.04 -31.72
N PHE P 63 -6.97 84.15 -30.99
CA PHE P 63 -8.11 85.07 -30.89
C PHE P 63 -8.36 85.76 -32.22
N ARG P 64 -7.30 85.95 -32.99
CA ARG P 64 -7.38 86.61 -34.27
C ARG P 64 -8.28 85.83 -35.22
N ALA P 65 -7.95 84.56 -35.43
CA ALA P 65 -8.74 83.73 -36.33
C ALA P 65 -10.00 83.19 -35.68
N ALA P 66 -10.16 83.37 -34.37
CA ALA P 66 -11.48 83.16 -33.78
C ALA P 66 -12.44 84.23 -34.27
N GLU P 67 -12.09 85.50 -34.08
CA GLU P 67 -12.90 86.62 -34.53
C GLU P 67 -13.11 86.60 -36.03
N LEU P 68 -12.10 86.14 -36.77
CA LEU P 68 -12.25 85.90 -38.20
C LEU P 68 -13.31 84.84 -38.47
N LYS P 69 -13.35 83.78 -37.66
CA LYS P 69 -14.35 82.75 -37.89
C LYS P 69 -15.69 83.07 -37.24
N HIS P 70 -15.66 83.81 -36.14
CA HIS P 70 -16.91 84.21 -35.51
C HIS P 70 -17.62 85.17 -36.48
N SER P 71 -16.84 85.99 -37.17
CA SER P 71 -17.41 86.93 -38.14
C SER P 71 -18.14 86.18 -39.25
N ARG P 72 -17.47 85.22 -39.88
CA ARG P 72 -17.99 84.58 -41.08
C ARG P 72 -19.22 83.73 -40.78
N VAL P 73 -19.33 83.19 -39.57
CA VAL P 73 -20.55 82.49 -39.20
C VAL P 73 -21.67 83.48 -38.97
N ALA P 74 -21.36 84.61 -38.33
CA ALA P 74 -22.40 85.59 -38.02
C ALA P 74 -22.83 86.38 -39.23
N MET P 75 -21.93 86.60 -40.19
CA MET P 75 -22.31 87.27 -41.43
C MET P 75 -23.26 86.40 -42.25
N LEU P 76 -23.03 85.09 -42.27
CA LEU P 76 -23.93 84.19 -42.97
C LEU P 76 -25.23 83.96 -42.23
N ALA P 77 -25.24 84.11 -40.91
CA ALA P 77 -26.46 83.90 -40.14
C ALA P 77 -27.34 85.15 -40.09
N THR P 78 -26.74 86.33 -40.06
CA THR P 78 -27.50 87.56 -40.14
C THR P 78 -28.16 87.71 -41.50
N THR P 79 -27.39 87.50 -42.56
CA THR P 79 -27.93 87.54 -43.91
C THR P 79 -28.86 86.37 -44.16
N GLY P 80 -28.49 85.20 -43.66
CA GLY P 80 -29.30 84.02 -43.84
C GLY P 80 -30.60 84.10 -43.07
N TYR P 81 -30.78 85.21 -42.35
CA TYR P 81 -32.00 85.43 -41.57
C TYR P 81 -32.92 86.41 -42.27
N LEU P 82 -32.36 87.53 -42.73
CA LEU P 82 -33.15 88.54 -43.42
C LEU P 82 -33.91 87.94 -44.59
N VAL P 83 -33.12 87.34 -45.48
CA VAL P 83 -33.59 86.61 -46.64
C VAL P 83 -34.22 85.36 -46.05
N GLN P 84 -35.39 85.03 -46.61
CA GLN P 84 -36.34 83.93 -46.27
C GLN P 84 -37.32 84.34 -45.15
N ALA P 85 -37.10 85.54 -44.61
CA ALA P 85 -37.97 86.14 -43.64
C ALA P 85 -38.83 86.97 -44.56
N ALA P 86 -38.33 87.12 -45.79
CA ALA P 86 -39.07 87.85 -46.81
C ALA P 86 -39.65 86.92 -47.88
N GLY P 87 -39.45 85.61 -47.74
CA GLY P 87 -40.02 84.66 -48.69
C GLY P 87 -39.27 84.50 -50.00
N ILE P 88 -38.06 83.97 -49.94
CA ILE P 88 -37.26 83.80 -51.15
C ILE P 88 -37.51 82.44 -51.82
N HIS P 89 -37.58 81.37 -51.03
CA HIS P 89 -38.32 80.16 -51.39
C HIS P 89 -37.78 79.39 -52.60
N PHE P 90 -36.69 78.62 -52.40
CA PHE P 90 -36.23 77.58 -53.34
C PHE P 90 -37.40 76.82 -53.95
N PRO P 91 -37.46 76.73 -55.27
CA PRO P 91 -38.52 75.94 -55.90
C PRO P 91 -38.28 74.45 -55.72
N GLY P 92 -39.37 73.71 -55.55
CA GLY P 92 -39.27 72.27 -55.52
C GLY P 92 -39.33 71.67 -54.14
N MET P 93 -38.64 70.55 -53.95
CA MET P 93 -38.69 69.80 -52.71
C MET P 93 -37.32 69.78 -52.06
N LEU P 94 -37.29 70.07 -50.75
CA LEU P 94 -36.07 69.91 -49.97
C LEU P 94 -35.73 68.44 -49.83
N SER P 95 -36.64 67.66 -49.27
CA SER P 95 -36.50 66.22 -49.19
C SER P 95 -37.78 65.61 -49.74
N SER P 96 -37.97 64.31 -49.47
CA SER P 96 -39.01 63.53 -50.14
C SER P 96 -40.42 63.97 -49.80
N ASP P 97 -40.66 64.45 -48.58
CA ASP P 97 -42.00 64.90 -48.22
C ASP P 97 -42.02 66.18 -47.39
N VAL P 98 -40.88 66.81 -47.18
CA VAL P 98 -40.77 67.91 -46.22
C VAL P 98 -40.27 69.14 -46.99
N SER P 99 -40.82 69.30 -48.21
CA SER P 99 -40.53 70.36 -49.17
C SER P 99 -40.67 71.77 -48.61
N PHE P 100 -40.27 72.78 -49.40
CA PHE P 100 -40.00 74.11 -48.86
C PHE P 100 -41.25 74.89 -48.47
N GLU P 101 -42.08 74.28 -47.63
CA GLU P 101 -43.14 74.94 -46.90
C GLU P 101 -42.63 75.55 -45.60
N SER P 102 -41.34 75.38 -45.31
CA SER P 102 -40.73 75.91 -44.10
C SER P 102 -40.57 77.42 -44.10
N LEU P 103 -40.95 78.09 -45.19
CA LEU P 103 -40.81 79.53 -45.32
C LEU P 103 -42.14 80.27 -45.32
N SER P 104 -43.21 79.61 -45.73
CA SER P 104 -44.51 80.25 -45.70
C SER P 104 -44.96 80.66 -44.29
N ALA P 105 -44.75 79.80 -43.29
CA ALA P 105 -45.22 80.13 -41.93
C ALA P 105 -44.24 80.27 -40.73
N MET P 106 -43.42 79.25 -40.48
CA MET P 106 -42.51 79.25 -39.32
C MET P 106 -41.41 80.31 -39.33
N LYS P 107 -41.05 80.86 -38.16
CA LYS P 107 -40.01 81.89 -38.15
C LYS P 107 -38.66 81.32 -38.61
N PRO P 108 -37.74 82.19 -39.08
CA PRO P 108 -36.43 81.68 -39.53
C PRO P 108 -35.56 81.12 -38.42
N LEU P 109 -35.82 81.48 -37.15
CA LEU P 109 -35.18 80.80 -36.04
C LEU P 109 -35.66 79.36 -35.94
N ASP P 110 -36.90 79.10 -36.36
CA ASP P 110 -37.45 77.77 -36.55
C ASP P 110 -37.04 77.31 -37.95
N ALA P 111 -37.69 76.26 -38.47
CA ALA P 111 -37.32 75.51 -39.68
C ALA P 111 -35.93 74.88 -39.53
N TRP P 112 -35.58 74.58 -38.29
CA TRP P 112 -34.33 73.89 -37.99
C TRP P 112 -34.71 72.43 -37.77
N ASP P 113 -35.67 72.18 -36.87
CA ASP P 113 -36.12 70.82 -36.67
C ASP P 113 -37.00 70.33 -37.82
N ALA P 114 -37.46 71.25 -38.67
CA ALA P 114 -38.22 70.86 -39.84
C ALA P 114 -37.33 70.27 -40.92
N VAL P 115 -36.08 70.73 -41.01
CA VAL P 115 -35.09 70.08 -41.86
C VAL P 115 -34.82 68.68 -41.32
N PRO P 116 -34.89 67.63 -42.14
CA PRO P 116 -34.75 66.27 -41.62
C PRO P 116 -33.31 65.97 -41.20
N GLU P 117 -33.17 64.81 -40.55
CA GLU P 117 -31.91 64.47 -39.89
C GLU P 117 -30.82 64.20 -40.90
N GLY P 118 -31.11 63.45 -41.96
CA GLY P 118 -30.15 63.23 -43.03
C GLY P 118 -29.80 64.49 -43.79
N GLY P 119 -30.67 65.49 -43.76
CA GLY P 119 -30.35 66.77 -44.33
C GLY P 119 -29.51 67.62 -43.42
N LYS P 120 -29.78 67.48 -42.12
CA LYS P 120 -29.05 68.20 -41.09
C LYS P 120 -27.70 67.52 -40.83
N ASN P 121 -27.51 66.32 -41.39
CA ASN P 121 -26.28 65.60 -41.15
C ASN P 121 -25.20 65.99 -42.14
N GLN P 122 -25.58 66.09 -43.41
CA GLN P 122 -24.63 66.42 -44.49
C GLN P 122 -24.05 67.81 -44.21
N ILE P 123 -24.88 68.72 -43.68
CA ILE P 123 -24.43 70.07 -43.41
C ILE P 123 -23.25 70.06 -42.46
N TYR P 124 -23.37 69.30 -41.36
CA TYR P 124 -22.31 69.26 -40.36
C TYR P 124 -21.06 68.62 -40.89
N PHE P 125 -21.21 67.67 -41.79
CA PHE P 125 -20.08 66.86 -42.20
C PHE P 125 -19.29 67.52 -43.30
N THR P 126 -19.95 68.34 -44.11
CA THR P 126 -19.24 69.24 -44.99
C THR P 126 -18.46 70.27 -44.18
N ILE P 127 -19.04 70.71 -43.05
CA ILE P 127 -18.33 71.58 -42.12
C ILE P 127 -17.20 70.83 -41.43
N PHE P 128 -17.49 69.62 -40.96
CA PHE P 128 -16.48 68.82 -40.29
C PHE P 128 -15.26 68.61 -41.17
N LEU P 129 -15.51 68.47 -42.46
CA LEU P 129 -14.44 68.28 -43.43
C LEU P 129 -13.73 69.59 -43.69
N ALA P 130 -14.48 70.68 -43.66
CA ALA P 130 -13.89 71.99 -43.90
C ALA P 130 -13.04 72.46 -42.74
N GLU P 131 -13.31 71.95 -41.53
CA GLU P 131 -12.47 72.28 -40.39
C GLU P 131 -11.14 71.55 -40.41
N PHE P 132 -10.95 70.60 -41.32
CA PHE P 132 -9.69 69.85 -41.35
C PHE P 132 -8.59 70.54 -42.16
N ILE P 133 -8.88 70.87 -43.40
CA ILE P 133 -7.90 71.57 -44.23
C ILE P 133 -7.51 72.87 -43.56
N THR P 134 -8.46 73.51 -42.88
CA THR P 134 -8.19 74.64 -42.00
C THR P 134 -7.12 74.32 -40.97
N GLU P 135 -7.14 73.12 -40.41
CA GLU P 135 -6.17 72.76 -39.38
C GLU P 135 -4.94 72.07 -39.93
N CYS P 136 -5.03 71.38 -41.07
CA CYS P 136 -3.95 70.53 -41.55
C CYS P 136 -3.11 71.20 -42.62
N LYS P 137 -2.84 72.50 -42.47
CA LYS P 137 -2.00 73.22 -43.41
C LYS P 137 -0.53 72.95 -43.06
N GLY P 138 0.39 73.32 -43.96
CA GLY P 138 1.80 73.07 -43.72
C GLY P 138 2.30 73.76 -42.46
N THR P 139 1.84 74.98 -42.22
CA THR P 139 2.12 75.70 -40.98
C THR P 139 0.80 76.16 -40.40
N HIS P 140 0.53 75.71 -39.17
CA HIS P 140 -0.66 76.15 -38.46
C HIS P 140 -0.58 77.68 -38.40
N TYR P 141 -1.69 78.30 -38.05
CA TYR P 141 -1.76 79.76 -37.96
C TYR P 141 -1.20 80.36 -36.67
N THR P 142 -1.27 79.61 -35.57
CA THR P 142 -0.70 80.13 -34.32
C THR P 142 0.80 80.01 -34.30
N LYS P 143 1.35 79.36 -35.31
CA LYS P 143 2.79 79.27 -35.46
C LYS P 143 3.19 80.24 -36.56
N GLY P 144 2.33 81.21 -36.85
CA GLY P 144 2.58 82.19 -37.88
C GLY P 144 2.10 81.82 -39.26
N GLY P 145 1.36 80.72 -39.40
CA GLY P 145 0.88 80.30 -40.69
C GLY P 145 -0.33 81.07 -41.14
N PRO P 146 -0.85 80.71 -42.32
CA PRO P 146 -2.00 81.36 -42.94
C PRO P 146 -3.33 81.07 -42.25
N LEU P 147 -4.25 82.02 -42.32
CA LEU P 147 -5.57 81.87 -41.72
C LEU P 147 -6.47 81.05 -42.65
N PRO P 148 -7.52 80.46 -42.09
CA PRO P 148 -8.49 79.61 -42.82
C PRO P 148 -8.89 80.12 -44.20
N THR P 149 -8.42 79.38 -45.21
CA THR P 149 -8.65 79.62 -46.66
C THR P 149 -9.80 78.77 -47.18
N ILE P 150 -10.34 79.13 -48.35
CA ILE P 150 -11.50 78.49 -48.97
C ILE P 150 -11.18 77.02 -49.26
N VAL P 151 -11.96 76.14 -48.63
CA VAL P 151 -11.79 74.69 -48.76
C VAL P 151 -12.08 73.98 -50.10
N PHE P 152 -13.18 74.31 -50.77
CA PHE P 152 -13.49 73.58 -52.01
C PHE P 152 -12.99 74.20 -53.31
N PRO P 153 -13.29 75.49 -53.54
CA PRO P 153 -12.76 76.08 -54.76
C PRO P 153 -11.54 76.84 -54.34
N PRO P 154 -10.35 76.30 -54.61
CA PRO P 154 -9.21 77.07 -54.11
C PRO P 154 -8.58 77.94 -55.19
N ILE P 155 -9.21 79.08 -55.52
CA ILE P 155 -8.68 79.98 -56.53
C ILE P 155 -7.39 80.51 -55.94
N ASP P 156 -6.30 80.51 -56.70
CA ASP P 156 -5.06 81.00 -56.12
C ASP P 156 -5.28 82.42 -55.57
N PHE P 157 -5.21 83.33 -54.41
CA PHE P 157 -5.43 84.62 -53.77
C PHE P 157 -4.11 85.27 -53.35
N SER P 158 -2.99 84.64 -53.68
CA SER P 158 -1.67 85.16 -53.34
C SER P 158 -1.25 86.51 -53.97
N THR P 159 -1.64 86.72 -55.22
CA THR P 159 -1.27 87.89 -56.04
C THR P 159 -1.60 89.36 -55.69
N VAL P 160 -2.77 89.63 -55.12
CA VAL P 160 -3.20 91.02 -54.89
C VAL P 160 -2.36 91.97 -54.01
N ASN P 161 -2.28 93.23 -54.47
CA ASN P 161 -1.57 94.33 -53.83
C ASN P 161 -1.79 94.30 -52.32
N PRO P 162 -0.72 94.07 -51.55
CA PRO P 162 -0.95 94.01 -50.08
C PRO P 162 -1.35 95.29 -49.35
N GLU P 163 -1.22 96.44 -50.01
CA GLU P 163 -1.84 97.66 -49.50
C GLU P 163 -3.36 97.56 -49.51
N GLN P 164 -3.89 97.12 -50.67
CA GLN P 164 -5.35 96.96 -50.87
C GLN P 164 -5.85 95.74 -50.10
N LEU P 165 -4.96 94.80 -49.79
CA LEU P 165 -5.33 93.63 -49.01
C LEU P 165 -5.66 94.02 -47.57
N LYS P 166 -4.91 94.96 -47.00
CA LYS P 166 -5.13 95.38 -45.63
C LYS P 166 -6.45 96.13 -45.48
N THR P 167 -6.89 96.82 -46.52
CA THR P 167 -8.16 97.53 -46.45
C THR P 167 -9.34 96.56 -46.44
N ARG P 168 -9.16 95.42 -47.10
CA ARG P 168 -10.23 94.39 -47.25
C ARG P 168 -10.42 93.59 -45.94
N GLN P 169 -9.33 93.29 -45.23
CA GLN P 169 -9.43 92.55 -43.99
C GLN P 169 -9.96 93.42 -42.86
N ASN P 170 -9.85 94.75 -42.99
CA ASN P 170 -10.60 95.64 -42.12
C ASN P 170 -12.08 95.61 -42.47
N ARG P 171 -12.41 95.57 -43.76
CA ARG P 171 -13.81 95.50 -44.19
C ARG P 171 -14.44 94.18 -43.78
N GLU P 172 -13.68 93.08 -43.85
CA GLU P 172 -14.20 91.76 -43.55
C GLU P 172 -14.53 91.62 -42.08
N LEU P 173 -13.67 92.15 -41.21
CA LEU P 173 -13.87 91.97 -39.79
C LEU P 173 -14.95 92.92 -39.24
N ASN P 174 -15.00 94.16 -39.76
CA ASN P 174 -15.96 95.14 -39.27
C ASN P 174 -17.39 94.75 -39.61
N ASN P 175 -17.59 94.17 -40.80
CA ASN P 175 -18.91 93.66 -41.14
C ASN P 175 -19.28 92.47 -40.27
N GLY P 176 -18.28 91.68 -39.85
CA GLY P 176 -18.55 90.62 -38.92
C GLY P 176 -18.77 91.11 -37.50
N ARG P 177 -18.12 92.19 -37.13
CA ARG P 177 -18.32 92.76 -35.80
C ARG P 177 -19.78 93.20 -35.74
N LEU P 178 -20.24 93.89 -36.77
CA LEU P 178 -21.63 94.34 -36.81
C LEU P 178 -22.58 93.15 -36.87
N ALA P 179 -22.19 92.06 -37.53
CA ALA P 179 -23.07 90.92 -37.65
C ALA P 179 -23.11 90.07 -36.39
N MET P 180 -22.05 90.07 -35.59
CA MET P 180 -22.07 89.36 -34.31
C MET P 180 -23.04 90.02 -33.35
N ILE P 181 -23.14 91.35 -33.38
CA ILE P 181 -24.13 92.05 -32.57
C ILE P 181 -25.52 91.80 -33.13
N ALA P 182 -25.65 91.78 -34.46
CA ALA P 182 -26.95 91.76 -35.10
C ALA P 182 -27.63 90.41 -34.96
N ILE P 183 -26.87 89.31 -35.01
CA ILE P 183 -27.46 88.00 -34.83
C ILE P 183 -27.87 87.80 -33.37
N MET P 184 -27.21 88.49 -32.43
CA MET P 184 -27.67 88.46 -31.06
C MET P 184 -28.91 89.31 -30.87
N SER P 185 -29.07 90.36 -31.66
CA SER P 185 -30.31 91.12 -31.67
C SER P 185 -31.47 90.28 -32.16
N PHE P 186 -31.22 89.45 -33.16
CA PHE P 186 -32.28 88.66 -33.78
C PHE P 186 -32.73 87.53 -32.87
N VAL P 187 -31.84 87.02 -32.03
CA VAL P 187 -32.23 86.01 -31.06
C VAL P 187 -33.03 86.63 -29.92
N ALA P 188 -32.56 87.77 -29.41
CA ALA P 188 -33.21 88.42 -28.28
C ALA P 188 -34.60 88.95 -28.64
N ALA P 189 -34.81 89.30 -29.91
CA ALA P 189 -36.14 89.70 -30.35
C ALA P 189 -37.08 88.50 -30.44
N ALA P 190 -36.55 87.32 -30.74
CA ALA P 190 -37.38 86.13 -30.86
C ALA P 190 -37.68 85.49 -29.51
N ASN P 191 -36.96 85.86 -28.46
CA ASN P 191 -37.20 85.33 -27.12
C ASN P 191 -37.94 86.32 -26.23
N ILE P 192 -37.46 87.55 -26.17
CA ILE P 192 -38.09 88.56 -25.31
C ILE P 192 -38.72 89.69 -26.12
N PRO P 193 -40.05 89.63 -26.30
CA PRO P 193 -40.72 90.69 -27.06
C PRO P 193 -40.56 92.04 -26.39
N GLY P 194 -40.32 93.06 -27.20
CA GLY P 194 -40.08 94.38 -26.67
C GLY P 194 -38.68 94.61 -26.17
N SER P 195 -37.76 93.67 -26.37
CA SER P 195 -36.38 93.83 -25.97
C SER P 195 -35.59 94.72 -26.91
N VAL P 196 -36.19 95.20 -27.98
CA VAL P 196 -35.47 95.95 -29.01
C VAL P 196 -36.49 96.86 -29.71
N PRO P 197 -36.34 98.19 -29.60
CA PRO P 197 -37.47 99.12 -29.86
C PRO P 197 -37.99 99.20 -31.28
N ALA P 198 -37.13 99.60 -32.22
CA ALA P 198 -37.51 99.79 -33.62
C ALA P 198 -37.43 98.51 -34.42
N LEU P 199 -37.44 97.39 -33.72
CA LEU P 199 -37.31 96.07 -34.30
C LEU P 199 -38.38 95.12 -33.77
N ALA P 200 -39.10 95.51 -32.71
CA ALA P 200 -40.17 94.67 -32.16
C ALA P 200 -41.44 94.73 -32.98
N GLY P 201 -41.61 95.75 -33.83
CA GLY P 201 -42.79 95.85 -34.67
C GLY P 201 -42.64 95.17 -36.01
N ASN P 202 -41.87 94.08 -36.03
CA ASN P 202 -41.51 93.36 -37.24
C ASN P 202 -42.02 91.94 -37.13
N PRO P 203 -42.83 91.46 -38.07
CA PRO P 203 -43.17 90.03 -38.09
C PRO P 203 -41.95 89.21 -38.49
N MET P 204 -41.66 88.19 -37.71
CA MET P 204 -40.44 87.41 -37.91
C MET P 204 -40.76 85.95 -38.13
N LYS Q 32 -1.76 123.94 -17.40
CA LYS Q 32 -1.51 124.78 -16.24
C LYS Q 32 -2.61 125.82 -16.08
N VAL Q 33 -2.66 126.45 -14.90
CA VAL Q 33 -3.68 127.46 -14.65
C VAL Q 33 -3.54 128.60 -15.64
N ASP Q 34 -2.29 129.00 -15.91
CA ASP Q 34 -2.00 130.06 -16.86
C ASP Q 34 -2.02 129.51 -18.27
N GLU Q 35 -2.02 130.41 -19.26
CA GLU Q 35 -2.06 130.04 -20.67
C GLU Q 35 -3.22 129.06 -20.92
N MET Q 36 -4.32 129.31 -20.22
CA MET Q 36 -5.50 128.45 -20.36
C MET Q 36 -6.60 129.25 -21.04
N PRO Q 37 -7.22 128.71 -22.08
CA PRO Q 37 -8.44 129.33 -22.60
C PRO Q 37 -9.56 129.24 -21.57
N GLY Q 38 -10.31 130.33 -21.47
CA GLY Q 38 -11.30 130.49 -20.41
C GLY Q 38 -10.95 131.58 -19.43
N ALA Q 39 -9.75 132.15 -19.48
CA ALA Q 39 -9.34 133.25 -18.63
C ALA Q 39 -9.38 134.52 -19.48
N THR Q 40 -10.45 135.28 -19.34
CA THR Q 40 -10.67 136.47 -20.15
C THR Q 40 -10.34 137.73 -19.36
N ALA Q 41 -10.71 138.89 -19.93
CA ALA Q 41 -10.36 140.17 -19.32
C ALA Q 41 -11.06 140.47 -18.00
N PRO Q 42 -12.41 140.42 -17.85
CA PRO Q 42 -13.02 141.03 -16.65
C PRO Q 42 -12.76 140.30 -15.34
N LEU Q 43 -12.27 139.08 -15.36
CA LEU Q 43 -11.90 138.44 -14.10
C LEU Q 43 -10.48 137.91 -14.11
N GLY Q 44 -9.99 137.43 -15.25
CA GLY Q 44 -8.70 136.79 -15.30
C GLY Q 44 -8.79 135.39 -14.74
N LYS Q 45 -7.84 135.01 -13.90
CA LYS Q 45 -7.91 133.73 -13.19
C LYS Q 45 -9.01 133.80 -12.15
N PHE Q 46 -10.14 133.15 -12.41
CA PHE Q 46 -11.25 133.17 -11.46
C PHE Q 46 -11.24 131.84 -10.71
N ASP Q 47 -10.61 131.85 -9.54
CA ASP Q 47 -10.61 130.70 -8.64
C ASP Q 47 -10.41 131.21 -7.22
N PRO Q 48 -11.48 131.64 -6.56
CA PRO Q 48 -11.33 132.13 -5.19
C PRO Q 48 -11.09 131.03 -4.17
N LEU Q 49 -11.74 129.89 -4.32
CA LEU Q 49 -11.63 128.81 -3.35
C LEU Q 49 -10.57 127.79 -3.71
N ASN Q 50 -9.74 128.10 -4.72
CA ASN Q 50 -8.52 127.35 -5.07
C ASN Q 50 -8.80 125.88 -5.39
N LEU Q 51 -9.60 125.67 -6.44
CA LEU Q 51 -9.99 124.33 -6.83
C LEU Q 51 -9.07 123.74 -7.89
N ALA Q 52 -8.36 124.57 -8.63
CA ALA Q 52 -7.42 124.07 -9.63
C ALA Q 52 -6.18 123.48 -8.99
N THR Q 53 -5.84 123.94 -7.78
CA THR Q 53 -4.73 123.43 -7.00
C THR Q 53 -5.10 122.14 -6.26
N LEU Q 54 -6.40 121.84 -6.17
CA LEU Q 54 -6.91 120.82 -5.26
C LEU Q 54 -6.46 119.42 -5.61
N GLY Q 55 -6.17 119.14 -6.88
CA GLY Q 55 -5.68 117.83 -7.25
C GLY Q 55 -4.35 117.91 -7.95
N SER Q 56 -4.15 117.04 -8.91
CA SER Q 56 -2.97 117.05 -9.74
C SER Q 56 -3.27 117.76 -11.05
N GLU Q 57 -2.38 117.59 -12.01
CA GLU Q 57 -2.55 118.16 -13.34
C GLU Q 57 -3.68 117.39 -14.00
N SER Q 58 -3.73 116.08 -13.77
CA SER Q 58 -4.78 115.24 -14.33
C SER Q 58 -6.14 115.59 -13.77
N THR Q 59 -6.19 116.15 -12.56
CA THR Q 59 -7.45 116.60 -11.98
C THR Q 59 -7.98 117.82 -12.72
N LEU Q 60 -7.11 118.79 -13.00
CA LEU Q 60 -7.52 120.01 -13.68
C LEU Q 60 -7.96 119.74 -15.11
N ALA Q 61 -7.35 118.76 -15.77
CA ALA Q 61 -7.77 118.40 -17.12
C ALA Q 61 -9.16 117.76 -17.12
N TRP Q 62 -9.55 117.12 -16.02
CA TRP Q 62 -10.89 116.57 -15.93
C TRP Q 62 -11.93 117.69 -15.79
N PHE Q 63 -11.63 118.68 -14.95
CA PHE Q 63 -12.56 119.79 -14.76
C PHE Q 63 -12.65 120.66 -16.01
N ARG Q 64 -11.57 120.70 -16.79
CA ARG Q 64 -11.55 121.53 -17.98
C ARG Q 64 -12.49 121.01 -19.04
N ALA Q 65 -12.43 119.71 -19.33
CA ALA Q 65 -13.36 119.15 -20.29
C ALA Q 65 -14.72 118.83 -19.70
N ALA Q 66 -14.86 118.90 -18.38
CA ALA Q 66 -16.20 118.92 -17.81
C ALA Q 66 -16.92 120.19 -18.19
N GLU Q 67 -16.31 121.35 -17.87
CA GLU Q 67 -16.88 122.64 -18.20
C GLU Q 67 -17.06 122.81 -19.71
N LEU Q 68 -16.16 122.23 -20.49
CA LEU Q 68 -16.32 122.17 -21.93
C LEU Q 68 -17.57 121.37 -22.31
N LYS Q 69 -17.84 120.28 -21.60
CA LYS Q 69 -19.02 119.48 -21.93
C LYS Q 69 -20.27 120.02 -21.25
N HIS Q 70 -20.12 120.63 -20.08
CA HIS Q 70 -21.26 121.22 -19.41
C HIS Q 70 -21.75 122.39 -20.26
N SER Q 71 -20.81 123.10 -20.88
CA SER Q 71 -21.17 124.21 -21.76
C SER Q 71 -22.01 123.75 -22.92
N ARG Q 72 -21.54 122.73 -23.65
CA ARG Q 72 -22.17 122.34 -24.91
C ARG Q 72 -23.55 121.73 -24.70
N VAL Q 73 -23.78 121.10 -23.55
CA VAL Q 73 -25.12 120.63 -23.24
C VAL Q 73 -26.03 121.81 -22.91
N ALA Q 74 -25.50 122.78 -22.15
CA ALA Q 74 -26.33 123.92 -21.74
C ALA Q 74 -26.57 124.89 -22.88
N MET Q 75 -25.62 125.01 -23.82
CA MET Q 75 -25.84 125.87 -24.99
C MET Q 75 -26.92 125.29 -25.87
N LEU Q 76 -26.98 123.97 -26.03
CA LEU Q 76 -28.03 123.35 -26.82
C LEU Q 76 -29.36 123.31 -26.10
N ALA Q 77 -29.36 123.33 -24.77
CA ALA Q 77 -30.61 123.31 -24.02
C ALA Q 77 -31.21 124.69 -23.84
N THR Q 78 -30.38 125.72 -23.69
CA THR Q 78 -30.88 127.09 -23.65
C THR Q 78 -31.48 127.50 -24.99
N THR Q 79 -30.73 127.24 -26.06
CA THR Q 79 -31.24 127.52 -27.40
C THR Q 79 -32.39 126.60 -27.77
N GLY Q 80 -32.34 125.35 -27.31
CA GLY Q 80 -33.46 124.44 -27.45
C GLY Q 80 -34.64 124.71 -26.54
N TYR Q 81 -34.57 125.75 -25.71
CA TYR Q 81 -35.71 126.23 -24.93
C TYR Q 81 -36.39 127.41 -25.59
N LEU Q 82 -35.60 128.29 -26.22
CA LEU Q 82 -36.16 129.51 -26.79
C LEU Q 82 -37.01 129.19 -28.03
N VAL Q 83 -36.44 128.47 -28.97
CA VAL Q 83 -37.29 127.69 -29.86
C VAL Q 83 -37.65 126.42 -29.11
N GLN Q 84 -38.79 125.82 -29.47
CA GLN Q 84 -39.75 125.00 -28.69
C GLN Q 84 -40.64 125.89 -27.84
N ALA Q 85 -40.51 127.21 -27.91
CA ALA Q 85 -41.41 128.10 -27.21
C ALA Q 85 -42.04 129.15 -28.10
N ALA Q 86 -41.48 129.41 -29.28
CA ALA Q 86 -42.04 130.37 -30.23
C ALA Q 86 -42.77 129.69 -31.37
N GLY Q 87 -42.84 128.36 -31.38
CA GLY Q 87 -43.59 127.65 -32.40
C GLY Q 87 -42.85 127.46 -33.72
N ILE Q 88 -41.77 126.69 -33.73
CA ILE Q 88 -41.01 126.48 -34.96
C ILE Q 88 -41.52 125.28 -35.75
N HIS Q 89 -41.83 124.16 -35.07
CA HIS Q 89 -42.78 123.16 -35.55
C HIS Q 89 -42.39 122.43 -36.83
N PHE Q 90 -41.48 121.44 -36.71
CA PHE Q 90 -41.23 120.43 -37.74
C PHE Q 90 -42.51 119.99 -38.43
N PRO Q 91 -42.57 120.03 -39.76
CA PRO Q 91 -43.76 119.54 -40.46
C PRO Q 91 -43.83 118.02 -40.42
N GLY Q 92 -45.05 117.51 -40.33
CA GLY Q 92 -45.24 116.08 -40.44
C GLY Q 92 -45.45 115.38 -39.12
N MET Q 93 -45.01 114.13 -39.04
CA MET Q 93 -45.23 113.28 -37.88
C MET Q 93 -43.91 112.92 -37.23
N LEU Q 94 -43.84 113.08 -35.91
CA LEU Q 94 -42.69 112.60 -35.15
C LEU Q 94 -42.65 111.07 -35.16
N SER Q 95 -43.72 110.45 -34.69
CA SER Q 95 -43.87 109.01 -34.74
C SER Q 95 -45.24 108.72 -35.35
N SER Q 96 -45.70 107.48 -35.20
CA SER Q 96 -46.85 106.99 -35.95
C SER Q 96 -48.16 107.68 -35.56
N ASP Q 97 -48.31 108.08 -34.29
CA ASP Q 97 -49.55 108.75 -33.90
C ASP Q 97 -49.32 109.92 -32.93
N VAL Q 98 -48.08 110.28 -32.66
CA VAL Q 98 -47.76 111.24 -31.61
C VAL Q 98 -47.01 112.40 -32.26
N SER Q 99 -47.49 112.79 -33.44
CA SER Q 99 -46.98 113.86 -34.30
C SER Q 99 -46.83 115.21 -33.61
N PHE Q 100 -46.23 116.19 -34.29
CA PHE Q 100 -45.69 117.38 -33.63
C PHE Q 100 -46.77 118.35 -33.15
N GLU Q 101 -47.73 117.84 -32.37
CA GLU Q 101 -48.64 118.64 -31.57
C GLU Q 101 -48.04 119.00 -30.23
N SER Q 102 -46.82 118.55 -29.95
CA SER Q 102 -46.13 118.82 -28.70
C SER Q 102 -45.67 120.26 -28.56
N LEU Q 103 -45.88 121.10 -29.57
CA LEU Q 103 -45.45 122.48 -29.56
C LEU Q 103 -46.60 123.47 -29.49
N SER Q 104 -47.78 123.07 -29.95
CA SER Q 104 -48.92 123.96 -29.86
C SER Q 104 -49.34 124.31 -28.43
N ALA Q 105 -49.32 123.34 -27.50
CA ALA Q 105 -49.77 123.63 -26.13
C ALA Q 105 -48.82 123.47 -24.91
N MET Q 106 -48.19 122.31 -24.77
CA MET Q 106 -47.32 122.03 -23.61
C MET Q 106 -46.03 122.86 -23.52
N LYS Q 107 -45.55 123.13 -22.30
CA LYS Q 107 -44.32 123.91 -22.19
C LYS Q 107 -43.10 123.14 -22.71
N PRO Q 108 -42.02 123.83 -23.10
CA PRO Q 108 -40.83 123.11 -23.60
C PRO Q 108 -40.11 122.28 -22.55
N LEU Q 109 -40.31 122.56 -21.26
CA LEU Q 109 -39.84 121.66 -20.22
C LEU Q 109 -40.61 120.35 -20.26
N ASP Q 110 -41.87 120.39 -20.70
CA ASP Q 110 -42.67 119.22 -21.01
C ASP Q 110 -42.34 118.81 -22.45
N ALA Q 111 -43.18 117.98 -23.07
CA ALA Q 111 -42.95 117.30 -24.35
C ALA Q 111 -41.72 116.39 -24.28
N TRP Q 112 -41.40 115.91 -23.08
CA TRP Q 112 -40.38 114.91 -22.91
C TRP Q 112 -40.95 113.54 -22.63
N ASP Q 113 -42.06 113.45 -21.89
CA ASP Q 113 -42.78 112.19 -21.84
C ASP Q 113 -43.72 112.01 -23.02
N ALA Q 114 -43.97 113.08 -23.77
CA ALA Q 114 -44.78 112.96 -24.97
C ALA Q 114 -44.00 112.32 -26.11
N VAL Q 115 -42.69 112.52 -26.16
CA VAL Q 115 -41.84 111.76 -27.08
C VAL Q 115 -41.87 110.29 -26.67
N PRO Q 116 -42.12 109.37 -27.59
CA PRO Q 116 -42.27 107.97 -27.21
C PRO Q 116 -40.94 107.34 -26.82
N GLU Q 117 -41.05 106.12 -26.29
CA GLU Q 117 -39.90 105.46 -25.68
C GLU Q 117 -38.85 105.08 -26.72
N GLY Q 118 -39.28 104.51 -27.84
CA GLY Q 118 -38.37 104.20 -28.92
C GLY Q 118 -37.75 105.43 -29.56
N GLY Q 119 -38.40 106.58 -29.42
CA GLY Q 119 -37.83 107.82 -29.88
C GLY Q 119 -36.85 108.39 -28.88
N LYS Q 120 -37.18 108.29 -27.59
CA LYS Q 120 -36.25 108.67 -26.55
C LYS Q 120 -35.06 107.72 -26.46
N ASN Q 121 -35.19 106.52 -26.99
CA ASN Q 121 -34.14 105.54 -26.83
C ASN Q 121 -32.97 105.80 -27.78
N GLN Q 122 -33.28 106.09 -29.04
CA GLN Q 122 -32.22 106.30 -30.02
C GLN Q 122 -31.46 107.60 -29.78
N ILE Q 123 -32.07 108.53 -29.05
CA ILE Q 123 -31.37 109.75 -28.65
C ILE Q 123 -30.23 109.39 -27.70
N TYR Q 124 -30.52 108.57 -26.69
CA TYR Q 124 -29.51 108.22 -25.70
C TYR Q 124 -28.40 107.39 -26.30
N PHE Q 125 -28.73 106.58 -27.28
CA PHE Q 125 -27.79 105.59 -27.77
C PHE Q 125 -26.86 106.20 -28.80
N THR Q 126 -27.33 107.20 -29.52
CA THR Q 126 -26.43 108.02 -30.32
C THR Q 126 -25.49 108.80 -29.41
N ILE Q 127 -25.97 109.22 -28.24
CA ILE Q 127 -25.11 109.84 -27.24
C ILE Q 127 -24.17 108.80 -26.63
N PHE Q 128 -24.70 107.62 -26.32
CA PHE Q 128 -23.92 106.51 -25.76
C PHE Q 128 -22.79 106.09 -26.68
N LEU Q 129 -23.02 106.15 -28.00
CA LEU Q 129 -21.95 105.93 -28.96
C LEU Q 129 -20.98 107.10 -28.98
N ALA Q 130 -21.50 108.32 -28.87
CA ALA Q 130 -20.65 109.51 -28.98
C ALA Q 130 -19.75 109.68 -27.77
N GLU Q 131 -20.14 109.13 -26.62
CA GLU Q 131 -19.27 109.16 -25.46
C GLU Q 131 -18.10 108.18 -25.56
N PHE Q 132 -18.05 107.34 -26.59
CA PHE Q 132 -17.04 106.30 -26.69
C PHE Q 132 -15.80 106.76 -27.43
N ILE Q 133 -15.99 107.35 -28.61
CA ILE Q 133 -14.88 107.91 -29.37
C ILE Q 133 -14.23 109.03 -28.57
N THR Q 134 -15.05 109.77 -27.83
CA THR Q 134 -14.57 110.74 -26.84
C THR Q 134 -13.60 110.11 -25.85
N GLU Q 135 -13.88 108.89 -25.41
CA GLU Q 135 -13.02 108.24 -24.43
C GLU Q 135 -11.94 107.36 -25.04
N CYS Q 136 -12.16 106.83 -26.24
CA CYS Q 136 -11.26 105.83 -26.82
C CYS Q 136 -10.28 106.41 -27.82
N LYS Q 137 -9.79 107.63 -27.58
CA LYS Q 137 -8.76 108.18 -28.45
C LYS Q 137 -7.42 107.51 -28.17
N GLY Q 138 -6.41 107.90 -28.95
CA GLY Q 138 -5.08 107.35 -28.74
C GLY Q 138 -4.47 107.78 -27.42
N THR Q 139 -4.68 109.05 -27.05
CA THR Q 139 -4.28 109.58 -25.75
C THR Q 139 -5.49 110.22 -25.12
N HIS Q 140 -5.90 109.73 -23.96
CA HIS Q 140 -6.97 110.34 -23.19
C HIS Q 140 -6.54 111.71 -22.69
N TYR Q 141 -7.50 112.61 -22.54
CA TYR Q 141 -7.14 114.02 -22.38
C TYR Q 141 -6.60 114.35 -20.99
N THR Q 142 -6.90 113.55 -19.96
CA THR Q 142 -6.26 113.81 -18.68
C THR Q 142 -4.80 113.39 -18.68
N LYS Q 143 -4.39 112.72 -19.75
CA LYS Q 143 -3.00 112.36 -19.92
C LYS Q 143 -2.39 113.33 -20.94
N GLY Q 144 -3.02 114.49 -21.09
CA GLY Q 144 -2.56 115.50 -22.02
C GLY Q 144 -3.09 115.37 -23.43
N GLY Q 145 -4.03 114.47 -23.68
CA GLY Q 145 -4.55 114.28 -25.01
C GLY Q 145 -5.58 115.31 -25.38
N PRO Q 146 -6.14 115.16 -26.57
CA PRO Q 146 -7.04 116.20 -27.10
C PRO Q 146 -8.41 116.19 -26.45
N LEU Q 147 -9.04 117.35 -26.47
CA LEU Q 147 -10.40 117.55 -25.97
C LEU Q 147 -11.40 116.81 -26.86
N PRO Q 148 -12.63 116.56 -26.38
CA PRO Q 148 -13.62 115.82 -27.18
C PRO Q 148 -13.97 116.50 -28.50
N THR Q 149 -13.81 115.75 -29.58
CA THR Q 149 -14.04 116.22 -30.93
C THR Q 149 -15.30 115.63 -31.52
N ILE Q 150 -15.65 116.11 -32.71
CA ILE Q 150 -16.90 115.78 -33.38
C ILE Q 150 -16.85 114.31 -33.82
N VAL Q 151 -18.00 113.60 -33.75
CA VAL Q 151 -18.00 112.18 -34.11
C VAL Q 151 -18.39 111.98 -35.58
N PHE Q 152 -19.63 112.34 -35.93
CA PHE Q 152 -20.08 112.64 -37.29
C PHE Q 152 -19.16 113.67 -37.92
N PRO Q 153 -18.82 113.53 -39.22
CA PRO Q 153 -18.07 114.49 -40.03
C PRO Q 153 -16.84 115.25 -39.49
N PRO Q 154 -15.76 114.54 -39.13
CA PRO Q 154 -14.57 115.20 -38.57
C PRO Q 154 -13.79 116.22 -39.43
N ILE Q 155 -13.59 115.98 -40.73
CA ILE Q 155 -12.82 116.87 -41.62
C ILE Q 155 -11.43 117.09 -41.03
N ASP Q 156 -10.91 118.32 -40.98
CA ASP Q 156 -9.63 118.44 -40.28
C ASP Q 156 -9.61 119.82 -39.65
N PHE Q 157 -9.09 119.85 -38.44
CA PHE Q 157 -9.86 120.56 -37.45
C PHE Q 157 -9.51 121.97 -37.10
N SER Q 158 -8.71 122.05 -36.07
CA SER Q 158 -8.17 123.29 -35.63
C SER Q 158 -6.68 123.26 -36.00
N THR Q 159 -6.44 123.12 -37.31
CA THR Q 159 -5.20 123.48 -38.02
C THR Q 159 -5.26 124.97 -38.34
N VAL Q 160 -6.04 125.66 -37.51
CA VAL Q 160 -6.57 126.98 -37.61
C VAL Q 160 -5.76 127.83 -36.65
N ASN Q 161 -4.64 128.37 -37.17
CA ASN Q 161 -3.91 129.58 -36.75
C ASN Q 161 -3.92 129.85 -35.24
N PRO Q 162 -3.15 129.07 -34.44
CA PRO Q 162 -3.40 128.92 -32.99
C PRO Q 162 -3.54 130.17 -32.14
N GLU Q 163 -3.18 131.34 -32.68
CA GLU Q 163 -3.54 132.60 -32.04
C GLU Q 163 -5.05 132.81 -32.06
N GLN Q 164 -5.67 132.65 -33.23
CA GLN Q 164 -7.11 132.79 -33.37
C GLN Q 164 -7.87 131.58 -32.88
N LEU Q 165 -7.17 130.48 -32.60
CA LEU Q 165 -7.80 129.34 -31.94
C LEU Q 165 -8.06 129.64 -30.47
N LYS Q 166 -7.14 130.36 -29.82
CA LYS Q 166 -7.30 130.68 -28.41
C LYS Q 166 -8.44 131.65 -28.18
N THR Q 167 -8.72 132.53 -29.15
CA THR Q 167 -9.81 133.47 -29.01
C THR Q 167 -11.16 132.76 -29.09
N ARG Q 168 -11.23 131.66 -29.84
CA ARG Q 168 -12.49 130.96 -29.99
C ARG Q 168 -12.84 130.11 -28.80
N GLN Q 169 -11.85 129.45 -28.20
CA GLN Q 169 -12.11 128.63 -27.04
C GLN Q 169 -12.47 129.48 -25.83
N ASN Q 170 -12.09 130.76 -25.83
CA ASN Q 170 -12.66 131.69 -24.88
C ASN Q 170 -14.11 132.01 -25.21
N ARG Q 171 -14.42 132.11 -26.50
CA ARG Q 171 -15.77 132.40 -26.94
C ARG Q 171 -16.70 131.22 -26.73
N GLU Q 172 -16.16 130.01 -26.84
CA GLU Q 172 -16.95 128.80 -26.67
C GLU Q 172 -17.32 128.57 -25.22
N LEU Q 173 -16.39 128.83 -24.31
CA LEU Q 173 -16.65 128.57 -22.90
C LEU Q 173 -17.52 129.66 -22.28
N ASN Q 174 -17.30 130.92 -22.65
CA ASN Q 174 -18.06 132.03 -22.07
C ASN Q 174 -19.53 131.97 -22.45
N ASN Q 175 -19.83 131.57 -23.69
CA ASN Q 175 -21.21 131.37 -24.07
C ASN Q 175 -21.83 130.20 -23.32
N GLY Q 176 -21.02 129.19 -22.99
CA GLY Q 176 -21.51 128.12 -22.15
C GLY Q 176 -21.67 128.50 -20.71
N ARG Q 177 -20.80 129.39 -20.23
CA ARG Q 177 -20.90 129.85 -18.86
C ARG Q 177 -22.24 130.57 -18.73
N LEU Q 178 -22.55 131.44 -19.70
CA LEU Q 178 -23.81 132.16 -19.68
C LEU Q 178 -24.99 131.21 -19.86
N ALA Q 179 -24.81 130.13 -20.62
CA ALA Q 179 -25.91 129.20 -20.86
C ALA Q 179 -26.15 128.26 -19.69
N MET Q 180 -25.11 127.97 -18.89
CA MET Q 180 -25.30 127.16 -17.70
C MET Q 180 -26.13 127.90 -16.66
N ILE Q 181 -25.95 129.22 -16.56
CA ILE Q 181 -26.80 130.03 -15.69
C ILE Q 181 -28.20 130.13 -16.27
N ALA Q 182 -28.30 130.26 -17.60
CA ALA Q 182 -29.58 130.57 -18.23
C ALA Q 182 -30.52 129.38 -18.21
N ILE Q 183 -29.99 128.16 -18.37
CA ILE Q 183 -30.85 126.99 -18.32
C ILE Q 183 -31.31 126.73 -16.89
N MET Q 184 -30.55 127.17 -15.90
CA MET Q 184 -31.02 127.10 -14.53
C MET Q 184 -32.07 128.17 -14.24
N SER Q 185 -32.00 129.31 -14.94
CA SER Q 185 -33.06 130.31 -14.85
C SER Q 185 -34.35 129.77 -15.43
N PHE Q 186 -34.26 128.99 -16.50
CA PHE Q 186 -35.44 128.51 -17.19
C PHE Q 186 -36.13 127.41 -16.41
N VAL Q 187 -35.38 126.65 -15.61
CA VAL Q 187 -35.98 125.64 -14.75
C VAL Q 187 -36.66 126.31 -13.56
N ALA Q 188 -35.98 127.27 -12.94
CA ALA Q 188 -36.50 127.93 -11.75
C ALA Q 188 -37.73 128.76 -12.05
N ALA Q 189 -37.86 129.27 -13.28
CA ALA Q 189 -39.07 129.97 -13.67
C ALA Q 189 -40.23 129.00 -13.87
N ALA Q 190 -39.95 127.77 -14.29
CA ALA Q 190 -40.99 126.79 -14.52
C ALA Q 190 -41.45 126.11 -13.25
N ASN Q 191 -40.69 126.21 -12.16
CA ASN Q 191 -41.06 125.61 -10.89
C ASN Q 191 -41.60 126.64 -9.90
N ILE Q 192 -40.89 127.75 -9.72
CA ILE Q 192 -41.25 128.78 -8.76
C ILE Q 192 -41.68 130.01 -9.55
N PRO Q 193 -42.98 130.30 -9.63
CA PRO Q 193 -43.42 131.55 -10.29
C PRO Q 193 -42.99 132.76 -9.48
N GLY Q 194 -42.54 133.79 -10.19
CA GLY Q 194 -42.04 134.98 -9.53
C GLY Q 194 -40.63 134.86 -9.01
N SER Q 195 -39.93 133.77 -9.32
CA SER Q 195 -38.54 133.62 -8.90
C SER Q 195 -37.57 134.42 -9.75
N VAL Q 196 -38.05 135.11 -10.77
CA VAL Q 196 -37.17 135.79 -11.71
C VAL Q 196 -37.97 136.95 -12.32
N PRO Q 197 -37.55 138.22 -12.08
CA PRO Q 197 -38.46 139.37 -12.25
C PRO Q 197 -38.94 139.70 -13.65
N ALA Q 198 -38.00 140.01 -14.55
CA ALA Q 198 -38.30 140.40 -15.92
C ALA Q 198 -38.47 139.21 -16.85
N LEU Q 199 -38.73 138.05 -16.26
CA LEU Q 199 -38.85 136.80 -16.97
C LEU Q 199 -40.10 136.05 -16.53
N ALA Q 200 -40.75 136.46 -15.43
CA ALA Q 200 -41.97 135.81 -14.97
C ALA Q 200 -43.20 136.20 -15.78
N GLY Q 201 -43.14 137.32 -16.52
CA GLY Q 201 -44.26 137.75 -17.33
C GLY Q 201 -44.23 137.17 -18.74
N ASN Q 202 -43.69 135.96 -18.87
CA ASN Q 202 -43.46 135.30 -20.15
C ASN Q 202 -44.25 134.01 -20.18
N PRO Q 203 -45.13 133.81 -21.16
CA PRO Q 203 -45.75 132.48 -21.32
C PRO Q 203 -44.71 131.48 -21.81
N MET Q 204 -44.66 130.34 -21.13
CA MET Q 204 -43.62 129.36 -21.40
C MET Q 204 -44.22 128.01 -21.77
N ALA R 36 5.03 88.65 -72.01
CA ALA R 36 5.39 87.86 -70.85
C ALA R 36 4.15 87.31 -70.16
N ALA R 37 3.08 87.20 -70.96
CA ALA R 37 1.73 86.76 -70.62
C ALA R 37 0.98 87.71 -69.69
N LYS R 38 1.61 88.76 -69.21
CA LYS R 38 0.96 89.83 -68.48
C LYS R 38 1.04 91.16 -69.20
N ASP R 39 2.22 91.48 -69.76
CA ASP R 39 2.33 92.59 -70.70
C ASP R 39 1.51 92.34 -71.95
N ASP R 40 1.33 91.07 -72.32
CA ASP R 40 0.51 90.75 -73.47
C ASP R 40 -0.97 91.00 -73.20
N LEU R 41 -1.46 90.68 -71.99
CA LEU R 41 -2.87 90.91 -71.71
C LEU R 41 -3.18 92.40 -71.57
N ILE R 42 -2.23 93.17 -71.02
CA ILE R 42 -2.42 94.62 -70.92
C ILE R 42 -2.41 95.25 -72.31
N ALA R 43 -1.48 94.83 -73.17
CA ALA R 43 -1.35 95.45 -74.48
C ALA R 43 -2.52 95.15 -75.39
N ILE R 44 -3.15 93.98 -75.24
CA ILE R 44 -4.25 93.65 -76.12
C ILE R 44 -5.56 94.27 -75.64
N ALA R 45 -5.76 94.38 -74.33
CA ALA R 45 -6.89 95.15 -73.83
C ALA R 45 -6.72 96.64 -74.06
N GLU R 46 -5.48 97.10 -74.20
CA GLU R 46 -5.24 98.49 -74.57
C GLU R 46 -5.63 98.76 -76.02
N LYS R 47 -5.40 97.80 -76.90
CA LYS R 47 -5.74 97.99 -78.30
C LYS R 47 -7.23 97.83 -78.58
N SER R 48 -7.99 97.33 -77.63
CA SER R 48 -9.45 97.34 -77.74
C SER R 48 -10.06 98.61 -77.18
N ASN R 49 -9.33 99.34 -76.36
CA ASN R 49 -9.87 100.57 -75.79
C ASN R 49 -8.79 101.53 -75.29
N PRO R 50 -8.68 102.69 -75.94
CA PRO R 50 -7.72 103.72 -75.53
C PRO R 50 -7.95 104.04 -74.08
N VAL R 51 -9.15 104.52 -73.76
CA VAL R 51 -9.53 104.81 -72.39
C VAL R 51 -10.00 103.47 -71.80
N LEU R 52 -9.84 103.28 -70.50
CA LEU R 52 -10.22 101.98 -69.91
C LEU R 52 -9.25 100.88 -70.36
N LYS R 53 -8.01 101.01 -69.92
CA LYS R 53 -6.95 100.29 -70.62
C LYS R 53 -6.94 98.83 -70.22
N TYR R 54 -6.69 98.56 -68.96
CA TYR R 54 -6.64 97.22 -68.41
C TYR R 54 -7.57 97.20 -67.20
N TYR R 55 -8.69 96.49 -67.33
CA TYR R 55 -9.76 96.57 -66.34
C TYR R 55 -9.87 95.24 -65.61
N ASP R 56 -9.67 95.28 -64.29
CA ASP R 56 -9.65 94.08 -63.46
C ASP R 56 -9.99 94.44 -62.01
N PRO R 57 -11.27 94.59 -61.67
CA PRO R 57 -11.62 94.95 -60.31
C PRO R 57 -11.54 93.79 -59.31
N LEU R 58 -11.93 92.59 -59.72
CA LEU R 58 -11.87 91.43 -58.84
C LEU R 58 -10.47 90.86 -58.75
N GLN R 59 -9.56 91.29 -59.63
CA GLN R 59 -8.14 90.91 -59.64
C GLN R 59 -7.98 89.40 -59.80
N LEU R 60 -8.78 88.87 -60.73
CA LEU R 60 -8.75 87.49 -61.19
C LEU R 60 -7.66 87.25 -62.22
N GLY R 61 -7.14 88.30 -62.83
CA GLY R 61 -6.01 88.14 -63.73
C GLY R 61 -4.67 87.94 -63.05
N SER R 62 -4.64 87.47 -61.81
CA SER R 62 -3.42 87.27 -61.08
C SER R 62 -3.32 85.88 -60.46
N THR R 63 -4.35 85.07 -60.66
CA THR R 63 -4.43 83.73 -60.12
C THR R 63 -3.54 82.70 -60.81
N THR R 64 -3.44 81.54 -60.18
CA THR R 64 -2.65 80.43 -60.68
C THR R 64 -3.52 79.19 -60.85
N ILE R 65 -4.84 79.37 -60.77
CA ILE R 65 -5.83 78.30 -60.87
C ILE R 65 -5.55 77.13 -59.94
N TRP R 66 -5.39 75.95 -60.54
CA TRP R 66 -5.09 74.70 -59.85
C TRP R 66 -3.75 74.77 -59.13
N GLY R 67 -2.78 75.42 -59.76
CA GLY R 67 -1.44 75.53 -59.19
C GLY R 67 -0.37 75.68 -60.25
N GLU R 68 -0.81 75.88 -61.48
CA GLU R 68 0.09 76.07 -62.63
C GLU R 68 0.74 77.45 -62.59
N THR R 69 1.84 77.61 -63.33
CA THR R 69 2.55 78.89 -63.36
C THR R 69 1.65 80.00 -63.87
N ASN R 70 1.77 81.18 -63.28
CA ASN R 70 0.91 82.32 -63.64
C ASN R 70 0.75 82.49 -65.15
N SER R 71 1.84 82.28 -65.90
CA SER R 71 1.79 82.45 -67.35
C SER R 71 0.91 81.41 -68.02
N ALA R 72 0.89 80.18 -67.49
CA ALA R 72 0.01 79.16 -68.04
C ALA R 72 -1.45 79.49 -67.79
N THR R 73 -1.71 80.05 -66.61
CA THR R 73 -3.07 80.40 -66.21
C THR R 73 -3.71 81.52 -67.02
N ILE R 74 -2.97 82.61 -67.21
CA ILE R 74 -3.53 83.72 -67.97
C ILE R 74 -4.00 83.24 -69.34
N GLY R 75 -3.32 82.23 -69.90
CA GLY R 75 -3.81 81.59 -71.09
C GLY R 75 -5.17 80.93 -70.91
N PHE R 76 -5.47 80.48 -69.68
CA PHE R 76 -6.76 79.87 -69.42
C PHE R 76 -7.86 80.90 -69.39
N LEU R 77 -7.61 82.04 -68.76
CA LEU R 77 -8.60 83.09 -68.66
C LEU R 77 -8.93 83.67 -70.03
N ARG R 78 -7.93 83.71 -70.91
CA ARG R 78 -8.11 84.22 -72.25
C ARG R 78 -8.87 83.22 -73.10
N HIS R 79 -8.41 81.98 -73.10
CA HIS R 79 -9.06 80.92 -73.88
C HIS R 79 -10.50 80.71 -73.43
N SER R 80 -10.80 81.00 -72.17
CA SER R 80 -12.17 80.97 -71.71
C SER R 80 -12.98 82.08 -72.37
N GLU R 81 -12.50 83.33 -72.25
CA GLU R 81 -13.25 84.51 -72.71
C GLU R 81 -13.52 84.47 -74.20
N ILE R 82 -12.60 83.92 -74.98
CA ILE R 82 -12.84 83.72 -76.40
C ILE R 82 -13.96 82.70 -76.59
N LYS R 83 -13.85 81.54 -75.94
CA LYS R 83 -14.81 80.46 -76.12
C LYS R 83 -16.21 80.83 -75.64
N HIS R 84 -16.27 81.74 -74.67
CA HIS R 84 -17.54 82.24 -74.17
C HIS R 84 -18.09 83.25 -75.18
N GLY R 85 -17.20 83.99 -75.82
CA GLY R 85 -17.59 84.98 -76.81
C GLY R 85 -17.95 84.39 -78.15
N ARG R 86 -17.43 83.22 -78.47
CA ARG R 86 -17.71 82.58 -79.76
C ARG R 86 -19.11 81.96 -79.86
N ILE R 87 -19.60 81.39 -78.77
CA ILE R 87 -20.91 80.76 -78.78
C ILE R 87 -22.02 81.79 -78.73
N ALA R 88 -21.82 82.86 -77.95
CA ALA R 88 -22.84 83.89 -77.83
C ALA R 88 -23.01 84.66 -79.13
N MET R 89 -21.94 84.72 -79.92
CA MET R 89 -21.98 85.34 -81.24
C MET R 89 -22.80 84.38 -82.10
N ALA R 90 -22.53 83.08 -81.95
CA ALA R 90 -23.25 82.07 -82.70
C ALA R 90 -24.67 81.90 -82.20
N ALA R 91 -24.90 82.07 -80.90
CA ALA R 91 -26.26 81.95 -80.39
C ALA R 91 -27.10 83.18 -80.68
N PHE R 92 -26.47 84.30 -81.00
CA PHE R 92 -27.21 85.51 -81.32
C PHE R 92 -27.91 85.30 -82.66
N VAL R 93 -27.12 84.96 -83.67
CA VAL R 93 -27.62 84.71 -85.02
C VAL R 93 -28.56 83.52 -85.00
N GLY R 94 -28.25 82.51 -84.18
CA GLY R 94 -29.14 81.38 -84.02
C GLY R 94 -30.48 81.75 -83.43
N TYR R 95 -30.48 82.65 -82.45
CA TYR R 95 -31.72 83.08 -81.81
C TYR R 95 -32.68 83.78 -82.77
N ILE R 96 -32.14 84.51 -83.75
CA ILE R 96 -32.98 85.23 -84.70
C ILE R 96 -33.62 84.25 -85.69
N VAL R 97 -32.81 83.32 -86.21
CA VAL R 97 -33.27 82.35 -87.20
C VAL R 97 -34.30 81.40 -86.61
N GLN R 98 -34.16 81.09 -85.31
CA GLN R 98 -35.19 80.30 -84.61
C GLN R 98 -36.51 81.06 -84.52
N ALA R 99 -36.46 82.39 -84.48
CA ALA R 99 -37.67 83.17 -84.19
C ALA R 99 -38.48 83.43 -85.44
N ASN R 100 -37.82 83.68 -86.57
CA ASN R 100 -38.53 84.08 -87.79
C ASN R 100 -39.28 82.92 -88.40
N GLY R 101 -38.69 81.73 -88.41
CA GLY R 101 -39.27 80.63 -89.18
C GLY R 101 -38.51 80.33 -90.46
N ILE R 102 -37.19 80.26 -90.35
CA ILE R 102 -36.30 79.86 -91.45
C ILE R 102 -35.86 78.45 -91.09
N HIS R 103 -36.77 77.70 -90.43
CA HIS R 103 -36.51 76.33 -90.06
C HIS R 103 -36.27 75.45 -91.29
N PHE R 104 -35.50 74.37 -91.09
CA PHE R 104 -35.19 73.44 -92.16
C PHE R 104 -36.46 72.72 -92.62
N PRO R 105 -36.84 72.82 -93.90
CA PRO R 105 -38.14 72.26 -94.35
C PRO R 105 -38.13 70.79 -94.76
N TRP R 106 -38.07 69.90 -93.73
CA TRP R 106 -38.23 68.44 -93.85
C TRP R 106 -38.39 67.82 -92.47
N PRO R 107 -38.63 66.52 -92.33
CA PRO R 107 -38.46 65.86 -91.03
C PRO R 107 -37.08 65.25 -90.80
N MET R 108 -36.63 65.32 -89.55
CA MET R 108 -35.29 64.86 -89.22
C MET R 108 -35.23 63.36 -88.96
N SER R 109 -36.19 62.82 -88.21
CA SER R 109 -36.12 61.45 -87.75
C SER R 109 -36.47 60.48 -88.88
N PHE R 110 -36.05 59.22 -88.72
CA PHE R 110 -36.40 58.21 -89.70
C PHE R 110 -37.89 57.92 -89.67
N ASP R 111 -38.50 58.02 -88.48
CA ASP R 111 -39.92 57.71 -88.34
C ASP R 111 -40.81 58.79 -88.97
N GLY R 112 -40.42 60.06 -88.85
CA GLY R 112 -41.06 61.08 -89.66
C GLY R 112 -41.53 62.37 -89.01
N SER R 113 -41.22 62.59 -87.73
CA SER R 113 -41.70 63.83 -87.13
C SER R 113 -40.78 64.99 -87.51
N PRO R 114 -41.34 66.15 -87.87
CA PRO R 114 -40.51 67.26 -88.36
C PRO R 114 -39.80 68.04 -87.27
N PHE R 115 -39.11 69.11 -87.68
CA PHE R 115 -38.43 69.98 -86.73
C PHE R 115 -39.45 70.76 -85.92
N PRO R 116 -39.37 70.74 -84.59
CA PRO R 116 -40.39 71.38 -83.75
C PRO R 116 -40.28 72.90 -83.72
N ALA R 117 -40.62 73.54 -84.83
CA ALA R 117 -40.88 74.96 -84.87
C ALA R 117 -42.33 75.29 -84.53
N ASP R 118 -43.11 74.27 -84.16
CA ASP R 118 -44.48 74.47 -83.71
C ASP R 118 -44.51 75.26 -82.40
N ALA R 119 -43.57 74.98 -81.50
CA ALA R 119 -43.54 75.68 -80.21
C ALA R 119 -43.22 77.16 -80.38
N GLY R 120 -42.53 77.52 -81.46
CA GLY R 120 -42.51 78.89 -81.94
C GLY R 120 -41.75 79.87 -81.09
N SER R 121 -40.81 79.39 -80.29
CA SER R 121 -40.01 80.26 -79.44
C SER R 121 -38.72 79.52 -79.09
N PRO R 122 -37.56 80.18 -79.22
CA PRO R 122 -36.26 79.48 -79.24
C PRO R 122 -35.93 78.66 -78.00
N PRO R 123 -36.31 79.03 -76.76
CA PRO R 123 -36.07 78.05 -75.68
C PRO R 123 -37.02 76.86 -75.72
N GLU R 124 -38.29 77.07 -76.06
CA GLU R 124 -39.22 75.94 -76.18
C GLU R 124 -38.87 75.07 -77.37
N GLN R 125 -38.28 75.66 -78.40
CA GLN R 125 -37.85 74.88 -79.56
C GLN R 125 -36.74 73.91 -79.17
N TRP R 126 -35.85 74.30 -78.26
CA TRP R 126 -34.86 73.38 -77.72
C TRP R 126 -35.43 72.44 -76.67
N ASP R 127 -36.59 72.76 -76.09
CA ASP R 127 -37.23 71.84 -75.17
C ASP R 127 -37.74 70.60 -75.90
N ALA R 128 -38.49 70.80 -76.97
CA ALA R 128 -39.30 69.72 -77.54
C ALA R 128 -38.53 68.86 -78.54
N LEU R 129 -37.39 68.32 -78.14
CA LEU R 129 -36.63 67.41 -79.00
C LEU R 129 -36.75 65.99 -78.48
N SER R 130 -36.04 65.09 -79.13
CA SER R 130 -36.09 63.69 -78.78
C SER R 130 -34.97 63.32 -77.80
N ASP R 131 -35.02 62.07 -77.33
CA ASP R 131 -34.00 61.35 -76.57
C ASP R 131 -32.83 60.89 -77.46
N ALA R 132 -32.74 61.37 -78.69
CA ALA R 132 -31.58 60.98 -79.48
C ALA R 132 -30.99 62.11 -80.28
N ALA R 133 -31.61 63.29 -80.29
CA ALA R 133 -31.06 64.46 -80.95
C ALA R 133 -30.33 65.38 -79.98
N LYS R 134 -30.91 65.60 -78.80
CA LYS R 134 -30.29 66.47 -77.79
C LYS R 134 -28.95 65.93 -77.33
N TRP R 135 -28.82 64.61 -77.26
CA TRP R 135 -27.52 64.02 -76.97
C TRP R 135 -26.53 64.38 -78.06
N GLN R 136 -26.76 63.87 -79.28
CA GLN R 136 -25.74 63.85 -80.33
C GLN R 136 -25.29 65.22 -80.79
N ILE R 137 -26.02 66.28 -80.44
CA ILE R 137 -25.52 67.62 -80.63
C ILE R 137 -24.46 67.96 -79.60
N ILE R 138 -24.70 67.62 -78.34
CA ILE R 138 -23.69 67.78 -77.29
C ILE R 138 -22.52 66.83 -77.53
N LEU R 139 -22.84 65.58 -77.90
CA LEU R 139 -21.81 64.58 -78.19
C LEU R 139 -20.97 64.96 -79.40
N PHE R 140 -21.53 65.71 -80.35
CA PHE R 140 -20.74 66.23 -81.45
C PHE R 140 -19.76 67.28 -80.97
N ILE R 141 -20.28 68.34 -80.32
CA ILE R 141 -19.48 69.41 -79.74
C ILE R 141 -18.46 68.84 -78.75
N GLY R 142 -18.87 67.79 -78.03
CA GLY R 142 -17.96 67.09 -77.14
C GLY R 142 -16.76 66.47 -77.82
N PHE R 143 -16.87 66.14 -79.11
CA PHE R 143 -15.65 65.80 -79.83
C PHE R 143 -14.86 67.06 -80.20
N LEU R 144 -15.58 68.12 -80.55
CA LEU R 144 -14.93 69.34 -81.04
C LEU R 144 -14.22 70.07 -79.92
N GLU R 145 -14.82 70.09 -78.72
CA GLU R 145 -14.19 70.66 -77.53
C GLU R 145 -12.91 69.92 -77.21
N TRP R 146 -13.02 68.60 -77.19
CA TRP R 146 -11.93 67.69 -76.84
C TRP R 146 -10.77 67.72 -77.80
N PHE R 147 -11.07 67.74 -79.09
CA PHE R 147 -10.01 67.73 -80.09
C PHE R 147 -9.06 68.91 -79.93
N SER R 148 -9.47 69.95 -79.19
CA SER R 148 -8.68 71.17 -79.08
C SER R 148 -7.53 71.08 -78.10
N GLU R 149 -7.57 70.10 -77.21
CA GLU R 149 -6.50 69.90 -76.22
C GLU R 149 -5.40 69.14 -76.94
N ALA R 150 -5.74 67.94 -77.40
CA ALA R 150 -4.81 67.13 -78.18
C ALA R 150 -4.62 67.81 -79.54
N ALA R 151 -3.89 67.13 -80.43
CA ALA R 151 -3.73 67.47 -81.85
C ALA R 151 -3.05 68.82 -82.08
N GLY R 152 -2.37 69.38 -81.10
CA GLY R 152 -1.71 70.64 -81.32
C GLY R 152 -1.10 71.18 -80.04
N LYS R 153 -0.51 72.36 -80.17
CA LYS R 153 0.09 73.02 -79.02
C LYS R 153 -0.99 73.62 -78.14
N HIS R 154 -0.97 73.23 -76.87
CA HIS R 154 -1.96 73.66 -75.91
C HIS R 154 -1.71 75.10 -75.48
N TYR R 155 -2.78 75.80 -75.14
CA TYR R 155 -2.67 77.23 -74.88
C TYR R 155 -1.99 77.52 -73.56
N MET R 156 -2.04 76.60 -72.60
CA MET R 156 -1.30 76.79 -71.35
C MET R 156 0.17 76.43 -71.47
N ARG R 157 0.63 76.06 -72.65
CA ARG R 157 2.03 75.76 -72.90
C ARG R 157 2.54 76.58 -74.07
N GLY R 158 2.10 77.82 -74.16
CA GLY R 158 2.42 78.65 -75.31
C GLY R 158 1.27 78.68 -76.28
N GLY R 159 1.57 78.77 -77.58
CA GLY R 159 0.50 78.86 -78.55
C GLY R 159 -0.23 80.20 -78.44
N LYS R 160 -1.51 80.18 -78.79
CA LYS R 160 -2.35 81.32 -78.56
C LYS R 160 -3.76 80.82 -78.32
N PRO R 161 -4.55 81.52 -77.50
CA PRO R 161 -5.88 81.02 -77.16
C PRO R 161 -6.84 81.06 -78.34
N GLY R 162 -7.76 80.10 -78.33
CA GLY R 162 -8.77 80.00 -79.36
C GLY R 162 -8.29 79.53 -80.71
N ALA R 163 -7.06 79.05 -80.81
CA ALA R 163 -6.48 78.62 -82.09
C ALA R 163 -6.84 77.15 -82.31
N PHE R 164 -7.70 76.89 -83.26
CA PHE R 164 -8.12 75.52 -83.50
C PHE R 164 -7.13 74.81 -84.42
N PRO R 165 -6.64 73.63 -84.05
CA PRO R 165 -5.71 72.90 -84.93
C PRO R 165 -6.43 72.08 -86.00
N ASN R 166 -5.82 72.02 -87.17
CA ASN R 166 -6.43 71.37 -88.32
C ASN R 166 -6.47 69.85 -88.15
N PHE R 167 -7.50 69.25 -88.74
CA PHE R 167 -7.66 67.79 -88.64
C PHE R 167 -6.60 67.06 -89.42
N SER R 168 -6.21 67.60 -90.58
CA SER R 168 -5.27 66.92 -91.46
C SER R 168 -3.86 66.87 -90.92
N ASP R 169 -3.50 67.77 -90.01
CA ASP R 169 -2.14 67.83 -89.52
C ASP R 169 -1.85 66.83 -88.40
N SER R 170 -2.89 66.30 -87.77
CA SER R 170 -2.73 65.35 -86.68
C SER R 170 -3.04 63.94 -87.14
N ASP R 171 -2.56 62.96 -86.37
CA ASP R 171 -2.72 61.57 -86.74
C ASP R 171 -3.73 60.81 -85.91
N LEU R 172 -4.28 61.41 -84.85
CA LEU R 172 -5.18 60.69 -83.95
C LEU R 172 -6.63 60.71 -84.47
N ILE R 173 -6.76 60.36 -85.74
CA ILE R 173 -8.08 60.27 -86.37
C ILE R 173 -7.94 59.17 -87.42
N PRO R 174 -8.87 58.23 -87.50
CA PRO R 174 -8.73 57.12 -88.45
C PRO R 174 -8.84 57.56 -89.89
N HIS R 175 -9.91 58.29 -90.22
CA HIS R 175 -10.16 58.74 -91.59
C HIS R 175 -10.14 60.26 -91.76
N PRO R 176 -9.44 60.74 -92.80
CA PRO R 176 -9.38 62.20 -93.02
C PRO R 176 -10.71 62.74 -93.53
N VAL R 177 -11.20 63.77 -92.85
CA VAL R 177 -12.41 64.51 -93.26
C VAL R 177 -11.99 65.46 -94.38
N PRO R 178 -12.92 65.94 -95.26
CA PRO R 178 -12.45 66.76 -96.39
C PRO R 178 -12.00 68.17 -96.02
N LEU R 179 -12.78 68.86 -95.19
CA LEU R 179 -12.55 70.26 -94.89
C LEU R 179 -12.34 70.44 -93.39
N ASN R 180 -11.70 71.56 -93.04
CA ASN R 180 -11.45 71.88 -91.66
C ASN R 180 -12.66 72.58 -91.05
N LEU R 181 -12.52 73.00 -89.80
CA LEU R 181 -13.62 73.59 -89.04
C LEU R 181 -13.69 75.10 -89.29
N TYR R 182 -12.57 75.78 -89.12
CA TYR R 182 -12.49 77.23 -89.31
C TYR R 182 -11.93 77.61 -90.68
N ASP R 183 -12.68 78.42 -91.43
CA ASP R 183 -12.26 78.85 -92.76
C ASP R 183 -11.89 77.65 -93.64
N PRO R 184 -12.84 76.80 -94.03
CA PRO R 184 -12.45 75.63 -94.83
C PRO R 184 -12.03 75.98 -96.25
N PHE R 185 -12.33 77.18 -96.72
CA PHE R 185 -12.04 77.57 -98.09
C PHE R 185 -10.78 78.42 -98.20
N GLY R 186 -10.11 78.69 -97.08
CA GLY R 186 -8.78 79.28 -97.09
C GLY R 186 -8.67 80.72 -97.53
N PHE R 187 -9.59 81.57 -97.08
CA PHE R 187 -9.51 82.98 -97.44
C PHE R 187 -8.44 83.72 -96.64
N SER R 188 -8.27 83.37 -95.36
CA SER R 188 -7.54 84.22 -94.44
C SER R 188 -6.03 84.16 -94.59
N LYS R 189 -5.50 83.22 -95.39
CA LYS R 189 -4.05 83.10 -95.50
C LYS R 189 -3.43 84.19 -96.36
N GLY R 190 -4.22 84.89 -97.17
CA GLY R 190 -3.71 86.02 -97.91
C GLY R 190 -3.59 87.30 -97.12
N LYS R 191 -4.11 87.32 -95.89
CA LYS R 191 -4.12 88.52 -95.08
C LYS R 191 -2.84 88.59 -94.24
N THR R 192 -2.28 89.79 -94.15
CA THR R 192 -1.01 89.98 -93.46
C THR R 192 -1.22 89.94 -91.94
N GLU R 193 -0.10 89.98 -91.22
CA GLU R 193 -0.12 89.81 -89.77
C GLU R 193 -0.82 90.97 -89.06
N ALA R 194 -0.70 92.19 -89.59
CA ALA R 194 -1.34 93.34 -88.97
C ALA R 194 -2.86 93.28 -89.07
N GLN R 195 -3.39 92.53 -90.02
CA GLN R 195 -4.83 92.29 -90.10
C GLN R 195 -5.26 91.04 -89.36
N LYS R 196 -4.33 90.36 -88.70
CA LYS R 196 -4.66 89.19 -87.87
C LYS R 196 -4.90 89.60 -86.43
N ALA R 197 -3.92 90.29 -85.83
CA ALA R 197 -4.07 90.76 -84.45
C ALA R 197 -5.17 91.80 -84.34
N ASP R 198 -5.34 92.63 -85.37
CA ASP R 198 -6.47 93.54 -85.41
C ASP R 198 -7.78 92.79 -85.61
N GLY R 199 -7.72 91.61 -86.23
CA GLY R 199 -8.92 90.81 -86.40
C GLY R 199 -9.37 90.13 -85.11
N LEU R 200 -8.42 89.72 -84.27
CA LEU R 200 -8.77 89.07 -83.02
C LEU R 200 -9.45 90.04 -82.06
N ILE R 201 -9.02 91.29 -82.07
CA ILE R 201 -9.55 92.30 -81.15
C ILE R 201 -10.96 92.69 -81.55
N LYS R 202 -11.25 92.69 -82.85
CA LYS R 202 -12.63 92.87 -83.30
C LYS R 202 -13.51 91.69 -82.92
N GLU R 203 -12.91 90.51 -82.76
CA GLU R 203 -13.65 89.34 -82.28
C GLU R 203 -13.87 89.40 -80.78
N LEU R 204 -12.90 89.95 -80.03
CA LEU R 204 -13.04 90.06 -78.58
C LEU R 204 -14.21 90.96 -78.21
N ASN R 205 -14.21 92.18 -78.74
CA ASN R 205 -15.23 93.16 -78.37
C ASN R 205 -16.61 92.75 -78.87
N ASN R 206 -16.67 92.12 -80.04
CA ASN R 206 -17.93 91.57 -80.51
C ASN R 206 -18.32 90.33 -79.70
N GLY R 207 -17.33 89.57 -79.24
CA GLY R 207 -17.62 88.50 -78.30
C GLY R 207 -18.11 89.02 -76.97
N ARG R 208 -17.64 90.19 -76.55
CA ARG R 208 -18.08 90.75 -75.28
C ARG R 208 -19.49 91.31 -75.39
N LEU R 209 -19.83 91.87 -76.55
CA LEU R 209 -21.17 92.42 -76.75
C LEU R 209 -22.22 91.33 -76.85
N ALA R 210 -21.86 90.18 -77.43
CA ALA R 210 -22.84 89.14 -77.69
C ALA R 210 -23.17 88.32 -76.47
N MET R 211 -22.23 88.22 -75.52
CA MET R 211 -22.53 87.57 -74.24
C MET R 211 -23.60 88.34 -73.49
N ILE R 212 -23.57 89.66 -73.60
CA ILE R 212 -24.57 90.50 -72.95
C ILE R 212 -25.90 90.41 -73.70
N GLY R 213 -25.87 90.18 -75.01
CA GLY R 213 -27.10 90.07 -75.78
C GLY R 213 -27.87 88.79 -75.50
N ILE R 214 -27.16 87.67 -75.31
CA ILE R 214 -27.82 86.41 -75.01
C ILE R 214 -28.40 86.44 -73.60
N MET R 215 -27.62 86.97 -72.67
CA MET R 215 -28.07 87.08 -71.30
C MET R 215 -29.28 88.00 -71.27
N GLY R 216 -29.21 89.12 -72.01
CA GLY R 216 -30.33 90.03 -72.06
C GLY R 216 -31.58 89.39 -72.62
N PHE R 217 -31.42 88.40 -73.49
CA PHE R 217 -32.56 87.66 -74.00
C PHE R 217 -33.06 86.64 -72.99
N LEU R 218 -32.16 86.18 -72.13
CA LEU R 218 -32.56 85.26 -71.07
C LEU R 218 -33.43 85.95 -70.04
N ALA R 219 -33.04 87.16 -69.63
CA ALA R 219 -33.72 87.86 -68.57
C ALA R 219 -35.13 88.29 -68.97
N GLU R 220 -35.32 88.65 -70.25
CA GLU R 220 -36.66 88.96 -70.74
C GLU R 220 -37.56 87.75 -70.72
N GLN R 221 -37.00 86.57 -70.97
CA GLN R 221 -37.76 85.34 -70.97
C GLN R 221 -38.30 85.05 -69.57
N LYS R 222 -37.46 85.18 -68.56
CA LYS R 222 -37.84 84.78 -67.21
C LYS R 222 -38.38 85.92 -66.37
N VAL R 223 -38.02 87.17 -66.68
CA VAL R 223 -38.49 88.33 -65.92
C VAL R 223 -39.10 89.33 -66.91
N GLU R 224 -40.37 89.65 -66.70
CA GLU R 224 -41.02 90.68 -67.51
C GLU R 224 -40.48 92.04 -67.13
N GLY R 225 -40.15 92.84 -68.13
CA GLY R 225 -39.56 94.14 -67.87
C GLY R 225 -38.20 94.08 -67.22
N SER R 226 -37.45 93.01 -67.48
CA SER R 226 -36.10 92.90 -66.96
C SER R 226 -35.20 93.95 -67.57
N VAL R 227 -35.30 94.14 -68.88
CA VAL R 227 -34.65 95.24 -69.57
C VAL R 227 -35.72 96.09 -70.25
N PRO R 228 -35.68 97.40 -70.12
CA PRO R 228 -36.69 98.25 -70.78
C PRO R 228 -36.27 98.74 -72.18
N LEU R 229 -36.14 97.80 -73.11
CA LEU R 229 -36.30 98.09 -74.53
C LEU R 229 -37.41 97.27 -75.16
N LEU R 230 -37.38 95.97 -74.98
CA LEU R 230 -38.28 95.05 -75.67
C LEU R 230 -39.49 94.88 -74.77
N LYS R 231 -40.59 95.53 -75.15
CA LYS R 231 -41.80 95.51 -74.34
C LYS R 231 -42.43 94.12 -74.35
N ALA R 232 -42.67 93.57 -75.55
CA ALA R 232 -43.22 92.22 -75.67
C ALA R 232 -42.84 91.67 -77.04
N VAL R 233 -41.82 90.81 -77.06
CA VAL R 233 -41.58 89.93 -78.21
C VAL R 233 -41.36 88.52 -77.71
N VAL R 234 -41.25 88.33 -76.41
CA VAL R 234 -40.88 87.05 -75.81
C VAL R 234 -42.11 86.48 -75.12
N PRO R 235 -42.40 85.19 -75.28
CA PRO R 235 -43.35 84.52 -74.39
C PRO R 235 -42.65 84.15 -73.10
N HIS R 236 -43.44 83.96 -72.03
CA HIS R 236 -42.81 83.88 -70.71
C HIS R 236 -42.15 82.53 -70.41
N TYR R 237 -42.93 81.44 -70.32
CA TYR R 237 -42.40 80.06 -70.28
C TYR R 237 -41.45 79.77 -69.11
N ASP R 238 -41.95 79.49 -67.91
CA ASP R 238 -41.01 79.23 -66.82
C ASP R 238 -40.29 77.87 -66.92
N GLY R 239 -39.38 77.73 -67.88
CA GLY R 239 -38.93 76.40 -68.23
C GLY R 239 -37.54 75.93 -67.83
N GLU R 240 -36.80 76.71 -67.02
CA GLU R 240 -35.44 76.43 -66.50
C GLU R 240 -34.48 75.94 -67.61
N VAL R 241 -34.20 76.89 -68.50
CA VAL R 241 -33.44 76.63 -69.72
C VAL R 241 -31.99 76.19 -69.47
N MET R 242 -31.45 76.42 -68.27
CA MET R 242 -30.10 75.96 -67.92
C MET R 242 -30.00 74.44 -67.77
N ALA R 243 -31.11 73.71 -67.89
CA ALA R 243 -31.13 72.27 -67.81
C ALA R 243 -31.32 71.69 -69.21
N PRO R 244 -30.42 70.85 -69.70
CA PRO R 244 -30.67 70.17 -70.97
C PRO R 244 -31.80 69.16 -70.89
N PHE R 245 -31.77 68.26 -69.92
CA PHE R 245 -32.69 67.13 -69.87
C PHE R 245 -33.64 67.30 -68.69
N MET R 246 -34.84 67.78 -69.00
CA MET R 246 -35.90 67.97 -68.03
C MET R 246 -36.41 66.64 -67.49
N SER S 32 2.65 127.31 -48.82
CA SER S 32 1.29 126.91 -49.15
C SER S 32 0.89 127.49 -50.50
N SER S 33 1.37 126.83 -51.57
CA SER S 33 1.10 127.31 -52.92
C SER S 33 -0.37 127.18 -53.28
N ALA S 34 -1.00 126.09 -52.85
CA ALA S 34 -2.40 125.86 -53.15
C ALA S 34 -3.31 126.81 -52.38
N LYS S 35 -2.89 127.20 -51.17
CA LYS S 35 -3.61 128.21 -50.42
C LYS S 35 -3.51 129.57 -51.09
N ALA S 36 -2.30 129.93 -51.54
CA ALA S 36 -2.07 131.24 -52.14
C ALA S 36 -2.75 131.36 -53.50
N GLU S 37 -2.99 130.25 -54.20
CA GLU S 37 -3.78 130.32 -55.43
C GLU S 37 -5.24 130.60 -55.13
N LEU S 38 -5.76 130.10 -54.02
CA LEU S 38 -7.14 130.37 -53.63
C LEU S 38 -7.29 131.80 -53.11
N GLU S 39 -6.25 132.31 -52.44
CA GLU S 39 -6.33 133.67 -51.91
C GLU S 39 -6.21 134.71 -53.00
N ALA S 40 -5.44 134.41 -54.05
CA ALA S 40 -5.26 135.35 -55.14
C ALA S 40 -6.54 135.51 -55.95
N ILE S 41 -7.24 134.41 -56.21
CA ILE S 41 -8.47 134.51 -56.99
C ILE S 41 -9.63 135.05 -56.17
N ALA S 42 -9.55 134.99 -54.84
CA ALA S 42 -10.59 135.58 -54.01
C ALA S 42 -10.42 137.10 -53.89
N LYS S 43 -9.19 137.59 -54.02
CA LYS S 43 -8.98 139.04 -54.11
C LYS S 43 -9.45 139.57 -55.45
N LYS S 44 -9.20 138.84 -56.53
CA LYS S 44 -9.60 139.29 -57.86
C LYS S 44 -11.11 139.23 -58.06
N ALA S 45 -11.81 138.47 -57.24
CA ALA S 45 -13.27 138.42 -57.32
C ALA S 45 -13.93 139.53 -56.51
N ASN S 46 -13.33 139.91 -55.39
CA ASN S 46 -13.81 140.96 -54.51
C ASN S 46 -12.64 141.47 -53.69
N PRO S 47 -11.96 142.54 -54.15
CA PRO S 47 -10.82 143.05 -53.39
C PRO S 47 -11.20 143.78 -52.12
N THR S 48 -12.44 144.26 -52.01
CA THR S 48 -12.89 144.90 -50.77
C THR S 48 -13.04 143.88 -49.65
N LEU S 49 -13.88 142.88 -49.86
CA LEU S 49 -14.14 141.87 -48.84
C LEU S 49 -13.00 140.86 -48.75
N GLY S 50 -12.26 140.66 -49.83
CA GLY S 50 -11.06 139.85 -49.79
C GLY S 50 -11.29 138.36 -49.68
N TYR S 51 -10.84 137.80 -48.57
CA TYR S 51 -10.75 136.35 -48.35
C TYR S 51 -11.81 135.94 -47.33
N TYR S 52 -12.98 135.51 -47.82
CA TYR S 52 -14.08 135.11 -46.95
C TYR S 52 -13.91 133.64 -46.58
N ASP S 53 -13.50 133.39 -45.33
CA ASP S 53 -13.34 132.03 -44.83
C ASP S 53 -13.92 131.92 -43.42
N PRO S 54 -15.24 131.67 -43.34
CA PRO S 54 -15.97 131.52 -42.08
C PRO S 54 -16.02 130.07 -41.62
N LEU S 55 -15.08 129.25 -42.09
CA LEU S 55 -15.03 127.84 -41.72
C LEU S 55 -13.66 127.24 -42.02
N SER S 56 -12.81 128.04 -42.66
CA SER S 56 -11.45 127.62 -43.02
C SER S 56 -11.29 126.12 -43.18
N LEU S 57 -12.07 125.52 -44.07
CA LEU S 57 -11.98 124.09 -44.32
C LEU S 57 -11.19 123.81 -45.58
N ALA S 58 -10.47 124.83 -46.05
CA ALA S 58 -9.67 124.70 -47.26
C ALA S 58 -8.18 124.66 -46.94
N ASP S 59 -7.85 124.06 -45.81
CA ASP S 59 -6.44 123.94 -45.39
C ASP S 59 -6.12 122.58 -44.78
N LYS S 60 -6.68 121.50 -45.32
CA LYS S 60 -6.45 120.19 -44.70
C LYS S 60 -6.91 118.92 -45.43
N ASP S 61 -7.46 117.97 -44.67
CA ASP S 61 -7.88 116.69 -45.22
C ASP S 61 -9.34 116.41 -44.87
N PHE S 62 -10.12 116.01 -45.87
CA PHE S 62 -11.30 115.19 -45.56
C PHE S 62 -10.90 113.71 -45.54
N TRP S 63 -10.62 113.15 -46.72
CA TRP S 63 -10.50 111.70 -46.84
C TRP S 63 -9.08 111.20 -46.63
N GLY S 64 -8.27 111.97 -45.90
CA GLY S 64 -6.88 111.60 -45.67
C GLY S 64 -6.03 111.63 -46.91
N LYS S 65 -6.33 112.53 -47.85
CA LYS S 65 -5.72 112.48 -49.17
C LYS S 65 -4.84 113.68 -49.51
N GLY S 66 -4.89 114.76 -48.74
CA GLY S 66 -4.04 115.90 -49.03
C GLY S 66 -4.75 117.24 -48.94
N ASN S 67 -4.00 118.26 -48.50
CA ASN S 67 -4.48 119.64 -48.62
C ASN S 67 -4.62 120.03 -50.08
N ASP S 68 -3.70 119.58 -50.92
CA ASP S 68 -3.85 119.77 -52.35
C ASP S 68 -5.06 119.00 -52.86
N ALA S 69 -5.31 117.81 -52.30
CA ALA S 69 -6.46 117.03 -52.71
C ALA S 69 -7.78 117.60 -52.19
N THR S 70 -7.74 118.44 -51.17
CA THR S 70 -8.97 119.00 -50.62
C THR S 70 -9.40 120.27 -51.35
N ILE S 71 -8.45 121.18 -51.62
CA ILE S 71 -8.81 122.50 -52.14
C ILE S 71 -9.30 122.40 -53.58
N ALA S 72 -8.59 121.63 -54.41
CA ALA S 72 -8.89 121.60 -55.83
C ALA S 72 -10.11 120.77 -56.11
N PHE S 73 -10.53 120.05 -55.06
CA PHE S 73 -11.79 119.26 -55.05
C PHE S 73 -12.92 120.26 -54.74
N LEU S 74 -12.66 121.20 -53.83
CA LEU S 74 -13.64 122.22 -53.49
C LEU S 74 -13.68 123.32 -54.53
N ARG S 75 -12.54 123.63 -55.14
CA ARG S 75 -12.53 124.55 -56.26
C ARG S 75 -13.31 123.97 -57.43
N GLN S 76 -13.08 122.70 -57.76
CA GLN S 76 -13.87 122.08 -58.82
C GLN S 76 -15.33 121.95 -58.42
N SER S 77 -15.61 121.76 -57.13
CA SER S 77 -16.98 121.64 -56.66
C SER S 77 -17.78 122.91 -56.95
N GLU S 78 -17.34 124.04 -56.38
CA GLU S 78 -18.02 125.34 -56.54
C GLU S 78 -18.12 125.76 -57.99
N ILE S 79 -17.19 125.27 -58.80
CA ILE S 79 -17.16 125.55 -60.23
C ILE S 79 -18.30 124.76 -60.88
N LYS S 80 -18.49 123.53 -60.43
CA LYS S 80 -19.57 122.68 -60.96
C LYS S 80 -20.94 123.14 -60.48
N HIS S 81 -21.03 123.62 -59.25
CA HIS S 81 -22.30 124.08 -58.70
C HIS S 81 -22.86 125.30 -59.42
N GLY S 82 -22.00 126.23 -59.81
CA GLY S 82 -22.45 127.42 -60.51
C GLY S 82 -22.70 127.22 -62.00
N ARG S 83 -21.97 126.29 -62.63
CA ARG S 83 -22.21 125.98 -64.03
C ARG S 83 -23.56 125.33 -64.23
N ILE S 84 -23.95 124.44 -63.32
CA ILE S 84 -25.29 123.87 -63.34
C ILE S 84 -26.32 124.92 -63.00
N ALA S 85 -25.94 125.89 -62.16
CA ALA S 85 -26.90 126.87 -61.67
C ALA S 85 -27.32 127.84 -62.77
N MET S 86 -26.33 128.32 -63.54
CA MET S 86 -26.57 129.25 -64.68
C MET S 86 -27.41 128.52 -65.75
N PHE S 87 -27.07 127.26 -66.03
CA PHE S 87 -27.80 126.44 -66.99
C PHE S 87 -29.21 126.12 -66.50
N ALA S 88 -29.48 126.28 -65.20
CA ALA S 88 -30.81 126.17 -64.64
C ALA S 88 -31.53 127.49 -64.48
N PHE S 89 -30.86 128.64 -64.59
CA PHE S 89 -31.62 129.89 -64.60
C PHE S 89 -32.19 130.15 -65.98
N VAL S 90 -31.36 129.96 -67.01
CA VAL S 90 -31.82 130.10 -68.39
C VAL S 90 -32.85 129.03 -68.72
N GLY S 91 -32.65 127.81 -68.21
CA GLY S 91 -33.63 126.76 -68.41
C GLY S 91 -34.93 126.99 -67.65
N TYR S 92 -34.91 127.76 -66.58
CA TYR S 92 -36.12 128.01 -65.83
C TYR S 92 -36.99 129.07 -66.48
N ILE S 93 -36.36 130.11 -67.03
CA ILE S 93 -37.10 131.21 -67.62
C ILE S 93 -37.81 130.75 -68.89
N VAL S 94 -37.12 129.99 -69.74
CA VAL S 94 -37.68 129.56 -71.02
C VAL S 94 -38.82 128.56 -70.83
N GLN S 95 -38.74 127.71 -69.81
CA GLN S 95 -39.87 126.81 -69.54
C GLN S 95 -41.05 127.55 -68.94
N SER S 96 -40.80 128.68 -68.26
CA SER S 96 -41.90 129.55 -67.86
C SER S 96 -42.48 130.28 -69.06
N ASN S 97 -41.63 130.59 -70.04
CA ASN S 97 -42.03 131.24 -71.29
C ASN S 97 -42.45 130.16 -72.30
N PHE S 98 -42.48 130.54 -73.58
CA PHE S 98 -42.88 129.67 -74.68
C PHE S 98 -42.11 128.36 -74.70
N VAL S 99 -42.86 127.27 -74.83
CA VAL S 99 -42.36 125.91 -74.76
C VAL S 99 -42.80 125.25 -76.08
N PHE S 100 -42.19 124.11 -76.40
CA PHE S 100 -42.29 123.51 -77.74
C PHE S 100 -43.72 123.06 -78.06
N PRO S 101 -44.20 123.20 -79.28
CA PRO S 101 -45.23 122.26 -79.78
C PRO S 101 -44.68 120.97 -80.36
N TRP S 102 -45.49 120.38 -81.24
CA TRP S 102 -45.24 119.44 -82.35
C TRP S 102 -45.02 117.96 -82.03
N ALA S 103 -45.04 117.65 -80.72
CA ALA S 103 -45.04 116.26 -80.20
C ALA S 103 -43.97 115.83 -79.18
N GLN S 104 -44.30 115.19 -78.03
CA GLN S 104 -43.11 114.81 -77.28
C GLN S 104 -42.66 113.39 -77.63
N THR S 105 -43.60 112.44 -77.57
CA THR S 105 -43.30 111.02 -77.65
C THR S 105 -43.95 110.41 -78.90
N LEU S 106 -43.89 109.09 -79.00
CA LEU S 106 -44.46 108.41 -80.17
C LEU S 106 -45.98 108.40 -80.10
N ALA S 107 -46.54 107.76 -79.08
CA ALA S 107 -47.97 107.51 -78.99
C ALA S 107 -48.65 108.57 -78.14
N GLY S 108 -49.71 109.16 -78.69
CA GLY S 108 -50.45 110.21 -78.00
C GLY S 108 -49.84 111.59 -78.07
N ALA S 109 -48.57 111.70 -77.65
CA ALA S 109 -47.78 112.93 -77.56
C ALA S 109 -48.50 114.16 -76.95
N PRO S 110 -48.84 114.12 -75.65
CA PRO S 110 -49.14 115.38 -74.98
C PRO S 110 -47.86 116.08 -74.53
N HIS S 111 -47.66 117.29 -75.05
CA HIS S 111 -46.56 118.14 -74.61
C HIS S 111 -46.84 118.62 -73.18
N PRO S 112 -45.81 118.95 -72.38
CA PRO S 112 -46.08 119.52 -71.05
C PRO S 112 -46.74 120.89 -71.11
N SER S 113 -47.03 121.42 -69.93
CA SER S 113 -47.81 122.64 -69.87
C SER S 113 -46.93 123.85 -70.17
N ALA S 114 -47.58 124.93 -70.62
CA ALA S 114 -46.88 126.12 -71.07
C ALA S 114 -46.71 127.15 -69.96
N ASP S 115 -47.81 127.50 -69.29
CA ASP S 115 -47.78 128.48 -68.21
C ASP S 115 -47.27 127.87 -66.92
N LEU S 116 -47.64 126.61 -66.65
CA LEU S 116 -47.50 125.96 -65.34
C LEU S 116 -46.03 125.88 -64.92
N SER S 117 -45.83 125.71 -63.61
CA SER S 117 -44.51 125.75 -62.98
C SER S 117 -43.54 124.77 -63.63
N PRO S 118 -42.35 125.24 -64.05
CA PRO S 118 -41.35 124.33 -64.62
C PRO S 118 -40.93 123.23 -63.67
N GLU S 119 -40.96 123.50 -62.37
CA GLU S 119 -40.69 122.51 -61.35
C GLU S 119 -41.64 121.32 -61.40
N ALA S 120 -42.90 121.56 -61.76
CA ALA S 120 -43.83 120.47 -62.01
C ALA S 120 -43.97 120.13 -63.48
N GLN S 121 -43.38 120.92 -64.37
CA GLN S 121 -43.18 120.45 -65.74
C GLN S 121 -42.15 119.34 -65.80
N TRP S 122 -41.22 119.32 -64.84
CA TRP S 122 -40.29 118.20 -64.73
C TRP S 122 -41.02 116.92 -64.37
N ASP S 123 -42.07 117.01 -63.54
CA ASP S 123 -42.80 115.81 -63.15
C ASP S 123 -43.69 115.30 -64.29
N ALA S 124 -44.10 116.17 -65.19
CA ALA S 124 -44.95 115.78 -66.31
C ALA S 124 -44.16 115.15 -67.46
N VAL S 125 -42.84 115.18 -67.39
CA VAL S 125 -41.99 114.46 -68.35
C VAL S 125 -42.19 112.96 -68.16
N PRO S 126 -42.38 112.17 -69.25
CA PRO S 126 -42.68 110.73 -69.07
C PRO S 126 -41.51 109.93 -68.53
N LEU S 127 -41.73 108.63 -68.34
CA LEU S 127 -40.81 107.78 -67.60
C LEU S 127 -39.51 107.57 -68.36
N GLY S 128 -39.59 106.95 -69.54
CA GLY S 128 -38.40 106.62 -70.31
C GLY S 128 -37.68 107.82 -70.88
N ALA S 129 -38.34 108.98 -70.92
CA ALA S 129 -37.65 110.21 -71.28
C ALA S 129 -36.61 110.58 -70.24
N LYS S 130 -36.92 110.39 -68.96
CA LYS S 130 -36.02 110.83 -67.90
C LYS S 130 -34.81 109.93 -67.78
N TRP S 131 -35.00 108.60 -67.85
CA TRP S 131 -33.89 107.67 -67.66
C TRP S 131 -32.84 107.81 -68.73
N GLN S 132 -33.22 108.22 -69.94
CA GLN S 132 -32.25 108.50 -70.97
C GLN S 132 -31.48 109.78 -70.70
N ILE S 133 -32.08 110.72 -69.96
CA ILE S 133 -31.39 111.96 -69.62
C ILE S 133 -30.29 111.69 -68.60
N PHE S 134 -30.63 111.01 -67.50
CA PHE S 134 -29.67 110.74 -66.43
C PHE S 134 -28.56 109.82 -66.88
N ALA S 135 -28.86 108.87 -67.76
CA ALA S 135 -27.82 108.01 -68.32
C ALA S 135 -26.86 108.80 -69.19
N VAL S 136 -27.36 109.88 -69.79
CA VAL S 136 -26.52 110.76 -70.67
C VAL S 136 -25.64 111.63 -69.77
N ILE S 137 -26.22 112.10 -68.65
CA ILE S 137 -25.49 112.94 -67.70
C ILE S 137 -24.42 112.14 -66.96
N SER S 138 -24.67 110.85 -66.72
CA SER S 138 -23.72 110.02 -65.99
C SER S 138 -22.43 109.81 -66.78
N ALA S 139 -22.54 109.52 -68.07
CA ALA S 139 -21.36 109.23 -68.87
C ALA S 139 -20.68 110.48 -69.39
N LEU S 140 -21.45 111.53 -69.69
CA LEU S 140 -20.87 112.77 -70.20
C LEU S 140 -20.07 113.48 -69.11
N GLU S 141 -20.58 113.46 -67.88
CA GLU S 141 -19.85 114.09 -66.78
C GLU S 141 -18.65 113.25 -66.36
N LEU S 142 -18.71 111.94 -66.59
CA LEU S 142 -17.66 111.01 -66.16
C LEU S 142 -16.32 111.31 -66.83
N TRP S 143 -16.35 111.91 -68.02
CA TRP S 143 -15.17 112.18 -68.82
C TRP S 143 -14.22 113.18 -68.16
N ASP S 144 -14.72 114.00 -67.22
CA ASP S 144 -13.83 114.82 -66.41
C ASP S 144 -12.98 113.97 -65.48
N GLU S 145 -13.53 112.85 -65.01
CA GLU S 145 -12.91 112.12 -63.89
C GLU S 145 -11.68 111.36 -64.34
N CYS S 146 -11.77 110.65 -65.45
CA CYS S 146 -10.62 109.96 -66.00
C CYS S 146 -9.62 110.90 -66.69
N GLY S 147 -9.99 112.17 -66.87
CA GLY S 147 -9.19 113.09 -67.65
C GLY S 147 -9.28 112.89 -69.14
N GLY S 148 -10.07 111.93 -69.60
CA GLY S 148 -10.22 111.69 -71.02
C GLY S 148 -9.27 110.66 -71.60
N GLY S 149 -9.21 109.49 -70.99
CA GLY S 149 -8.22 108.51 -71.40
C GLY S 149 -6.82 108.91 -71.01
N GLY S 150 -6.67 109.47 -69.81
CA GLY S 150 -5.40 110.04 -69.47
C GLY S 150 -5.20 111.36 -70.19
N ALA S 151 -3.92 111.67 -70.44
CA ALA S 151 -3.38 112.78 -71.24
C ALA S 151 -3.55 114.15 -70.57
N LEU S 152 -4.35 114.20 -69.51
CA LEU S 152 -4.71 115.30 -68.63
C LEU S 152 -5.07 114.62 -67.31
N PRO S 153 -4.41 114.95 -66.19
CA PRO S 153 -4.71 114.25 -64.94
C PRO S 153 -6.07 114.56 -64.33
N HIS S 154 -6.31 113.99 -63.15
CA HIS S 154 -7.50 114.16 -62.33
C HIS S 154 -7.40 115.50 -61.58
N TYR S 155 -8.55 116.01 -61.12
CA TYR S 155 -8.60 117.36 -60.53
C TYR S 155 -7.93 117.36 -59.15
N THR S 156 -6.61 117.35 -59.18
CA THR S 156 -5.80 117.83 -58.07
C THR S 156 -4.59 118.62 -58.57
N LYS S 157 -4.15 118.37 -59.79
CA LYS S 157 -2.84 118.75 -60.28
C LYS S 157 -2.92 118.80 -61.79
N GLY S 158 -2.06 119.61 -62.40
CA GLY S 158 -2.06 119.64 -63.85
C GLY S 158 -3.11 120.59 -64.35
N ARG S 159 -4.29 120.03 -64.63
CA ARG S 159 -5.45 120.80 -65.05
C ARG S 159 -5.85 121.83 -64.00
N LYS S 160 -6.43 122.92 -64.47
CA LYS S 160 -7.14 123.83 -63.59
C LYS S 160 -8.48 123.21 -63.22
N PRO S 161 -9.05 123.58 -62.07
CA PRO S 161 -10.38 123.06 -61.72
C PRO S 161 -11.45 123.57 -62.68
N GLY S 162 -12.25 122.64 -63.19
CA GLY S 162 -13.30 122.97 -64.13
C GLY S 162 -12.94 122.88 -65.59
N GLN S 163 -11.69 122.51 -65.88
CA GLN S 163 -11.25 122.31 -67.25
C GLN S 163 -11.97 121.07 -67.80
N TYR S 164 -11.65 120.69 -69.05
CA TYR S 164 -12.31 119.52 -69.63
C TYR S 164 -11.53 118.86 -70.76
N PRO S 165 -11.17 117.58 -70.59
CA PRO S 165 -10.47 116.85 -71.64
C PRO S 165 -11.33 116.89 -72.89
N PRO S 166 -10.89 117.61 -73.93
CA PRO S 166 -11.73 117.77 -75.16
C PRO S 166 -12.01 116.55 -76.03
N PHE S 167 -12.76 115.54 -75.53
CA PHE S 167 -13.29 114.36 -76.25
C PHE S 167 -12.28 113.59 -77.12
N THR S 168 -10.98 113.92 -77.11
CA THR S 168 -10.08 113.63 -78.22
C THR S 168 -9.36 112.29 -77.99
N LEU S 169 -10.15 111.40 -77.53
CA LEU S 169 -9.94 109.97 -77.51
C LEU S 169 -11.09 109.24 -78.16
N PHE S 170 -12.33 109.72 -77.96
CA PHE S 170 -13.48 109.07 -78.55
C PHE S 170 -13.68 109.48 -80.00
N ARG S 171 -13.22 110.67 -80.37
CA ARG S 171 -13.57 111.26 -81.65
C ARG S 171 -12.68 110.82 -82.81
N ASP S 172 -11.50 110.24 -82.54
CA ASP S 172 -10.66 109.75 -83.62
C ASP S 172 -10.65 108.24 -83.72
N ASN S 173 -11.66 107.57 -83.17
CA ASN S 173 -11.74 106.12 -83.28
C ASN S 173 -13.08 105.64 -83.78
N VAL S 174 -14.17 106.36 -83.52
CA VAL S 174 -15.44 105.88 -84.06
C VAL S 174 -16.16 106.92 -84.93
N HIS S 175 -16.55 108.07 -84.36
CA HIS S 175 -17.23 109.11 -85.13
C HIS S 175 -16.93 110.53 -84.66
N PHE S 176 -17.75 111.48 -85.12
CA PHE S 176 -17.57 112.90 -84.80
C PHE S 176 -18.74 113.37 -83.94
N VAL S 177 -18.44 113.63 -82.67
CA VAL S 177 -19.43 114.14 -81.72
C VAL S 177 -19.11 115.60 -81.38
N LEU S 178 -18.26 116.22 -82.22
CA LEU S 178 -17.80 117.59 -82.07
C LEU S 178 -17.12 117.71 -80.71
N ASP S 179 -17.46 118.76 -79.96
CA ASP S 179 -16.87 118.92 -78.64
C ASP S 179 -17.84 119.58 -77.66
N LEU S 180 -17.68 119.24 -76.39
CA LEU S 180 -18.50 119.82 -75.34
C LEU S 180 -18.01 121.24 -75.02
N TYR S 181 -18.97 122.18 -74.94
CA TYR S 181 -18.81 123.60 -74.62
C TYR S 181 -18.10 124.38 -75.73
N ASP S 182 -17.59 123.73 -76.78
CA ASP S 182 -17.02 124.42 -77.95
C ASP S 182 -17.45 123.76 -79.25
N PRO S 183 -18.73 123.87 -79.66
CA PRO S 183 -19.17 123.19 -80.91
C PRO S 183 -18.43 123.64 -82.17
N PHE S 184 -18.51 124.91 -82.56
CA PHE S 184 -17.51 125.47 -83.45
C PHE S 184 -16.68 126.45 -82.62
N GLY S 185 -15.40 126.14 -82.46
CA GLY S 185 -14.60 126.84 -81.47
C GLY S 185 -13.93 128.10 -82.00
N PHE S 186 -14.48 129.27 -81.63
CA PHE S 186 -13.79 130.53 -81.87
C PHE S 186 -13.05 131.02 -80.63
N ASN S 187 -12.87 130.17 -79.63
CA ASN S 187 -12.28 130.54 -78.35
C ASN S 187 -10.80 130.19 -78.28
N LYS S 188 -10.09 130.38 -79.39
CA LYS S 188 -8.73 129.87 -79.51
C LYS S 188 -7.70 130.76 -78.85
N ASN S 189 -7.71 132.07 -79.13
CA ASN S 189 -6.56 132.93 -78.90
C ASN S 189 -6.86 134.01 -77.88
N MET S 190 -6.51 133.76 -76.61
CA MET S 190 -6.69 134.72 -75.53
C MET S 190 -5.44 134.77 -74.68
N SER S 191 -5.17 135.96 -74.15
CA SER S 191 -4.07 136.14 -73.22
C SER S 191 -4.38 135.45 -71.90
N GLU S 192 -3.31 135.03 -71.21
CA GLU S 192 -3.45 134.46 -69.87
C GLU S 192 -3.92 135.49 -68.86
N GLU S 193 -3.74 136.78 -69.16
CA GLU S 193 -4.31 137.85 -68.37
C GLU S 193 -5.79 138.02 -68.67
N THR S 194 -6.19 137.86 -69.94
CA THR S 194 -7.58 138.07 -70.33
C THR S 194 -8.48 136.88 -70.00
N LYS S 195 -7.89 135.69 -69.82
CA LYS S 195 -8.68 134.55 -69.38
C LYS S 195 -9.12 134.70 -67.92
N GLU S 196 -8.30 135.37 -67.12
CA GLU S 196 -8.56 135.47 -65.69
C GLU S 196 -9.76 136.35 -65.38
N ARG S 197 -10.03 137.36 -66.21
CA ARG S 197 -11.29 138.09 -66.11
C ARG S 197 -12.47 137.19 -66.41
N ARG S 198 -12.30 136.24 -67.33
CA ARG S 198 -13.35 135.28 -67.60
C ARG S 198 -13.34 134.09 -66.64
N LEU S 199 -12.20 133.80 -66.00
CA LEU S 199 -12.20 132.77 -64.95
C LEU S 199 -13.07 133.19 -63.78
N VAL S 200 -13.08 134.48 -63.46
CA VAL S 200 -13.84 135.00 -62.33
C VAL S 200 -15.29 135.30 -62.74
N SER S 201 -15.55 135.46 -64.05
CA SER S 201 -16.93 135.52 -64.52
C SER S 201 -17.64 134.18 -64.32
N GLU S 202 -16.90 133.08 -64.20
CA GLU S 202 -17.49 131.78 -63.93
C GLU S 202 -17.97 131.68 -62.48
N LEU S 203 -17.27 132.33 -61.56
CA LEU S 203 -17.60 132.18 -60.14
C LEU S 203 -18.74 133.09 -59.72
N ASN S 204 -18.53 134.41 -59.81
CA ASN S 204 -19.43 135.38 -59.17
C ASN S 204 -20.79 135.42 -59.83
N ASN S 205 -20.86 135.16 -61.13
CA ASN S 205 -22.15 134.99 -61.78
C ASN S 205 -22.83 133.71 -61.30
N GLY S 206 -22.06 132.64 -61.14
CA GLY S 206 -22.62 131.40 -60.62
C GLY S 206 -22.94 131.45 -59.15
N ARG S 207 -22.17 132.24 -58.38
CA ARG S 207 -22.50 132.47 -56.97
C ARG S 207 -23.81 133.22 -56.83
N LEU S 208 -24.09 134.08 -57.80
CA LEU S 208 -25.41 134.75 -57.94
C LEU S 208 -26.45 133.72 -58.40
N ALA S 209 -26.04 132.79 -59.28
CA ALA S 209 -26.96 131.84 -59.91
C ALA S 209 -27.30 130.67 -59.01
N MET S 210 -26.48 130.46 -57.97
CA MET S 210 -26.75 129.47 -56.88
C MET S 210 -27.90 129.96 -55.98
N LEU S 211 -27.85 131.24 -55.57
CA LEU S 211 -28.88 131.92 -54.79
C LEU S 211 -29.97 132.54 -55.64
N GLY S 212 -29.74 132.69 -56.95
CA GLY S 212 -30.82 133.05 -57.83
C GLY S 212 -31.91 132.01 -57.84
N ILE S 213 -31.52 130.74 -58.04
CA ILE S 213 -32.46 129.62 -58.16
C ILE S 213 -33.26 129.46 -56.88
N PHE S 214 -32.59 129.53 -55.73
CA PHE S 214 -33.24 129.37 -54.43
C PHE S 214 -34.36 130.38 -54.21
N GLY S 215 -34.18 131.59 -54.72
CA GLY S 215 -35.24 132.58 -54.66
C GLY S 215 -36.43 132.21 -55.53
N PHE S 216 -36.17 131.64 -56.71
CA PHE S 216 -37.26 131.09 -57.51
C PHE S 216 -37.85 129.87 -56.85
N LEU S 217 -37.01 129.04 -56.23
CA LEU S 217 -37.40 127.71 -55.80
C LEU S 217 -37.93 127.67 -54.38
N CYS S 218 -37.62 128.67 -53.55
CA CYS S 218 -38.35 128.81 -52.29
C CYS S 218 -39.70 129.48 -52.50
N ALA S 219 -39.81 130.34 -53.52
CA ALA S 219 -41.06 131.04 -53.77
C ALA S 219 -42.14 130.09 -54.27
N ASP S 220 -41.76 129.08 -55.04
CA ASP S 220 -42.71 128.20 -55.69
C ASP S 220 -43.10 127.01 -54.84
N THR S 221 -42.81 127.03 -53.53
CA THR S 221 -43.30 125.98 -52.66
C THR S 221 -43.97 126.53 -51.40
N ILE S 222 -43.53 127.68 -50.90
CA ILE S 222 -44.09 128.23 -49.67
C ILE S 222 -44.50 129.66 -49.99
N PRO S 223 -45.66 130.11 -49.53
CA PRO S 223 -46.12 131.46 -49.89
C PRO S 223 -45.37 132.54 -49.13
N GLY S 224 -44.94 133.57 -49.86
CA GLY S 224 -44.49 134.81 -49.27
C GLY S 224 -43.15 134.80 -48.56
N SER S 225 -42.06 134.56 -49.31
CA SER S 225 -40.71 134.78 -48.80
C SER S 225 -39.85 135.65 -49.69
N VAL S 226 -40.27 135.91 -50.92
CA VAL S 226 -39.46 136.52 -51.97
C VAL S 226 -39.93 137.98 -52.05
N PRO S 227 -39.03 138.98 -52.26
CA PRO S 227 -39.45 140.39 -52.17
C PRO S 227 -40.45 140.86 -53.21
N LEU S 228 -40.11 140.72 -54.49
CA LEU S 228 -40.88 141.34 -55.56
C LEU S 228 -41.43 140.33 -56.55
N LEU S 229 -41.30 139.04 -56.28
CA LEU S 229 -41.63 138.02 -57.28
C LEU S 229 -42.95 137.36 -56.90
N LYS S 230 -44.06 137.99 -57.30
CA LYS S 230 -45.38 137.39 -57.13
C LYS S 230 -45.90 136.78 -58.43
N ASP S 231 -45.00 136.24 -59.25
CA ASP S 231 -45.34 135.50 -60.45
C ASP S 231 -45.30 133.99 -60.25
N ILE S 232 -45.57 133.53 -59.03
CA ILE S 232 -45.51 132.11 -58.74
C ILE S 232 -46.63 131.39 -59.48
N ALA S 233 -46.34 130.18 -59.96
CA ALA S 233 -47.42 129.31 -60.34
C ALA S 233 -48.11 128.82 -59.08
N ILE S 234 -49.43 128.72 -59.14
CA ILE S 234 -50.26 128.87 -57.95
C ILE S 234 -50.23 127.67 -57.00
N PRO S 235 -50.05 126.37 -57.42
CA PRO S 235 -49.68 125.37 -56.40
C PRO S 235 -48.17 125.25 -56.18
N TYR S 236 -47.77 124.30 -55.34
CA TYR S 236 -46.36 124.03 -55.08
C TYR S 236 -45.79 123.14 -56.19
N SER S 237 -44.57 122.65 -55.98
CA SER S 237 -43.94 121.74 -56.94
C SER S 237 -44.15 120.28 -56.59
N GLY S 238 -43.65 119.87 -55.44
CA GLY S 238 -43.79 118.51 -54.93
C GLY S 238 -42.49 117.75 -54.96
N GLN S 239 -41.79 117.79 -53.82
CA GLN S 239 -40.51 117.11 -53.59
C GLN S 239 -39.52 117.46 -54.70
N VAL S 240 -38.97 118.68 -54.66
CA VAL S 240 -38.05 119.14 -55.69
C VAL S 240 -36.75 118.32 -55.78
N MET S 241 -36.48 117.43 -54.82
CA MET S 241 -35.43 116.43 -54.90
C MET S 241 -35.96 115.06 -55.34
N GLN S 242 -36.94 115.03 -56.23
CA GLN S 242 -37.50 113.76 -56.72
C GLN S 242 -37.37 113.69 -58.23
N PRO S 243 -36.51 112.82 -58.77
CA PRO S 243 -36.50 112.64 -60.22
C PRO S 243 -37.74 111.96 -60.74
N PHE S 244 -38.39 111.13 -59.93
CA PHE S 244 -39.51 110.30 -60.36
C PHE S 244 -40.63 110.39 -59.33
N GLU S 245 -41.50 111.38 -59.49
CA GLU S 245 -42.67 111.43 -58.62
C GLU S 245 -43.77 110.51 -59.11
N GLY S 246 -43.90 110.35 -60.42
CA GLY S 246 -44.90 109.47 -60.98
C GLY S 246 -44.33 108.10 -61.28
N GLN S 247 -45.01 107.07 -60.75
CA GLN S 247 -44.90 105.66 -61.10
C GLN S 247 -43.59 104.99 -60.69
N PHE S 248 -42.62 105.73 -60.14
CA PHE S 248 -41.37 105.13 -59.68
C PHE S 248 -41.05 105.74 -58.31
N SER S 249 -41.57 105.11 -57.26
CA SER S 249 -41.40 105.59 -55.90
C SER S 249 -40.78 104.48 -55.05
N TYR S 250 -39.87 104.88 -54.17
CA TYR S 250 -39.25 103.93 -53.26
C TYR S 250 -40.13 103.73 -52.03
N PHE S 251 -39.84 102.66 -51.30
CA PHE S 251 -40.65 102.32 -50.13
C PHE S 251 -39.84 102.52 -48.86
N ALA T 33 11.10 63.56 61.15
CA ALA T 33 10.82 64.51 62.21
C ALA T 33 9.77 63.94 63.16
N PHE T 34 8.58 63.68 62.65
CA PHE T 34 7.45 63.20 63.43
C PHE T 34 7.13 61.73 63.13
N GLU T 35 8.14 60.98 62.73
CA GLU T 35 7.94 59.61 62.27
C GLU T 35 8.12 58.56 63.34
N ASN T 36 8.55 58.93 64.55
CA ASN T 36 8.83 57.97 65.59
C ASN T 36 7.96 58.18 66.82
N GLU T 37 6.79 58.77 66.62
CA GLU T 37 5.94 59.17 67.72
C GLU T 37 4.84 58.13 67.95
N LEU T 38 4.32 58.16 69.17
CA LEU T 38 2.98 57.73 69.55
C LEU T 38 1.99 58.06 68.46
N GLY T 39 1.37 57.01 67.90
CA GLY T 39 0.59 57.12 66.68
C GLY T 39 1.22 56.44 65.48
N VAL T 40 2.50 56.08 65.54
CA VAL T 40 3.18 55.39 64.45
C VAL T 40 3.55 54.00 64.95
N GLN T 41 3.12 52.98 64.20
CA GLN T 41 3.13 51.59 64.64
C GLN T 41 2.85 50.72 63.42
N PRO T 42 3.04 49.40 63.45
CA PRO T 42 2.59 48.56 62.33
C PRO T 42 1.07 48.51 62.28
N PRO T 43 0.48 48.14 61.13
CA PRO T 43 1.00 47.73 59.83
C PRO T 43 1.39 48.86 58.88
N LEU T 44 0.72 50.01 58.98
CA LEU T 44 0.92 51.05 57.98
C LEU T 44 2.21 51.84 58.19
N GLY T 45 2.78 51.83 59.39
CA GLY T 45 3.96 52.64 59.64
C GLY T 45 3.57 54.10 59.75
N PHE T 46 4.47 54.97 59.29
CA PHE T 46 4.19 56.40 59.27
C PHE T 46 3.28 56.69 58.09
N TRP T 47 2.02 56.98 58.36
CA TRP T 47 0.99 57.03 57.33
C TRP T 47 0.55 58.48 57.13
N ASP T 48 1.24 59.17 56.22
CA ASP T 48 0.93 60.54 55.86
C ASP T 48 0.72 60.59 54.36
N PRO T 49 -0.46 60.20 53.87
CA PRO T 49 -0.68 60.21 52.42
C PRO T 49 -0.86 61.60 51.84
N LEU T 50 -1.60 62.48 52.52
CA LEU T 50 -1.89 63.79 51.94
C LEU T 50 -0.71 64.76 52.10
N GLY T 51 0.11 64.58 53.12
CA GLY T 51 1.28 65.41 53.27
C GLY T 51 1.04 66.68 54.08
N LEU T 52 0.40 66.55 55.23
CA LEU T 52 0.25 67.72 56.11
C LEU T 52 1.50 68.00 56.93
N LEU T 53 2.33 66.99 57.15
CA LEU T 53 3.50 67.12 58.02
C LEU T 53 4.77 67.45 57.26
N ASP T 54 4.68 67.68 55.95
CA ASP T 54 5.85 68.06 55.18
C ASP T 54 6.29 69.48 55.45
N ASN T 55 5.39 70.33 55.94
CA ASN T 55 5.64 71.71 56.31
C ASN T 55 5.07 72.00 57.69
N ALA T 56 5.37 71.13 58.65
CA ALA T 56 4.88 71.29 60.01
C ALA T 56 6.04 71.54 60.96
N ASP T 57 5.85 72.48 61.87
CA ASP T 57 6.79 72.69 62.96
C ASP T 57 6.33 71.88 64.16
N GLN T 58 6.89 72.17 65.33
CA GLN T 58 6.36 71.59 66.56
C GLN T 58 4.94 72.09 66.83
N GLU T 59 4.69 73.37 66.57
CA GLU T 59 3.39 73.96 66.92
C GLU T 59 2.28 73.47 66.00
N ARG T 60 2.62 73.23 64.74
CA ARG T 60 1.64 72.75 63.77
C ARG T 60 1.18 71.35 64.13
N PHE T 61 2.12 70.51 64.55
CA PHE T 61 1.76 69.14 64.89
C PHE T 61 1.00 69.07 66.20
N ASP T 62 1.39 69.86 67.20
CA ASP T 62 0.81 69.78 68.54
C ASP T 62 -0.66 70.13 68.55
N ARG T 63 -1.13 70.74 67.46
CA ARG T 63 -2.54 71.07 67.29
C ARG T 63 -3.24 69.86 66.68
N LEU T 64 -2.54 69.14 65.81
CA LEU T 64 -3.07 67.94 65.17
C LEU T 64 -3.22 66.81 66.17
N ARG T 65 -2.27 66.68 67.08
CA ARG T 65 -2.35 65.63 68.10
C ARG T 65 -3.43 65.93 69.12
N TYR T 66 -3.49 67.19 69.60
CA TYR T 66 -4.38 67.59 70.69
C TYR T 66 -5.85 67.37 70.39
N VAL T 67 -6.22 67.34 69.13
CA VAL T 67 -7.62 67.34 68.75
C VAL T 67 -8.04 66.04 68.06
N GLU T 68 -7.14 65.38 67.31
CA GLU T 68 -7.40 64.01 66.89
C GLU T 68 -7.63 63.09 68.08
N ILE T 69 -6.90 63.32 69.17
CA ILE T 69 -7.25 62.69 70.44
C ILE T 69 -8.64 63.11 70.89
N LYS T 70 -8.97 64.40 70.74
CA LYS T 70 -10.25 64.91 71.23
C LYS T 70 -11.43 64.42 70.40
N HIS T 71 -11.17 64.21 69.11
CA HIS T 71 -12.15 63.66 68.20
C HIS T 71 -12.41 62.21 68.60
N GLY T 72 -11.34 61.52 69.03
CA GLY T 72 -11.43 60.14 69.45
C GLY T 72 -12.09 59.98 70.80
N ARG T 73 -11.82 60.91 71.72
CA ARG T 73 -12.44 60.83 73.04
C ARG T 73 -13.94 61.07 72.98
N ILE T 74 -14.40 61.84 72.00
CA ILE T 74 -15.84 61.96 71.75
C ILE T 74 -16.38 60.66 71.19
N ALA T 75 -15.68 60.09 70.19
CA ALA T 75 -16.20 58.94 69.47
C ALA T 75 -16.21 57.68 70.31
N MET T 76 -15.25 57.56 71.24
CA MET T 76 -15.26 56.40 72.14
C MET T 76 -16.43 56.45 73.09
N LEU T 77 -16.77 57.63 73.60
CA LEU T 77 -17.99 57.78 74.38
C LEU T 77 -19.23 57.73 73.51
N ALA T 78 -19.10 58.11 72.24
CA ALA T 78 -20.23 57.99 71.31
C ALA T 78 -20.52 56.53 70.98
N VAL T 79 -19.60 55.62 71.28
CA VAL T 79 -19.92 54.20 71.21
C VAL T 79 -20.67 53.76 72.48
N LEU T 80 -20.33 54.34 73.66
CA LEU T 80 -20.87 53.83 74.92
C LEU T 80 -22.30 54.31 75.17
N GLY T 81 -22.61 55.60 74.90
CA GLY T 81 -23.96 56.16 75.13
C GLY T 81 -24.92 55.55 74.05
N HIS T 82 -24.37 54.95 72.99
CA HIS T 82 -25.11 54.43 71.83
C HIS T 82 -25.44 52.93 71.89
N ILE T 83 -24.51 52.07 72.33
CA ILE T 83 -24.80 50.63 72.34
C ILE T 83 -25.85 50.30 73.40
N THR T 84 -25.76 50.95 74.56
CA THR T 84 -26.65 50.64 75.67
C THR T 84 -28.08 51.09 75.43
N THR T 85 -28.32 51.99 74.47
CA THR T 85 -29.68 52.37 74.15
C THR T 85 -30.32 51.40 73.15
N SER T 86 -29.54 50.94 72.17
CA SER T 86 -30.09 49.98 71.22
C SER T 86 -30.18 48.58 71.82
N SER T 87 -29.45 48.31 72.91
CA SER T 87 -29.66 47.07 73.65
C SER T 87 -30.85 47.18 74.58
N GLY T 88 -31.36 48.39 74.83
CA GLY T 88 -32.62 48.58 75.49
C GLY T 88 -32.56 49.02 76.93
N ARG T 89 -31.37 49.08 77.54
CA ARG T 89 -31.25 49.47 78.93
C ARG T 89 -31.39 50.98 79.02
N THR T 90 -32.53 51.44 79.54
CA THR T 90 -32.89 52.84 79.59
C THR T 90 -33.10 53.29 81.03
N LEU T 91 -33.08 54.60 81.23
CA LEU T 91 -33.20 55.15 82.57
C LEU T 91 -34.62 55.02 83.09
N GLY T 92 -34.75 54.75 84.38
CA GLY T 92 -36.05 54.46 84.96
C GLY T 92 -36.88 55.72 85.16
N GLY T 93 -38.18 55.57 84.97
CA GLY T 93 -39.11 56.67 85.15
C GLY T 93 -39.26 57.51 83.90
N ASN T 94 -39.83 58.69 84.10
CA ASN T 94 -39.94 59.69 83.04
C ASN T 94 -38.69 60.55 83.01
N ILE T 95 -38.60 61.43 82.02
CA ILE T 95 -37.40 62.25 81.86
C ILE T 95 -37.46 63.49 82.74
N ASP T 96 -38.61 64.18 82.74
CA ASP T 96 -38.73 65.50 83.35
C ASP T 96 -39.84 65.52 84.41
N PHE T 97 -40.30 66.72 84.76
CA PHE T 97 -41.61 66.84 85.41
C PHE T 97 -42.74 66.45 84.45
N SER T 98 -42.73 67.00 83.23
CA SER T 98 -43.90 67.03 82.36
C SER T 98 -44.20 65.70 81.64
N GLY T 99 -43.35 64.69 81.76
CA GLY T 99 -43.79 63.33 81.48
C GLY T 99 -43.26 62.62 80.24
N THR T 100 -42.21 63.13 79.60
CA THR T 100 -41.57 62.36 78.52
C THR T 100 -40.76 61.22 79.12
N ALA T 101 -40.71 60.09 78.41
CA ALA T 101 -40.11 58.88 78.92
C ALA T 101 -38.83 58.52 78.17
N PHE T 102 -37.92 57.82 78.87
CA PHE T 102 -36.65 57.43 78.25
C PHE T 102 -36.83 56.31 77.24
N SER T 103 -37.83 55.44 77.45
CA SER T 103 -38.02 54.29 76.58
C SER T 103 -38.65 54.66 75.23
N SER T 104 -39.36 55.79 75.16
CA SER T 104 -40.03 56.18 73.93
C SER T 104 -39.08 56.69 72.87
N ILE T 105 -37.92 57.20 73.26
CA ILE T 105 -37.01 57.88 72.34
C ILE T 105 -36.15 56.84 71.62
N LYS T 106 -36.12 56.91 70.30
CA LYS T 106 -35.41 55.94 69.49
C LYS T 106 -33.91 56.21 69.51
N THR T 107 -33.16 55.27 68.94
CA THR T 107 -31.71 55.35 68.86
C THR T 107 -31.28 55.92 67.52
N GLY T 108 -30.23 56.73 67.55
CA GLY T 108 -29.69 57.32 66.35
C GLY T 108 -30.06 58.79 66.19
N LEU T 109 -30.02 59.24 64.94
CA LEU T 109 -30.31 60.63 64.63
C LEU T 109 -31.79 60.96 64.78
N ALA T 110 -32.66 59.97 64.62
CA ALA T 110 -34.10 60.20 64.72
C ALA T 110 -34.57 60.42 66.14
N GLY T 111 -33.75 60.04 67.13
CA GLY T 111 -34.09 60.29 68.51
C GLY T 111 -33.78 61.69 69.01
N LEU T 112 -33.14 62.50 68.18
CA LEU T 112 -32.79 63.86 68.58
C LEU T 112 -33.99 64.78 68.57
N SER T 113 -35.04 64.45 67.83
CA SER T 113 -36.25 65.26 67.79
C SER T 113 -37.30 64.82 68.79
N ASP T 114 -37.09 63.70 69.47
CA ASP T 114 -38.02 63.23 70.50
C ASP T 114 -37.69 63.80 71.87
N ILE T 115 -36.41 64.05 72.14
CA ILE T 115 -35.95 64.81 73.31
C ILE T 115 -36.59 66.21 73.26
N PRO T 116 -37.02 66.80 74.37
CA PRO T 116 -37.58 68.16 74.30
C PRO T 116 -36.52 69.19 73.94
N GLN T 117 -37.01 70.39 73.62
CA GLN T 117 -36.12 71.47 73.23
C GLN T 117 -35.25 71.93 74.39
N ALA T 118 -35.88 72.21 75.54
CA ALA T 118 -35.14 72.63 76.72
C ALA T 118 -34.28 71.51 77.31
N GLY T 119 -34.59 70.26 76.98
CA GLY T 119 -33.68 69.18 77.33
C GLY T 119 -32.40 69.21 76.51
N LEU T 120 -32.52 69.51 75.22
CA LEU T 120 -31.35 69.67 74.37
C LEU T 120 -30.56 70.92 74.75
N LEU T 121 -31.24 71.92 75.30
CA LEU T 121 -30.54 73.13 75.72
C LEU T 121 -29.70 72.92 76.98
N GLN T 122 -30.05 71.94 77.81
CA GLN T 122 -29.24 71.64 78.97
C GLN T 122 -28.01 70.81 78.61
N ILE T 123 -28.12 69.97 77.58
CA ILE T 123 -26.99 69.13 77.18
C ILE T 123 -25.94 69.95 76.45
N VAL T 124 -26.37 70.86 75.57
CA VAL T 124 -25.42 71.66 74.80
C VAL T 124 -24.73 72.69 75.70
N ALA T 125 -25.48 73.26 76.66
CA ALA T 125 -24.87 74.18 77.61
C ALA T 125 -23.93 73.46 78.57
N PHE T 126 -24.17 72.16 78.81
CA PHE T 126 -23.24 71.35 79.56
C PHE T 126 -21.92 71.21 78.81
N ILE T 127 -21.98 70.65 77.59
CA ILE T 127 -20.79 70.40 76.80
C ILE T 127 -20.15 71.71 76.32
N GLY T 128 -20.90 72.81 76.31
CA GLY T 128 -20.26 74.11 76.22
C GLY T 128 -19.44 74.43 77.46
N PHE T 129 -20.07 74.39 78.64
CA PHE T 129 -19.43 74.70 79.92
C PHE T 129 -18.27 73.75 80.21
N LEU T 130 -18.33 72.54 79.65
CA LEU T 130 -17.24 71.59 79.74
C LEU T 130 -15.96 72.18 79.15
N GLU T 131 -15.95 72.41 77.83
CA GLU T 131 -14.71 72.77 77.14
C GLU T 131 -14.22 74.17 77.47
N LEU T 132 -15.12 75.05 77.92
CA LEU T 132 -14.71 76.42 78.22
C LEU T 132 -13.86 76.51 79.48
N PHE T 133 -14.15 75.68 80.48
CA PHE T 133 -13.48 75.81 81.77
C PHE T 133 -12.69 74.58 82.19
N VAL T 134 -13.29 73.39 82.21
CA VAL T 134 -12.70 72.27 82.92
C VAL T 134 -11.98 71.27 82.02
N MET T 135 -12.11 71.35 80.71
CA MET T 135 -11.25 70.61 79.77
C MET T 135 -10.17 71.55 79.26
N LYS T 136 -9.22 71.87 80.12
CA LYS T 136 -8.35 73.01 79.87
C LYS T 136 -7.05 72.82 80.65
N ASP T 137 -5.95 73.28 80.04
CA ASP T 137 -4.64 73.26 80.66
C ASP T 137 -4.28 74.69 81.09
N ALA T 138 -4.69 75.06 82.30
CA ALA T 138 -4.53 76.43 82.77
C ALA T 138 -3.20 76.68 83.46
N LYS T 139 -2.56 75.65 84.02
CA LYS T 139 -1.26 75.83 84.66
C LYS T 139 -0.14 75.95 83.64
N GLY T 140 -0.33 75.44 82.43
CA GLY T 140 0.71 75.43 81.43
C GLY T 140 1.71 74.31 81.56
N THR T 141 1.55 73.43 82.55
CA THR T 141 2.51 72.37 82.83
C THR T 141 2.06 71.02 82.30
N GLY T 142 1.35 71.00 81.18
CA GLY T 142 0.95 69.74 80.57
C GLY T 142 2.14 69.05 79.93
N GLU T 143 2.20 67.73 80.10
CA GLU T 143 3.32 66.96 79.58
C GLU T 143 3.18 66.71 78.08
N PHE T 144 1.96 66.79 77.54
CA PHE T 144 1.69 66.39 76.16
C PHE T 144 0.35 66.96 75.76
N PRO T 145 0.06 67.04 74.45
CA PRO T 145 -1.28 67.48 74.05
C PRO T 145 -2.32 66.40 74.28
N GLY T 146 -3.41 66.77 74.95
CA GLY T 146 -4.40 65.82 75.43
C GLY T 146 -4.38 65.66 76.93
N ASP T 147 -3.46 66.33 77.61
CA ASP T 147 -3.32 66.25 79.06
C ASP T 147 -4.19 67.33 79.70
N PHE T 148 -5.19 66.92 80.47
CA PHE T 148 -6.05 67.84 81.21
C PHE T 148 -5.86 67.72 82.71
N ARG T 149 -4.83 66.99 83.15
CA ARG T 149 -4.67 66.58 84.54
C ARG T 149 -4.43 67.77 85.47
N ASN T 150 -3.80 68.83 84.96
CA ASN T 150 -3.59 70.10 85.65
C ASN T 150 -2.80 69.93 86.95
N GLY T 151 -1.68 69.22 86.86
CA GLY T 151 -0.72 69.15 87.94
C GLY T 151 -1.11 68.34 89.14
N ILE T 152 -2.21 67.60 89.10
CA ILE T 152 -2.65 66.76 90.21
C ILE T 152 -2.46 65.32 89.78
N ASP T 153 -1.34 64.72 90.17
CA ASP T 153 -0.96 63.41 89.66
C ASP T 153 -1.83 62.31 90.27
N PHE T 154 -2.29 61.39 89.43
CA PHE T 154 -3.23 60.35 89.85
C PHE T 154 -2.57 58.99 89.95
N GLY T 155 -1.25 58.92 89.85
CA GLY T 155 -0.58 57.64 89.80
C GLY T 155 -0.01 57.40 88.42
N TRP T 156 0.31 58.49 87.72
CA TRP T 156 0.87 58.40 86.38
C TRP T 156 2.37 58.13 86.43
N ASN T 157 3.03 58.50 87.53
CA ASN T 157 4.42 58.13 87.71
C ASN T 157 4.58 56.70 88.22
N ASN T 158 3.48 56.06 88.64
CA ASN T 158 3.47 54.62 88.89
C ASN T 158 3.78 53.85 87.61
N PHE T 159 3.27 54.34 86.48
CA PHE T 159 3.58 53.73 85.18
C PHE T 159 5.05 53.93 84.85
N SER T 160 5.70 52.87 84.38
CA SER T 160 7.01 53.01 83.78
C SER T 160 6.87 53.62 82.39
N ASP T 161 8.00 54.12 81.88
CA ASP T 161 8.00 54.93 80.65
C ASP T 161 7.55 54.14 79.43
N GLU T 162 7.77 52.83 79.41
CA GLU T 162 7.21 52.02 78.34
C GLU T 162 5.71 51.80 78.54
N GLU T 163 5.28 51.55 79.78
CA GLU T 163 3.86 51.42 80.08
C GLU T 163 3.11 52.71 79.86
N LYS T 164 3.80 53.85 80.00
CA LYS T 164 3.20 55.14 79.66
C LYS T 164 2.86 55.21 78.18
N MET T 165 3.82 54.84 77.33
CA MET T 165 3.62 54.91 75.88
C MET T 165 2.68 53.83 75.36
N GLN T 166 2.47 52.75 76.12
CA GLN T 166 1.50 51.74 75.72
C GLN T 166 0.08 52.26 75.86
N LYS T 167 -0.26 52.77 77.05
CA LYS T 167 -1.64 53.20 77.32
C LYS T 167 -2.02 54.43 76.53
N ARG T 168 -1.05 55.26 76.16
CA ARG T 168 -1.36 56.43 75.36
C ARG T 168 -1.65 56.06 73.92
N ALA T 169 -1.14 54.91 73.46
CA ALA T 169 -1.41 54.45 72.10
C ALA T 169 -2.70 53.64 72.03
N ILE T 170 -3.09 53.00 73.12
CA ILE T 170 -4.34 52.26 73.13
C ILE T 170 -5.54 53.20 73.07
N GLU T 171 -5.45 54.32 73.79
CA GLU T 171 -6.51 55.33 73.74
C GLU T 171 -6.64 55.92 72.35
N LEU T 172 -5.50 56.16 71.71
CA LEU T 172 -5.49 56.76 70.38
C LEU T 172 -6.05 55.82 69.34
N ASN T 173 -5.61 54.56 69.35
CA ASN T 173 -6.07 53.61 68.35
C ASN T 173 -7.53 53.28 68.54
N ASN T 174 -7.98 53.18 69.79
CA ASN T 174 -9.41 53.10 70.03
C ASN T 174 -10.09 54.42 69.72
N GLY T 175 -9.35 55.53 69.81
CA GLY T 175 -9.89 56.79 69.34
C GLY T 175 -10.06 56.83 67.84
N ARG T 176 -9.06 56.36 67.11
CA ARG T 176 -9.13 56.38 65.65
C ARG T 176 -10.14 55.36 65.12
N ALA T 177 -10.24 54.21 65.76
CA ALA T 177 -11.17 53.20 65.29
C ALA T 177 -12.61 53.55 65.64
N ALA T 178 -12.85 54.27 66.74
CA ALA T 178 -14.22 54.65 67.07
C ALA T 178 -14.74 55.77 66.17
N GLN T 179 -13.85 56.58 65.59
CA GLN T 179 -14.28 57.62 64.66
C GLN T 179 -14.91 57.00 63.42
N MET T 180 -14.25 56.01 62.83
CA MET T 180 -14.84 55.29 61.71
C MET T 180 -16.01 54.42 62.14
N GLY T 181 -16.11 54.09 63.42
CA GLY T 181 -17.28 53.37 63.89
C GLY T 181 -18.52 54.23 63.93
N ILE T 182 -18.40 55.42 64.52
CA ILE T 182 -19.55 56.32 64.63
C ILE T 182 -19.93 56.88 63.26
N LEU T 183 -18.91 57.17 62.44
CA LEU T 183 -19.17 57.54 61.05
C LEU T 183 -19.82 56.38 60.29
N GLY T 184 -19.52 55.14 60.66
CA GLY T 184 -20.34 54.03 60.21
C GLY T 184 -21.76 54.14 60.70
N LEU T 185 -21.93 54.25 62.03
CA LEU T 185 -23.26 54.19 62.65
C LEU T 185 -24.15 55.34 62.21
N MET T 186 -23.58 56.50 61.88
CA MET T 186 -24.39 57.62 61.42
C MET T 186 -24.81 57.46 59.95
N VAL T 187 -23.93 56.90 59.12
CA VAL T 187 -24.23 56.81 57.69
C VAL T 187 -25.12 55.59 57.40
N HIS T 188 -24.91 54.48 58.10
CA HIS T 188 -25.72 53.29 57.84
C HIS T 188 -27.15 53.43 58.40
N GLU T 189 -27.33 54.15 59.50
CA GLU T 189 -28.68 54.37 60.02
C GLU T 189 -29.45 55.34 59.14
N LYS T 190 -28.74 56.21 58.43
CA LYS T 190 -29.41 57.08 57.49
C LYS T 190 -29.77 56.33 56.22
N ILE T 191 -28.87 55.49 55.73
CA ILE T 191 -29.15 54.74 54.50
C ILE T 191 -30.12 53.60 54.78
N GLY T 192 -29.77 52.73 55.73
CA GLY T 192 -30.55 51.54 56.01
C GLY T 192 -31.34 51.64 57.31
N GLY T 193 -31.88 50.50 57.72
CA GLY T 193 -32.80 50.43 58.83
C GLY T 193 -32.16 50.49 60.21
N ASP T 194 -31.17 49.65 60.47
CA ASP T 194 -30.37 49.63 61.69
C ASP T 194 -28.98 50.15 61.39
N PRO T 195 -28.21 50.65 62.39
CA PRO T 195 -26.88 51.13 62.04
C PRO T 195 -25.91 49.97 61.93
N TYR T 196 -26.23 48.87 62.61
CA TYR T 196 -25.28 47.78 62.83
C TYR T 196 -25.18 46.95 61.56
N ILE T 197 -24.46 47.51 60.57
CA ILE T 197 -24.28 46.92 59.23
C ILE T 197 -23.60 45.56 59.31
N ILE T 198 -22.85 45.32 60.38
CA ILE T 198 -22.14 44.09 60.58
C ILE T 198 -22.99 43.05 61.32
N ASN T 199 -23.94 43.50 62.14
CA ASN T 199 -24.95 42.60 62.69
C ASN T 199 -26.09 42.34 61.71
N GLU T 200 -26.14 43.05 60.58
CA GLU T 200 -27.22 42.82 59.62
C GLU T 200 -27.04 41.49 58.89
N LEU T 201 -25.81 41.16 58.53
CA LEU T 201 -25.54 39.87 57.94
C LEU T 201 -25.71 38.77 58.97
N LEU T 202 -26.12 37.59 58.47
CA LEU T 202 -26.29 36.37 59.27
C LEU T 202 -27.37 36.53 60.33
N GLY T 203 -28.41 37.28 60.00
CA GLY T 203 -29.56 37.44 60.87
C GLY T 203 -29.43 38.55 61.88
N TYR T 204 -30.39 39.47 61.88
CA TYR T 204 -30.44 40.52 62.89
C TYR T 204 -31.07 39.99 64.17
N ALA U 32 14.60 4.32 -80.30
CA ALA U 32 14.70 4.01 -78.89
C ALA U 32 14.16 2.61 -78.59
N PHE U 33 12.90 2.38 -78.97
CA PHE U 33 12.26 1.08 -78.79
C PHE U 33 11.45 0.72 -80.04
N GLU U 34 11.98 1.06 -81.21
CA GLU U 34 11.32 0.78 -82.47
C GLU U 34 11.83 -0.53 -83.05
N ASP U 35 11.27 -0.88 -84.22
CA ASP U 35 11.57 -2.12 -84.96
C ASP U 35 11.36 -3.36 -84.09
N GLU U 36 10.35 -3.32 -83.24
CA GLU U 36 9.96 -4.43 -82.41
C GLU U 36 8.71 -5.07 -82.99
N LEU U 37 8.18 -6.05 -82.27
CA LEU U 37 7.10 -6.88 -82.80
C LEU U 37 5.77 -6.12 -82.80
N GLY U 38 5.21 -5.93 -83.99
CA GLY U 38 3.84 -5.48 -84.14
C GLY U 38 3.61 -3.99 -84.15
N ALA U 39 4.67 -3.19 -84.17
CA ALA U 39 4.53 -1.75 -84.39
C ALA U 39 4.26 -1.56 -85.88
N GLN U 40 2.94 -1.73 -86.29
CA GLN U 40 2.50 -1.54 -87.66
C GLN U 40 2.11 -0.09 -87.89
N PRO U 41 2.35 0.46 -89.08
CA PRO U 41 1.90 1.83 -89.36
C PRO U 41 0.48 1.91 -89.88
N PRO U 42 -0.50 2.17 -89.02
CA PRO U 42 -1.37 3.32 -89.26
C PRO U 42 -0.93 4.45 -88.36
N LEU U 43 -0.11 4.12 -87.35
CA LEU U 43 0.49 5.10 -86.45
C LEU U 43 2.01 5.04 -86.43
N GLY U 44 2.58 3.91 -86.00
CA GLY U 44 4.01 3.78 -85.77
C GLY U 44 4.42 4.45 -84.47
N PHE U 45 5.21 3.75 -83.64
CA PHE U 45 5.65 4.23 -82.32
C PHE U 45 4.46 4.67 -81.47
N PHE U 46 3.64 3.70 -81.09
CA PHE U 46 2.49 4.06 -80.27
C PHE U 46 2.96 4.18 -78.83
N ASP U 47 3.36 5.41 -78.47
CA ASP U 47 3.73 5.74 -77.10
C ASP U 47 3.41 7.19 -76.87
N PRO U 48 2.17 7.50 -76.45
CA PRO U 48 1.87 8.89 -76.09
C PRO U 48 2.43 9.31 -74.74
N LEU U 49 2.60 8.40 -73.77
CA LEU U 49 2.88 8.84 -72.41
C LEU U 49 4.13 8.20 -71.79
N GLY U 50 5.01 7.61 -72.60
CA GLY U 50 6.28 7.11 -72.08
C GLY U 50 6.19 5.92 -71.15
N LEU U 51 5.82 4.75 -71.68
CA LEU U 51 5.44 3.63 -70.82
C LEU U 51 6.41 2.47 -70.84
N VAL U 52 7.12 2.27 -71.96
CA VAL U 52 8.23 1.32 -71.95
C VAL U 52 9.50 1.98 -71.44
N ALA U 53 9.62 3.30 -71.61
CA ALA U 53 10.82 3.99 -71.19
C ALA U 53 10.81 4.22 -69.69
N ASP U 54 9.71 4.77 -69.18
CA ASP U 54 9.54 4.99 -67.74
C ASP U 54 9.00 3.76 -67.03
N GLY U 55 8.84 2.64 -67.74
CA GLY U 55 8.55 1.40 -67.03
C GLY U 55 9.77 0.92 -66.27
N ASP U 56 10.75 0.39 -66.98
CA ASP U 56 12.04 -0.03 -66.42
C ASP U 56 13.05 -0.19 -67.55
N GLN U 57 14.07 -1.02 -67.31
CA GLN U 57 14.91 -1.55 -68.37
C GLN U 57 14.15 -2.50 -69.31
N GLU U 58 13.13 -3.24 -68.84
CA GLU U 58 12.73 -4.46 -69.53
C GLU U 58 11.24 -4.77 -69.59
N LYS U 59 10.35 -3.92 -69.02
CA LYS U 59 8.93 -4.27 -68.82
C LYS U 59 8.25 -4.62 -70.13
N PHE U 60 8.74 -4.06 -71.24
CA PHE U 60 8.50 -4.53 -72.59
C PHE U 60 8.60 -6.06 -72.76
N ASP U 61 9.56 -6.70 -72.08
CA ASP U 61 9.63 -8.16 -72.15
C ASP U 61 8.50 -8.80 -71.34
N ARG U 62 8.16 -8.20 -70.21
CA ARG U 62 6.92 -8.59 -69.55
C ARG U 62 5.73 -8.20 -70.42
N LEU U 63 5.59 -6.89 -70.73
CA LEU U 63 4.42 -6.31 -71.42
C LEU U 63 4.03 -7.05 -72.70
N ARG U 64 5.02 -7.50 -73.47
CA ARG U 64 4.72 -8.19 -74.71
C ARG U 64 4.17 -9.59 -74.45
N TYR U 65 4.85 -10.37 -73.58
CA TYR U 65 4.30 -11.62 -73.06
C TYR U 65 2.92 -11.41 -72.47
N VAL U 66 2.79 -10.32 -71.74
CA VAL U 66 1.53 -9.92 -71.15
C VAL U 66 0.52 -9.56 -72.25
N GLU U 67 0.95 -8.85 -73.31
CA GLU U 67 0.01 -8.44 -74.36
C GLU U 67 -0.46 -9.61 -75.22
N ILE U 68 0.45 -10.51 -75.61
CA ILE U 68 0.12 -11.61 -76.52
C ILE U 68 -0.91 -12.54 -75.88
N LYS U 69 -0.82 -12.73 -74.56
CA LYS U 69 -1.82 -13.56 -73.88
C LYS U 69 -3.17 -12.84 -73.82
N HIS U 70 -3.16 -11.53 -73.59
CA HIS U 70 -4.42 -10.78 -73.56
C HIS U 70 -5.10 -10.73 -74.92
N GLY U 71 -4.31 -10.76 -75.99
CA GLY U 71 -4.87 -10.61 -77.31
C GLY U 71 -5.77 -11.76 -77.71
N ARG U 72 -5.40 -12.97 -77.34
CA ARG U 72 -6.08 -14.15 -77.84
C ARG U 72 -7.15 -14.69 -76.93
N ILE U 73 -7.00 -14.44 -75.63
CA ILE U 73 -8.13 -14.63 -74.74
C ILE U 73 -9.26 -13.71 -75.15
N SER U 74 -8.93 -12.53 -75.67
CA SER U 74 -9.92 -11.71 -76.35
C SER U 74 -10.37 -12.32 -77.68
N MET U 75 -9.44 -12.92 -78.44
CA MET U 75 -9.81 -13.54 -79.71
C MET U 75 -10.77 -14.70 -79.51
N LEU U 76 -10.41 -15.62 -78.62
CA LEU U 76 -11.30 -16.71 -78.25
C LEU U 76 -12.56 -16.22 -77.55
N ALA U 77 -12.53 -15.01 -76.98
CA ALA U 77 -13.76 -14.40 -76.52
C ALA U 77 -14.59 -13.88 -77.70
N VAL U 78 -13.95 -13.23 -78.67
CA VAL U 78 -14.69 -12.72 -79.83
C VAL U 78 -15.17 -13.88 -80.70
N VAL U 79 -14.26 -14.81 -81.03
CA VAL U 79 -14.64 -15.99 -81.81
C VAL U 79 -15.59 -16.89 -81.02
N GLY U 80 -15.48 -16.87 -79.69
CA GLY U 80 -16.48 -17.48 -78.86
C GLY U 80 -17.84 -16.83 -78.98
N TYR U 81 -17.96 -15.57 -78.52
CA TYR U 81 -19.24 -14.88 -78.36
C TYR U 81 -20.00 -14.68 -79.68
N LEU U 82 -19.33 -14.77 -80.82
CA LEU U 82 -20.01 -14.66 -82.11
C LEU U 82 -20.57 -16.00 -82.58
N VAL U 83 -19.73 -17.05 -82.56
CA VAL U 83 -20.18 -18.39 -82.99
C VAL U 83 -21.22 -18.94 -82.03
N GLN U 84 -21.12 -18.58 -80.75
CA GLN U 84 -22.16 -18.92 -79.79
C GLN U 84 -23.48 -18.24 -80.11
N GLU U 85 -23.43 -16.97 -80.52
CA GLU U 85 -24.63 -16.18 -80.75
C GLU U 85 -25.41 -16.68 -81.97
N ALA U 86 -24.72 -17.30 -82.92
CA ALA U 86 -25.39 -17.89 -84.08
C ALA U 86 -26.17 -19.15 -83.75
N GLY U 87 -26.08 -19.65 -82.52
CA GLY U 87 -26.85 -20.80 -82.09
C GLY U 87 -26.17 -22.13 -82.30
N VAL U 88 -24.93 -22.14 -82.79
CA VAL U 88 -24.21 -23.38 -83.03
C VAL U 88 -23.80 -23.98 -81.70
N ARG U 89 -24.31 -25.18 -81.41
CA ARG U 89 -24.07 -25.85 -80.14
C ARG U 89 -23.45 -27.22 -80.40
N LEU U 90 -22.88 -27.78 -79.34
CA LEU U 90 -22.44 -29.17 -79.41
C LEU U 90 -23.65 -30.08 -79.22
N PRO U 91 -23.85 -31.07 -80.09
CA PRO U 91 -24.94 -32.02 -79.87
C PRO U 91 -24.66 -32.92 -78.66
N GLY U 92 -25.64 -33.03 -77.78
CA GLY U 92 -25.56 -33.91 -76.63
C GLY U 92 -25.73 -33.15 -75.34
N THR U 93 -25.48 -33.85 -74.23
CA THR U 93 -25.58 -33.31 -72.89
C THR U 93 -24.20 -32.87 -72.39
N ILE U 94 -24.22 -31.96 -71.42
CA ILE U 94 -22.96 -31.52 -70.81
C ILE U 94 -22.63 -32.31 -69.55
N ASP U 95 -23.63 -32.85 -68.86
CA ASP U 95 -23.41 -33.67 -67.68
C ASP U 95 -24.21 -34.97 -67.82
N TYR U 96 -24.15 -35.81 -66.80
CA TYR U 96 -24.95 -37.03 -66.79
C TYR U 96 -26.37 -36.82 -66.26
N SER U 97 -26.69 -35.64 -65.74
CA SER U 97 -28.02 -35.38 -65.22
C SER U 97 -28.97 -34.79 -66.26
N GLY U 98 -28.54 -34.69 -67.52
CA GLY U 98 -29.43 -34.36 -68.61
C GLY U 98 -29.45 -32.91 -69.06
N LYS U 99 -28.51 -32.09 -68.61
CA LYS U 99 -28.41 -30.72 -69.11
C LYS U 99 -27.75 -30.74 -70.49
N THR U 100 -28.46 -30.24 -71.49
CA THR U 100 -27.93 -30.24 -72.85
C THR U 100 -27.32 -28.87 -73.20
N PHE U 101 -26.48 -28.88 -74.24
CA PHE U 101 -25.82 -27.65 -74.66
C PHE U 101 -26.79 -26.67 -75.30
N ALA U 102 -27.86 -27.17 -75.93
CA ALA U 102 -28.82 -26.30 -76.61
C ALA U 102 -29.75 -25.58 -75.64
N GLU U 103 -29.70 -25.90 -74.35
CA GLU U 103 -30.45 -25.19 -73.32
C GLU U 103 -29.69 -23.99 -72.77
N ILE U 104 -28.63 -23.56 -73.44
CA ILE U 104 -27.69 -22.59 -72.88
C ILE U 104 -27.69 -21.32 -73.72
N PRO U 105 -28.22 -20.20 -73.19
CA PRO U 105 -28.10 -18.91 -73.90
C PRO U 105 -26.73 -18.27 -73.71
N ASN U 106 -26.56 -17.02 -74.17
CA ASN U 106 -25.22 -16.44 -74.25
C ASN U 106 -25.08 -15.10 -73.54
N GLY U 107 -23.90 -14.48 -73.70
CA GLY U 107 -23.54 -13.32 -72.90
C GLY U 107 -22.70 -13.74 -71.72
N PHE U 108 -22.81 -13.03 -70.59
CA PHE U 108 -22.21 -13.53 -69.36
C PHE U 108 -23.12 -14.52 -68.64
N ALA U 109 -24.23 -14.91 -69.25
CA ALA U 109 -25.18 -15.83 -68.66
C ALA U 109 -24.86 -17.29 -68.95
N ALA U 110 -23.74 -17.57 -69.60
CA ALA U 110 -23.39 -18.94 -69.94
C ALA U 110 -22.28 -19.54 -69.08
N PHE U 111 -21.40 -18.71 -68.51
CA PHE U 111 -20.43 -19.21 -67.55
C PHE U 111 -21.10 -19.59 -66.24
N LYS U 112 -22.16 -18.87 -65.86
CA LYS U 112 -22.89 -19.16 -64.64
C LYS U 112 -23.86 -20.32 -64.78
N GLU U 113 -23.92 -20.95 -65.95
CA GLU U 113 -24.87 -22.02 -66.25
C GLU U 113 -24.23 -23.39 -66.31
N ILE U 114 -23.06 -23.48 -66.93
CA ILE U 114 -22.21 -24.69 -66.92
C ILE U 114 -21.90 -25.04 -65.46
N PRO U 115 -22.10 -26.29 -65.02
CA PRO U 115 -22.24 -26.57 -63.59
C PRO U 115 -20.95 -26.40 -62.82
N ALA U 116 -21.07 -26.54 -61.50
CA ALA U 116 -19.99 -26.21 -60.57
C ALA U 116 -18.79 -27.12 -60.77
N GLY U 117 -19.04 -28.43 -60.84
CA GLY U 117 -17.97 -29.36 -61.20
C GLY U 117 -17.50 -29.18 -62.63
N GLY U 118 -18.39 -28.74 -63.52
CA GLY U 118 -17.99 -28.51 -64.90
C GLY U 118 -17.06 -27.33 -65.06
N LEU U 119 -17.11 -26.38 -64.14
CA LEU U 119 -16.15 -25.29 -64.16
C LEU U 119 -14.82 -25.68 -63.58
N VAL U 120 -14.77 -26.69 -62.70
CA VAL U 120 -13.52 -27.05 -62.04
C VAL U 120 -12.54 -27.66 -63.03
N GLN U 121 -13.03 -28.55 -63.89
CA GLN U 121 -12.17 -29.23 -64.84
C GLN U 121 -11.80 -28.34 -66.02
N LEU U 122 -12.56 -27.27 -66.25
CA LEU U 122 -12.09 -26.17 -67.07
C LEU U 122 -10.82 -25.57 -66.48
N LEU U 123 -10.92 -25.02 -65.27
CA LEU U 123 -9.86 -24.27 -64.62
C LEU U 123 -8.64 -25.11 -64.26
N PHE U 124 -8.74 -26.44 -64.22
CA PHE U 124 -7.66 -27.25 -63.63
C PHE U 124 -6.49 -27.42 -64.60
N PHE U 125 -6.71 -28.08 -65.72
CA PHE U 125 -5.70 -28.22 -66.77
C PHE U 125 -5.60 -26.93 -67.64
N ILE U 126 -6.15 -25.82 -67.15
CA ILE U 126 -5.60 -24.50 -67.43
C ILE U 126 -4.54 -24.11 -66.40
N GLY U 127 -4.84 -24.33 -65.12
CA GLY U 127 -3.96 -23.96 -64.02
C GLY U 127 -2.73 -24.83 -63.87
N VAL U 128 -2.69 -25.99 -64.52
CA VAL U 128 -1.45 -26.76 -64.63
C VAL U 128 -0.52 -26.13 -65.65
N LEU U 129 -1.03 -25.25 -66.50
CA LEU U 129 -0.35 -24.88 -67.73
C LEU U 129 0.05 -23.44 -67.77
N GLU U 130 -0.46 -22.62 -66.85
CA GLU U 130 0.30 -21.43 -66.51
C GLU U 130 1.48 -21.80 -65.63
N SER U 131 1.45 -22.99 -65.02
CA SER U 131 2.61 -23.52 -64.32
C SER U 131 3.62 -24.13 -65.30
N SER U 132 3.13 -24.81 -66.34
CA SER U 132 4.00 -25.57 -67.22
C SER U 132 4.68 -24.71 -68.29
N VAL U 133 4.29 -23.45 -68.44
CA VAL U 133 4.69 -22.65 -69.59
C VAL U 133 5.49 -21.44 -69.12
N MET U 134 5.18 -20.96 -67.90
CA MET U 134 5.98 -19.91 -67.29
C MET U 134 7.38 -20.40 -66.90
N ARG U 135 7.54 -21.70 -66.73
CA ARG U 135 8.77 -22.29 -66.21
C ARG U 135 9.29 -23.28 -67.26
N ASP U 136 9.97 -22.72 -68.27
CA ASP U 136 10.58 -23.39 -69.42
C ASP U 136 12.05 -23.01 -69.46
N LEU U 137 12.68 -22.96 -68.28
CA LEU U 137 14.11 -22.77 -68.04
C LEU U 137 14.60 -21.37 -68.42
N THR U 138 13.75 -20.56 -69.06
CA THR U 138 13.91 -19.13 -69.31
C THR U 138 12.53 -18.51 -69.18
N GLY U 139 12.44 -17.36 -68.55
CA GLY U 139 11.14 -16.73 -68.39
C GLY U 139 10.87 -15.62 -69.39
N GLU U 140 11.85 -14.75 -69.57
CA GLU U 140 11.66 -13.49 -70.25
C GLU U 140 12.34 -13.43 -71.61
N ALA U 141 13.22 -14.37 -71.92
CA ALA U 141 13.90 -14.35 -73.22
C ALA U 141 12.96 -14.80 -74.32
N GLU U 142 12.50 -16.05 -74.26
CA GLU U 142 11.53 -16.52 -75.23
C GLU U 142 10.13 -16.04 -74.84
N PHE U 143 9.29 -15.89 -75.84
CA PHE U 143 7.89 -15.56 -75.59
C PHE U 143 7.14 -16.88 -75.47
N VAL U 144 5.81 -16.85 -75.60
CA VAL U 144 4.85 -17.46 -74.68
C VAL U 144 5.31 -18.78 -74.04
N GLY U 145 5.87 -19.69 -74.83
CA GLY U 145 5.80 -21.06 -74.41
C GLY U 145 4.69 -21.75 -75.17
N ASP U 146 4.94 -21.81 -76.47
CA ASP U 146 4.04 -22.12 -77.59
C ASP U 146 3.07 -23.28 -77.38
N PHE U 147 1.94 -23.27 -78.11
CA PHE U 147 0.76 -24.09 -77.81
C PHE U 147 1.00 -25.58 -77.88
N ARG U 148 2.18 -26.01 -78.34
CA ARG U 148 2.50 -27.42 -78.31
C ARG U 148 3.29 -27.80 -77.06
N ASN U 149 2.68 -27.50 -75.92
CA ASN U 149 3.17 -27.89 -74.60
C ASN U 149 2.61 -29.22 -74.14
N GLY U 150 1.35 -29.48 -74.47
CA GLY U 150 0.58 -30.60 -73.99
C GLY U 150 -0.27 -31.14 -75.12
N ALA U 151 -0.19 -32.46 -75.29
CA ALA U 151 -0.85 -33.34 -76.27
C ALA U 151 -0.30 -33.18 -77.69
N ILE U 152 0.52 -32.16 -77.93
CA ILE U 152 1.01 -31.80 -79.26
C ILE U 152 2.41 -31.24 -79.07
N ASP U 153 3.25 -31.34 -80.13
CA ASP U 153 4.69 -31.11 -80.01
C ASP U 153 5.18 -30.14 -81.07
N PHE U 154 6.06 -29.19 -80.66
CA PHE U 154 6.46 -28.02 -81.44
C PHE U 154 7.84 -28.19 -82.06
N GLY U 155 8.02 -27.60 -83.25
CA GLY U 155 9.33 -27.47 -83.87
C GLY U 155 9.78 -26.02 -84.01
N TRP U 156 10.82 -25.65 -83.28
CA TRP U 156 11.42 -24.31 -83.33
C TRP U 156 12.51 -24.20 -84.39
N ASP U 157 12.95 -25.35 -84.93
CA ASP U 157 14.06 -25.35 -85.86
C ASP U 157 13.69 -24.76 -87.22
N THR U 158 12.48 -25.05 -87.70
CA THR U 158 11.99 -24.51 -88.97
C THR U 158 11.57 -23.06 -88.73
N PHE U 159 12.48 -22.13 -89.03
CA PHE U 159 12.46 -20.81 -88.38
C PHE U 159 12.91 -19.77 -89.41
N ASP U 160 11.93 -19.16 -90.09
CA ASP U 160 12.23 -18.16 -91.11
C ASP U 160 12.31 -16.77 -90.49
N GLU U 161 13.31 -16.02 -90.92
CA GLU U 161 13.53 -14.68 -90.39
C GLU U 161 12.54 -13.68 -90.96
N GLU U 162 12.31 -13.72 -92.27
CA GLU U 162 11.44 -12.73 -92.90
C GLU U 162 9.96 -13.06 -92.74
N THR U 163 9.60 -14.34 -92.76
CA THR U 163 8.18 -14.73 -92.73
C THR U 163 7.52 -14.39 -91.40
N GLN U 164 8.26 -14.49 -90.30
CA GLN U 164 7.66 -14.33 -88.98
C GLN U 164 7.37 -12.90 -88.60
N PHE U 165 8.02 -11.91 -89.25
CA PHE U 165 7.78 -10.52 -88.88
C PHE U 165 6.37 -10.08 -89.24
N LYS U 166 5.88 -10.48 -90.42
CA LYS U 166 4.52 -10.11 -90.81
C LYS U 166 3.50 -10.92 -90.02
N LYS U 167 3.70 -12.23 -89.93
CA LYS U 167 2.69 -13.13 -89.40
C LYS U 167 2.48 -12.94 -87.90
N ARG U 168 3.56 -12.70 -87.15
CA ARG U 168 3.40 -12.39 -85.73
C ARG U 168 2.85 -10.99 -85.50
N ALA U 169 3.01 -10.08 -86.47
CA ALA U 169 2.47 -8.74 -86.34
C ALA U 169 1.06 -8.60 -86.90
N ILE U 170 0.63 -9.53 -87.76
CA ILE U 170 -0.81 -9.70 -87.98
C ILE U 170 -1.45 -10.11 -86.67
N GLU U 171 -0.88 -11.15 -86.06
CA GLU U 171 -1.46 -11.89 -84.95
C GLU U 171 -1.63 -11.03 -83.71
N LEU U 172 -0.63 -10.22 -83.41
CA LEU U 172 -0.75 -9.25 -82.34
C LEU U 172 -1.84 -8.24 -82.65
N ASN U 173 -1.83 -7.71 -83.86
CA ASN U 173 -2.75 -6.64 -84.23
C ASN U 173 -4.15 -7.15 -84.54
N GLN U 174 -4.32 -8.45 -84.78
CA GLN U 174 -5.68 -9.00 -84.76
C GLN U 174 -6.25 -8.96 -83.35
N GLY U 175 -5.44 -9.31 -82.35
CA GLY U 175 -5.90 -9.29 -80.98
C GLY U 175 -6.07 -7.90 -80.43
N ARG U 176 -5.24 -6.95 -80.87
CA ARG U 176 -5.32 -5.58 -80.39
C ARG U 176 -6.64 -4.93 -80.81
N ALA U 177 -7.12 -5.25 -82.01
CA ALA U 177 -8.47 -4.84 -82.38
C ALA U 177 -9.52 -5.70 -81.70
N ALA U 178 -9.22 -6.97 -81.45
CA ALA U 178 -10.17 -7.86 -80.81
C ALA U 178 -10.41 -7.49 -79.36
N GLN U 179 -9.42 -6.88 -78.69
CA GLN U 179 -9.62 -6.42 -77.33
C GLN U 179 -10.58 -5.24 -77.28
N MET U 180 -10.43 -4.28 -78.20
CA MET U 180 -11.43 -3.22 -78.32
C MET U 180 -12.75 -3.76 -78.83
N GLY U 181 -12.72 -4.87 -79.59
CA GLY U 181 -13.96 -5.48 -80.04
C GLY U 181 -14.68 -6.23 -78.94
N ILE U 182 -13.93 -6.93 -78.08
CA ILE U 182 -14.60 -7.62 -76.99
C ILE U 182 -14.98 -6.62 -75.88
N LEU U 183 -14.23 -5.52 -75.74
CA LEU U 183 -14.61 -4.45 -74.80
C LEU U 183 -15.90 -3.77 -75.25
N ALA U 184 -16.20 -3.80 -76.55
CA ALA U 184 -17.51 -3.38 -77.02
C ALA U 184 -18.60 -4.30 -76.48
N LEU U 185 -18.56 -5.57 -76.88
CA LEU U 185 -19.65 -6.50 -76.59
C LEU U 185 -19.76 -6.90 -75.13
N MET U 186 -18.75 -6.60 -74.30
CA MET U 186 -18.91 -6.74 -72.86
C MET U 186 -19.60 -5.52 -72.27
N VAL U 187 -19.32 -4.34 -72.83
CA VAL U 187 -19.90 -3.09 -72.32
C VAL U 187 -21.16 -2.71 -73.09
N HIS U 188 -21.32 -3.17 -74.35
CA HIS U 188 -22.60 -2.93 -75.00
C HIS U 188 -23.68 -3.94 -74.60
N GLU U 189 -23.52 -4.65 -73.49
CA GLU U 189 -24.60 -5.41 -72.88
C GLU U 189 -25.25 -4.67 -71.71
N GLN U 190 -24.45 -3.97 -70.89
CA GLN U 190 -24.97 -3.35 -69.69
C GLN U 190 -25.78 -2.10 -69.98
N LEU U 191 -25.43 -1.34 -71.02
CA LEU U 191 -26.14 -0.10 -71.31
C LEU U 191 -27.27 -0.34 -72.30
N ALA V 32 13.94 -41.05 -98.20
CA ALA V 32 14.03 -40.55 -96.84
C ALA V 32 13.76 -41.66 -95.84
N PHE V 33 12.53 -42.18 -95.86
CA PHE V 33 12.13 -43.24 -94.95
C PHE V 33 11.43 -44.35 -95.70
N GLU V 34 11.92 -44.65 -96.90
CA GLU V 34 11.44 -45.75 -97.72
C GLU V 34 12.03 -47.10 -97.30
N ASP V 35 13.17 -47.09 -96.62
CA ASP V 35 13.81 -48.32 -96.16
C ASP V 35 13.55 -48.60 -94.69
N GLU V 36 12.57 -47.93 -94.09
CA GLU V 36 12.38 -48.05 -92.65
C GLU V 36 11.34 -49.11 -92.32
N LEU V 37 11.08 -49.23 -91.02
CA LEU V 37 10.14 -50.20 -90.50
C LEU V 37 8.71 -49.81 -90.88
N GLY V 38 7.98 -50.77 -91.45
CA GLY V 38 6.61 -50.58 -91.89
C GLY V 38 6.46 -50.53 -93.39
N ALA V 39 7.51 -50.14 -94.11
CA ALA V 39 7.52 -50.26 -95.56
C ALA V 39 7.77 -51.73 -95.91
N GLN V 40 6.78 -52.35 -96.57
CA GLN V 40 6.80 -53.78 -96.82
C GLN V 40 5.90 -54.08 -98.00
N PRO V 41 6.14 -55.18 -98.73
CA PRO V 41 5.22 -55.54 -99.82
C PRO V 41 3.85 -55.90 -99.28
N PRO V 42 2.78 -55.69 -100.07
CA PRO V 42 2.71 -55.21 -101.46
C PRO V 42 2.87 -53.71 -101.70
N LEU V 43 2.69 -52.87 -100.67
CA LEU V 43 2.74 -51.43 -100.90
C LEU V 43 4.13 -50.84 -100.73
N GLY V 44 4.85 -51.20 -99.68
CA GLY V 44 6.13 -50.56 -99.40
C GLY V 44 5.95 -49.23 -98.73
N PHE V 45 6.80 -48.28 -99.07
CA PHE V 45 6.63 -46.89 -98.63
C PHE V 45 5.44 -46.30 -99.38
N PHE V 46 4.38 -45.98 -98.65
CA PHE V 46 3.14 -45.49 -99.27
C PHE V 46 2.61 -44.36 -98.38
N ASP V 47 2.91 -43.12 -98.77
CA ASP V 47 2.51 -41.92 -98.04
C ASP V 47 1.63 -41.10 -98.97
N PRO V 48 0.31 -41.31 -98.94
CA PRO V 48 -0.57 -40.56 -99.85
C PRO V 48 -0.77 -39.11 -99.48
N LEU V 49 -0.48 -38.72 -98.24
CA LEU V 49 -0.67 -37.34 -97.80
C LEU V 49 0.58 -36.48 -97.94
N GLY V 50 1.72 -37.08 -98.24
CA GLY V 50 2.97 -36.34 -98.18
C GLY V 50 3.37 -35.97 -96.77
N LEU V 51 3.29 -36.94 -95.86
CA LEU V 51 3.43 -36.65 -94.43
C LEU V 51 4.90 -36.49 -94.03
N VAL V 52 5.78 -37.42 -94.42
CA VAL V 52 7.22 -37.22 -94.20
C VAL V 52 7.86 -36.52 -95.40
N ALA V 53 7.04 -36.01 -96.32
CA ALA V 53 7.58 -35.31 -97.48
C ALA V 53 8.30 -34.01 -97.11
N ASP V 54 8.05 -33.47 -95.92
CA ASP V 54 8.89 -32.42 -95.35
C ASP V 54 8.91 -32.57 -93.84
N GLY V 55 9.64 -31.67 -93.19
CA GLY V 55 9.52 -31.45 -91.77
C GLY V 55 8.64 -30.29 -91.39
N ASP V 56 7.32 -30.37 -91.64
CA ASP V 56 6.46 -29.24 -91.27
C ASP V 56 6.27 -29.16 -89.76
N GLN V 57 6.22 -30.31 -89.08
CA GLN V 57 6.15 -30.37 -87.63
C GLN V 57 7.03 -31.52 -87.13
N GLU V 58 8.23 -31.64 -87.72
CA GLU V 58 9.21 -32.71 -87.44
C GLU V 58 8.55 -34.09 -87.60
N LYS V 59 8.22 -34.38 -88.85
CA LYS V 59 7.55 -35.64 -89.16
C LYS V 59 8.50 -36.80 -89.28
N PHE V 60 9.80 -36.56 -89.14
CA PHE V 60 10.72 -37.68 -89.22
C PHE V 60 10.71 -38.45 -87.90
N ASP V 61 10.36 -37.79 -86.81
CA ASP V 61 10.18 -38.42 -85.52
C ASP V 61 8.74 -38.22 -85.05
N ARG V 62 8.40 -39.00 -84.02
CA ARG V 62 7.13 -39.02 -83.28
C ARG V 62 5.98 -39.62 -84.10
N LEU V 63 6.15 -39.79 -85.41
CA LEU V 63 5.03 -40.35 -86.16
C LEU V 63 5.03 -41.85 -86.10
N ARG V 64 6.22 -42.43 -85.93
CA ARG V 64 6.31 -43.81 -85.49
C ARG V 64 5.67 -43.95 -84.11
N TYR V 65 5.99 -43.04 -83.19
CA TYR V 65 5.50 -43.13 -81.81
C TYR V 65 4.00 -42.91 -81.73
N VAL V 66 3.45 -42.04 -82.58
CA VAL V 66 2.00 -41.83 -82.60
C VAL V 66 1.30 -43.00 -83.31
N GLU V 67 1.98 -43.67 -84.24
CA GLU V 67 1.38 -44.83 -84.90
C GLU V 67 1.44 -46.08 -84.01
N ILE V 68 2.54 -46.27 -83.27
CA ILE V 68 2.65 -47.44 -82.40
C ILE V 68 1.66 -47.34 -81.23
N LYS V 69 1.49 -46.13 -80.69
CA LYS V 69 0.77 -45.95 -79.42
C LYS V 69 -0.72 -46.23 -79.56
N HIS V 70 -1.34 -45.77 -80.66
CA HIS V 70 -2.74 -46.07 -80.89
C HIS V 70 -2.98 -47.56 -81.07
N GLY V 71 -2.07 -48.24 -81.78
CA GLY V 71 -2.28 -49.63 -82.09
C GLY V 71 -2.15 -50.53 -80.89
N ARG V 72 -1.25 -50.17 -79.96
CA ARG V 72 -1.10 -50.93 -78.72
C ARG V 72 -2.35 -50.86 -77.86
N ILE V 73 -3.04 -49.73 -77.91
CA ILE V 73 -4.38 -49.64 -77.34
C ILE V 73 -5.31 -50.59 -78.07
N SER V 74 -5.23 -50.61 -79.40
CA SER V 74 -6.18 -51.36 -80.21
C SER V 74 -5.94 -52.86 -80.16
N MET V 75 -4.69 -53.29 -79.98
CA MET V 75 -4.41 -54.73 -79.91
C MET V 75 -4.94 -55.33 -78.62
N LEU V 76 -4.73 -54.65 -77.49
CA LEU V 76 -5.37 -55.08 -76.25
C LEU V 76 -6.87 -54.86 -76.28
N ALA V 77 -7.35 -53.93 -77.12
CA ALA V 77 -8.78 -53.73 -77.26
C ALA V 77 -9.41 -54.89 -78.04
N VAL V 78 -8.84 -55.26 -79.19
CA VAL V 78 -9.51 -56.26 -80.00
CA VAL V 78 -9.44 -56.27 -80.05
C VAL V 78 -9.30 -57.66 -79.43
N VAL V 79 -8.15 -57.95 -78.81
CA VAL V 79 -7.98 -59.22 -78.12
C VAL V 79 -8.75 -59.18 -76.81
N GLY V 80 -8.98 -57.98 -76.26
CA GLY V 80 -10.02 -57.81 -75.28
C GLY V 80 -11.37 -58.10 -75.87
N TYR V 81 -11.86 -57.23 -76.77
CA TYR V 81 -13.28 -57.13 -77.13
C TYR V 81 -13.84 -58.43 -77.72
N LEU V 82 -13.03 -59.19 -78.46
CA LEU V 82 -13.51 -60.46 -78.98
C LEU V 82 -13.63 -61.49 -77.87
N VAL V 83 -12.64 -61.55 -76.98
CA VAL V 83 -12.77 -62.37 -75.77
C VAL V 83 -13.81 -61.75 -74.83
N GLN V 84 -13.94 -60.42 -74.85
CA GLN V 84 -14.93 -59.70 -74.05
C GLN V 84 -16.29 -59.62 -74.74
N GLU V 85 -16.47 -60.40 -75.80
CA GLU V 85 -17.77 -60.76 -76.37
C GLU V 85 -18.14 -62.22 -76.14
N ALA V 86 -17.14 -63.12 -76.05
CA ALA V 86 -17.39 -64.56 -76.02
C ALA V 86 -18.10 -65.05 -74.77
N GLY V 87 -18.08 -64.28 -73.69
CA GLY V 87 -18.83 -64.62 -72.51
C GLY V 87 -18.05 -65.17 -71.34
N VAL V 88 -16.74 -64.93 -71.29
CA VAL V 88 -15.92 -65.32 -70.15
C VAL V 88 -15.81 -64.12 -69.22
N ARG V 89 -16.23 -64.30 -67.97
CA ARG V 89 -16.37 -63.21 -67.02
C ARG V 89 -15.50 -63.44 -65.79
N LEU V 90 -15.23 -62.36 -65.06
CA LEU V 90 -14.63 -62.50 -63.74
C LEU V 90 -15.69 -62.95 -62.74
N PRO V 91 -15.31 -63.71 -61.72
CA PRO V 91 -16.26 -64.10 -60.68
C PRO V 91 -16.64 -62.91 -59.79
N GLY V 92 -17.67 -63.15 -58.98
CA GLY V 92 -18.00 -62.23 -57.91
C GLY V 92 -18.67 -60.96 -58.39
N THR V 93 -18.46 -59.90 -57.61
CA THR V 93 -19.15 -58.64 -57.78
C THR V 93 -18.17 -57.51 -58.05
N ILE V 94 -18.64 -56.47 -58.74
CA ILE V 94 -17.79 -55.32 -59.04
C ILE V 94 -17.53 -54.47 -57.81
N ASP V 95 -18.36 -54.60 -56.78
CA ASP V 95 -18.18 -53.80 -55.57
C ASP V 95 -18.63 -54.64 -54.38
N TYR V 96 -18.89 -53.97 -53.26
CA TYR V 96 -19.47 -54.64 -52.10
C TYR V 96 -20.99 -54.72 -52.16
N SER V 97 -21.64 -53.91 -52.99
CA SER V 97 -23.10 -53.82 -52.99
C SER V 97 -23.77 -54.88 -53.87
N GLY V 98 -23.03 -55.88 -54.33
CA GLY V 98 -23.63 -57.07 -54.93
C GLY V 98 -23.77 -57.07 -56.43
N LYS V 99 -23.42 -55.97 -57.11
CA LYS V 99 -23.51 -55.90 -58.57
C LYS V 99 -22.45 -56.80 -59.18
N THR V 100 -22.89 -57.90 -59.80
CA THR V 100 -21.92 -58.86 -60.30
C THR V 100 -21.35 -58.40 -61.65
N PHE V 101 -20.27 -59.07 -62.05
CA PHE V 101 -19.69 -58.82 -63.37
C PHE V 101 -20.48 -59.47 -64.48
N ALA V 102 -21.20 -60.56 -64.17
CA ALA V 102 -21.96 -61.27 -65.18
C ALA V 102 -23.18 -60.49 -65.64
N GLU V 103 -23.65 -59.54 -64.84
CA GLU V 103 -24.73 -58.66 -65.24
C GLU V 103 -24.29 -57.54 -66.17
N ILE V 104 -23.00 -57.35 -66.36
CA ILE V 104 -22.47 -56.26 -67.16
C ILE V 104 -22.25 -56.77 -68.59
N PRO V 105 -23.00 -56.26 -69.57
CA PRO V 105 -22.83 -56.72 -70.96
C PRO V 105 -21.60 -56.15 -71.64
N ASN V 106 -21.49 -56.38 -72.94
CA ASN V 106 -20.40 -55.90 -73.76
C ASN V 106 -20.77 -54.57 -74.43
N GLY V 107 -19.75 -53.79 -74.73
CA GLY V 107 -19.85 -52.66 -75.62
C GLY V 107 -19.77 -51.34 -74.89
N PHE V 108 -20.29 -50.30 -75.55
CA PHE V 108 -20.50 -49.03 -74.90
C PHE V 108 -21.59 -49.11 -73.83
N ALA V 109 -22.40 -50.17 -73.86
CA ALA V 109 -23.35 -50.43 -72.80
C ALA V 109 -22.68 -50.84 -71.50
N ALA V 110 -21.43 -51.32 -71.56
CA ALA V 110 -20.71 -51.68 -70.34
C ALA V 110 -20.35 -50.47 -69.50
N PHE V 111 -20.17 -49.31 -70.14
CA PHE V 111 -19.89 -48.09 -69.40
C PHE V 111 -21.14 -47.49 -68.76
N LYS V 112 -22.33 -47.90 -69.21
CA LYS V 112 -23.56 -47.46 -68.58
C LYS V 112 -23.76 -48.13 -67.22
N GLU V 113 -23.20 -49.33 -67.04
CA GLU V 113 -23.28 -50.03 -65.76
C GLU V 113 -21.97 -49.95 -64.97
N ILE V 114 -21.08 -49.03 -65.35
CA ILE V 114 -20.02 -48.56 -64.47
C ILE V 114 -20.53 -47.31 -63.76
N PRO V 115 -20.58 -47.31 -62.42
CA PRO V 115 -20.83 -46.04 -61.72
C PRO V 115 -19.69 -45.07 -61.92
N ALA V 116 -20.03 -43.77 -61.86
CA ALA V 116 -19.13 -42.72 -62.34
C ALA V 116 -17.88 -42.54 -61.49
N GLY V 117 -17.87 -43.06 -60.26
CA GLY V 117 -16.63 -43.09 -59.50
C GLY V 117 -15.61 -44.04 -60.10
N GLY V 118 -16.07 -45.12 -60.72
CA GLY V 118 -15.17 -46.02 -61.38
C GLY V 118 -14.57 -45.46 -62.65
N LEU V 119 -15.37 -44.67 -63.40
CA LEU V 119 -14.93 -44.12 -64.69
C LEU V 119 -13.73 -43.18 -64.54
N VAL V 120 -13.61 -42.51 -63.40
CA VAL V 120 -12.48 -41.62 -63.16
C VAL V 120 -11.23 -42.43 -62.83
N GLN V 121 -11.36 -43.41 -61.93
CA GLN V 121 -10.20 -44.18 -61.49
C GLN V 121 -9.69 -45.11 -62.58
N LEU V 122 -10.58 -45.57 -63.46
CA LEU V 122 -10.15 -46.30 -64.63
C LEU V 122 -9.28 -45.43 -65.54
N LEU V 123 -9.59 -44.15 -65.62
CA LEU V 123 -8.71 -43.25 -66.36
C LEU V 123 -7.45 -42.94 -65.58
N PHE V 124 -7.57 -42.77 -64.25
CA PHE V 124 -6.56 -42.04 -63.48
C PHE V 124 -5.27 -42.83 -63.32
N PHE V 125 -5.33 -44.05 -62.78
CA PHE V 125 -4.08 -44.80 -62.62
C PHE V 125 -3.60 -45.34 -63.98
N ILE V 126 -4.43 -45.33 -65.03
CA ILE V 126 -3.88 -45.38 -66.40
C ILE V 126 -3.24 -44.04 -66.77
N GLY V 127 -3.85 -42.92 -66.35
CA GLY V 127 -3.26 -41.63 -66.62
C GLY V 127 -1.98 -41.37 -65.85
N VAL V 128 -1.79 -42.06 -64.72
CA VAL V 128 -0.50 -42.00 -64.02
C VAL V 128 0.55 -42.77 -64.82
N LEU V 129 0.15 -43.81 -65.56
CA LEU V 129 1.08 -44.56 -66.38
C LEU V 129 1.58 -43.76 -67.57
N GLU V 130 0.77 -42.84 -68.08
CA GLU V 130 1.19 -42.03 -69.23
C GLU V 130 2.33 -41.11 -68.88
N SER V 131 2.31 -40.56 -67.67
CA SER V 131 3.32 -39.61 -67.24
C SER V 131 4.49 -40.26 -66.51
N SER V 132 4.39 -41.54 -66.14
CA SER V 132 5.41 -42.15 -65.28
C SER V 132 6.02 -43.44 -65.81
N VAL V 133 5.33 -44.22 -66.64
CA VAL V 133 5.98 -45.30 -67.35
C VAL V 133 5.89 -45.17 -68.86
N MET V 134 4.91 -44.45 -69.40
CA MET V 134 4.80 -44.33 -70.85
C MET V 134 5.61 -43.13 -71.37
N ARG V 135 6.91 -43.15 -71.06
CA ARG V 135 7.90 -42.22 -71.58
C ARG V 135 9.26 -42.87 -71.41
N ASP V 136 10.27 -42.30 -72.09
CA ASP V 136 11.65 -42.78 -71.97
C ASP V 136 12.15 -42.43 -70.58
N LEU V 137 12.19 -43.44 -69.71
CA LEU V 137 12.57 -43.21 -68.32
C LEU V 137 14.09 -43.21 -68.15
N THR V 138 14.75 -44.29 -68.57
CA THR V 138 16.16 -44.50 -68.28
C THR V 138 17.09 -43.88 -69.29
N GLY V 139 16.61 -43.60 -70.50
CA GLY V 139 17.44 -42.97 -71.51
C GLY V 139 18.28 -43.91 -72.33
N GLU V 140 18.03 -45.21 -72.27
CA GLU V 140 18.77 -46.19 -73.06
C GLU V 140 17.91 -46.80 -74.17
N ALA V 141 16.87 -46.09 -74.59
CA ALA V 141 15.94 -46.61 -75.57
C ALA V 141 16.58 -46.64 -76.96
N GLU V 142 16.64 -47.84 -77.55
CA GLU V 142 17.04 -47.94 -78.96
C GLU V 142 15.96 -47.37 -79.88
N PHE V 143 14.71 -47.29 -79.40
CA PHE V 143 13.61 -46.87 -80.27
C PHE V 143 12.53 -46.18 -79.44
N VAL V 144 11.33 -46.05 -80.02
CA VAL V 144 10.18 -45.44 -79.38
C VAL V 144 9.10 -46.50 -79.17
N GLY V 145 8.59 -46.58 -77.93
CA GLY V 145 7.97 -47.79 -77.43
C GLY V 145 8.94 -48.72 -76.75
N ASP V 146 10.17 -48.25 -76.56
CA ASP V 146 11.32 -48.97 -76.04
C ASP V 146 11.49 -48.56 -74.59
N PHE V 147 10.75 -49.19 -73.70
CA PHE V 147 10.80 -48.75 -72.32
C PHE V 147 11.38 -49.79 -71.39
N ARG V 148 11.04 -51.07 -71.57
CA ARG V 148 11.41 -52.05 -70.57
C ARG V 148 12.86 -52.51 -70.74
N ASN V 149 13.21 -53.07 -71.90
CA ASN V 149 14.49 -53.74 -72.18
C ASN V 149 14.73 -54.95 -71.28
N GLY V 150 14.03 -56.06 -71.53
CA GLY V 150 14.36 -57.37 -70.97
C GLY V 150 13.30 -58.43 -70.63
N ALA V 151 12.03 -58.14 -70.86
CA ALA V 151 10.87 -58.90 -70.39
C ALA V 151 9.92 -59.41 -71.48
N ILE V 152 10.13 -59.04 -72.74
CA ILE V 152 9.58 -59.63 -73.95
C ILE V 152 10.75 -60.26 -74.71
N ASP V 153 11.87 -60.38 -73.99
CA ASP V 153 13.05 -61.16 -74.31
C ASP V 153 12.68 -62.62 -74.11
N PHE V 154 11.95 -63.15 -75.09
CA PHE V 154 11.26 -64.42 -74.99
C PHE V 154 12.11 -65.50 -75.64
N GLY V 155 13.24 -65.82 -74.99
CA GLY V 155 14.28 -66.58 -75.66
C GLY V 155 14.84 -65.82 -76.84
N TRP V 156 14.89 -64.49 -76.74
CA TRP V 156 14.94 -63.59 -77.87
C TRP V 156 16.34 -63.11 -78.20
N ASP V 157 17.24 -63.16 -77.22
CA ASP V 157 18.61 -62.66 -77.37
C ASP V 157 19.40 -63.43 -78.41
N THR V 158 19.05 -64.71 -78.58
CA THR V 158 19.69 -65.59 -79.56
C THR V 158 19.43 -65.15 -80.99
N PHE V 159 18.21 -64.69 -81.24
CA PHE V 159 17.79 -64.28 -82.57
C PHE V 159 18.59 -63.10 -83.11
N ASP V 160 18.91 -63.16 -84.41
CA ASP V 160 19.68 -62.14 -85.09
C ASP V 160 18.93 -60.82 -85.27
N GLU V 161 19.70 -59.72 -85.21
CA GLU V 161 19.18 -58.37 -85.40
C GLU V 161 18.09 -58.31 -86.46
N GLU V 162 18.10 -59.25 -87.41
CA GLU V 162 17.04 -59.26 -88.43
C GLU V 162 15.70 -59.68 -87.84
N THR V 163 15.73 -60.56 -86.83
CA THR V 163 14.52 -60.99 -86.14
C THR V 163 13.87 -59.83 -85.37
N GLN V 164 14.66 -58.83 -84.96
CA GLN V 164 14.11 -57.60 -84.42
C GLN V 164 13.24 -56.90 -85.44
N PHE V 165 13.80 -56.61 -86.63
CA PHE V 165 13.07 -55.92 -87.70
C PHE V 165 11.84 -56.69 -88.15
N LYS V 166 11.86 -58.02 -88.02
CA LYS V 166 10.69 -58.82 -88.33
C LYS V 166 9.58 -58.58 -87.31
N LYS V 167 9.82 -58.93 -86.04
CA LYS V 167 8.78 -58.82 -85.01
C LYS V 167 8.64 -57.42 -84.44
N ARG V 168 9.30 -56.43 -85.02
CA ARG V 168 8.90 -55.06 -84.77
C ARG V 168 8.13 -54.48 -85.94
N ALA V 169 8.24 -55.09 -87.13
CA ALA V 169 7.19 -54.94 -88.12
C ALA V 169 5.95 -55.72 -87.69
N ILE V 170 6.15 -56.85 -87.01
CA ILE V 170 4.98 -57.62 -86.65
C ILE V 170 4.27 -57.01 -85.43
N GLU V 171 4.99 -56.41 -84.47
CA GLU V 171 4.37 -55.42 -83.56
C GLU V 171 3.59 -54.34 -84.30
N LEU V 172 4.27 -53.61 -85.20
CA LEU V 172 3.71 -52.41 -85.79
C LEU V 172 2.52 -52.70 -86.68
N ASN V 173 2.53 -53.83 -87.38
CA ASN V 173 1.45 -54.15 -88.32
C ASN V 173 0.31 -54.92 -87.68
N GLN V 174 0.51 -55.57 -86.53
CA GLN V 174 -0.64 -55.99 -85.73
C GLN V 174 -1.39 -54.76 -85.23
N GLY V 175 -0.66 -53.73 -84.78
CA GLY V 175 -1.30 -52.55 -84.24
C GLY V 175 -2.00 -51.71 -85.29
N ARG V 176 -1.47 -51.70 -86.52
CA ARG V 176 -2.16 -51.05 -87.63
C ARG V 176 -3.48 -51.74 -87.94
N ALA V 177 -3.47 -53.07 -87.95
CA ALA V 177 -4.62 -53.85 -88.36
C ALA V 177 -5.61 -54.10 -87.23
N ALA V 178 -5.22 -53.85 -85.97
CA ALA V 178 -6.15 -53.95 -84.86
C ALA V 178 -6.96 -52.69 -84.64
N GLN V 179 -6.52 -51.56 -85.19
CA GLN V 179 -7.35 -50.35 -85.18
C GLN V 179 -8.55 -50.53 -86.08
N MET V 180 -8.31 -50.99 -87.31
CA MET V 180 -9.39 -51.32 -88.22
C MET V 180 -10.23 -52.47 -87.69
N GLY V 181 -9.67 -53.30 -86.82
CA GLY V 181 -10.49 -54.18 -86.00
C GLY V 181 -11.34 -53.42 -85.00
N ILE V 182 -10.72 -52.52 -84.22
CA ILE V 182 -11.48 -51.89 -83.14
C ILE V 182 -12.36 -50.74 -83.65
N LEU V 183 -11.94 -50.02 -84.70
CA LEU V 183 -12.82 -48.99 -85.28
C LEU V 183 -14.05 -49.62 -85.90
N ALA V 184 -13.89 -50.81 -86.48
CA ALA V 184 -15.03 -51.62 -86.85
C ALA V 184 -15.91 -51.90 -85.63
N LEU V 185 -15.35 -52.59 -84.64
CA LEU V 185 -16.13 -53.11 -83.53
C LEU V 185 -16.65 -52.04 -82.56
N MET V 186 -16.30 -50.78 -82.78
CA MET V 186 -16.98 -49.66 -82.13
C MET V 186 -18.09 -49.08 -82.99
N VAL V 187 -17.88 -49.02 -84.31
CA VAL V 187 -18.89 -48.41 -85.18
C VAL V 187 -20.01 -49.41 -85.49
N HIS V 188 -19.67 -50.70 -85.68
CA HIS V 188 -20.70 -51.70 -85.96
C HIS V 188 -21.67 -51.91 -84.82
N GLU V 189 -21.27 -51.62 -83.58
CA GLU V 189 -22.21 -51.66 -82.47
C GLU V 189 -23.24 -50.55 -82.58
N GLN V 190 -22.79 -49.34 -82.93
CA GLN V 190 -23.71 -48.21 -83.08
C GLN V 190 -24.50 -48.27 -84.38
N LEU V 191 -24.02 -49.01 -85.38
CA LEU V 191 -24.81 -49.18 -86.61
C LEU V 191 -25.80 -50.33 -86.49
N GLY V 192 -25.53 -51.30 -85.64
CA GLY V 192 -26.41 -52.44 -85.48
C GLY V 192 -26.15 -53.55 -86.47
N LYS W 2 15.83 38.24 -11.21
CA LYS W 2 14.73 37.31 -10.83
C LYS W 2 15.34 36.14 -10.05
N ASN W 3 14.66 35.70 -8.97
CA ASN W 3 15.18 34.56 -8.17
C ASN W 3 14.47 33.27 -8.58
N VAL W 4 13.24 33.35 -9.08
CA VAL W 4 12.55 32.13 -9.49
C VAL W 4 12.69 31.93 -11.00
N GLN W 5 13.54 30.97 -11.37
CA GLN W 5 13.79 30.68 -12.78
C GLN W 5 13.69 29.19 -13.01
N ILE W 6 13.84 28.79 -14.28
CA ILE W 6 13.81 27.39 -14.70
C ILE W 6 15.22 26.99 -15.07
N PHE W 7 15.72 25.94 -14.42
CA PHE W 7 17.05 25.40 -14.70
C PHE W 7 16.92 23.91 -14.96
N VAL W 8 17.29 23.48 -16.17
CA VAL W 8 17.08 22.13 -16.62
C VAL W 8 18.36 21.65 -17.30
N GLU W 9 18.74 20.40 -17.04
CA GLU W 9 19.91 19.80 -17.67
C GLU W 9 19.42 18.90 -18.80
N LYS W 10 19.99 19.07 -19.99
CA LYS W 10 19.59 18.30 -21.16
C LYS W 10 20.40 17.01 -21.25
N ASP W 11 19.71 15.92 -21.59
CA ASP W 11 20.27 14.60 -21.88
C ASP W 11 21.10 14.07 -20.71
N ALA W 12 20.45 14.00 -19.55
CA ALA W 12 21.19 13.70 -18.33
C ALA W 12 21.54 12.22 -18.23
N VAL W 13 20.59 11.35 -18.51
CA VAL W 13 20.77 9.91 -18.35
C VAL W 13 20.41 9.22 -19.65
N GLU W 14 21.31 8.39 -20.16
CA GLU W 14 21.06 7.61 -21.36
C GLU W 14 20.05 6.52 -21.08
N THR W 15 19.13 6.29 -22.02
CA THR W 15 18.12 5.26 -21.84
C THR W 15 18.49 3.98 -22.58
N SER W 16 18.96 2.99 -21.83
CA SER W 16 19.38 1.71 -22.40
C SER W 16 18.88 0.58 -21.52
N PHE W 17 18.88 -0.64 -22.07
CA PHE W 17 18.40 -1.81 -21.30
C PHE W 17 19.57 -2.47 -20.55
N GLU W 18 20.74 -1.85 -20.58
CA GLU W 18 21.91 -2.41 -19.90
C GLU W 18 21.77 -2.66 -18.40
N LYS W 19 21.29 -1.65 -17.69
CA LYS W 19 21.12 -1.75 -16.24
C LYS W 19 19.97 -2.65 -15.83
N TRP W 20 19.01 -2.87 -16.73
CA TRP W 20 17.88 -3.75 -16.43
C TRP W 20 18.36 -5.18 -16.22
N SER W 21 19.43 -5.54 -16.90
CA SER W 21 20.01 -6.85 -16.87
C SER W 21 21.03 -7.01 -15.75
N GLN W 22 21.20 -6.00 -14.93
CA GLN W 22 22.15 -6.06 -13.81
C GLN W 22 21.44 -5.63 -12.54
N PRO W 23 20.77 -6.57 -11.86
CA PRO W 23 20.03 -6.22 -10.65
C PRO W 23 20.96 -5.82 -9.51
N GLY W 24 20.60 -4.76 -8.82
CA GLY W 24 21.45 -4.21 -7.80
C GLY W 24 22.44 -3.19 -8.28
N HIS W 25 22.23 -2.63 -9.47
CA HIS W 25 23.13 -1.62 -10.02
C HIS W 25 23.13 -0.34 -9.20
N PHE W 26 22.02 -0.06 -8.52
CA PHE W 26 21.87 1.19 -7.79
C PHE W 26 22.73 1.41 -6.56
N SER W 27 23.22 0.34 -5.95
CA SER W 27 24.01 0.49 -4.74
C SER W 27 25.39 -0.10 -4.94
N ARG W 28 26.32 0.33 -4.09
CA ARG W 28 27.70 -0.10 -4.17
C ARG W 28 27.95 -1.52 -3.68
N THR W 29 27.22 -1.94 -2.66
CA THR W 29 27.46 -3.28 -2.11
C THR W 29 26.71 -4.36 -2.88
N LEU W 30 25.49 -4.09 -3.34
CA LEU W 30 24.73 -5.12 -4.02
C LEU W 30 25.18 -5.33 -5.45
N ALA W 31 25.94 -4.40 -6.04
CA ALA W 31 26.31 -4.52 -7.44
C ALA W 31 27.36 -5.59 -7.71
N LYS W 32 27.94 -6.15 -6.65
CA LYS W 32 28.93 -7.21 -6.79
C LYS W 32 28.27 -8.53 -7.16
N GLY W 33 26.99 -8.67 -6.83
CA GLY W 33 26.26 -9.90 -7.12
C GLY W 33 25.97 -10.66 -5.85
N PRO W 34 25.06 -11.64 -5.93
CA PRO W 34 24.66 -12.45 -4.78
C PRO W 34 25.66 -13.54 -4.38
N LYS W 35 25.78 -13.74 -3.07
CA LYS W 35 26.67 -14.76 -2.51
C LYS W 35 25.79 -15.64 -1.63
N THR W 36 24.81 -15.00 -1.00
CA THR W 36 23.83 -15.65 -0.16
C THR W 36 22.45 -15.18 -0.56
N THR W 37 21.41 -15.80 0.00
CA THR W 37 20.06 -15.42 -0.34
C THR W 37 19.61 -14.14 0.32
N THR W 38 20.42 -13.59 1.21
CA THR W 38 20.12 -12.34 1.88
C THR W 38 20.18 -11.21 0.84
N TRP W 39 21.02 -11.41 -0.16
CA TRP W 39 21.20 -10.45 -1.24
C TRP W 39 19.88 -10.19 -1.96
N ILE W 40 19.09 -11.23 -2.17
CA ILE W 40 17.80 -11.09 -2.84
C ILE W 40 16.87 -10.22 -2.02
N TRP W 41 16.92 -10.38 -0.70
CA TRP W 41 16.08 -9.57 0.16
C TRP W 41 16.54 -8.11 0.22
N ASN W 42 17.84 -7.89 0.22
CA ASN W 42 18.39 -6.55 0.27
C ASN W 42 18.06 -5.77 -1.00
N LEU W 43 17.96 -6.49 -2.11
CA LEU W 43 17.65 -5.89 -3.40
C LEU W 43 16.36 -5.10 -3.35
N HIS W 44 15.36 -5.66 -2.70
CA HIS W 44 14.06 -5.00 -2.62
C HIS W 44 13.94 -3.97 -1.51
N ALA W 45 14.55 -4.22 -0.36
CA ALA W 45 14.47 -3.28 0.75
C ALA W 45 15.18 -1.97 0.47
N ASP W 46 16.11 -1.95 -0.48
CA ASP W 46 16.93 -0.78 -0.73
C ASP W 46 16.63 -0.11 -2.06
N ALA W 47 15.67 -0.61 -2.82
CA ALA W 47 15.44 -0.14 -4.19
C ALA W 47 14.94 1.29 -4.23
N HIS W 48 14.09 1.66 -3.28
CA HIS W 48 13.55 3.01 -3.27
C HIS W 48 14.28 3.95 -2.31
N ASP W 49 15.24 3.42 -1.57
CA ASP W 49 16.04 4.25 -0.68
C ASP W 49 17.03 5.03 -1.53
N PHE W 50 16.54 6.14 -2.09
CA PHE W 50 17.34 6.91 -3.03
C PHE W 50 18.44 7.67 -2.34
N ASP W 51 18.23 7.99 -1.07
CA ASP W 51 19.20 8.72 -0.28
C ASP W 51 20.49 7.95 -0.04
N SER W 52 20.38 6.62 0.00
CA SER W 52 21.55 5.79 0.24
C SER W 52 22.19 5.28 -1.04
N GLN W 53 21.69 5.72 -2.19
CA GLN W 53 22.26 5.32 -3.48
C GLN W 53 23.27 6.33 -4.00
N THR W 54 22.98 7.60 -3.78
CA THR W 54 23.85 8.69 -4.19
C THR W 54 24.05 9.65 -3.02
N ASN W 55 25.06 10.50 -3.14
CA ASN W 55 25.29 11.56 -2.17
C ASN W 55 24.81 12.92 -2.62
N SER W 56 24.45 13.07 -3.89
CA SER W 56 24.02 14.36 -4.42
C SER W 56 22.54 14.57 -4.14
N LEU W 57 22.20 15.74 -3.56
CA LEU W 57 20.80 16.07 -3.33
C LEU W 57 20.06 16.30 -4.63
N GLU W 58 20.77 16.78 -5.65
CA GLU W 58 20.15 17.00 -6.95
C GLU W 58 19.76 15.69 -7.61
N GLU W 59 20.58 14.66 -7.45
CA GLU W 59 20.26 13.38 -8.06
C GLU W 59 19.17 12.64 -7.31
N VAL W 60 19.08 12.84 -5.99
CA VAL W 60 17.96 12.28 -5.24
C VAL W 60 16.66 12.94 -5.66
N SER W 61 16.68 14.26 -5.86
CA SER W 61 15.48 15.00 -6.19
C SER W 61 14.96 14.67 -7.57
N ARG W 62 15.84 14.32 -8.49
CA ARG W 62 15.42 13.98 -9.84
C ARG W 62 14.74 12.62 -9.85
N LYS W 63 15.21 11.73 -9.01
CA LYS W 63 14.65 10.38 -8.91
C LYS W 63 13.25 10.43 -8.31
N ILE W 64 13.06 11.30 -7.32
CA ILE W 64 11.77 11.43 -6.65
C ILE W 64 10.74 12.03 -7.58
N PHE W 65 11.12 13.09 -8.27
CA PHE W 65 10.22 13.78 -9.19
C PHE W 65 9.68 12.86 -10.28
N SER W 66 10.56 12.10 -10.92
CA SER W 66 10.13 11.19 -11.97
C SER W 66 9.35 10.02 -11.44
N ALA W 67 9.60 9.63 -10.20
CA ALA W 67 8.83 8.55 -9.61
C ALA W 67 7.42 8.95 -9.26
N HIS W 68 7.19 10.25 -9.11
CA HIS W 68 5.85 10.73 -8.81
C HIS W 68 4.98 10.59 -10.05
N PHE W 69 5.61 10.76 -11.22
CA PHE W 69 4.90 10.61 -12.48
C PHE W 69 4.50 9.15 -12.66
N GLY W 70 5.37 8.23 -12.22
CA GLY W 70 5.05 6.82 -12.32
C GLY W 70 3.96 6.41 -11.36
N GLN W 71 3.89 7.06 -10.21
CA GLN W 71 2.85 6.74 -9.25
C GLN W 71 1.51 7.25 -9.74
N LEU W 72 1.51 8.43 -10.37
CA LEU W 72 0.27 8.99 -10.87
C LEU W 72 -0.24 8.21 -12.06
N ALA W 73 0.67 7.75 -12.93
CA ALA W 73 0.29 6.95 -14.09
C ALA W 73 -0.37 5.64 -13.70
N ALA W 74 0.03 5.05 -12.57
CA ALA W 74 -0.67 3.88 -12.07
C ALA W 74 -2.03 4.24 -11.50
N ILE W 75 -2.20 5.47 -11.03
CA ILE W 75 -3.51 5.87 -10.53
C ILE W 75 -4.47 6.16 -11.67
N PHE W 76 -3.97 6.74 -12.76
CA PHE W 76 -4.82 7.00 -13.92
C PHE W 76 -5.29 5.68 -14.52
N LEU W 77 -4.37 4.71 -14.60
CA LEU W 77 -4.70 3.38 -15.11
C LEU W 77 -5.76 2.71 -14.24
N TRP W 78 -5.68 2.97 -12.94
CA TRP W 78 -6.62 2.41 -11.98
C TRP W 78 -8.00 3.04 -12.18
N ILE W 79 -8.02 4.36 -12.34
CA ILE W 79 -9.27 5.08 -12.55
C ILE W 79 -9.88 4.70 -13.89
N SER W 80 -9.04 4.60 -14.93
CA SER W 80 -9.52 4.23 -16.26
C SER W 80 -10.08 2.82 -16.29
N GLY W 81 -9.56 1.93 -15.46
CA GLY W 81 -10.13 0.60 -15.37
C GLY W 81 -11.54 0.61 -14.82
N MET W 82 -11.70 1.28 -13.68
CA MET W 82 -12.98 1.37 -13.01
C MET W 82 -14.09 1.87 -13.92
N HIS W 83 -13.81 2.93 -14.66
CA HIS W 83 -14.81 3.47 -15.57
C HIS W 83 -15.09 2.48 -16.69
N PHE W 84 -14.09 1.70 -17.06
CA PHE W 84 -14.27 0.70 -18.09
C PHE W 84 -15.15 -0.43 -17.56
N HIS W 85 -14.97 -0.80 -16.30
CA HIS W 85 -15.80 -1.86 -15.75
C HIS W 85 -17.24 -1.40 -15.58
N GLY W 86 -17.41 -0.11 -15.30
CA GLY W 86 -18.75 0.43 -15.12
C GLY W 86 -19.50 0.53 -16.43
N ALA W 87 -18.78 0.50 -17.54
CA ALA W 87 -19.38 0.63 -18.86
C ALA W 87 -19.63 -0.70 -19.56
N TYR W 88 -18.89 -1.74 -19.19
CA TYR W 88 -19.05 -3.03 -19.86
C TYR W 88 -19.41 -4.20 -18.97
N PHE W 89 -19.22 -4.08 -17.66
CA PHE W 89 -19.53 -5.19 -16.76
C PHE W 89 -20.31 -4.70 -15.57
N SER W 90 -21.37 -3.93 -15.82
CA SER W 90 -22.15 -3.38 -14.72
C SER W 90 -23.61 -3.33 -15.10
N ASN W 91 -24.44 -2.94 -14.12
CA ASN W 91 -25.85 -2.72 -14.35
C ASN W 91 -26.22 -1.26 -14.13
N TYR W 92 -25.35 -0.35 -14.56
CA TYR W 92 -25.58 1.07 -14.33
C TYR W 92 -26.90 1.62 -14.83
N SER W 93 -27.31 1.22 -16.03
CA SER W 93 -28.56 1.72 -16.60
C SER W 93 -29.76 1.27 -15.80
N ALA W 94 -29.80 -0.02 -15.44
CA ALA W 94 -30.91 -0.55 -14.67
C ALA W 94 -30.94 0.04 -13.28
N TRP W 95 -29.77 0.45 -12.79
CA TRP W 95 -29.69 1.06 -11.48
C TRP W 95 -30.20 2.49 -11.50
N LEU W 96 -29.94 3.19 -12.60
CA LEU W 96 -30.35 4.58 -12.76
C LEU W 96 -31.86 4.74 -12.83
N SER W 97 -32.53 3.71 -13.33
CA SER W 97 -33.98 3.76 -13.45
C SER W 97 -34.68 3.47 -12.14
N ASP W 98 -34.06 2.66 -11.28
CA ASP W 98 -34.65 2.32 -9.99
C ASP W 98 -33.56 2.05 -8.96
N PRO W 99 -32.94 3.12 -8.45
CA PRO W 99 -31.85 2.99 -7.47
C PRO W 99 -32.30 2.75 -6.03
N ILE W 100 -33.32 1.92 -5.82
CA ILE W 100 -33.74 1.58 -4.46
C ILE W 100 -33.83 0.06 -4.42
N LYS W 101 -34.14 -0.55 -5.56
CA LYS W 101 -34.27 -2.00 -5.63
C LYS W 101 -33.10 -2.73 -6.28
N ILE W 102 -32.44 -2.08 -7.23
CA ILE W 102 -31.33 -2.70 -7.94
C ILE W 102 -30.07 -2.55 -7.10
N LYS W 103 -29.42 -3.66 -6.80
CA LYS W 103 -28.13 -3.62 -6.13
C LYS W 103 -27.05 -3.34 -7.16
N GLN W 104 -25.94 -2.79 -6.67
CA GLN W 104 -24.82 -2.36 -7.50
C GLN W 104 -23.80 -3.45 -7.78
N SER W 105 -23.21 -3.42 -8.96
CA SER W 105 -22.23 -4.45 -9.29
C SER W 105 -21.44 -4.03 -10.51
N SER W 106 -20.10 -4.14 -10.46
CA SER W 106 -19.26 -3.81 -11.59
C SER W 106 -18.23 -4.88 -11.90
N GLN W 107 -18.44 -6.10 -11.40
CA GLN W 107 -17.49 -7.17 -11.62
C GLN W 107 -18.20 -8.49 -11.94
N VAL W 108 -17.72 -9.19 -12.97
CA VAL W 108 -18.30 -10.45 -13.39
C VAL W 108 -17.19 -11.49 -13.41
N VAL W 109 -17.45 -12.66 -12.84
CA VAL W 109 -16.44 -13.71 -12.81
C VAL W 109 -16.72 -14.76 -13.87
N TRP W 110 -15.64 -15.37 -14.36
CA TRP W 110 -15.72 -16.42 -15.37
C TRP W 110 -16.08 -17.74 -14.69
N PRO W 111 -16.85 -18.59 -15.38
CA PRO W 111 -17.25 -19.89 -14.82
C PRO W 111 -16.25 -20.98 -15.18
N ILE W 112 -15.40 -21.38 -14.25
CA ILE W 112 -14.39 -22.39 -14.57
C ILE W 112 -14.17 -23.54 -13.58
N VAL W 113 -14.49 -23.35 -12.31
CA VAL W 113 -14.21 -24.41 -11.34
C VAL W 113 -15.39 -24.35 -10.36
N GLY W 114 -16.55 -23.99 -10.88
CA GLY W 114 -17.72 -23.89 -10.05
C GLY W 114 -17.86 -22.57 -9.35
N GLN W 115 -17.01 -21.61 -9.72
CA GLN W 115 -16.97 -20.28 -9.09
C GLN W 115 -17.97 -19.25 -9.60
N GLU W 116 -18.82 -19.65 -10.54
CA GLU W 116 -19.83 -18.74 -11.09
C GLU W 116 -20.82 -18.33 -10.01
N ILE W 117 -20.94 -19.15 -8.96
CA ILE W 117 -21.84 -18.84 -7.87
C ILE W 117 -21.58 -17.45 -7.30
N LEU W 118 -20.40 -16.89 -7.53
CA LEU W 118 -20.10 -15.55 -7.05
C LEU W 118 -20.80 -14.47 -7.84
N ASN W 119 -21.33 -14.78 -9.02
CA ASN W 119 -22.20 -13.84 -9.73
C ASN W 119 -23.56 -13.86 -9.04
N ALA W 120 -23.81 -12.85 -8.22
CA ALA W 120 -25.04 -12.79 -7.46
C ALA W 120 -26.22 -12.42 -8.34
N ASP W 121 -27.42 -12.75 -7.88
CA ASP W 121 -28.63 -12.31 -8.56
C ASP W 121 -28.93 -10.91 -8.07
N VAL W 122 -28.35 -9.93 -8.76
CA VAL W 122 -28.44 -8.54 -8.32
C VAL W 122 -29.64 -7.75 -8.82
N GLY W 123 -30.08 -8.02 -10.03
CA GLY W 123 -31.22 -7.30 -10.54
C GLY W 123 -30.91 -6.65 -11.89
N GLY W 124 -31.98 -6.36 -12.63
CA GLY W 124 -31.81 -5.78 -13.94
C GLY W 124 -31.28 -6.72 -14.99
N ASN W 125 -31.63 -8.00 -14.89
CA ASN W 125 -31.16 -8.99 -15.84
C ASN W 125 -29.65 -8.94 -15.85
N PHE W 126 -29.05 -9.03 -14.68
CA PHE W 126 -27.61 -8.97 -14.56
C PHE W 126 -27.11 -9.80 -13.39
N GLN W 127 -25.95 -10.42 -13.57
CA GLN W 127 -25.35 -11.24 -12.54
C GLN W 127 -23.90 -10.81 -12.34
N GLY W 128 -23.53 -10.52 -11.11
CA GLY W 128 -22.17 -10.10 -10.84
C GLY W 128 -21.89 -9.99 -9.36
N VAL W 129 -20.66 -9.61 -9.07
CA VAL W 129 -20.20 -9.43 -7.70
C VAL W 129 -20.61 -8.05 -7.22
N GLN W 130 -21.22 -7.97 -6.04
CA GLN W 130 -21.63 -6.69 -5.48
C GLN W 130 -20.41 -5.89 -5.06
N THR W 131 -20.27 -4.69 -5.61
CA THR W 131 -19.14 -3.83 -5.30
C THR W 131 -19.61 -2.70 -4.40
N THR W 132 -18.75 -2.28 -3.48
CA THR W 132 -19.13 -1.36 -2.42
C THR W 132 -18.26 -0.10 -2.40
N SER W 133 -17.78 0.31 -3.57
CA SER W 133 -16.91 1.46 -3.66
C SER W 133 -17.65 2.78 -3.90
N GLY W 134 -18.94 2.70 -4.21
CA GLY W 134 -19.70 3.89 -4.47
C GLY W 134 -19.43 4.57 -5.79
N TRP W 135 -19.08 3.79 -6.81
CA TRP W 135 -18.81 4.35 -8.13
C TRP W 135 -20.10 4.85 -8.74
N PHE W 136 -21.15 4.05 -8.58
CA PHE W 136 -22.47 4.35 -9.12
C PHE W 136 -23.05 5.66 -8.60
N GLN W 137 -23.02 5.83 -7.29
CA GLN W 137 -23.55 7.04 -6.65
C GLN W 137 -22.77 8.26 -7.08
N MET W 138 -21.46 8.10 -7.27
CA MET W 138 -20.61 9.20 -7.68
C MET W 138 -20.88 9.58 -9.13
N TRP W 139 -21.29 8.60 -9.93
CA TRP W 139 -21.59 8.84 -11.34
C TRP W 139 -22.93 9.56 -11.49
N ARG W 140 -23.89 9.21 -10.65
CA ARG W 140 -25.19 9.85 -10.69
C ARG W 140 -25.08 11.33 -10.33
N ALA W 141 -24.22 11.62 -9.34
CA ALA W 141 -24.03 12.99 -8.90
C ALA W 141 -23.33 13.87 -9.93
N GLU W 142 -22.65 13.23 -10.87
CA GLU W 142 -21.97 13.93 -11.95
C GLU W 142 -22.95 14.12 -13.10
N GLY W 143 -24.01 13.34 -13.08
CA GLY W 143 -25.04 13.39 -14.10
C GLY W 143 -24.63 12.51 -15.27
N ILE W 144 -24.20 11.30 -14.94
CA ILE W 144 -23.78 10.38 -15.98
C ILE W 144 -24.93 9.88 -16.85
N THR W 145 -25.76 8.97 -16.35
CA THR W 145 -26.94 8.49 -17.12
C THR W 145 -26.75 7.61 -18.37
N SER W 146 -25.52 7.37 -18.80
CA SER W 146 -25.28 6.56 -20.00
C SER W 146 -23.90 5.92 -19.96
N GLU W 147 -23.79 4.71 -20.52
CA GLU W 147 -22.53 3.98 -20.52
C GLU W 147 -21.54 4.59 -21.52
N VAL W 148 -22.06 5.28 -22.54
CA VAL W 148 -21.18 5.90 -23.51
C VAL W 148 -20.24 6.88 -22.83
N GLU W 149 -20.80 7.68 -21.94
CA GLU W 149 -20.04 8.68 -21.19
C GLU W 149 -18.95 8.06 -20.32
N LEU W 150 -19.19 6.86 -19.80
CA LEU W 150 -18.19 6.19 -18.99
C LEU W 150 -17.04 5.67 -19.83
N TYR W 151 -17.32 5.42 -21.10
CA TYR W 151 -16.33 4.92 -22.02
C TYR W 151 -15.30 5.98 -22.38
N TRP W 152 -15.76 7.22 -22.47
CA TRP W 152 -14.86 8.32 -22.79
C TRP W 152 -13.95 8.62 -21.62
N ILE W 153 -14.49 8.54 -20.41
CA ILE W 153 -13.64 8.71 -19.23
C ILE W 153 -12.57 7.61 -19.21
N ALA W 154 -12.94 6.41 -19.64
CA ALA W 154 -11.98 5.31 -19.65
C ALA W 154 -10.90 5.51 -20.72
N ILE W 155 -11.27 6.05 -21.89
CA ILE W 155 -10.25 6.33 -22.89
C ILE W 155 -9.40 7.50 -22.45
N GLY W 156 -10.03 8.52 -21.87
CA GLY W 156 -9.28 9.67 -21.37
C GLY W 156 -8.39 9.34 -20.20
N GLY W 157 -8.76 8.34 -19.41
CA GLY W 157 -7.90 7.87 -18.34
C GLY W 157 -6.68 7.11 -18.86
N LEU W 158 -6.83 6.39 -19.97
CA LEU W 158 -5.70 5.71 -20.57
C LEU W 158 -4.74 6.69 -21.20
N ILE W 159 -5.25 7.76 -21.80
CA ILE W 159 -4.39 8.73 -22.43
C ILE W 159 -3.60 9.51 -21.39
N MET W 160 -4.25 9.88 -20.31
CA MET W 160 -3.61 10.59 -19.22
C MET W 160 -2.54 9.71 -18.59
N SER W 161 -2.81 8.41 -18.49
CA SER W 161 -1.85 7.47 -17.91
C SER W 161 -0.60 7.36 -18.76
N ALA W 162 -0.75 7.41 -20.08
CA ALA W 162 0.41 7.35 -20.95
C ALA W 162 1.15 8.68 -21.00
N LEU W 163 0.46 9.76 -20.66
CA LEU W 163 1.07 11.07 -20.64
C LEU W 163 1.98 11.20 -19.41
N MET W 164 1.57 10.54 -18.33
CA MET W 164 2.32 10.55 -17.08
C MET W 164 3.56 9.69 -17.26
N LEU W 165 3.40 8.53 -17.86
CA LEU W 165 4.53 7.65 -18.12
C LEU W 165 5.55 8.38 -18.98
N PHE W 166 5.08 9.16 -19.94
CA PHE W 166 6.00 9.88 -20.81
C PHE W 166 6.69 11.03 -20.08
N ALA W 167 5.98 11.70 -19.18
CA ALA W 167 6.56 12.82 -18.47
C ALA W 167 7.63 12.36 -17.49
N GLY W 168 7.40 11.24 -16.80
CA GLY W 168 8.42 10.72 -15.91
C GLY W 168 9.65 10.25 -16.63
N TRP W 169 9.50 9.81 -17.87
CA TRP W 169 10.68 9.41 -18.62
C TRP W 169 11.37 10.65 -19.16
N PHE W 170 10.59 11.66 -19.52
CA PHE W 170 11.13 12.89 -20.07
C PHE W 170 11.92 13.71 -19.05
N HIS W 171 11.41 13.76 -17.82
CA HIS W 171 12.06 14.53 -16.78
C HIS W 171 13.25 13.83 -16.12
N TYR W 172 13.41 12.53 -16.34
CA TYR W 172 14.58 11.89 -15.75
C TYR W 172 15.72 11.69 -16.74
N HIS W 173 15.41 11.56 -18.02
CA HIS W 173 16.45 11.31 -19.00
C HIS W 173 16.72 12.47 -19.93
N LYS W 174 15.67 13.09 -20.43
CA LYS W 174 15.82 14.15 -21.42
C LYS W 174 15.97 15.55 -20.87
N ALA W 175 15.05 15.93 -20.00
CA ALA W 175 15.06 17.28 -19.44
C ALA W 175 15.07 17.16 -17.92
N ALA W 176 16.25 16.96 -17.35
CA ALA W 176 16.37 16.76 -15.93
C ALA W 176 16.60 18.10 -15.24
N PRO W 177 15.69 18.54 -14.39
CA PRO W 177 15.80 19.88 -13.84
C PRO W 177 16.74 19.96 -12.66
N LYS W 178 17.46 21.07 -12.62
CA LYS W 178 18.49 21.30 -11.61
C LYS W 178 18.01 21.47 -10.18
N LEU W 179 18.96 21.47 -9.26
CA LEU W 179 18.66 21.59 -7.84
C LEU W 179 18.02 22.93 -7.46
N GLU W 180 18.38 23.98 -8.17
CA GLU W 180 17.85 25.30 -7.90
C GLU W 180 16.33 25.33 -8.14
N TRP W 181 15.88 24.56 -9.12
CA TRP W 181 14.45 24.50 -9.44
C TRP W 181 13.66 23.90 -8.30
N PHE W 182 14.16 22.81 -7.72
CA PHE W 182 13.45 22.13 -6.64
C PHE W 182 13.32 22.95 -5.36
N GLN W 183 14.34 23.76 -5.08
CA GLN W 183 14.37 24.57 -3.86
C GLN W 183 13.67 25.93 -3.99
N ASN W 184 12.42 25.89 -4.46
CA ASN W 184 11.61 27.10 -4.60
C ASN W 184 10.33 26.83 -3.84
N ALA W 185 10.36 27.05 -2.53
CA ALA W 185 9.20 26.74 -1.72
C ALA W 185 8.11 27.78 -1.89
N GLU W 186 8.47 29.06 -1.94
CA GLU W 186 7.47 30.13 -2.02
C GLU W 186 6.75 30.11 -3.35
N SER W 187 7.46 29.84 -4.44
CA SER W 187 6.83 29.68 -5.73
C SER W 187 5.88 28.50 -5.71
N MET W 188 6.37 27.35 -5.25
CA MET W 188 5.60 26.10 -5.21
C MET W 188 4.31 26.24 -4.43
N MET W 189 4.34 26.94 -3.30
CA MET W 189 3.14 27.17 -2.51
C MET W 189 2.12 28.01 -3.25
N ASN W 190 2.57 29.02 -4.00
CA ASN W 190 1.63 29.87 -4.73
C ASN W 190 0.92 29.11 -5.83
N HIS W 191 1.62 28.16 -6.44
CA HIS W 191 1.05 27.38 -7.52
C HIS W 191 0.09 26.29 -7.07
N HIS W 192 0.37 25.66 -5.93
CA HIS W 192 -0.50 24.60 -5.44
C HIS W 192 -1.78 25.14 -4.82
N LEU W 193 -1.69 26.28 -4.16
CA LEU W 193 -2.88 26.90 -3.57
C LEU W 193 -3.77 27.49 -4.65
N ALA W 194 -3.21 28.33 -5.50
CA ALA W 194 -4.02 29.00 -6.50
C ALA W 194 -4.30 28.11 -7.70
N GLY W 195 -3.30 27.38 -8.19
CA GLY W 195 -3.48 26.65 -9.43
C GLY W 195 -4.12 25.29 -9.28
N LEU W 196 -3.55 24.45 -8.45
CA LEU W 196 -4.08 23.10 -8.29
C LEU W 196 -5.39 23.12 -7.51
N LEU W 197 -5.40 23.79 -6.37
CA LEU W 197 -6.60 23.78 -5.55
C LEU W 197 -7.60 24.85 -5.96
N GLY W 198 -7.14 26.03 -6.35
CA GLY W 198 -8.06 27.11 -6.67
C GLY W 198 -8.76 26.93 -7.99
N LEU W 199 -7.99 26.74 -9.08
CA LEU W 199 -8.59 26.48 -10.37
C LEU W 199 -9.26 25.12 -10.44
N GLY W 200 -8.84 24.18 -9.60
CA GLY W 200 -9.53 22.91 -9.52
C GLY W 200 -10.93 23.04 -8.98
N CYS W 201 -11.12 23.87 -7.96
CA CYS W 201 -12.45 24.05 -7.41
C CYS W 201 -13.32 24.95 -8.28
N LEU W 202 -12.69 25.84 -9.04
CA LEU W 202 -13.43 26.74 -9.91
C LEU W 202 -14.04 26.00 -11.10
N SER W 203 -13.22 25.19 -11.75
CA SER W 203 -13.64 24.40 -12.90
C SER W 203 -14.62 23.33 -12.48
N TRP W 204 -14.38 22.70 -11.33
CA TRP W 204 -15.30 21.67 -10.87
C TRP W 204 -16.65 22.32 -10.59
N SER W 205 -16.64 23.49 -9.98
CA SER W 205 -17.89 24.20 -9.70
C SER W 205 -18.56 24.51 -11.03
N GLY W 206 -17.78 24.85 -12.04
CA GLY W 206 -18.32 25.11 -13.36
C GLY W 206 -19.01 23.90 -13.98
N HIS W 207 -18.51 22.71 -13.68
CA HIS W 207 -19.13 21.51 -14.21
C HIS W 207 -20.43 21.25 -13.46
N GLN W 208 -20.43 21.54 -12.17
CA GLN W 208 -21.60 21.30 -11.34
C GLN W 208 -22.78 22.23 -11.61
N ILE W 209 -22.50 23.48 -11.97
CA ILE W 209 -23.55 24.45 -12.22
C ILE W 209 -24.21 24.22 -13.57
N HIS W 210 -23.38 24.00 -14.58
CA HIS W 210 -23.86 23.83 -15.95
C HIS W 210 -24.25 22.43 -16.42
N ILE W 211 -23.67 21.41 -15.80
CA ILE W 211 -23.95 20.01 -16.25
C ILE W 211 -24.58 19.17 -15.14
N ALA W 212 -24.03 19.25 -13.92
CA ALA W 212 -24.51 18.35 -12.87
C ALA W 212 -25.78 18.82 -12.17
N LEU W 213 -25.98 20.12 -12.03
CA LEU W 213 -27.16 20.64 -11.37
C LEU W 213 -28.49 20.39 -12.10
N PRO W 214 -28.56 20.74 -13.41
CA PRO W 214 -29.86 20.56 -14.06
C PRO W 214 -30.23 19.12 -14.37
N ILE W 215 -29.25 18.24 -14.55
CA ILE W 215 -29.56 16.84 -14.80
C ILE W 215 -30.12 16.19 -13.55
N ASN W 216 -29.53 16.54 -12.40
CA ASN W 216 -29.97 15.97 -11.14
C ASN W 216 -31.39 16.39 -10.77
N LYS W 217 -31.79 17.59 -11.18
CA LYS W 217 -33.12 18.11 -10.91
C LYS W 217 -34.19 17.32 -11.67
N LEU W 218 -33.86 16.90 -12.88
CA LEU W 218 -34.77 16.12 -13.71
C LEU W 218 -34.82 14.67 -13.27
N LEU W 219 -33.67 14.12 -12.83
CA LEU W 219 -33.64 12.77 -12.29
C LEU W 219 -34.48 12.67 -11.03
N ASP W 220 -34.38 13.69 -10.19
CA ASP W 220 -35.09 13.74 -8.92
C ASP W 220 -36.59 13.95 -9.07
N ALA W 221 -36.99 14.68 -10.10
CA ALA W 221 -38.40 14.94 -10.32
C ALA W 221 -39.13 13.72 -10.86
N GLY W 222 -38.41 12.80 -11.50
CA GLY W 222 -39.01 11.57 -11.96
C GLY W 222 -38.83 11.32 -13.44
N VAL W 223 -38.07 12.18 -14.12
CA VAL W 223 -37.84 12.02 -15.54
C VAL W 223 -36.89 10.85 -15.77
N SER W 224 -37.24 9.98 -16.71
CA SER W 224 -36.39 8.85 -17.02
C SER W 224 -35.16 9.41 -17.71
N PRO W 225 -34.01 8.74 -17.55
CA PRO W 225 -32.75 9.17 -18.15
C PRO W 225 -32.85 9.51 -19.63
N GLN W 226 -33.55 8.68 -20.39
CA GLN W 226 -33.74 8.86 -21.82
C GLN W 226 -34.27 10.22 -22.25
N GLU W 227 -35.27 10.72 -21.53
CA GLU W 227 -35.89 12.00 -21.85
C GLU W 227 -35.00 13.21 -21.51
N ILE W 228 -33.98 12.98 -20.68
CA ILE W 228 -33.06 14.05 -20.34
C ILE W 228 -32.18 14.27 -21.57
N PRO W 229 -31.99 15.54 -21.95
CA PRO W 229 -31.20 15.90 -23.13
C PRO W 229 -29.69 15.72 -22.98
N LEU W 230 -28.95 15.86 -24.06
CA LEU W 230 -27.51 15.71 -23.97
C LEU W 230 -26.98 16.82 -23.08
N PRO W 231 -25.91 16.54 -22.33
CA PRO W 231 -25.32 17.55 -21.43
C PRO W 231 -24.95 18.85 -22.14
N HIS W 232 -24.39 18.76 -23.34
CA HIS W 232 -23.99 19.96 -24.08
C HIS W 232 -25.19 20.84 -24.44
N GLU W 233 -26.39 20.27 -24.47
CA GLU W 233 -27.57 21.06 -24.79
C GLU W 233 -27.99 21.97 -23.64
N PHE W 234 -27.37 21.74 -22.49
CA PHE W 234 -27.61 22.58 -21.33
C PHE W 234 -26.68 23.81 -21.45
N LEU W 235 -25.64 23.69 -22.27
CA LEU W 235 -24.72 24.80 -22.46
C LEU W 235 -25.18 25.77 -23.54
N ILE W 236 -26.08 25.34 -24.41
CA ILE W 236 -26.50 26.22 -25.50
C ILE W 236 -27.83 26.93 -25.28
N ASN W 237 -28.90 26.22 -25.03
CA ASN W 237 -30.18 26.88 -24.87
C ASN W 237 -30.53 27.33 -23.46
N ARG W 238 -30.46 28.64 -23.22
CA ARG W 238 -30.81 29.20 -21.94
C ARG W 238 -32.26 28.85 -21.60
N ASP W 239 -33.07 28.57 -22.61
CA ASP W 239 -34.45 28.21 -22.37
C ASP W 239 -34.56 26.97 -21.50
N LEU W 240 -33.69 26.01 -21.73
CA LEU W 240 -33.67 24.78 -20.95
C LEU W 240 -33.15 25.04 -19.54
N MET W 241 -32.24 25.99 -19.42
CA MET W 241 -31.65 26.31 -18.13
C MET W 241 -32.52 27.22 -17.27
N ALA W 242 -33.30 28.10 -17.90
CA ALA W 242 -34.15 29.00 -17.14
C ALA W 242 -35.44 28.34 -16.67
N GLN W 243 -35.83 27.21 -17.25
CA GLN W 243 -36.98 26.49 -16.74
C GLN W 243 -36.69 25.89 -15.38
N LEU W 244 -35.45 25.45 -15.16
CA LEU W 244 -35.09 24.84 -13.89
C LEU W 244 -34.62 25.88 -12.89
N TYR W 245 -33.81 26.83 -13.33
CA TYR W 245 -33.32 27.90 -12.46
C TYR W 245 -33.61 29.21 -13.16
N PRO W 246 -34.69 29.90 -12.75
CA PRO W 246 -35.08 31.12 -13.45
C PRO W 246 -34.28 32.37 -13.09
N SER W 247 -32.95 32.26 -13.14
CA SER W 247 -32.07 33.39 -12.98
C SER W 247 -31.01 33.43 -14.06
N PHE W 248 -31.21 32.61 -15.09
CA PHE W 248 -30.30 32.60 -16.23
C PHE W 248 -30.80 33.62 -17.26
N GLU W 249 -31.99 34.18 -17.05
CA GLU W 249 -32.53 35.19 -17.95
C GLU W 249 -31.82 36.52 -17.80
N LYS W 250 -31.08 36.63 -16.68
CA LYS W 250 -30.26 37.79 -16.37
C LYS W 250 -28.89 37.57 -16.99
N GLY W 251 -28.48 36.31 -17.10
CA GLY W 251 -27.20 35.99 -17.75
C GLY W 251 -26.03 36.15 -16.83
N LEU W 252 -25.03 36.91 -17.27
CA LEU W 252 -23.85 37.13 -16.46
C LEU W 252 -23.75 38.57 -15.94
N THR W 253 -24.70 39.42 -16.35
CA THR W 253 -24.68 40.79 -15.88
C THR W 253 -24.88 41.01 -14.37
N PRO W 254 -25.62 40.21 -13.59
CA PRO W 254 -25.63 40.50 -12.14
C PRO W 254 -24.37 40.08 -11.42
N PHE W 255 -23.41 39.51 -12.13
CA PHE W 255 -22.13 39.10 -11.56
C PHE W 255 -21.11 40.26 -11.56
N PHE W 256 -21.10 41.05 -12.63
CA PHE W 256 -20.22 42.19 -12.76
C PHE W 256 -20.84 43.47 -12.20
N SER W 257 -22.14 43.48 -11.98
CA SER W 257 -22.77 44.57 -11.26
C SER W 257 -22.74 44.36 -9.76
N GLY W 258 -22.24 43.22 -9.30
CA GLY W 258 -22.15 42.97 -7.87
C GLY W 258 -23.47 42.66 -7.21
N GLN W 259 -24.42 42.12 -7.95
CA GLN W 259 -25.71 41.71 -7.39
C GLN W 259 -25.74 40.19 -7.40
N TRP W 260 -25.12 39.59 -6.39
CA TRP W 260 -24.93 38.15 -6.39
C TRP W 260 -26.10 37.40 -5.79
N GLY W 261 -26.98 38.08 -5.06
CA GLY W 261 -28.15 37.43 -4.51
C GLY W 261 -29.22 37.06 -5.52
N VAL W 262 -29.04 37.46 -6.78
CA VAL W 262 -29.89 36.97 -7.86
C VAL W 262 -29.75 35.47 -8.03
N TYR W 263 -28.53 34.96 -7.82
CA TYR W 263 -28.28 33.52 -7.98
C TYR W 263 -28.62 32.62 -6.78
N SER W 264 -29.58 33.00 -5.95
CA SER W 264 -29.91 32.18 -4.80
C SER W 264 -30.62 30.89 -5.21
N ASP W 265 -30.80 30.69 -6.51
CA ASP W 265 -31.40 29.47 -7.02
C ASP W 265 -30.35 28.37 -7.02
N PHE W 266 -29.12 28.72 -7.36
CA PHE W 266 -28.07 27.71 -7.37
C PHE W 266 -26.97 27.83 -6.32
N LEU W 267 -26.95 28.92 -5.57
CA LEU W 267 -25.96 29.08 -4.53
C LEU W 267 -26.74 29.16 -3.23
N THR W 268 -27.15 27.99 -2.73
CA THR W 268 -27.96 27.92 -1.54
C THR W 268 -27.08 27.72 -0.32
N PHE W 269 -27.72 27.79 0.83
CA PHE W 269 -27.08 27.54 2.10
C PHE W 269 -28.23 26.98 2.90
N LYS W 270 -28.84 25.91 2.39
CA LYS W 270 -29.99 25.32 3.04
C LYS W 270 -29.68 24.26 4.09
N GLY W 271 -28.56 23.56 3.92
CA GLY W 271 -28.20 22.52 4.88
C GLY W 271 -29.08 21.30 4.78
N GLY W 272 -28.83 20.35 5.68
CA GLY W 272 -29.63 19.13 5.68
C GLY W 272 -29.32 18.25 4.50
N LEU W 273 -30.30 17.44 4.13
CA LEU W 273 -30.18 16.50 3.02
C LEU W 273 -31.38 16.61 2.10
N ASN W 274 -31.27 15.96 0.96
CA ASN W 274 -32.32 15.91 -0.05
C ASN W 274 -33.27 14.81 0.39
N PRO W 275 -34.52 15.17 0.69
CA PRO W 275 -35.53 14.21 1.16
C PRO W 275 -35.78 13.07 0.17
N VAL W 276 -35.49 13.32 -1.10
CA VAL W 276 -35.70 12.35 -2.16
C VAL W 276 -34.53 11.37 -2.24
N THR W 277 -33.30 11.86 -2.23
CA THR W 277 -32.15 10.98 -2.39
C THR W 277 -31.39 10.73 -1.10
N GLY W 278 -31.57 11.55 -0.08
CA GLY W 278 -30.83 11.38 1.15
C GLY W 278 -29.40 11.86 1.10
N GLY W 279 -29.00 12.56 0.06
CA GLY W 279 -27.69 13.16 -0.03
C GLY W 279 -27.77 14.65 0.14
N LEU W 280 -26.60 15.28 0.18
CA LEU W 280 -26.51 16.73 0.32
C LEU W 280 -27.09 17.41 -0.89
N TRP W 281 -27.60 18.63 -0.69
CA TRP W 281 -28.15 19.43 -1.77
C TRP W 281 -27.01 19.85 -2.68
N LEU W 282 -27.10 19.47 -3.94
CA LEU W 282 -26.09 19.81 -4.94
C LEU W 282 -25.91 21.32 -5.01
N SER W 283 -27.01 22.06 -4.86
CA SER W 283 -26.94 23.51 -4.86
C SER W 283 -26.07 24.04 -3.73
N ASP W 284 -26.05 23.34 -2.58
CA ASP W 284 -25.12 23.70 -1.52
C ASP W 284 -23.70 23.36 -1.91
N ILE W 285 -23.52 22.25 -2.63
CA ILE W 285 -22.19 21.81 -3.01
C ILE W 285 -21.61 22.72 -4.07
N ALA W 286 -22.43 23.27 -4.95
CA ALA W 286 -21.94 24.23 -5.92
C ALA W 286 -21.49 25.52 -5.24
N HIS W 287 -22.19 25.91 -4.19
CA HIS W 287 -21.79 27.10 -3.47
C HIS W 287 -20.51 26.78 -2.71
N HIS W 288 -20.41 25.55 -2.21
CA HIS W 288 -19.24 25.14 -1.46
C HIS W 288 -17.92 25.25 -2.24
N HIS W 289 -17.92 24.82 -3.50
CA HIS W 289 -16.72 24.87 -4.30
C HIS W 289 -16.36 26.28 -4.76
N LEU W 290 -17.37 27.14 -4.92
CA LEU W 290 -17.13 28.51 -5.31
C LEU W 290 -16.43 29.27 -4.18
N ALA W 291 -16.94 29.14 -2.96
CA ALA W 291 -16.38 29.80 -1.81
C ALA W 291 -15.00 29.28 -1.48
N LEU W 292 -14.78 27.98 -1.70
CA LEU W 292 -13.45 27.42 -1.57
C LEU W 292 -12.49 28.06 -2.53
N SER W 293 -12.82 28.03 -3.83
CA SER W 293 -11.92 28.46 -4.89
C SER W 293 -11.51 29.91 -4.78
N VAL W 294 -12.38 30.77 -4.26
CA VAL W 294 -11.99 32.14 -4.02
C VAL W 294 -10.96 32.20 -2.90
N LEU W 295 -11.13 31.36 -1.89
CA LEU W 295 -10.21 31.28 -0.77
C LEU W 295 -8.84 30.74 -1.15
N PHE W 296 -8.81 29.74 -2.02
CA PHE W 296 -7.56 29.14 -2.44
C PHE W 296 -6.76 30.06 -3.37
N ILE W 297 -7.45 30.77 -4.25
CA ILE W 297 -6.75 31.65 -5.18
C ILE W 297 -6.16 32.85 -4.45
N ILE W 298 -6.91 33.41 -3.49
CA ILE W 298 -6.39 34.51 -2.67
C ILE W 298 -5.22 34.05 -1.81
N ALA W 299 -5.30 32.84 -1.27
CA ALA W 299 -4.22 32.31 -0.45
C ALA W 299 -2.95 32.03 -1.24
N GLY W 300 -3.05 31.86 -2.55
CA GLY W 300 -1.87 31.66 -3.37
C GLY W 300 -1.20 32.94 -3.81
N HIS W 301 -1.36 34.01 -3.04
CA HIS W 301 -0.65 35.26 -3.24
C HIS W 301 0.11 35.69 -2.00
N MET W 302 0.26 34.79 -1.04
CA MET W 302 0.91 35.13 0.21
C MET W 302 2.42 35.01 0.22
N TYR W 303 3.02 34.58 -0.89
CA TYR W 303 4.45 34.40 -0.91
C TYR W 303 5.14 35.21 -1.99
N ARG W 304 6.38 35.58 -1.74
CA ARG W 304 7.16 36.39 -2.65
C ARG W 304 8.02 35.56 -3.60
N THR W 305 7.86 35.78 -4.90
CA THR W 305 8.65 35.06 -5.88
C THR W 305 9.61 35.94 -6.67
N ASN W 306 9.10 36.66 -7.67
CA ASN W 306 9.96 37.50 -8.50
C ASN W 306 9.65 38.99 -8.36
N TRP W 307 8.48 39.29 -7.81
CA TRP W 307 8.09 40.67 -7.59
C TRP W 307 8.14 40.91 -6.10
N GLY W 308 8.70 42.07 -5.72
CA GLY W 308 8.87 42.44 -4.32
C GLY W 308 7.81 42.06 -3.31
N ILE W 309 6.55 42.30 -3.64
CA ILE W 309 5.43 42.00 -2.75
C ILE W 309 5.36 40.53 -2.33
N GLY W 310 4.87 40.29 -1.11
CA GLY W 310 4.75 38.94 -0.60
C GLY W 310 5.65 38.62 0.57
N HIS W 311 5.44 37.46 1.16
CA HIS W 311 6.23 36.99 2.30
C HIS W 311 7.32 36.01 1.90
N SER W 312 8.45 36.12 2.58
CA SER W 312 9.51 35.17 2.43
C SER W 312 9.22 34.23 3.58
N MET W 313 9.29 32.92 3.36
CA MET W 313 9.02 31.96 4.44
C MET W 313 10.05 32.08 5.57
N LYS W 314 11.30 32.38 5.21
CA LYS W 314 12.36 32.57 6.17
C LYS W 314 12.13 33.74 7.13
N GLU W 315 11.70 34.94 6.68
CA GLU W 315 11.55 35.96 7.69
C GLU W 315 10.34 35.75 8.58
N ILE W 316 9.40 34.90 8.17
CA ILE W 316 8.25 34.63 9.02
C ILE W 316 8.69 33.85 10.26
N LEU W 317 9.14 32.62 10.02
CA LEU W 317 9.57 31.69 11.07
C LEU W 317 10.60 32.25 12.04
N GLU W 318 11.57 32.97 11.52
CA GLU W 318 12.64 33.53 12.34
C GLU W 318 12.17 34.68 13.23
N ALA W 319 11.01 35.26 12.95
CA ALA W 319 10.45 36.27 13.83
C ALA W 319 9.75 35.67 15.04
N HIS W 320 9.39 34.40 14.98
CA HIS W 320 8.67 33.78 16.07
C HIS W 320 9.55 33.16 17.16
N LYS W 321 9.89 33.94 18.17
CA LYS W 321 10.71 33.44 19.26
C LYS W 321 10.27 34.07 20.56
N GLY W 322 9.93 33.23 21.53
CA GLY W 322 9.50 33.72 22.81
C GLY W 322 10.58 33.52 23.83
N PRO W 323 10.34 33.99 25.06
CA PRO W 323 11.32 33.79 26.12
C PRO W 323 11.29 32.42 26.76
N PHE W 324 10.39 31.54 26.37
CA PHE W 324 10.52 30.13 26.70
C PHE W 324 11.19 29.33 25.59
N THR W 325 10.98 29.74 24.35
CA THR W 325 11.52 29.00 23.21
C THR W 325 12.93 29.35 22.76
N GLY W 326 13.54 30.37 23.33
CA GLY W 326 14.90 30.69 22.94
C GLY W 326 14.97 31.25 21.54
N GLU W 327 15.61 30.51 20.62
CA GLU W 327 15.76 30.98 19.25
C GLU W 327 14.51 30.76 18.44
N GLY W 328 13.61 29.91 18.91
CA GLY W 328 12.36 29.69 18.21
C GLY W 328 12.58 28.90 16.95
N HIS W 329 11.96 29.35 15.87
CA HIS W 329 11.98 28.67 14.58
C HIS W 329 13.17 28.84 13.65
N LYS W 330 14.32 29.27 14.17
CA LYS W 330 15.48 29.44 13.30
C LYS W 330 16.02 28.09 12.85
N GLY W 331 16.33 27.95 11.56
CA GLY W 331 16.89 26.72 11.05
C GLY W 331 15.90 25.80 10.40
N LEU W 332 14.60 26.01 10.55
CA LEU W 332 13.60 25.09 9.99
C LEU W 332 13.46 25.19 8.48
N TYR W 333 14.16 26.14 7.87
CA TYR W 333 14.12 26.33 6.43
C TYR W 333 15.12 25.37 5.78
N GLU W 334 16.36 25.46 6.22
CA GLU W 334 17.39 24.59 5.73
C GLU W 334 16.84 23.19 5.89
N ILE W 335 16.25 22.90 7.05
CA ILE W 335 15.67 21.59 7.26
C ILE W 335 14.68 21.25 6.16
N LEU W 336 13.67 22.09 5.98
CA LEU W 336 12.56 21.76 5.12
C LEU W 336 12.80 22.13 3.66
N THR W 337 14.00 22.56 3.31
CA THR W 337 14.36 22.72 1.91
C THR W 337 15.63 21.98 1.52
N THR W 338 16.24 21.21 2.43
CA THR W 338 17.36 20.36 2.05
C THR W 338 17.17 18.90 2.45
N SER W 339 15.97 18.52 2.87
CA SER W 339 15.75 17.13 3.27
C SER W 339 14.34 16.63 2.94
N TRP W 340 14.27 15.58 2.14
CA TRP W 340 12.99 15.01 1.74
C TRP W 340 12.30 14.22 2.84
N HIS W 341 13.06 13.74 3.81
CA HIS W 341 12.47 12.97 4.89
C HIS W 341 11.66 13.84 5.83
N ALA W 342 12.17 15.04 6.11
CA ALA W 342 11.47 15.95 7.00
C ALA W 342 10.14 16.40 6.43
N GLN W 343 10.07 16.38 5.10
CA GLN W 343 8.89 16.78 4.35
C GLN W 343 7.77 15.76 4.41
N LEU W 344 8.13 14.49 4.24
CA LEU W 344 7.17 13.40 4.27
C LEU W 344 6.61 13.27 5.69
N ALA W 345 7.46 13.53 6.67
CA ALA W 345 7.08 13.46 8.08
C ALA W 345 5.95 14.41 8.39
N ILE W 346 5.98 15.60 7.81
CA ILE W 346 4.84 16.49 7.91
C ILE W 346 3.71 15.99 7.02
N ASN W 347 4.01 15.83 5.74
CA ASN W 347 3.01 15.44 4.75
C ASN W 347 2.22 14.17 5.02
N LEU W 348 2.90 13.09 5.41
CA LEU W 348 2.17 11.86 5.69
C LEU W 348 1.34 11.99 6.95
N ALA W 349 1.80 12.75 7.93
CA ALA W 349 1.01 13.00 9.12
C ALA W 349 -0.21 13.82 8.80
N MET W 350 -0.12 14.72 7.82
CA MET W 350 -1.24 15.56 7.44
C MET W 350 -2.26 14.82 6.57
N ILE W 351 -1.76 14.13 5.56
CA ILE W 351 -2.61 13.37 4.65
C ILE W 351 -3.31 12.22 5.38
N GLY W 352 -2.66 11.67 6.40
CA GLY W 352 -3.23 10.58 7.14
C GLY W 352 -4.30 11.10 8.05
N SER W 353 -4.07 12.29 8.61
CA SER W 353 -5.05 12.91 9.48
C SER W 353 -6.23 13.33 8.62
N LEU W 354 -5.96 13.76 7.39
CA LEU W 354 -7.01 14.19 6.47
C LEU W 354 -7.96 13.05 6.11
N SER W 355 -7.42 11.87 5.86
CA SER W 355 -8.24 10.70 5.52
C SER W 355 -9.09 10.25 6.69
N ILE W 356 -8.61 10.45 7.91
CA ILE W 356 -9.45 10.21 9.08
C ILE W 356 -10.56 11.23 9.15
N ILE W 357 -10.22 12.52 8.96
CA ILE W 357 -11.19 13.61 8.93
C ILE W 357 -12.22 13.40 7.84
N VAL W 358 -11.80 12.88 6.68
CA VAL W 358 -12.69 12.63 5.56
C VAL W 358 -13.71 11.56 5.91
N ALA W 359 -13.29 10.52 6.62
CA ALA W 359 -14.20 9.43 6.95
C ALA W 359 -15.25 9.85 7.98
N HIS W 360 -14.94 10.80 8.84
CA HIS W 360 -15.91 11.25 9.82
C HIS W 360 -16.98 12.14 9.20
N HIS W 361 -16.65 12.82 8.11
CA HIS W 361 -17.59 13.73 7.51
C HIS W 361 -18.47 13.12 6.42
N MET W 362 -18.18 11.89 5.99
CA MET W 362 -18.95 11.30 4.92
C MET W 362 -20.08 10.40 5.38
N TYR W 363 -20.08 10.03 6.65
CA TYR W 363 -21.15 9.23 7.20
C TYR W 363 -22.17 10.13 7.88
N ALA W 364 -21.75 11.30 8.32
CA ALA W 364 -22.61 12.21 9.04
C ALA W 364 -23.32 13.16 8.10
N MET W 365 -22.66 13.54 7.02
CA MET W 365 -23.23 14.41 6.00
C MET W 365 -22.95 13.70 4.68
N PRO W 366 -23.84 12.79 4.27
CA PRO W 366 -23.55 11.97 3.10
C PRO W 366 -23.68 12.76 1.81
N PRO W 367 -22.59 12.88 1.05
CA PRO W 367 -22.57 13.80 -0.09
C PRO W 367 -23.05 13.24 -1.41
N TYR W 368 -23.19 12.03 -1.52
CA TYR W 368 -23.66 11.48 -2.77
C TYR W 368 -25.12 11.09 -2.65
N PRO W 369 -25.84 11.02 -3.75
CA PRO W 369 -27.24 10.62 -3.65
C PRO W 369 -27.40 9.12 -3.66
N TYR W 370 -28.35 8.66 -2.84
CA TYR W 370 -28.65 7.24 -2.70
C TYR W 370 -27.53 6.43 -2.07
N ILE W 371 -26.59 7.11 -1.41
CA ILE W 371 -25.49 6.39 -0.78
C ILE W 371 -25.77 6.15 0.69
N ALA W 372 -26.60 6.98 1.34
CA ALA W 372 -26.77 6.88 2.78
C ALA W 372 -27.58 5.66 3.19
N THR W 373 -28.37 5.11 2.28
CA THR W 373 -29.13 3.90 2.57
C THR W 373 -28.43 2.65 2.08
N ASP W 374 -27.28 2.81 1.42
CA ASP W 374 -26.47 1.67 1.00
C ASP W 374 -25.52 1.53 2.18
N TYR W 375 -25.85 0.65 3.11
CA TYR W 375 -25.06 0.52 4.33
C TYR W 375 -23.78 -0.24 4.11
N ALA W 376 -23.72 -1.06 3.07
CA ALA W 376 -22.48 -1.73 2.73
C ALA W 376 -21.43 -0.75 2.23
N THR W 377 -21.88 0.24 1.44
CA THR W 377 -20.99 1.33 0.96
C THR W 377 -20.58 2.26 2.12
N GLN W 378 -21.53 2.58 3.01
CA GLN W 378 -21.30 3.50 4.11
C GLN W 378 -20.23 2.91 5.03
N LEU W 379 -20.40 1.64 5.35
CA LEU W 379 -19.49 0.92 6.23
C LEU W 379 -18.13 0.67 5.61
N SER W 380 -18.11 0.35 4.32
CA SER W 380 -16.89 0.08 3.59
C SER W 380 -16.06 1.34 3.40
N LEU W 381 -16.71 2.42 2.99
CA LEU W 381 -15.99 3.67 2.77
C LEU W 381 -15.46 4.25 4.06
N PHE W 382 -16.19 4.07 5.16
CA PHE W 382 -15.75 4.62 6.42
C PHE W 382 -14.50 3.94 6.96
N THR W 383 -14.49 2.61 6.96
CA THR W 383 -13.36 1.89 7.50
C THR W 383 -12.14 2.07 6.63
N HIS W 384 -12.32 2.04 5.31
CA HIS W 384 -11.22 2.23 4.38
C HIS W 384 -10.37 3.46 4.69
N HIS W 385 -11.02 4.60 4.85
CA HIS W 385 -10.30 5.82 5.14
C HIS W 385 -9.73 5.83 6.56
N MET W 386 -10.27 5.00 7.44
CA MET W 386 -9.74 4.88 8.78
C MET W 386 -8.42 4.10 8.71
N TRP W 387 -8.34 3.14 7.81
CA TRP W 387 -7.11 2.34 7.67
C TRP W 387 -6.02 3.12 6.94
N ILE W 388 -6.37 3.73 5.82
CA ILE W 388 -5.43 4.54 5.05
C ILE W 388 -4.94 5.71 5.87
N GLY W 389 -5.82 6.30 6.67
CA GLY W 389 -5.41 7.31 7.61
C GLY W 389 -4.48 6.77 8.68
N GLY W 390 -4.73 5.56 9.15
CA GLY W 390 -3.89 4.99 10.18
C GLY W 390 -2.47 4.69 9.75
N PHE W 391 -2.30 4.18 8.55
CA PHE W 391 -0.98 3.84 8.04
C PHE W 391 -0.13 5.06 7.71
N CYS W 392 -0.77 6.10 7.18
CA CYS W 392 -0.07 7.32 6.80
C CYS W 392 0.40 8.14 7.98
N VAL W 393 -0.34 8.07 9.09
CA VAL W 393 0.01 8.81 10.29
C VAL W 393 1.30 8.25 10.89
N VAL W 394 1.38 6.93 11.04
CA VAL W 394 2.60 6.31 11.56
C VAL W 394 3.73 6.48 10.57
N GLY W 395 3.42 6.47 9.28
CA GLY W 395 4.45 6.71 8.26
C GLY W 395 5.08 8.08 8.34
N GLY W 396 4.33 9.08 8.82
CA GLY W 396 4.93 10.36 9.10
C GLY W 396 5.92 10.29 10.24
N ALA W 397 5.63 9.49 11.25
CA ALA W 397 6.53 9.36 12.38
C ALA W 397 7.77 8.56 12.03
N ALA W 398 7.70 7.70 11.03
CA ALA W 398 8.88 6.95 10.61
C ALA W 398 9.89 7.86 9.93
N HIS W 399 9.40 8.76 9.10
CA HIS W 399 10.28 9.67 8.38
C HIS W 399 10.81 10.77 9.30
N GLY W 400 10.05 11.12 10.33
CA GLY W 400 10.58 12.01 11.33
C GLY W 400 11.80 11.43 12.00
N ALA W 401 11.81 10.11 12.20
CA ALA W 401 12.96 9.46 12.80
C ALA W 401 14.05 9.16 11.79
N ILE W 402 13.73 8.98 10.51
CA ILE W 402 14.76 8.89 9.48
C ILE W 402 15.46 10.23 9.34
N PHE W 403 14.74 11.32 9.54
CA PHE W 403 15.36 12.62 9.45
C PHE W 403 16.36 12.86 10.59
N MET W 404 15.99 12.47 11.81
CA MET W 404 16.86 12.66 12.95
C MET W 404 18.17 11.88 12.84
N VAL W 405 18.15 10.74 12.18
CA VAL W 405 19.35 9.92 12.06
C VAL W 405 20.24 10.41 10.94
N ARG W 406 19.65 10.64 9.77
CA ARG W 406 20.46 10.98 8.59
C ARG W 406 20.72 12.44 8.21
N ASP W 407 19.64 13.22 8.12
CA ASP W 407 19.75 14.61 7.69
C ASP W 407 19.98 15.63 8.80
N TYR W 408 19.73 15.23 10.04
CA TYR W 408 19.90 16.16 11.15
C TYR W 408 21.37 16.40 11.53
N THR W 409 21.71 17.67 11.73
CA THR W 409 23.04 18.07 12.15
C THR W 409 22.93 19.02 13.34
N PRO W 410 23.82 18.92 14.32
CA PRO W 410 23.70 19.78 15.50
C PRO W 410 24.15 21.21 15.26
N ALA W 411 25.07 21.41 14.31
CA ALA W 411 25.61 22.73 14.07
C ALA W 411 24.60 23.63 13.37
N ASN W 412 23.69 23.04 12.60
CA ASN W 412 22.67 23.82 11.94
C ASN W 412 21.57 24.24 12.88
N ASN W 413 21.50 23.61 14.06
CA ASN W 413 20.45 23.92 15.03
C ASN W 413 20.86 24.27 16.48
N TYR W 414 21.69 25.27 16.69
CA TYR W 414 22.06 25.61 18.07
C TYR W 414 20.93 26.37 18.78
N ASN W 415 20.46 25.78 19.88
CA ASN W 415 19.43 26.38 20.74
C ASN W 415 18.09 26.75 20.08
N ASN W 416 17.61 25.94 19.14
CA ASN W 416 16.32 26.21 18.52
C ASN W 416 15.28 25.25 19.09
N LEU W 417 14.06 25.28 18.57
CA LEU W 417 13.00 24.40 19.10
C LEU W 417 13.34 22.93 18.99
N LEU W 418 14.06 22.55 17.94
CA LEU W 418 14.43 21.16 17.75
C LEU W 418 15.46 20.74 18.80
N ASP W 419 16.46 21.59 18.98
CA ASP W 419 17.52 21.32 19.94
C ASP W 419 16.97 21.21 21.35
N ARG W 420 15.97 22.04 21.64
CA ARG W 420 15.34 22.10 22.96
C ARG W 420 14.44 20.92 23.31
N ASP W 421 13.77 20.35 22.32
CA ASP W 421 12.93 19.19 22.57
C ASP W 421 13.83 18.04 22.98
N LEU W 422 14.97 17.92 22.31
CA LEU W 422 15.92 16.86 22.62
C LEU W 422 16.52 17.01 24.00
N ARG W 423 16.52 18.23 24.51
CA ARG W 423 17.08 18.53 25.81
C ARG W 423 16.19 18.13 26.99
N HIS W 424 14.88 18.12 26.81
CA HIS W 424 14.03 17.69 27.90
C HIS W 424 13.21 16.49 27.45
N ARG W 425 13.83 15.64 26.63
CA ARG W 425 13.16 14.47 26.09
C ARG W 425 12.82 13.46 27.18
N ASP W 426 13.53 13.45 28.30
CA ASP W 426 13.16 12.57 29.39
C ASP W 426 11.87 13.00 30.04
N GLU W 427 11.50 14.28 29.90
CA GLU W 427 10.33 14.86 30.53
C GLU W 427 9.07 14.71 29.71
N ILE W 428 9.20 14.81 28.39
CA ILE W 428 8.09 14.54 27.52
C ILE W 428 7.70 13.07 27.61
N ILE W 429 8.69 12.18 27.68
CA ILE W 429 8.39 10.76 27.63
C ILE W 429 7.87 10.26 28.98
N SER W 430 8.44 10.73 30.08
CA SER W 430 7.99 10.26 31.39
C SER W 430 6.62 10.80 31.75
N ASN W 431 6.28 11.99 31.26
CA ASN W 431 4.97 12.58 31.55
C ASN W 431 3.90 11.90 30.69
N LEU W 432 4.25 11.58 29.45
CA LEU W 432 3.34 10.89 28.54
C LEU W 432 3.10 9.49 29.06
N ASN W 433 4.18 8.88 29.54
CA ASN W 433 4.13 7.54 30.10
C ASN W 433 3.09 7.49 31.22
N TRP W 434 3.04 8.52 32.04
CA TRP W 434 2.09 8.56 33.14
C TRP W 434 0.67 8.71 32.62
N VAL W 435 0.46 9.60 31.65
CA VAL W 435 -0.86 9.83 31.08
C VAL W 435 -1.40 8.54 30.48
N CYS W 436 -0.50 7.70 29.98
CA CYS W 436 -0.89 6.42 29.44
C CYS W 436 -1.28 5.46 30.56
N ILE W 437 -0.54 5.42 31.66
CA ILE W 437 -0.92 4.53 32.77
C ILE W 437 -2.17 5.06 33.46
N PHE W 438 -2.42 6.35 33.34
CA PHE W 438 -3.61 6.93 33.93
C PHE W 438 -4.89 6.69 33.12
N LEU W 439 -4.78 6.72 31.80
CA LEU W 439 -5.92 6.53 30.91
C LEU W 439 -6.36 5.09 30.73
N GLY W 440 -5.42 4.17 30.87
CA GLY W 440 -5.68 2.75 30.67
C GLY W 440 -6.34 2.12 31.86
N CYS W 441 -5.86 2.47 33.05
CA CYS W 441 -6.42 1.93 34.27
C CYS W 441 -7.85 2.39 34.45
N HIS W 442 -8.14 3.62 34.04
CA HIS W 442 -9.48 4.16 34.19
C HIS W 442 -10.43 3.70 33.08
N ALA W 443 -10.05 3.89 31.82
CA ALA W 443 -11.00 3.61 30.74
C ALA W 443 -11.24 2.13 30.56
N PHE W 444 -10.20 1.32 30.66
CA PHE W 444 -10.39 -0.12 30.55
C PHE W 444 -10.86 -0.74 31.85
N GLY W 445 -10.56 -0.12 32.99
CA GLY W 445 -11.04 -0.62 34.25
C GLY W 445 -12.51 -0.39 34.48
N PHE W 446 -13.12 0.47 33.69
CA PHE W 446 -14.55 0.72 33.76
C PHE W 446 -15.26 -0.54 33.25
N TYR W 447 -14.67 -1.17 32.25
CA TYR W 447 -15.24 -2.37 31.66
C TYR W 447 -15.10 -3.62 32.53
N ILE W 448 -13.96 -3.72 33.22
CA ILE W 448 -13.67 -4.84 34.12
C ILE W 448 -14.65 -4.78 35.28
N HIS W 449 -14.78 -3.59 35.86
CA HIS W 449 -15.71 -3.39 36.95
C HIS W 449 -17.08 -3.86 36.51
N ASN W 450 -17.50 -3.49 35.30
CA ASN W 450 -18.79 -3.90 34.78
C ASN W 450 -18.85 -5.40 34.51
N ASP W 451 -17.73 -6.00 34.16
CA ASP W 451 -17.70 -7.42 33.91
C ASP W 451 -17.84 -8.23 35.20
N THR W 452 -17.19 -7.77 36.27
CA THR W 452 -17.25 -8.50 37.53
C THR W 452 -18.52 -8.22 38.32
N MET W 453 -19.02 -6.99 38.24
CA MET W 453 -20.24 -6.63 38.95
C MET W 453 -21.42 -7.42 38.39
N ARG W 454 -21.48 -7.52 37.07
CA ARG W 454 -22.54 -8.25 36.40
C ARG W 454 -22.47 -9.75 36.68
N ALA W 455 -21.25 -10.29 36.70
CA ALA W 455 -21.06 -11.71 36.96
C ALA W 455 -21.36 -12.07 38.40
N LEU W 456 -21.12 -11.16 39.33
CA LEU W 456 -21.45 -11.38 40.73
C LEU W 456 -22.91 -11.12 41.04
N GLY W 457 -23.74 -10.82 40.05
CA GLY W 457 -25.14 -10.61 40.28
C GLY W 457 -25.46 -9.27 40.89
N ARG W 458 -24.65 -8.25 40.59
CA ARG W 458 -24.87 -6.92 41.14
C ARG W 458 -24.89 -5.86 40.04
N PRO W 459 -25.96 -5.82 39.24
CA PRO W 459 -26.02 -4.81 38.18
C PRO W 459 -26.32 -3.41 38.67
N GLN W 460 -26.75 -3.29 39.92
CA GLN W 460 -27.08 -1.98 40.49
C GLN W 460 -25.86 -1.09 40.73
N ASP W 461 -24.69 -1.74 40.75
CA ASP W 461 -23.40 -1.09 41.00
C ASP W 461 -22.51 -0.94 39.77
N MET W 462 -23.05 -1.12 38.58
CA MET W 462 -22.22 -0.99 37.41
C MET W 462 -22.23 0.42 36.86
N PHE W 463 -21.22 0.76 36.06
CA PHE W 463 -21.17 2.06 35.41
C PHE W 463 -22.10 1.89 34.22
N SER W 464 -23.30 2.47 34.30
CA SER W 464 -24.28 2.30 33.23
C SER W 464 -25.24 3.49 33.23
N ASP W 465 -26.28 3.39 32.42
CA ASP W 465 -27.28 4.44 32.36
C ASP W 465 -28.37 4.19 33.41
N LYS W 466 -28.18 3.14 34.22
CA LYS W 466 -29.14 2.79 35.25
C LYS W 466 -28.49 2.73 36.64
N ALA W 467 -27.16 2.82 36.67
CA ALA W 467 -26.43 2.75 37.93
C ALA W 467 -25.63 4.02 38.15
N ILE W 468 -24.31 3.89 38.22
CA ILE W 468 -23.46 5.06 38.40
C ILE W 468 -23.18 5.60 37.02
N GLN W 469 -23.90 6.67 36.68
CA GLN W 469 -23.79 7.30 35.38
C GLN W 469 -22.52 8.11 35.13
N LEU W 470 -22.03 8.01 33.90
CA LEU W 470 -20.87 8.79 33.48
C LEU W 470 -21.38 9.49 32.24
N GLN W 471 -22.12 10.57 32.41
CA GLN W 471 -22.68 11.28 31.26
C GLN W 471 -21.72 12.24 30.59
N PRO W 472 -21.55 12.08 29.27
CA PRO W 472 -20.67 13.00 28.52
C PRO W 472 -21.26 14.38 28.32
N ILE W 473 -21.20 15.20 29.37
CA ILE W 473 -21.95 16.45 29.37
C ILE W 473 -21.35 17.52 28.47
N PHE W 474 -20.06 17.40 28.17
CA PHE W 474 -19.40 18.37 27.30
C PHE W 474 -19.80 18.17 25.85
N ALA W 475 -19.94 16.92 25.42
CA ALA W 475 -20.32 16.63 24.05
C ALA W 475 -21.82 16.81 23.84
N GLN W 476 -22.60 16.61 24.89
CA GLN W 476 -24.03 16.81 24.80
C GLN W 476 -24.32 18.29 24.68
N TRP W 477 -23.52 19.10 25.37
CA TRP W 477 -23.68 20.54 25.35
C TRP W 477 -23.42 21.09 23.95
N ILE W 478 -22.41 20.54 23.28
CA ILE W 478 -22.05 20.97 21.93
C ILE W 478 -23.10 20.60 20.89
N GLN W 479 -23.78 19.47 21.12
CA GLN W 479 -24.81 19.01 20.21
C GLN W 479 -25.98 20.00 20.20
N ASN W 480 -26.35 20.49 21.37
CA ASN W 480 -27.43 21.45 21.46
C ASN W 480 -27.10 22.73 20.70
N ILE W 481 -25.84 23.14 20.73
CA ILE W 481 -25.43 24.34 20.04
C ILE W 481 -25.59 24.19 18.52
N HIS W 482 -25.20 23.02 18.01
CA HIS W 482 -25.31 22.76 16.59
C HIS W 482 -26.76 22.62 16.13
N LEU W 483 -27.62 22.19 17.02
CA LEU W 483 -29.04 22.04 16.71
C LEU W 483 -29.72 23.40 16.64
N LEU W 484 -29.38 24.29 17.55
CA LEU W 484 -29.98 25.62 17.58
C LEU W 484 -29.28 26.60 16.65
N ALA W 485 -28.18 26.17 16.03
CA ALA W 485 -27.42 27.04 15.14
C ALA W 485 -28.15 27.58 13.90
N PRO W 486 -29.00 26.79 13.24
CA PRO W 486 -29.69 27.31 12.06
C PRO W 486 -30.68 28.42 12.45
N GLY W 487 -30.42 29.63 12.00
CA GLY W 487 -31.28 30.76 12.31
C GLY W 487 -30.62 31.76 13.23
N THR W 488 -29.98 31.25 14.29
CA THR W 488 -29.30 32.10 15.26
C THR W 488 -27.83 32.37 14.92
N THR W 489 -26.97 31.38 15.16
CA THR W 489 -25.54 31.55 14.89
C THR W 489 -25.23 31.58 13.39
N ALA W 490 -26.02 30.85 12.62
CA ALA W 490 -25.91 30.81 11.16
C ALA W 490 -27.31 31.22 10.75
N PRO W 491 -27.55 32.54 10.64
CA PRO W 491 -28.90 33.03 10.40
C PRO W 491 -29.43 32.75 9.01
N ASN W 492 -28.54 32.50 8.06
CA ASN W 492 -28.95 32.23 6.68
C ASN W 492 -29.03 30.74 6.36
N ALA W 493 -28.74 29.90 7.34
CA ALA W 493 -28.79 28.46 7.16
C ALA W 493 -30.20 27.96 7.48
N LEU W 494 -30.78 27.21 6.54
CA LEU W 494 -32.14 26.69 6.72
C LEU W 494 -32.20 25.47 7.63
N ALA W 495 -31.22 24.59 7.56
CA ALA W 495 -31.19 23.40 8.39
C ALA W 495 -29.79 23.17 8.93
N THR W 496 -29.65 22.22 9.86
CA THR W 496 -28.36 21.91 10.47
C THR W 496 -27.41 21.23 9.48
N THR W 497 -26.11 21.32 9.73
CA THR W 497 -25.13 20.69 8.84
C THR W 497 -25.36 19.19 8.78
N SER W 498 -25.49 18.55 9.93
CA SER W 498 -25.84 17.15 10.00
C SER W 498 -27.02 16.98 10.93
N TYR W 499 -27.71 15.85 10.76
CA TYR W 499 -28.83 15.50 11.61
C TYR W 499 -28.32 14.67 12.79
N ALA W 500 -27.00 14.59 12.97
CA ALA W 500 -26.46 13.82 14.08
C ALA W 500 -26.63 14.58 15.37
N PHE W 501 -26.57 15.90 15.27
CA PHE W 501 -26.73 16.77 16.42
C PHE W 501 -28.18 16.94 16.83
N GLY W 502 -29.08 16.32 16.07
CA GLY W 502 -30.50 16.40 16.37
C GLY W 502 -31.26 17.02 15.23
N GLY W 503 -32.56 16.83 15.22
CA GLY W 503 -33.41 17.38 14.18
C GLY W 503 -34.46 16.38 13.76
N ASP W 504 -34.58 16.13 12.47
CA ASP W 504 -35.58 15.19 12.00
C ASP W 504 -34.94 13.91 11.48
N ILE W 505 -35.79 12.95 11.13
CA ILE W 505 -35.33 11.67 10.60
C ILE W 505 -35.52 11.65 9.10
N VAL W 506 -34.44 11.41 8.36
CA VAL W 506 -34.50 11.35 6.90
C VAL W 506 -34.60 9.91 6.45
N GLU W 507 -35.49 9.64 5.51
CA GLU W 507 -35.67 8.28 5.01
C GLU W 507 -35.83 8.20 3.49
N VAL W 508 -35.14 7.25 2.89
CA VAL W 508 -35.18 7.01 1.46
C VAL W 508 -35.52 5.55 1.26
N GLY W 509 -36.67 5.28 0.63
CA GLY W 509 -37.06 3.92 0.35
C GLY W 509 -37.41 3.07 1.55
N GLY W 510 -37.85 3.69 2.64
CA GLY W 510 -38.16 2.96 3.84
C GLY W 510 -36.99 2.74 4.76
N LYS W 511 -35.78 3.02 4.29
CA LYS W 511 -34.58 2.87 5.10
C LYS W 511 -34.18 4.22 5.69
N ILE W 512 -33.56 4.20 6.86
CA ILE W 512 -33.14 5.42 7.52
C ILE W 512 -31.79 5.90 7.04
N ALA W 513 -31.74 7.13 6.53
CA ALA W 513 -30.49 7.71 6.09
C ALA W 513 -29.75 8.40 7.22
N MET W 514 -30.46 9.21 8.01
CA MET W 514 -29.81 9.90 9.12
C MET W 514 -30.76 10.10 10.30
N MET W 515 -30.18 10.13 11.50
CA MET W 515 -30.95 10.32 12.71
C MET W 515 -30.06 10.96 13.76
N PRO W 516 -30.67 11.61 14.76
CA PRO W 516 -29.81 12.20 15.80
C PRO W 516 -29.09 11.07 16.54
N ILE W 517 -27.81 11.27 16.85
CA ILE W 517 -27.03 10.25 17.54
C ILE W 517 -26.81 10.67 19.00
N LYS W 518 -27.69 10.18 19.87
CA LYS W 518 -27.63 10.48 21.29
C LYS W 518 -26.43 9.88 22.00
N LEU W 519 -25.80 10.66 22.87
CA LEU W 519 -24.64 10.17 23.61
C LEU W 519 -24.94 9.96 25.09
N GLY W 520 -24.69 8.74 25.55
CA GLY W 520 -24.88 8.33 26.92
C GLY W 520 -23.60 7.84 27.56
N THR W 521 -23.68 7.13 28.68
CA THR W 521 -22.45 6.73 29.37
C THR W 521 -21.72 5.61 28.67
N ALA W 522 -22.40 4.85 27.82
CA ALA W 522 -21.74 3.81 27.07
C ALA W 522 -20.94 4.40 25.93
N ASP W 523 -21.42 5.54 25.42
CA ASP W 523 -20.62 6.34 24.51
C ASP W 523 -19.38 6.86 25.20
N PHE W 524 -19.58 7.52 26.34
CA PHE W 524 -18.51 8.11 27.13
C PHE W 524 -17.31 7.23 27.41
N MET W 525 -17.58 5.99 27.83
CA MET W 525 -16.57 5.01 28.14
C MET W 525 -15.75 4.64 26.93
N VAL W 526 -16.41 4.55 25.78
CA VAL W 526 -15.73 4.16 24.54
C VAL W 526 -14.82 5.26 24.00
N HIS W 527 -15.22 6.51 24.21
CA HIS W 527 -14.44 7.65 23.75
C HIS W 527 -13.11 7.73 24.48
N HIS W 528 -13.05 7.20 25.70
CA HIS W 528 -11.81 7.20 26.44
C HIS W 528 -10.91 6.08 25.92
N ILE W 529 -11.48 4.93 25.57
CA ILE W 529 -10.68 3.92 24.91
C ILE W 529 -10.01 4.53 23.68
N HIS W 530 -10.76 5.35 22.94
CA HIS W 530 -10.18 6.01 21.78
C HIS W 530 -9.07 6.90 22.28
N ALA W 531 -9.36 7.73 23.29
CA ALA W 531 -8.33 8.57 23.86
C ALA W 531 -7.10 7.76 24.20
N PHE W 532 -7.28 6.73 25.02
CA PHE W 532 -6.20 5.85 25.48
C PHE W 532 -5.32 5.17 24.42
N THR W 533 -5.90 4.63 23.35
CA THR W 533 -5.09 3.95 22.36
C THR W 533 -4.34 4.90 21.46
N ILE W 534 -4.79 6.13 21.33
CA ILE W 534 -4.03 7.11 20.57
C ILE W 534 -2.82 7.60 21.37
N HIS W 535 -2.99 7.78 22.67
CA HIS W 535 -1.90 8.23 23.53
C HIS W 535 -0.76 7.22 23.64
N VAL W 536 -1.07 5.92 23.53
CA VAL W 536 -0.04 4.90 23.60
C VAL W 536 0.72 4.80 22.29
N THR W 537 -0.01 4.94 21.20
CA THR W 537 0.59 4.91 19.87
C THR W 537 1.53 6.10 19.76
N VAL W 538 1.12 7.24 20.30
CA VAL W 538 1.97 8.43 20.24
C VAL W 538 3.19 8.25 21.15
N LEU W 539 3.05 7.50 22.23
CA LEU W 539 4.15 7.26 23.14
C LEU W 539 5.31 6.46 22.50
N ILE W 540 5.00 5.53 21.60
CA ILE W 540 5.99 4.70 20.97
C ILE W 540 6.67 5.43 19.82
N LEU W 541 5.88 6.13 19.02
CA LEU W 541 6.41 6.85 17.87
C LEU W 541 7.22 8.09 18.26
N LEU W 542 6.74 8.79 19.28
CA LEU W 542 7.39 9.99 19.78
C LEU W 542 8.73 9.62 20.39
N LYS W 543 8.73 8.55 21.16
CA LYS W 543 9.93 8.03 21.82
C LYS W 543 10.95 7.60 20.78
N GLY W 544 10.48 7.05 19.67
CA GLY W 544 11.38 6.64 18.60
C GLY W 544 12.06 7.81 17.92
N VAL W 545 11.35 8.92 17.81
CA VAL W 545 11.93 10.09 17.17
C VAL W 545 12.88 10.85 18.08
N LEU W 546 12.52 10.98 19.36
CA LEU W 546 13.35 11.69 20.33
C LEU W 546 14.62 10.94 20.71
N TYR W 547 14.55 9.62 20.74
CA TYR W 547 15.71 8.83 21.09
C TYR W 547 16.30 8.13 19.88
N ALA W 548 16.17 8.75 18.71
CA ALA W 548 16.68 8.15 17.49
C ALA W 548 18.19 8.24 17.41
N ARG W 549 18.78 9.25 18.02
CA ARG W 549 20.23 9.45 17.94
C ARG W 549 21.05 8.90 19.10
N SER W 550 20.50 8.95 20.31
CA SER W 550 21.23 8.47 21.47
C SER W 550 20.24 8.19 22.58
N SER W 551 20.73 7.50 23.61
CA SER W 551 20.01 7.32 24.85
C SER W 551 21.04 7.12 25.94
N LYS W 552 20.56 6.91 27.15
CA LYS W 552 21.42 6.62 28.29
C LYS W 552 21.91 5.20 28.05
N LEU W 553 21.08 4.38 27.42
CA LEU W 553 21.46 2.99 27.11
C LEU W 553 22.55 3.01 26.04
N ILE W 554 22.22 3.51 24.86
CA ILE W 554 23.20 3.60 23.77
C ILE W 554 23.57 5.06 23.50
N PRO W 555 24.77 5.50 23.87
CA PRO W 555 25.16 6.88 23.56
C PRO W 555 25.48 7.14 22.10
N ASP W 556 25.78 6.12 21.32
CA ASP W 556 26.08 6.35 19.90
C ASP W 556 25.10 5.60 19.02
N LYS W 557 23.81 5.82 19.25
CA LYS W 557 22.78 5.15 18.48
C LYS W 557 22.71 5.64 17.04
N ALA W 558 23.03 6.91 16.82
CA ALA W 558 22.97 7.49 15.49
C ALA W 558 24.02 6.91 14.56
N ASN W 559 25.16 6.48 15.10
CA ASN W 559 26.16 5.81 14.27
C ASN W 559 25.72 4.42 13.88
N LEU W 560 24.82 3.79 14.63
CA LEU W 560 24.34 2.47 14.28
C LEU W 560 23.32 2.50 13.15
N GLY W 561 22.59 3.59 13.00
CA GLY W 561 21.74 3.80 11.85
C GLY W 561 20.28 3.90 12.24
N PHE W 562 19.42 3.91 11.22
CA PHE W 562 17.98 3.96 11.44
C PHE W 562 17.49 2.57 11.84
N ARG W 563 17.77 1.57 11.01
CA ARG W 563 17.33 0.22 11.34
C ARG W 563 18.43 -0.82 11.50
N PHE W 564 18.70 -1.14 12.76
CA PHE W 564 19.67 -2.15 13.17
C PHE W 564 18.90 -3.08 14.11
N PRO W 565 19.32 -4.34 14.21
CA PRO W 565 18.54 -5.24 15.06
C PRO W 565 18.63 -4.93 16.53
N CYS W 566 19.84 -4.56 17.00
CA CYS W 566 20.18 -4.44 18.42
C CYS W 566 21.63 -3.98 18.53
N ASP W 567 22.11 -3.85 19.76
CA ASP W 567 23.54 -3.75 20.05
C ASP W 567 23.95 -4.85 21.02
N GLY W 568 23.50 -6.08 20.76
CA GLY W 568 24.03 -7.21 21.48
C GLY W 568 23.38 -7.52 22.80
N PRO W 569 23.68 -8.70 23.33
CA PRO W 569 23.06 -9.16 24.57
C PRO W 569 23.73 -8.67 25.80
N GLY W 570 24.51 -7.61 25.75
CA GLY W 570 25.00 -7.01 26.96
C GLY W 570 24.22 -5.76 27.27
N ARG W 571 24.58 -5.11 28.37
CA ARG W 571 23.86 -3.93 28.80
C ARG W 571 22.43 -4.41 28.94
N GLY W 572 22.26 -5.59 29.54
CA GLY W 572 20.97 -6.23 29.66
C GLY W 572 20.52 -6.57 28.26
N GLY W 573 19.32 -6.19 27.87
CA GLY W 573 18.85 -6.49 26.53
C GLY W 573 18.75 -5.25 25.67
N THR W 574 19.40 -5.29 24.51
CA THR W 574 19.36 -4.16 23.58
C THR W 574 18.39 -4.36 22.42
N CYS W 575 17.67 -5.47 22.41
CA CYS W 575 16.73 -5.76 21.35
C CYS W 575 15.75 -4.60 21.18
N GLN W 576 15.43 -4.33 19.92
CA GLN W 576 14.46 -3.33 19.51
C GLN W 576 14.68 -1.93 20.04
N SER W 577 15.95 -1.52 20.03
CA SER W 577 16.34 -0.19 20.50
C SER W 577 16.33 0.83 19.37
N SER W 578 16.45 0.36 18.13
CA SER W 578 16.47 1.26 16.99
C SER W 578 15.13 1.95 16.84
N SER W 579 15.15 3.11 16.18
CA SER W 579 13.92 3.85 15.99
C SER W 579 13.02 3.25 14.94
N TRP W 580 13.57 2.29 14.18
CA TRP W 580 12.82 1.55 13.18
C TRP W 580 11.95 0.56 13.95
N ASP W 581 12.50 0.04 15.05
CA ASP W 581 11.77 -0.89 15.88
C ASP W 581 10.70 -0.21 16.69
N HIS W 582 10.79 1.11 16.82
CA HIS W 582 9.76 1.86 17.51
C HIS W 582 8.61 1.95 16.50
N VAL W 583 8.95 2.19 15.24
CA VAL W 583 7.94 2.22 14.20
C VAL W 583 7.26 0.86 14.09
N PHE W 584 8.07 -0.20 14.23
CA PHE W 584 7.57 -1.56 14.19
C PHE W 584 6.55 -1.84 15.31
N LEU W 585 6.84 -1.37 16.53
CA LEU W 585 5.92 -1.61 17.63
C LEU W 585 4.66 -0.79 17.48
N GLY W 586 4.79 0.48 17.11
CA GLY W 586 3.65 1.37 16.96
C GLY W 586 2.69 1.01 15.85
N LEU W 587 3.10 0.12 14.96
CA LEU W 587 2.23 -0.35 13.90
C LEU W 587 1.17 -1.27 14.52
N PHE W 588 1.54 -2.00 15.56
CA PHE W 588 0.61 -2.89 16.24
C PHE W 588 -0.41 -2.11 17.05
N TRP W 589 -0.06 -0.89 17.45
CA TRP W 589 -0.98 -0.06 18.24
C TRP W 589 -1.95 0.63 17.30
N MET W 590 -1.44 1.21 16.23
CA MET W 590 -2.32 1.84 15.27
C MET W 590 -3.38 0.80 14.92
N TYR W 591 -2.94 -0.45 14.72
CA TYR W 591 -3.86 -1.53 14.40
C TYR W 591 -4.89 -1.69 15.50
N ASN W 592 -4.42 -1.70 16.74
CA ASN W 592 -5.29 -1.84 17.89
C ASN W 592 -6.27 -0.67 18.00
N ALA W 593 -5.77 0.54 17.76
CA ALA W 593 -6.60 1.74 17.88
C ALA W 593 -7.68 1.80 16.82
N ILE W 594 -7.31 1.57 15.55
CA ILE W 594 -8.27 1.69 14.45
C ILE W 594 -9.31 0.57 14.51
N SER W 595 -8.93 -0.61 15.02
CA SER W 595 -9.87 -1.72 15.12
C SER W 595 -11.01 -1.40 16.08
N VAL W 596 -10.71 -0.71 17.18
CA VAL W 596 -11.76 -0.32 18.11
C VAL W 596 -12.62 0.80 17.53
N VAL W 597 -12.04 1.65 16.68
CA VAL W 597 -12.80 2.74 16.06
C VAL W 597 -13.86 2.19 15.12
N ILE W 598 -13.47 1.26 14.24
CA ILE W 598 -14.41 0.73 13.28
C ILE W 598 -15.39 -0.23 13.92
N PHE W 599 -15.05 -0.76 15.09
CA PHE W 599 -15.95 -1.65 15.81
C PHE W 599 -17.02 -0.77 16.46
N HIS W 600 -16.59 0.37 16.98
CA HIS W 600 -17.46 1.35 17.61
C HIS W 600 -18.42 1.94 16.60
N PHE W 601 -17.95 2.18 15.39
CA PHE W 601 -18.79 2.77 14.36
C PHE W 601 -19.79 1.77 13.77
N SER W 602 -19.35 0.53 13.58
CA SER W 602 -20.20 -0.49 12.96
C SER W 602 -21.35 -0.87 13.87
N TRP W 603 -21.11 -0.86 15.17
CA TRP W 603 -22.12 -1.25 16.16
C TRP W 603 -23.07 -0.13 16.57
N LYS W 604 -22.55 1.08 16.71
CA LYS W 604 -23.38 2.21 17.11
C LYS W 604 -24.35 2.58 16.00
N MET W 605 -23.94 2.46 14.74
CA MET W 605 -24.82 2.81 13.64
C MET W 605 -25.92 1.77 13.48
N GLN W 606 -25.59 0.51 13.72
CA GLN W 606 -26.54 -0.58 13.60
C GLN W 606 -27.51 -0.67 14.77
N SER W 607 -27.14 -0.11 15.91
CA SER W 607 -27.99 -0.17 17.08
C SER W 607 -28.90 1.04 17.18
N ASP W 608 -28.42 2.20 16.77
CA ASP W 608 -29.09 3.45 17.09
C ASP W 608 -29.40 4.35 15.90
N VAL W 609 -29.00 3.99 14.68
CA VAL W 609 -29.39 4.76 13.50
C VAL W 609 -30.10 3.88 12.50
N TRP W 610 -29.31 3.03 11.87
CA TRP W 610 -29.76 2.17 10.79
C TRP W 610 -30.96 1.28 11.08
N GLY W 611 -31.88 1.23 10.14
CA GLY W 611 -33.04 0.38 10.26
C GLY W 611 -34.14 0.79 9.30
N THR W 612 -35.28 0.13 9.44
CA THR W 612 -36.42 0.43 8.60
C THR W 612 -37.52 1.00 9.48
N VAL W 613 -38.61 1.40 8.84
CA VAL W 613 -39.76 1.95 9.53
C VAL W 613 -41.06 1.50 8.87
N THR W 614 -42.16 1.81 9.55
CA THR W 614 -43.51 1.52 9.07
C THR W 614 -44.38 2.74 9.41
N ALA W 615 -45.69 2.52 9.42
CA ALA W 615 -46.66 3.55 9.76
C ALA W 615 -46.47 4.11 11.16
N ASP W 616 -46.79 5.39 11.32
CA ASP W 616 -46.66 6.17 12.56
C ASP W 616 -45.22 6.23 13.06
N GLY W 617 -44.26 6.15 12.14
CA GLY W 617 -42.85 6.35 12.46
C GLY W 617 -42.25 5.32 13.39
N SER W 618 -42.71 4.08 13.32
CA SER W 618 -42.20 3.03 14.19
C SER W 618 -40.84 2.60 13.68
N ILE W 619 -39.79 3.01 14.37
CA ILE W 619 -38.42 2.70 13.95
C ILE W 619 -38.03 1.33 14.49
N SER W 620 -37.55 0.47 13.61
CA SER W 620 -37.00 -0.82 13.98
C SER W 620 -35.53 -0.82 13.57
N HIS W 621 -34.64 -0.74 14.56
CA HIS W 621 -33.21 -0.73 14.27
C HIS W 621 -32.70 -2.10 13.86
N ILE W 622 -31.46 -2.14 13.41
CA ILE W 622 -30.88 -3.38 12.89
C ILE W 622 -30.61 -4.36 14.02
N THR W 623 -29.92 -3.93 15.06
CA THR W 623 -29.72 -4.77 16.24
C THR W 623 -30.60 -4.34 17.41
N GLY W 624 -31.61 -3.51 17.15
CA GLY W 624 -32.66 -3.28 18.11
C GLY W 624 -32.30 -2.48 19.34
N GLY W 625 -31.38 -1.54 19.21
CA GLY W 625 -31.06 -0.66 20.33
C GLY W 625 -30.34 -1.31 21.48
N ASN W 626 -29.49 -2.30 21.22
CA ASN W 626 -28.75 -2.95 22.30
C ASN W 626 -27.46 -2.22 22.65
N PHE W 627 -27.30 -0.97 22.29
CA PHE W 627 -26.01 -0.35 22.57
C PHE W 627 -25.78 0.24 23.95
N ALA W 628 -26.82 0.62 24.68
CA ALA W 628 -26.56 1.25 25.96
C ALA W 628 -26.33 0.24 27.06
N GLN W 629 -26.86 -0.98 26.92
CA GLN W 629 -26.72 -1.97 27.98
C GLN W 629 -25.98 -3.24 27.61
N SER W 630 -25.23 -3.23 26.52
CA SER W 630 -24.51 -4.43 26.12
C SER W 630 -23.06 -4.16 25.77
N SER W 631 -22.69 -2.89 25.67
CA SER W 631 -21.31 -2.54 25.33
C SER W 631 -20.52 -2.01 26.52
N ILE W 632 -21.09 -2.12 27.71
CA ILE W 632 -20.40 -1.63 28.90
C ILE W 632 -19.54 -2.70 29.53
N THR W 633 -19.64 -3.91 29.02
CA THR W 633 -18.85 -5.04 29.51
C THR W 633 -18.13 -5.70 28.33
N ILE W 634 -17.06 -6.42 28.60
CA ILE W 634 -16.33 -7.10 27.54
C ILE W 634 -17.18 -8.26 27.03
N ASN W 635 -17.85 -8.96 27.94
CA ASN W 635 -18.72 -10.07 27.54
C ASN W 635 -19.80 -9.59 26.59
N GLY W 636 -20.29 -8.39 26.78
CA GLY W 636 -21.32 -7.88 25.89
C GLY W 636 -20.78 -7.58 24.50
N TRP W 637 -19.53 -7.13 24.44
CA TRP W 637 -18.89 -6.86 23.17
C TRP W 637 -18.56 -8.16 22.44
N LEU W 638 -18.20 -9.18 23.22
CA LEU W 638 -17.84 -10.48 22.68
C LEU W 638 -19.03 -11.31 22.22
N ARG W 639 -20.15 -11.17 22.93
CA ARG W 639 -21.34 -11.94 22.61
C ARG W 639 -22.35 -11.27 21.68
N ASP W 640 -22.50 -9.96 21.77
CA ASP W 640 -23.50 -9.32 20.94
C ASP W 640 -22.92 -8.70 19.68
N PHE W 641 -21.66 -8.29 19.71
CA PHE W 641 -21.07 -7.79 18.48
C PHE W 641 -20.37 -8.89 17.70
N LEU W 642 -19.41 -9.57 18.30
CA LEU W 642 -18.60 -10.49 17.54
C LEU W 642 -19.29 -11.81 17.27
N TRP W 643 -19.99 -12.36 18.26
CA TRP W 643 -20.64 -13.65 18.10
C TRP W 643 -21.94 -13.60 17.31
N SER W 644 -22.78 -12.61 17.63
CA SER W 644 -24.08 -12.52 16.99
C SER W 644 -23.97 -12.09 15.54
N GLN W 645 -23.18 -11.06 15.26
CA GLN W 645 -23.06 -10.55 13.91
C GLN W 645 -22.13 -11.39 13.04
N ALA W 646 -21.61 -12.49 13.54
CA ALA W 646 -20.80 -13.38 12.71
C ALA W 646 -21.63 -14.31 11.86
N SER W 647 -22.93 -14.40 12.09
CA SER W 647 -23.77 -15.42 11.50
C SER W 647 -23.79 -15.42 9.98
N GLN W 648 -23.51 -14.27 9.38
CA GLN W 648 -23.54 -14.13 7.94
C GLN W 648 -22.31 -14.78 7.31
N VAL W 649 -21.13 -14.35 7.73
CA VAL W 649 -19.91 -14.89 7.18
C VAL W 649 -19.73 -16.37 7.47
N ILE W 650 -20.33 -16.89 8.53
CA ILE W 650 -20.14 -18.32 8.80
C ILE W 650 -21.22 -19.19 8.16
N GLN W 651 -22.29 -18.57 7.68
CA GLN W 651 -23.38 -19.29 7.04
C GLN W 651 -23.50 -18.82 5.60
N SER W 652 -22.37 -18.43 5.01
CA SER W 652 -22.38 -17.92 3.65
C SER W 652 -22.12 -18.97 2.60
N TYR W 653 -21.83 -20.21 3.00
CA TYR W 653 -21.54 -21.28 2.05
C TYR W 653 -22.73 -21.59 1.16
N GLY W 654 -22.47 -21.92 -0.10
CA GLY W 654 -23.52 -22.21 -1.04
C GLY W 654 -24.24 -20.99 -1.56
N SER W 655 -23.95 -19.81 -1.04
CA SER W 655 -24.55 -18.57 -1.48
C SER W 655 -23.53 -17.77 -2.27
N ALA W 656 -23.95 -16.61 -2.75
CA ALA W 656 -23.08 -15.79 -3.56
C ALA W 656 -22.04 -15.05 -2.74
N SER W 657 -22.23 -14.92 -1.44
CA SER W 657 -21.25 -14.29 -0.57
C SER W 657 -20.34 -15.31 0.11
N SER W 658 -20.14 -16.46 -0.52
CA SER W 658 -19.28 -17.49 0.04
C SER W 658 -17.80 -17.20 -0.11
N ALA W 659 -17.42 -16.24 -0.97
CA ALA W 659 -16.04 -15.81 -1.02
C ALA W 659 -15.65 -15.10 0.27
N TYR W 660 -16.59 -14.44 0.91
CA TYR W 660 -16.31 -13.81 2.19
C TYR W 660 -16.08 -14.84 3.28
N GLY W 661 -16.72 -16.00 3.19
CA GLY W 661 -16.45 -17.06 4.14
C GLY W 661 -15.09 -17.68 3.97
N LEU W 662 -14.60 -17.76 2.73
CA LEU W 662 -13.28 -18.33 2.49
C LEU W 662 -12.18 -17.35 2.89
N ILE W 663 -12.35 -16.06 2.59
CA ILE W 663 -11.34 -15.07 2.93
C ILE W 663 -11.30 -14.85 4.43
N PHE W 664 -12.41 -15.15 5.09
CA PHE W 664 -12.51 -15.08 6.55
C PHE W 664 -11.54 -16.09 7.16
N LEU W 665 -11.67 -17.36 6.74
CA LEU W 665 -10.76 -18.42 7.19
C LEU W 665 -9.34 -18.17 6.72
N GLY W 666 -9.18 -17.71 5.48
CA GLY W 666 -7.86 -17.47 4.95
C GLY W 666 -7.09 -16.43 5.72
N ALA W 667 -7.78 -15.44 6.25
CA ALA W 667 -7.11 -14.40 7.01
C ALA W 667 -6.91 -14.76 8.48
N HIS W 668 -7.61 -15.79 8.95
CA HIS W 668 -7.40 -16.28 10.30
C HIS W 668 -6.13 -17.13 10.23
N PHE W 669 -5.90 -17.75 9.07
CA PHE W 669 -4.75 -18.61 8.86
C PHE W 669 -3.48 -17.79 8.74
N ILE W 670 -3.55 -16.70 7.97
CA ILE W 670 -2.40 -15.84 7.77
C ILE W 670 -2.01 -15.11 9.05
N TRP W 671 -3.00 -14.74 9.86
CA TRP W 671 -2.73 -14.04 11.09
C TRP W 671 -1.97 -14.93 12.07
N ALA W 672 -2.33 -16.21 12.09
CA ALA W 672 -1.68 -17.17 12.95
C ALA W 672 -0.29 -17.48 12.41
N PHE W 673 -0.17 -17.44 11.09
CA PHE W 673 1.09 -17.70 10.40
C PHE W 673 2.13 -16.65 10.79
N SER W 674 1.68 -15.44 11.08
CA SER W 674 2.56 -14.36 11.48
C SER W 674 3.26 -14.63 12.79
N LEU W 675 2.60 -15.36 13.68
CA LEU W 675 3.10 -15.55 15.03
C LEU W 675 4.33 -16.44 15.07
N MET W 676 4.60 -17.14 13.97
CA MET W 676 5.78 -17.97 13.87
C MET W 676 6.99 -17.07 13.68
N PHE W 677 6.82 -15.97 12.93
CA PHE W 677 7.90 -15.03 12.69
C PHE W 677 8.09 -14.09 13.87
N LEU W 678 7.02 -13.74 14.58
CA LEU W 678 7.14 -12.76 15.63
C LEU W 678 7.64 -13.34 16.94
N PHE W 679 7.39 -14.61 17.20
CA PHE W 679 7.79 -15.21 18.46
C PHE W 679 9.14 -15.88 18.40
N SER W 680 9.58 -16.29 17.24
CA SER W 680 10.84 -16.98 17.12
C SER W 680 11.91 -16.00 16.68
N GLY W 681 13.11 -16.53 16.48
CA GLY W 681 14.20 -15.73 15.99
C GLY W 681 15.12 -16.57 15.15
N ARG W 682 15.97 -15.86 14.40
CA ARG W 682 16.87 -16.38 13.38
C ARG W 682 17.84 -17.53 13.60
N GLY W 683 18.42 -17.64 14.78
CA GLY W 683 19.45 -18.66 14.95
C GLY W 683 18.92 -20.05 15.19
N TYR W 684 17.62 -20.16 15.36
CA TYR W 684 17.04 -21.48 15.44
C TYR W 684 16.76 -21.89 14.00
N TRP W 685 16.39 -20.93 13.16
CA TRP W 685 16.07 -21.23 11.77
C TRP W 685 17.30 -21.50 10.91
N GLN W 686 18.41 -20.83 11.20
CA GLN W 686 19.62 -21.05 10.41
C GLN W 686 20.26 -22.40 10.71
N GLU W 687 20.19 -22.86 11.97
CA GLU W 687 20.64 -24.22 12.25
C GLU W 687 19.74 -25.26 11.63
N LEU W 688 18.47 -24.95 11.47
CA LEU W 688 17.53 -25.86 10.84
C LEU W 688 17.88 -25.99 9.37
N ILE W 689 18.29 -24.88 8.75
CA ILE W 689 18.64 -24.89 7.34
C ILE W 689 19.89 -25.72 7.09
N GLU W 690 20.82 -25.75 8.05
CA GLU W 690 22.07 -26.48 7.89
C GLU W 690 21.87 -27.97 7.79
N SER W 691 20.90 -28.51 8.53
CA SER W 691 20.58 -29.92 8.38
C SER W 691 19.90 -30.20 7.05
N ILE W 692 19.16 -29.22 6.53
CA ILE W 692 18.50 -29.39 5.25
C ILE W 692 19.51 -29.34 4.11
N VAL W 693 20.43 -28.37 4.15
CA VAL W 693 21.51 -28.22 3.16
C VAL W 693 22.35 -29.47 3.07
N TRP W 694 22.53 -30.14 4.22
CA TRP W 694 23.29 -31.36 4.28
C TRP W 694 22.68 -32.45 3.41
N ALA W 695 21.36 -32.57 3.45
CA ALA W 695 20.65 -33.57 2.66
C ALA W 695 20.79 -33.30 1.17
N HIS W 696 21.11 -32.06 0.83
CA HIS W 696 21.31 -31.68 -0.56
C HIS W 696 22.77 -31.96 -0.92
N ASN W 697 23.70 -31.58 -0.04
CA ASN W 697 25.12 -31.84 -0.24
C ASN W 697 25.40 -33.32 -0.34
N LYS W 698 24.65 -34.12 0.41
CA LYS W 698 24.79 -35.56 0.38
C LYS W 698 24.47 -36.09 -1.01
N LEU W 699 23.50 -35.46 -1.68
CA LEU W 699 23.14 -35.85 -3.03
C LEU W 699 23.87 -35.05 -4.10
N ASN W 700 25.09 -34.61 -3.79
CA ASN W 700 25.94 -33.91 -4.75
C ASN W 700 25.46 -32.56 -5.30
N PHE W 701 24.51 -31.90 -4.67
CA PHE W 701 24.08 -30.63 -5.20
C PHE W 701 23.67 -29.61 -4.14
N ALA W 702 24.02 -28.36 -4.38
CA ALA W 702 23.67 -27.28 -3.48
C ALA W 702 23.63 -26.00 -4.30
N PRO W 703 22.76 -25.06 -3.96
CA PRO W 703 22.75 -23.81 -4.71
C PRO W 703 23.98 -22.98 -4.39
N ALA W 704 24.52 -22.34 -5.42
CA ALA W 704 25.69 -21.50 -5.22
C ALA W 704 25.34 -20.22 -4.50
N ILE W 705 24.09 -19.76 -4.63
CA ILE W 705 23.54 -18.74 -3.75
C ILE W 705 23.16 -19.45 -2.46
N GLN W 706 24.02 -19.37 -1.46
CA GLN W 706 23.80 -20.06 -0.19
C GLN W 706 22.53 -19.67 0.54
N PRO W 707 21.77 -20.67 1.01
CA PRO W 707 20.54 -20.35 1.72
C PRO W 707 20.82 -19.85 3.12
N ARG W 708 20.25 -18.70 3.45
CA ARG W 708 20.42 -18.11 4.75
C ARG W 708 19.08 -17.72 5.32
N ALA W 709 18.87 -17.96 6.60
CA ALA W 709 17.65 -17.57 7.25
C ALA W 709 17.44 -16.07 7.08
N LEU W 710 16.18 -15.66 7.20
CA LEU W 710 15.82 -14.26 7.15
C LEU W 710 16.50 -13.52 8.29
N SER W 711 16.92 -12.29 8.05
CA SER W 711 17.66 -11.57 9.08
C SER W 711 16.72 -11.15 10.22
N ILE W 712 17.33 -10.70 11.31
CA ILE W 712 16.59 -10.27 12.49
C ILE W 712 15.58 -9.19 12.18
N THR W 713 16.03 -8.14 11.49
CA THR W 713 15.14 -7.05 11.14
C THR W 713 14.06 -7.54 10.20
N GLN W 714 14.46 -8.26 9.16
CA GLN W 714 13.52 -8.78 8.19
C GLN W 714 12.54 -9.78 8.79
N GLY W 715 12.96 -10.59 9.74
CA GLY W 715 11.99 -11.55 10.25
C GLY W 715 10.88 -10.89 11.04
N ARG W 716 11.15 -9.66 11.48
CA ARG W 716 10.18 -8.86 12.21
C ARG W 716 9.21 -8.19 11.23
N ALA W 717 9.75 -7.70 10.12
CA ALA W 717 8.94 -7.05 9.10
C ALA W 717 8.05 -8.03 8.36
N VAL W 718 8.44 -9.30 8.28
CA VAL W 718 7.55 -10.30 7.73
C VAL W 718 6.41 -10.58 8.69
N GLY W 719 6.72 -10.77 9.97
CA GLY W 719 5.69 -11.10 10.93
C GLY W 719 4.69 -9.98 11.15
N LEU W 720 5.12 -8.75 10.92
CA LEU W 720 4.23 -7.62 11.06
C LEU W 720 3.32 -7.48 9.84
N ALA W 721 3.83 -7.81 8.66
CA ALA W 721 3.04 -7.69 7.45
C ALA W 721 1.98 -8.76 7.34
N HIS W 722 2.25 -9.91 7.95
CA HIS W 722 1.27 -11.00 7.96
C HIS W 722 0.27 -10.72 9.08
N TYR W 723 0.73 -10.11 10.16
CA TYR W 723 -0.16 -9.78 11.27
C TYR W 723 -1.21 -8.78 10.81
N LEU W 724 -0.79 -7.78 10.04
CA LEU W 724 -1.74 -6.79 9.56
C LEU W 724 -2.64 -7.38 8.49
N LEU W 725 -2.05 -8.07 7.51
CA LEU W 725 -2.80 -8.68 6.44
C LEU W 725 -3.87 -9.64 6.96
N GLY W 726 -3.49 -10.51 7.88
CA GLY W 726 -4.43 -11.47 8.42
C GLY W 726 -5.47 -10.83 9.32
N GLY W 727 -5.04 -9.83 10.09
CA GLY W 727 -5.93 -9.15 11.03
C GLY W 727 -6.94 -8.25 10.36
N ILE W 728 -6.47 -7.40 9.46
CA ILE W 728 -7.34 -6.48 8.76
C ILE W 728 -8.26 -7.25 7.81
N GLY W 729 -7.72 -8.30 7.21
CA GLY W 729 -8.47 -9.12 6.28
C GLY W 729 -9.65 -9.87 6.88
N THR W 730 -9.45 -10.43 8.06
CA THR W 730 -10.50 -11.16 8.75
C THR W 730 -11.65 -10.24 9.05
N THR W 731 -11.34 -8.98 9.31
CA THR W 731 -12.34 -7.96 9.60
C THR W 731 -13.01 -7.47 8.32
N TRP W 732 -12.24 -7.48 7.24
CA TRP W 732 -12.71 -7.07 5.93
C TRP W 732 -13.81 -8.01 5.48
N ALA W 733 -13.57 -9.31 5.64
CA ALA W 733 -14.54 -10.32 5.25
C ALA W 733 -15.76 -10.33 6.16
N PHE W 734 -15.56 -9.99 7.42
CA PHE W 734 -16.64 -9.97 8.41
C PHE W 734 -17.55 -8.77 8.23
N PHE W 735 -16.97 -7.66 7.78
CA PHE W 735 -17.72 -6.43 7.59
C PHE W 735 -18.58 -6.37 6.33
N LEU W 736 -18.11 -7.00 5.26
CA LEU W 736 -18.84 -6.93 4.01
C LEU W 736 -19.94 -7.96 3.96
N ALA W 737 -19.68 -9.17 4.45
CA ALA W 737 -20.75 -10.15 4.47
C ALA W 737 -21.83 -9.83 5.50
N ARG W 738 -21.50 -8.99 6.47
CA ARG W 738 -22.47 -8.57 7.46
C ARG W 738 -23.32 -7.40 6.95
N SER W 739 -22.70 -6.47 6.25
CA SER W 739 -23.39 -5.29 5.74
C SER W 739 -24.08 -5.52 4.39
N LEU W 740 -23.65 -6.49 3.59
CA LEU W 740 -24.41 -6.80 2.38
C LEU W 740 -25.73 -7.49 2.71
N SER W 741 -25.77 -8.18 3.84
CA SER W 741 -26.99 -8.88 4.25
C SER W 741 -28.01 -7.99 4.93
N ILE W 742 -27.58 -6.81 5.37
CA ILE W 742 -28.48 -5.89 6.05
C ILE W 742 -28.82 -4.66 5.22
N THR W 743 -28.28 -4.61 4.00
CA THR W 743 -28.53 -3.47 3.07
C THR W 743 -29.53 -3.90 1.99
N ALA X 2 27.14 -16.77 49.99
CA ALA X 2 26.55 -15.47 49.76
C ALA X 2 25.85 -14.95 51.00
N THR X 3 25.73 -13.63 51.13
CA THR X 3 25.08 -13.06 52.33
C THR X 3 23.79 -12.30 51.99
N LYS X 4 23.45 -12.24 50.70
CA LYS X 4 22.23 -11.59 50.19
C LYS X 4 21.08 -12.59 50.15
N PHE X 5 19.97 -12.23 49.50
CA PHE X 5 18.80 -13.12 49.45
C PHE X 5 19.11 -14.46 48.79
N PRO X 6 19.86 -14.44 47.67
CA PRO X 6 20.18 -15.76 47.13
C PRO X 6 21.44 -16.12 47.88
N LYS X 7 21.39 -17.16 48.71
CA LYS X 7 22.53 -17.47 49.55
C LYS X 7 23.35 -18.56 48.87
N PHE X 8 22.77 -19.10 47.79
CA PHE X 8 23.39 -20.17 47.02
C PHE X 8 24.14 -19.67 45.79
N SER X 9 23.98 -18.39 45.46
CA SER X 9 24.69 -17.81 44.33
C SER X 9 25.32 -16.50 44.79
N GLN X 10 26.63 -16.54 44.97
CA GLN X 10 27.39 -15.39 45.36
C GLN X 10 27.41 -14.38 44.21
N ALA X 11 27.25 -14.90 43.00
CA ALA X 11 27.29 -14.11 41.80
C ALA X 11 25.95 -13.48 41.44
N LEU X 12 24.87 -14.00 42.02
CA LEU X 12 23.56 -13.42 41.82
C LEU X 12 23.22 -12.50 42.98
N ALA X 13 23.90 -12.69 44.11
CA ALA X 13 23.66 -11.90 45.31
C ALA X 13 24.36 -10.55 45.31
N GLN X 14 25.26 -10.29 44.36
CA GLN X 14 25.99 -9.02 44.32
C GLN X 14 25.49 -8.06 43.24
N ASP X 15 24.36 -8.44 42.65
CA ASP X 15 23.68 -7.67 41.58
C ASP X 15 22.90 -6.52 42.22
N PRO X 16 23.05 -5.28 41.74
CA PRO X 16 22.36 -4.11 42.27
C PRO X 16 20.94 -3.92 41.72
N ALA X 17 20.60 -4.62 40.65
CA ALA X 17 19.28 -4.47 40.05
C ALA X 17 18.23 -5.45 40.57
N THR X 18 16.99 -5.22 40.18
CA THR X 18 15.86 -6.08 40.55
C THR X 18 15.94 -7.46 39.96
N ARG X 19 16.86 -7.66 39.02
CA ARG X 19 17.08 -8.94 38.38
C ARG X 19 17.52 -10.01 39.38
N ARG X 20 18.17 -9.57 40.45
CA ARG X 20 18.64 -10.48 41.49
C ARG X 20 17.48 -11.22 42.15
N ILE X 21 16.39 -10.50 42.41
CA ILE X 21 15.22 -11.10 43.04
C ILE X 21 14.58 -12.14 42.13
N TRP X 22 14.45 -11.77 40.86
CA TRP X 22 13.83 -12.63 39.87
C TRP X 22 14.55 -13.95 39.60
N TYR X 23 15.89 -13.91 39.68
CA TYR X 23 16.72 -15.08 39.41
C TYR X 23 16.89 -16.01 40.59
N GLY X 24 16.96 -15.45 41.80
CA GLY X 24 17.04 -16.28 42.97
C GLY X 24 15.82 -17.16 43.12
N ILE X 25 14.66 -16.67 42.71
CA ILE X 25 13.46 -17.50 42.66
C ILE X 25 13.60 -18.58 41.60
N ALA X 26 14.04 -18.20 40.41
CA ALA X 26 13.93 -19.09 39.26
C ALA X 26 15.08 -20.07 39.14
N THR X 27 16.11 -19.99 39.97
CA THR X 27 17.20 -20.95 39.96
C THR X 27 17.31 -21.69 41.28
N ALA X 28 16.26 -21.64 42.10
CA ALA X 28 16.35 -22.20 43.45
C ALA X 28 16.40 -23.71 43.44
N HIS X 29 15.79 -24.34 42.44
CA HIS X 29 15.77 -25.79 42.39
C HIS X 29 16.88 -26.41 41.53
N ASP X 30 17.60 -25.58 40.80
CA ASP X 30 18.71 -26.06 39.98
C ASP X 30 19.87 -26.36 40.92
N LEU X 31 19.70 -27.44 41.68
CA LEU X 31 20.69 -27.84 42.67
C LEU X 31 22.13 -28.08 42.22
N GLU X 32 22.35 -28.59 41.01
CA GLU X 32 23.74 -28.83 40.64
C GLU X 32 24.56 -27.56 40.50
N ALA X 33 23.91 -26.41 40.31
CA ALA X 33 24.62 -25.18 40.02
C ALA X 33 24.83 -24.30 41.25
N HIS X 34 24.53 -24.79 42.44
CA HIS X 34 24.71 -23.97 43.63
C HIS X 34 26.17 -23.89 44.08
N ASP X 35 26.51 -22.79 44.76
CA ASP X 35 27.87 -22.57 45.20
C ASP X 35 28.33 -23.67 46.15
N GLY X 36 29.44 -24.30 45.81
CA GLY X 36 30.05 -25.30 46.67
C GLY X 36 29.25 -26.57 46.82
N MET X 37 28.52 -26.96 45.80
CA MET X 37 27.72 -28.17 45.85
C MET X 37 28.61 -29.37 45.52
N THR X 38 28.63 -30.34 46.41
CA THR X 38 29.31 -31.60 46.15
C THR X 38 28.29 -32.63 45.67
N GLU X 39 28.77 -33.77 45.22
CA GLU X 39 27.87 -34.80 44.71
C GLU X 39 27.10 -35.52 45.81
N GLU X 40 27.74 -35.79 46.94
CA GLU X 40 27.03 -36.50 48.00
C GLU X 40 25.97 -35.63 48.64
N ASN X 41 26.25 -34.34 48.80
CA ASN X 41 25.27 -33.44 49.39
C ASN X 41 24.10 -33.23 48.45
N LEU X 42 24.37 -33.33 47.15
CA LEU X 42 23.35 -33.17 46.12
C LEU X 42 22.26 -34.24 46.23
N TYR X 43 22.69 -35.50 46.26
CA TYR X 43 21.78 -36.63 46.34
C TYR X 43 20.94 -36.66 47.61
N GLN X 44 21.50 -36.10 48.68
CA GLN X 44 20.82 -36.06 49.97
C GLN X 44 19.73 -35.00 49.98
N LYS X 45 20.03 -33.84 49.40
CA LYS X 45 19.07 -32.77 49.32
C LYS X 45 17.88 -33.17 48.45
N ILE X 46 18.16 -33.88 47.36
CA ILE X 46 17.09 -34.33 46.48
C ILE X 46 16.21 -35.33 47.19
N PHE X 47 16.84 -36.30 47.86
CA PHE X 47 16.13 -37.32 48.61
C PHE X 47 15.16 -36.73 49.61
N ALA X 48 15.62 -35.78 50.42
CA ALA X 48 14.75 -35.17 51.41
C ALA X 48 13.68 -34.30 50.77
N SER X 49 13.96 -33.83 49.56
CA SER X 49 13.02 -33.04 48.80
C SER X 49 11.92 -33.95 48.28
N HIS X 50 12.23 -35.23 48.10
CA HIS X 50 11.25 -36.17 47.62
C HIS X 50 10.20 -36.50 48.67
N PHE X 51 10.62 -36.50 49.93
CA PHE X 51 9.71 -36.77 51.04
C PHE X 51 8.71 -35.63 51.15
N GLY X 52 9.19 -34.39 51.14
CA GLY X 52 8.32 -33.24 51.22
C GLY X 52 7.36 -33.16 50.06
N HIS X 53 7.78 -33.66 48.90
CA HIS X 53 6.90 -33.65 47.75
C HIS X 53 5.81 -34.71 47.91
N LEU X 54 6.19 -35.87 48.45
CA LEU X 54 5.26 -36.96 48.67
C LEU X 54 4.18 -36.59 49.68
N ALA X 55 4.54 -35.77 50.67
CA ALA X 55 3.62 -35.35 51.70
C ALA X 55 2.58 -34.36 51.17
N ILE X 56 2.99 -33.50 50.23
CA ILE X 56 2.06 -32.55 49.61
C ILE X 56 0.99 -33.29 48.81
N ILE X 57 1.33 -34.42 48.19
CA ILE X 57 0.34 -35.21 47.47
C ILE X 57 -0.68 -35.82 48.43
N PHE X 58 -0.22 -36.36 49.55
CA PHE X 58 -1.16 -36.97 50.47
C PHE X 58 -1.95 -35.95 51.28
N LEU X 59 -1.43 -34.74 51.39
CA LEU X 59 -2.14 -33.67 52.07
C LEU X 59 -3.23 -33.18 51.12
N TRP X 60 -2.92 -33.23 49.83
CA TRP X 60 -3.84 -32.82 48.78
C TRP X 60 -5.01 -33.79 48.71
N THR X 61 -4.71 -35.08 48.81
CA THR X 61 -5.74 -36.11 48.76
C THR X 61 -6.62 -36.03 50.01
N ALA X 62 -5.98 -35.84 51.15
CA ALA X 62 -6.69 -35.72 52.42
C ALA X 62 -7.61 -34.51 52.42
N GLY X 63 -7.28 -33.48 51.65
CA GLY X 63 -8.19 -32.38 51.47
C GLY X 63 -9.46 -32.79 50.76
N ASN X 64 -9.32 -33.43 49.60
CA ASN X 64 -10.46 -33.83 48.78
C ASN X 64 -11.39 -34.79 49.52
N LEU X 65 -10.84 -35.66 50.36
CA LEU X 65 -11.68 -36.53 51.17
C LEU X 65 -12.42 -35.74 52.24
N PHE X 66 -11.77 -34.72 52.78
CA PHE X 66 -12.36 -33.94 53.86
C PHE X 66 -13.51 -33.01 53.47
N HIS X 67 -13.40 -32.40 52.29
CA HIS X 67 -14.43 -31.48 51.85
C HIS X 67 -15.72 -32.16 51.41
N VAL X 68 -15.64 -33.35 50.84
CA VAL X 68 -16.85 -34.06 50.48
C VAL X 68 -17.48 -34.68 51.70
N ALA X 69 -16.67 -35.18 52.61
CA ALA X 69 -17.19 -35.78 53.83
C ALA X 69 -17.87 -34.70 54.66
N TRP X 70 -17.32 -33.48 54.60
CA TRP X 70 -17.85 -32.36 55.35
C TRP X 70 -18.92 -31.54 54.64
N GLN X 71 -18.78 -31.33 53.33
CA GLN X 71 -19.76 -30.52 52.60
C GLN X 71 -20.35 -31.14 51.33
N GLY X 72 -20.07 -32.40 51.02
CA GLY X 72 -20.60 -32.97 49.80
C GLY X 72 -21.97 -33.58 49.98
N ASN X 73 -22.45 -34.20 48.91
CA ASN X 73 -23.66 -34.99 49.03
C ASN X 73 -23.40 -36.46 48.73
N PHE X 74 -22.29 -37.00 49.22
CA PHE X 74 -21.93 -38.38 48.94
C PHE X 74 -23.00 -39.39 49.34
N GLU X 75 -23.60 -39.18 50.51
CA GLU X 75 -24.64 -40.09 50.99
C GLU X 75 -25.89 -40.02 50.12
N GLN X 76 -26.25 -38.83 49.68
CA GLN X 76 -27.41 -38.65 48.83
C GLN X 76 -27.14 -39.13 47.42
N TRP X 77 -25.86 -39.14 47.02
CA TRP X 77 -25.46 -39.57 45.70
C TRP X 77 -25.43 -41.09 45.63
N VAL X 78 -24.99 -41.71 46.72
CA VAL X 78 -24.93 -43.16 46.78
C VAL X 78 -26.33 -43.74 46.68
N ALA X 79 -27.30 -43.03 47.23
CA ALA X 79 -28.69 -43.48 47.19
C ALA X 79 -29.29 -43.32 45.79
N LYS X 80 -29.02 -42.21 45.14
CA LYS X 80 -29.54 -41.96 43.79
C LYS X 80 -28.43 -41.38 42.94
N PRO X 81 -27.62 -42.25 42.33
CA PRO X 81 -26.46 -41.77 41.56
C PRO X 81 -26.78 -41.26 40.17
N LEU X 82 -28.04 -41.20 39.78
CA LEU X 82 -28.41 -40.81 38.44
C LEU X 82 -29.07 -39.45 38.36
N LYS X 83 -29.47 -38.88 39.48
CA LYS X 83 -30.25 -37.67 39.47
C LYS X 83 -29.61 -36.52 40.20
N THR X 84 -28.85 -36.81 41.25
CA THR X 84 -28.19 -35.79 42.05
C THR X 84 -26.83 -35.37 41.48
N LYS X 85 -26.47 -34.10 41.65
CA LYS X 85 -25.20 -33.62 41.14
C LYS X 85 -24.19 -33.56 42.26
N PRO X 86 -22.99 -34.09 42.06
CA PRO X 86 -22.02 -34.18 43.16
C PRO X 86 -21.35 -32.85 43.45
N ILE X 87 -20.93 -32.71 44.70
CA ILE X 87 -20.65 -31.42 45.31
C ILE X 87 -19.16 -31.31 45.60
N ALA X 88 -18.48 -30.33 44.98
CA ALA X 88 -17.04 -30.19 45.22
C ALA X 88 -16.78 -29.69 46.62
N HIS X 89 -17.16 -28.45 46.87
CA HIS X 89 -17.01 -27.79 48.17
C HIS X 89 -17.91 -26.57 48.20
N SER X 90 -18.10 -25.98 49.37
CA SER X 90 -18.96 -24.81 49.47
C SER X 90 -18.22 -23.49 49.26
N ILE X 91 -18.98 -22.49 48.86
CA ILE X 91 -18.46 -21.16 48.57
C ILE X 91 -18.80 -20.14 49.65
N TRP X 92 -17.81 -19.34 50.02
CA TRP X 92 -18.00 -18.25 50.97
C TRP X 92 -17.20 -17.08 50.43
N ASP X 93 -17.90 -16.18 49.76
CA ASP X 93 -17.25 -15.03 49.14
C ASP X 93 -18.04 -13.76 49.43
N PRO X 94 -17.47 -12.85 50.23
CA PRO X 94 -18.17 -11.60 50.58
C PRO X 94 -18.48 -10.70 49.39
N HIS X 95 -18.01 -11.06 48.19
CA HIS X 95 -18.24 -10.24 47.02
C HIS X 95 -19.50 -10.59 46.23
N PHE X 96 -20.28 -11.56 46.70
CA PHE X 96 -21.47 -12.02 45.99
C PHE X 96 -22.76 -11.24 46.24
N GLY X 97 -23.48 -10.89 45.18
CA GLY X 97 -24.79 -10.30 45.35
C GLY X 97 -25.75 -11.32 45.89
N GLU X 98 -26.99 -10.86 46.11
CA GLU X 98 -28.02 -11.76 46.59
C GLU X 98 -28.41 -12.78 45.53
N SER X 99 -28.47 -12.36 44.26
CA SER X 99 -28.80 -13.28 43.19
C SER X 99 -27.68 -14.27 42.91
N ALA X 100 -26.45 -13.97 43.34
CA ALA X 100 -25.37 -14.93 43.21
C ALA X 100 -25.53 -16.07 44.19
N LEU X 101 -25.96 -15.77 45.41
CA LEU X 101 -26.16 -16.81 46.39
C LEU X 101 -27.30 -17.73 46.03
N LYS X 102 -28.27 -17.20 45.30
CA LYS X 102 -29.40 -17.99 44.86
C LYS X 102 -29.08 -18.76 43.58
N ALA X 103 -28.09 -18.30 42.82
CA ALA X 103 -27.75 -18.97 41.57
C ALA X 103 -26.83 -20.15 41.79
N PHE X 104 -25.94 -20.05 42.76
CA PHE X 104 -25.01 -21.12 43.04
C PHE X 104 -25.54 -22.15 44.03
N SER X 105 -26.76 -21.90 44.55
CA SER X 105 -27.37 -22.83 45.49
C SER X 105 -28.64 -23.45 44.92
N LYS X 106 -28.71 -23.58 43.59
CA LYS X 106 -29.85 -24.18 42.94
C LYS X 106 -29.87 -25.67 43.25
N GLY X 107 -30.89 -26.13 43.98
CA GLY X 107 -31.00 -27.52 44.34
C GLY X 107 -30.35 -27.90 45.65
N ASN X 108 -29.83 -26.94 46.40
CA ASN X 108 -29.17 -27.21 47.67
C ASN X 108 -29.61 -26.16 48.68
N THR X 109 -28.91 -26.10 49.79
CA THR X 109 -29.17 -25.16 50.86
C THR X 109 -28.22 -23.97 50.85
N TYR X 110 -26.99 -24.18 50.38
CA TYR X 110 -26.01 -23.08 50.33
C TYR X 110 -25.29 -22.97 49.00
N PRO X 111 -24.42 -21.94 48.86
CA PRO X 111 -23.58 -21.69 47.68
C PRO X 111 -22.67 -22.90 47.49
N VAL X 112 -22.49 -23.38 46.28
CA VAL X 112 -21.64 -24.56 46.15
C VAL X 112 -21.13 -24.84 44.75
N ASN X 113 -19.94 -25.42 44.71
CA ASN X 113 -19.32 -25.81 43.44
C ASN X 113 -19.62 -27.27 43.16
N ILE X 114 -19.96 -27.57 41.92
CA ILE X 114 -20.25 -28.93 41.48
C ILE X 114 -18.90 -29.50 41.07
N ALA X 115 -18.63 -30.74 41.48
CA ALA X 115 -17.36 -31.39 41.18
C ALA X 115 -17.34 -32.05 39.81
N PHE X 116 -16.19 -31.95 39.14
CA PHE X 116 -16.01 -32.54 37.82
C PHE X 116 -14.74 -33.38 37.79
N SER X 117 -14.31 -33.79 38.97
CA SER X 117 -13.09 -34.58 39.13
C SER X 117 -13.34 -36.07 39.03
N GLY X 118 -14.58 -36.49 39.22
CA GLY X 118 -14.85 -37.91 39.19
C GLY X 118 -14.37 -38.68 40.40
N VAL X 119 -14.16 -38.01 41.51
CA VAL X 119 -13.76 -38.68 42.74
C VAL X 119 -14.95 -39.45 43.31
N TYR X 120 -16.16 -38.97 43.03
CA TYR X 120 -17.37 -39.61 43.53
C TYR X 120 -17.52 -41.01 42.95
N GLN X 121 -17.45 -41.13 41.63
CA GLN X 121 -17.61 -42.43 40.98
C GLN X 121 -16.50 -43.37 41.40
N TRP X 122 -15.31 -42.82 41.58
CA TRP X 122 -14.15 -43.59 41.97
C TRP X 122 -14.33 -44.17 43.38
N TRP X 123 -14.69 -43.31 44.33
CA TRP X 123 -14.87 -43.74 45.72
C TRP X 123 -16.03 -44.71 45.89
N TYR X 124 -17.06 -44.52 45.08
CA TYR X 124 -18.23 -45.39 45.13
C TYR X 124 -17.92 -46.85 44.82
N THR X 125 -17.16 -47.06 43.75
CA THR X 125 -16.84 -48.40 43.30
C THR X 125 -15.76 -49.11 44.12
N ILE X 126 -15.04 -48.36 44.95
CA ILE X 126 -14.01 -48.97 45.78
C ILE X 126 -14.54 -49.37 47.15
N GLY X 127 -15.82 -49.06 47.42
CA GLY X 127 -16.40 -49.45 48.69
C GLY X 127 -17.10 -48.41 49.55
N PHE X 128 -16.59 -47.17 49.54
CA PHE X 128 -17.16 -46.10 50.36
C PHE X 128 -18.67 -45.94 50.25
N ARG X 129 -19.34 -45.75 51.38
CA ARG X 129 -20.79 -45.59 51.37
C ARG X 129 -21.30 -44.51 52.31
N THR X 130 -20.50 -44.13 53.30
CA THR X 130 -20.91 -43.12 54.27
C THR X 130 -19.90 -41.99 54.34
N ASN X 131 -20.29 -40.92 55.03
CA ASN X 131 -19.39 -39.81 55.25
C ASN X 131 -18.35 -40.09 56.33
N GLN X 132 -18.67 -41.01 57.23
CA GLN X 132 -17.77 -41.36 58.30
C GLN X 132 -16.54 -42.08 57.75
N GLU X 133 -16.75 -42.90 56.72
CA GLU X 133 -15.64 -43.62 56.10
C GLU X 133 -14.74 -42.66 55.33
N LEU X 134 -15.35 -41.66 54.71
CA LEU X 134 -14.58 -40.67 53.95
C LEU X 134 -13.75 -39.84 54.90
N TYR X 135 -14.31 -39.52 56.06
CA TYR X 135 -13.61 -38.71 57.05
C TYR X 135 -12.47 -39.49 57.70
N ALA X 136 -12.66 -40.78 57.88
CA ALA X 136 -11.63 -41.62 58.48
C ALA X 136 -10.45 -41.77 57.54
N GLY X 137 -10.73 -41.81 56.24
CA GLY X 137 -9.70 -41.93 55.24
C GLY X 137 -8.85 -40.67 55.14
N SER X 138 -9.45 -39.52 55.47
CA SER X 138 -8.73 -38.26 55.43
C SER X 138 -7.83 -38.09 56.64
N ILE X 139 -8.21 -38.65 57.78
CA ILE X 139 -7.34 -38.59 58.95
C ILE X 139 -6.13 -39.49 58.78
N GLY X 140 -6.32 -40.63 58.13
CA GLY X 140 -5.22 -41.54 57.89
C GLY X 140 -4.20 -40.99 56.91
N LEU X 141 -4.62 -40.11 56.02
CA LEU X 141 -3.68 -39.48 55.10
C LEU X 141 -3.04 -38.23 55.69
N LEU X 142 -3.64 -37.64 56.72
CA LEU X 142 -2.95 -36.57 57.42
C LEU X 142 -1.86 -37.11 58.32
N ILE X 143 -2.07 -38.30 58.89
CA ILE X 143 -1.05 -38.93 59.70
C ILE X 143 0.11 -39.41 58.83
N LEU X 144 -0.22 -39.95 57.66
CA LEU X 144 0.80 -40.40 56.72
C LEU X 144 1.67 -39.25 56.24
N SER X 145 1.08 -38.06 56.10
CA SER X 145 1.87 -36.91 55.68
C SER X 145 2.80 -36.43 56.77
N CYS X 146 2.40 -36.56 58.03
CA CYS X 146 3.29 -36.22 59.13
C CYS X 146 4.49 -37.13 59.20
N VAL X 147 4.31 -38.41 58.86
CA VAL X 147 5.39 -39.37 58.87
C VAL X 147 6.38 -39.09 57.75
N LEU X 148 5.87 -38.68 56.58
CA LEU X 148 6.75 -38.37 55.46
C LEU X 148 7.53 -37.08 55.71
N LEU X 149 6.92 -36.12 56.42
CA LEU X 149 7.64 -34.91 56.75
C LEU X 149 8.65 -35.15 57.86
N PHE X 150 8.43 -36.16 58.68
CA PHE X 150 9.42 -36.51 59.68
C PHE X 150 10.57 -37.30 59.07
N ALA X 151 10.29 -38.10 58.03
CA ALA X 151 11.34 -38.89 57.41
C ALA X 151 12.29 -38.02 56.62
N GLY X 152 11.76 -37.00 55.95
CA GLY X 152 12.58 -36.08 55.19
C GLY X 152 13.59 -35.43 56.10
N TRP X 153 13.15 -35.04 57.29
CA TRP X 153 14.02 -34.39 58.26
C TRP X 153 15.02 -35.38 58.85
N LEU X 154 14.52 -36.59 59.12
CA LEU X 154 15.30 -37.66 59.72
C LEU X 154 16.45 -38.14 58.86
N HIS X 155 16.31 -38.01 57.55
CA HIS X 155 17.35 -38.45 56.62
C HIS X 155 18.34 -37.35 56.27
N LEU X 156 18.26 -36.23 56.96
CA LEU X 156 19.17 -35.12 56.78
C LEU X 156 20.08 -35.09 58.01
N GLN X 157 19.67 -35.83 59.04
CA GLN X 157 20.48 -35.96 60.24
C GLN X 157 21.80 -36.58 59.78
N PRO X 158 22.87 -36.36 60.54
CA PRO X 158 24.16 -36.85 60.01
C PRO X 158 24.38 -38.35 60.14
N LYS X 159 23.72 -39.00 61.10
CA LYS X 159 23.87 -40.44 61.28
C LYS X 159 22.90 -41.21 60.37
N PHE X 160 21.92 -40.51 59.83
CA PHE X 160 20.94 -41.14 58.95
C PHE X 160 21.07 -40.69 57.51
N ARG X 161 22.05 -39.85 57.21
CA ARG X 161 22.29 -39.43 55.84
C ARG X 161 22.95 -40.62 55.17
N PRO X 162 22.37 -41.10 54.06
CA PRO X 162 22.95 -42.28 53.43
C PRO X 162 23.98 -41.95 52.37
N SER X 163 24.92 -42.88 52.19
CA SER X 163 26.12 -42.60 51.43
C SER X 163 25.84 -42.63 49.94
N LEU X 164 26.83 -42.12 49.19
CA LEU X 164 26.76 -42.00 47.74
C LEU X 164 26.57 -43.35 47.06
N SER X 165 27.18 -44.40 47.59
CA SER X 165 27.06 -45.71 46.97
C SER X 165 25.70 -46.34 47.19
N TRP X 166 24.95 -45.90 48.21
CA TRP X 166 23.59 -46.39 48.39
C TRP X 166 22.68 -45.84 47.30
N PHE X 167 22.89 -44.60 46.87
CA PHE X 167 22.05 -44.00 45.85
C PHE X 167 22.32 -44.58 44.46
N LYS X 168 23.46 -45.22 44.29
CA LYS X 168 23.83 -45.77 42.97
C LYS X 168 23.68 -47.29 42.87
N ASN X 169 23.00 -47.89 43.82
CA ASN X 169 22.79 -49.34 43.81
C ASN X 169 21.55 -49.61 42.97
N ASN X 170 21.77 -49.78 41.67
CA ASN X 170 20.65 -49.97 40.75
C ASN X 170 20.01 -51.33 40.89
N GLU X 171 20.84 -52.37 41.08
CA GLU X 171 20.33 -53.73 41.10
C GLU X 171 19.43 -53.97 42.29
N SER X 172 19.73 -53.34 43.43
CA SER X 172 18.84 -53.45 44.57
C SER X 172 17.57 -52.63 44.35
N ARG X 173 17.72 -51.33 44.13
CA ARG X 173 16.56 -50.47 43.94
C ARG X 173 15.55 -51.02 42.93
N LEU X 174 16.01 -51.43 41.76
CA LEU X 174 15.13 -51.96 40.74
C LEU X 174 14.40 -53.21 41.22
N ASN X 175 15.10 -54.08 41.94
CA ASN X 175 14.50 -55.30 42.45
C ASN X 175 13.35 -55.02 43.41
N HIS X 176 13.56 -54.06 44.31
CA HIS X 176 12.56 -53.69 45.29
C HIS X 176 11.39 -52.92 44.70
N HIS X 177 11.65 -52.16 43.65
CA HIS X 177 10.58 -51.38 43.03
C HIS X 177 9.64 -52.22 42.19
N LEU X 178 10.17 -53.24 41.52
CA LEU X 178 9.32 -54.11 40.72
C LEU X 178 8.52 -55.04 41.60
N SER X 179 9.18 -55.78 42.47
CA SER X 179 8.49 -56.79 43.25
C SER X 179 7.75 -56.18 44.44
N GLY X 180 8.33 -55.19 45.09
CA GLY X 180 7.72 -54.66 46.29
C GLY X 180 6.81 -53.47 46.07
N LEU X 181 7.31 -52.44 45.40
CA LEU X 181 6.51 -51.24 45.19
C LEU X 181 5.39 -51.47 44.18
N LEU X 182 5.62 -52.28 43.16
CA LEU X 182 4.59 -52.53 42.18
C LEU X 182 3.87 -53.84 42.37
N GLY X 183 4.57 -54.89 42.79
CA GLY X 183 3.95 -56.19 42.91
C GLY X 183 3.12 -56.37 44.16
N VAL X 184 3.70 -56.05 45.32
CA VAL X 184 3.00 -56.24 46.58
C VAL X 184 1.87 -55.22 46.73
N SER X 185 2.07 -54.01 46.20
CA SER X 185 0.97 -53.03 46.17
C SER X 185 -0.18 -53.51 45.32
N SER X 186 0.13 -54.20 44.23
CA SER X 186 -0.90 -54.73 43.35
C SER X 186 -1.60 -55.87 44.06
N LEU X 187 -0.82 -56.65 44.81
CA LEU X 187 -1.32 -57.78 45.56
C LEU X 187 -2.25 -57.31 46.68
N ALA X 188 -1.83 -56.28 47.39
CA ALA X 188 -2.61 -55.71 48.48
C ALA X 188 -3.88 -55.08 47.95
N TRP X 189 -3.82 -54.51 46.76
CA TRP X 189 -5.00 -53.87 46.18
C TRP X 189 -6.02 -54.90 45.78
N THR X 190 -5.56 -56.11 45.48
CA THR X 190 -6.46 -57.20 45.11
C THR X 190 -7.17 -57.71 46.36
N GLY X 191 -6.50 -57.61 47.50
CA GLY X 191 -7.07 -58.02 48.77
C GLY X 191 -8.17 -57.06 49.19
N HIS X 192 -8.01 -55.79 48.85
CA HIS X 192 -9.02 -54.80 49.19
C HIS X 192 -10.26 -55.01 48.33
N LEU X 193 -10.06 -55.27 47.04
CA LEU X 193 -11.18 -55.52 46.14
C LEU X 193 -11.98 -56.74 46.58
N VAL X 194 -11.31 -57.80 47.00
CA VAL X 194 -12.00 -59.04 47.34
C VAL X 194 -12.74 -58.91 48.66
N HIS X 195 -12.17 -58.19 49.64
CA HIS X 195 -12.79 -58.12 50.95
C HIS X 195 -13.78 -56.98 51.09
N VAL X 196 -13.54 -55.84 50.48
CA VAL X 196 -14.36 -54.66 50.68
C VAL X 196 -15.17 -54.32 49.43
N ALA X 197 -14.46 -54.11 48.33
CA ALA X 197 -15.07 -53.69 47.06
C ALA X 197 -16.17 -54.59 46.52
N LEU X 198 -15.89 -55.88 46.35
CA LEU X 198 -16.89 -56.79 45.82
C LEU X 198 -18.10 -56.92 46.74
N PRO X 199 -17.86 -57.15 48.03
CA PRO X 199 -18.96 -57.28 49.00
C PRO X 199 -19.87 -56.06 49.04
N ALA X 200 -19.30 -54.87 48.88
CA ALA X 200 -20.09 -53.64 48.90
C ALA X 200 -20.91 -53.48 47.64
N SER X 201 -20.45 -54.04 46.53
CA SER X 201 -21.22 -54.04 45.31
C SER X 201 -22.36 -55.04 45.36
N ARG X 202 -22.31 -55.95 46.32
CA ARG X 202 -23.33 -56.99 46.46
C ARG X 202 -24.25 -56.80 47.65
N GLY X 203 -24.19 -55.64 48.28
CA GLY X 203 -25.04 -55.34 49.41
C GLY X 203 -24.54 -55.79 50.76
N VAL X 204 -23.30 -56.27 50.86
CA VAL X 204 -22.73 -56.72 52.12
C VAL X 204 -21.75 -55.66 52.60
N HIS X 205 -21.88 -55.23 53.85
CA HIS X 205 -20.98 -54.22 54.39
C HIS X 205 -19.83 -54.83 55.18
N ILE X 206 -18.61 -54.60 54.69
CA ILE X 206 -17.42 -55.08 55.38
C ILE X 206 -16.56 -53.87 55.73
N GLY X 207 -16.36 -53.66 57.03
CA GLY X 207 -15.60 -52.53 57.50
C GLY X 207 -14.48 -52.99 58.39
N TRP X 208 -13.92 -52.10 59.20
CA TRP X 208 -12.84 -52.49 60.10
C TRP X 208 -13.32 -53.31 61.28
N ASP X 209 -14.63 -53.42 61.48
CA ASP X 209 -15.15 -54.14 62.65
C ASP X 209 -15.59 -55.58 62.41
N ASN X 210 -15.61 -56.04 61.16
CA ASN X 210 -16.06 -57.40 60.90
C ASN X 210 -15.36 -58.06 59.71
N PHE X 211 -14.22 -57.52 59.31
CA PHE X 211 -13.48 -58.08 58.19
C PHE X 211 -12.66 -59.31 58.59
N LEU X 212 -12.45 -59.48 59.89
CA LEU X 212 -11.68 -60.60 60.39
C LEU X 212 -12.55 -61.83 60.64
N THR X 213 -13.86 -61.63 60.66
CA THR X 213 -14.77 -62.73 60.92
C THR X 213 -15.75 -63.01 59.78
N THR X 214 -15.60 -62.31 58.67
CA THR X 214 -16.46 -62.51 57.50
C THR X 214 -15.63 -62.87 56.29
N PRO X 215 -15.69 -64.11 55.81
CA PRO X 215 -14.89 -64.48 54.65
C PRO X 215 -15.48 -63.91 53.38
N PRO X 216 -14.64 -63.52 52.42
CA PRO X 216 -15.15 -62.96 51.17
C PRO X 216 -15.66 -63.98 50.18
N HIS X 217 -15.50 -65.26 50.49
CA HIS X 217 -15.97 -66.34 49.63
C HIS X 217 -16.31 -67.55 50.48
N PRO X 218 -17.47 -68.18 50.23
CA PRO X 218 -17.95 -69.37 50.95
C PRO X 218 -16.91 -70.48 51.11
N ALA X 219 -16.17 -70.77 50.05
CA ALA X 219 -15.14 -71.81 50.10
C ALA X 219 -14.13 -71.54 51.22
N GLY X 220 -13.69 -70.28 51.30
CA GLY X 220 -12.78 -69.84 52.34
C GLY X 220 -11.36 -70.37 52.36
N LEU X 221 -10.60 -70.04 51.31
CA LEU X 221 -9.18 -70.43 51.15
C LEU X 221 -8.80 -71.93 51.11
N LYS X 222 -9.78 -72.83 50.99
CA LYS X 222 -9.50 -74.25 50.92
C LYS X 222 -9.13 -74.57 49.48
N PRO X 223 -9.82 -73.92 48.54
CA PRO X 223 -9.59 -74.07 47.09
C PRO X 223 -8.27 -73.45 46.67
N PHE X 224 -7.80 -72.46 47.41
CA PHE X 224 -6.54 -71.81 47.09
C PHE X 224 -5.34 -72.71 47.41
N PHE X 225 -5.34 -73.31 48.59
CA PHE X 225 -4.22 -74.16 48.95
C PHE X 225 -4.31 -75.57 48.38
N THR X 226 -5.46 -75.94 47.83
CA THR X 226 -5.62 -77.27 47.26
C THR X 226 -5.41 -77.25 45.75
N GLY X 227 -5.29 -76.05 45.18
CA GLY X 227 -5.09 -75.91 43.76
C GLY X 227 -6.38 -75.85 42.97
N ASN X 228 -7.49 -75.85 43.71
CA ASN X 228 -8.82 -75.77 43.11
C ASN X 228 -9.17 -74.31 42.96
N TRP X 229 -8.55 -73.65 41.99
CA TRP X 229 -8.78 -72.23 41.74
C TRP X 229 -10.03 -71.93 40.92
N THR X 230 -10.69 -72.96 40.44
CA THR X 230 -11.90 -72.83 39.63
C THR X 230 -13.12 -72.41 40.45
N VAL X 231 -13.08 -72.67 41.76
CA VAL X 231 -14.18 -72.34 42.65
C VAL X 231 -14.39 -70.84 42.81
N TYR X 232 -13.35 -70.04 42.57
CA TYR X 232 -13.44 -68.60 42.70
C TYR X 232 -14.05 -67.94 41.47
N ALA X 233 -14.31 -68.73 40.43
CA ALA X 233 -14.90 -68.21 39.21
C ALA X 233 -16.35 -68.67 39.08
N GLU X 234 -16.76 -69.59 39.94
CA GLU X 234 -18.12 -70.13 39.89
C GLU X 234 -19.18 -69.15 40.38
N ASN X 235 -20.36 -69.24 39.77
CA ASN X 235 -21.51 -68.41 40.12
C ASN X 235 -21.24 -66.91 40.18
N PRO X 236 -21.07 -66.28 39.02
CA PRO X 236 -20.83 -64.83 38.95
C PRO X 236 -22.15 -64.06 38.98
N ASP X 237 -22.07 -62.73 38.95
CA ASP X 237 -23.27 -61.90 38.98
C ASP X 237 -24.19 -62.19 37.81
N SER X 238 -25.49 -62.18 38.05
CA SER X 238 -26.46 -62.43 37.00
C SER X 238 -26.57 -61.27 36.03
N ALA X 239 -27.31 -61.46 34.95
CA ALA X 239 -27.50 -60.42 33.95
C ALA X 239 -28.33 -59.27 34.47
N THR X 240 -29.26 -59.58 35.37
CA THR X 240 -30.13 -58.58 35.96
C THR X 240 -29.86 -58.47 37.45
N HIS X 241 -28.77 -57.80 37.81
CA HIS X 241 -28.39 -57.64 39.20
C HIS X 241 -28.39 -56.19 39.62
N VAL X 242 -29.31 -55.83 40.51
CA VAL X 242 -29.39 -54.46 41.01
C VAL X 242 -28.06 -54.22 41.71
N TYR X 243 -27.26 -53.30 41.19
CA TYR X 243 -25.94 -53.08 41.74
C TYR X 243 -26.01 -52.37 43.09
N GLY X 244 -25.18 -52.81 44.02
CA GLY X 244 -25.23 -52.35 45.38
C GLY X 244 -26.18 -53.13 46.26
N THR X 245 -26.97 -54.03 45.70
CA THR X 245 -27.88 -54.88 46.45
C THR X 245 -27.51 -56.34 46.20
N SER X 246 -28.14 -57.23 46.95
CA SER X 246 -27.88 -58.66 46.84
C SER X 246 -28.83 -59.34 45.85
N GLU X 247 -29.67 -58.55 45.19
CA GLU X 247 -30.63 -59.08 44.23
C GLU X 247 -29.97 -59.51 42.93
N GLY X 248 -29.62 -60.79 42.84
CA GLY X 248 -28.98 -61.31 41.65
C GLY X 248 -27.48 -61.34 41.81
N ALA X 249 -27.03 -61.38 43.05
CA ALA X 249 -25.61 -61.41 43.37
C ALA X 249 -25.00 -62.78 43.17
N GLY X 250 -23.79 -62.80 42.61
CA GLY X 250 -23.00 -64.01 42.53
C GLY X 250 -22.14 -64.18 43.77
N THR X 251 -21.30 -65.21 43.75
CA THR X 251 -20.34 -65.43 44.81
C THR X 251 -18.90 -65.37 44.33
N ALA X 252 -18.66 -65.19 43.05
CA ALA X 252 -17.34 -65.33 42.47
C ALA X 252 -16.48 -64.11 42.73
N ILE X 253 -15.20 -64.35 43.03
CA ILE X 253 -14.28 -63.27 43.35
C ILE X 253 -13.23 -63.04 42.29
N LEU X 254 -12.93 -64.02 41.44
CA LEU X 254 -11.91 -63.88 40.40
C LEU X 254 -12.51 -64.43 39.12
N THR X 255 -13.12 -63.57 38.31
CA THR X 255 -13.69 -64.02 37.05
C THR X 255 -12.85 -63.59 35.86
N PHE X 256 -13.46 -63.67 34.67
CA PHE X 256 -12.84 -63.28 33.42
C PHE X 256 -13.96 -63.17 32.41
N LEU X 257 -14.98 -62.40 32.79
CA LEU X 257 -16.16 -62.20 31.98
C LEU X 257 -15.97 -61.35 30.73
N GLY X 258 -15.28 -60.22 30.86
CA GLY X 258 -15.12 -59.38 29.69
C GLY X 258 -16.32 -58.50 29.46
N GLY X 259 -16.06 -57.32 28.89
CA GLY X 259 -17.14 -56.39 28.65
C GLY X 259 -17.55 -55.66 29.92
N PHE X 260 -18.78 -55.15 29.96
CA PHE X 260 -19.24 -54.37 31.11
C PHE X 260 -20.41 -54.92 31.89
N HIS X 261 -20.61 -54.37 33.08
CA HIS X 261 -21.74 -54.73 33.92
C HIS X 261 -22.90 -54.09 33.18
N PRO X 262 -24.01 -54.83 33.03
CA PRO X 262 -25.18 -54.32 32.30
C PRO X 262 -25.87 -53.13 32.97
N GLN X 263 -25.68 -52.97 34.28
CA GLN X 263 -26.32 -51.85 34.98
CA GLN X 263 -26.31 -51.84 34.99
C GLN X 263 -25.57 -50.42 35.20
N THR X 264 -24.27 -50.65 35.49
CA THR X 264 -23.42 -49.46 35.62
C THR X 264 -22.62 -49.13 34.37
N GLN X 265 -22.66 -50.01 33.38
CA GLN X 265 -21.88 -49.80 32.14
C GLN X 265 -20.41 -49.62 32.43
N SER X 266 -19.90 -50.34 33.43
CA SER X 266 -18.50 -50.29 33.82
C SER X 266 -17.98 -51.70 33.92
N LEU X 267 -16.67 -51.81 34.11
CA LEU X 267 -16.01 -53.12 34.13
C LEU X 267 -16.44 -53.92 35.36
N TRP X 268 -16.43 -55.24 35.22
CA TRP X 268 -16.79 -56.13 36.31
C TRP X 268 -15.73 -56.07 37.39
N LEU X 269 -16.15 -55.87 38.63
CA LEU X 269 -15.22 -55.78 39.75
C LEU X 269 -14.38 -57.03 39.91
N SER X 270 -14.95 -58.19 39.60
CA SER X 270 -14.22 -59.43 39.70
C SER X 270 -13.27 -59.65 38.52
N ASP X 271 -13.41 -58.83 37.49
CA ASP X 271 -12.49 -58.87 36.37
C ASP X 271 -11.29 -58.03 36.76
N ILE X 272 -11.53 -56.94 37.51
CA ILE X 272 -10.48 -56.04 37.94
C ILE X 272 -9.65 -56.68 39.04
N ALA X 273 -10.30 -57.43 39.92
CA ALA X 273 -9.59 -58.11 40.99
C ALA X 273 -8.62 -59.13 40.42
N HIS X 274 -9.07 -59.90 39.43
CA HIS X 274 -8.24 -60.91 38.79
C HIS X 274 -7.11 -60.27 38.00
N HIS X 275 -7.39 -59.12 37.41
CA HIS X 275 -6.40 -58.39 36.63
C HIS X 275 -5.27 -57.89 37.52
N GLN X 276 -5.63 -57.35 38.68
CA GLN X 276 -4.65 -56.84 39.61
C GLN X 276 -3.81 -57.95 40.24
N LEU X 277 -4.39 -59.14 40.30
CA LEU X 277 -3.72 -60.29 40.86
C LEU X 277 -2.75 -60.93 39.87
N ALA X 278 -3.15 -61.01 38.61
CA ALA X 278 -2.28 -61.56 37.57
C ALA X 278 -1.09 -60.63 37.39
N ILE X 279 -1.35 -59.33 37.48
CA ILE X 279 -0.30 -58.33 37.34
C ILE X 279 0.63 -58.37 38.54
N ALA X 280 0.09 -58.69 39.71
CA ALA X 280 0.88 -58.76 40.92
C ALA X 280 1.88 -59.91 40.82
N VAL X 281 1.48 -61.00 40.19
CA VAL X 281 2.38 -62.14 40.07
C VAL X 281 3.50 -61.83 39.08
N ILE X 282 3.20 -61.06 38.03
CA ILE X 282 4.21 -60.77 37.01
C ILE X 282 5.27 -59.82 37.55
N PHE X 283 4.86 -58.82 38.30
CA PHE X 283 5.81 -57.86 38.85
C PHE X 283 6.63 -58.40 40.01
N ILE X 284 6.11 -59.40 40.71
CA ILE X 284 6.84 -59.98 41.82
C ILE X 284 7.93 -60.90 41.27
N VAL X 285 7.61 -61.60 40.20
CA VAL X 285 8.56 -62.50 39.56
C VAL X 285 9.65 -61.71 38.86
N ALA X 286 9.25 -60.63 38.20
CA ALA X 286 10.20 -59.78 37.47
C ALA X 286 11.18 -59.06 38.39
N GLY X 287 10.87 -59.00 39.68
CA GLY X 287 11.75 -58.33 40.63
C GLY X 287 12.83 -59.23 41.19
N HIS X 288 13.10 -60.34 40.51
CA HIS X 288 14.12 -61.28 40.95
C HIS X 288 15.15 -61.47 39.86
N MET X 289 15.35 -60.44 39.04
CA MET X 289 16.28 -60.53 37.92
C MET X 289 17.72 -60.10 38.20
N TYR X 290 17.90 -59.11 39.07
CA TYR X 290 19.24 -58.59 39.36
C TYR X 290 19.88 -59.15 40.63
N ARG X 291 21.21 -59.26 40.61
CA ARG X 291 21.96 -59.79 41.73
C ARG X 291 22.20 -58.74 42.81
N THR X 292 21.74 -59.04 44.01
CA THR X 292 21.89 -58.14 45.14
C THR X 292 22.41 -58.94 46.31
N ASN X 293 23.73 -58.96 46.45
CA ASN X 293 24.43 -59.69 47.53
C ASN X 293 23.87 -61.05 47.94
N PHE X 294 23.58 -61.90 46.96
CA PHE X 294 23.06 -63.23 47.20
C PHE X 294 23.61 -64.21 46.17
N GLY X 295 24.48 -63.71 45.30
CA GLY X 295 25.14 -64.50 44.27
C GLY X 295 24.39 -64.62 42.96
N ILE X 296 23.15 -65.08 43.01
CA ILE X 296 22.34 -65.24 41.82
C ILE X 296 21.80 -63.91 41.33
N GLY X 297 21.54 -63.82 40.03
CA GLY X 297 21.02 -62.60 39.44
C GLY X 297 21.93 -62.01 38.38
N HIS X 298 21.48 -60.92 37.76
CA HIS X 298 22.25 -60.25 36.72
C HIS X 298 23.01 -59.05 37.25
N ASN X 299 24.07 -58.74 36.55
CA ASN X 299 24.78 -57.47 36.65
C ASN X 299 24.37 -56.65 35.44
N MET X 300 23.83 -55.46 35.68
CA MET X 300 23.37 -54.61 34.59
C MET X 300 24.49 -54.19 33.64
N LYS X 301 25.67 -53.92 34.20
CA LYS X 301 26.78 -53.50 33.38
C LYS X 301 27.25 -54.63 32.48
N GLU X 302 27.21 -55.85 32.97
CA GLU X 302 27.62 -56.99 32.17
C GLU X 302 26.60 -57.32 31.08
N ILE X 303 25.32 -57.02 31.33
CA ILE X 303 24.32 -57.13 30.27
C ILE X 303 24.65 -56.18 29.14
N LEU X 304 24.73 -54.87 29.45
CA LEU X 304 24.86 -53.82 28.44
C LEU X 304 26.12 -53.96 27.61
N ASP X 305 27.23 -54.37 28.23
CA ASP X 305 28.49 -54.49 27.50
C ASP X 305 28.48 -55.63 26.48
N ALA X 306 27.62 -56.62 26.68
CA ALA X 306 27.59 -57.77 25.78
C ALA X 306 26.67 -57.63 24.57
N HIS X 307 25.88 -56.57 24.53
CA HIS X 307 24.95 -56.40 23.42
C HIS X 307 25.45 -55.53 22.26
N ARG X 308 26.23 -56.15 21.39
CA ARG X 308 26.76 -55.51 20.20
C ARG X 308 26.57 -56.54 19.10
N PRO X 309 25.64 -56.28 18.18
CA PRO X 309 25.40 -57.27 17.14
C PRO X 309 26.63 -57.47 16.30
N PRO X 310 26.96 -58.73 15.97
CA PRO X 310 28.23 -59.01 15.28
C PRO X 310 28.27 -58.50 13.86
N GLY X 311 27.13 -58.13 13.29
CA GLY X 311 27.07 -57.45 12.01
C GLY X 311 27.78 -56.12 11.98
N GLY X 312 27.95 -55.48 13.14
CA GLY X 312 28.65 -54.23 13.22
C GLY X 312 27.83 -53.02 12.87
N ARG X 313 26.53 -53.21 12.66
CA ARG X 313 25.65 -52.10 12.28
C ARG X 313 25.42 -51.07 13.38
N LEU X 314 25.43 -51.51 14.63
CA LEU X 314 25.22 -50.61 15.76
C LEU X 314 26.52 -50.11 16.34
N GLY X 315 27.63 -50.34 15.66
CA GLY X 315 28.90 -49.81 16.11
C GLY X 315 29.45 -50.59 17.26
N ALA X 316 29.82 -49.91 18.33
CA ALA X 316 30.30 -50.59 19.52
C ALA X 316 29.18 -51.08 20.42
N GLY X 317 27.94 -50.85 20.06
CA GLY X 317 26.84 -51.43 20.82
C GLY X 317 26.51 -50.59 22.02
N HIS X 318 26.32 -51.24 23.16
CA HIS X 318 25.93 -50.53 24.38
C HIS X 318 27.01 -50.40 25.44
N VAL X 319 28.26 -50.45 25.03
CA VAL X 319 29.36 -50.31 25.97
C VAL X 319 29.40 -48.87 26.45
N GLY X 320 29.47 -48.67 27.75
CA GLY X 320 29.56 -47.34 28.32
C GLY X 320 28.23 -46.73 28.76
N LEU X 321 27.12 -47.33 28.35
CA LEU X 321 25.83 -46.78 28.75
C LEU X 321 25.58 -46.92 30.24
N PHE X 322 26.19 -47.92 30.87
CA PHE X 322 25.97 -48.12 32.30
C PHE X 322 26.50 -46.96 33.12
N GLU X 323 27.67 -46.46 32.71
CA GLU X 323 28.29 -45.36 33.43
C GLU X 323 27.56 -44.05 33.19
N THR X 324 27.11 -43.82 31.96
CA THR X 324 26.42 -42.58 31.63
C THR X 324 25.06 -42.41 32.29
N ILE X 325 24.35 -43.50 32.57
CA ILE X 325 23.06 -43.41 33.22
C ILE X 325 23.20 -43.23 34.72
N THR X 326 24.15 -43.94 35.34
CA THR X 326 24.30 -43.83 36.78
C THR X 326 24.91 -42.51 37.21
N ASN X 327 25.80 -41.98 36.38
CA ASN X 327 26.49 -40.73 36.69
C ASN X 327 25.76 -39.48 36.21
N SER X 328 24.47 -39.60 35.91
CA SER X 328 23.74 -38.44 35.44
C SER X 328 22.27 -38.55 35.78
N LEU X 329 21.77 -37.57 36.51
CA LEU X 329 20.38 -37.55 36.89
C LEU X 329 19.47 -36.98 35.81
N HIS X 330 20.01 -36.22 34.87
CA HIS X 330 19.17 -35.66 33.82
C HIS X 330 18.76 -36.72 32.80
N MET X 331 19.57 -37.75 32.63
CA MET X 331 19.21 -38.83 31.72
C MET X 331 18.16 -39.72 32.38
N GLN X 332 18.31 -39.92 33.68
CA GLN X 332 17.36 -40.74 34.43
C GLN X 332 16.03 -40.01 34.45
N LEU X 333 16.09 -38.70 34.71
CA LEU X 333 14.89 -37.87 34.76
C LEU X 333 14.20 -37.83 33.41
N GLY X 334 14.98 -37.82 32.34
CA GLY X 334 14.42 -37.79 31.00
C GLY X 334 13.79 -39.10 30.59
N LEU X 335 14.34 -40.22 31.06
CA LEU X 335 13.72 -41.51 30.79
C LEU X 335 12.45 -41.69 31.61
N ALA X 336 12.44 -41.16 32.82
CA ALA X 336 11.27 -41.28 33.69
C ALA X 336 10.11 -40.42 33.23
N LEU X 337 10.42 -39.26 32.67
CA LEU X 337 9.39 -38.34 32.20
C LEU X 337 8.77 -38.84 30.89
N ALA X 338 9.56 -39.55 30.10
CA ALA X 338 9.08 -40.08 28.83
C ALA X 338 8.12 -41.23 29.04
N ALA X 339 8.38 -42.09 30.01
CA ALA X 339 7.48 -43.19 30.27
C ALA X 339 6.21 -42.74 30.96
N LEU X 340 6.30 -41.77 31.85
CA LEU X 340 5.09 -41.24 32.49
C LEU X 340 4.23 -40.49 31.50
N GLY X 341 4.84 -39.82 30.53
CA GLY X 341 4.06 -39.12 29.53
C GLY X 341 3.36 -40.04 28.58
N VAL X 342 3.96 -41.19 28.28
CA VAL X 342 3.25 -42.21 27.52
C VAL X 342 2.15 -42.83 28.37
N ALA X 343 2.43 -43.01 29.67
CA ALA X 343 1.49 -43.69 30.54
C ALA X 343 0.25 -42.87 30.82
N THR X 344 0.40 -41.57 31.10
CA THR X 344 -0.77 -40.77 31.42
C THR X 344 -1.59 -40.44 30.19
N SER X 345 -1.02 -40.68 29.03
CA SER X 345 -1.68 -40.49 27.76
C SER X 345 -2.47 -41.76 27.47
N LEU X 346 -1.92 -42.89 27.91
CA LEU X 346 -2.53 -44.20 27.74
C LEU X 346 -3.73 -44.34 28.66
N THR X 347 -3.69 -43.66 29.80
CA THR X 347 -4.79 -43.71 30.75
C THR X 347 -5.95 -42.82 30.29
N ALA X 348 -5.66 -41.87 29.42
CA ALA X 348 -6.68 -40.97 28.91
C ALA X 348 -7.50 -41.66 27.82
N GLN X 349 -6.87 -42.57 27.09
CA GLN X 349 -7.54 -43.29 26.02
C GLN X 349 -8.32 -44.51 26.49
N HIS X 350 -7.76 -45.20 27.48
CA HIS X 350 -8.38 -46.40 28.01
C HIS X 350 -9.52 -46.11 28.98
N MET X 351 -9.50 -44.93 29.59
CA MET X 351 -10.54 -44.60 30.55
C MET X 351 -11.86 -44.23 29.88
N TYR X 352 -11.79 -43.55 28.74
CA TYR X 352 -12.99 -43.14 28.04
C TYR X 352 -13.61 -44.28 27.23
N ALA X 353 -12.78 -45.25 26.84
CA ALA X 353 -13.23 -46.39 26.06
C ALA X 353 -13.71 -47.52 26.96
N LEU X 354 -12.91 -47.87 27.95
CA LEU X 354 -13.26 -48.94 28.88
C LEU X 354 -13.48 -48.37 30.27
N THR X 355 -14.57 -47.61 30.43
CA THR X 355 -14.91 -46.99 31.70
C THR X 355 -14.90 -47.99 32.85
N PRO X 356 -13.99 -47.77 33.82
CA PRO X 356 -13.80 -48.65 34.98
C PRO X 356 -14.67 -48.38 36.20
N TYR X 357 -15.16 -47.17 36.37
CA TYR X 357 -15.95 -46.86 37.55
C TYR X 357 -17.45 -46.90 37.34
N ALA X 358 -18.17 -47.36 38.36
CA ALA X 358 -19.62 -47.45 38.30
C ALA X 358 -20.18 -46.09 37.97
N TYR X 359 -21.08 -46.06 36.98
CA TYR X 359 -21.75 -44.86 36.45
C TYR X 359 -20.87 -43.84 35.72
N LEU X 360 -19.63 -44.18 35.45
CA LEU X 360 -18.83 -43.25 34.67
C LEU X 360 -19.52 -43.14 33.29
N SER X 361 -19.07 -42.20 32.46
CA SER X 361 -19.65 -41.98 31.14
C SER X 361 -21.18 -41.82 31.18
N LYS X 362 -21.63 -41.02 32.15
CA LYS X 362 -23.03 -40.70 32.35
C LYS X 362 -23.02 -39.22 32.66
N ASP X 363 -22.09 -38.84 33.54
CA ASP X 363 -21.87 -37.47 33.91
C ASP X 363 -21.02 -37.00 32.75
N PHE X 364 -21.65 -36.42 31.72
CA PHE X 364 -20.92 -36.02 30.52
C PHE X 364 -19.78 -35.03 30.74
N THR X 365 -19.95 -34.10 31.68
CA THR X 365 -18.92 -33.10 31.94
C THR X 365 -17.62 -33.68 32.48
N THR X 366 -17.73 -34.60 33.44
CA THR X 366 -16.53 -35.19 34.03
C THR X 366 -15.69 -35.95 33.01
N GLU X 367 -16.36 -36.66 32.09
CA GLU X 367 -15.64 -37.43 31.06
C GLU X 367 -14.80 -36.47 30.22
N ALA X 368 -15.38 -35.30 29.93
CA ALA X 368 -14.73 -34.24 29.17
C ALA X 368 -13.66 -33.55 30.00
N ALA X 369 -13.88 -33.42 31.29
CA ALA X 369 -12.84 -32.87 32.15
C ALA X 369 -11.69 -33.86 32.30
N LEU X 370 -12.00 -35.13 32.52
CA LEU X 370 -10.96 -36.14 32.73
C LEU X 370 -10.04 -36.43 31.54
N TYR X 371 -10.62 -36.58 30.35
CA TYR X 371 -9.82 -36.89 29.17
C TYR X 371 -8.85 -35.79 28.76
N THR X 372 -9.30 -34.54 28.91
CA THR X 372 -8.49 -33.40 28.53
C THR X 372 -7.52 -32.99 29.62
N HIS X 373 -7.72 -33.53 30.83
CA HIS X 373 -6.85 -33.24 31.95
C HIS X 373 -5.57 -34.07 31.80
N HIS X 374 -5.74 -35.33 31.45
CA HIS X 374 -4.61 -36.23 31.30
C HIS X 374 -3.89 -36.06 29.96
N GLN X 375 -4.54 -35.42 29.00
CA GLN X 375 -3.89 -35.23 27.71
C GLN X 375 -3.01 -33.99 27.75
N TYR X 376 -3.40 -33.00 28.55
CA TYR X 376 -2.62 -31.78 28.68
C TYR X 376 -1.43 -32.01 29.58
N ILE X 377 -1.58 -32.90 30.55
CA ILE X 377 -0.51 -33.24 31.47
C ILE X 377 0.47 -34.16 30.77
N ALA X 378 -0.06 -34.95 29.82
CA ALA X 378 0.78 -35.85 29.05
C ALA X 378 1.68 -35.03 28.16
N GLY X 379 1.18 -33.88 27.69
CA GLY X 379 1.96 -33.01 26.85
C GLY X 379 3.10 -32.32 27.58
N PHE X 380 2.87 -31.93 28.83
CA PHE X 380 3.92 -31.28 29.60
C PHE X 380 5.03 -32.27 29.93
N LEU X 381 4.64 -33.49 30.27
CA LEU X 381 5.59 -34.54 30.62
C LEU X 381 6.49 -34.90 29.46
N MET X 382 5.89 -35.02 28.28
CA MET X 382 6.61 -35.35 27.05
C MET X 382 7.61 -34.27 26.69
N VAL X 383 7.19 -33.03 26.80
CA VAL X 383 8.04 -31.90 26.48
C VAL X 383 9.15 -31.75 27.52
N GLY X 384 8.89 -32.22 28.73
CA GLY X 384 9.86 -32.14 29.79
C GLY X 384 10.90 -33.24 29.69
N ALA X 385 10.56 -34.30 28.96
CA ALA X 385 11.46 -35.42 28.78
C ALA X 385 12.57 -35.06 27.80
N PHE X 386 12.18 -34.37 26.72
CA PHE X 386 13.14 -33.95 25.71
C PHE X 386 13.93 -32.75 26.21
N ALA X 387 13.32 -31.97 27.10
CA ALA X 387 13.98 -30.79 27.65
C ALA X 387 15.13 -31.22 28.54
N HIS X 388 14.94 -32.32 29.26
CA HIS X 388 15.98 -32.83 30.15
C HIS X 388 16.95 -33.73 29.39
N GLY X 389 16.57 -34.10 28.18
CA GLY X 389 17.42 -34.90 27.32
C GLY X 389 18.48 -33.98 26.74
N ALA X 390 18.09 -32.72 26.52
CA ALA X 390 19.00 -31.70 26.00
C ALA X 390 19.98 -31.28 27.09
N ILE X 391 19.48 -31.15 28.31
CA ILE X 391 20.34 -30.73 29.42
C ILE X 391 21.43 -31.77 29.66
N PHE X 392 21.12 -33.02 29.38
CA PHE X 392 22.08 -34.10 29.58
C PHE X 392 23.28 -33.97 28.64
N PHE X 393 23.00 -33.66 27.38
CA PHE X 393 24.04 -33.51 26.37
C PHE X 393 24.99 -32.34 26.65
N VAL X 394 24.44 -31.26 27.19
CA VAL X 394 25.22 -30.07 27.48
C VAL X 394 26.19 -30.23 28.63
N ARG X 395 25.71 -30.67 29.78
CA ARG X 395 26.58 -30.78 30.96
C ARG X 395 26.76 -32.16 31.55
N ASP X 396 26.47 -33.21 30.80
CA ASP X 396 26.62 -34.55 31.35
C ASP X 396 27.18 -35.57 30.38
N TYR X 397 27.04 -35.32 29.08
CA TYR X 397 27.50 -36.27 28.10
C TYR X 397 29.01 -36.26 27.98
N ASP X 398 29.62 -37.44 28.06
CA ASP X 398 31.07 -37.57 27.93
C ASP X 398 31.38 -38.34 26.66
N PRO X 399 31.87 -37.64 25.62
CA PRO X 399 32.19 -38.23 24.32
C PRO X 399 33.23 -39.36 24.35
N GLU X 400 34.25 -39.24 25.19
CA GLU X 400 35.27 -40.29 25.25
C GLU X 400 34.77 -41.56 25.92
N LEU X 401 33.76 -41.43 26.78
CA LEU X 401 33.20 -42.57 27.48
C LEU X 401 32.30 -43.43 26.59
N ASN X 402 31.71 -42.82 25.57
CA ASN X 402 30.85 -43.55 24.65
C ASN X 402 31.40 -43.59 23.23
N LYS X 403 32.71 -43.69 23.08
CA LYS X 403 33.27 -43.76 21.74
C LYS X 403 32.56 -44.87 20.97
N ASN X 404 32.09 -44.53 19.77
CA ASN X 404 31.37 -45.46 18.89
C ASN X 404 30.15 -46.12 19.53
N ASN X 405 29.67 -45.54 20.62
CA ASN X 405 28.51 -46.05 21.34
C ASN X 405 27.22 -45.86 20.58
N VAL X 406 26.15 -46.50 21.05
CA VAL X 406 24.86 -46.37 20.39
C VAL X 406 24.33 -44.95 20.59
N LEU X 407 24.85 -44.28 21.60
CA LEU X 407 24.48 -42.91 21.92
C LEU X 407 25.29 -41.93 21.09
N ALA X 408 26.57 -42.23 20.89
CA ALA X 408 27.46 -41.37 20.12
C ALA X 408 27.12 -41.34 18.64
N ARG X 409 26.69 -42.48 18.12
CA ARG X 409 26.32 -42.61 16.72
C ARG X 409 25.11 -41.76 16.39
N MET X 410 24.24 -41.53 17.38
CA MET X 410 23.10 -40.64 17.16
C MET X 410 23.56 -39.22 16.87
N LEU X 411 24.61 -38.76 17.52
CA LEU X 411 25.16 -37.45 17.18
C LEU X 411 25.89 -37.46 15.86
N GLU X 412 26.39 -38.62 15.42
CA GLU X 412 27.19 -38.68 14.20
C GLU X 412 26.36 -38.61 12.93
N HIS X 413 25.05 -38.77 13.05
CA HIS X 413 24.17 -38.62 11.90
C HIS X 413 22.99 -37.78 12.32
N LYS X 414 23.26 -36.77 13.15
CA LYS X 414 22.22 -35.89 13.65
C LYS X 414 21.55 -35.10 12.54
N GLU X 415 22.30 -34.82 11.48
CA GLU X 415 21.78 -34.09 10.34
C GLU X 415 20.80 -34.92 9.56
N ALA X 416 20.94 -36.25 9.65
CA ALA X 416 20.02 -37.13 8.96
C ALA X 416 18.68 -37.13 9.64
N ILE X 417 18.68 -37.36 10.95
CA ILE X 417 17.47 -37.37 11.75
C ILE X 417 16.68 -36.10 11.59
N ILE X 418 17.36 -34.97 11.74
CA ILE X 418 16.72 -33.66 11.63
C ILE X 418 16.16 -33.39 10.24
N SER X 419 16.94 -33.64 9.21
CA SER X 419 16.50 -33.41 7.83
C SER X 419 15.36 -34.33 7.40
N HIS X 420 15.31 -35.53 7.95
CA HIS X 420 14.25 -36.47 7.62
C HIS X 420 12.98 -36.18 8.43
N LEU X 421 13.16 -35.70 9.66
CA LEU X 421 12.02 -35.35 10.49
C LEU X 421 11.38 -34.13 9.87
N SER X 422 12.21 -33.33 9.21
CA SER X 422 11.75 -32.13 8.55
C SER X 422 10.96 -32.47 7.29
N TRP X 423 11.35 -33.53 6.60
CA TRP X 423 10.64 -33.93 5.39
C TRP X 423 9.26 -34.47 5.70
N ALA X 424 9.17 -35.33 6.70
CA ALA X 424 7.90 -35.92 7.10
C ALA X 424 6.93 -34.82 7.51
N SER X 425 7.44 -33.86 8.27
CA SER X 425 6.63 -32.74 8.71
C SER X 425 6.14 -31.91 7.54
N LEU X 426 7.01 -31.63 6.58
CA LEU X 426 6.62 -30.86 5.42
C LEU X 426 5.58 -31.61 4.60
N PHE X 427 5.73 -32.92 4.50
CA PHE X 427 4.80 -33.74 3.74
C PHE X 427 3.41 -33.75 4.38
N LEU X 428 3.34 -34.03 5.68
CA LEU X 428 2.07 -34.06 6.37
C LEU X 428 1.38 -32.70 6.33
N GLY X 429 2.15 -31.64 6.51
CA GLY X 429 1.62 -30.29 6.51
C GLY X 429 1.03 -29.86 5.18
N PHE X 430 1.78 -30.07 4.10
CA PHE X 430 1.32 -29.68 2.77
C PHE X 430 0.03 -30.39 2.36
N HIS X 431 0.02 -31.72 2.51
CA HIS X 431 -1.14 -32.54 2.07
C HIS X 431 -2.33 -32.43 3.03
N THR X 432 -2.11 -32.56 4.34
CA THR X 432 -3.25 -32.50 5.30
C THR X 432 -3.92 -31.12 5.22
N LEU X 433 -3.12 -30.05 5.11
CA LEU X 433 -3.66 -28.67 5.00
C LEU X 433 -4.31 -28.47 3.63
N GLY X 434 -3.72 -29.02 2.58
CA GLY X 434 -4.23 -28.88 1.22
C GLY X 434 -5.56 -29.58 1.03
N LEU X 435 -5.72 -30.73 1.67
CA LEU X 435 -6.95 -31.49 1.55
C LEU X 435 -8.11 -30.78 2.25
N TYR X 436 -7.82 -30.16 3.39
CA TYR X 436 -8.84 -29.44 4.14
C TYR X 436 -9.33 -28.23 3.36
N ILE X 437 -8.40 -27.52 2.74
CA ILE X 437 -8.72 -26.32 1.98
C ILE X 437 -9.47 -26.66 0.70
N HIS X 438 -9.16 -27.80 0.10
CA HIS X 438 -9.85 -28.22 -1.10
C HIS X 438 -11.31 -28.50 -0.78
N ASN X 439 -11.56 -29.11 0.36
CA ASN X 439 -12.91 -29.45 0.79
C ASN X 439 -13.69 -28.18 1.16
N ASP X 440 -12.99 -27.16 1.64
CA ASP X 440 -13.63 -25.91 2.02
C ASP X 440 -14.16 -25.14 0.82
N THR X 441 -13.32 -24.98 -0.19
CA THR X 441 -13.71 -24.25 -1.39
C THR X 441 -14.76 -24.98 -2.19
N VAL X 442 -14.68 -26.31 -2.21
CA VAL X 442 -15.63 -27.13 -2.94
C VAL X 442 -17.03 -27.04 -2.32
N VAL X 443 -17.10 -26.98 -1.00
CA VAL X 443 -18.38 -26.86 -0.31
C VAL X 443 -18.87 -25.41 -0.35
N ALA X 444 -17.94 -24.47 -0.31
CA ALA X 444 -18.30 -23.06 -0.36
C ALA X 444 -18.98 -22.74 -1.68
N PHE X 445 -18.61 -23.45 -2.74
CA PHE X 445 -19.18 -23.23 -4.06
C PHE X 445 -20.48 -24.00 -4.32
N GLY X 446 -20.94 -24.74 -3.32
CA GLY X 446 -22.19 -25.49 -3.45
C GLY X 446 -22.08 -26.85 -4.10
N GLN X 447 -20.86 -27.36 -4.24
CA GLN X 447 -20.66 -28.66 -4.84
C GLN X 447 -19.99 -29.60 -3.86
N PRO X 448 -20.70 -30.00 -2.80
CA PRO X 448 -20.03 -30.87 -1.82
C PRO X 448 -19.80 -32.30 -2.29
N GLU X 449 -20.25 -32.64 -3.48
CA GLU X 449 -20.04 -33.97 -4.02
C GLU X 449 -18.67 -34.07 -4.69
N LYS X 450 -17.89 -33.00 -4.60
CA LYS X 450 -16.56 -32.95 -5.21
C LYS X 450 -15.47 -33.06 -4.15
N GLN X 451 -15.85 -33.35 -2.92
CA GLN X 451 -14.88 -33.44 -1.84
C GLN X 451 -13.99 -34.66 -1.94
N ILE X 452 -12.78 -34.53 -1.38
CA ILE X 452 -11.83 -35.64 -1.35
C ILE X 452 -11.89 -36.22 0.05
N LEU X 453 -12.63 -37.31 0.20
CA LEU X 453 -12.79 -37.95 1.50
C LEU X 453 -12.24 -39.36 1.55
N PHE X 454 -10.99 -39.50 1.98
CA PHE X 454 -10.36 -40.80 2.09
C PHE X 454 -10.97 -41.62 3.21
N GLU X 455 -11.22 -42.90 2.95
CA GLU X 455 -11.78 -43.76 3.96
C GLU X 455 -10.65 -44.39 4.78
N PRO X 456 -10.73 -44.35 6.08
CA PRO X 456 -9.68 -44.92 6.94
C PRO X 456 -9.77 -46.43 7.07
N ILE X 457 -9.30 -47.11 6.02
CA ILE X 457 -9.40 -48.56 5.89
C ILE X 457 -8.61 -49.27 6.97
N PHE X 458 -7.40 -48.77 7.24
CA PHE X 458 -6.52 -49.41 8.22
C PHE X 458 -7.08 -49.48 9.63
N ALA X 459 -7.60 -48.37 10.13
CA ALA X 459 -8.17 -48.34 11.47
C ALA X 459 -9.39 -49.24 11.55
N GLU X 460 -10.19 -49.24 10.49
CA GLU X 460 -11.40 -50.07 10.42
C GLU X 460 -11.04 -51.56 10.42
N TYR X 461 -9.94 -51.90 9.76
CA TYR X 461 -9.49 -53.28 9.72
C TYR X 461 -9.14 -53.74 11.13
N ILE X 462 -8.41 -52.91 11.86
CA ILE X 462 -8.03 -53.22 13.23
C ILE X 462 -9.26 -53.44 14.10
N GLN X 463 -10.28 -52.63 13.86
CA GLN X 463 -11.52 -52.73 14.61
C GLN X 463 -12.25 -54.03 14.28
N ALA X 464 -12.23 -54.40 13.00
CA ALA X 464 -12.87 -55.63 12.53
C ALA X 464 -12.17 -56.87 13.09
N ALA X 465 -10.85 -56.78 13.27
CA ALA X 465 -10.06 -57.86 13.82
C ALA X 465 -10.31 -58.07 15.32
N SER X 466 -10.78 -57.03 16.00
CA SER X 466 -11.10 -57.11 17.42
C SER X 466 -12.53 -57.57 17.63
N GLY X 467 -13.30 -57.71 16.55
CA GLY X 467 -14.67 -58.17 16.65
C GLY X 467 -15.76 -57.28 16.10
N LYS X 468 -15.43 -56.06 15.70
CA LYS X 468 -16.43 -55.13 15.17
C LYS X 468 -17.05 -55.64 13.87
N ALA X 469 -18.31 -56.04 13.92
CA ALA X 469 -18.99 -56.55 12.74
C ALA X 469 -19.89 -55.51 12.08
N VAL X 470 -19.32 -54.35 11.76
CA VAL X 470 -20.09 -53.29 11.10
C VAL X 470 -19.49 -52.87 9.76
N TYR X 471 -18.20 -53.17 9.58
CA TYR X 471 -17.50 -52.83 8.35
C TYR X 471 -17.51 -54.01 7.38
N GLU X 472 -18.18 -55.08 7.77
CA GLU X 472 -18.27 -56.28 6.95
C GLU X 472 -16.91 -56.68 6.39
N PHE X 473 -15.97 -56.98 7.28
CA PHE X 473 -14.59 -57.37 6.88
C PHE X 473 -14.34 -58.87 7.14
N ASN X 474 -15.04 -59.44 8.11
CA ASN X 474 -14.93 -60.86 8.40
C ASN X 474 -13.48 -61.25 8.61
N VAL X 475 -12.75 -60.41 9.31
CA VAL X 475 -11.36 -60.66 9.58
C VAL X 475 -11.21 -60.94 11.06
N LEU X 476 -10.54 -62.05 11.37
CA LEU X 476 -10.29 -62.44 12.75
C LEU X 476 -11.54 -62.62 13.61
N LEU X 477 -11.58 -61.89 14.71
CA LEU X 477 -12.62 -62.01 15.72
C LEU X 477 -14.01 -61.76 15.16
N SER X 478 -14.08 -61.17 13.97
CA SER X 478 -15.38 -60.93 13.36
C SER X 478 -15.73 -61.96 12.29
N SER X 479 -14.93 -63.01 12.17
CA SER X 479 -15.24 -64.15 11.31
C SER X 479 -15.30 -65.39 12.19
N SER X 480 -16.40 -66.13 12.11
CA SER X 480 -16.67 -67.17 13.11
C SER X 480 -15.78 -68.39 12.94
N SER X 481 -15.32 -68.69 11.74
CA SER X 481 -14.52 -69.88 11.49
C SER X 481 -13.03 -69.54 11.48
N SER X 482 -12.54 -69.07 12.62
CA SER X 482 -11.17 -68.61 12.76
C SER X 482 -10.62 -69.12 14.08
N PRO X 483 -9.37 -69.58 14.12
CA PRO X 483 -8.84 -70.13 15.39
C PRO X 483 -8.69 -69.09 16.48
N ALA X 484 -8.57 -67.81 16.14
CA ALA X 484 -8.53 -66.76 17.15
C ALA X 484 -9.87 -66.63 17.84
N THR X 485 -10.97 -66.72 17.11
CA THR X 485 -12.25 -66.60 17.76
C THR X 485 -12.77 -67.90 18.32
N VAL X 486 -12.27 -69.06 17.86
CA VAL X 486 -12.73 -70.32 18.44
C VAL X 486 -12.09 -70.54 19.80
N ALA X 487 -10.83 -70.17 19.95
CA ALA X 487 -10.19 -70.23 21.26
C ALA X 487 -10.75 -69.18 22.19
N GLY X 488 -11.20 -68.05 21.66
CA GLY X 488 -11.70 -66.97 22.49
C GLY X 488 -13.14 -67.02 22.95
N ASN X 489 -13.95 -67.85 22.32
CA ASN X 489 -15.36 -67.89 22.69
C ASN X 489 -15.62 -68.31 24.14
N GLN X 490 -14.96 -69.36 24.61
CA GLN X 490 -15.18 -69.82 25.97
C GLN X 490 -14.75 -68.91 27.12
N VAL X 491 -13.49 -68.49 27.12
CA VAL X 491 -12.99 -67.66 28.22
C VAL X 491 -13.53 -66.23 28.43
N TRP X 492 -13.60 -65.42 27.37
CA TRP X 492 -14.09 -64.05 27.53
C TRP X 492 -14.67 -63.41 26.28
N LEU X 493 -14.76 -64.17 25.19
CA LEU X 493 -15.25 -63.61 23.92
C LEU X 493 -16.69 -63.10 23.89
N PRO X 494 -17.63 -63.81 24.54
CA PRO X 494 -19.03 -63.37 24.48
C PRO X 494 -19.31 -62.06 25.20
N GLY X 495 -18.63 -61.78 26.31
CA GLY X 495 -18.78 -60.49 26.94
C GLY X 495 -18.16 -59.36 26.15
N TRP X 496 -17.07 -59.66 25.45
CA TRP X 496 -16.39 -58.65 24.66
C TRP X 496 -17.13 -58.31 23.37
N LEU X 497 -17.71 -59.32 22.73
CA LEU X 497 -18.42 -59.11 21.48
C LEU X 497 -19.70 -58.32 21.69
N GLU X 498 -20.35 -58.57 22.82
CA GLU X 498 -21.57 -57.86 23.15
C GLU X 498 -21.27 -56.39 23.38
N ALA X 499 -20.17 -56.11 24.06
CA ALA X 499 -19.76 -54.75 24.37
C ALA X 499 -19.18 -54.02 23.17
N ILE X 500 -18.53 -54.76 22.27
CA ILE X 500 -17.92 -54.15 21.12
C ILE X 500 -18.91 -53.88 19.99
N ASN X 501 -20.04 -54.58 19.99
CA ASN X 501 -21.03 -54.34 18.94
C ASN X 501 -22.17 -53.45 19.38
N ASN X 502 -22.21 -53.09 20.65
CA ASN X 502 -23.25 -52.20 21.18
C ASN X 502 -22.92 -50.76 20.80
N ASN X 503 -23.84 -50.10 20.10
CA ASN X 503 -23.63 -48.73 19.64
C ASN X 503 -23.47 -47.68 20.73
N LYS X 504 -24.28 -47.79 21.78
CA LYS X 504 -24.24 -46.84 22.89
C LYS X 504 -23.06 -47.10 23.79
N ASN X 505 -21.86 -47.05 23.22
CA ASN X 505 -20.65 -47.30 23.96
C ASN X 505 -19.53 -46.39 23.50
N ASP X 506 -18.32 -46.71 23.96
CA ASP X 506 -17.12 -45.98 23.59
C ASP X 506 -16.07 -46.97 23.05
N LEU X 507 -16.33 -48.26 23.25
CA LEU X 507 -15.45 -49.31 22.77
C LEU X 507 -15.42 -49.25 21.25
N PHE X 508 -14.33 -48.73 20.70
CA PHE X 508 -14.12 -48.59 19.25
C PHE X 508 -15.24 -47.82 18.54
N LEU X 509 -15.21 -46.50 18.68
CA LEU X 509 -16.22 -45.63 18.06
C LEU X 509 -16.24 -45.73 16.53
N LYS X 510 -17.42 -45.52 15.95
CA LYS X 510 -17.58 -45.59 14.51
C LYS X 510 -16.75 -44.47 13.87
N ILE X 511 -15.78 -44.84 13.06
CA ILE X 511 -14.92 -43.85 12.42
C ILE X 511 -15.21 -43.70 10.93
N GLY X 512 -15.12 -42.48 10.43
CA GLY X 512 -15.37 -42.18 9.04
C GLY X 512 -14.27 -41.33 8.48
N PRO X 513 -14.47 -40.77 7.27
CA PRO X 513 -13.43 -39.94 6.67
C PRO X 513 -13.15 -38.66 7.41
N GLY X 514 -14.07 -38.22 8.26
CA GLY X 514 -13.71 -37.15 9.17
C GLY X 514 -12.76 -37.62 10.23
N ASP X 515 -12.81 -38.89 10.61
CA ASP X 515 -11.88 -39.37 11.61
C ASP X 515 -10.48 -39.57 11.00
N PHE X 516 -10.41 -39.57 9.67
CA PHE X 516 -9.17 -39.78 8.94
C PHE X 516 -8.33 -38.52 8.76
N LEU X 517 -9.00 -37.39 8.55
CA LEU X 517 -8.31 -36.12 8.37
C LEU X 517 -7.70 -35.59 9.67
N VAL X 518 -8.43 -35.75 10.77
CA VAL X 518 -7.97 -35.27 12.07
C VAL X 518 -6.75 -36.04 12.55
N HIS X 519 -6.69 -37.32 12.24
CA HIS X 519 -5.58 -38.16 12.66
C HIS X 519 -4.27 -37.75 11.99
N HIS X 520 -4.36 -37.27 10.75
CA HIS X 520 -3.19 -36.82 10.03
C HIS X 520 -2.77 -35.42 10.50
N ALA X 521 -3.69 -34.69 11.11
CA ALA X 521 -3.40 -33.39 11.67
C ALA X 521 -2.69 -33.69 12.99
N ILE X 522 -3.20 -34.66 13.74
CA ILE X 522 -2.59 -35.08 14.99
C ILE X 522 -1.19 -35.65 14.72
N ALA X 523 -1.03 -36.36 13.60
CA ALA X 523 0.29 -36.83 13.20
C ALA X 523 1.24 -35.68 12.95
N LEU X 524 0.81 -34.69 12.14
CA LEU X 524 1.59 -33.48 11.87
C LEU X 524 2.01 -32.77 13.14
N GLY X 525 1.10 -32.70 14.12
CA GLY X 525 1.43 -32.07 15.37
C GLY X 525 2.54 -32.79 16.11
N LEU X 526 2.51 -34.12 16.11
CA LEU X 526 3.50 -34.91 16.83
C LEU X 526 4.87 -34.82 16.16
N HIS X 527 4.91 -34.77 14.84
CA HIS X 527 6.17 -34.73 14.12
C HIS X 527 6.91 -33.39 14.25
N VAL X 528 6.17 -32.29 14.17
CA VAL X 528 6.77 -30.97 14.27
C VAL X 528 7.27 -30.71 15.69
N THR X 529 6.49 -31.16 16.67
CA THR X 529 6.88 -30.98 18.07
C THR X 529 8.14 -31.78 18.32
N ALA X 530 8.19 -33.00 17.79
CA ALA X 530 9.36 -33.84 17.93
C ALA X 530 10.56 -33.22 17.21
N LEU X 531 10.30 -32.63 16.04
CA LEU X 531 11.36 -32.00 15.26
C LEU X 531 12.10 -30.93 16.04
N ILE X 532 11.33 -30.09 16.74
CA ILE X 532 11.90 -28.99 17.51
C ILE X 532 12.63 -29.47 18.77
N LEU X 533 12.14 -30.53 19.37
CA LEU X 533 12.74 -31.08 20.57
C LEU X 533 13.96 -31.93 20.25
N VAL X 534 13.94 -32.66 19.14
CA VAL X 534 15.07 -33.51 18.79
C VAL X 534 16.21 -32.67 18.22
N LYS X 535 15.84 -31.61 17.48
CA LYS X 535 16.82 -30.69 16.94
C LYS X 535 17.48 -29.94 18.08
N GLY X 536 16.70 -29.59 19.11
CA GLY X 536 17.22 -28.89 20.26
C GLY X 536 18.13 -29.74 21.11
N ALA X 537 17.89 -31.04 21.17
CA ALA X 537 18.78 -31.90 21.93
C ALA X 537 20.05 -32.21 21.14
N LEU X 538 19.94 -32.46 19.84
CA LEU X 538 21.10 -32.86 19.07
C LEU X 538 22.03 -31.70 18.75
N ASP X 539 21.50 -30.50 18.58
CA ASP X 539 22.33 -29.32 18.34
C ASP X 539 22.66 -28.58 19.61
N ALA X 540 22.42 -29.19 20.77
CA ALA X 540 22.70 -28.55 22.05
C ALA X 540 24.18 -28.31 22.31
N ARG X 541 25.03 -29.18 21.78
CA ARG X 541 26.47 -29.06 22.00
C ARG X 541 27.18 -28.18 20.97
N GLY X 542 26.54 -27.93 19.84
CA GLY X 542 27.15 -27.09 18.81
C GLY X 542 26.56 -27.24 17.43
N SER X 543 26.81 -26.24 16.59
CA SER X 543 26.33 -26.23 15.22
C SER X 543 27.31 -25.46 14.36
N LYS X 544 26.96 -25.25 13.09
CA LYS X 544 27.83 -24.51 12.19
C LYS X 544 27.90 -23.06 12.62
N LEU X 545 26.75 -22.54 13.06
CA LEU X 545 26.64 -21.15 13.49
C LEU X 545 27.26 -20.92 14.87
N MET X 546 27.49 -21.99 15.63
CA MET X 546 28.05 -21.81 16.97
C MET X 546 28.68 -23.12 17.37
N PRO X 547 29.95 -23.33 17.00
CA PRO X 547 30.58 -24.62 17.26
C PRO X 547 31.02 -24.85 18.69
N ASP X 548 30.87 -23.86 19.56
CA ASP X 548 31.28 -24.02 20.94
C ASP X 548 30.11 -23.74 21.88
N LYS X 549 28.92 -24.17 21.47
CA LYS X 549 27.71 -23.95 22.23
C LYS X 549 27.72 -24.55 23.64
N LYS X 550 28.39 -25.68 23.81
CA LYS X 550 28.44 -26.34 25.12
C LYS X 550 29.18 -25.51 26.16
N ASP X 551 29.94 -24.53 25.72
CA ASP X 551 30.70 -23.66 26.62
C ASP X 551 29.83 -22.62 27.30
N PHE X 552 28.66 -22.36 26.73
CA PHE X 552 27.73 -21.36 27.25
C PHE X 552 26.60 -21.96 28.06
N GLY X 553 26.51 -23.27 28.09
CA GLY X 553 25.48 -23.94 28.86
C GLY X 553 24.19 -24.27 28.14
N TYR X 554 23.14 -24.49 28.91
CA TYR X 554 21.83 -24.84 28.38
C TYR X 554 20.99 -23.63 28.01
N SER X 555 20.98 -22.63 28.88
CA SER X 555 20.19 -21.44 28.62
C SER X 555 21.02 -20.16 28.61
N PHE X 556 20.89 -19.41 27.54
CA PHE X 556 21.57 -18.12 27.38
C PHE X 556 20.77 -17.31 26.36
N PRO X 557 20.91 -15.98 26.39
CA PRO X 557 20.19 -15.10 25.48
C PRO X 557 20.43 -15.41 24.00
N CYS X 558 21.62 -15.09 23.53
CA CYS X 558 21.99 -15.30 22.15
C CYS X 558 23.49 -15.17 22.02
N ASP X 559 23.97 -15.03 20.79
CA ASP X 559 25.40 -14.87 20.55
C ASP X 559 25.66 -13.50 19.93
N GLY X 560 24.71 -12.59 20.09
CA GLY X 560 24.82 -11.26 19.54
C GLY X 560 24.32 -11.21 18.12
N PRO X 561 24.42 -10.03 17.48
CA PRO X 561 23.99 -9.82 16.10
C PRO X 561 25.09 -10.09 15.07
N GLY X 562 26.18 -10.69 15.51
CA GLY X 562 27.30 -10.98 14.64
C GLY X 562 27.02 -12.13 13.72
N ARG X 563 27.83 -12.25 12.67
CA ARG X 563 27.72 -13.29 11.64
C ARG X 563 26.28 -13.62 11.24
N GLY X 564 25.52 -12.57 11.02
CA GLY X 564 24.12 -12.68 10.65
C GLY X 564 23.14 -12.34 11.77
N GLY X 565 23.42 -12.75 13.00
CA GLY X 565 22.45 -12.60 14.05
C GLY X 565 22.04 -13.95 14.62
N THR X 566 21.81 -14.04 15.93
CA THR X 566 21.69 -15.35 16.55
C THR X 566 20.59 -15.41 17.61
N CYS X 567 19.39 -14.93 17.30
CA CYS X 567 18.31 -15.01 18.28
C CYS X 567 17.71 -16.43 18.34
N ASP X 568 17.55 -16.93 19.56
CA ASP X 568 16.99 -18.23 19.86
C ASP X 568 17.90 -19.37 19.42
N ILE X 569 19.18 -19.27 19.76
CA ILE X 569 20.15 -20.30 19.37
C ILE X 569 20.38 -21.37 20.43
N SER X 570 20.11 -21.04 21.69
CA SER X 570 20.32 -21.99 22.78
C SER X 570 19.32 -23.15 22.76
N ALA X 571 19.71 -24.25 23.40
CA ALA X 571 18.89 -25.45 23.48
C ALA X 571 17.67 -25.21 24.33
N TRP X 572 17.72 -24.18 25.17
CA TRP X 572 16.59 -23.84 26.03
C TRP X 572 15.52 -23.21 25.14
N ASP X 573 15.96 -22.46 24.14
CA ASP X 573 15.07 -21.82 23.20
C ASP X 573 14.28 -22.83 22.38
N ALA X 574 14.85 -24.00 22.14
CA ALA X 574 14.15 -25.04 21.40
C ALA X 574 12.96 -25.50 22.24
N PHE X 575 13.17 -25.60 23.55
CA PHE X 575 12.10 -26.02 24.46
C PHE X 575 10.97 -24.99 24.45
N TYR X 576 11.34 -23.72 24.47
CA TYR X 576 10.38 -22.64 24.48
C TYR X 576 9.54 -22.60 23.20
N LEU X 577 10.16 -22.93 22.08
CA LEU X 577 9.45 -22.96 20.81
C LEU X 577 8.56 -24.18 20.70
N ALA X 578 8.99 -25.28 21.31
CA ALA X 578 8.22 -26.52 21.29
C ALA X 578 6.95 -26.42 22.12
N MET X 579 6.98 -25.60 23.17
CA MET X 579 5.83 -25.42 24.03
C MET X 579 4.60 -25.03 23.23
N PHE X 580 4.77 -24.13 22.28
CA PHE X 580 3.66 -23.70 21.44
C PHE X 580 3.09 -24.86 20.64
N TRP X 581 3.94 -25.81 20.24
CA TRP X 581 3.48 -26.96 19.47
C TRP X 581 2.73 -27.99 20.34
N MET X 582 3.21 -28.24 21.56
CA MET X 582 2.50 -29.10 22.46
C MET X 582 1.10 -28.58 22.71
N LEU X 583 1.00 -27.29 23.02
CA LEU X 583 -0.30 -26.68 23.29
C LEU X 583 -1.21 -26.78 22.09
N ASN X 584 -0.62 -26.66 20.91
CA ASN X 584 -1.35 -26.74 19.66
C ASN X 584 -1.76 -28.17 19.26
N THR X 585 -0.91 -29.17 19.52
CA THR X 585 -1.28 -30.50 19.10
C THR X 585 -2.11 -31.21 20.14
N ILE X 586 -2.04 -30.82 21.41
CA ILE X 586 -3.04 -31.29 22.37
C ILE X 586 -4.37 -30.61 22.10
N GLY X 587 -4.33 -29.35 21.69
CA GLY X 587 -5.56 -28.64 21.35
C GLY X 587 -6.28 -29.24 20.17
N TRP X 588 -5.55 -29.74 19.18
CA TRP X 588 -6.19 -30.48 18.10
C TRP X 588 -6.74 -31.81 18.58
N VAL X 589 -6.11 -32.42 19.58
CA VAL X 589 -6.63 -33.68 20.12
C VAL X 589 -7.86 -33.43 20.99
N THR X 590 -7.86 -32.36 21.77
CA THR X 590 -8.96 -32.15 22.71
C THR X 590 -10.21 -31.61 22.03
N PHE X 591 -10.03 -30.87 20.94
CA PHE X 591 -11.17 -30.36 20.19
C PHE X 591 -11.84 -31.55 19.52
N TYR X 592 -11.03 -32.41 18.94
CA TYR X 592 -11.50 -33.60 18.22
C TYR X 592 -12.24 -34.58 19.12
N TRP X 593 -11.68 -34.86 20.30
CA TRP X 593 -12.32 -35.79 21.22
C TRP X 593 -13.62 -35.22 21.76
N HIS X 594 -13.65 -33.92 22.01
CA HIS X 594 -14.86 -33.28 22.53
C HIS X 594 -15.96 -33.19 21.47
N TRP X 595 -15.61 -32.71 20.29
CA TRP X 595 -16.61 -32.55 19.23
C TRP X 595 -17.25 -33.87 18.82
N LYS X 596 -16.47 -34.94 18.83
CA LYS X 596 -16.98 -36.25 18.46
C LYS X 596 -17.99 -36.79 19.47
N HIS X 597 -17.80 -36.42 20.73
CA HIS X 597 -18.71 -36.86 21.79
C HIS X 597 -19.96 -35.99 21.88
N MET X 598 -19.81 -34.68 21.72
CA MET X 598 -20.98 -33.80 21.77
C MET X 598 -22.03 -34.20 20.76
N THR X 599 -21.62 -34.75 19.64
CA THR X 599 -22.57 -35.15 18.62
C THR X 599 -23.13 -36.54 18.87
N ILE X 600 -22.36 -37.41 19.52
CA ILE X 600 -22.92 -38.70 19.90
C ILE X 600 -23.91 -38.53 21.05
N TRP X 601 -23.60 -37.65 22.00
CA TRP X 601 -24.51 -37.41 23.11
C TRP X 601 -25.74 -36.64 22.68
N GLY X 602 -25.57 -35.73 21.74
CA GLY X 602 -26.66 -34.92 21.23
C GLY X 602 -27.67 -35.74 20.45
N GLY X 603 -27.25 -36.92 20.01
CA GLY X 603 -28.12 -37.81 19.27
C GLY X 603 -28.02 -37.63 17.76
N ASN X 604 -27.02 -36.90 17.30
CA ASN X 604 -26.84 -36.67 15.88
C ASN X 604 -25.38 -36.79 15.44
N PRO X 605 -24.83 -38.01 15.50
CA PRO X 605 -23.44 -38.31 15.14
C PRO X 605 -23.12 -37.93 13.72
N GLY X 606 -24.13 -37.73 12.89
CA GLY X 606 -23.93 -37.35 11.51
C GLY X 606 -23.46 -35.92 11.32
N GLN X 607 -23.74 -35.08 12.31
CA GLN X 607 -23.34 -33.69 12.28
C GLN X 607 -21.82 -33.55 12.22
N PHE X 608 -21.11 -34.39 12.97
CA PHE X 608 -19.66 -34.36 12.99
C PHE X 608 -19.08 -35.14 11.82
N ASP X 609 -19.85 -36.07 11.30
CA ASP X 609 -19.40 -36.91 10.18
C ASP X 609 -19.39 -36.18 8.85
N GLU X 610 -20.10 -35.06 8.77
CA GLU X 610 -20.17 -34.29 7.54
C GLU X 610 -19.41 -32.97 7.61
N SER X 611 -19.53 -32.29 8.75
CA SER X 611 -18.88 -30.99 8.90
C SER X 611 -17.41 -31.08 9.27
N SER X 612 -16.94 -32.24 9.68
CA SER X 612 -15.53 -32.36 10.07
C SER X 612 -14.56 -32.49 8.91
N ASN X 613 -15.08 -32.44 7.69
CA ASN X 613 -14.25 -32.56 6.50
C ASN X 613 -13.59 -31.24 6.13
N TYR X 614 -14.30 -30.13 6.33
CA TYR X 614 -13.75 -28.83 6.04
C TYR X 614 -13.60 -28.04 7.34
N ILE X 615 -12.76 -27.02 7.32
CA ILE X 615 -12.50 -26.22 8.52
C ILE X 615 -13.65 -25.40 9.09
N MET X 616 -14.43 -24.79 8.20
CA MET X 616 -15.56 -23.96 8.57
C MET X 616 -16.55 -24.76 9.40
N GLY X 617 -16.56 -26.07 9.20
CA GLY X 617 -17.43 -26.94 9.96
C GLY X 617 -17.03 -26.89 11.41
N TRP X 618 -15.72 -26.94 11.65
CA TRP X 618 -15.19 -26.89 13.01
C TRP X 618 -15.50 -25.53 13.64
N LEU X 619 -15.20 -24.48 12.89
CA LEU X 619 -15.41 -23.11 13.35
C LEU X 619 -16.86 -22.74 13.64
N ARG X 620 -17.78 -23.30 12.86
CA ARG X 620 -19.20 -22.97 13.00
C ARG X 620 -20.07 -23.94 13.80
N ASP X 621 -19.84 -25.23 13.63
CA ASP X 621 -20.67 -26.22 14.28
C ASP X 621 -20.10 -26.73 15.59
N TYR X 622 -18.86 -26.36 15.89
CA TYR X 622 -18.24 -26.78 17.13
C TYR X 622 -18.00 -25.59 18.05
N LEU X 623 -17.23 -24.62 17.56
CA LEU X 623 -16.90 -23.44 18.35
C LEU X 623 -18.02 -22.40 18.46
N TRP X 624 -18.58 -21.97 17.34
CA TRP X 624 -19.64 -20.96 17.38
C TRP X 624 -20.97 -21.50 17.88
N LEU X 625 -21.26 -22.75 17.57
CA LEU X 625 -22.52 -23.37 17.95
C LEU X 625 -22.57 -23.86 19.40
N ASN X 626 -21.42 -24.11 20.01
CA ASN X 626 -21.40 -24.62 21.39
C ASN X 626 -21.00 -23.60 22.45
N SER X 627 -20.80 -22.36 22.05
CA SER X 627 -20.43 -21.34 23.02
C SER X 627 -21.62 -20.59 23.57
N SER X 628 -22.81 -20.90 23.09
CA SER X 628 -24.03 -20.21 23.53
C SER X 628 -24.30 -20.20 25.04
N PRO X 629 -24.35 -21.38 25.69
CA PRO X 629 -24.65 -21.33 27.12
C PRO X 629 -23.53 -20.76 27.96
N LEU X 630 -22.29 -20.77 27.47
CA LEU X 630 -21.18 -20.24 28.22
C LEU X 630 -21.23 -18.72 28.30
N ILE X 631 -21.31 -18.06 27.15
CA ILE X 631 -21.30 -16.60 27.15
C ILE X 631 -22.63 -15.97 27.53
N ASN X 632 -23.67 -16.77 27.73
CA ASN X 632 -24.89 -16.29 28.35
C ASN X 632 -24.91 -16.54 29.85
N GLY X 633 -23.74 -16.85 30.42
CA GLY X 633 -23.60 -17.10 31.83
C GLY X 633 -24.11 -15.91 32.61
N TYR X 634 -23.73 -14.72 32.12
CA TYR X 634 -24.18 -13.43 32.71
C TYR X 634 -24.44 -12.45 31.57
N ASN X 635 -25.43 -11.57 31.76
CA ASN X 635 -25.82 -10.55 30.73
C ASN X 635 -26.62 -9.44 31.42
N PRO X 636 -27.16 -8.44 30.68
CA PRO X 636 -27.91 -7.35 31.29
C PRO X 636 -29.15 -7.86 32.04
N PHE X 637 -29.82 -8.87 31.49
CA PHE X 637 -31.03 -9.50 32.09
C PHE X 637 -30.70 -10.17 33.44
N GLY X 638 -29.57 -10.84 33.54
CA GLY X 638 -29.22 -11.52 34.78
C GLY X 638 -28.01 -12.43 34.67
N MET X 639 -27.78 -13.21 35.71
CA MET X 639 -26.66 -14.15 35.74
C MET X 639 -27.11 -15.52 36.20
N ASN X 640 -26.35 -16.55 35.83
CA ASN X 640 -26.67 -17.93 36.19
C ASN X 640 -25.51 -18.61 36.93
N ASN X 641 -25.67 -19.90 37.20
CA ASN X 641 -24.69 -20.67 37.95
C ASN X 641 -23.32 -20.71 37.29
N LEU X 642 -23.37 -20.66 35.96
CA LEU X 642 -22.26 -20.75 35.00
C LEU X 642 -21.59 -19.42 34.77
N SER X 643 -21.93 -18.41 35.56
CA SER X 643 -21.33 -17.08 35.44
C SER X 643 -19.82 -17.13 35.65
N VAL X 644 -19.36 -17.95 36.59
CA VAL X 644 -17.94 -18.08 36.85
C VAL X 644 -17.20 -18.62 35.62
N TRP X 645 -17.78 -19.58 34.88
CA TRP X 645 -17.10 -20.08 33.71
C TRP X 645 -17.03 -19.00 32.63
N ALA X 646 -18.07 -18.17 32.58
CA ALA X 646 -18.13 -17.10 31.60
C ALA X 646 -17.10 -16.03 31.94
N TRP X 647 -16.90 -15.81 33.24
CA TRP X 647 -15.91 -14.83 33.69
C TRP X 647 -14.52 -15.37 33.47
N MET X 648 -14.36 -16.68 33.65
CA MET X 648 -13.07 -17.33 33.46
C MET X 648 -12.71 -17.41 31.98
N PHE X 649 -13.74 -17.50 31.14
CA PHE X 649 -13.55 -17.57 29.70
C PHE X 649 -12.89 -16.30 29.18
N LEU X 650 -13.35 -15.16 29.69
CA LEU X 650 -12.80 -13.87 29.28
C LEU X 650 -11.44 -13.70 29.92
N PHE X 651 -11.31 -14.20 31.15
CA PHE X 651 -10.08 -14.15 31.92
C PHE X 651 -8.96 -14.77 31.09
N GLY X 652 -9.21 -15.96 30.57
CA GLY X 652 -8.24 -16.65 29.74
C GLY X 652 -7.81 -15.86 28.53
N HIS X 653 -8.75 -15.26 27.83
CA HIS X 653 -8.44 -14.47 26.65
C HIS X 653 -7.51 -13.31 26.97
N LEU X 654 -7.64 -12.76 28.18
CA LEU X 654 -6.84 -11.62 28.58
C LEU X 654 -5.41 -12.04 28.87
N ILE X 655 -5.21 -13.14 29.59
CA ILE X 655 -3.88 -13.59 29.96
C ILE X 655 -3.10 -14.03 28.74
N TRP X 656 -3.78 -14.73 27.84
CA TRP X 656 -3.22 -15.12 26.55
C TRP X 656 -2.77 -13.91 25.75
N ALA X 657 -3.56 -12.85 25.77
CA ALA X 657 -3.23 -11.67 25.01
C ALA X 657 -2.14 -10.83 25.66
N THR X 658 -2.04 -10.83 26.98
CA THR X 658 -0.90 -10.17 27.60
C THR X 658 0.38 -10.95 27.39
N GLY X 659 0.27 -12.21 27.00
CA GLY X 659 1.44 -13.02 26.72
C GLY X 659 2.08 -12.56 25.44
N PHE X 660 1.29 -11.92 24.58
CA PHE X 660 1.77 -11.42 23.30
C PHE X 660 2.71 -10.23 23.48
N MET X 661 2.48 -9.46 24.55
CA MET X 661 3.30 -8.29 24.84
C MET X 661 4.74 -8.68 25.13
N PHE X 662 4.93 -9.74 25.91
CA PHE X 662 6.25 -10.21 26.28
C PHE X 662 6.94 -10.97 25.16
N LEU X 663 6.17 -11.45 24.19
CA LEU X 663 6.72 -12.23 23.09
C LEU X 663 7.04 -11.46 21.81
N ILE X 664 6.37 -10.32 21.59
CA ILE X 664 6.60 -9.55 20.39
C ILE X 664 7.50 -8.36 20.66
N SER X 665 7.24 -7.61 21.72
CA SER X 665 8.06 -6.46 22.05
C SER X 665 9.25 -6.90 22.90
N TRP X 666 10.46 -6.60 22.42
CA TRP X 666 11.66 -7.03 23.14
C TRP X 666 12.22 -6.01 24.15
N ARG X 667 13.31 -6.38 24.80
CA ARG X 667 13.92 -5.61 25.89
C ARG X 667 14.41 -4.15 25.80
N GLY X 668 15.19 -3.79 24.79
CA GLY X 668 15.76 -2.46 24.78
C GLY X 668 14.77 -1.34 24.51
N TYR X 669 13.57 -1.69 24.02
CA TYR X 669 12.45 -0.77 24.14
C TYR X 669 12.16 -0.46 25.60
N TRP X 670 11.96 -1.50 26.39
CA TRP X 670 11.60 -1.33 27.79
C TRP X 670 12.66 -0.74 28.71
N GLN X 671 13.93 -1.02 28.43
CA GLN X 671 15.00 -0.50 29.26
C GLN X 671 15.07 1.02 29.18
N GLU X 672 14.87 1.56 27.98
CA GLU X 672 14.91 3.00 27.78
C GLU X 672 13.74 3.72 28.44
N LEU X 673 12.61 3.05 28.52
CA LEU X 673 11.41 3.61 29.12
C LEU X 673 11.57 3.79 30.62
N ILE X 674 12.13 2.77 31.28
CA ILE X 674 12.31 2.76 32.71
C ILE X 674 13.32 3.82 33.13
N GLU X 675 14.28 4.13 32.26
CA GLU X 675 15.25 5.18 32.55
C GLU X 675 14.61 6.56 32.66
N THR X 676 13.50 6.78 31.96
CA THR X 676 12.76 8.02 32.15
C THR X 676 11.91 7.96 33.41
N LEU X 677 11.52 6.77 33.85
CA LEU X 677 10.75 6.65 35.08
C LEU X 677 11.62 6.81 36.31
N VAL X 678 12.83 6.25 36.27
CA VAL X 678 13.83 6.48 37.32
C VAL X 678 14.13 7.95 37.41
N TRP X 679 14.19 8.63 36.27
CA TRP X 679 14.44 10.07 36.27
C TRP X 679 13.31 10.85 36.93
N ALA X 680 12.08 10.58 36.50
CA ALA X 680 10.91 11.28 37.01
C ALA X 680 10.76 11.14 38.52
N HIS X 681 10.93 9.94 39.04
CA HIS X 681 10.78 9.70 40.47
C HIS X 681 11.80 10.45 41.31
N GLU X 682 12.99 10.64 40.75
CA GLU X 682 14.07 11.34 41.43
C GLU X 682 13.92 12.85 41.40
N ARG X 683 13.03 13.34 40.56
CA ARG X 683 12.82 14.78 40.43
C ARG X 683 11.50 15.29 40.99
N THR X 684 10.65 14.43 41.50
CA THR X 684 9.39 14.91 42.02
C THR X 684 9.46 15.11 43.52
N PRO X 685 9.17 16.33 43.98
CA PRO X 685 9.17 16.63 45.42
C PRO X 685 8.09 15.83 46.13
N LEU X 686 8.41 15.35 47.33
CA LEU X 686 7.60 14.55 48.28
C LEU X 686 7.55 13.06 47.95
N ALA X 687 8.16 12.66 46.84
CA ALA X 687 8.25 11.28 46.44
C ALA X 687 9.74 10.98 46.47
N ASN X 688 10.50 12.04 46.69
CA ASN X 688 11.95 11.98 46.76
C ASN X 688 12.44 11.40 48.08
N LEU X 689 11.59 11.42 49.10
CA LEU X 689 11.94 10.89 50.40
C LEU X 689 12.00 9.38 50.39
N ILE X 690 11.35 8.76 49.38
CA ILE X 690 11.31 7.31 49.29
C ILE X 690 12.28 6.87 48.19
N ARG X 691 12.89 5.71 48.35
CA ARG X 691 13.81 5.25 47.33
C ARG X 691 13.98 3.74 47.34
N TRP X 692 14.07 3.18 46.15
CA TRP X 692 14.25 1.76 45.96
C TRP X 692 15.63 1.31 46.40
N ARG X 693 15.73 0.06 46.85
CA ARG X 693 17.02 -0.48 47.27
C ARG X 693 17.59 -1.40 46.19
N ASP X 694 16.82 -1.62 45.12
CA ASP X 694 17.22 -2.44 44.00
C ASP X 694 16.89 -1.65 42.74
N LYS X 695 17.91 -1.29 41.97
CA LYS X 695 17.71 -0.50 40.76
C LYS X 695 16.73 -1.12 39.76
N PRO X 696 15.60 -0.46 39.52
CA PRO X 696 14.62 -1.01 38.59
C PRO X 696 15.17 -1.14 37.17
N VAL X 697 15.11 -2.34 36.61
CA VAL X 697 15.57 -2.59 35.25
C VAL X 697 14.57 -3.47 34.51
N ALA X 698 14.63 -3.45 33.19
CA ALA X 698 13.71 -4.25 32.38
C ALA X 698 14.08 -5.73 32.44
N LEU X 699 13.08 -6.59 32.37
CA LEU X 699 13.29 -8.03 32.40
C LEU X 699 14.24 -8.44 31.29
N SER X 700 15.01 -9.49 31.52
CA SER X 700 16.04 -9.82 30.56
C SER X 700 15.46 -10.58 29.36
N ILE X 701 16.34 -10.87 28.41
CA ILE X 701 15.95 -11.56 27.19
C ILE X 701 15.31 -12.92 27.44
N VAL X 702 15.96 -13.75 28.25
CA VAL X 702 15.44 -15.07 28.55
C VAL X 702 14.28 -15.03 29.54
N GLN X 703 14.23 -14.01 30.38
CA GLN X 703 13.15 -13.90 31.34
C GLN X 703 11.85 -13.48 30.65
N ALA X 704 11.95 -12.70 29.59
CA ALA X 704 10.77 -12.25 28.85
C ALA X 704 10.13 -13.41 28.10
N ARG X 705 10.93 -14.34 27.64
CA ARG X 705 10.44 -15.50 26.93
C ARG X 705 9.72 -16.44 27.88
N LEU X 706 10.28 -16.63 29.06
CA LEU X 706 9.65 -17.49 30.04
C LEU X 706 8.34 -16.89 30.55
N VAL X 707 8.29 -15.57 30.74
CA VAL X 707 7.08 -14.95 31.24
C VAL X 707 6.01 -14.92 30.17
N GLY X 708 6.39 -14.49 28.97
CA GLY X 708 5.46 -14.45 27.86
C GLY X 708 4.92 -15.84 27.61
N LEU X 709 5.71 -16.85 27.90
CA LEU X 709 5.32 -18.25 27.71
C LEU X 709 4.30 -18.68 28.77
N VAL X 710 4.50 -18.24 30.00
CA VAL X 710 3.60 -18.61 31.08
C VAL X 710 2.23 -17.97 30.90
N HIS X 711 2.18 -16.78 30.33
CA HIS X 711 0.92 -16.10 30.08
C HIS X 711 0.21 -16.82 28.94
N PHE X 712 0.93 -17.07 27.85
CA PHE X 712 0.33 -17.76 26.71
C PHE X 712 -0.19 -19.14 27.13
N SER X 713 0.50 -19.77 28.06
CA SER X 713 0.14 -21.09 28.55
C SER X 713 -1.06 -21.09 29.50
N VAL X 714 -0.98 -20.29 30.55
CA VAL X 714 -2.06 -20.20 31.54
C VAL X 714 -3.34 -19.65 30.93
N GLY X 715 -3.21 -18.68 30.01
CA GLY X 715 -4.37 -18.21 29.29
C GLY X 715 -4.97 -19.24 28.36
N TYR X 716 -4.11 -20.05 27.75
CA TYR X 716 -4.52 -21.09 26.82
C TYR X 716 -5.33 -22.18 27.51
N ILE X 717 -4.82 -22.65 28.65
CA ILE X 717 -5.48 -23.72 29.39
C ILE X 717 -6.75 -23.28 30.11
N LEU X 718 -6.76 -22.07 30.68
CA LEU X 718 -7.93 -21.60 31.41
C LEU X 718 -9.09 -21.29 30.48
N THR X 719 -8.83 -20.85 29.26
CA THR X 719 -9.96 -20.54 28.39
C THR X 719 -10.56 -21.79 27.76
N TYR X 720 -9.82 -22.88 27.67
CA TYR X 720 -10.40 -24.09 27.13
C TYR X 720 -11.16 -24.82 28.23
N ALA X 721 -10.64 -24.75 29.44
CA ALA X 721 -11.30 -25.37 30.57
C ALA X 721 -12.65 -24.70 30.71
N ALA X 722 -12.67 -23.38 30.55
CA ALA X 722 -13.90 -22.62 30.63
C ALA X 722 -14.89 -23.05 29.58
N PHE X 723 -14.42 -23.28 28.36
CA PHE X 723 -15.30 -23.69 27.27
C PHE X 723 -15.85 -25.10 27.39
N LEU X 724 -14.94 -26.07 27.47
CA LEU X 724 -15.31 -27.48 27.55
C LEU X 724 -16.19 -27.91 28.71
N ILE X 725 -16.10 -27.22 29.85
CA ILE X 725 -16.90 -27.60 31.00
C ILE X 725 -18.34 -27.07 30.97
N ALA X 726 -18.50 -25.82 30.55
CA ALA X 726 -19.82 -25.20 30.52
C ALA X 726 -20.58 -25.45 29.24
N SER X 727 -19.90 -25.74 28.14
CA SER X 727 -20.63 -26.16 26.96
C SER X 727 -21.20 -27.55 27.13
N THR X 728 -20.54 -28.40 27.91
CA THR X 728 -21.10 -29.71 28.17
C THR X 728 -22.15 -29.64 29.28
N SER X 729 -21.85 -28.98 30.38
CA SER X 729 -22.81 -28.88 31.47
C SER X 729 -23.97 -27.95 31.15
N GLY X 730 -23.83 -27.05 30.20
CA GLY X 730 -24.93 -26.20 29.81
C GLY X 730 -25.88 -26.81 28.83
N LYS X 731 -25.50 -27.94 28.25
CA LYS X 731 -26.34 -28.64 27.29
C LYS X 731 -26.66 -30.05 27.75
N PHE X 732 -25.77 -30.60 28.58
CA PHE X 732 -25.91 -31.95 29.10
C PHE X 732 -26.22 -32.98 28.02
N GLY X 733 -25.45 -32.95 26.93
CA GLY X 733 -25.67 -33.87 25.84
C GLY X 733 -25.20 -33.32 24.51
N SER Y 1 31.33 -9.36 36.86
CA SER Y 1 31.88 -8.85 35.59
C SER Y 1 31.82 -9.95 34.52
N HIS Y 2 32.03 -9.57 33.26
CA HIS Y 2 32.04 -10.53 32.16
C HIS Y 2 33.44 -11.05 31.94
N SER Y 3 33.54 -12.13 31.16
CA SER Y 3 34.85 -12.76 30.86
C SER Y 3 35.13 -12.65 29.36
N VAL Y 4 36.28 -12.09 29.00
CA VAL Y 4 36.72 -11.97 27.61
C VAL Y 4 38.04 -12.71 27.46
N LYS Y 5 38.04 -13.77 26.65
CA LYS Y 5 39.22 -14.57 26.41
C LYS Y 5 39.71 -14.37 24.99
N ILE Y 6 41.02 -14.54 24.80
CA ILE Y 6 41.66 -14.32 23.50
C ILE Y 6 42.48 -15.55 23.18
N TYR Y 7 42.16 -16.16 22.05
CA TYR Y 7 42.82 -17.40 21.61
C TYR Y 7 44.03 -17.11 20.74
N ASP Y 8 44.82 -18.15 20.47
CA ASP Y 8 46.05 -18.03 19.69
C ASP Y 8 45.88 -17.85 18.19
N THR Y 9 44.67 -18.06 17.67
CA THR Y 9 44.41 -17.84 16.26
C THR Y 9 44.34 -16.36 15.91
N CYS Y 10 44.47 -15.49 16.91
CA CYS Y 10 44.58 -14.05 16.76
C CYS Y 10 45.68 -13.66 15.80
N ILE Y 11 45.30 -12.95 14.73
CA ILE Y 11 46.27 -12.50 13.74
C ILE Y 11 46.70 -11.08 13.97
N GLY Y 12 46.21 -10.43 15.02
CA GLY Y 12 46.63 -9.10 15.40
C GLY Y 12 46.33 -8.03 14.39
N CYS Y 13 45.06 -7.85 14.02
CA CYS Y 13 44.71 -6.80 13.08
C CYS Y 13 43.94 -5.67 13.74
N THR Y 14 43.94 -5.61 15.07
CA THR Y 14 43.50 -4.49 15.92
C THR Y 14 42.03 -4.13 15.75
N GLN Y 15 41.22 -4.96 15.10
CA GLN Y 15 39.86 -4.54 14.77
C GLN Y 15 38.91 -4.66 15.96
N CYS Y 16 39.19 -5.57 16.89
CA CYS Y 16 38.37 -5.66 18.09
C CYS Y 16 38.57 -4.47 19.00
N VAL Y 17 39.81 -4.01 19.09
CA VAL Y 17 40.15 -2.87 19.95
C VAL Y 17 39.52 -1.57 19.46
N ARG Y 18 39.37 -1.46 18.15
CA ARG Y 18 38.79 -0.26 17.56
C ARG Y 18 37.27 -0.28 17.66
N ALA Y 19 36.70 -1.45 17.89
CA ALA Y 19 35.25 -1.58 17.98
C ALA Y 19 34.73 -1.51 19.40
N CYS Y 20 35.59 -1.74 20.40
CA CYS Y 20 35.12 -1.73 21.80
C CYS Y 20 34.63 -0.36 22.24
N PRO Y 21 33.38 -0.29 22.68
CA PRO Y 21 32.81 0.99 23.09
C PRO Y 21 33.08 1.37 24.53
N THR Y 22 33.78 0.55 25.31
CA THR Y 22 34.05 0.87 26.70
C THR Y 22 35.49 0.56 27.09
N ASP Y 23 36.40 0.48 26.12
CA ASP Y 23 37.86 0.42 26.34
C ASP Y 23 38.26 -0.76 27.24
N VAL Y 24 37.98 -1.97 26.78
CA VAL Y 24 38.29 -3.16 27.53
C VAL Y 24 39.52 -3.87 26.98
N LEU Y 25 39.68 -3.83 25.67
CA LEU Y 25 40.79 -4.51 25.01
C LEU Y 25 41.88 -3.55 24.55
N GLU Y 26 43.09 -4.10 24.42
CA GLU Y 26 44.25 -3.36 23.95
C GLU Y 26 45.19 -4.30 23.23
N MET Y 27 46.11 -3.75 22.47
CA MET Y 27 47.07 -4.54 21.72
C MET Y 27 48.43 -4.50 22.42
N ILE Y 28 49.06 -5.67 22.49
CA ILE Y 28 50.29 -5.87 23.25
C ILE Y 28 51.30 -6.55 22.32
N PRO Y 29 52.58 -6.52 22.68
CA PRO Y 29 53.60 -7.17 21.85
C PRO Y 29 53.48 -8.69 21.90
N TRP Y 30 53.64 -9.35 20.76
CA TRP Y 30 53.55 -10.81 20.68
C TRP Y 30 54.38 -11.32 19.50
N GLY Y 31 55.05 -12.45 19.70
CA GLY Y 31 55.88 -13.02 18.65
C GLY Y 31 55.41 -14.33 18.06
N GLY Y 32 54.12 -14.43 17.77
CA GLY Y 32 53.55 -15.65 17.24
C GLY Y 32 52.81 -15.53 15.92
N CYS Y 33 52.71 -14.32 15.39
CA CYS Y 33 52.04 -14.11 14.12
C CYS Y 33 52.73 -13.01 13.32
N LYS Y 34 52.35 -12.86 12.05
CA LYS Y 34 52.94 -11.87 11.17
C LYS Y 34 53.03 -10.44 11.72
N ALA Y 35 51.96 -9.99 12.39
CA ALA Y 35 51.92 -8.64 12.94
C ALA Y 35 52.60 -8.50 14.31
N LYS Y 36 53.07 -9.61 14.86
CA LYS Y 36 53.74 -9.63 16.16
C LYS Y 36 52.96 -8.89 17.24
N GLN Y 37 51.64 -9.04 17.21
CA GLN Y 37 50.78 -8.42 18.22
C GLN Y 37 49.53 -9.26 18.44
N ILE Y 38 49.09 -9.33 19.68
CA ILE Y 38 47.93 -10.11 20.06
C ILE Y 38 47.01 -9.19 20.87
N ALA Y 39 45.72 -9.45 20.79
CA ALA Y 39 44.78 -8.71 21.62
C ALA Y 39 44.88 -9.18 23.06
N SER Y 40 44.49 -8.31 23.97
CA SER Y 40 44.50 -8.62 25.38
C SER Y 40 43.30 -7.97 26.04
N ALA Y 41 42.81 -8.57 27.12
CA ALA Y 41 41.64 -8.06 27.84
C ALA Y 41 41.99 -7.67 29.28
N PRO Y 42 42.70 -6.55 29.45
CA PRO Y 42 43.11 -6.09 30.78
C PRO Y 42 42.02 -5.43 31.63
N ARG Y 43 40.96 -4.91 31.01
CA ARG Y 43 39.89 -4.25 31.78
C ARG Y 43 38.51 -4.82 31.48
N THR Y 44 38.30 -6.09 31.81
CA THR Y 44 37.02 -6.75 31.57
C THR Y 44 35.89 -6.29 32.47
N GLU Y 45 36.19 -5.44 33.43
CA GLU Y 45 35.17 -4.98 34.34
C GLU Y 45 34.37 -3.80 33.78
N ASP Y 46 34.92 -3.09 32.81
CA ASP Y 46 34.17 -2.15 32.01
C ASP Y 46 33.38 -2.82 30.89
N CYS Y 47 33.54 -4.12 30.73
CA CYS Y 47 32.87 -4.83 29.65
C CYS Y 47 31.37 -4.84 29.81
N VAL Y 48 30.68 -4.27 28.84
CA VAL Y 48 29.23 -4.26 28.89
C VAL Y 48 28.64 -5.51 28.27
N GLY Y 49 29.38 -6.23 27.44
CA GLY Y 49 28.91 -7.46 26.88
C GLY Y 49 28.21 -7.34 25.55
N CYS Y 50 28.42 -6.25 24.81
CA CYS Y 50 27.67 -6.03 23.59
C CYS Y 50 28.17 -6.82 22.41
N LYS Y 51 29.31 -7.48 22.56
CA LYS Y 51 29.91 -8.32 21.54
C LYS Y 51 30.29 -7.67 20.22
N ARG Y 52 30.51 -6.36 20.21
CA ARG Y 52 30.94 -5.68 18.99
C ARG Y 52 32.30 -6.16 18.54
N CYS Y 53 33.11 -6.64 19.48
CA CYS Y 53 34.44 -7.14 19.19
C CYS Y 53 34.41 -8.40 18.36
N GLU Y 54 33.42 -9.25 18.61
CA GLU Y 54 33.29 -10.50 17.88
C GLU Y 54 32.69 -10.30 16.51
N SER Y 55 31.87 -9.27 16.35
CA SER Y 55 31.39 -8.90 15.03
C SER Y 55 32.49 -8.35 14.16
N ALA Y 56 33.61 -7.93 14.76
CA ALA Y 56 34.74 -7.37 14.02
C ALA Y 56 35.86 -8.35 13.76
N CYS Y 57 35.91 -9.48 14.47
CA CYS Y 57 37.02 -10.42 14.35
C CYS Y 57 36.95 -11.20 13.05
N PRO Y 58 38.00 -11.17 12.21
CA PRO Y 58 37.92 -11.87 10.92
C PRO Y 58 38.22 -13.35 10.95
N THR Y 59 38.70 -13.91 12.04
CA THR Y 59 39.11 -15.30 11.99
C THR Y 59 37.91 -16.24 12.13
N ASP Y 60 38.09 -17.46 11.68
CA ASP Y 60 37.04 -18.47 11.74
C ASP Y 60 37.60 -19.73 12.38
N PHE Y 61 37.19 -20.07 13.60
CA PHE Y 61 36.24 -19.30 14.41
C PHE Y 61 36.95 -18.13 15.11
N LEU Y 62 36.18 -17.28 15.77
CA LEU Y 62 36.68 -16.10 16.48
C LEU Y 62 37.90 -16.27 17.38
N SER Y 63 38.72 -15.23 17.46
CA SER Y 63 39.90 -15.22 18.30
C SER Y 63 39.53 -14.58 19.63
N VAL Y 64 38.63 -13.61 19.59
CA VAL Y 64 38.15 -12.96 20.81
C VAL Y 64 36.83 -13.61 21.17
N ARG Y 65 36.57 -13.76 22.46
CA ARG Y 65 35.34 -14.41 22.90
C ARG Y 65 34.80 -13.86 24.21
N VAL Y 66 33.52 -13.51 24.21
CA VAL Y 66 32.87 -12.96 25.39
C VAL Y 66 31.90 -13.95 26.01
N TYR Y 67 32.06 -14.17 27.31
CA TYR Y 67 31.21 -15.08 28.07
C TYR Y 67 30.44 -14.28 29.12
N LEU Y 68 29.14 -14.54 29.25
CA LEU Y 68 28.32 -13.83 30.21
C LEU Y 68 28.82 -14.09 31.63
N TRP Y 69 28.79 -13.04 32.45
CA TRP Y 69 29.28 -13.09 33.82
C TRP Y 69 28.37 -12.31 34.78
N HIS Y 70 28.67 -12.39 36.06
CA HIS Y 70 27.87 -11.69 37.06
C HIS Y 70 27.87 -10.20 36.73
N GLU Y 71 26.69 -9.61 36.83
CA GLU Y 71 26.48 -8.20 36.49
C GLU Y 71 26.58 -7.20 37.63
N THR Y 72 27.37 -6.16 37.40
CA THR Y 72 27.56 -5.07 38.33
C THR Y 72 26.75 -3.89 37.81
N THR Y 73 27.02 -2.69 38.29
CA THR Y 73 26.29 -1.53 37.82
C THR Y 73 26.89 -1.11 36.47
N ARG Y 74 28.17 -1.40 36.30
CA ARG Y 74 28.90 -1.06 35.09
C ARG Y 74 28.54 -1.94 33.90
N SER Y 75 28.33 -3.24 34.12
CA SER Y 75 28.02 -4.11 33.00
C SER Y 75 26.54 -4.16 32.67
N MET Y 76 25.72 -3.67 33.60
CA MET Y 76 24.29 -3.56 33.41
C MET Y 76 24.09 -2.35 32.49
N GLY Y 77 25.04 -1.43 32.51
CA GLY Y 77 24.95 -0.25 31.68
C GLY Y 77 24.04 0.81 32.23
N LEU Y 78 24.01 0.97 33.54
CA LEU Y 78 23.12 1.93 34.17
C LEU Y 78 23.71 3.32 34.36
N ALA Y 79 22.85 4.32 34.17
CA ALA Y 79 23.23 5.71 34.33
C ALA Y 79 22.54 6.29 35.56
N TYR Y 80 22.12 5.42 36.46
CA TYR Y 80 21.44 5.84 37.68
C TYR Y 80 21.73 4.89 38.83
N PRO Z 1 36.18 25.30 33.25
CA PRO Z 1 36.19 25.47 31.79
C PRO Z 1 35.17 24.60 31.09
N SER Z 2 33.92 24.66 31.55
CA SER Z 2 32.85 23.87 30.96
C SER Z 2 32.36 24.53 29.67
N PRO Z 3 32.02 23.72 28.66
CA PRO Z 3 31.54 24.31 27.41
C PRO Z 3 30.21 25.03 27.56
N ILE Z 4 29.84 25.74 26.50
CA ILE Z 4 28.60 26.51 26.49
C ILE Z 4 27.43 25.58 26.26
N PHE Z 5 26.52 25.53 27.23
CA PHE Z 5 25.37 24.65 27.16
C PHE Z 5 24.26 25.23 28.01
N GLY Z 6 23.03 25.13 27.52
CA GLY Z 6 21.88 25.67 28.23
C GLY Z 6 21.26 24.68 29.21
N GLY Z 7 21.86 23.51 29.33
CA GLY Z 7 21.36 22.49 30.24
C GLY Z 7 20.38 21.57 29.54
N SER Z 8 20.09 20.44 30.19
CA SER Z 8 19.16 19.45 29.69
C SER Z 8 18.78 18.51 30.82
N THR Z 9 17.75 17.70 30.61
CA THR Z 9 17.31 16.76 31.65
C THR Z 9 17.97 15.41 31.51
N GLY Z 10 18.89 15.28 30.56
CA GLY Z 10 19.57 14.02 30.32
C GLY Z 10 20.94 13.91 30.96
N GLY Z 11 21.21 14.71 31.97
CA GLY Z 11 22.49 14.69 32.66
C GLY Z 11 22.58 13.68 33.78
N TRP Z 12 23.48 13.91 34.74
CA TRP Z 12 23.65 12.95 35.83
C TRP Z 12 22.51 12.91 36.85
N LEU Z 13 22.46 11.79 37.55
CA LEU Z 13 21.44 11.45 38.52
C LEU Z 13 22.16 11.33 39.86
N ARG Z 14 21.49 10.70 40.84
CA ARG Z 14 22.07 10.53 42.17
C ARG Z 14 23.36 9.71 42.12
N LYS Z 15 23.39 8.73 41.22
CA LYS Z 15 24.54 7.85 41.01
C LYS Z 15 25.87 8.59 40.97
N ALA Z 16 25.86 9.82 40.45
CA ALA Z 16 27.04 10.66 40.40
C ALA Z 16 27.58 10.96 41.79
N GLN Z 17 26.75 11.46 42.69
CA GLN Z 17 27.25 11.87 44.04
C GLN Z 17 27.26 10.69 45.01
N VAL Z 18 27.04 9.47 44.54
CA VAL Z 18 26.87 8.37 45.48
C VAL Z 18 27.72 7.16 45.11
N GLU Z 19 27.88 7.05 43.80
CA GLU Z 19 28.66 6.07 43.06
C GLU Z 19 29.58 6.89 42.11
N GLU Z 20 30.55 6.24 41.48
CA GLU Z 20 31.50 6.95 40.63
C GLU Z 20 30.91 7.79 39.49
N LYS Z 21 31.54 8.95 39.26
CA LYS Z 21 31.15 9.91 38.21
C LYS Z 21 32.37 10.09 37.30
N TYR Z 22 32.16 10.43 36.02
CA TYR Z 22 33.30 10.52 35.13
C TYR Z 22 33.41 11.89 34.51
N VAL Z 23 34.64 12.36 34.35
CA VAL Z 23 34.88 13.63 33.69
C VAL Z 23 35.76 13.37 32.48
N ILE Z 24 35.70 14.24 31.49
CA ILE Z 24 36.53 14.14 30.31
C ILE Z 24 37.10 15.50 29.97
N THR Z 25 38.40 15.54 29.63
CA THR Z 25 39.10 16.76 29.28
C THR Z 25 39.63 16.66 27.87
N TRP Z 26 39.52 17.75 27.14
CA TRP Z 26 40.05 17.85 25.79
C TRP Z 26 40.54 19.27 25.54
N ASP Z 27 41.33 19.44 24.49
CA ASP Z 27 41.87 20.74 24.14
C ASP Z 27 41.46 21.06 22.71
N SER Z 28 40.85 22.22 22.51
CA SER Z 28 40.40 22.58 21.19
C SER Z 28 41.10 23.83 20.69
N PRO Z 29 41.51 23.87 19.42
CA PRO Z 29 42.07 25.10 18.87
C PRO Z 29 41.06 26.18 18.54
N LYS Z 30 39.77 25.85 18.47
CA LYS Z 30 38.77 26.85 18.14
C LYS Z 30 37.39 26.52 18.67
N GLU Z 31 36.48 27.50 18.56
CA GLU Z 31 35.11 27.34 19.02
C GLU Z 31 34.25 26.67 17.96
N GLN Z 32 33.78 25.46 18.26
CA GLN Z 32 32.94 24.71 17.34
C GLN Z 32 31.82 24.01 18.09
N ILE Z 33 30.71 23.76 17.40
CA ILE Z 33 29.56 23.10 18.01
C ILE Z 33 29.63 21.58 17.89
N PHE Z 34 29.42 20.88 18.99
CA PHE Z 34 29.44 19.43 18.98
C PHE Z 34 28.17 18.88 19.60
N GLU Z 35 27.91 17.60 19.36
CA GLU Z 35 26.71 16.96 19.90
C GLU Z 35 26.98 16.32 21.26
N MET Z 36 26.05 16.50 22.17
CA MET Z 36 26.16 15.93 23.50
C MET Z 36 25.58 14.53 23.46
N PRO Z 37 26.23 13.59 24.15
CA PRO Z 37 25.75 12.20 24.18
C PRO Z 37 24.43 12.05 24.95
N THR Z 38 24.22 12.94 25.92
CA THR Z 38 23.00 12.98 26.70
C THR Z 38 22.17 14.21 26.29
N GLY Z 39 22.77 15.10 25.50
CA GLY Z 39 22.13 16.32 25.05
C GLY Z 39 22.38 16.63 23.58
N GLY Z 40 21.48 17.39 22.98
CA GLY Z 40 21.59 17.73 21.57
C GLY Z 40 22.75 18.56 21.03
N ALA Z 41 23.15 19.63 21.71
CA ALA Z 41 24.25 20.48 21.21
C ALA Z 41 24.98 21.29 22.27
N ALA Z 42 26.19 21.73 21.95
CA ALA Z 42 26.98 22.53 22.86
C ALA Z 42 28.16 23.10 22.10
N ILE Z 43 28.60 24.29 22.52
CA ILE Z 43 29.72 24.97 21.90
C ILE Z 43 30.95 24.75 22.77
N MET Z 44 31.99 24.15 22.20
CA MET Z 44 33.21 23.92 22.95
C MET Z 44 34.04 25.20 22.98
N ARG Z 45 34.78 25.38 24.07
CA ARG Z 45 35.63 26.56 24.25
C ARG Z 45 37.06 26.28 23.85
N GLU Z 46 37.67 27.21 23.12
CA GLU Z 46 39.07 27.10 22.74
C GLU Z 46 39.85 26.88 24.03
N GLY Z 47 40.99 26.21 23.96
CA GLY Z 47 41.71 25.90 25.16
C GLY Z 47 41.15 24.66 25.80
N PRO Z 48 41.43 24.44 27.08
CA PRO Z 48 40.97 23.20 27.72
C PRO Z 48 39.47 23.24 28.00
N ASN Z 49 38.86 22.08 27.87
CA ASN Z 49 37.44 21.89 28.10
C ASN Z 49 37.25 20.78 29.12
N LEU Z 50 36.30 20.95 30.02
CA LEU Z 50 36.03 19.94 31.04
C LEU Z 50 34.56 19.57 31.06
N LEU Z 51 34.29 18.27 30.92
CA LEU Z 51 32.88 17.79 30.90
C LEU Z 51 32.70 16.63 31.88
N LYS Z 52 31.61 16.68 32.65
CA LYS Z 52 31.25 15.60 33.58
C LYS Z 52 30.12 14.75 33.01
N LEU Z 53 30.32 13.42 33.02
CA LEU Z 53 29.30 12.51 32.51
C LEU Z 53 29.01 11.41 33.53
N ALA Z 54 28.02 10.57 33.24
CA ALA Z 54 27.63 9.51 34.19
C ALA Z 54 28.07 8.09 33.85
N ARG Z 55 28.61 7.89 32.65
CA ARG Z 55 29.04 6.56 32.25
C ARG Z 55 30.35 6.63 31.49
N LYS Z 56 31.07 5.52 31.47
CA LYS Z 56 32.33 5.45 30.74
C LYS Z 56 32.05 5.47 29.24
N GLU Z 57 30.94 4.83 28.85
CA GLU Z 57 30.57 4.79 27.44
C GLU Z 57 30.24 6.18 26.93
N GLN Z 58 29.46 6.94 27.71
CA GLN Z 58 29.13 8.30 27.33
C GLN Z 58 30.38 9.15 27.14
N CYS Z 59 31.40 8.90 27.95
CA CYS Z 59 32.65 9.64 27.84
C CYS Z 59 33.43 9.18 26.63
N LEU Z 60 33.46 7.87 26.41
CA LEU Z 60 34.17 7.29 25.28
C LEU Z 60 33.48 7.56 23.95
N ALA Z 61 32.17 7.75 23.99
CA ALA Z 61 31.41 8.03 22.79
C ALA Z 61 31.70 9.45 22.31
N LEU Z 62 31.95 10.33 23.26
CA LEU Z 62 32.26 11.72 22.94
C LEU Z 62 33.66 11.80 22.36
N GLY Z 63 34.54 10.94 22.87
CA GLY Z 63 35.92 10.89 22.38
C GLY Z 63 35.94 10.49 20.93
N THR Z 64 35.14 9.48 20.58
CA THR Z 64 35.06 8.99 19.21
C THR Z 64 34.60 10.07 18.26
N ARG Z 65 33.67 10.90 18.72
CA ARG Z 65 33.14 11.99 17.92
C ARG Z 65 34.11 13.16 17.87
N LEU Z 66 34.99 13.24 18.88
CA LEU Z 66 35.98 14.28 18.94
C LEU Z 66 37.21 13.92 18.11
N ARG Z 67 37.40 12.63 17.88
CA ARG Z 67 38.56 12.11 17.16
C ARG Z 67 38.51 12.24 15.65
N SER Z 68 37.65 11.43 15.02
CA SER Z 68 37.53 11.42 13.57
C SER Z 68 36.64 12.50 12.97
N LYS Z 69 36.12 13.38 13.82
CA LYS Z 69 35.26 14.43 13.31
C LYS Z 69 35.85 15.80 13.58
N TYR Z 70 36.81 15.90 14.49
CA TYR Z 70 37.40 17.20 14.82
C TYR Z 70 38.91 17.18 14.95
N LYS Z 71 39.51 15.99 14.94
CA LYS Z 71 40.97 15.87 15.01
C LYS Z 71 41.57 16.36 16.33
N ILE Z 72 40.93 16.06 17.45
CA ILE Z 72 41.43 16.48 18.76
C ILE Z 72 41.64 15.28 19.69
N LYS Z 73 42.49 15.46 20.70
CA LYS Z 73 42.75 14.42 21.70
CA LYS Z 73 42.81 14.51 21.72
C LYS Z 73 43.44 14.48 24.26
N TYR Z 74 42.38 13.69 24.42
CA TYR Z 74 41.48 13.81 25.55
C TYR Z 74 41.89 12.82 26.66
N GLN Z 75 41.30 12.98 27.84
CA GLN Z 75 41.61 12.11 28.97
C GLN Z 75 40.37 11.83 29.81
N PHE Z 76 40.22 10.57 30.23
CA PHE Z 76 39.08 10.17 31.04
C PHE Z 76 39.47 9.96 32.50
N TYR Z 77 38.56 10.32 33.41
CA TYR Z 77 38.83 10.16 34.83
C TYR Z 77 37.62 9.60 35.56
N ARG Z 78 37.88 8.79 36.58
CA ARG Z 78 36.81 8.24 37.40
C ARG Z 78 36.92 8.97 38.72
N VAL Z 79 35.82 9.56 39.16
CA VAL Z 79 35.82 10.34 40.40
C VAL Z 79 34.86 9.69 41.38
N PHE Z 80 35.36 9.37 42.56
CA PHE Z 80 34.65 8.72 43.65
C PHE Z 80 34.04 9.77 44.57
N PRO Z 81 33.05 9.39 45.42
CA PRO Z 81 32.40 10.42 46.25
C PRO Z 81 33.28 11.03 47.31
N ASN Z 82 34.25 10.28 47.82
CA ASN Z 82 35.16 10.81 48.84
C ASN Z 82 36.08 11.87 48.26
N GLY Z 83 36.50 11.66 47.01
CA GLY Z 83 37.37 12.58 46.31
C GLY Z 83 38.52 11.95 45.56
N GLU Z 84 38.70 10.63 45.67
CA GLU Z 84 39.78 9.95 44.96
C GLU Z 84 39.47 9.88 43.46
N VAL Z 85 40.46 10.25 42.64
CA VAL Z 85 40.30 10.22 41.20
C VAL Z 85 41.10 9.03 40.65
N GLN Z 86 40.66 8.50 39.51
CA GLN Z 86 41.39 7.48 38.77
C GLN Z 86 41.64 7.96 37.35
N TYR Z 87 42.76 7.54 36.78
CA TYR Z 87 43.07 7.90 35.41
C TYR Z 87 42.80 6.67 34.54
N LEU Z 88 41.89 6.80 33.59
CA LEU Z 88 41.51 5.67 32.74
C LEU Z 88 41.98 5.68 31.30
N HIS Z 89 41.40 6.55 30.47
CA HIS Z 89 41.76 6.61 29.06
C HIS Z 89 42.74 7.73 28.76
N PRO Z 90 43.64 7.51 27.78
CA PRO Z 90 44.36 6.25 27.54
C PRO Z 90 45.14 5.79 28.78
N LYS Z 91 45.12 4.49 29.03
CA LYS Z 91 45.80 3.89 30.18
C LYS Z 91 47.24 4.36 30.37
N ASP Z 92 48.07 4.18 29.37
CA ASP Z 92 49.46 4.56 29.47
C ASP Z 92 49.82 5.70 28.52
N GLY Z 93 48.85 6.57 28.23
CA GLY Z 93 49.12 7.68 27.33
C GLY Z 93 49.10 7.27 25.88
N VAL Z 94 49.20 5.98 25.62
CA VAL Z 94 49.15 5.48 24.25
C VAL Z 94 47.82 4.78 24.02
N TYR Z 95 47.18 5.03 22.89
CA TYR Z 95 45.90 4.42 22.58
C TYR Z 95 46.02 2.90 22.43
N PRO Z 96 45.00 2.17 22.90
CA PRO Z 96 44.89 0.71 22.90
C PRO Z 96 44.98 0.07 21.52
N GLU Z 97 44.74 0.85 20.47
CA GLU Z 97 44.81 0.32 19.10
C GLU Z 97 46.24 0.26 18.59
N LYS Z 98 47.16 0.95 19.27
CA LYS Z 98 48.56 0.97 18.88
C LYS Z 98 49.40 0.24 19.91
N VAL Z 99 50.20 -0.72 19.45
CA VAL Z 99 51.06 -1.50 20.34
C VAL Z 99 52.09 -0.64 21.05
N ASN Z 100 52.28 -0.91 22.34
CA ASN Z 100 53.23 -0.17 23.15
C ASN Z 100 54.09 -1.13 23.95
N ALA Z 101 55.40 -1.05 23.76
CA ALA Z 101 56.31 -1.93 24.49
C ALA Z 101 56.12 -1.70 25.98
N GLY Z 102 55.93 -2.80 26.72
CA GLY Z 102 55.69 -2.73 28.15
C GLY Z 102 54.35 -3.27 28.58
N ARG Z 103 53.46 -3.54 27.63
CA ARG Z 103 52.15 -4.11 27.94
C ARG Z 103 52.32 -5.61 28.14
N GLN Z 104 51.37 -6.24 28.82
CA GLN Z 104 51.46 -7.67 29.12
C GLN Z 104 50.21 -8.41 28.66
N GLY Z 105 50.30 -9.74 28.69
CA GLY Z 105 49.22 -10.63 28.32
C GLY Z 105 48.24 -10.92 29.44
N VAL Z 106 46.97 -10.62 29.21
CA VAL Z 106 45.91 -10.87 30.18
C VAL Z 106 44.82 -11.67 29.47
N GLY Z 107 44.47 -12.81 30.04
CA GLY Z 107 43.30 -13.55 29.60
C GLY Z 107 43.47 -14.24 28.26
N GLN Z 108 44.60 -14.91 28.06
CA GLN Z 108 44.85 -15.57 26.80
C GLN Z 108 44.97 -17.09 26.89
N ASN Z 109 44.19 -17.79 26.09
CA ASN Z 109 44.25 -19.24 26.04
C ASN Z 109 45.22 -19.55 24.92
N PHE Z 110 46.18 -20.42 25.17
CA PHE Z 110 47.19 -20.74 24.15
C PHE Z 110 46.85 -21.91 23.25
N ARG Z 111 45.66 -21.85 22.66
CA ARG Z 111 45.17 -22.86 21.75
C ARG Z 111 43.94 -22.33 21.05
N SER Z 112 43.50 -23.01 20.00
CA SER Z 112 42.31 -22.56 19.30
C SER Z 112 41.06 -22.90 20.10
N ILE Z 113 39.92 -22.43 19.60
CA ILE Z 113 38.70 -22.46 20.40
C ILE Z 113 38.09 -23.84 20.45
N GLY Z 114 38.29 -24.65 19.43
CA GLY Z 114 37.75 -25.99 19.43
C GLY Z 114 38.47 -26.89 20.43
N LYS Z 115 39.50 -26.36 21.08
CA LYS Z 115 40.28 -27.13 22.04
C LYS Z 115 39.88 -26.97 23.51
N ASN Z 116 38.62 -26.63 23.76
CA ASN Z 116 38.15 -26.50 25.14
C ASN Z 116 37.65 -27.86 25.61
N VAL Z 117 37.70 -28.10 26.91
CA VAL Z 117 37.28 -29.38 27.47
C VAL Z 117 35.76 -29.54 27.58
N SER Z 118 35.28 -30.77 27.69
CA SER Z 118 33.86 -31.01 27.84
C SER Z 118 33.41 -30.57 29.22
N PRO Z 119 32.18 -30.08 29.35
CA PRO Z 119 31.68 -29.66 30.66
C PRO Z 119 31.52 -30.78 31.66
N ILE Z 120 31.43 -32.03 31.21
CA ILE Z 120 31.38 -33.17 32.11
C ILE Z 120 32.73 -33.43 32.79
N GLU Z 121 33.82 -32.93 32.21
CA GLU Z 121 35.13 -33.17 32.80
C GLU Z 121 35.36 -32.31 34.04
N VAL Z 122 34.72 -31.14 34.11
CA VAL Z 122 34.98 -30.18 35.17
C VAL Z 122 33.82 -30.20 36.15
N LYS Z 123 33.14 -31.34 36.17
CA LYS Z 123 31.99 -31.53 37.04
C LYS Z 123 32.32 -31.39 38.52
N PHE Z 124 31.42 -30.74 39.22
CA PHE Z 124 31.51 -30.52 40.66
C PHE Z 124 32.67 -29.64 41.10
N THR Z 125 33.21 -28.88 40.16
CA THR Z 125 34.28 -27.94 40.43
C THR Z 125 33.66 -26.54 40.37
N GLY Z 126 34.39 -25.54 40.85
CA GLY Z 126 33.87 -24.19 40.82
C GLY Z 126 34.36 -23.38 39.63
N LYS Z 127 34.58 -24.05 38.49
CA LYS Z 127 35.08 -23.37 37.31
C LYS Z 127 34.14 -23.44 36.11
N GLN Z 128 34.77 -23.45 34.94
CA GLN Z 128 34.09 -23.51 33.65
C GLN Z 128 35.10 -24.01 32.62
N PRO Z 129 34.61 -24.48 31.47
CA PRO Z 129 35.46 -25.00 30.39
C PRO Z 129 36.43 -23.97 29.82
N TYR Z 130 36.04 -22.70 29.81
CA TYR Z 130 36.90 -21.65 29.27
C TYR Z 130 37.84 -21.02 30.29
N ASP Z 131 37.96 -21.63 31.47
CA ASP Z 131 38.84 -21.11 32.51
C ASP Z 131 39.85 -22.16 32.94
N LEU Z 132 40.20 -23.05 32.03
CA LEU Z 132 41.16 -24.11 32.32
C LEU Z 132 42.55 -23.80 31.77
N GLY AA 1 53.97 -31.34 2.97
CA GLY AA 1 52.96 -30.30 3.08
C GLY AA 1 52.49 -29.78 1.73
N PRO AA 2 51.69 -28.72 1.75
CA PRO AA 2 51.26 -28.08 0.51
C PRO AA 2 52.32 -27.12 -0.03
N LYS AA 3 52.06 -26.66 -1.23
CA LYS AA 3 52.77 -25.54 -1.82
C LYS AA 3 51.77 -24.45 -2.14
N ARG AA 4 52.23 -23.39 -2.77
CA ARG AA 4 51.34 -22.35 -3.27
C ARG AA 4 50.48 -22.91 -4.39
N GLY AA 5 49.17 -22.70 -4.31
CA GLY AA 5 48.27 -23.19 -5.32
C GLY AA 5 47.73 -24.58 -5.12
N ALA AA 6 48.12 -25.26 -4.05
CA ALA AA 6 47.63 -26.60 -3.80
C ALA AA 6 46.19 -26.56 -3.30
N LYS AA 7 45.43 -27.60 -3.63
CA LYS AA 7 44.05 -27.73 -3.21
C LYS AA 7 43.99 -28.66 -2.01
N VAL AA 8 43.46 -28.15 -0.89
CA VAL AA 8 43.48 -28.88 0.37
C VAL AA 8 42.07 -29.04 0.90
N LYS AA 9 41.95 -29.89 1.92
CA LYS AA 9 40.69 -30.14 2.61
C LYS AA 9 40.92 -29.72 4.06
N ILE AA 10 39.96 -29.00 4.65
CA ILE AA 10 40.09 -28.50 6.00
C ILE AA 10 39.74 -29.61 6.99
N LEU AA 11 40.59 -29.83 7.97
CA LEU AA 11 40.37 -30.82 9.00
C LEU AA 11 40.07 -30.21 10.36
N ARG AA 12 39.96 -28.88 10.43
CA ARG AA 12 39.61 -28.22 11.69
C ARG AA 12 38.12 -28.50 11.85
N LYS AA 13 37.68 -28.84 13.06
CA LYS AA 13 36.28 -29.20 13.23
C LYS AA 13 35.38 -27.98 13.41
N GLU AA 14 35.87 -26.96 14.10
CA GLU AA 14 35.07 -25.76 14.33
C GLU AA 14 35.17 -24.76 13.21
N SER AA 15 35.88 -25.07 12.13
CA SER AA 15 35.88 -24.22 10.96
C SER AA 15 34.56 -24.33 10.22
N TYR AA 16 34.21 -23.26 9.51
CA TYR AA 16 33.01 -23.26 8.67
C TYR AA 16 33.15 -24.24 7.53
N TRP AA 17 34.37 -24.50 7.11
CA TRP AA 17 34.62 -25.27 5.90
C TRP AA 17 35.23 -26.63 6.20
N TYR AA 18 34.87 -27.23 7.34
CA TYR AA 18 35.28 -28.58 7.65
C TYR AA 18 34.75 -29.55 6.60
N LYS AA 19 35.60 -30.51 6.24
CA LYS AA 19 35.41 -31.47 5.14
C LYS AA 19 35.23 -30.81 3.79
N GLY AA 20 35.64 -29.56 3.64
CA GLY AA 20 35.42 -28.82 2.41
C GLY AA 20 36.74 -28.47 1.77
N THR AA 21 36.74 -28.21 0.47
CA THR AA 21 37.98 -28.08 -0.27
C THR AA 21 38.27 -26.62 -0.59
N GLY AA 22 39.55 -26.33 -0.82
CA GLY AA 22 39.94 -24.98 -1.16
C GLY AA 22 41.43 -24.87 -1.40
N SER AA 23 41.87 -23.67 -1.74
CA SER AA 23 43.12 -23.46 -2.44
C SER AA 23 44.12 -22.66 -1.60
N VAL AA 24 45.33 -23.19 -1.45
CA VAL AA 24 46.39 -22.54 -0.69
C VAL AA 24 46.94 -21.37 -1.49
N VAL AA 25 47.12 -20.23 -0.83
CA VAL AA 25 47.61 -19.03 -1.47
C VAL AA 25 49.01 -18.67 -1.00
N ALA AA 26 49.25 -18.63 0.30
CA ALA AA 26 50.56 -18.26 0.81
C ALA AA 26 50.89 -19.13 2.01
N VAL AA 27 52.13 -19.62 2.05
CA VAL AA 27 52.63 -20.38 3.17
C VAL AA 27 53.78 -19.58 3.78
N ASP AA 28 53.61 -19.15 5.02
CA ASP AA 28 54.64 -18.41 5.72
C ASP AA 28 55.80 -19.36 6.05
N GLN AA 29 56.98 -19.01 5.56
CA GLN AA 29 58.15 -19.83 5.77
C GLN AA 29 58.71 -19.69 7.18
N ASP AA 30 58.43 -18.59 7.84
CA ASP AA 30 58.86 -18.37 9.21
C ASP AA 30 58.08 -19.29 10.15
N PRO AA 31 58.73 -20.23 10.83
CA PRO AA 31 57.99 -21.20 11.64
C PRO AA 31 57.52 -20.67 12.99
N ASN AA 32 57.86 -19.42 13.36
CA ASN AA 32 57.28 -18.84 14.56
C ASN AA 32 55.79 -18.58 14.40
N THR AA 33 55.32 -18.42 13.18
CA THR AA 33 53.90 -18.30 12.94
C THR AA 33 53.22 -19.64 13.17
N ARG AA 34 52.22 -19.65 14.03
CA ARG AA 34 51.52 -20.87 14.41
C ARG AA 34 50.59 -21.37 13.32
N TYR AA 35 50.03 -20.44 12.56
CA TYR AA 35 49.11 -20.80 11.49
C TYR AA 35 49.69 -20.07 10.29
N PRO AA 36 50.61 -20.73 9.58
CA PRO AA 36 51.34 -20.05 8.50
C PRO AA 36 50.65 -20.02 7.14
N VAL AA 37 49.56 -20.76 6.94
CA VAL AA 37 49.05 -21.02 5.60
C VAL AA 37 47.75 -20.26 5.38
N VAL AA 38 47.78 -19.30 4.44
CA VAL AA 38 46.57 -18.64 3.98
C VAL AA 38 45.88 -19.56 2.97
N VAL AA 39 44.64 -19.93 3.26
CA VAL AA 39 43.84 -20.73 2.35
C VAL AA 39 42.61 -19.93 1.98
N ARG AA 40 42.36 -19.81 0.68
CA ARG AA 40 41.23 -19.05 0.18
C ARG AA 40 40.11 -19.98 -0.22
N PHE AA 41 38.89 -19.45 -0.26
CA PHE AA 41 37.72 -20.24 -0.61
C PHE AA 41 36.81 -19.44 -1.54
N ASN AA 42 35.96 -20.12 -2.30
CA ASN AA 42 35.04 -19.42 -3.18
C ASN AA 42 33.66 -19.21 -2.57
N LYS AA 43 33.36 -19.87 -1.46
CA LYS AA 43 32.11 -19.65 -0.74
C LYS AA 43 32.40 -18.95 0.58
N VAL AA 44 31.50 -18.07 1.01
CA VAL AA 44 31.72 -17.26 2.19
C VAL AA 44 31.12 -17.94 3.40
N ASN AA 45 31.56 -17.54 4.59
CA ASN AA 45 30.98 -18.07 5.82
C ASN AA 45 29.82 -17.17 6.27
N TYR AA 46 29.41 -17.31 7.52
CA TYR AA 46 28.29 -16.54 8.02
C TYR AA 46 28.63 -15.09 8.24
N ALA AA 47 29.91 -14.77 8.43
CA ALA AA 47 30.37 -13.40 8.53
C ALA AA 47 30.83 -12.84 7.19
N ASN AA 48 30.54 -13.54 6.10
CA ASN AA 48 30.91 -13.18 4.72
C ASN AA 48 32.42 -13.04 4.54
N VAL AA 49 33.17 -13.90 5.21
CA VAL AA 49 34.62 -13.93 5.13
C VAL AA 49 35.01 -15.07 4.19
N SER AA 50 36.03 -14.83 3.36
CA SER AA 50 36.38 -15.74 2.28
C SER AA 50 37.68 -16.51 2.51
N THR AA 51 38.38 -16.28 3.62
CA THR AA 51 39.69 -16.89 3.79
C THR AA 51 40.03 -16.99 5.29
N ASN AA 52 41.12 -17.72 5.58
CA ASN AA 52 41.47 -18.11 6.94
C ASN AA 52 42.91 -18.64 6.94
N ASN AA 53 43.51 -18.65 8.12
CA ASN AA 53 44.86 -19.16 8.31
C ASN AA 53 44.78 -20.53 8.99
N TYR AA 54 45.66 -21.44 8.59
CA TYR AA 54 45.64 -22.79 9.11
C TYR AA 54 47.06 -23.27 9.40
N ALA AA 55 47.13 -24.35 10.17
CA ALA AA 55 48.37 -25.07 10.37
C ALA AA 55 48.51 -26.17 9.33
N LEU AA 56 49.69 -26.79 9.27
CA LEU AA 56 49.93 -27.82 8.27
C LEU AA 56 49.29 -29.17 8.58
N ASP AA 57 48.97 -29.40 9.85
CA ASP AA 57 48.35 -30.67 10.23
C ASP AA 57 46.83 -30.63 10.15
N GLU AA 58 46.30 -29.47 9.76
CA GLU AA 58 44.86 -29.25 9.66
C GLU AA 58 44.34 -29.27 8.24
N ILE AA 59 45.24 -29.45 7.27
CA ILE AA 59 44.84 -29.47 5.87
C ILE AA 59 45.26 -30.75 5.16
N GLN AA 60 44.38 -31.25 4.30
CA GLN AA 60 44.65 -32.45 3.52
C GLN AA 60 44.71 -32.09 2.04
N GLU AA 61 45.53 -32.82 1.30
CA GLU AA 61 45.69 -32.55 -0.13
C GLU AA 61 44.86 -33.44 -1.03
N VAL AA 62 44.13 -32.82 -1.96
CA VAL AA 62 43.32 -33.54 -2.93
C VAL AA 62 44.04 -33.53 -4.27
N GLU AA 63 43.67 -34.47 -5.11
CA GLU AA 63 44.39 -34.74 -6.35
C GLU AA 63 43.45 -35.29 -7.40
N ASP BA 1 -20.32 -53.40 0.79
CA ASP BA 1 -18.94 -53.45 0.34
C ASP BA 1 -17.98 -53.01 1.43
N ILE BA 2 -16.78 -52.61 1.02
CA ILE BA 2 -15.74 -52.17 1.95
C ILE BA 2 -16.24 -51.11 2.92
N SER BA 3 -16.16 -51.42 4.22
CA SER BA 3 -16.59 -50.49 5.25
C SER BA 3 -18.10 -50.30 5.31
N GLY BA 4 -18.86 -51.22 4.73
CA GLY BA 4 -20.30 -51.03 4.65
C GLY BA 4 -20.72 -49.90 3.76
N LEU BA 5 -19.91 -49.58 2.75
CA LEU BA 5 -20.25 -48.53 1.80
C LEU BA 5 -21.05 -49.11 0.65
N THR BA 6 -21.85 -48.26 0.05
CA THR BA 6 -22.61 -48.67 -1.11
C THR BA 6 -22.11 -47.90 -2.34
N PRO BA 7 -22.22 -48.48 -3.54
CA PRO BA 7 -21.87 -47.72 -4.74
C PRO BA 7 -22.83 -46.58 -4.95
N CYS BA 8 -22.32 -45.54 -5.62
CA CYS BA 8 -23.04 -44.28 -5.72
C CYS BA 8 -24.24 -44.35 -6.64
N LYS BA 9 -24.23 -45.26 -7.62
CA LYS BA 9 -25.39 -45.43 -8.48
C LYS BA 9 -26.56 -46.08 -7.74
N GLU BA 10 -26.31 -46.70 -6.59
CA GLU BA 10 -27.35 -47.36 -5.84
C GLU BA 10 -27.60 -46.73 -4.48
N SER BA 11 -27.11 -45.53 -4.25
CA SER BA 11 -27.27 -44.85 -2.98
C SER BA 11 -28.50 -43.94 -3.06
N LYS BA 12 -29.44 -44.13 -2.14
CA LYS BA 12 -30.64 -43.32 -2.12
C LYS BA 12 -30.35 -41.88 -1.74
N GLN BA 13 -29.30 -41.65 -0.97
CA GLN BA 13 -28.92 -40.33 -0.52
C GLN BA 13 -28.07 -39.58 -1.54
N PHE BA 14 -27.32 -40.29 -2.37
CA PHE BA 14 -26.64 -39.66 -3.49
C PHE BA 14 -27.62 -39.16 -4.53
N ALA BA 15 -28.73 -39.86 -4.72
CA ALA BA 15 -29.73 -39.42 -5.68
C ALA BA 15 -30.48 -38.19 -5.19
N LYS BA 16 -30.69 -38.08 -3.87
CA LYS BA 16 -31.36 -36.91 -3.33
C LYS BA 16 -30.51 -35.66 -3.44
N ARG BA 17 -29.19 -35.83 -3.37
CA ARG BA 17 -28.27 -34.71 -3.52
C ARG BA 17 -28.35 -34.18 -4.94
N GLU BA 18 -28.47 -35.07 -5.91
CA GLU BA 18 -28.56 -34.67 -7.31
C GLU BA 18 -29.81 -33.85 -7.57
N LYS BA 19 -30.94 -34.25 -6.99
CA LYS BA 19 -32.20 -33.55 -7.21
C LYS BA 19 -32.17 -32.17 -6.58
N GLN BA 20 -31.73 -32.09 -5.33
CA GLN BA 20 -31.76 -30.81 -4.61
C GLN BA 20 -30.76 -29.81 -5.17
N ALA BA 21 -29.69 -30.29 -5.79
CA ALA BA 21 -28.76 -29.37 -6.44
C ALA BA 21 -29.35 -28.82 -7.72
N LEU BA 22 -30.19 -29.59 -8.40
CA LEU BA 22 -30.82 -29.09 -9.62
C LEU BA 22 -32.01 -28.19 -9.29
N LYS BA 23 -32.76 -28.54 -8.26
CA LYS BA 23 -33.90 -27.75 -7.84
C LYS BA 23 -33.48 -26.34 -7.43
N LYS BA 24 -32.32 -26.24 -6.78
CA LYS BA 24 -31.83 -24.93 -6.33
C LYS BA 24 -31.51 -24.02 -7.50
N LEU BA 25 -30.98 -24.58 -8.59
CA LEU BA 25 -30.66 -23.77 -9.75
C LEU BA 25 -31.88 -23.49 -10.62
N GLN BA 26 -32.90 -24.35 -10.57
CA GLN BA 26 -34.12 -24.11 -11.33
C GLN BA 26 -34.95 -22.99 -10.71
N ALA BA 27 -35.03 -22.95 -9.38
CA ALA BA 27 -35.76 -21.89 -8.70
C ALA BA 27 -35.07 -20.54 -8.84
N SER BA 28 -33.77 -20.54 -9.14
CA SER BA 28 -33.09 -19.30 -9.51
C SER BA 28 -33.28 -18.95 -10.97
N LEU BA 29 -33.56 -19.94 -11.81
CA LEU BA 29 -33.69 -19.71 -13.25
C LEU BA 29 -35.00 -19.03 -13.61
N LYS BA 30 -36.04 -19.22 -12.79
CA LYS BA 30 -37.38 -18.77 -13.12
C LYS BA 30 -37.53 -17.25 -13.11
N LEU BA 31 -36.59 -16.51 -12.54
CA LEU BA 31 -36.69 -15.06 -12.45
C LEU BA 31 -36.11 -14.35 -13.67
N TYR BA 32 -35.81 -15.10 -14.73
CA TYR BA 32 -35.24 -14.48 -15.91
C TYR BA 32 -35.96 -14.89 -17.18
N ALA BA 33 -35.87 -14.03 -18.19
CA ALA BA 33 -36.49 -14.31 -19.48
C ALA BA 33 -35.59 -15.24 -20.28
N ASP BA 34 -36.21 -16.02 -21.17
CA ASP BA 34 -35.63 -17.27 -21.65
C ASP BA 34 -34.43 -17.06 -22.58
N ASP BA 35 -34.37 -15.96 -23.31
CA ASP BA 35 -33.25 -15.80 -24.23
C ASP BA 35 -32.07 -15.07 -23.62
N SER BA 36 -32.23 -14.49 -22.44
CA SER BA 36 -31.27 -13.55 -21.91
C SER BA 36 -30.04 -14.28 -21.37
N ALA BA 37 -28.97 -13.51 -21.16
CA ALA BA 37 -27.71 -14.07 -20.69
C ALA BA 37 -27.78 -14.73 -19.30
N PRO BA 38 -28.52 -14.25 -18.30
CA PRO BA 38 -28.63 -15.04 -17.06
C PRO BA 38 -29.39 -16.34 -17.21
N ALA BA 39 -30.32 -16.44 -18.15
CA ALA BA 39 -31.02 -17.70 -18.32
C ALA BA 39 -30.17 -18.72 -19.07
N LEU BA 40 -29.33 -18.26 -20.00
CA LEU BA 40 -28.45 -19.18 -20.70
C LEU BA 40 -27.31 -19.65 -19.82
N ALA BA 41 -26.91 -18.83 -18.84
CA ALA BA 41 -25.81 -19.23 -17.97
C ALA BA 41 -26.25 -20.27 -16.96
N ILE BA 42 -27.45 -20.12 -16.41
CA ILE BA 42 -27.93 -21.06 -15.41
C ILE BA 42 -28.36 -22.36 -16.10
N LYS BA 43 -28.82 -22.28 -17.34
CA LYS BA 43 -29.12 -23.50 -18.10
C LYS BA 43 -27.85 -24.29 -18.39
N ALA BA 44 -26.76 -23.58 -18.70
CA ALA BA 44 -25.49 -24.26 -18.87
C ALA BA 44 -24.95 -24.80 -17.55
N THR BA 45 -25.30 -24.16 -16.43
CA THR BA 45 -24.83 -24.66 -15.13
C THR BA 45 -25.54 -25.93 -14.74
N MET BA 46 -26.83 -26.04 -15.08
CA MET BA 46 -27.55 -27.27 -14.77
C MET BA 46 -27.14 -28.42 -15.66
N GLU BA 47 -26.63 -28.12 -16.86
CA GLU BA 47 -26.07 -29.18 -17.68
C GLU BA 47 -24.76 -29.67 -17.09
N LYS BA 48 -23.93 -28.74 -16.63
CA LYS BA 48 -22.66 -29.10 -16.03
C LYS BA 48 -22.91 -29.91 -14.75
N THR BA 49 -23.93 -29.51 -13.98
CA THR BA 49 -24.25 -30.19 -12.75
C THR BA 49 -24.81 -31.59 -13.01
N LYS BA 50 -25.72 -31.70 -13.99
CA LYS BA 50 -26.32 -32.99 -14.32
C LYS BA 50 -25.27 -33.95 -14.88
N LYS BA 51 -24.32 -33.44 -15.65
CA LYS BA 51 -23.23 -34.28 -16.10
C LYS BA 51 -22.29 -34.65 -14.97
N ARG BA 52 -22.28 -33.89 -13.88
CA ARG BA 52 -21.41 -34.24 -12.79
C ARG BA 52 -21.99 -35.42 -12.02
N PHE BA 53 -23.32 -35.51 -11.92
CA PHE BA 53 -23.87 -36.64 -11.20
C PHE BA 53 -23.82 -37.91 -12.05
N ASP BA 54 -24.10 -37.78 -13.34
CA ASP BA 54 -24.07 -38.94 -14.23
C ASP BA 54 -22.68 -39.56 -14.24
N ASN BA 55 -21.66 -38.71 -14.32
CA ASN BA 55 -20.27 -39.16 -14.36
C ASN BA 55 -19.92 -40.04 -13.15
N TYR BA 56 -20.34 -39.62 -11.97
CA TYR BA 56 -20.05 -40.37 -10.74
C TYR BA 56 -20.84 -41.66 -10.63
N GLY BA 57 -22.10 -41.65 -11.05
CA GLY BA 57 -22.92 -42.84 -10.99
C GLY BA 57 -22.29 -44.04 -11.66
N LYS BA 58 -21.71 -43.83 -12.84
CA LYS BA 58 -21.07 -44.92 -13.57
C LYS BA 58 -19.58 -45.00 -13.26
N TYR BA 59 -19.08 -44.00 -12.53
CA TYR BA 59 -17.67 -43.94 -12.17
C TYR BA 59 -17.17 -45.20 -11.50
N GLY BA 60 -17.93 -45.71 -10.54
CA GLY BA 60 -17.53 -46.89 -9.80
C GLY BA 60 -17.04 -46.51 -8.42
N LEU BA 61 -17.40 -45.30 -7.99
CA LEU BA 61 -17.01 -44.79 -6.68
C LEU BA 61 -17.95 -45.33 -5.62
N LEU BA 62 -17.55 -45.17 -4.37
CA LEU BA 62 -18.31 -45.63 -3.23
C LEU BA 62 -18.87 -44.45 -2.47
N CYS BA 63 -20.12 -44.58 -2.06
CA CYS BA 63 -20.80 -43.57 -1.28
C CYS BA 63 -21.07 -44.11 0.11
N GLY BA 64 -21.27 -43.19 1.05
CA GLY BA 64 -21.63 -43.54 2.41
C GLY BA 64 -23.08 -43.24 2.71
N SER BA 65 -23.39 -43.21 4.00
CA SER BA 65 -24.73 -42.81 4.39
C SER BA 65 -24.94 -41.31 4.22
N ASP BA 66 -23.85 -40.57 4.04
CA ASP BA 66 -23.95 -39.14 3.83
C ASP BA 66 -24.28 -38.80 2.38
N GLY BA 67 -24.11 -39.78 1.48
CA GLY BA 67 -24.38 -39.57 0.08
C GLY BA 67 -23.24 -39.00 -0.71
N LEU BA 68 -22.03 -38.99 -0.17
CA LEU BA 68 -20.90 -38.38 -0.83
C LEU BA 68 -19.89 -39.43 -1.26
N PRO BA 69 -19.14 -39.19 -2.34
CA PRO BA 69 -18.16 -40.18 -2.78
C PRO BA 69 -16.98 -40.32 -1.81
N HIS BA 70 -16.52 -41.56 -1.67
CA HIS BA 70 -15.40 -41.88 -0.80
C HIS BA 70 -14.28 -42.48 -1.64
N LEU BA 71 -13.06 -42.42 -1.13
CA LEU BA 71 -11.90 -42.94 -1.85
C LEU BA 71 -11.21 -44.01 -1.03
N ILE BA 72 -10.72 -45.04 -1.71
CA ILE BA 72 -10.15 -46.22 -1.08
C ILE BA 72 -8.67 -46.28 -1.46
N VAL BA 73 -7.80 -46.25 -0.44
CA VAL BA 73 -6.36 -46.25 -0.68
C VAL BA 73 -5.65 -47.39 0.03
N SER BA 74 -6.35 -48.49 0.21
CA SER BA 74 -5.68 -49.66 0.77
C SER BA 74 -4.63 -50.21 -0.18
N GLY BA 75 -4.79 -49.99 -1.48
CA GLY BA 75 -4.01 -50.67 -2.48
C GLY BA 75 -4.85 -51.59 -3.32
N ASP BA 76 -6.16 -51.60 -3.13
CA ASP BA 76 -7.01 -52.45 -3.96
C ASP BA 76 -6.77 -51.99 -5.39
N GLN BA 77 -6.71 -52.93 -6.33
CA GLN BA 77 -6.51 -52.58 -7.73
C GLN BA 77 -7.81 -52.18 -8.41
N ARG BA 78 -8.93 -52.49 -7.76
CA ARG BA 78 -10.26 -52.16 -8.28
C ARG BA 78 -10.59 -50.68 -8.11
N HIS BA 79 -9.90 -50.01 -7.20
CA HIS BA 79 -10.10 -48.59 -6.95
C HIS BA 79 -8.82 -47.84 -7.29
N TRP BA 80 -8.09 -48.36 -8.27
CA TRP BA 80 -6.83 -47.76 -8.71
C TRP BA 80 -6.99 -46.33 -9.18
N GLY BA 81 -7.96 -46.07 -10.04
CA GLY BA 81 -8.18 -44.73 -10.52
C GLY BA 81 -8.32 -43.68 -9.45
N GLU BA 82 -8.50 -44.08 -8.20
CA GLU BA 82 -8.67 -43.15 -7.11
C GLU BA 82 -7.34 -42.68 -6.54
N PHE BA 83 -6.37 -43.55 -6.39
CA PHE BA 83 -5.08 -43.11 -5.84
C PHE BA 83 -3.86 -43.58 -6.63
N ILE BA 84 -3.82 -44.85 -7.00
CA ILE BA 84 -2.63 -45.38 -7.66
C ILE BA 84 -2.28 -44.71 -8.98
N THR BA 85 -3.21 -44.76 -9.93
CA THR BA 85 -3.01 -44.20 -11.25
C THR BA 85 -2.77 -42.68 -11.22
N PRO BA 86 -3.49 -41.84 -10.45
CA PRO BA 86 -3.03 -40.44 -10.33
C PRO BA 86 -1.80 -40.30 -9.47
N GLY BA 87 -1.45 -41.31 -8.68
CA GLY BA 87 -0.24 -41.27 -7.90
C GLY BA 87 1.01 -41.49 -8.71
N ILE BA 88 0.95 -42.46 -9.62
CA ILE BA 88 2.07 -42.75 -10.49
C ILE BA 88 2.28 -41.55 -11.41
N LEU BA 89 1.20 -40.87 -11.74
CA LEU BA 89 1.25 -39.71 -12.61
C LEU BA 89 1.99 -38.55 -11.94
N PHE BA 90 1.67 -38.28 -10.68
CA PHE BA 90 2.31 -37.19 -9.95
C PHE BA 90 3.80 -37.47 -9.74
N LEU BA 91 4.13 -38.72 -9.44
CA LEU BA 91 5.52 -39.10 -9.20
C LEU BA 91 6.34 -38.87 -10.45
N TYR BA 92 5.75 -39.10 -11.61
CA TYR BA 92 6.44 -38.87 -12.87
C TYR BA 92 6.74 -37.40 -13.09
N ILE BA 93 5.82 -36.51 -12.69
CA ILE BA 93 6.02 -35.08 -12.94
C ILE BA 93 6.84 -34.46 -11.81
N ALA BA 94 6.69 -34.93 -10.58
CA ALA BA 94 7.45 -34.33 -9.50
C ALA BA 94 8.90 -34.74 -9.56
N GLY BA 95 9.16 -36.02 -9.84
CA GLY BA 95 10.52 -36.47 -10.01
C GLY BA 95 11.16 -35.94 -11.27
N TRP BA 96 10.37 -35.41 -12.19
CA TRP BA 96 10.89 -34.84 -13.43
C TRP BA 96 11.47 -33.47 -13.13
N ILE BA 97 10.76 -32.69 -12.31
CA ILE BA 97 11.21 -31.36 -11.94
C ILE BA 97 12.47 -31.40 -11.08
N GLY BA 98 12.46 -32.19 -10.01
CA GLY BA 98 13.60 -32.32 -9.14
C GLY BA 98 14.84 -32.79 -9.89
N TRP BA 99 14.67 -33.70 -10.83
CA TRP BA 99 15.82 -34.20 -11.58
C TRP BA 99 16.38 -33.13 -12.51
N VAL BA 100 15.51 -32.45 -13.23
CA VAL BA 100 15.91 -31.41 -14.16
C VAL BA 100 16.54 -30.21 -13.47
N GLY BA 101 15.98 -29.82 -12.32
CA GLY BA 101 16.50 -28.68 -11.59
C GLY BA 101 17.88 -28.96 -11.03
N ARG BA 102 18.12 -30.21 -10.66
CA ARG BA 102 19.40 -30.62 -10.11
C ARG BA 102 20.46 -30.67 -11.20
N SER BA 103 20.05 -31.06 -12.40
CA SER BA 103 20.97 -31.12 -13.55
C SER BA 103 21.50 -29.72 -13.83
N TYR BA 104 20.63 -28.71 -13.63
CA TYR BA 104 20.98 -27.33 -13.91
C TYR BA 104 22.04 -26.83 -12.95
N LEU BA 105 21.87 -27.10 -11.66
CA LEU BA 105 22.81 -26.63 -10.65
C LEU BA 105 24.17 -27.26 -10.82
N ILE BA 106 24.19 -28.53 -11.18
CA ILE BA 106 25.42 -29.27 -11.38
C ILE BA 106 26.15 -28.78 -12.63
N ALA BA 107 25.40 -28.36 -13.63
CA ALA BA 107 25.96 -27.88 -14.89
C ALA BA 107 26.65 -26.53 -14.79
N ILE BA 108 25.99 -25.56 -14.17
CA ILE BA 108 26.54 -24.22 -14.03
C ILE BA 108 27.45 -24.10 -12.84
N ARG BA 109 27.71 -25.18 -12.12
CA ARG BA 109 28.60 -25.12 -10.96
C ARG BA 109 30.04 -24.93 -11.37
N ASP BA 110 30.49 -25.62 -12.40
CA ASP BA 110 31.88 -25.52 -12.84
C ASP BA 110 32.00 -24.30 -13.73
N GLU BA 111 32.27 -23.15 -13.10
CA GLU BA 111 32.21 -21.86 -13.75
C GLU BA 111 32.77 -20.78 -12.81
N LYS BA 112 33.31 -19.71 -13.41
CA LYS BA 112 33.61 -18.44 -12.75
C LYS BA 112 32.49 -17.99 -11.82
N LYS BA 113 31.30 -17.72 -12.37
CA LYS BA 113 30.17 -17.21 -11.59
C LYS BA 113 28.98 -18.16 -11.67
N PRO BA 114 28.91 -19.16 -10.80
CA PRO BA 114 27.70 -19.98 -10.76
C PRO BA 114 26.49 -19.23 -10.22
N THR BA 115 26.71 -18.31 -9.29
CA THR BA 115 25.59 -17.58 -8.68
C THR BA 115 24.91 -16.65 -9.66
N GLN BA 116 25.66 -16.18 -10.67
CA GLN BA 116 25.11 -15.31 -11.70
C GLN BA 116 24.05 -16.01 -12.52
N LYS BA 117 24.18 -17.31 -12.71
CA LYS BA 117 23.26 -18.08 -13.53
C LYS BA 117 22.11 -18.65 -12.75
N GLU BA 118 21.98 -18.31 -11.48
CA GLU BA 118 20.80 -18.68 -10.72
C GLU BA 118 19.82 -17.54 -10.58
N ILE BA 119 20.28 -16.29 -10.65
CA ILE BA 119 19.36 -15.15 -10.71
C ILE BA 119 19.00 -14.81 -12.15
N ILE BA 120 19.87 -15.12 -13.10
CA ILE BA 120 19.65 -14.79 -14.50
C ILE BA 120 19.87 -16.08 -15.25
N ILE BA 121 18.79 -16.71 -15.67
CA ILE BA 121 18.83 -18.07 -16.18
C ILE BA 121 19.45 -18.08 -17.57
N ASP BA 122 20.39 -18.99 -17.79
CA ASP BA 122 20.82 -19.32 -19.13
C ASP BA 122 19.72 -20.14 -19.78
N VAL BA 123 18.77 -19.46 -20.41
CA VAL BA 123 17.55 -20.06 -20.95
C VAL BA 123 17.83 -21.10 -22.04
N PRO BA 124 18.72 -20.81 -22.99
CA PRO BA 124 18.98 -21.83 -24.01
C PRO BA 124 19.45 -23.13 -23.36
N LEU BA 125 20.30 -23.01 -22.35
CA LEU BA 125 20.83 -24.16 -21.64
C LEU BA 125 19.75 -24.78 -20.75
N ALA BA 126 18.97 -23.94 -20.08
CA ALA BA 126 17.90 -24.42 -19.21
C ALA BA 126 16.82 -25.15 -20.00
N SER BA 127 16.43 -24.61 -21.14
CA SER BA 127 15.40 -25.22 -21.99
C SER BA 127 15.82 -26.61 -22.43
N ARG BA 128 17.10 -26.75 -22.79
CA ARG BA 128 17.64 -28.04 -23.21
C ARG BA 128 17.48 -29.06 -22.09
N LEU BA 129 17.91 -28.66 -20.88
CA LEU BA 129 17.92 -29.55 -19.69
C LEU BA 129 16.50 -29.96 -19.28
N LEU BA 130 15.53 -29.05 -19.40
CA LEU BA 130 14.16 -29.30 -18.87
C LEU BA 130 13.53 -30.55 -19.50
N PHE BA 131 13.76 -30.77 -20.79
CA PHE BA 131 13.17 -31.92 -21.49
C PHE BA 131 13.99 -33.20 -21.49
N ARG BA 132 15.08 -33.22 -20.74
CA ARG BA 132 15.91 -34.42 -20.64
C ARG BA 132 15.49 -35.25 -19.43
N GLY BA 133 14.49 -34.77 -18.70
CA GLY BA 133 13.98 -35.46 -17.53
C GLY BA 133 12.77 -36.31 -17.83
N PHE BA 134 12.59 -36.68 -19.10
CA PHE BA 134 11.46 -37.51 -19.50
C PHE BA 134 11.78 -38.98 -19.24
N SER BA 135 13.07 -39.28 -19.11
CA SER BA 135 13.53 -40.62 -18.82
C SER BA 135 14.37 -40.55 -17.55
N TRP BA 136 13.83 -39.92 -16.51
CA TRP BA 136 14.56 -39.77 -15.25
C TRP BA 136 14.71 -41.06 -14.44
N PRO BA 137 13.69 -41.93 -14.43
CA PRO BA 137 13.91 -43.16 -13.66
C PRO BA 137 15.06 -43.97 -14.19
N VAL BA 138 15.40 -43.85 -15.47
CA VAL BA 138 16.59 -44.48 -16.02
C VAL BA 138 17.83 -43.64 -15.72
N ALA BA 139 17.70 -42.32 -15.77
CA ALA BA 139 18.88 -41.48 -15.52
C ALA BA 139 19.23 -41.41 -14.04
N ALA BA 140 18.22 -41.39 -13.16
CA ALA BA 140 18.52 -41.44 -11.73
C ALA BA 140 19.03 -42.79 -11.33
N TYR BA 141 18.73 -43.82 -12.12
CA TYR BA 141 19.24 -45.14 -11.76
C TYR BA 141 20.67 -45.37 -12.22
N ARG BA 142 21.09 -44.73 -13.31
CA ARG BA 142 22.44 -44.92 -13.81
C ARG BA 142 23.46 -44.27 -12.89
N GLU BA 143 23.09 -43.16 -12.25
CA GLU BA 143 23.97 -42.45 -11.35
C GLU BA 143 24.00 -43.03 -9.96
N LEU BA 144 22.97 -43.77 -9.55
CA LEU BA 144 23.02 -44.43 -8.26
C LEU BA 144 24.05 -45.54 -8.26
N LEU BA 145 24.08 -46.34 -9.32
CA LEU BA 145 25.03 -47.45 -9.42
C LEU BA 145 26.25 -47.08 -10.23
N ASN BA 146 26.61 -45.82 -10.18
CA ASN BA 146 27.84 -45.23 -10.69
C ASN BA 146 28.67 -44.64 -9.57
N GLY BA 147 28.07 -43.82 -8.73
CA GLY BA 147 28.79 -43.12 -7.69
C GLY BA 147 28.61 -41.64 -7.83
N GLU BA 148 27.85 -41.23 -8.83
CA GLU BA 148 27.61 -39.81 -9.09
C GLU BA 148 26.30 -39.32 -8.54
N LEU BA 149 25.55 -40.15 -7.81
CA LEU BA 149 24.33 -39.65 -7.18
C LEU BA 149 24.61 -39.12 -5.77
N VAL BA 150 25.24 -39.94 -4.93
CA VAL BA 150 25.52 -39.55 -3.57
C VAL BA 150 27.01 -39.33 -3.35
N ASP BA 151 27.35 -38.29 -2.61
CA ASP BA 151 28.76 -38.00 -2.33
C ASP BA 151 29.28 -38.82 -1.17
N ALA BA 152 30.59 -38.78 -0.97
CA ALA BA 152 31.23 -39.53 0.10
C ALA BA 152 31.08 -38.76 1.40
N ALA BA 153 31.32 -39.43 2.53
CA ALA BA 153 31.19 -38.81 3.85
C ALA BA 153 32.24 -37.75 4.20
N ALA BA 154 33.36 -37.74 3.48
CA ALA BA 154 34.42 -36.77 3.72
C ALA BA 154 34.31 -35.55 2.81
N ALA BA 155 33.11 -35.30 2.28
CA ALA BA 155 32.90 -34.18 1.39
C ALA BA 155 31.82 -33.24 1.91
N ALA BA 156 31.08 -33.71 2.93
CA ALA BA 156 30.03 -32.91 3.56
C ALA BA 156 30.59 -32.30 4.86
N ALA BA 157 30.37 -31.00 5.02
CA ALA BA 157 30.77 -30.32 6.23
C ALA BA 157 29.80 -30.78 7.30
N ALA BA 158 30.28 -30.94 8.53
CA ALA BA 158 29.40 -31.39 9.61
C ALA BA 158 29.59 -30.54 10.86
N ALA BA 159 28.53 -30.44 11.65
CA ALA BA 159 28.57 -29.66 12.88
C ALA BA 159 29.54 -30.31 13.85
N ALA BA 160 30.25 -29.47 14.60
CA ALA BA 160 31.24 -29.94 15.59
C ALA BA 160 30.88 -31.26 16.27
N ALA BA 161 29.62 -31.44 16.63
CA ALA BA 161 29.17 -32.66 17.31
C ALA BA 161 29.58 -33.92 16.55
N ALA BA 162 29.05 -34.08 15.34
CA ALA BA 162 29.36 -35.24 14.50
C ALA BA 162 29.05 -34.95 13.03
N MET CA 1 -16.73 -24.85 62.80
CA MET CA 1 -18.00 -25.60 62.56
C MET CA 1 -18.66 -25.07 61.28
N ILE CA 2 -19.98 -24.85 61.33
CA ILE CA 2 -20.73 -24.35 60.20
C ILE CA 2 -20.40 -22.87 60.17
N ASN CA 3 -19.75 -22.43 61.24
CA ASN CA 3 -19.32 -21.06 61.41
C ASN CA 3 -17.85 -20.89 61.01
N LEU CA 4 -17.20 -21.97 60.60
CA LEU CA 4 -15.77 -21.88 60.26
C LEU CA 4 -15.41 -21.11 59.00
N PRO CA 5 -16.08 -21.23 57.83
CA PRO CA 5 -15.60 -20.50 56.65
C PRO CA 5 -15.59 -18.98 56.78
N SER CA 6 -16.46 -18.39 57.57
CA SER CA 6 -16.40 -16.96 57.79
C SER CA 6 -15.29 -16.54 58.74
N LEU CA 7 -14.49 -17.47 59.24
CA LEU CA 7 -13.32 -17.17 60.06
C LEU CA 7 -12.02 -17.40 59.32
N PHE CA 8 -11.92 -18.46 58.54
CA PHE CA 8 -10.64 -18.81 57.91
C PHE CA 8 -10.38 -18.01 56.65
N VAL CA 9 -11.41 -17.80 55.83
CA VAL CA 9 -11.20 -17.20 54.51
C VAL CA 9 -10.67 -15.78 54.55
N PRO CA 10 -11.06 -14.89 55.47
CA PRO CA 10 -10.30 -13.65 55.58
C PRO CA 10 -8.89 -13.86 56.08
N LEU CA 11 -8.71 -14.78 57.02
CA LEU CA 11 -7.39 -15.09 57.55
C LEU CA 11 -6.48 -15.66 56.47
N VAL CA 12 -6.99 -16.60 55.69
CA VAL CA 12 -6.18 -17.23 54.65
C VAL CA 12 -6.05 -16.32 53.44
N GLY CA 13 -7.09 -15.56 53.12
CA GLY CA 13 -7.10 -14.77 51.92
C GLY CA 13 -6.49 -13.39 52.02
N LEU CA 14 -6.53 -12.77 53.20
CA LEU CA 14 -6.04 -11.42 53.37
C LEU CA 14 -4.87 -11.30 54.32
N LEU CA 15 -4.96 -12.01 55.45
CA LEU CA 15 -3.97 -12.00 56.56
C LEU CA 15 -2.66 -12.78 56.31
N PHE CA 16 -2.76 -14.02 55.81
CA PHE CA 16 -1.63 -14.91 55.58
C PHE CA 16 -0.76 -14.31 54.46
N PRO CA 17 -1.37 -13.85 53.35
CA PRO CA 17 -0.47 -13.28 52.34
C PRO CA 17 0.14 -11.97 52.75
N ALA CA 18 -0.54 -11.15 53.54
CA ALA CA 18 0.06 -9.91 53.99
C ALA CA 18 1.21 -10.13 54.95
N VAL CA 19 1.16 -11.20 55.75
CA VAL CA 19 2.30 -11.55 56.58
C VAL CA 19 3.41 -12.17 55.74
N ALA CA 20 3.04 -13.00 54.76
CA ALA CA 20 4.05 -13.69 53.96
C ALA CA 20 4.75 -12.73 53.01
N MET CA 21 4.02 -11.79 52.42
CA MET CA 21 4.67 -10.79 51.57
C MET CA 21 5.54 -9.85 52.40
N ALA CA 22 5.18 -9.62 53.65
CA ALA CA 22 6.00 -8.80 54.53
C ALA CA 22 7.27 -9.52 54.94
N SER CA 23 7.15 -10.80 55.25
CA SER CA 23 8.29 -11.60 55.68
C SER CA 23 9.33 -11.76 54.58
N LEU CA 24 8.88 -12.06 53.36
CA LEU CA 24 9.81 -12.24 52.24
C LEU CA 24 10.51 -10.93 51.89
N PHE CA 25 9.79 -9.82 52.01
CA PHE CA 25 10.37 -8.52 51.72
C PHE CA 25 11.53 -8.24 52.67
N LEU CA 26 11.36 -8.56 53.95
CA LEU CA 26 12.42 -8.33 54.92
C LEU CA 26 13.61 -9.23 54.68
N HIS CA 27 13.35 -10.45 54.22
CA HIS CA 27 14.41 -11.42 53.98
C HIS CA 27 15.22 -11.09 52.73
N VAL CA 28 14.51 -10.71 51.67
CA VAL CA 28 15.12 -10.39 50.39
C VAL CA 28 16.01 -9.14 50.44
N GLU CA 29 15.63 -8.19 51.30
CA GLU CA 29 16.35 -6.90 51.45
C GLU CA 29 17.30 -6.91 52.65
N LYS CA 30 17.61 -8.09 53.20
CA LYS CA 30 18.51 -8.14 54.38
C LYS CA 30 19.93 -8.55 53.96
N ARG CA 31 20.87 -7.63 54.19
CA ARG CA 31 22.27 -7.71 53.73
C ARG CA 31 23.25 -8.80 54.18
N LEU CA 32 23.28 -9.08 55.48
CA LEU CA 32 24.18 -10.12 55.96
C LEU CA 32 23.23 -11.17 56.46
N LEU CA 33 23.36 -12.40 56.00
CA LEU CA 33 22.37 -13.36 56.47
C LEU CA 33 22.89 -14.78 56.40
N MET DA 1 19.15 -6.42 -29.43
CA MET DA 1 18.52 -6.32 -28.12
C MET DA 1 18.90 -7.50 -27.22
N ARG DA 2 20.20 -7.67 -27.01
CA ARG DA 2 20.73 -8.73 -26.17
C ARG DA 2 20.61 -8.39 -24.70
N ASP DA 3 20.38 -7.13 -24.35
CA ASP DA 3 20.19 -6.73 -22.96
C ASP DA 3 18.74 -6.84 -22.52
N LEU DA 4 17.78 -6.67 -23.43
CA LEU DA 4 16.41 -6.97 -23.07
C LEU DA 4 16.21 -8.47 -22.89
N LYS DA 5 16.93 -9.29 -23.66
CA LYS DA 5 16.87 -10.73 -23.50
C LYS DA 5 17.45 -11.18 -22.17
N THR DA 6 18.52 -10.54 -21.70
CA THR DA 6 19.03 -10.84 -20.37
C THR DA 6 18.08 -10.34 -19.30
N TYR DA 7 17.32 -9.31 -19.62
CA TYR DA 7 16.33 -8.83 -18.68
C TYR DA 7 15.18 -9.85 -18.67
N LEU DA 8 14.84 -10.42 -19.82
CA LEU DA 8 13.74 -11.39 -19.80
C LEU DA 8 14.15 -12.72 -19.21
N SER DA 9 15.44 -12.94 -18.99
CA SER DA 9 15.96 -14.16 -18.39
C SER DA 9 16.18 -14.06 -16.90
N VAL DA 10 15.83 -12.94 -16.28
CA VAL DA 10 16.00 -12.81 -14.83
C VAL DA 10 14.93 -13.65 -14.14
N ALA DA 11 15.27 -14.16 -12.96
CA ALA DA 11 14.41 -15.11 -12.25
C ALA DA 11 12.97 -14.67 -11.96
N PRO DA 12 12.63 -13.43 -11.58
CA PRO DA 12 11.22 -13.14 -11.36
C PRO DA 12 10.41 -13.02 -12.63
N VAL DA 13 11.01 -12.61 -13.74
CA VAL DA 13 10.27 -12.53 -14.99
C VAL DA 13 10.01 -13.93 -15.51
N ALA DA 14 10.99 -14.82 -15.41
CA ALA DA 14 10.83 -16.19 -15.88
C ALA DA 14 9.84 -16.95 -14.99
N SER DA 15 9.81 -16.62 -13.71
CA SER DA 15 8.88 -17.25 -12.78
C SER DA 15 7.42 -16.89 -13.08
N THR DA 16 7.15 -15.63 -13.43
CA THR DA 16 5.77 -15.22 -13.74
C THR DA 16 5.32 -15.74 -15.09
N LEU DA 17 6.24 -15.80 -16.07
CA LEU DA 17 5.87 -16.36 -17.36
C LEU DA 17 5.63 -17.85 -17.26
N TRP DA 18 6.48 -18.53 -16.50
CA TRP DA 18 6.35 -19.97 -16.33
C TRP DA 18 5.08 -20.32 -15.57
N PHE DA 19 4.75 -19.52 -14.56
CA PHE DA 19 3.54 -19.76 -13.79
C PHE DA 19 2.29 -19.40 -14.58
N ALA DA 20 2.33 -18.26 -15.27
CA ALA DA 20 1.22 -17.88 -16.11
C ALA DA 20 0.89 -18.96 -17.13
N ALA DA 21 1.92 -19.55 -17.73
CA ALA DA 21 1.72 -20.64 -18.68
C ALA DA 21 1.25 -21.91 -18.01
N LEU DA 22 1.52 -22.06 -16.73
CA LEU DA 22 1.21 -23.29 -16.02
C LEU DA 22 -0.11 -23.21 -15.28
N ALA DA 23 -0.46 -22.03 -14.76
CA ALA DA 23 -1.81 -21.84 -14.26
C ALA DA 23 -2.82 -21.97 -15.38
N GLY DA 24 -2.56 -21.32 -16.52
CA GLY DA 24 -3.45 -21.41 -17.65
C GLY DA 24 -3.50 -22.80 -18.26
N LEU DA 25 -2.44 -23.58 -18.08
CA LEU DA 25 -2.45 -24.99 -18.42
C LEU DA 25 -3.51 -25.74 -17.63
N LEU DA 26 -3.51 -25.55 -16.32
CA LEU DA 26 -4.46 -26.22 -15.44
C LEU DA 26 -5.89 -25.70 -15.61
N ILE DA 27 -6.04 -24.41 -15.92
CA ILE DA 27 -7.36 -23.85 -16.09
C ILE DA 27 -8.02 -24.40 -17.35
N GLU DA 28 -7.23 -24.50 -18.43
CA GLU DA 28 -7.73 -25.00 -19.73
C GLU DA 28 -8.16 -26.46 -19.61
N ILE DA 29 -7.38 -27.29 -18.91
CA ILE DA 29 -7.71 -28.71 -18.76
C ILE DA 29 -8.96 -28.87 -17.91
N ASN DA 30 -9.14 -27.96 -16.96
CA ASN DA 30 -10.33 -27.97 -16.08
C ASN DA 30 -11.53 -27.36 -16.81
N ARG DA 31 -11.32 -26.77 -17.99
CA ARG DA 31 -12.42 -26.15 -18.77
C ARG DA 31 -13.05 -27.22 -19.69
N LEU DA 32 -12.21 -28.11 -20.22
CA LEU DA 32 -12.68 -29.17 -21.15
C LEU DA 32 -13.02 -30.45 -20.38
N PHE DA 33 -12.14 -30.88 -19.47
CA PHE DA 33 -12.38 -32.10 -18.66
C PHE DA 33 -12.63 -31.70 -17.21
N PRO DA 34 -13.77 -31.05 -16.88
CA PRO DA 34 -14.06 -30.60 -15.52
C PRO DA 34 -14.47 -31.75 -14.61
N ASP DA 35 -14.38 -31.47 -13.31
CA ASP DA 35 -14.96 -32.27 -12.23
C ASP DA 35 -14.38 -33.67 -12.15
N ALA DA 36 -13.12 -33.84 -12.54
CA ALA DA 36 -12.50 -35.16 -12.54
C ALA DA 36 -11.99 -35.46 -11.15
N LEU DA 37 -12.83 -36.12 -10.35
CA LEU DA 37 -12.49 -36.50 -8.99
C LEU DA 37 -11.39 -37.55 -9.05
N THR DA 38 -11.53 -38.41 -10.03
CA THR DA 38 -10.62 -39.51 -10.28
C THR DA 38 -10.60 -39.78 -11.79
N PHE DA 39 -9.95 -40.86 -12.18
CA PHE DA 39 -9.85 -41.22 -13.58
C PHE DA 39 -11.22 -41.43 -14.21
N PRO DA 40 -12.20 -41.88 -13.42
CA PRO DA 40 -13.52 -42.15 -14.00
C PRO DA 40 -13.94 -40.99 -14.91
N PHE DA 41 -13.87 -41.21 -16.23
CA PHE DA 41 -14.28 -40.18 -17.22
C PHE DA 41 -14.49 -40.84 -18.59
N ALA EA 29 15.03 37.28 26.72
CA ALA EA 29 14.76 36.75 28.04
C ALA EA 29 14.72 35.23 27.99
N ASN EA 30 15.13 34.59 29.08
CA ASN EA 30 15.14 33.14 29.14
C ASN EA 30 14.59 32.69 30.47
N PHE EA 31 13.59 31.82 30.44
CA PHE EA 31 12.99 31.36 31.68
C PHE EA 31 13.36 29.91 31.98
N ILE EA 32 14.43 29.44 31.38
CA ILE EA 32 14.90 28.08 31.58
C ILE EA 32 16.41 27.97 31.66
N LYS EA 33 16.95 27.69 32.83
CA LYS EA 33 18.39 27.57 32.96
C LYS EA 33 18.75 26.32 33.75
N PRO EA 34 20.02 25.89 33.64
CA PRO EA 34 20.46 24.71 34.37
C PRO EA 34 20.33 24.94 35.86
N TYR EA 35 19.84 23.92 36.56
CA TYR EA 35 19.64 23.99 37.99
C TYR EA 35 20.97 24.20 38.70
N ASN EA 36 20.99 25.17 39.61
CA ASN EA 36 22.16 25.52 40.41
C ASN EA 36 23.43 25.80 39.59
N ASP EA 37 23.28 26.45 38.43
CA ASP EA 37 24.40 26.77 37.54
C ASP EA 37 25.33 25.59 37.25
N ASP EA 38 24.74 24.42 36.96
CA ASP EA 38 25.47 23.21 36.67
C ASP EA 38 24.82 22.71 35.41
N PRO EA 39 25.44 22.98 34.26
CA PRO EA 39 24.81 22.62 32.99
C PRO EA 39 24.78 21.13 32.74
N PHE EA 40 25.73 20.39 33.27
CA PHE EA 40 25.80 18.96 33.03
C PHE EA 40 24.99 18.14 34.01
N VAL EA 41 24.49 18.76 35.07
CA VAL EA 41 23.63 18.05 36.00
C VAL EA 41 22.34 17.78 35.25
N GLY EA 42 21.71 16.63 35.48
CA GLY EA 42 20.48 16.31 34.77
C GLY EA 42 19.21 16.89 35.35
N HIS EA 43 19.13 18.21 35.40
CA HIS EA 43 17.93 18.88 35.91
C HIS EA 43 17.77 20.25 35.23
N LEU EA 44 16.54 20.71 35.14
CA LEU EA 44 16.27 22.00 34.53
C LEU EA 44 15.48 22.89 35.49
N ALA EA 45 15.92 24.13 35.64
CA ALA EA 45 15.25 25.10 36.50
C ALA EA 45 14.25 25.92 35.70
N THR EA 46 12.97 25.57 35.82
CA THR EA 46 11.85 26.12 35.06
C THR EA 46 10.89 26.81 36.03
N PRO EA 47 9.83 27.52 35.61
CA PRO EA 47 8.92 28.06 36.63
C PRO EA 47 8.04 27.04 37.31
N ILE EA 48 8.10 25.79 36.89
CA ILE EA 48 7.36 24.76 37.59
C ILE EA 48 8.25 24.20 38.69
N THR EA 49 9.57 24.17 38.46
CA THR EA 49 10.49 23.63 39.44
C THR EA 49 10.87 24.66 40.49
N SER EA 50 11.40 25.79 40.05
CA SER EA 50 11.93 26.77 41.00
C SER EA 50 11.37 28.14 40.68
N SER EA 51 10.15 28.40 41.10
CA SER EA 51 9.57 29.73 41.09
C SER EA 51 9.14 30.06 42.50
N ALA EA 52 8.77 31.32 42.70
CA ALA EA 52 8.50 31.81 44.05
C ALA EA 52 7.28 31.15 44.67
N VAL EA 53 6.31 30.76 43.85
CA VAL EA 53 5.15 30.03 44.35
C VAL EA 53 5.57 28.66 44.84
N THR EA 54 6.25 27.89 43.98
CA THR EA 54 6.58 26.52 44.33
C THR EA 54 7.68 26.40 45.36
N ARG EA 55 8.43 27.48 45.59
CA ARG EA 55 9.48 27.46 46.59
C ARG EA 55 8.88 27.64 47.98
N SER EA 56 8.06 28.66 48.14
CA SER EA 56 7.44 28.95 49.43
C SER EA 56 6.37 27.95 49.83
N LEU EA 57 5.77 27.29 48.84
CA LEU EA 57 4.74 26.30 49.12
C LEU EA 57 5.34 25.00 49.64
N LEU EA 58 6.35 24.51 48.94
CA LEU EA 58 7.01 23.27 49.31
C LEU EA 58 7.82 23.39 50.59
N LYS EA 59 8.31 24.59 50.89
CA LYS EA 59 9.10 24.80 52.09
C LYS EA 59 8.24 24.84 53.35
N ASN EA 60 6.93 24.98 53.18
CA ASN EA 60 6.01 25.02 54.30
C ASN EA 60 5.14 23.78 54.42
N LEU EA 61 5.39 22.77 53.63
CA LEU EA 61 4.70 21.51 53.78
C LEU EA 61 5.37 20.68 54.87
N PRO EA 62 4.63 19.85 55.61
CA PRO EA 62 5.19 19.19 56.79
C PRO EA 62 6.32 18.22 56.53
N ALA EA 63 6.44 17.72 55.32
CA ALA EA 63 7.58 16.88 55.01
C ALA EA 63 8.85 17.67 54.75
N TYR EA 64 8.80 19.00 54.72
CA TYR EA 64 10.00 19.79 54.52
C TYR EA 64 10.09 21.01 55.41
N ARG EA 65 9.23 21.15 56.42
CA ARG EA 65 9.27 22.35 57.26
C ARG EA 65 10.34 22.33 58.35
N PHE EA 66 11.04 23.45 58.51
CA PHE EA 66 12.07 23.58 59.52
C PHE EA 66 11.41 23.77 60.87
N GLY EA 67 11.81 22.97 61.85
CA GLY EA 67 11.28 23.08 63.19
C GLY EA 67 10.13 22.16 63.51
N LEU EA 68 10.31 20.89 63.20
CA LEU EA 68 9.27 19.90 63.46
C LEU EA 68 9.86 18.59 63.94
N THR EA 69 9.29 18.05 65.01
CA THR EA 69 9.75 16.76 65.54
C THR EA 69 9.24 15.72 64.57
N PRO EA 70 9.98 14.62 64.40
CA PRO EA 70 9.46 13.69 63.39
C PRO EA 70 8.08 13.15 63.71
N LEU EA 71 7.68 13.12 64.98
CA LEU EA 71 6.28 12.81 65.31
C LEU EA 71 5.34 13.82 64.70
N LEU EA 72 5.66 15.11 64.89
CA LEU EA 72 4.82 16.18 64.37
C LEU EA 72 4.76 16.16 62.85
N ARG EA 73 5.84 15.77 62.21
CA ARG EA 73 5.86 15.70 60.75
C ARG EA 73 4.87 14.64 60.29
N GLY EA 74 4.85 13.50 60.99
CA GLY EA 74 3.95 12.43 60.63
C GLY EA 74 2.52 12.69 61.05
N LEU EA 75 2.33 13.43 62.15
CA LEU EA 75 1.00 13.77 62.64
C LEU EA 75 0.21 14.57 61.60
N GLU EA 76 0.77 15.70 61.21
CA GLU EA 76 0.17 16.60 60.22
C GLU EA 76 -0.15 15.84 58.94
N ILE EA 77 0.85 15.20 58.36
CA ILE EA 77 0.65 14.43 57.15
C ILE EA 77 -0.57 13.55 57.31
N GLY EA 78 -0.57 12.71 58.35
CA GLY EA 78 -1.71 11.86 58.66
C GLY EA 78 -3.02 12.61 58.89
N LEU EA 79 -2.95 13.79 59.49
CA LEU EA 79 -4.16 14.57 59.74
C LEU EA 79 -4.84 15.01 58.45
N ALA EA 80 -4.05 15.26 57.41
CA ALA EA 80 -4.59 15.72 56.14
C ALA EA 80 -4.97 14.62 55.15
N HIS EA 81 -4.48 13.40 55.38
CA HIS EA 81 -4.78 12.30 54.47
C HIS EA 81 -6.00 11.48 54.88
N GLY EA 82 -6.12 11.17 56.16
CA GLY EA 82 -7.23 10.38 56.65
C GLY EA 82 -8.58 11.07 56.48
N TYR EA 83 -8.55 12.39 56.40
CA TYR EA 83 -9.76 13.19 56.26
C TYR EA 83 -10.37 13.06 54.87
N PHE EA 84 -9.57 13.01 53.80
CA PHE EA 84 -10.17 12.90 52.49
C PHE EA 84 -10.23 11.48 51.95
N LEU EA 85 -9.50 10.54 52.54
CA LEU EA 85 -9.63 9.14 52.15
C LEU EA 85 -10.99 8.59 52.48
N ILE EA 86 -11.68 9.24 53.42
CA ILE EA 86 -13.07 8.96 53.78
C ILE EA 86 -13.96 8.93 52.56
N GLY EA 87 -14.01 10.05 51.84
CA GLY EA 87 -14.91 10.32 50.73
C GLY EA 87 -15.29 9.23 49.74
N PRO EA 88 -14.33 8.57 49.09
CA PRO EA 88 -14.69 7.58 48.07
C PRO EA 88 -15.24 6.28 48.62
N PHE EA 89 -15.18 6.09 49.93
CA PHE EA 89 -15.65 4.84 50.54
C PHE EA 89 -17.09 5.01 50.95
N PHE EA 90 -17.42 6.21 51.43
CA PHE EA 90 -18.76 6.53 51.88
C PHE EA 90 -19.72 6.79 50.72
N LYS EA 91 -19.18 7.28 49.61
CA LYS EA 91 -20.01 7.60 48.45
C LYS EA 91 -20.16 6.49 47.42
N LEU EA 92 -19.05 5.92 46.97
CA LEU EA 92 -19.08 4.85 45.97
C LEU EA 92 -18.70 3.53 46.62
N GLY EA 93 -19.38 3.20 47.70
CA GLY EA 93 -19.10 1.99 48.46
C GLY EA 93 -20.01 0.86 48.05
N PRO EA 94 -19.76 -0.34 48.61
CA PRO EA 94 -20.64 -1.46 48.31
C PRO EA 94 -21.90 -1.36 49.16
N LEU EA 95 -21.84 -0.58 50.24
CA LEU EA 95 -22.98 -0.40 51.13
C LEU EA 95 -23.33 1.08 51.22
N ARG EA 96 -23.08 1.81 50.14
CA ARG EA 96 -23.35 3.25 50.10
C ARG EA 96 -24.83 3.64 50.19
N ASN EA 97 -25.72 2.74 49.76
CA ASN EA 97 -27.15 3.02 49.80
C ASN EA 97 -27.87 2.45 51.02
N SER EA 98 -27.12 2.13 52.07
CA SER EA 98 -27.73 1.58 53.28
C SER EA 98 -27.75 2.59 54.42
N GLU EA 99 -28.42 2.23 55.51
CA GLU EA 99 -28.53 3.09 56.69
C GLU EA 99 -27.23 3.07 57.48
N ILE EA 100 -26.30 2.24 57.05
CA ILE EA 100 -25.00 2.11 57.69
C ILE EA 100 -24.00 2.34 56.57
N ALA EA 101 -24.20 3.43 55.85
CA ALA EA 101 -23.31 3.79 54.76
C ALA EA 101 -22.06 4.50 55.30
N LEU EA 102 -22.23 5.25 56.38
CA LEU EA 102 -21.13 5.99 56.99
C LEU EA 102 -20.20 5.06 57.75
N PHE EA 103 -20.79 4.09 58.45
CA PHE EA 103 -20.05 3.08 59.27
C PHE EA 103 -19.23 2.17 58.35
N ALA EA 104 -19.90 1.51 57.38
CA ALA EA 104 -19.26 0.68 56.36
C ALA EA 104 -17.95 1.30 55.90
N GLY EA 105 -17.98 2.57 55.52
CA GLY EA 105 -16.83 3.15 54.85
C GLY EA 105 -15.75 3.62 55.79
N PHE EA 106 -16.14 4.08 56.97
CA PHE EA 106 -15.18 4.57 57.95
C PHE EA 106 -14.28 3.40 58.35
N LEU EA 107 -14.88 2.24 58.54
CA LEU EA 107 -14.13 1.04 58.90
C LEU EA 107 -13.13 0.72 57.82
N SER EA 108 -13.53 0.90 56.56
CA SER EA 108 -12.66 0.64 55.44
C SER EA 108 -11.63 1.73 55.21
N THR EA 109 -11.79 2.91 55.81
CA THR EA 109 -10.67 3.85 55.81
C THR EA 109 -9.62 3.41 56.82
N ILE EA 110 -10.05 2.90 57.97
CA ILE EA 110 -9.11 2.40 58.96
C ILE EA 110 -8.31 1.24 58.41
N GLY EA 111 -8.98 0.36 57.64
CA GLY EA 111 -8.27 -0.73 57.01
C GLY EA 111 -7.30 -0.29 55.93
N LEU EA 112 -7.58 0.84 55.29
CA LEU EA 112 -6.63 1.40 54.34
C LEU EA 112 -5.43 1.98 55.05
N ILE EA 113 -5.66 2.62 56.20
CA ILE EA 113 -4.56 3.23 56.96
C ILE EA 113 -3.68 2.15 57.58
N LEU EA 114 -4.27 1.02 57.98
CA LEU EA 114 -3.48 -0.10 58.51
C LEU EA 114 -2.53 -0.65 57.46
N ILE EA 115 -2.95 -0.67 56.19
CA ILE EA 115 -2.09 -1.17 55.13
C ILE EA 115 -0.98 -0.16 54.85
N LEU EA 116 -1.29 1.13 54.89
CA LEU EA 116 -0.30 2.16 54.61
C LEU EA 116 0.76 2.24 55.70
N THR EA 117 0.33 2.08 56.95
CA THR EA 117 1.23 2.12 58.09
C THR EA 117 2.15 0.91 58.01
N LEU EA 118 1.58 -0.23 57.64
CA LEU EA 118 2.35 -1.46 57.47
C LEU EA 118 3.42 -1.29 56.42
N GLY EA 119 3.16 -0.49 55.39
CA GLY EA 119 4.20 -0.18 54.42
C GLY EA 119 5.23 0.78 54.97
N LEU EA 120 4.86 1.59 55.96
CA LEU EA 120 5.81 2.49 56.59
C LEU EA 120 6.71 1.76 57.58
N THR EA 121 6.18 0.75 58.30
CA THR EA 121 7.00 0.00 59.24
C THR EA 121 8.08 -0.77 58.52
N ILE EA 122 7.71 -1.44 57.43
CA ILE EA 122 8.63 -2.33 56.76
C ILE EA 122 9.69 -1.54 56.02
N TYR EA 123 9.31 -0.39 55.45
CA TYR EA 123 10.25 0.46 54.75
C TYR EA 123 11.37 0.94 55.66
N GLY EA 124 11.02 1.42 56.85
CA GLY EA 124 12.05 1.90 57.74
C GLY EA 124 12.83 0.82 58.43
N ALA EA 125 12.25 -0.37 58.55
CA ALA EA 125 12.96 -1.51 59.13
C ALA EA 125 14.07 -2.00 58.24
N VAL EA 126 14.10 -1.58 56.99
CA VAL EA 126 15.06 -2.10 56.03
C VAL EA 126 15.96 -1.02 55.42
N VAL EA 127 15.45 0.20 55.29
CA VAL EA 127 16.23 1.28 54.71
C VAL EA 127 17.29 1.86 55.65
N PHE EA 128 16.96 2.00 56.93
CA PHE EA 128 17.89 2.56 57.90
C PHE EA 128 18.60 1.53 58.76
N LYS EA 129 19.78 1.89 59.26
CA LYS EA 129 20.58 1.00 60.09
C LYS EA 129 20.68 1.45 61.54
N GLU EA 130 20.68 0.48 62.46
CA GLU EA 130 20.77 0.75 63.89
C GLU EA 130 22.09 1.40 64.25
N GLU EA 131 22.07 2.26 65.27
CA GLU EA 131 23.27 2.97 65.67
C GLU EA 131 24.03 2.37 66.85
N LYS EA 132 25.34 2.18 66.62
CA LYS EA 132 26.29 1.64 67.59
C LYS EA 132 26.55 2.64 68.71
N VAL EA 133 27.16 3.76 68.36
CA VAL EA 133 27.48 4.79 69.32
C VAL EA 133 26.22 5.51 69.79
N MET EA 134 26.01 5.56 71.10
CA MET EA 134 24.85 6.24 71.66
C MET EA 134 24.86 7.68 71.19
N SER EA 135 25.99 8.08 70.61
CA SER EA 135 26.18 9.43 70.09
C SER EA 135 25.00 9.89 69.24
N SER EA 136 24.28 10.88 69.73
CA SER EA 136 23.13 11.43 69.02
C SER EA 136 22.94 12.91 69.32
N ALA EA 137 23.49 13.75 68.44
CA ALA EA 137 23.38 15.20 68.61
C ALA EA 137 22.23 15.73 67.77
N ASN EA 138 21.81 14.94 66.79
CA ASN EA 138 20.66 15.34 66.00
C ASN EA 138 19.56 14.31 66.23
N VAL EA 139 18.67 14.61 67.17
CA VAL EA 139 17.56 13.74 67.49
C VAL EA 139 16.39 14.12 66.60
N ASN EA 140 16.56 15.26 65.93
CA ASN EA 140 15.55 15.80 65.02
C ASN EA 140 15.52 15.19 63.62
N ASN EA 141 16.62 14.58 63.19
CA ASN EA 141 16.69 14.03 61.85
C ASN EA 141 15.58 13.01 61.57
N LEU EA 142 15.00 13.13 60.38
CA LEU EA 142 13.89 12.31 59.90
C LEU EA 142 14.38 11.05 59.21
N GLN EA 143 15.42 11.18 58.41
CA GLN EA 143 15.96 10.05 57.67
C GLN EA 143 16.86 9.15 58.51
N THR EA 144 16.33 8.72 59.66
CA THR EA 144 17.03 7.82 60.56
C THR EA 144 16.04 6.76 61.04
N LYS EA 145 16.55 5.70 61.65
CA LYS EA 145 15.68 4.63 62.13
C LYS EA 145 14.80 5.04 63.29
N LYS EA 146 15.38 5.74 64.26
CA LYS EA 146 14.66 6.18 65.44
C LYS EA 146 13.55 7.19 65.13
N ALA EA 147 13.85 8.13 64.24
CA ALA EA 147 12.89 9.17 63.89
C ALA EA 147 11.81 8.66 62.94
N TRP EA 148 12.17 7.71 62.09
CA TRP EA 148 11.21 7.16 61.14
C TRP EA 148 10.13 6.42 61.91
N ASP EA 149 10.51 5.82 63.03
CA ASP EA 149 9.55 5.11 63.86
C ASP EA 149 8.56 6.09 64.46
N GLN EA 150 9.05 7.26 64.86
CA GLN EA 150 8.21 8.29 65.42
C GLN EA 150 7.34 8.87 64.31
N PHE EA 151 7.93 9.02 63.13
CA PHE EA 151 7.20 9.54 61.98
C PHE EA 151 6.10 8.60 61.54
N LYS EA 152 6.33 7.30 61.71
CA LYS EA 152 5.34 6.30 61.34
C LYS EA 152 4.17 6.27 62.30
N GLY EA 153 4.45 6.44 63.60
CA GLY EA 153 3.40 6.42 64.59
C GLY EA 153 2.57 7.68 64.60
N GLY EA 154 3.17 8.80 64.22
CA GLY EA 154 2.40 10.02 64.07
C GLY EA 154 1.45 9.98 62.90
N PHE EA 155 1.83 9.27 61.83
CA PHE EA 155 0.94 9.12 60.68
C PHE EA 155 -0.30 8.34 61.06
N PHE EA 156 -0.14 7.34 61.91
CA PHE EA 156 -1.26 6.49 62.26
C PHE EA 156 -2.24 7.17 63.21
N VAL EA 157 -1.74 8.02 64.11
CA VAL EA 157 -2.62 8.76 65.01
C VAL EA 157 -3.41 9.79 64.23
N GLY EA 158 -2.73 10.54 63.37
CA GLY EA 158 -3.39 11.62 62.66
C GLY EA 158 -4.35 11.16 61.60
N ALA EA 159 -4.14 9.95 61.07
CA ALA EA 159 -5.02 9.49 60.02
C ALA EA 159 -6.25 8.78 60.56
N CYS EA 160 -6.12 8.08 61.69
CA CYS EA 160 -7.31 7.55 62.33
C CYS EA 160 -8.12 8.65 63.00
N GLY EA 161 -7.46 9.70 63.47
CA GLY EA 161 -8.18 10.80 64.09
C GLY EA 161 -8.92 11.66 63.09
N SER EA 162 -8.33 11.88 61.92
CA SER EA 162 -9.02 12.59 60.87
C SER EA 162 -10.08 11.75 60.19
N ALA EA 163 -9.94 10.43 60.22
CA ALA EA 163 -11.04 9.58 59.78
C ALA EA 163 -12.21 9.70 60.73
N GLY EA 164 -11.94 9.80 62.03
CA GLY EA 164 -13.01 10.00 62.99
C GLY EA 164 -13.56 11.41 63.02
N PHE EA 165 -12.79 12.39 62.58
CA PHE EA 165 -13.25 13.77 62.65
C PHE EA 165 -14.33 14.04 61.62
N ALA EA 166 -14.16 13.57 60.40
CA ALA EA 166 -15.25 13.74 59.45
C ALA EA 166 -16.33 12.68 59.59
N LEU EA 167 -16.12 11.65 60.38
CA LEU EA 167 -17.25 10.84 60.85
C LEU EA 167 -18.22 11.69 61.66
N ILE EA 168 -17.68 12.62 62.43
CA ILE EA 168 -18.53 13.57 63.15
C ILE EA 168 -19.08 14.63 62.19
N CYS EA 169 -18.24 15.11 61.28
CA CYS EA 169 -18.64 16.20 60.38
C CYS EA 169 -19.65 15.77 59.33
N LEU EA 170 -19.78 14.48 59.05
CA LEU EA 170 -20.74 14.02 58.08
C LEU EA 170 -22.00 13.45 58.69
N TYR EA 171 -21.93 13.07 59.96
CA TYR EA 171 -23.08 12.51 60.66
C TYR EA 171 -24.21 13.52 60.76
N VAL EA 172 -23.94 14.75 60.33
CA VAL EA 172 -24.93 15.82 60.38
C VAL EA 172 -25.88 15.75 59.19
N ILE FA 2 -19.76 -35.61 60.29
CA ILE FA 2 -21.02 -34.87 60.62
C ILE FA 2 -20.92 -34.32 62.05
N THR FA 3 -19.86 -34.68 62.78
CA THR FA 3 -19.70 -34.19 64.17
C THR FA 3 -18.71 -33.02 64.23
N ASP FA 4 -19.01 -32.03 65.06
CA ASP FA 4 -18.15 -30.82 65.24
C ASP FA 4 -16.80 -31.21 65.84
N ASN FA 5 -16.80 -32.15 66.79
CA ASN FA 5 -15.56 -32.57 67.43
C ASN FA 5 -14.59 -33.23 66.46
N GLN FA 6 -15.14 -33.89 65.43
CA GLN FA 6 -14.28 -34.55 64.42
C GLN FA 6 -13.47 -33.48 63.66
N VAL FA 7 -14.11 -32.35 63.35
CA VAL FA 7 -13.45 -31.23 62.61
C VAL FA 7 -12.30 -30.67 63.45
N PHE FA 8 -12.52 -30.53 64.76
CA PHE FA 8 -11.49 -29.98 65.68
C PHE FA 8 -10.27 -30.91 65.71
N VAL FA 9 -10.50 -32.23 65.73
CA VAL FA 9 -9.40 -33.20 65.76
C VAL FA 9 -8.58 -33.10 64.47
N ALA FA 10 -9.26 -32.83 63.35
CA ALA FA 10 -8.60 -32.87 62.05
C ALA FA 10 -7.64 -31.72 61.85
N LEU FA 11 -7.91 -30.56 62.44
CA LEU FA 11 -7.00 -29.46 62.27
C LEU FA 11 -5.99 -29.30 63.41
N ILE FA 12 -6.08 -30.12 64.45
CA ILE FA 12 -4.93 -30.26 65.34
C ILE FA 12 -3.85 -31.07 64.66
N MET FA 13 -4.24 -32.12 63.95
CA MET FA 13 -3.29 -32.92 63.20
C MET FA 13 -2.72 -32.14 62.02
N ALA FA 14 -3.51 -31.23 61.45
CA ALA FA 14 -2.96 -30.36 60.41
C ALA FA 14 -2.03 -29.32 61.01
N LEU FA 15 -2.24 -28.94 62.26
CA LEU FA 15 -1.34 -28.02 62.93
C LEU FA 15 -0.02 -28.70 63.26
N VAL FA 16 -0.07 -29.97 63.69
CA VAL FA 16 1.14 -30.75 63.90
C VAL FA 16 1.84 -30.98 62.57
N CYS FA 17 1.08 -31.17 61.49
CA CYS FA 17 1.65 -31.35 60.18
C CYS FA 17 2.30 -30.07 59.66
N GLY FA 18 1.66 -28.93 59.90
CA GLY FA 18 2.25 -27.66 59.52
C GLY FA 18 3.53 -27.36 60.27
N TYR FA 19 3.64 -27.86 61.48
CA TYR FA 19 4.85 -27.65 62.26
C TYR FA 19 6.00 -28.51 61.76
N LEU FA 20 5.71 -29.73 61.31
CA LEU FA 20 6.75 -30.58 60.76
C LEU FA 20 7.20 -30.12 59.39
N ALA FA 21 6.37 -29.36 58.69
CA ALA FA 21 6.75 -28.84 57.38
C ALA FA 21 7.66 -27.63 57.51
N VAL FA 22 7.33 -26.71 58.41
CA VAL FA 22 8.16 -25.53 58.68
C VAL FA 22 9.52 -25.97 59.21
N LYS FA 23 9.53 -27.10 59.91
CA LYS FA 23 10.76 -27.66 60.45
C LYS FA 23 11.56 -28.42 59.38
N LEU FA 24 10.87 -28.99 58.40
CA LEU FA 24 11.53 -29.73 57.33
C LEU FA 24 12.22 -28.78 56.36
N ALA FA 25 11.60 -27.63 56.13
CA ALA FA 25 12.16 -26.64 55.23
C ALA FA 25 13.37 -25.95 55.86
N LYS FA 26 13.30 -25.72 57.16
CA LYS FA 26 14.40 -25.09 57.88
C LYS FA 26 15.72 -25.80 57.59
N GLN FA 27 15.62 -27.13 57.53
CA GLN FA 27 16.75 -28.04 57.33
C GLN FA 27 17.19 -28.20 55.89
N LEU FA 28 16.29 -27.94 54.95
CA LEU FA 28 16.63 -28.05 53.54
C LEU FA 28 17.47 -26.83 53.15
N ALA FA 29 17.21 -25.71 53.81
CA ALA FA 29 17.96 -24.49 53.57
C ALA FA 29 19.32 -24.61 54.25
N UNK GA 1 76.47 15.51 21.03
CA UNK GA 1 75.77 16.38 21.94
C UNK GA 1 75.56 15.69 23.28
N UNK GA 2 75.42 16.50 24.34
CA UNK GA 2 75.19 15.97 25.68
C UNK GA 2 73.70 15.86 26.00
N UNK GA 3 72.90 16.81 25.53
CA UNK GA 3 71.47 16.83 25.80
C UNK GA 3 70.62 16.63 24.56
N UNK GA 4 71.04 17.19 23.42
CA UNK GA 4 70.26 17.04 22.19
C UNK GA 4 70.37 15.62 21.64
N UNK GA 5 71.54 14.99 21.77
CA UNK GA 5 71.69 13.62 21.31
C UNK GA 5 70.92 12.65 22.20
N UNK GA 6 70.75 12.99 23.48
CA UNK GA 6 69.82 12.25 24.32
C UNK GA 6 68.39 12.50 23.88
N UNK GA 7 68.09 13.74 23.47
CA UNK GA 7 66.75 14.07 22.99
C UNK GA 7 66.45 13.47 21.63
N UNK GA 8 67.47 13.11 20.86
CA UNK GA 8 67.25 12.45 19.59
C UNK GA 8 67.15 10.93 19.74
N UNK GA 9 67.87 10.35 20.70
CA UNK GA 9 67.79 8.91 20.90
C UNK GA 9 66.45 8.52 21.52
N UNK GA 10 65.81 9.42 22.26
CA UNK GA 10 64.49 9.12 22.77
C UNK GA 10 63.43 9.36 21.69
N UNK GA 11 63.68 10.25 20.74
CA UNK GA 11 62.79 10.37 19.60
C UNK GA 11 63.02 9.29 18.57
N UNK GA 12 64.11 8.52 18.70
CA UNK GA 12 64.29 7.33 17.87
C UNK GA 12 63.26 6.27 18.24
N UNK GA 13 62.93 6.17 19.52
CA UNK GA 13 61.76 5.42 19.94
C UNK GA 13 60.49 6.19 19.60
N UNK GA 14 59.34 5.61 19.90
CA UNK GA 14 58.09 6.28 19.63
C UNK GA 14 57.90 7.49 20.55
N UNK GA 15 58.04 7.27 21.87
CA UNK GA 15 57.99 8.30 22.91
C UNK GA 15 56.69 9.09 22.87
N UNK GA 16 55.57 8.38 22.71
CA UNK GA 16 54.27 9.04 22.80
C UNK GA 16 53.92 9.40 24.23
N UNK GA 17 54.50 8.71 25.22
CA UNK GA 17 54.30 9.13 26.60
C UNK GA 17 55.08 10.40 26.90
N UNK GA 18 56.32 10.50 26.45
CA UNK GA 18 57.10 11.69 26.77
C UNK GA 18 56.64 12.88 25.94
N UNK GA 19 56.09 12.64 24.76
CA UNK GA 19 55.41 13.70 24.03
C UNK GA 19 54.14 14.12 24.75
N UNK GA 20 53.52 13.21 25.50
CA UNK GA 20 52.38 13.59 26.33
C UNK GA 20 52.82 14.34 27.57
N UNK GA 21 54.06 14.15 28.02
CA UNK GA 21 54.63 15.01 29.05
C UNK GA 21 55.38 16.20 28.48
N UNK GA 22 55.27 16.45 27.17
CA UNK GA 22 55.91 17.57 26.45
C UNK GA 22 57.44 17.50 26.61
N UNK GA 23 58.02 16.55 25.86
CA UNK GA 23 59.39 16.04 26.05
C UNK GA 23 60.53 17.05 25.93
N UNK GA 24 60.23 18.33 25.68
CA UNK GA 24 61.26 19.35 25.74
C UNK GA 24 61.79 19.51 27.17
N UNK GA 25 60.89 19.60 28.15
CA UNK GA 25 61.27 19.93 29.51
C UNK GA 25 61.01 18.84 30.53
N UNK GA 26 60.24 17.79 30.18
CA UNK GA 26 60.06 16.69 31.11
C UNK GA 26 60.94 15.49 30.80
N UNK GA 27 61.43 15.35 29.56
CA UNK GA 27 62.40 14.29 29.30
C UNK GA 27 63.76 14.63 29.87
N UNK GA 28 64.05 15.92 30.04
CA UNK GA 28 65.25 16.31 30.76
C UNK GA 28 65.10 16.00 32.25
N UNK GA 29 63.89 16.14 32.78
CA UNK GA 29 63.66 15.82 34.19
C UNK GA 29 63.50 14.32 34.41
N UNK GA 30 62.94 13.59 33.46
CA UNK GA 30 62.80 12.15 33.64
C UNK GA 30 64.13 11.45 33.48
N UNK GA 31 65.03 12.00 32.67
CA UNK GA 31 66.38 11.49 32.63
C UNK GA 31 67.18 11.90 33.86
N UNK GA 32 66.76 12.95 34.55
CA UNK GA 32 67.38 13.30 35.81
C UNK GA 32 66.95 12.37 36.93
N UNK GA 33 65.80 11.71 36.80
CA UNK GA 33 65.37 10.76 37.82
C UNK GA 33 66.11 9.44 37.68
N UNK GA 34 66.19 8.91 36.46
CA UNK GA 34 67.07 7.79 36.20
C UNK GA 34 68.49 8.34 36.24
N UNK GA 35 69.11 8.23 37.42
CA UNK GA 35 69.98 9.25 38.02
C UNK GA 35 70.94 9.96 37.06
N UNK GA 36 71.86 9.20 36.46
CA UNK GA 36 72.84 9.80 35.56
C UNK GA 36 73.37 8.72 34.64
N UNK GA 37 73.05 8.83 33.34
CA UNK GA 37 73.68 8.01 32.32
C UNK GA 37 74.52 8.85 31.36
N UNK GA 38 73.90 9.81 30.69
CA UNK GA 38 74.51 10.96 30.02
C UNK GA 38 75.39 10.64 28.81
N UNK GA 39 75.64 9.38 28.48
CA UNK GA 39 76.35 9.06 27.24
C UNK GA 39 75.46 8.27 26.28
N UNK GA 40 75.14 7.02 26.62
CA UNK GA 40 74.18 6.09 26.00
C UNK GA 40 74.30 4.79 26.76
N UNK GA 41 73.25 3.97 26.66
CA UNK GA 41 73.23 2.57 27.08
C UNK GA 41 71.96 1.94 26.53
N UNK GA 42 71.68 0.72 26.95
CA UNK GA 42 70.34 0.16 26.91
C UNK GA 42 69.51 0.61 28.10
N UNK GA 43 70.10 1.41 29.01
CA UNK GA 43 69.41 2.00 30.13
C UNK GA 43 68.53 3.18 29.74
N UNK GA 44 68.57 3.61 28.48
CA UNK GA 44 67.52 4.50 28.00
C UNK GA 44 66.21 3.74 27.87
N UNK GA 45 66.28 2.47 27.47
CA UNK GA 45 65.09 1.63 27.43
C UNK GA 45 64.62 1.27 28.83
N UNK GA 46 65.52 1.28 29.81
CA UNK GA 46 65.13 1.05 31.20
C UNK GA 46 64.49 2.28 31.83
N UNK GA 47 64.73 3.46 31.28
CA UNK GA 47 64.06 4.66 31.76
C UNK GA 47 62.73 4.90 31.06
N UNK GA 48 62.62 4.54 29.79
CA UNK GA 48 61.35 4.66 29.09
C UNK GA 48 60.35 3.63 29.56
N UNK GA 49 60.83 2.48 30.04
CA UNK GA 49 59.93 1.46 30.56
C UNK GA 49 59.51 1.77 31.99
N UNK GA 50 60.40 2.34 32.78
CA UNK GA 50 60.07 2.67 34.17
C UNK GA 50 59.38 4.01 34.30
N UNK GA 51 59.22 4.75 33.20
CA UNK GA 51 58.38 5.93 33.19
C UNK GA 51 57.00 5.65 32.63
N UNK GA 52 56.85 4.63 31.79
CA UNK GA 52 55.54 4.12 31.46
C UNK GA 52 54.96 3.26 32.56
N UNK GA 53 55.80 2.75 33.44
CA UNK GA 53 55.33 1.98 34.59
C UNK GA 53 54.81 2.87 35.70
N UNK GA 54 55.28 4.11 35.78
CA UNK GA 54 54.77 5.09 36.73
C UNK GA 54 53.85 6.10 36.08
N UNK GA 55 53.34 5.80 34.89
CA UNK GA 55 52.49 6.75 34.17
C UNK GA 55 51.06 6.73 34.65
N UNK GA 56 50.66 5.74 35.44
CA UNK GA 56 49.32 5.71 35.99
C UNK GA 56 49.19 6.55 37.25
N UNK GA 57 50.28 6.69 37.99
CA UNK GA 57 50.28 7.53 39.18
C UNK GA 57 50.72 8.96 38.88
N UNK GA 58 51.39 9.20 37.75
CA UNK GA 58 51.87 10.53 37.43
C UNK GA 58 50.94 11.30 36.51
N UNK GA 59 50.05 10.61 35.80
CA UNK GA 59 48.97 11.29 35.10
C UNK GA 59 47.77 11.51 35.99
N UNK GA 60 47.71 10.82 37.13
CA UNK GA 60 46.72 11.11 38.14
C UNK GA 60 47.19 12.17 39.12
N UNK GA 61 48.49 12.46 39.14
CA UNK GA 61 49.01 13.56 39.95
C UNK GA 61 48.84 14.88 39.23
N UNK GA 62 48.99 14.90 37.91
CA UNK GA 62 48.66 16.06 37.11
C UNK GA 62 47.16 16.25 36.97
N UNK GA 63 46.39 15.22 37.31
CA UNK GA 63 44.94 15.32 37.35
C UNK GA 63 44.46 16.25 38.43
N UNK GA 64 45.16 16.31 39.56
CA UNK GA 64 44.69 17.04 40.72
C UNK GA 64 45.00 18.52 40.66
N UNK GA 65 45.78 18.98 39.68
CA UNK GA 65 46.03 20.40 39.56
C UNK GA 65 44.79 21.14 39.07
N UNK GA 66 44.09 20.57 38.09
CA UNK GA 66 42.74 21.01 37.75
C UNK GA 66 41.79 20.11 38.54
N UNK GA 67 41.41 20.56 39.73
CA UNK GA 67 40.65 19.73 40.65
C UNK GA 67 39.23 19.53 40.15
N UNK GA 68 38.75 18.31 40.32
CA UNK GA 68 37.43 17.91 39.85
C UNK GA 68 36.52 17.74 41.05
N UNK GA 69 35.38 18.40 41.00
CA UNK GA 69 34.46 18.38 42.13
C UNK GA 69 33.46 17.25 41.99
N UNK GA 70 33.13 16.61 43.11
CA UNK GA 70 32.12 15.57 43.14
C UNK GA 70 31.08 15.84 44.20
N UNK GA 71 30.86 17.10 44.54
CA UNK GA 71 29.85 17.42 45.55
C UNK GA 71 28.79 18.38 45.00
N UNK GA 72 28.52 18.27 43.71
CA UNK GA 72 27.53 19.12 43.07
C UNK GA 72 26.16 18.88 43.69
N UNK GA 73 25.41 19.96 43.84
CA UNK GA 73 24.32 19.99 44.82
C UNK GA 73 22.96 19.68 44.23
N UNK GA 74 22.90 19.19 43.01
CA UNK GA 74 21.62 19.12 42.34
C UNK GA 74 20.90 17.79 42.49
N UNK GA 75 21.51 16.87 43.22
CA UNK GA 75 20.92 15.57 43.49
C UNK GA 75 19.84 15.75 44.55
N UNK GA 76 20.02 16.77 45.37
CA UNK GA 76 19.08 17.12 46.40
C UNK GA 76 18.15 18.14 45.77
N UNK GA 77 17.36 17.69 44.80
CA UNK GA 77 16.43 18.54 44.06
C UNK GA 77 15.60 19.44 44.96
N UNK GA 78 15.00 18.86 45.99
CA UNK GA 78 14.19 19.64 46.91
C UNK GA 78 14.47 19.40 48.39
N UNK GA 79 14.99 20.44 49.03
CA UNK GA 79 15.30 20.45 50.45
C UNK GA 79 15.35 21.92 50.81
N UNK GA 80 14.20 22.56 50.70
CA UNK GA 80 14.04 23.99 50.96
C UNK GA 80 15.05 24.82 50.15
N UNK GA 81 15.63 25.83 50.80
CA UNK GA 81 16.62 26.67 50.14
C UNK GA 81 18.02 26.23 50.52
N UNK GA 82 18.11 25.43 51.59
CA UNK GA 82 19.39 24.93 52.07
C UNK GA 82 20.02 23.93 51.12
N UNK GA 83 19.21 22.98 50.64
CA UNK GA 83 19.66 21.94 49.72
C UNK GA 83 20.92 21.23 50.21
N UNK GA 84 20.79 20.49 51.30
CA UNK GA 84 21.89 19.75 51.91
C UNK GA 84 22.73 18.94 50.90
N UNK GA 85 24.00 19.31 50.78
CA UNK GA 85 24.92 18.66 49.87
C UNK GA 85 25.24 17.21 50.24
N UNK GA 86 24.65 16.75 51.34
CA UNK GA 86 24.84 15.39 51.83
C UNK GA 86 26.31 14.96 51.94
N UNK GA 87 27.01 15.57 52.89
CA UNK GA 87 28.41 15.25 53.14
C UNK GA 87 28.50 13.77 53.45
N UNK GA 88 27.80 13.36 54.50
CA UNK GA 88 27.77 11.97 54.96
C UNK GA 88 26.69 11.17 54.24
N UNK GA 89 26.16 11.78 53.17
CA UNK GA 89 25.11 11.32 52.23
C UNK GA 89 23.70 11.56 52.74
N UNK GA 90 23.61 12.16 53.92
CA UNK GA 90 22.36 12.55 54.53
C UNK GA 90 22.65 13.79 55.34
N UNK GA 91 21.70 14.72 55.40
CA UNK GA 91 21.91 15.93 56.19
C UNK GA 91 20.60 16.69 56.21
N UNK GA 92 20.29 17.35 57.32
CA UNK GA 92 19.01 18.04 57.39
C UNK GA 92 19.20 19.54 57.59
N UNK GA 93 18.46 20.25 56.74
CA UNK GA 93 18.27 21.70 56.67
C UNK GA 93 16.91 21.69 55.94
N UNK GA 94 15.82 21.64 56.71
CA UNK GA 94 14.48 21.42 56.16
C UNK GA 94 14.34 20.03 55.51
N UNK GA 95 14.55 18.98 56.33
CA UNK GA 95 14.00 17.65 56.14
C UNK GA 95 14.35 16.93 54.84
N UNK GA 96 15.56 16.39 54.77
CA UNK GA 96 16.20 15.89 53.56
C UNK GA 96 15.45 14.71 52.91
N UNK GA 97 15.91 14.34 51.72
CA UNK GA 97 15.39 13.23 50.94
C UNK GA 97 16.17 11.95 51.26
N UNK GA 98 16.01 10.93 50.44
CA UNK GA 98 16.25 9.54 50.82
C UNK GA 98 17.73 9.17 50.93
N UNK GA 99 17.98 8.03 51.59
CA UNK GA 99 19.29 7.61 52.07
C UNK GA 99 19.84 6.53 51.15
N UNK GA 100 21.16 6.48 51.01
CA UNK GA 100 21.72 5.62 50.00
C UNK GA 100 22.09 4.17 50.25
N UNK GA 101 21.57 3.27 49.41
CA UNK GA 101 22.02 1.90 49.50
C UNK GA 101 23.43 1.76 48.94
N UNK GA 102 23.73 2.54 47.91
CA UNK GA 102 25.03 2.45 47.21
C UNK GA 102 26.32 2.78 48.00
N UNK GA 103 27.34 1.96 47.76
CA UNK GA 103 28.66 2.10 48.38
C UNK GA 103 29.55 3.11 47.65
N UNK GA 104 30.50 3.70 48.37
CA UNK GA 104 31.42 4.71 47.82
C UNK GA 104 32.40 4.25 46.72
N UNK GA 105 32.99 3.08 46.87
CA UNK GA 105 33.96 2.57 45.88
C UNK GA 105 33.30 1.64 44.87
N UNK GA 106 33.66 1.76 43.59
CA UNK GA 106 33.02 0.91 42.60
C UNK GA 106 33.38 -0.54 42.84
N UNK GA 107 32.41 -1.43 42.63
CA UNK GA 107 32.60 -2.84 42.84
C UNK GA 107 33.70 -3.38 41.92
N UNK GA 108 33.72 -2.88 40.69
CA UNK GA 108 34.72 -3.33 39.73
C UNK GA 108 35.94 -2.47 39.93
N UNK GA 109 37.10 -3.08 40.14
CA UNK GA 109 38.31 -2.32 40.36
C UNK GA 109 38.64 -1.49 39.14
N UNK GA 110 39.82 -0.89 39.13
CA UNK GA 110 40.24 -0.07 38.01
C UNK GA 110 41.14 -0.87 37.07
N UNK GA 111 42.09 -1.60 37.65
CA UNK GA 111 43.02 -2.38 36.84
C UNK GA 111 42.39 -3.66 36.28
N UNK GA 112 42.00 -4.58 37.16
CA UNK GA 112 41.40 -5.85 36.74
C UNK GA 112 40.68 -6.53 37.89
N UNK GA 113 39.43 -6.85 37.58
CA UNK GA 113 38.44 -7.53 38.42
C UNK GA 113 38.29 -8.97 37.93
N UNK GA 114 37.40 -9.71 38.58
CA UNK GA 114 37.16 -11.12 38.31
C UNK GA 114 36.62 -11.66 36.96
N UNK GA 115 35.67 -11.00 36.31
CA UNK GA 115 35.06 -11.62 35.10
C UNK GA 115 34.68 -13.06 35.50
N UNK GA 116 33.64 -13.15 36.32
CA UNK GA 116 33.22 -14.38 37.00
C UNK GA 116 32.05 -15.09 36.33
N UNK GA 117 32.26 -16.36 36.02
CA UNK GA 117 31.25 -17.21 35.42
C UNK GA 117 31.06 -18.37 36.37
N UNK GA 118 32.00 -18.49 37.29
CA UNK GA 118 32.01 -19.52 38.31
C UNK GA 118 32.96 -19.07 39.40
N UNK GA 119 32.63 -19.38 40.65
CA UNK GA 119 33.46 -18.97 41.77
C UNK GA 119 33.67 -17.46 41.68
N UNK GA 120 32.62 -16.71 41.95
CA UNK GA 120 32.67 -15.25 41.90
C UNK GA 120 33.49 -14.66 43.04
N UNK GA 121 33.96 -13.43 42.86
CA UNK GA 121 34.75 -12.77 43.89
C UNK GA 121 33.80 -12.09 44.88
N UNK GA 122 34.37 -11.49 45.92
CA UNK GA 122 33.56 -10.84 46.95
C UNK GA 122 33.15 -9.40 46.64
N UNK GA 123 33.74 -8.80 45.63
CA UNK GA 123 33.32 -7.45 45.30
C UNK GA 123 32.94 -6.68 46.56
N UNK GA 124 33.84 -6.68 47.54
CA UNK GA 124 33.71 -5.92 48.79
C UNK GA 124 34.89 -4.97 48.61
N UNK GA 125 34.84 -4.31 47.45
CA UNK GA 125 35.98 -3.56 46.93
C UNK GA 125 36.70 -2.44 47.64
N UNK GA 126 38.02 -2.61 47.62
CA UNK GA 126 39.02 -1.68 48.11
C UNK GA 126 40.02 -1.41 46.98
N UNK GA 127 39.97 -2.23 45.92
CA UNK GA 127 40.87 -2.07 44.77
C UNK GA 127 40.60 -0.74 44.12
N UNK GA 128 39.31 -0.42 43.99
CA UNK GA 128 38.94 0.88 43.44
C UNK GA 128 39.96 1.91 43.91
N UNK GA 129 40.21 1.92 45.21
CA UNK GA 129 41.17 2.84 45.78
C UNK GA 129 42.51 2.15 46.05
N UNK GA 130 42.88 1.23 45.16
CA UNK GA 130 44.13 0.49 45.28
C UNK GA 130 45.32 1.44 45.23
N UNK GA 131 45.57 2.00 44.05
CA UNK GA 131 46.68 2.94 43.87
C UNK GA 131 46.38 4.25 44.59
N UNK GA 132 46.70 4.30 45.88
CA UNK GA 132 46.44 5.50 46.68
C UNK GA 132 47.61 6.47 46.59
N UNK GA 133 48.70 6.02 46.00
CA UNK GA 133 49.88 6.86 45.84
C UNK GA 133 49.61 7.97 44.83
N UNK GA 134 49.14 9.11 45.33
CA UNK GA 134 48.82 10.27 44.49
C UNK GA 134 47.95 9.90 43.30
N ASP HA 51 34.59 -56.72 30.87
CA ASP HA 51 34.92 -58.10 30.56
C ASP HA 51 33.93 -58.70 29.58
N MET HA 52 32.68 -58.30 29.70
CA MET HA 52 31.59 -58.79 28.84
C MET HA 52 31.71 -58.44 27.36
N THR HA 53 32.22 -57.25 27.04
CA THR HA 53 32.32 -56.83 25.65
C THR HA 53 33.16 -57.80 24.83
N TRP HA 54 32.70 -58.06 23.61
CA TRP HA 54 33.36 -59.00 22.70
C TRP HA 54 33.53 -58.45 21.30
N GLU HA 55 34.47 -59.03 20.57
CA GLU HA 55 34.77 -58.63 19.20
C GLU HA 55 34.76 -59.84 18.29
N GLY HA 56 34.58 -59.61 17.00
CA GLY HA 56 34.55 -60.71 16.04
C GLY HA 56 33.18 -61.28 15.76
N GLU HA 57 33.17 -62.38 15.02
CA GLU HA 57 31.94 -63.06 14.61
C GLU HA 57 31.08 -63.61 15.75
N TYR HA 58 31.71 -64.19 16.77
CA TYR HA 58 30.96 -64.78 17.88
C TYR HA 58 31.46 -64.37 19.25
N PRO HA 59 30.54 -64.30 20.23
CA PRO HA 59 30.79 -63.94 21.63
C PRO HA 59 31.47 -65.08 22.38
N PRO HA 60 32.17 -64.75 23.48
CA PRO HA 60 32.86 -65.73 24.31
C PRO HA 60 31.88 -66.59 25.09
N SER HA 61 32.35 -67.73 25.57
CA SER HA 61 31.53 -68.69 26.34
C SER HA 61 30.98 -68.14 27.66
N LYS HA 62 31.69 -67.20 28.27
CA LYS HA 62 31.31 -66.60 29.56
C LYS HA 62 29.96 -65.88 29.57
N VAL HA 63 29.52 -65.35 28.44
CA VAL HA 63 28.22 -64.66 28.36
C VAL HA 63 27.02 -65.57 28.69
N LEU HA 64 27.11 -66.85 28.36
CA LEU HA 64 26.07 -67.83 28.62
C LEU HA 64 25.76 -67.98 30.11
N GLY HA 65 26.79 -67.89 30.95
CA GLY HA 65 26.61 -68.01 32.38
C GLY HA 65 27.47 -69.14 32.93
N PRO HA 66 27.52 -69.28 34.26
CA PRO HA 66 28.37 -70.34 34.82
C PRO HA 66 27.97 -71.75 34.43
N ILE HA 67 26.69 -72.09 34.50
CA ILE HA 67 26.26 -73.43 34.11
C ILE HA 67 26.36 -73.75 32.61
N MET HA 68 25.92 -72.80 31.79
CA MET HA 68 25.90 -72.96 30.33
C MET HA 68 27.25 -73.05 29.62
N SER HA 69 28.22 -72.27 30.06
CA SER HA 69 29.54 -72.25 29.42
C SER HA 69 30.23 -73.61 29.49
N LYS HA 70 30.08 -74.29 30.61
CA LYS HA 70 30.68 -75.60 30.79
C LYS HA 70 30.13 -76.64 29.82
N MET HA 71 28.82 -76.57 29.56
CA MET HA 71 28.13 -77.51 28.69
C MET HA 71 28.52 -77.49 27.20
N PRO HA 72 28.53 -78.67 26.58
CA PRO HA 72 28.82 -78.93 25.17
C PRO HA 72 27.68 -78.49 24.26
N SER HA 73 27.98 -78.17 23.00
CA SER HA 73 26.97 -77.72 22.05
C SER HA 73 25.93 -78.79 21.79
N GLY HA 74 26.33 -80.05 21.65
CA GLY HA 74 25.36 -81.08 21.29
C GLY HA 74 24.23 -81.29 22.28
N LEU HA 75 24.58 -81.29 23.56
CA LEU HA 75 23.59 -81.47 24.60
C LEU HA 75 22.61 -80.31 24.57
N LEU HA 76 23.13 -79.11 24.40
CA LEU HA 76 22.28 -77.93 24.37
C LEU HA 76 21.31 -77.97 23.20
N GLY HA 77 21.78 -78.39 22.04
CA GLY HA 77 20.91 -78.46 20.88
C GLY HA 77 19.81 -79.47 21.11
N LEU HA 78 20.17 -80.62 21.67
CA LEU HA 78 19.17 -81.65 21.92
C LEU HA 78 18.12 -81.15 22.91
N ILE HA 79 18.58 -80.46 23.95
CA ILE HA 79 17.70 -79.92 24.97
C ILE HA 79 16.75 -78.90 24.36
N SER HA 80 17.27 -78.06 23.48
CA SER HA 80 16.45 -77.05 22.84
C SER HA 80 15.36 -77.70 22.00
N ILE HA 81 15.72 -78.77 21.28
CA ILE HA 81 14.71 -79.45 20.49
C ILE HA 81 13.62 -80.04 21.38
N ALA HA 82 14.04 -80.63 22.50
CA ALA HA 82 13.08 -81.21 23.43
C ALA HA 82 12.15 -80.14 23.99
N CYS HA 83 12.71 -78.97 24.31
CA CYS HA 83 11.91 -77.88 24.85
C CYS HA 83 10.89 -77.43 23.83
N ALA HA 84 11.30 -77.34 22.57
CA ALA HA 84 10.39 -76.92 21.52
C ALA HA 84 9.25 -77.91 21.40
N ALA HA 85 9.58 -79.21 21.44
CA ALA HA 85 8.54 -80.22 21.32
C ALA HA 85 7.55 -80.10 22.46
N VAL HA 86 8.06 -79.91 23.68
CA VAL HA 86 7.19 -79.79 24.84
C VAL HA 86 6.29 -78.58 24.70
N CYS HA 87 6.81 -77.44 24.26
CA CYS HA 87 5.94 -76.27 24.16
C CYS HA 87 4.77 -76.44 23.19
N VAL HA 88 5.06 -76.96 22.01
CA VAL HA 88 4.02 -77.14 21.01
C VAL HA 88 2.96 -78.15 21.44
N TYR HA 89 3.40 -79.26 22.00
CA TYR HA 89 2.48 -80.30 22.43
C TYR HA 89 1.56 -79.76 23.50
N SER HA 90 2.14 -79.04 24.45
CA SER HA 90 1.35 -78.48 25.54
C SER HA 90 0.32 -77.51 25.00
N ILE HA 91 0.74 -76.66 24.06
CA ILE HA 91 -0.21 -75.70 23.51
C ILE HA 91 -1.35 -76.41 22.81
N ALA HA 92 -1.02 -77.45 22.05
CA ALA HA 92 -2.05 -78.18 21.32
C ALA HA 92 -3.04 -78.84 22.28
N GLN HA 93 -2.51 -79.40 23.37
CA GLN HA 93 -3.36 -80.06 24.35
C GLN HA 93 -4.29 -79.04 25.00
N SER HA 94 -3.76 -77.86 25.29
CA SER HA 94 -4.57 -76.82 25.91
C SER HA 94 -5.68 -76.40 24.96
N GLY HA 95 -5.38 -76.28 23.68
CA GLY HA 95 -6.38 -75.92 22.69
C GLY HA 95 -7.47 -76.96 22.61
N VAL HA 96 -7.08 -78.23 22.67
CA VAL HA 96 -8.04 -79.32 22.62
C VAL HA 96 -8.95 -79.25 23.84
N LEU HA 97 -8.38 -78.97 25.00
CA LEU HA 97 -9.17 -78.85 26.21
C LEU HA 97 -10.16 -77.70 26.10
N GLN HA 98 -9.73 -76.59 25.52
CA GLN HA 98 -10.60 -75.43 25.34
C GLN HA 98 -11.77 -75.80 24.46
N GLN HA 99 -11.49 -76.54 23.39
CA GLN HA 99 -12.54 -76.99 22.48
C GLN HA 99 -13.53 -77.96 23.13
N GLN HA 100 -13.01 -78.86 23.96
CA GLN HA 100 -13.82 -79.92 24.58
C GLN HA 100 -14.96 -79.43 25.47
N PRO HA 101 -16.12 -80.08 25.34
CA PRO HA 101 -17.32 -79.77 26.12
C PRO HA 101 -17.23 -80.38 27.50
N GLY HA 102 -17.47 -79.56 28.52
CA GLY HA 102 -17.41 -80.00 29.91
C GLY HA 102 -16.02 -79.90 30.53
N ALA HA 103 -15.02 -79.55 29.72
CA ALA HA 103 -13.66 -79.40 30.22
C ALA HA 103 -13.24 -77.93 30.24
N TYR HA 104 -13.99 -77.09 29.54
CA TYR HA 104 -13.67 -75.66 29.46
C TYR HA 104 -14.45 -74.75 30.41
N GLU HA 105 -15.44 -75.29 31.12
CA GLU HA 105 -16.26 -74.47 32.01
C GLU HA 105 -15.50 -73.91 33.21
N ASN HA 106 -15.71 -72.63 33.49
CA ASN HA 106 -15.06 -71.94 34.62
C ASN HA 106 -13.54 -72.05 34.63
N GLY HA 107 -12.93 -71.95 33.46
CA GLY HA 107 -11.49 -72.04 33.32
C GLY HA 107 -10.87 -73.38 33.70
N SER HA 108 -11.64 -74.47 33.57
CA SER HA 108 -11.15 -75.81 33.88
C SER HA 108 -10.09 -76.33 32.90
N TRP HA 109 -10.10 -75.75 31.70
CA TRP HA 109 -9.18 -76.12 30.63
C TRP HA 109 -7.73 -75.84 31.01
N VAL HA 110 -7.47 -74.76 31.73
CA VAL HA 110 -6.11 -74.44 32.14
C VAL HA 110 -5.59 -75.55 33.04
N LYS HA 111 -4.38 -76.00 32.76
CA LYS HA 111 -3.75 -77.07 33.53
C LYS HA 111 -2.37 -76.60 33.98
N TRP HA 112 -1.86 -77.00 35.13
CA TRP HA 112 -0.51 -76.47 35.44
C TRP HA 112 0.65 -76.88 34.47
N TYR HA 113 0.68 -78.15 34.06
CA TYR HA 113 1.74 -78.64 33.18
C TYR HA 113 1.82 -77.99 31.79
N TYR HA 114 0.64 -77.75 31.19
CA TYR HA 114 0.56 -77.11 29.88
C TYR HA 114 1.11 -75.68 29.97
N VAL HA 115 0.78 -75.00 31.06
CA VAL HA 115 1.28 -73.66 31.30
C VAL HA 115 2.80 -73.70 31.41
N LEU HA 116 3.33 -74.71 32.10
CA LEU HA 116 4.78 -74.83 32.19
C LEU HA 116 5.42 -75.00 30.79
N GLY HA 117 4.82 -75.82 29.92
CA GLY HA 117 5.36 -75.99 28.56
C GLY HA 117 5.34 -74.69 27.74
N SER HA 118 4.25 -73.95 27.94
CA SER HA 118 4.08 -72.67 27.26
C SER HA 118 5.19 -71.72 27.70
N PHE HA 119 5.50 -71.72 29.00
CA PHE HA 119 6.60 -70.91 29.57
C PHE HA 119 7.95 -71.35 29.01
N GLY HA 120 8.07 -72.65 28.79
CA GLY HA 120 9.21 -73.33 28.19
C GLY HA 120 9.49 -72.95 26.74
N GLY HA 121 8.61 -72.29 25.99
CA GLY HA 121 8.96 -71.97 24.60
C GLY HA 121 10.18 -71.06 24.47
N PRO HA 122 10.23 -70.03 25.34
CA PRO HA 122 11.31 -69.05 25.45
C PRO HA 122 12.60 -69.75 25.84
N LEU HA 123 12.48 -70.74 26.73
CA LEU HA 123 13.61 -71.54 27.15
C LEU HA 123 14.18 -72.29 25.96
N ALA HA 124 13.32 -72.82 25.09
CA ALA HA 124 13.80 -73.52 23.92
C ALA HA 124 14.59 -72.55 23.04
N TRP HA 125 14.13 -71.32 22.84
CA TRP HA 125 14.91 -70.39 21.99
C TRP HA 125 16.32 -70.08 22.54
N GLY HA 126 16.38 -69.83 23.85
CA GLY HA 126 17.63 -69.50 24.49
C GLY HA 126 18.63 -70.62 24.42
N THR HA 127 18.16 -71.85 24.63
CA THR HA 127 19.04 -73.00 24.58
C THR HA 127 19.66 -73.16 23.21
N HIS HA 128 18.86 -72.98 22.16
CA HIS HA 128 19.39 -73.10 20.80
C HIS HA 128 20.44 -72.02 20.54
N VAL HA 129 20.19 -70.80 21.02
CA VAL HA 129 21.20 -69.75 20.83
C VAL HA 129 22.51 -70.11 21.55
N ALA HA 130 22.37 -70.66 22.76
CA ALA HA 130 23.51 -71.06 23.57
C ALA HA 130 24.29 -72.17 22.88
N SER HA 131 23.58 -73.09 22.26
CA SER HA 131 24.21 -74.18 21.54
C SER HA 131 25.02 -73.63 20.38
N TRP HA 132 24.47 -72.66 19.67
CA TRP HA 132 25.22 -72.07 18.57
C TRP HA 132 26.50 -71.43 19.08
N ILE HA 133 26.41 -70.71 20.20
CA ILE HA 133 27.60 -70.06 20.74
C ILE HA 133 28.66 -71.08 21.16
N GLN HA 134 28.20 -72.17 21.77
CA GLN HA 134 29.09 -73.23 22.23
C GLN HA 134 29.81 -73.86 21.05
N ARG HA 135 29.07 -74.07 19.96
CA ARG HA 135 29.64 -74.65 18.75
C ARG HA 135 30.71 -73.72 18.19
N LYS HA 136 30.43 -72.43 18.21
CA LYS HA 136 31.39 -71.42 17.74
C LYS HA 136 32.68 -71.41 18.56
N ASN HA 137 32.59 -71.66 19.86
CA ASN HA 137 33.75 -71.65 20.72
C ASN HA 137 34.42 -73.01 20.73
N GLY HA 138 34.17 -73.81 19.70
CA GLY HA 138 34.74 -75.13 19.57
C GLY HA 138 34.41 -76.07 20.70
N MET HA 139 33.17 -75.98 21.20
CA MET HA 139 32.72 -76.83 22.29
C MET HA 139 31.44 -77.58 21.92
N LEU IA 1 9.96 9.49 92.64
CA LEU IA 1 10.21 9.33 94.07
C LEU IA 1 11.62 9.76 94.44
N ASP IA 2 12.34 10.31 93.47
CA ASP IA 2 13.71 10.77 93.68
C ASP IA 2 13.90 12.17 93.11
N GLY IA 3 13.00 12.57 92.23
CA GLY IA 3 13.06 13.88 91.62
C GLY IA 3 11.75 14.63 91.78
N MET IA 4 11.13 14.44 92.95
CA MET IA 4 9.84 15.09 93.24
C MET IA 4 10.01 16.21 94.25
N VAL IA 5 10.81 17.21 93.89
CA VAL IA 5 11.02 18.36 94.78
C VAL IA 5 10.43 19.63 94.19
N GLY IA 6 9.30 19.47 93.50
CA GLY IA 6 8.61 20.59 92.89
C GLY IA 6 7.54 21.15 93.80
N THR IA 7 7.32 22.45 93.71
CA THR IA 7 6.31 23.13 94.52
C THR IA 7 4.95 22.46 94.37
N SER IA 8 4.66 21.51 95.25
CA SER IA 8 3.38 20.81 95.21
C SER IA 8 3.07 20.11 96.54
N VAL IA 9 3.59 20.68 97.63
CA VAL IA 9 3.29 20.16 98.96
C VAL IA 9 2.78 21.32 99.82
N GLU IA 10 1.57 21.18 100.37
CA GLU IA 10 1.01 22.25 101.21
C GLU IA 10 0.69 21.82 102.64
N THR IA 11 -0.01 20.71 102.77
CA THR IA 11 -0.41 20.19 104.08
C THR IA 11 0.18 18.80 104.31
N GLY IA 12 0.78 18.59 105.47
CA GLY IA 12 1.39 17.31 105.75
C GLY IA 12 2.88 17.46 105.97
N GLY IA 13 3.48 18.41 105.25
CA GLY IA 13 4.91 18.66 105.36
C GLY IA 13 5.74 17.92 104.33
N LYS IA 14 5.47 16.63 104.19
CA LYS IA 14 6.20 15.79 103.23
C LYS IA 14 5.44 15.63 101.92
N ILE IA 15 5.99 14.81 101.03
CA ILE IA 15 5.37 14.56 99.73
C ILE IA 15 4.45 13.35 99.77
N PHE IA 16 3.15 13.57 99.61
CA PHE IA 16 2.20 12.46 99.63
C PHE IA 16 2.19 11.67 98.32
N ASP IA 17 2.75 10.47 98.37
CA ASP IA 17 2.81 9.59 97.21
C ASP IA 17 3.06 8.15 97.62
N PRO IA 18 2.05 7.53 98.25
CA PRO IA 18 2.05 6.16 98.78
C PRO IA 18 2.10 5.05 97.74
N LEU IA 19 1.84 5.37 96.47
CA LEU IA 19 1.85 4.36 95.43
C LEU IA 19 3.21 4.27 94.73
N ASN IA 20 4.18 5.01 95.25
CA ASN IA 20 5.54 5.04 94.70
C ASN IA 20 5.53 5.29 93.19
N LEU IA 21 5.08 6.48 92.79
CA LEU IA 21 5.03 6.86 91.39
C LEU IA 21 6.23 7.70 90.99
N SER IA 22 7.39 7.36 91.52
CA SER IA 22 8.63 8.07 91.21
C SER IA 22 9.35 7.36 90.07
N ASP IA 23 8.97 6.11 89.82
CA ASP IA 23 9.57 5.31 88.76
C ASP IA 23 8.78 5.52 87.48
N TYR IA 24 7.49 5.19 87.52
CA TYR IA 24 6.62 5.36 86.37
C TYR IA 24 6.06 6.78 86.39
N ILE IA 25 5.49 7.22 85.27
CA ILE IA 25 4.92 8.56 85.14
C ILE IA 25 5.91 9.64 85.60
N PRO IA 26 6.90 9.93 84.75
CA PRO IA 26 7.93 10.92 85.09
C PRO IA 26 7.32 12.29 85.42
N ALA IA 27 7.93 12.98 86.37
CA ALA IA 27 7.44 14.27 86.87
C ALA IA 27 7.36 15.39 85.84
N ASP IA 28 8.31 15.47 84.92
CA ASP IA 28 8.29 16.52 83.92
C ASP IA 28 7.02 16.35 83.10
N ARG IA 29 6.68 15.09 82.85
CA ARG IA 29 5.45 14.72 82.07
C ARG IA 29 4.23 14.58 82.98
N ALA IA 30 4.40 13.97 84.16
CA ALA IA 30 3.26 13.80 85.07
C ALA IA 30 2.74 15.20 85.47
N ARG IA 31 3.65 16.12 85.77
CA ARG IA 31 3.26 17.50 86.19
C ARG IA 31 2.48 18.19 85.07
N ALA IA 32 2.94 18.06 83.81
CA ALA IA 32 2.24 18.71 82.69
C ALA IA 32 0.83 18.12 82.54
N ALA IA 33 0.72 16.79 82.67
CA ALA IA 33 -0.60 16.14 82.55
C ALA IA 33 -1.52 16.65 83.68
N GLU IA 34 -0.96 16.76 84.88
CA GLU IA 34 -1.74 17.22 86.06
C GLU IA 34 -2.22 18.65 85.80
N LEU IA 35 -1.36 19.54 85.31
CA LEU IA 35 -1.77 20.95 85.06
C LEU IA 35 -2.87 21.04 83.99
N ALA IA 36 -2.70 20.32 82.87
CA ALA IA 36 -3.69 20.37 81.78
C ALA IA 36 -5.03 19.79 82.26
N ASN IA 37 -4.97 18.66 82.97
CA ASN IA 37 -6.19 18.01 83.48
C ASN IA 37 -6.88 18.97 84.45
N GLY IA 38 -6.10 19.62 85.31
CA GLY IA 38 -6.68 20.56 86.29
C GLY IA 38 -7.38 21.72 85.58
N ARG IA 39 -6.75 22.28 84.55
CA ARG IA 39 -7.39 23.42 83.82
C ARG IA 39 -8.70 22.93 83.19
N SER IA 40 -8.68 21.75 82.58
CA SER IA 40 -9.91 21.23 81.92
C SER IA 40 -11.00 21.02 82.99
N ALA IA 41 -10.61 20.49 84.14
CA ALA IA 41 -11.56 20.21 85.24
C ALA IA 41 -12.17 21.54 85.73
N MET IA 42 -11.36 22.58 85.85
CA MET IA 42 -11.87 23.89 86.31
C MET IA 42 -12.90 24.40 85.29
N LEU IA 43 -12.57 24.28 83.99
CA LEU IA 43 -13.52 24.76 82.96
C LEU IA 43 -14.83 23.96 83.06
N ALA IA 44 -14.74 22.65 83.25
CA ALA IA 44 -15.94 21.79 83.34
C ALA IA 44 -16.78 22.19 84.56
N THR IA 45 -16.12 22.45 85.69
CA THR IA 45 -16.85 22.84 86.92
C THR IA 45 -17.57 24.17 86.68
N VAL IA 46 -16.90 25.11 86.02
CA VAL IA 46 -17.53 26.45 85.75
C VAL IA 46 -18.76 26.22 84.85
N GLY IA 47 -18.64 25.34 83.85
CA GLY IA 47 -19.75 25.04 82.94
C GLY IA 47 -20.93 24.39 83.65
N TYR IA 48 -20.64 23.49 84.60
CA TYR IA 48 -21.71 22.74 85.33
C TYR IA 48 -22.59 23.66 86.19
N VAL IA 49 -22.00 24.63 86.89
CA VAL IA 49 -22.77 25.51 87.77
C VAL IA 49 -23.25 26.85 87.20
N PHE IA 50 -22.92 27.15 85.94
CA PHE IA 50 -23.31 28.41 85.33
C PHE IA 50 -24.54 28.29 84.45
N PRO IA 51 -24.95 27.05 84.12
CA PRO IA 51 -26.11 26.83 83.27
C PRO IA 51 -27.42 26.75 84.06
N LYS IA 52 -27.31 26.58 85.38
CA LYS IA 52 -28.49 26.49 86.24
C LYS IA 52 -28.55 27.60 87.27
N TRP IA 53 -27.52 27.67 88.11
CA TRP IA 53 -27.46 28.69 89.16
C TRP IA 53 -27.64 30.10 88.60
N PHE IA 54 -26.92 30.40 87.52
CA PHE IA 54 -27.03 31.72 86.90
C PHE IA 54 -27.77 31.64 85.57
N GLY IA 55 -27.73 32.73 84.81
CA GLY IA 55 -28.39 32.78 83.52
C GLY IA 55 -27.94 31.73 82.55
N HIS IA 56 -28.86 31.25 81.73
CA HIS IA 56 -28.54 30.22 80.73
C HIS IA 56 -28.11 30.83 79.40
N PHE IA 57 -28.08 30.02 78.37
CA PHE IA 57 -27.64 30.57 77.12
C PHE IA 57 -28.84 31.20 76.46
N GLU IA 58 -28.71 32.47 76.07
CA GLU IA 58 -29.77 33.17 75.34
C GLU IA 58 -29.52 32.90 73.85
N GLY IA 59 -29.79 31.67 73.44
CA GLY IA 59 -29.54 31.21 72.11
C GLY IA 59 -30.33 29.97 71.79
N ASP IA 60 -30.27 29.65 70.52
CA ASP IA 60 -30.92 28.54 69.86
C ASP IA 60 -30.24 27.20 70.16
N VAL IA 61 -29.87 27.00 71.42
CA VAL IA 61 -29.21 25.77 71.85
C VAL IA 61 -29.97 25.13 73.01
N SER IA 62 -31.29 25.28 73.01
CA SER IA 62 -32.14 24.68 74.02
C SER IA 62 -31.68 23.26 74.34
N VAL IA 63 -31.57 22.95 75.63
CA VAL IA 63 -31.14 21.63 76.07
C VAL IA 63 -31.50 21.42 77.53
N ASP IA 64 -31.55 20.16 77.97
CA ASP IA 64 -31.89 19.89 79.36
C ASP IA 64 -30.78 20.43 80.27
N ASP IA 65 -30.93 20.37 81.58
CA ASP IA 65 -29.91 20.73 82.55
C ASP IA 65 -29.58 19.36 83.16
N PRO IA 66 -28.28 18.99 83.42
CA PRO IA 66 -26.87 18.58 83.69
C PRO IA 66 -25.99 17.90 82.58
N ILE IA 67 -25.56 16.68 82.92
CA ILE IA 67 -24.79 15.84 82.01
C ILE IA 67 -25.71 15.20 80.97
N ALA IA 68 -26.98 15.63 80.96
CA ALA IA 68 -27.97 15.11 80.02
C ALA IA 68 -28.05 16.00 78.79
N ALA IA 69 -27.20 17.03 78.75
CA ALA IA 69 -27.16 17.95 77.62
C ALA IA 69 -26.02 17.58 76.67
N ILE IA 70 -25.45 16.39 76.88
CA ILE IA 70 -24.37 15.90 76.06
C ILE IA 70 -24.92 15.25 74.79
N GLY IA 71 -26.21 14.90 74.83
CA GLY IA 71 -26.87 14.28 73.70
C GLY IA 71 -27.88 15.20 73.05
N GLN IA 72 -28.06 16.38 73.65
CA GLN IA 72 -29.00 17.37 73.14
C GLN IA 72 -28.26 18.38 72.26
N ALA IA 73 -26.95 18.44 72.44
CA ALA IA 73 -26.12 19.34 71.66
C ALA IA 73 -25.83 18.66 70.33
N ASP IA 74 -26.02 19.40 69.24
CA ASP IA 74 -25.77 18.86 67.91
C ASP IA 74 -24.28 18.73 67.63
N PRO IA 75 -23.93 17.89 66.64
CA PRO IA 75 -22.54 17.66 66.23
C PRO IA 75 -21.77 18.94 65.91
N GLN IA 76 -22.42 19.91 65.26
CA GLN IA 76 -21.78 21.19 64.92
C GLN IA 76 -21.11 21.80 66.16
N TRP IA 77 -21.67 21.51 67.33
CA TRP IA 77 -21.11 22.01 68.58
C TRP IA 77 -19.88 21.19 68.97
N TRP IA 78 -20.02 19.88 68.97
CA TRP IA 78 -18.93 18.98 69.32
C TRP IA 78 -17.72 19.26 68.44
N ALA IA 79 -17.96 19.33 67.12
CA ALA IA 79 -16.90 19.60 66.18
C ALA IA 79 -16.16 20.88 66.54
N GLN IA 80 -16.91 21.96 66.71
CA GLN IA 80 -16.32 23.25 67.06
C GLN IA 80 -15.46 23.16 68.31
N PHE IA 81 -16.00 22.50 69.35
CA PHE IA 81 -15.29 22.38 70.66
C PHE IA 81 -13.97 21.62 70.47
N ILE IA 82 -14.00 20.52 69.69
CA ILE IA 82 -12.80 19.76 69.40
C ILE IA 82 -11.78 20.63 68.67
N ILE IA 83 -12.23 21.34 67.64
CA ILE IA 83 -11.36 22.20 66.86
C ILE IA 83 -10.65 23.21 67.76
N PHE IA 84 -11.42 23.90 68.59
CA PHE IA 84 -10.87 24.89 69.50
C PHE IA 84 -9.80 24.26 70.39
N CYS IA 85 -10.12 23.16 71.05
CA CYS IA 85 -9.16 22.50 71.92
C CYS IA 85 -7.83 22.30 71.19
N GLY IA 86 -7.90 21.58 70.07
CA GLY IA 86 -6.72 21.30 69.26
C GLY IA 86 -5.99 22.58 68.91
N THR IA 87 -6.72 23.57 68.42
CA THR IA 87 -6.13 24.85 68.05
C THR IA 87 -5.34 25.44 69.21
N ILE IA 88 -5.98 25.51 70.37
CA ILE IA 88 -5.32 26.06 71.55
C ILE IA 88 -4.03 25.31 71.87
N GLU IA 89 -4.11 23.99 71.90
CA GLU IA 89 -2.92 23.17 72.19
C GLU IA 89 -1.80 23.50 71.21
N ALA IA 90 -2.14 23.52 69.93
CA ALA IA 90 -1.17 23.81 68.88
C ALA IA 90 -0.51 25.15 69.13
N TYR IA 91 -1.32 26.17 69.37
CA TYR IA 91 -0.82 27.52 69.63
C TYR IA 91 0.19 27.50 70.77
N LYS IA 92 -0.21 26.85 71.88
CA LYS IA 92 0.65 26.73 73.04
C LYS IA 92 2.00 26.15 72.63
N TYR IA 93 1.98 24.93 72.11
CA TYR IA 93 3.20 24.26 71.68
C TYR IA 93 4.19 25.25 71.08
N ARG IA 94 3.72 26.08 70.17
CA ARG IA 94 4.57 27.09 69.53
C ARG IA 94 5.03 28.11 70.55
N MET IA 95 4.14 28.48 71.46
CA MET IA 95 4.47 29.46 72.49
C MET IA 95 5.58 28.96 73.40
N GLU IA 96 5.54 27.67 73.73
CA GLU IA 96 6.55 27.07 74.60
C GLU IA 96 7.69 26.41 73.84
N LEU IA 97 7.92 26.85 72.61
CA LEU IA 97 8.97 26.28 71.78
C LEU IA 97 9.96 27.36 71.33
N GLU IA 98 9.60 28.63 71.52
CA GLU IA 98 10.45 29.76 71.06
C GLU IA 98 11.31 30.28 72.22
N GLY IA 99 11.41 29.49 73.30
CA GLY IA 99 12.11 29.93 74.50
C GLY IA 99 11.20 30.35 75.62
N LYS IA 100 9.91 30.47 75.31
CA LYS IA 100 8.92 30.83 76.32
C LYS IA 100 8.49 29.57 77.07
N SER IA 101 8.20 29.69 78.36
CA SER IA 101 7.78 28.54 79.15
C SER IA 101 6.28 28.32 79.02
N SER IA 102 5.77 27.25 79.61
CA SER IA 102 4.35 26.95 79.53
C SER IA 102 3.66 26.94 80.89
N THR IA 103 3.89 25.88 81.65
CA THR IA 103 3.25 25.72 82.95
C THR IA 103 4.29 25.54 84.03
N GLY IA 104 4.19 26.35 85.09
CA GLY IA 104 5.14 26.32 86.19
C GLY IA 104 6.57 26.57 85.71
N GLY IA 105 6.69 27.56 84.84
CA GLY IA 105 7.93 28.00 84.24
C GLY IA 105 8.04 29.51 84.37
N GLY IA 106 9.26 30.04 84.21
CA GLY IA 106 9.48 31.47 84.36
C GLY IA 106 8.75 32.40 83.41
N GLU IA 107 8.66 32.04 82.14
CA GLU IA 107 7.97 32.86 81.15
C GLU IA 107 6.67 32.18 80.76
N PRO IA 108 5.54 32.89 80.83
CA PRO IA 108 4.36 32.10 80.48
C PRO IA 108 4.17 32.09 78.95
N ALA IA 109 3.86 30.92 78.37
CA ALA IA 109 3.64 30.85 76.91
C ALA IA 109 2.42 31.71 76.59
N ILE IA 110 1.37 31.59 77.40
CA ILE IA 110 0.12 32.40 77.23
C ILE IA 110 -0.23 33.02 78.59
N ASP IA 111 -0.36 34.35 78.65
CA ASP IA 111 -0.74 35.05 79.91
C ASP IA 111 -1.56 36.29 79.51
N TRP IA 112 -2.49 36.72 80.36
CA TRP IA 112 -3.25 37.96 79.98
C TRP IA 112 -3.70 38.71 81.23
N MET IA 113 -2.75 39.12 82.08
CA MET IA 113 -3.06 39.93 83.25
C MET IA 113 -1.81 40.61 83.79
N LYS IA 114 -0.67 40.32 83.17
CA LYS IA 114 0.60 40.90 83.57
C LYS IA 114 0.91 40.68 85.04
N MET IA 115 0.47 39.55 85.57
CA MET IA 115 0.72 39.20 86.97
C MET IA 115 2.00 38.38 87.06
N TYR IA 116 1.97 37.20 87.70
CA TYR IA 116 3.22 36.37 87.74
C TYR IA 116 4.44 37.10 88.32
N PRO IA 117 4.39 37.50 89.61
CA PRO IA 117 5.46 38.21 90.34
C PRO IA 117 6.86 37.95 89.80
N LYS IA 118 7.53 38.99 89.32
CA LYS IA 118 8.87 38.87 88.76
C LYS IA 118 9.99 38.70 89.78
N ASP IA 119 10.01 37.53 90.43
CA ASP IA 119 11.00 37.17 91.44
C ASP IA 119 10.84 35.69 91.75
N GLU IA 120 11.55 35.26 92.79
CA GLU IA 120 11.57 33.88 93.25
C GLU IA 120 11.14 33.82 94.71
N ALA IA 121 10.48 32.70 95.04
CA ALA IA 121 9.89 32.27 96.33
C ALA IA 121 8.51 32.88 96.61
N GLY IA 122 8.06 33.73 95.70
CA GLY IA 122 6.75 34.34 95.73
C GLY IA 122 6.00 33.76 94.54
N ARG IA 123 6.73 33.64 93.43
CA ARG IA 123 6.21 33.08 92.20
C ARG IA 123 5.85 31.62 92.41
N ARG IA 124 6.69 30.89 93.13
CA ARG IA 124 6.40 29.48 93.38
C ARG IA 124 5.04 29.37 94.03
N ASP IA 125 4.73 30.36 94.87
CA ASP IA 125 3.47 30.41 95.60
C ASP IA 125 2.27 30.44 94.65
N MET IA 126 2.41 31.18 93.55
CA MET IA 126 1.33 31.27 92.54
C MET IA 126 1.08 29.88 91.94
N GLU IA 127 2.17 29.15 91.66
CA GLU IA 127 2.10 27.80 91.16
C GLU IA 127 1.44 26.87 92.17
N LEU IA 128 1.86 26.98 93.42
CA LEU IA 128 1.31 26.15 94.49
C LEU IA 128 -0.20 26.35 94.59
N LYS IA 129 -0.62 27.62 94.61
CA LYS IA 129 -2.03 27.95 94.69
C LYS IA 129 -2.78 27.31 93.54
N GLU IA 130 -2.25 27.48 92.34
CA GLU IA 130 -2.85 26.91 91.13
C GLU IA 130 -3.05 25.42 91.32
N LEU IA 131 -1.99 24.72 91.71
CA LEU IA 131 -2.03 23.30 91.93
C LEU IA 131 -3.15 22.92 92.88
N LYS IA 132 -3.19 23.57 94.04
CA LYS IA 132 -4.22 23.29 95.04
C LYS IA 132 -5.62 23.45 94.45
N ASN IA 133 -5.85 24.57 93.80
CA ASN IA 133 -7.14 24.85 93.19
C ASN IA 133 -7.53 23.75 92.19
N GLY IA 134 -6.58 23.37 91.34
CA GLY IA 134 -6.80 22.35 90.35
C GLY IA 134 -7.19 21.03 90.98
N ARG IA 135 -6.41 20.60 91.98
CA ARG IA 135 -6.72 19.30 92.60
C ARG IA 135 -8.13 19.39 93.18
N LEU IA 136 -8.44 20.50 93.85
CA LEU IA 136 -9.81 20.70 94.42
C LEU IA 136 -10.82 20.76 93.27
N ALA IA 137 -10.47 21.47 92.18
CA ALA IA 137 -11.38 21.61 91.02
C ALA IA 137 -11.64 20.26 90.37
N MET IA 138 -10.60 19.45 90.20
CA MET IA 138 -10.73 18.10 89.58
C MET IA 138 -11.58 17.22 90.50
N LEU IA 139 -11.37 17.33 91.81
CA LEU IA 139 -12.12 16.52 92.81
C LEU IA 139 -13.60 16.92 92.77
N GLY IA 140 -13.86 18.23 92.67
CA GLY IA 140 -15.24 18.75 92.61
C GLY IA 140 -15.94 18.24 91.36
N ILE IA 141 -15.24 18.23 90.23
CA ILE IA 141 -15.80 17.75 88.93
C ILE IA 141 -16.16 16.27 89.08
N ALA IA 142 -15.30 15.50 89.76
CA ALA IA 142 -15.55 14.06 89.99
C ALA IA 142 -16.77 13.88 90.89
N GLY IA 143 -16.87 14.71 91.94
CA GLY IA 143 -18.00 14.65 92.91
C GLY IA 143 -19.31 14.99 92.23
N PHE IA 144 -19.29 15.97 91.34
CA PHE IA 144 -20.49 16.43 90.60
C PHE IA 144 -21.01 15.27 89.75
N VAL IA 145 -20.10 14.55 89.10
CA VAL IA 145 -20.45 13.37 88.25
C VAL IA 145 -21.01 12.23 89.12
N SER IA 146 -20.39 11.99 90.28
CA SER IA 146 -20.79 10.93 91.18
C SER IA 146 -22.24 11.19 91.55
N ALA IA 147 -22.57 12.42 91.91
CA ALA IA 147 -23.95 12.77 92.26
C ALA IA 147 -24.84 12.48 91.06
N HIS IA 148 -24.46 12.96 89.89
CA HIS IA 148 -25.28 12.74 88.70
C HIS IA 148 -25.80 11.32 88.66
N PHE IA 149 -24.91 10.37 88.36
CA PHE IA 149 -25.28 8.96 88.28
C PHE IA 149 -25.76 8.42 89.62
N ILE IA 150 -25.13 8.88 90.70
CA ILE IA 150 -25.50 8.44 92.04
C ILE IA 150 -26.08 9.60 92.85
N PRO IA 151 -27.27 9.38 93.44
CA PRO IA 151 -27.94 10.41 94.24
C PRO IA 151 -27.28 10.65 95.60
N GLY IA 152 -27.00 9.52 96.26
CA GLY IA 152 -26.45 9.53 97.63
C GLY IA 152 -25.13 8.82 97.63
N ALA IA 153 -24.09 9.50 97.15
CA ALA IA 153 -22.72 9.02 97.13
C ALA IA 153 -21.89 10.10 97.83
N VAL IA 154 -22.17 11.35 97.45
CA VAL IA 154 -21.49 12.52 97.99
C VAL IA 154 -22.55 13.50 98.51
N PRO IA 155 -22.34 14.05 99.72
CA PRO IA 155 -23.31 14.97 100.31
C PRO IA 155 -22.85 16.43 100.41
N ILE IA 156 -23.71 17.35 99.96
CA ILE IA 156 -23.44 18.81 100.02
C ILE IA 156 -23.50 19.37 101.45
N THR JA 1 24.96 -59.09 -64.25
CA THR JA 1 25.93 -59.68 -63.33
C THR JA 1 25.24 -60.54 -62.28
N PRO JA 2 24.01 -60.98 -62.58
CA PRO JA 2 23.22 -61.82 -61.68
C PRO JA 2 23.50 -63.30 -61.90
N LEU JA 3 22.69 -64.17 -61.30
CA LEU JA 3 22.87 -65.61 -61.44
C LEU JA 3 22.26 -66.11 -62.75
N GLY JA 4 22.48 -67.39 -63.04
CA GLY JA 4 21.96 -67.99 -64.25
C GLY JA 4 20.46 -67.82 -64.43
N GLY JA 5 20.04 -67.56 -65.66
CA GLY JA 5 18.63 -67.38 -65.97
C GLY JA 5 18.04 -68.62 -66.61
N GLU JA 6 17.09 -68.41 -67.53
CA GLU JA 6 16.45 -69.53 -68.20
C GLU JA 6 17.48 -70.42 -68.90
N PRO JA 7 17.44 -71.73 -68.61
CA PRO JA 7 18.37 -72.69 -69.20
C PRO JA 7 18.21 -72.87 -70.71
N VAL JA 8 16.97 -73.01 -71.17
CA VAL JA 8 16.70 -73.18 -72.60
C VAL JA 8 17.08 -71.90 -73.34
N PHE JA 9 16.71 -70.78 -72.73
CA PHE JA 9 16.99 -69.45 -73.28
C PHE JA 9 17.20 -68.52 -72.10
N ILE JA 10 17.92 -67.43 -72.31
CA ILE JA 10 18.16 -66.48 -71.23
C ILE JA 10 17.69 -65.08 -71.58
N GLY JA 11 17.32 -64.31 -70.55
CA GLY JA 11 16.85 -62.95 -70.72
C GLY JA 11 16.82 -62.24 -69.38
N GLU JA 12 17.58 -61.13 -69.31
CA GLU JA 12 17.68 -60.40 -68.03
C GLU JA 12 16.67 -59.26 -68.07
N ASN JA 13 16.73 -58.47 -69.15
CA ASN JA 13 15.75 -57.36 -69.35
C ASN JA 13 15.73 -56.49 -68.10
N TYR JA 14 14.53 -56.41 -67.52
CA TYR JA 14 14.19 -55.61 -66.32
C TYR JA 14 15.12 -56.01 -65.17
N TRP JA 15 16.34 -55.45 -65.18
CA TRP JA 15 17.33 -55.75 -64.18
C TRP JA 15 18.36 -54.62 -64.12
N ASP JA 16 18.69 -54.07 -65.27
CA ASP JA 16 19.65 -52.98 -65.36
C ASP JA 16 18.99 -51.63 -65.12
N LYS JA 17 17.65 -51.62 -65.15
CA LYS JA 17 16.89 -50.40 -64.93
C LYS JA 17 16.84 -50.03 -63.45
N LEU JA 18 17.06 -51.00 -62.58
CA LEU JA 18 17.02 -50.76 -61.14
C LEU JA 18 18.36 -51.00 -60.46
N THR JA 19 19.20 -51.84 -61.05
CA THR JA 19 20.50 -52.14 -60.48
C THR JA 19 21.62 -51.33 -61.15
N LEU JA 20 21.26 -50.16 -61.67
CA LEU JA 20 22.24 -49.29 -62.33
C LEU JA 20 21.74 -47.86 -62.39
N GLU JA 21 20.50 -47.69 -62.80
CA GLU JA 21 19.90 -46.36 -62.90
C GLU JA 21 19.09 -46.00 -61.66
N TYR JA 22 18.17 -46.89 -61.29
CA TYR JA 22 17.34 -46.65 -60.12
C TYR JA 22 18.06 -46.99 -58.81
N GLY JA 23 18.55 -48.22 -58.71
CA GLY JA 23 19.25 -48.64 -57.51
C GLY JA 23 20.73 -48.85 -57.74
N SER JA 24 21.23 -50.01 -57.32
CA SER JA 24 22.64 -50.33 -57.47
C SER JA 24 22.87 -51.84 -57.35
N GLU JA 25 24.05 -52.22 -56.88
CA GLU JA 25 24.38 -53.62 -56.71
C GLU JA 25 23.70 -54.19 -55.47
N ALA JA 26 23.39 -53.32 -54.51
CA ALA JA 26 22.74 -53.72 -53.28
C ALA JA 26 21.31 -54.17 -53.56
N THR JA 27 20.67 -53.55 -54.54
CA THR JA 27 19.30 -53.90 -54.93
C THR JA 27 19.29 -55.28 -55.59
N GLY JA 28 20.35 -55.59 -56.32
CA GLY JA 28 20.47 -56.87 -56.99
C GLY JA 28 20.34 -57.99 -55.98
N THR JA 29 21.13 -57.91 -54.91
CA THR JA 29 21.10 -58.91 -53.85
C THR JA 29 19.68 -59.03 -53.32
N TYR JA 30 19.16 -57.92 -52.78
CA TYR JA 30 17.78 -57.91 -52.29
C TYR JA 30 16.78 -58.61 -53.20
N LEU JA 31 16.79 -58.27 -54.48
CA LEU JA 31 15.87 -58.86 -55.44
C LEU JA 31 16.00 -60.38 -55.45
N ARG JA 32 17.23 -60.86 -55.57
CA ARG JA 32 17.49 -62.30 -55.58
C ARG JA 32 16.99 -62.94 -54.30
N ALA JA 33 17.27 -62.31 -53.16
CA ALA JA 33 16.81 -62.81 -51.88
C ALA JA 33 15.29 -63.00 -51.90
N ALA JA 34 14.57 -61.96 -52.29
CA ALA JA 34 13.11 -62.00 -52.36
C ALA JA 34 12.65 -63.16 -53.25
N GLU JA 35 13.27 -63.26 -54.42
CA GLU JA 35 12.93 -64.32 -55.36
C GLU JA 35 13.06 -65.69 -54.70
N LEU JA 36 14.20 -65.95 -54.07
CA LEU JA 36 14.44 -67.23 -53.40
C LEU JA 36 13.41 -67.50 -52.31
N LYS JA 37 13.07 -66.47 -51.53
CA LYS JA 37 12.08 -66.65 -50.47
C LYS JA 37 10.77 -67.14 -51.07
N HIS JA 38 10.28 -66.37 -52.04
CA HIS JA 38 9.04 -66.69 -52.72
C HIS JA 38 9.07 -68.09 -53.30
N GLY JA 39 10.16 -68.43 -53.98
CA GLY JA 39 10.30 -69.75 -54.57
C GLY JA 39 10.09 -70.86 -53.55
N ARG JA 40 10.83 -70.79 -52.46
CA ARG JA 40 10.71 -71.80 -51.40
C ARG JA 40 9.28 -71.88 -50.88
N SER JA 41 8.70 -70.71 -50.61
CA SER JA 41 7.32 -70.68 -50.11
C SER JA 41 6.38 -71.41 -51.06
N ALA JA 42 6.50 -71.08 -52.34
CA ALA JA 42 5.68 -71.67 -53.39
C ALA JA 42 5.85 -73.18 -53.43
N MET JA 43 7.08 -73.64 -53.32
CA MET JA 43 7.36 -75.08 -53.33
C MET JA 43 6.59 -75.80 -52.24
N LEU JA 44 6.76 -75.34 -51.00
CA LEU JA 44 6.08 -75.93 -49.85
C LEU JA 44 4.57 -75.94 -50.07
N ALA JA 45 4.04 -74.80 -50.49
CA ALA JA 45 2.62 -74.68 -50.77
C ALA JA 45 2.18 -75.72 -51.78
N VAL JA 46 2.95 -75.84 -52.87
CA VAL JA 46 2.66 -76.82 -53.91
C VAL JA 46 2.55 -78.21 -53.30
N THR JA 47 3.58 -78.61 -52.56
CA THR JA 47 3.58 -79.94 -51.93
C THR JA 47 2.33 -80.15 -51.07
N GLY JA 48 2.02 -79.17 -50.22
CA GLY JA 48 0.86 -79.27 -49.36
C GLY JA 48 -0.41 -79.50 -50.17
N PHE JA 49 -0.61 -78.66 -51.18
CA PHE JA 49 -1.78 -78.78 -52.04
C PHE JA 49 -1.86 -80.17 -52.65
N ALA JA 50 -0.75 -80.64 -53.19
CA ALA JA 50 -0.68 -81.96 -53.80
C ALA JA 50 -1.14 -83.01 -52.81
N PHE JA 51 -0.54 -83.02 -51.62
CA PHE JA 51 -0.90 -83.98 -50.58
C PHE JA 51 -2.40 -83.95 -50.31
N HIS JA 52 -2.93 -82.75 -50.11
CA HIS JA 52 -4.35 -82.59 -49.84
C HIS JA 52 -5.23 -83.21 -50.93
N LYS JA 53 -4.92 -82.88 -52.18
CA LYS JA 53 -5.68 -83.41 -53.31
C LYS JA 53 -5.61 -84.93 -53.36
N LEU JA 54 -4.40 -85.47 -53.25
CA LEU JA 54 -4.19 -86.91 -53.29
C LEU JA 54 -5.06 -87.64 -52.26
N GLY JA 55 -4.80 -87.37 -50.99
CA GLY JA 55 -5.56 -88.01 -49.92
C GLY JA 55 -4.75 -88.38 -48.71
N LEU JA 56 -3.42 -88.29 -48.84
CA LEU JA 56 -2.52 -88.62 -47.75
C LEU JA 56 -2.55 -87.55 -46.66
N THR JA 57 -3.52 -87.73 -45.77
CA THR JA 57 -3.77 -86.90 -44.60
C THR JA 57 -3.58 -87.78 -43.35
N LEU JA 58 -3.87 -87.24 -42.18
CA LEU JA 58 -3.69 -88.00 -40.95
C LEU JA 58 -4.53 -89.28 -40.90
N ASN JA 59 -5.77 -89.20 -41.37
CA ASN JA 59 -6.66 -90.37 -41.36
C ASN JA 59 -6.11 -91.52 -42.21
N ASN JA 60 -5.59 -91.19 -43.39
CA ASN JA 60 -5.02 -92.17 -44.30
C ASN JA 60 -3.61 -92.65 -43.90
N ILE JA 61 -2.76 -91.71 -43.48
CA ILE JA 61 -1.36 -92.03 -43.14
C ILE JA 61 -0.92 -92.30 -41.69
N SER JA 62 -1.75 -91.98 -40.71
CA SER JA 62 -1.39 -92.21 -39.31
C SER JA 62 -2.58 -92.60 -38.45
N PRO JA 63 -2.34 -92.82 -37.15
CA PRO JA 63 -3.38 -93.20 -36.19
C PRO JA 63 -4.12 -91.99 -35.64
N HIS JA 64 -3.68 -90.77 -35.95
CA HIS JA 64 -4.39 -89.59 -35.41
C HIS JA 64 -5.03 -88.66 -36.45
N GLU JA 65 -6.34 -88.44 -36.31
CA GLU JA 65 -7.10 -87.56 -37.21
C GLU JA 65 -7.87 -86.42 -36.53
N TYR JA 66 -7.63 -86.21 -35.24
CA TYR JA 66 -8.34 -85.20 -34.46
C TYR JA 66 -7.50 -83.96 -34.18
N LEU JA 67 -7.42 -83.06 -35.16
CA LEU JA 67 -6.60 -81.86 -35.03
C LEU JA 67 -7.01 -80.85 -33.95
N SER JA 68 -8.30 -80.57 -33.83
CA SER JA 68 -8.77 -79.58 -32.88
C SER JA 68 -8.51 -79.93 -31.42
N ILE JA 69 -8.75 -81.20 -31.06
CA ILE JA 69 -8.55 -81.70 -29.69
C ILE JA 69 -9.35 -80.86 -28.67
N ARG JA 70 -10.52 -80.41 -29.10
CA ARG JA 70 -11.40 -79.62 -28.27
C ARG JA 70 -12.45 -78.94 -29.13
N ASP JA 71 -12.04 -78.58 -30.35
CA ASP JA 71 -12.95 -77.92 -31.27
C ASP JA 71 -13.54 -78.93 -32.25
N ASN JA 72 -13.36 -80.21 -31.94
CA ASN JA 72 -13.85 -81.31 -32.77
C ASN JA 72 -13.48 -81.13 -34.24
N ILE JA 73 -12.20 -80.86 -34.50
CA ILE JA 73 -11.72 -80.67 -35.85
C ILE JA 73 -10.93 -81.87 -36.35
N LYS JA 74 -11.64 -82.83 -36.93
CA LYS JA 74 -11.00 -84.03 -37.46
C LYS JA 74 -10.34 -83.74 -38.80
N PHE JA 75 -9.45 -84.62 -39.23
CA PHE JA 75 -8.76 -84.46 -40.49
C PHE JA 75 -9.64 -84.87 -41.67
N ALA JA 76 -10.57 -85.79 -41.41
CA ALA JA 76 -11.49 -86.26 -42.44
C ALA JA 76 -12.37 -85.14 -42.96
N ASP JA 77 -12.90 -84.33 -42.05
CA ASP JA 77 -13.77 -83.22 -42.42
C ASP JA 77 -13.02 -82.13 -43.18
N LEU JA 78 -11.74 -81.95 -42.84
CA LEU JA 78 -10.91 -80.95 -43.49
C LEU JA 78 -10.41 -81.44 -44.85
N ALA JA 79 -10.41 -82.75 -45.03
CA ALA JA 79 -9.96 -83.35 -46.29
C ALA JA 79 -11.11 -83.56 -47.25
N ALA JA 80 -12.32 -83.22 -46.81
CA ALA JA 80 -13.51 -83.38 -47.63
C ALA JA 80 -14.07 -82.03 -48.07
N MET JA 81 -13.45 -80.96 -47.61
CA MET JA 81 -13.88 -79.62 -47.95
C MET JA 81 -12.82 -78.84 -48.71
N SER JA 82 -12.14 -79.53 -49.63
CA SER JA 82 -11.06 -78.97 -50.47
C SER JA 82 -9.84 -78.40 -49.75
N PRO JA 83 -9.00 -77.65 -50.49
CA PRO JA 83 -7.79 -77.05 -49.94
C PRO JA 83 -7.96 -75.57 -49.56
N ILE JA 84 -8.74 -74.82 -50.33
CA ILE JA 84 -8.95 -73.40 -50.06
C ILE JA 84 -9.95 -73.14 -48.94
N GLU JA 85 -10.91 -74.06 -48.78
CA GLU JA 85 -11.92 -73.91 -47.75
C GLU JA 85 -11.57 -74.70 -46.49
N ALA JA 86 -10.32 -75.17 -46.42
CA ALA JA 86 -9.86 -75.94 -45.28
C ALA JA 86 -8.98 -75.10 -44.37
N VAL JA 87 -8.25 -74.15 -44.95
CA VAL JA 87 -7.36 -73.28 -44.21
C VAL JA 87 -8.14 -72.33 -43.30
N LYS JA 88 -9.40 -72.10 -43.64
CA LYS JA 88 -10.25 -71.20 -42.85
C LYS JA 88 -10.89 -71.93 -41.68
N HIS JA 89 -10.79 -73.26 -41.68
CA HIS JA 89 -11.37 -74.06 -40.60
C HIS JA 89 -10.35 -74.35 -39.51
N ILE JA 90 -9.12 -73.88 -39.71
CA ILE JA 90 -8.06 -74.07 -38.73
C ILE JA 90 -8.35 -73.23 -37.50
N PRO JA 91 -8.27 -73.85 -36.31
CA PRO JA 91 -8.53 -73.16 -35.04
C PRO JA 91 -7.56 -72.00 -34.81
N ALA JA 92 -8.06 -70.94 -34.17
CA ALA JA 92 -7.23 -69.77 -33.90
C ALA JA 92 -5.95 -70.16 -33.16
N GLU JA 93 -6.05 -71.00 -32.14
CA GLU JA 93 -4.84 -71.40 -31.41
C GLU JA 93 -3.75 -71.87 -32.39
N GLY JA 94 -4.09 -72.80 -33.27
CA GLY JA 94 -3.16 -73.32 -34.25
C GLY JA 94 -2.58 -72.25 -35.14
N MET JA 95 -3.43 -71.33 -35.58
CA MET JA 95 -3.00 -70.22 -36.43
C MET JA 95 -1.93 -69.44 -35.68
N ALA JA 96 -2.23 -69.10 -34.43
CA ALA JA 96 -1.28 -68.37 -33.59
C ALA JA 96 0.05 -69.10 -33.55
N GLN JA 97 0.01 -70.40 -33.26
CA GLN JA 97 1.23 -71.20 -33.21
C GLN JA 97 2.05 -71.07 -34.49
N ILE JA 98 1.40 -71.31 -35.63
CA ILE JA 98 2.09 -71.22 -36.92
C ILE JA 98 2.73 -69.84 -37.12
N PHE JA 99 1.96 -68.78 -36.85
CA PHE JA 99 2.51 -67.45 -37.01
C PHE JA 99 3.77 -67.28 -36.17
N ALA JA 100 3.80 -67.94 -35.02
CA ALA JA 100 4.94 -67.87 -34.12
C ALA JA 100 6.23 -68.40 -34.73
N ALA JA 101 6.21 -69.61 -35.25
CA ALA JA 101 7.38 -70.21 -35.86
C ALA JA 101 7.93 -69.35 -36.99
N ILE JA 102 7.04 -68.94 -37.89
CA ILE JA 102 7.43 -68.11 -39.02
C ILE JA 102 8.05 -66.81 -38.52
N ALA JA 103 7.41 -66.19 -37.53
CA ALA JA 103 7.91 -64.94 -36.96
C ALA JA 103 9.34 -65.15 -36.47
N ALA JA 104 9.55 -66.21 -35.70
CA ALA JA 104 10.86 -66.52 -35.16
C ALA JA 104 11.89 -66.64 -36.28
N VAL JA 105 11.56 -67.43 -37.30
CA VAL JA 105 12.48 -67.61 -38.42
C VAL JA 105 12.84 -66.28 -39.08
N GLU JA 106 11.83 -65.46 -39.31
CA GLU JA 106 12.03 -64.15 -39.94
C GLU JA 106 12.95 -63.27 -39.09
N ILE JA 107 12.71 -63.29 -37.78
CA ILE JA 107 13.51 -62.50 -36.85
C ILE JA 107 14.96 -62.96 -36.90
N TYR JA 108 15.16 -64.27 -36.94
CA TYR JA 108 16.52 -64.80 -37.02
C TYR JA 108 17.17 -64.29 -38.30
N GLU JA 109 16.44 -64.40 -39.41
CA GLU JA 109 16.95 -63.93 -40.69
C GLU JA 109 17.26 -62.44 -40.59
N LEU JA 110 16.75 -61.81 -39.53
CA LEU JA 110 16.97 -60.39 -39.33
C LEU JA 110 18.02 -60.00 -38.27
N THR JA 111 18.07 -60.71 -37.15
CA THR JA 111 19.02 -60.35 -36.11
C THR JA 111 20.32 -61.12 -36.22
N HIS JA 112 20.26 -62.42 -35.99
CA HIS JA 112 21.43 -63.27 -36.04
C HIS JA 112 22.19 -63.13 -37.37
N ARG JA 113 23.17 -62.24 -37.37
CA ARG JA 113 24.02 -62.05 -38.53
C ARG JA 113 25.11 -63.08 -38.34
N ASN JA 114 25.36 -63.88 -39.38
CA ASN JA 114 26.37 -64.94 -39.33
C ASN JA 114 26.10 -65.88 -38.15
N GLY JA 115 27.13 -66.17 -37.36
CA GLY JA 115 26.98 -67.07 -36.23
C GLY JA 115 26.07 -66.65 -35.08
N LYS JA 116 26.12 -65.40 -34.67
CA LYS JA 116 25.30 -64.96 -33.54
C LYS JA 116 24.68 -63.55 -33.64
N LEU JA 117 23.56 -63.39 -32.95
CA LEU JA 117 22.82 -62.13 -32.88
C LEU JA 117 23.75 -60.97 -32.58
N ALA JA 118 23.45 -59.79 -33.10
CA ALA JA 118 24.28 -58.62 -32.83
C ALA JA 118 23.59 -57.73 -31.82
N TYR JA 119 24.19 -57.60 -30.64
CA TYR JA 119 23.65 -56.80 -29.54
C TYR JA 119 23.54 -55.28 -29.76
N ASP JA 120 24.54 -54.66 -30.39
CA ASP JA 120 24.42 -53.22 -30.63
C ASP JA 120 24.48 -52.82 -32.11
N GLU JA 121 23.40 -52.21 -32.60
CA GLU JA 121 23.34 -51.73 -33.98
C GLU JA 121 22.29 -50.62 -34.17
N SER JA 122 22.51 -49.73 -35.13
CA SER JA 122 21.54 -48.66 -35.40
C SER JA 122 20.24 -49.27 -35.91
N VAL JA 123 20.38 -50.24 -36.81
CA VAL JA 123 19.27 -50.99 -37.38
C VAL JA 123 19.65 -52.47 -37.41
N ALA JA 124 18.70 -53.32 -37.77
CA ALA JA 124 18.95 -54.75 -37.84
C ALA JA 124 19.91 -55.04 -39.00
N PRO JA 125 20.74 -56.08 -38.83
CA PRO JA 125 21.72 -56.50 -39.84
C PRO JA 125 21.15 -56.65 -41.24
N GLY JA 126 19.97 -57.27 -41.36
CA GLY JA 126 19.33 -57.46 -42.64
C GLY JA 126 18.56 -56.26 -43.19
N LEU JA 127 18.49 -55.19 -42.40
CA LEU JA 127 17.80 -53.99 -42.82
C LEU JA 127 18.74 -52.99 -43.46
N GLN JA 128 20.02 -53.38 -43.58
CA GLN JA 128 21.03 -52.52 -44.19
C GLN JA 128 21.25 -52.91 -45.65
N PRO JA 129 22.09 -52.17 -46.41
CA PRO JA 129 22.31 -52.52 -47.80
C PRO JA 129 22.84 -53.98 -47.79
N GLY JA 130 22.24 -54.83 -48.64
CA GLY JA 130 22.61 -56.26 -48.70
C GLY JA 130 22.43 -56.97 -47.36
N GLY JA 131 21.38 -56.62 -46.62
CA GLY JA 131 21.12 -57.23 -45.30
C GLY JA 131 20.85 -58.72 -45.39
N LEU JA 132 20.02 -59.13 -46.36
CA LEU JA 132 19.71 -60.58 -46.52
C LEU JA 132 20.17 -61.04 -47.91
N THR JA 133 21.21 -61.88 -47.96
CA THR JA 133 21.74 -62.42 -49.23
C THR JA 133 20.70 -63.35 -49.87
N GLY JA 134 20.06 -64.18 -49.04
CA GLY JA 134 19.05 -65.17 -49.47
C GLY JA 134 19.27 -66.46 -48.70
N ASP JA 135 20.56 -66.81 -48.51
CA ASP JA 135 20.97 -67.98 -47.75
C ASP JA 135 20.97 -67.72 -46.25
N LEU JA 136 20.24 -68.54 -45.50
CA LEU JA 136 20.17 -68.39 -44.05
C LEU JA 136 21.29 -69.15 -43.36
N GLY JA 137 21.93 -70.06 -44.09
CA GLY JA 137 23.01 -70.85 -43.54
C GLY JA 137 22.52 -72.19 -43.05
N TRP JA 138 21.21 -72.39 -43.10
CA TRP JA 138 20.61 -73.64 -42.66
C TRP JA 138 20.97 -74.77 -43.60
N ASN JA 139 22.06 -75.46 -43.29
CA ASN JA 139 22.52 -76.56 -44.12
C ASN JA 139 22.81 -77.81 -43.29
N PRO JA 140 21.75 -78.43 -42.75
CA PRO JA 140 21.90 -79.65 -41.96
C PRO JA 140 22.35 -80.79 -42.87
N LEU JA 141 23.38 -81.54 -42.49
CA LEU JA 141 23.82 -82.62 -43.35
C LEU JA 141 23.98 -82.10 -44.77
N ASN JA 142 24.64 -80.95 -44.95
CA ASN JA 142 24.75 -80.35 -46.28
C ASN JA 142 25.50 -81.16 -47.34
N ILE JA 143 24.75 -81.63 -48.34
CA ILE JA 143 25.35 -82.47 -49.36
C ILE JA 143 26.33 -81.75 -50.27
N LYS JA 144 25.92 -80.59 -50.76
CA LYS JA 144 26.76 -79.77 -51.62
C LYS JA 144 26.22 -78.36 -51.71
N VAL JA 145 27.10 -77.43 -52.04
CA VAL JA 145 26.72 -76.04 -52.25
C VAL JA 145 27.49 -75.64 -53.49
N THR JA 146 27.12 -76.17 -54.66
CA THR JA 146 27.91 -75.82 -55.83
C THR JA 146 27.20 -74.77 -56.66
N ASP JA 147 27.65 -74.58 -57.89
CA ASP JA 147 27.05 -73.61 -58.79
C ASP JA 147 25.87 -74.22 -59.53
N ARG JA 148 25.72 -75.53 -59.47
CA ARG JA 148 24.61 -76.19 -60.15
C ARG JA 148 23.40 -76.25 -59.22
N ARG JA 149 23.66 -76.60 -57.96
CA ARG JA 149 22.62 -76.71 -56.97
C ARG JA 149 21.78 -75.45 -56.90
N ARG JA 150 22.43 -74.31 -56.76
CA ARG JA 150 21.73 -73.02 -56.68
C ARG JA 150 20.78 -72.83 -57.85
N LEU JA 151 21.29 -72.99 -59.06
CA LEU JA 151 20.48 -72.82 -60.27
C LEU JA 151 19.28 -73.76 -60.24
N SER JA 152 19.51 -75.03 -59.92
CA SER JA 152 18.43 -75.99 -59.87
C SER JA 152 17.36 -75.53 -58.90
N GLU JA 153 17.78 -75.14 -57.71
CA GLU JA 153 16.87 -74.66 -56.68
C GLU JA 153 16.03 -73.51 -57.22
N LEU JA 154 16.68 -72.52 -57.81
CA LEU JA 154 15.98 -71.37 -58.37
C LEU JA 154 14.90 -71.81 -59.36
N GLN JA 155 15.30 -72.67 -60.30
CA GLN JA 155 14.36 -73.16 -61.32
C GLN JA 155 13.16 -73.84 -60.68
N ASN JA 156 13.42 -74.72 -59.72
CA ASN JA 156 12.33 -75.41 -59.05
C ASN JA 156 11.41 -74.40 -58.37
N GLY JA 157 11.98 -73.30 -57.91
CA GLY JA 157 11.22 -72.25 -57.23
C GLY JA 157 10.18 -71.59 -58.10
N ARG JA 158 10.63 -71.01 -59.21
CA ARG JA 158 9.74 -70.32 -60.14
C ARG JA 158 8.66 -71.27 -60.65
N ALA JA 159 9.08 -72.47 -61.03
CA ALA JA 159 8.17 -73.48 -61.52
C ALA JA 159 7.09 -73.73 -60.47
N ALA JA 160 7.52 -74.00 -59.24
CA ALA JA 160 6.59 -74.23 -58.14
C ALA JA 160 5.60 -73.08 -58.00
N MET JA 161 6.11 -71.86 -58.00
CA MET JA 161 5.29 -70.66 -57.90
C MET JA 161 4.18 -70.70 -58.94
N PHE JA 162 4.57 -70.79 -60.21
CA PHE JA 162 3.61 -70.83 -61.31
C PHE JA 162 2.58 -71.93 -61.10
N ALA JA 163 3.07 -73.13 -60.78
CA ALA JA 163 2.20 -74.27 -60.55
C ALA JA 163 1.13 -73.98 -59.50
N ILE JA 164 1.55 -73.54 -58.33
CA ILE JA 164 0.59 -73.28 -57.26
C ILE JA 164 -0.38 -72.16 -57.63
N SER JA 165 0.11 -71.13 -58.32
CA SER JA 165 -0.76 -70.03 -58.72
C SER JA 165 -1.87 -70.60 -59.59
N ALA JA 166 -1.47 -71.36 -60.60
CA ALA JA 166 -2.42 -71.98 -61.51
C ALA JA 166 -3.41 -72.85 -60.75
N TRP JA 167 -2.91 -73.67 -59.83
CA TRP JA 167 -3.77 -74.54 -59.05
C TRP JA 167 -4.84 -73.74 -58.32
N VAL JA 168 -4.42 -72.70 -57.62
CA VAL JA 168 -5.35 -71.87 -56.88
C VAL JA 168 -6.40 -71.30 -57.83
N ALA JA 169 -5.94 -70.73 -58.94
CA ALA JA 169 -6.84 -70.15 -59.93
C ALA JA 169 -7.90 -71.14 -60.38
N ALA JA 170 -7.47 -72.36 -60.71
CA ALA JA 170 -8.39 -73.39 -61.17
C ALA JA 170 -9.39 -73.80 -60.09
N GLU JA 171 -8.94 -73.93 -58.85
CA GLU JA 171 -9.91 -74.30 -57.84
C GLU JA 171 -10.96 -73.18 -57.80
N ALA JA 172 -10.50 -71.93 -57.82
CA ALA JA 172 -11.39 -70.77 -57.80
C ALA JA 172 -12.27 -70.51 -59.05
N ILE JA 173 -11.68 -70.61 -60.25
CA ILE JA 173 -12.38 -70.33 -61.51
C ILE JA 173 -11.77 -71.01 -62.73
N PRO JA 174 -12.50 -71.06 -63.86
CA PRO JA 174 -11.95 -71.68 -65.06
C PRO JA 174 -10.55 -71.18 -65.39
N GLY JA 175 -9.57 -72.08 -65.38
CA GLY JA 175 -8.20 -71.73 -65.67
C GLY JA 175 -7.96 -71.68 -67.17
N SER JA 176 -7.23 -72.67 -67.67
CA SER JA 176 -6.92 -72.75 -69.10
C SER JA 176 -6.52 -74.16 -69.51
N VAL JA 177 -5.39 -74.63 -69.00
CA VAL JA 177 -4.89 -75.95 -69.31
C VAL JA 177 -5.43 -76.99 -68.33
N PRO JA 178 -5.13 -78.28 -68.58
CA PRO JA 178 -5.58 -79.39 -67.74
C PRO JA 178 -4.73 -79.52 -66.47
N ILE JA 179 -5.16 -80.37 -65.55
CA ILE JA 179 -4.43 -80.57 -64.30
C ILE JA 179 -3.92 -82.00 -64.19
#